data_7R2K
#
_entry.id   7R2K
#
_cell.length_a   1.00
_cell.length_b   1.00
_cell.length_c   1.00
_cell.angle_alpha   90.00
_cell.angle_beta   90.00
_cell.angle_gamma   90.00
#
_symmetry.space_group_name_H-M   'P 1'
#
loop_
_entity.id
_entity.type
_entity.pdbx_description
1 polymer 'CRISPR-associated helicase Cas3'
2 polymer Cas11a
3 polymer "DNA (5'-D(P*TP*AP*CP*AP*AP*GP*GP*GP*A)-3')"
4 polymer Cas7a
5 polymer 'CRISPR-associated endonuclease Cas3-HD'
6 polymer 'Type I-A CRISPR-associated protein Cas5'
7 polymer 'crRNA (57-MER)'
8 polymer "DNA (5'-D(P*TP*CP*CP*C)-3')"
9 polymer Cas8
10 non-polymer 'NICKEL (II) ION'
#
loop_
_entity_poly.entity_id
_entity_poly.type
_entity_poly.pdbx_seq_one_letter_code
_entity_poly.pdbx_strand_id
1 'polypeptide(L)'
;ELTGFEPYDYQLRAWEKIREIMNNGGKVIIEVPTAGGKTETAVMPFFAGIYNNNWPVARLVYVLPTRSLVEKQAERLRNL
VYKLLQLKGKSKEEAEKLARELVVVEYGLEKTHAFLGWVVVTTWDAFLYGLAAHRTVGNRFTFPAGAIAQSLVIFDEVQM
YQDESMYMPRLLSLVVGILEEANVPLVIMSATIPSKLREMIAGDTEVITVDKNDKNKPSKGNVKVRLVEGDITDVLNDIK
KILKNGKKVLVVRNTVRKAVETYQVLKKKLNDTLANPSDALLIHSRFTIGDRREKERALDSARLIVATQVVEAGLDLPNV
GLVVTDIAPLDALIQRIGRCARRPGEEGEGIILIPVENCIEHEKIVRGLSELMEKIGEDTVVFAVVTSTNEYDRVVEIHY
GEGKKNFVYVGDIDTARRVLEKKRSKKLPKDLYIIPYSVSPYPDPLVLLTTYDELSKIGEYLADTTKARKALDRVYKFHY
ENNIVPKEFASAYIYFKELKLFSAPPEYEKRSRPELYVLLYPMNIEKNERVEDKVIDNLETARIIRISYSVKEWKKSDVV
IGRLMKEWDKNAEKWVWKVRKSFKIDPYEIYVIDAKYYNSELGFITNLSDTNSHTDSDSKVRTRNSEHSSKKNRSKGKKG
QTSLENWGVRV
;
A
2 'polypeptide(L)'
;GGWIRNIGRYLSYLVDDTFEEYAYDVVDGIAKARTQEELLEGVYKALRLAPKLKKKAESKGCPPPRIPSPEDIEALEEKV
EQLSNPKDLRKLAVSLALWAFASWNNCP
;
C,E,F,G,H,I,J
3 'polydeoxyribonucleotide' (DT)(DA)(DC)(DA)(DA)(DG)(DG)(DG)(DA) D
4 'polypeptide(L)'
;MYVRISGRIRLNAHSLNAQGGGGTNYIEITKTKVTVRTENGWTVVEVPAITGNMLKHWHFVGFVDYFKTTPYGVNLTERA
LRYNGTRFGQGETTATKANGATVQLNDEATIIKELADADVHGFLAPKTGRRRVSLVKASFILPTEDFIKEVEGERLITAI
KHNRVDVDEKGAIGSSKEGTAQMLFSREYATGLYGFSIVLDLGLVGIPQGLPVKFEENQPRPNIVIDPNERKARIESALK
ALIPMLSGYIGANLARSFPVFKVEELVAIASEGPIPALVHGFYEDYIEANRSIIKNARALGFNIEVFTYNVDLGEDIEAT
KVSSVEELVANLVKMV
;
K,L,M,N,O,P,R,T,V,W
5 'polypeptide(L)'
;SCKAFQGQTLREHIEAMLAAWEIVKNKYIPSIIRVMKTVGVKFTEEDADKFMKTLIILHDVGKCSEVYQKHLSNNEPLRG
FRHELVSAYYAYNILKDMFKDETIAFIGALVVMMHHEPILMGQIRSLDKEELTPEVVLDKLRTFNGVMEGTESFIKSMIK
EKLGVIPKVPSPTQEDVLREVIRLSVLARHRPDSGKLRMVVGALLIPLVLCDYKGAKEREGESPKFAEVLRVEMMKAA
;
Q
6 'polypeptide(L)'
;MDILLVCLRFPFFSVAKRSYQVRTSFLLPPPSALKGALAKGLILLKPEKYASSSLDEAALKAIKEIESKLVDIKAVSVAP
LSPLIRNAFLLKRLRNLESGSNAEKSDAMRREYTFTRELLVAYIFKNLTQEEKNLYLKAAMLIDVIGDTESLATPVWASF
VKPEDKKAPLAFSAPYTEIYSLLSSKIQAKGKIRMYIEKMRVSPEYSKTKGPQEEIFYLPIEERRYKRIVYYARIYPPEV
EKALTVDGEVLGIWIP
;
S
7 'polyribonucleotide' AUUGAAAGUUGUAGUAUGCGGUCCUUGCGGCUGAGAGCACUUCAGGAGUUGCCCGCG U
8 'polydeoxyribonucleotide' (DT)(DC)(DC)(DC) X
9 'polypeptide(L)'
;FNEFKTPQIDPIFDLYVAYGYVVSLIRGGAKEATLIPHGASYLIQTDVSNEEFRHGLVDALSSMLSLHIALARHSPREGG
KLVSDADFSAGANINNVYWDSVPRNLEKLMKDLEKKRSVKGTATIPITLMPSAGKYMLKHFGVQGGNPIKVDLLNYALAW
VGFHYYTPYIKYAKGDTTWIHIYQIAPVEEVDMISILSLKDLKMHLPHYYESNLDFLINRRLALLYHLLHSEALELFTEK
EFVIHSYTLERSGNNQAIRSFEEEEIGKLMDFLWKLKRRDFYHAIKFIDDLLKKATEGALALIDAIMNERLEGFYTALKL
GKKAGVVSSREIVAALEDIIC
;
Y
#
# COMPACT_ATOMS: atom_id res chain seq x y z
N GLU A 1 118.66 -4.17 15.62
CA GLU A 1 119.40 -3.60 16.73
C GLU A 1 118.85 -2.25 17.14
N LEU A 2 119.23 -1.78 18.32
CA LEU A 2 118.79 -0.49 18.83
C LEU A 2 119.80 0.62 18.58
N THR A 3 121.09 0.30 18.53
CA THR A 3 122.09 1.33 18.29
C THR A 3 122.04 1.83 16.85
N GLY A 4 121.78 0.94 15.90
CA GLY A 4 121.71 1.33 14.49
C GLY A 4 120.59 2.29 14.20
N PHE A 5 120.95 3.45 13.63
CA PHE A 5 119.97 4.49 13.32
C PHE A 5 119.79 4.54 11.81
N GLU A 6 118.66 4.00 11.34
CA GLU A 6 118.37 4.00 9.90
C GLU A 6 118.25 5.41 9.31
N PRO A 7 117.52 6.35 9.90
CA PRO A 7 117.44 7.69 9.30
C PRO A 7 118.77 8.43 9.39
N TYR A 8 118.87 9.49 8.59
CA TYR A 8 120.07 10.32 8.55
C TYR A 8 119.95 11.48 9.55
N ASP A 9 119.60 11.12 10.78
CA ASP A 9 119.46 12.08 11.86
C ASP A 9 120.43 11.83 13.02
N TYR A 10 121.28 10.80 12.92
CA TYR A 10 122.28 10.48 13.94
C TYR A 10 121.54 10.21 15.25
N GLN A 11 121.99 10.77 16.37
CA GLN A 11 121.36 10.55 17.67
C GLN A 11 120.88 11.87 18.26
N LEU A 12 119.69 11.83 18.86
CA LEU A 12 119.06 13.03 19.40
C LEU A 12 119.32 13.13 20.90
N ARG A 13 118.75 14.17 21.52
CA ARG A 13 119.01 14.44 22.93
C ARG A 13 118.32 13.42 23.84
N ALA A 14 117.20 12.85 23.42
CA ALA A 14 116.42 11.94 24.26
C ALA A 14 116.73 10.47 23.95
N TRP A 15 117.96 10.17 23.55
CA TRP A 15 118.33 8.79 23.28
C TRP A 15 118.28 7.95 24.55
N GLU A 16 118.72 8.51 25.68
CA GLU A 16 118.73 7.77 26.94
C GLU A 16 117.34 7.63 27.53
N LYS A 17 116.38 8.45 27.09
CA LYS A 17 115.01 8.35 27.58
C LYS A 17 114.20 7.28 26.88
N ILE A 18 114.76 6.64 25.86
CA ILE A 18 114.04 5.58 25.15
C ILE A 18 113.83 4.38 26.07
N ARG A 19 114.82 4.07 26.92
CA ARG A 19 114.74 2.92 27.80
C ARG A 19 113.74 3.10 28.93
N GLU A 20 113.18 4.28 29.11
CA GLU A 20 112.17 4.51 30.14
C GLU A 20 110.80 3.93 29.77
N ILE A 21 110.62 3.50 28.53
CA ILE A 21 109.35 2.93 28.08
C ILE A 21 109.27 1.44 28.36
N MET A 22 110.27 0.67 27.90
CA MET A 22 110.32 -0.77 28.07
C MET A 22 109.01 -1.44 27.65
N ASN A 23 108.67 -2.56 28.29
CA ASN A 23 107.43 -3.27 28.01
C ASN A 23 106.48 -3.28 29.20
N ASN A 24 106.95 -2.95 30.40
CA ASN A 24 106.11 -2.92 31.61
C ASN A 24 106.42 -1.60 32.32
N GLY A 25 105.66 -0.56 31.99
CA GLY A 25 105.86 0.74 32.58
C GLY A 25 104.55 1.51 32.63
N GLY A 26 104.64 2.72 33.16
CA GLY A 26 103.46 3.57 33.30
C GLY A 26 103.52 4.80 32.43
N LYS A 27 103.42 5.97 33.05
CA LYS A 27 103.43 7.24 32.32
C LYS A 27 104.83 7.80 32.27
N VAL A 28 105.31 8.08 31.06
CA VAL A 28 106.63 8.69 30.84
C VAL A 28 106.42 9.96 30.05
N ILE A 29 107.01 11.06 30.52
CA ILE A 29 106.77 12.39 29.95
C ILE A 29 107.99 12.82 29.15
N ILE A 30 107.75 13.36 27.96
CA ILE A 30 108.79 13.90 27.10
C ILE A 30 108.41 15.34 26.78
N GLU A 31 109.34 16.26 26.98
CA GLU A 31 109.11 17.68 26.71
C GLU A 31 110.26 18.26 25.91
N VAL A 32 109.93 19.03 24.88
CA VAL A 32 110.92 19.73 24.06
C VAL A 32 110.21 20.86 23.32
N PRO A 33 110.75 22.08 23.33
CA PRO A 33 110.10 23.18 22.61
C PRO A 33 110.11 22.94 21.11
N THR A 34 109.03 23.37 20.45
CA THR A 34 108.87 23.29 19.00
C THR A 34 109.12 21.87 18.49
N ALA A 35 108.31 20.94 19.00
CA ALA A 35 108.42 19.54 18.62
C ALA A 35 107.71 19.20 17.31
N GLY A 36 107.00 20.17 16.72
CA GLY A 36 106.29 19.89 15.49
C GLY A 36 107.21 19.56 14.33
N GLY A 37 108.28 20.34 14.17
CA GLY A 37 109.22 20.12 13.08
C GLY A 37 110.04 18.85 13.25
N LYS A 38 110.90 18.83 14.27
CA LYS A 38 111.72 17.66 14.58
C LYS A 38 111.12 16.96 15.79
N THR A 39 110.20 16.03 15.52
CA THR A 39 109.54 15.31 16.62
C THR A 39 110.39 14.16 17.13
N GLU A 40 110.61 13.15 16.28
CA GLU A 40 111.37 11.94 16.60
C GLU A 40 111.21 11.51 18.05
N THR A 41 109.97 11.31 18.48
CA THR A 41 109.69 11.11 19.90
C THR A 41 109.64 9.63 20.28
N ALA A 42 108.73 8.86 19.68
CA ALA A 42 108.50 7.49 20.09
C ALA A 42 108.48 6.49 18.95
N VAL A 43 108.98 6.85 17.77
CA VAL A 43 108.96 5.92 16.66
C VAL A 43 110.22 5.05 16.66
N MET A 44 111.35 5.58 17.14
CA MET A 44 112.56 4.76 17.25
C MET A 44 112.40 3.58 18.20
N PRO A 45 111.81 3.74 19.39
CA PRO A 45 111.65 2.54 20.26
C PRO A 45 110.83 1.44 19.60
N PHE A 46 109.74 1.80 18.91
CA PHE A 46 108.95 0.79 18.23
C PHE A 46 109.72 0.16 17.08
N PHE A 47 110.45 0.97 16.31
CA PHE A 47 111.20 0.46 15.17
C PHE A 47 112.30 -0.49 15.63
N ALA A 48 113.00 -0.13 16.70
CA ALA A 48 114.01 -1.04 17.26
C ALA A 48 113.36 -2.27 17.88
N GLY A 49 112.11 -2.14 18.32
CA GLY A 49 111.39 -3.30 18.80
C GLY A 49 111.14 -4.33 17.72
N ILE A 50 110.89 -3.87 16.48
CA ILE A 50 110.69 -4.79 15.36
C ILE A 50 111.86 -4.70 14.39
N TYR A 51 112.84 -5.56 14.59
CA TYR A 51 113.95 -5.75 13.66
C TYR A 51 114.19 -7.22 13.35
N ASN A 52 113.99 -8.10 14.32
CA ASN A 52 114.13 -9.54 14.17
C ASN A 52 112.93 -10.25 14.80
N ASN A 53 111.74 -9.77 14.45
CA ASN A 53 110.47 -10.25 14.98
C ASN A 53 110.37 -9.86 16.45
N ASN A 54 110.09 -10.83 17.33
CA ASN A 54 110.02 -10.66 18.78
C ASN A 54 109.38 -9.32 19.18
N TRP A 55 108.15 -9.13 18.72
CA TRP A 55 107.43 -7.88 18.92
C TRP A 55 107.21 -7.59 20.40
N PRO A 56 107.67 -6.46 20.93
CA PRO A 56 107.28 -6.07 22.29
C PRO A 56 105.85 -5.56 22.33
N VAL A 57 105.47 -4.81 21.30
CA VAL A 57 104.20 -4.12 21.22
C VAL A 57 103.52 -4.49 19.91
N ALA A 58 102.19 -4.55 19.95
CA ALA A 58 101.42 -4.94 18.77
C ALA A 58 101.52 -3.90 17.66
N ARG A 59 101.10 -2.66 17.93
CA ARG A 59 101.03 -1.62 16.92
C ARG A 59 101.46 -0.29 17.52
N LEU A 60 101.42 0.76 16.69
CA LEU A 60 101.74 2.12 17.10
C LEU A 60 100.62 3.05 16.66
N VAL A 61 100.31 4.03 17.49
CA VAL A 61 99.25 4.99 17.23
C VAL A 61 99.80 6.40 17.43
N TYR A 62 99.60 7.27 16.45
CA TYR A 62 99.96 8.68 16.53
C TYR A 62 98.67 9.49 16.53
N VAL A 63 98.55 10.40 17.49
CA VAL A 63 97.30 11.12 17.73
C VAL A 63 97.50 12.59 17.37
N LEU A 64 96.61 13.12 16.52
CA LEU A 64 96.50 14.53 16.18
C LEU A 64 95.30 15.13 16.88
N PRO A 65 95.46 16.20 17.66
CA PRO A 65 94.42 16.59 18.62
C PRO A 65 93.05 16.89 18.03
N THR A 66 92.95 17.90 17.16
CA THR A 66 91.66 18.31 16.64
C THR A 66 91.57 18.19 15.11
N ARG A 67 92.48 18.84 14.39
CA ARG A 67 92.42 18.86 12.93
C ARG A 67 93.77 19.32 12.41
N SER A 68 94.45 18.45 11.68
CA SER A 68 95.78 18.75 11.17
C SER A 68 96.03 17.89 9.93
N LEU A 69 97.26 17.95 9.44
CA LEU A 69 97.66 17.22 8.23
C LEU A 69 97.87 15.75 8.60
N VAL A 70 96.75 15.01 8.62
CA VAL A 70 96.84 13.56 8.84
C VAL A 70 97.56 12.89 7.69
N GLU A 71 97.38 13.40 6.47
CA GLU A 71 98.05 12.82 5.31
C GLU A 71 99.57 12.98 5.42
N LYS A 72 100.03 14.09 5.99
CA LYS A 72 101.47 14.27 6.18
C LYS A 72 102.04 13.22 7.13
N GLN A 73 101.35 12.96 8.24
CA GLN A 73 101.80 11.93 9.17
C GLN A 73 101.75 10.55 8.50
N ALA A 74 100.70 10.28 7.72
CA ALA A 74 100.62 9.01 7.02
C ALA A 74 101.79 8.84 6.06
N GLU A 75 102.13 9.89 5.31
CA GLU A 75 103.25 9.82 4.38
C GLU A 75 104.57 9.64 5.13
N ARG A 76 104.74 10.33 6.26
CA ARG A 76 105.97 10.19 7.03
C ARG A 76 106.13 8.77 7.56
N LEU A 77 105.06 8.20 8.12
CA LEU A 77 105.13 6.83 8.60
C LEU A 77 105.35 5.85 7.46
N ARG A 78 104.75 6.09 6.30
CA ARG A 78 104.97 5.23 5.14
C ARG A 78 106.44 5.28 4.70
N ASN A 79 107.02 6.47 4.66
CA ASN A 79 108.43 6.60 4.31
C ASN A 79 109.31 5.88 5.33
N LEU A 80 109.00 6.02 6.62
CA LEU A 80 109.79 5.37 7.65
C LEU A 80 109.70 3.85 7.55
N VAL A 81 108.50 3.31 7.32
CA VAL A 81 108.38 1.85 7.22
C VAL A 81 109.05 1.35 5.95
N TYR A 82 108.97 2.11 4.85
CA TYR A 82 109.70 1.74 3.64
C TYR A 82 111.21 1.74 3.89
N LYS A 83 111.70 2.72 4.64
CA LYS A 83 113.12 2.79 4.96
C LYS A 83 113.56 1.61 5.81
N LEU A 84 112.75 1.23 6.81
CA LEU A 84 113.11 0.07 7.61
C LEU A 84 112.98 -1.22 6.82
N LEU A 85 112.17 -1.22 5.76
CA LEU A 85 112.09 -2.38 4.88
C LEU A 85 113.40 -2.62 4.14
N GLN A 86 114.28 -1.61 4.07
CA GLN A 86 115.56 -1.76 3.41
C GLN A 86 116.46 -2.70 4.20
N LEU A 87 117.50 -3.19 3.52
CA LEU A 87 118.50 -4.10 4.09
C LEU A 87 117.87 -5.42 4.58
N LYS A 88 116.66 -5.72 4.10
CA LYS A 88 115.99 -6.95 4.48
C LYS A 88 115.35 -7.69 3.31
N GLY A 89 115.23 -7.07 2.14
CA GLY A 89 114.64 -7.71 0.99
C GLY A 89 113.50 -6.91 0.39
N LYS A 90 112.47 -7.61 -0.08
CA LYS A 90 111.25 -7.02 -0.64
C LYS A 90 111.50 -6.24 -1.93
N SER A 91 112.72 -6.28 -2.46
CA SER A 91 113.11 -5.66 -3.74
C SER A 91 112.66 -4.21 -3.73
N LYS A 92 111.98 -3.72 -4.77
CA LYS A 92 111.64 -2.31 -4.86
C LYS A 92 110.15 -2.10 -5.11
N GLU A 93 109.52 -3.06 -5.81
CA GLU A 93 108.16 -2.85 -6.30
C GLU A 93 107.13 -3.12 -5.21
N GLU A 94 107.21 -4.29 -4.56
CA GLU A 94 106.18 -4.70 -3.62
C GLU A 94 106.36 -4.11 -2.22
N ALA A 95 107.49 -3.46 -1.95
CA ALA A 95 107.67 -2.83 -0.65
C ALA A 95 106.70 -1.67 -0.47
N GLU A 96 106.63 -0.77 -1.45
CA GLU A 96 105.70 0.35 -1.38
C GLU A 96 104.25 -0.10 -1.40
N LYS A 97 103.95 -1.21 -2.07
CA LYS A 97 102.57 -1.70 -2.09
C LYS A 97 102.08 -2.04 -0.69
N LEU A 98 102.91 -2.73 0.10
CA LEU A 98 102.52 -3.03 1.48
C LEU A 98 102.66 -1.82 2.38
N ALA A 99 103.60 -0.91 2.09
CA ALA A 99 103.74 0.30 2.89
C ALA A 99 102.48 1.17 2.78
N ARG A 100 101.93 1.29 1.57
CA ARG A 100 100.70 2.06 1.37
C ARG A 100 99.49 1.41 2.02
N GLU A 101 99.50 0.09 2.18
CA GLU A 101 98.36 -0.64 2.73
C GLU A 101 98.39 -0.72 4.26
N LEU A 102 99.57 -0.84 4.86
CA LEU A 102 99.65 -0.95 6.31
C LEU A 102 99.31 0.35 7.01
N VAL A 103 99.29 1.48 6.29
CA VAL A 103 98.90 2.76 6.85
C VAL A 103 97.42 2.97 6.59
N VAL A 104 96.64 3.14 7.66
CA VAL A 104 95.20 3.34 7.57
C VAL A 104 94.85 4.66 8.23
N VAL A 105 94.14 5.51 7.48
CA VAL A 105 93.71 6.80 8.03
C VAL A 105 92.63 6.59 9.10
N GLU A 106 91.70 5.67 8.85
CA GLU A 106 90.60 5.36 9.75
C GLU A 106 89.84 6.64 10.15
N TYR A 107 89.21 7.25 9.15
CA TYR A 107 88.42 8.44 9.39
C TYR A 107 87.15 8.15 10.20
N GLY A 108 86.65 6.92 10.14
CA GLY A 108 85.45 6.55 10.89
C GLY A 108 84.50 5.70 10.08
N LEU A 109 84.66 5.70 8.77
CA LEU A 109 83.82 4.91 7.87
C LEU A 109 84.40 3.51 7.78
N GLU A 110 83.98 2.73 6.80
CA GLU A 110 84.44 1.35 6.56
C GLU A 110 84.30 0.49 7.82
N LYS A 111 83.04 0.31 8.22
CA LYS A 111 82.70 -0.45 9.41
C LYS A 111 83.12 -1.92 9.33
N THR A 112 83.64 -2.37 8.19
CA THR A 112 84.09 -3.76 8.08
C THR A 112 85.21 -4.05 9.05
N HIS A 113 86.17 -3.14 9.18
CA HIS A 113 87.26 -3.26 10.13
C HIS A 113 87.27 -2.04 11.04
N ALA A 114 87.48 -2.29 12.34
CA ALA A 114 87.44 -1.20 13.31
C ALA A 114 88.77 -0.45 13.37
N PHE A 115 89.85 -1.15 13.73
CA PHE A 115 91.17 -0.52 13.83
C PHE A 115 92.21 -1.58 13.48
N LEU A 116 92.78 -1.47 12.29
CA LEU A 116 93.81 -2.40 11.84
C LEU A 116 94.92 -1.62 11.14
N GLY A 117 96.13 -2.19 11.18
CA GLY A 117 97.29 -1.54 10.60
C GLY A 117 98.47 -1.56 11.54
N TRP A 118 99.65 -1.91 11.02
CA TRP A 118 100.83 -2.01 11.87
C TRP A 118 101.16 -0.67 12.52
N VAL A 119 101.14 0.41 11.74
CA VAL A 119 101.24 1.77 12.26
C VAL A 119 100.14 2.60 11.62
N VAL A 120 99.39 3.33 12.44
CA VAL A 120 98.29 4.17 11.97
C VAL A 120 98.37 5.52 12.65
N VAL A 121 97.79 6.53 11.99
CA VAL A 121 97.66 7.86 12.54
C VAL A 121 96.18 8.11 12.84
N THR A 122 95.90 8.55 14.05
CA THR A 122 94.54 8.80 14.51
C THR A 122 94.42 10.24 14.99
N THR A 123 93.18 10.63 15.29
CA THR A 123 92.89 11.92 15.87
C THR A 123 92.11 11.71 17.15
N TRP A 124 92.31 12.63 18.11
CA TRP A 124 91.58 12.54 19.37
C TRP A 124 90.08 12.58 19.12
N ASP A 125 89.65 13.34 18.11
CA ASP A 125 88.24 13.32 17.71
C ASP A 125 87.81 11.92 17.31
N ALA A 126 88.63 11.21 16.53
CA ALA A 126 88.36 9.82 16.21
C ALA A 126 88.77 8.87 17.33
N PHE A 127 89.74 9.25 18.15
CA PHE A 127 90.15 8.41 19.27
C PHE A 127 89.01 8.22 20.27
N LEU A 128 88.28 9.30 20.57
CA LEU A 128 87.14 9.17 21.48
C LEU A 128 86.07 8.26 20.89
N TYR A 129 85.83 8.36 19.57
CA TYR A 129 84.89 7.45 18.92
C TYR A 129 85.40 6.01 18.97
N GLY A 130 86.71 5.83 18.99
CA GLY A 130 87.29 4.49 19.00
C GLY A 130 87.14 3.75 20.31
N LEU A 131 86.97 4.47 21.42
CA LEU A 131 86.84 3.80 22.72
C LEU A 131 85.49 3.11 22.89
N ALA A 132 84.48 3.48 22.09
CA ALA A 132 83.16 2.86 22.20
C ALA A 132 82.49 2.95 20.84
N ALA A 133 82.49 1.83 20.11
CA ALA A 133 81.81 1.76 18.83
C ALA A 133 81.53 0.30 18.52
N HIS A 134 80.62 0.09 17.58
CA HIS A 134 80.22 -1.26 17.17
C HIS A 134 80.55 -1.45 15.69
N ARG A 135 81.40 -2.44 15.42
CA ARG A 135 81.80 -2.80 14.06
C ARG A 135 81.60 -4.31 13.92
N THR A 136 80.39 -4.70 13.54
CA THR A 136 80.01 -6.11 13.44
C THR A 136 79.76 -6.45 11.97
N VAL A 137 80.59 -7.33 11.42
CA VAL A 137 80.43 -7.85 10.07
C VAL A 137 80.54 -9.36 10.12
N GLY A 138 79.67 -10.04 9.38
CA GLY A 138 79.66 -11.49 9.40
C GLY A 138 79.37 -12.08 10.76
N ASN A 139 78.53 -11.41 11.57
CA ASN A 139 78.26 -11.81 12.94
C ASN A 139 79.54 -11.83 13.79
N ARG A 140 80.56 -11.10 13.36
CA ARG A 140 81.81 -10.97 14.09
C ARG A 140 82.01 -9.51 14.47
N PHE A 141 82.22 -9.25 15.75
CA PHE A 141 82.35 -7.90 16.27
C PHE A 141 83.82 -7.61 16.52
N THR A 142 84.37 -6.64 15.78
CA THR A 142 85.71 -6.15 16.05
C THR A 142 85.62 -4.95 16.99
N PHE A 143 86.19 -5.09 18.18
CA PHE A 143 86.04 -4.06 19.21
C PHE A 143 87.06 -2.96 18.94
N PRO A 144 86.62 -1.73 18.65
CA PRO A 144 87.58 -0.71 18.18
C PRO A 144 88.67 -0.37 19.17
N ALA A 145 88.36 -0.37 20.48
CA ALA A 145 89.37 -0.01 21.47
C ALA A 145 90.23 -1.19 21.89
N GLY A 146 89.97 -2.39 21.36
CA GLY A 146 90.79 -3.54 21.73
C GLY A 146 92.22 -3.39 21.27
N ALA A 147 92.42 -2.94 20.03
CA ALA A 147 93.76 -2.69 19.52
C ALA A 147 94.42 -1.50 20.20
N ILE A 148 93.63 -0.58 20.76
CA ILE A 148 94.21 0.60 21.40
C ILE A 148 94.97 0.20 22.66
N ALA A 149 94.48 -0.81 23.39
CA ALA A 149 95.04 -1.15 24.69
C ALA A 149 96.51 -1.55 24.57
N GLN A 150 96.83 -2.43 23.62
CA GLN A 150 98.18 -2.95 23.50
C GLN A 150 99.01 -2.26 22.42
N SER A 151 98.47 -1.24 21.76
CA SER A 151 99.26 -0.44 20.86
C SER A 151 99.83 0.78 21.59
N LEU A 152 100.95 1.28 21.08
CA LEU A 152 101.55 2.48 21.64
C LEU A 152 100.80 3.69 21.13
N VAL A 153 100.00 4.30 22.00
CA VAL A 153 99.27 5.52 21.68
C VAL A 153 100.09 6.72 22.16
N ILE A 154 100.32 7.66 21.24
CA ILE A 154 101.17 8.82 21.52
C ILE A 154 100.40 10.08 21.13
N PHE A 155 100.30 11.02 22.06
CA PHE A 155 99.67 12.29 21.78
C PHE A 155 100.70 13.27 21.22
N ASP A 156 100.21 14.36 20.63
CA ASP A 156 101.08 15.36 20.02
C ASP A 156 100.41 16.72 20.20
N GLU A 157 100.80 17.44 21.25
CA GLU A 157 100.30 18.79 21.54
C GLU A 157 98.77 18.79 21.65
N VAL A 158 98.26 17.97 22.56
CA VAL A 158 96.82 17.77 22.69
C VAL A 158 96.24 18.73 23.70
N GLN A 159 96.99 19.78 24.04
CA GLN A 159 96.56 20.84 24.92
C GLN A 159 96.40 22.14 24.15
N MET A 160 95.79 22.07 22.98
CA MET A 160 95.66 23.21 22.09
C MET A 160 94.22 23.72 22.10
N TYR A 161 94.08 25.03 22.29
CA TYR A 161 92.77 25.64 22.41
C TYR A 161 92.05 25.65 21.06
N GLN A 162 90.78 25.24 21.08
CA GLN A 162 89.98 25.14 19.87
C GLN A 162 88.68 25.92 20.01
N ASP A 163 87.74 25.70 19.09
CA ASP A 163 86.49 26.46 19.05
C ASP A 163 85.58 26.06 20.21
N GLU A 164 86.01 26.37 21.44
CA GLU A 164 85.24 26.10 22.67
C GLU A 164 84.77 24.64 22.73
N SER A 165 85.53 23.72 22.15
CA SER A 165 85.06 22.35 22.03
C SER A 165 86.08 21.27 22.36
N MET A 166 87.37 21.60 22.50
CA MET A 166 88.36 20.55 22.73
C MET A 166 89.28 20.86 23.91
N TYR A 167 89.50 22.14 24.21
CA TYR A 167 90.46 22.52 25.24
C TYR A 167 89.86 22.24 26.62
N MET A 168 89.92 20.98 27.02
CA MET A 168 89.49 20.55 28.36
C MET A 168 90.61 19.78 29.03
N PRO A 169 91.47 20.43 29.80
CA PRO A 169 92.54 19.69 30.50
C PRO A 169 92.02 18.64 31.46
N ARG A 170 90.84 18.85 32.06
CA ARG A 170 90.28 17.86 32.95
C ARG A 170 89.98 16.55 32.22
N LEU A 171 89.49 16.65 30.98
CA LEU A 171 89.26 15.45 30.19
C LEU A 171 90.56 14.70 29.93
N LEU A 172 91.64 15.42 29.61
CA LEU A 172 92.93 14.78 29.41
C LEU A 172 93.42 14.11 30.68
N SER A 173 93.23 14.78 31.83
CA SER A 173 93.62 14.18 33.10
C SER A 173 92.82 12.91 33.36
N LEU A 174 91.52 12.92 33.07
CA LEU A 174 90.70 11.73 33.23
C LEU A 174 91.19 10.61 32.32
N VAL A 175 91.54 10.94 31.08
CA VAL A 175 91.99 9.94 30.12
C VAL A 175 93.29 9.30 30.59
N VAL A 176 94.26 10.13 31.01
CA VAL A 176 95.53 9.57 31.47
C VAL A 176 95.32 8.75 32.75
N GLY A 177 94.42 9.20 33.62
CA GLY A 177 94.14 8.44 34.82
C GLY A 177 93.55 7.08 34.54
N ILE A 178 92.57 7.01 33.63
CA ILE A 178 91.93 5.73 33.33
C ILE A 178 92.87 4.83 32.53
N LEU A 179 93.79 5.43 31.76
CA LEU A 179 94.76 4.60 31.04
C LEU A 179 95.87 4.12 31.96
N GLU A 180 96.07 4.77 33.11
CA GLU A 180 97.15 4.39 34.00
C GLU A 180 96.99 2.96 34.52
N GLU A 181 95.79 2.58 34.96
CA GLU A 181 95.65 1.27 35.59
C GLU A 181 95.65 0.13 34.59
N ALA A 182 95.65 0.42 33.29
CA ALA A 182 95.73 -0.61 32.27
C ALA A 182 97.12 -1.23 32.15
N ASN A 183 98.10 -0.71 32.90
CA ASN A 183 99.48 -1.22 32.88
C ASN A 183 100.05 -1.18 31.47
N VAL A 184 99.87 -0.03 30.80
CA VAL A 184 100.40 0.17 29.46
C VAL A 184 101.22 1.45 29.45
N PRO A 185 102.27 1.54 28.62
CA PRO A 185 103.09 2.75 28.59
C PRO A 185 102.37 3.87 27.83
N LEU A 186 102.28 5.04 28.46
CA LEU A 186 101.65 6.20 27.87
C LEU A 186 102.64 7.36 27.90
N VAL A 187 102.98 7.86 26.72
CA VAL A 187 103.92 8.96 26.57
C VAL A 187 103.24 10.08 25.79
N ILE A 188 103.47 11.32 26.21
CA ILE A 188 102.83 12.48 25.62
C ILE A 188 103.89 13.48 25.19
N MET A 189 103.64 14.13 24.05
CA MET A 189 104.53 15.15 23.51
C MET A 189 103.86 16.51 23.59
N SER A 190 104.57 17.48 24.16
CA SER A 190 104.04 18.82 24.32
C SER A 190 105.19 19.81 24.31
N ALA A 191 104.93 20.99 23.75
CA ALA A 191 105.95 22.04 23.71
C ALA A 191 105.92 22.88 24.98
N THR A 192 104.77 23.50 25.26
CA THR A 192 104.60 24.34 26.45
C THR A 192 103.37 23.86 27.22
N ILE A 193 103.53 23.66 28.51
CA ILE A 193 102.42 23.27 29.38
C ILE A 193 102.58 23.92 30.74
N PRO A 194 101.50 24.19 31.46
CA PRO A 194 101.63 24.78 32.80
C PRO A 194 102.20 23.77 33.80
N SER A 195 102.81 24.32 34.85
CA SER A 195 103.36 23.48 35.90
C SER A 195 102.25 22.78 36.69
N LYS A 196 101.06 23.39 36.73
CA LYS A 196 99.97 22.84 37.53
C LYS A 196 99.45 21.52 36.96
N LEU A 197 99.41 21.37 35.64
CA LEU A 197 98.99 20.11 35.06
C LEU A 197 100.01 19.00 35.30
N ARG A 198 101.30 19.35 35.26
CA ARG A 198 102.36 18.35 35.33
C ARG A 198 102.38 17.58 36.65
N GLU A 199 101.54 17.94 37.61
CA GLU A 199 101.47 17.21 38.88
C GLU A 199 100.19 16.41 39.06
N MET A 200 99.07 16.83 38.47
CA MET A 200 97.82 16.09 38.59
C MET A 200 97.63 15.07 37.47
N ILE A 201 98.50 15.06 36.46
CA ILE A 201 98.51 13.99 35.47
C ILE A 201 99.72 13.09 35.58
N ALA A 202 100.76 13.53 36.30
CA ALA A 202 101.94 12.71 36.59
C ALA A 202 102.36 13.03 38.02
N GLY A 203 101.84 12.25 38.97
CA GLY A 203 102.14 12.46 40.37
C GLY A 203 103.46 11.88 40.84
N ASP A 204 104.07 10.99 40.05
CA ASP A 204 105.33 10.39 40.43
C ASP A 204 106.29 10.27 39.25
N THR A 205 106.08 11.05 38.19
CA THR A 205 106.92 11.03 37.00
C THR A 205 107.67 12.34 36.89
N GLU A 206 109.00 12.26 36.78
CA GLU A 206 109.84 13.43 36.67
C GLU A 206 109.88 13.93 35.23
N VAL A 207 109.93 15.25 35.08
CA VAL A 207 109.99 15.88 33.76
C VAL A 207 111.44 15.89 33.30
N ILE A 208 111.67 15.45 32.06
CA ILE A 208 113.03 15.41 31.53
C ILE A 208 113.45 16.74 30.93
N THR A 209 112.50 17.58 30.52
CA THR A 209 112.72 18.91 29.95
C THR A 209 113.96 18.99 29.06
N VAL A 210 114.75 20.05 29.20
CA VAL A 210 115.98 20.26 28.43
C VAL A 210 117.16 20.24 29.39
N ASP A 211 118.15 19.41 29.09
CA ASP A 211 119.32 19.25 29.94
C ASP A 211 120.51 19.99 29.34
N LYS A 212 121.24 20.73 30.18
CA LYS A 212 122.41 21.47 29.70
C LYS A 212 123.50 20.52 29.24
N ASN A 213 123.65 19.39 29.91
CA ASN A 213 124.66 18.41 29.52
C ASN A 213 124.27 17.75 28.19
N ASP A 214 125.29 17.36 27.42
CA ASP A 214 125.11 16.73 26.12
C ASP A 214 124.27 17.62 25.20
N LYS A 215 124.85 18.78 24.86
CA LYS A 215 124.15 19.77 24.04
C LYS A 215 124.05 19.29 22.60
N ASN A 216 122.99 18.55 22.29
CA ASN A 216 122.78 18.03 20.94
C ASN A 216 121.35 18.23 20.46
N LYS A 217 120.48 18.86 21.26
CA LYS A 217 119.11 19.06 20.85
C LYS A 217 119.04 20.06 19.68
N PRO A 218 118.06 19.90 18.79
CA PRO A 218 117.95 20.84 17.66
C PRO A 218 117.51 22.23 18.10
N SER A 219 118.43 23.18 18.06
CA SER A 219 118.13 24.54 18.47
C SER A 219 117.29 25.25 17.42
N LYS A 220 116.47 26.20 17.88
CA LYS A 220 115.61 26.97 17.00
C LYS A 220 116.37 28.06 16.26
N GLY A 221 117.24 28.79 16.95
CA GLY A 221 117.98 29.88 16.33
C GLY A 221 117.57 31.24 16.85
N ASN A 222 117.48 32.22 15.96
CA ASN A 222 117.07 33.58 16.32
C ASN A 222 115.71 33.85 15.67
N VAL A 223 114.70 34.11 16.50
CA VAL A 223 113.36 34.45 16.05
C VAL A 223 112.92 35.71 16.77
N LYS A 224 112.48 36.70 16.00
CA LYS A 224 112.00 37.97 16.54
C LYS A 224 110.52 38.14 16.24
N VAL A 225 109.76 38.56 17.24
CA VAL A 225 108.32 38.74 17.12
C VAL A 225 107.97 40.16 17.54
N ARG A 226 107.09 40.81 16.78
CA ARG A 226 106.66 42.16 17.07
C ARG A 226 105.15 42.28 16.84
N LEU A 227 104.55 43.25 17.51
CA LEU A 227 103.12 43.51 17.38
C LEU A 227 102.90 44.53 16.26
N VAL A 228 102.10 44.15 15.28
CA VAL A 228 101.83 44.98 14.12
C VAL A 228 100.33 45.06 13.89
N GLU A 229 99.90 46.13 13.24
CA GLU A 229 98.49 46.32 12.95
C GLU A 229 98.00 45.29 11.93
N GLY A 230 96.79 44.78 12.16
CA GLY A 230 96.24 43.76 11.28
C GLY A 230 95.47 44.31 10.10
N ASP A 231 96.12 44.38 8.94
CA ASP A 231 95.48 44.84 7.72
C ASP A 231 95.98 44.01 6.55
N ILE A 232 95.12 43.86 5.54
CA ILE A 232 95.52 43.12 4.34
C ILE A 232 96.60 43.89 3.58
N THR A 233 96.47 45.21 3.50
CA THR A 233 97.45 46.00 2.75
C THR A 233 98.79 46.08 3.47
N ASP A 234 98.78 46.03 4.81
CA ASP A 234 100.03 46.20 5.56
C ASP A 234 101.00 45.05 5.31
N VAL A 235 100.49 43.81 5.22
CA VAL A 235 101.36 42.65 5.07
C VAL A 235 101.93 42.53 3.66
N LEU A 236 101.37 43.26 2.69
CA LEU A 236 101.79 43.09 1.30
C LEU A 236 103.28 43.37 1.11
N ASN A 237 103.78 44.44 1.75
CA ASN A 237 105.19 44.78 1.60
C ASN A 237 106.10 43.68 2.13
N ASP A 238 105.59 42.85 3.03
CA ASP A 238 106.37 41.73 3.57
C ASP A 238 106.27 40.48 2.73
N ILE A 239 105.47 40.48 1.68
CA ILE A 239 105.32 39.31 0.83
C ILE A 239 106.24 39.38 -0.39
N LYS A 240 106.18 40.47 -1.14
CA LYS A 240 106.99 40.60 -2.36
C LYS A 240 108.48 40.59 -2.05
N LYS A 241 108.87 40.79 -0.79
CA LYS A 241 110.28 40.76 -0.41
C LYS A 241 110.76 39.39 0.03
N ILE A 242 109.88 38.38 0.11
CA ILE A 242 110.28 37.02 0.44
C ILE A 242 110.10 36.09 -0.75
N LEU A 243 109.07 36.31 -1.57
CA LEU A 243 108.85 35.45 -2.73
C LEU A 243 110.01 35.55 -3.72
N LYS A 244 110.48 36.78 -3.98
CA LYS A 244 111.62 36.94 -4.88
C LYS A 244 112.89 36.36 -4.26
N ASN A 245 113.07 36.53 -2.95
CA ASN A 245 114.24 35.98 -2.29
C ASN A 245 114.26 34.45 -2.37
N GLY A 246 113.11 33.82 -2.15
CA GLY A 246 113.03 32.38 -2.19
C GLY A 246 112.22 31.81 -1.03
N LYS A 247 111.87 32.68 -0.07
CA LYS A 247 111.08 32.26 1.07
C LYS A 247 109.61 32.21 0.70
N LYS A 248 108.76 31.94 1.70
CA LYS A 248 107.33 31.85 1.50
C LYS A 248 106.61 32.52 2.67
N VAL A 249 105.34 32.83 2.46
CA VAL A 249 104.50 33.44 3.47
C VAL A 249 103.44 32.42 3.90
N LEU A 250 103.23 32.31 5.20
CA LEU A 250 102.26 31.37 5.77
C LEU A 250 101.24 32.18 6.57
N VAL A 251 100.04 32.31 6.02
CA VAL A 251 98.95 33.05 6.67
C VAL A 251 98.05 32.05 7.39
N VAL A 252 97.72 32.35 8.64
CA VAL A 252 96.89 31.49 9.47
C VAL A 252 95.66 32.27 9.91
N ARG A 253 94.49 31.69 9.71
CA ARG A 253 93.23 32.29 10.09
C ARG A 253 92.56 31.46 11.19
N ASN A 254 91.98 32.16 12.16
CA ASN A 254 91.26 31.52 13.25
C ASN A 254 89.81 31.21 12.91
N THR A 255 89.34 31.63 11.74
CA THR A 255 87.97 31.39 11.34
C THR A 255 87.95 30.80 9.93
N VAL A 256 87.05 29.84 9.71
CA VAL A 256 86.93 29.24 8.38
C VAL A 256 86.43 30.28 7.38
N ARG A 257 85.56 31.20 7.82
CA ARG A 257 85.06 32.23 6.93
C ARG A 257 86.17 33.16 6.48
N LYS A 258 87.10 33.50 7.38
CA LYS A 258 88.23 34.35 6.99
C LYS A 258 89.18 33.61 6.06
N ALA A 259 89.39 32.31 6.30
CA ALA A 259 90.32 31.55 5.47
C ALA A 259 89.76 31.32 4.07
N VAL A 260 88.45 31.12 3.95
CA VAL A 260 87.83 30.87 2.66
C VAL A 260 87.73 32.14 1.82
N GLU A 261 88.18 33.27 2.34
CA GLU A 261 88.20 34.52 1.59
C GLU A 261 89.59 35.14 1.47
N THR A 262 90.49 34.84 2.40
CA THR A 262 91.83 35.43 2.33
C THR A 262 92.57 34.98 1.08
N TYR A 263 92.51 33.69 0.76
CA TYR A 263 93.18 33.18 -0.43
C TYR A 263 92.60 33.81 -1.70
N GLN A 264 91.27 33.92 -1.75
CA GLN A 264 90.63 34.49 -2.93
C GLN A 264 90.97 35.96 -3.11
N VAL A 265 91.01 36.73 -2.02
CA VAL A 265 91.38 38.14 -2.14
C VAL A 265 92.88 38.33 -2.31
N LEU A 266 93.68 37.29 -2.04
CA LEU A 266 95.12 37.38 -2.24
C LEU A 266 95.60 36.75 -3.54
N LYS A 267 94.81 35.88 -4.15
CA LYS A 267 95.20 35.24 -5.40
C LYS A 267 94.93 36.09 -6.63
N LYS A 268 94.17 37.18 -6.49
CA LYS A 268 93.82 38.01 -7.62
C LYS A 268 94.59 39.33 -7.68
N LYS A 269 95.00 39.87 -6.54
CA LYS A 269 95.69 41.15 -6.49
C LYS A 269 97.20 41.04 -6.70
N LEU A 270 97.74 39.82 -6.80
CA LEU A 270 99.17 39.65 -7.03
C LEU A 270 99.48 39.50 -8.52
N ASN A 271 98.95 38.46 -9.15
CA ASN A 271 99.11 38.20 -10.59
C ASN A 271 100.58 38.31 -10.99
N ASP A 272 101.42 37.52 -10.31
CA ASP A 272 102.86 37.57 -10.52
C ASP A 272 103.48 36.25 -10.94
N THR A 273 102.93 35.12 -10.51
CA THR A 273 103.54 33.82 -10.78
C THR A 273 102.43 32.85 -11.20
N LEU A 274 102.80 31.59 -11.39
CA LEU A 274 101.86 30.57 -11.81
C LEU A 274 100.89 30.22 -10.69
N ALA A 275 99.73 29.70 -11.07
CA ALA A 275 98.67 29.37 -10.12
C ALA A 275 98.30 27.89 -10.13
N ASN A 276 98.18 27.27 -11.31
CA ASN A 276 97.76 25.87 -11.36
C ASN A 276 98.75 24.93 -10.68
N PRO A 277 100.06 24.97 -10.97
CA PRO A 277 100.96 24.02 -10.31
C PRO A 277 101.40 24.43 -8.91
N SER A 278 101.21 25.69 -8.53
CA SER A 278 101.68 26.20 -7.25
C SER A 278 100.54 26.58 -6.31
N ASP A 279 99.63 27.45 -6.75
CA ASP A 279 98.52 27.87 -5.91
C ASP A 279 97.43 26.80 -5.94
N ALA A 280 96.28 27.11 -5.32
CA ALA A 280 95.17 26.16 -5.18
C ALA A 280 95.61 24.89 -4.46
N LEU A 281 96.61 25.00 -3.60
CA LEU A 281 97.15 23.88 -2.83
C LEU A 281 97.28 24.35 -1.38
N LEU A 282 96.24 24.11 -0.59
CA LEU A 282 96.20 24.54 0.80
C LEU A 282 95.74 23.39 1.69
N ILE A 283 95.80 23.62 3.00
CA ILE A 283 95.42 22.60 3.97
C ILE A 283 93.91 22.36 3.90
N HIS A 284 93.50 21.16 4.31
CA HIS A 284 92.10 20.77 4.22
C HIS A 284 91.30 21.29 5.40
N SER A 285 90.13 21.84 5.13
CA SER A 285 89.19 22.29 6.17
C SER A 285 87.78 22.08 5.61
N ARG A 286 87.22 20.91 5.91
CA ARG A 286 85.90 20.46 5.44
C ARG A 286 85.63 20.83 3.98
N PHE A 287 86.63 20.68 3.11
CA PHE A 287 86.46 20.92 1.69
C PHE A 287 87.43 19.99 0.95
N THR A 288 87.71 20.31 -0.32
CA THR A 288 88.53 19.50 -1.23
C THR A 288 87.84 18.23 -1.68
N ILE A 289 86.51 18.17 -1.58
CA ILE A 289 85.72 17.02 -1.99
C ILE A 289 86.21 15.78 -1.27
N GLY A 290 86.09 15.77 0.05
CA GLY A 290 86.43 14.60 0.84
C GLY A 290 87.91 14.35 1.04
N ASP A 291 88.60 13.98 -0.04
CA ASP A 291 90.00 13.59 0.08
C ASP A 291 90.88 14.80 0.39
N ARG A 292 92.02 14.53 1.04
CA ARG A 292 92.95 15.57 1.42
C ARG A 292 94.29 15.47 0.70
N ARG A 293 94.71 14.26 0.33
CA ARG A 293 96.03 14.06 -0.26
C ARG A 293 96.16 14.64 -1.66
N GLU A 294 95.06 15.05 -2.30
CA GLU A 294 95.14 15.57 -3.66
C GLU A 294 95.86 16.92 -3.69
N LYS A 295 95.75 17.70 -2.62
CA LYS A 295 96.48 18.97 -2.50
C LYS A 295 97.29 18.99 -1.22
N GLU A 296 97.81 17.84 -0.80
CA GLU A 296 98.63 17.74 0.40
C GLU A 296 100.07 17.36 0.11
N ARG A 297 100.29 16.42 -0.80
CA ARG A 297 101.66 16.03 -1.17
C ARG A 297 102.33 17.04 -2.10
N ALA A 298 101.57 18.00 -2.63
CA ALA A 298 102.12 19.02 -3.51
C ALA A 298 102.46 20.31 -2.77
N LEU A 299 102.36 20.31 -1.44
CA LEU A 299 102.67 21.51 -0.65
C LEU A 299 104.17 21.74 -0.49
N ASP A 300 105.01 20.80 -0.93
CA ASP A 300 106.46 20.94 -0.81
C ASP A 300 106.98 21.85 -1.92
N SER A 301 106.69 23.14 -1.77
CA SER A 301 107.11 24.15 -2.73
C SER A 301 107.21 25.49 -2.02
N ALA A 302 108.22 26.28 -2.41
CA ALA A 302 108.45 27.61 -1.83
C ALA A 302 107.53 28.62 -2.52
N ARG A 303 106.25 28.51 -2.20
CA ARG A 303 105.23 29.36 -2.79
C ARG A 303 104.25 29.78 -1.70
N LEU A 304 103.22 30.53 -2.09
CA LEU A 304 102.22 31.00 -1.14
C LEU A 304 101.40 29.82 -0.63
N ILE A 305 101.29 29.72 0.69
CA ILE A 305 100.55 28.64 1.34
C ILE A 305 99.53 29.29 2.27
N VAL A 306 98.31 29.50 1.76
CA VAL A 306 97.22 29.99 2.60
C VAL A 306 96.79 28.88 3.55
N ALA A 307 96.53 29.24 4.80
CA ALA A 307 96.29 28.24 5.83
C ALA A 307 95.37 28.83 6.90
N THR A 308 95.07 28.00 7.89
CA THR A 308 94.18 28.34 9.00
C THR A 308 94.65 27.57 10.22
N GLN A 309 93.76 27.42 11.21
CA GLN A 309 94.09 26.70 12.45
C GLN A 309 94.34 25.20 12.24
N VAL A 310 94.36 24.70 11.01
CA VAL A 310 94.65 23.30 10.76
C VAL A 310 96.15 23.01 10.59
N VAL A 311 96.93 24.00 10.14
CA VAL A 311 98.35 23.80 9.85
C VAL A 311 99.14 23.92 11.14
N GLU A 312 98.42 24.06 12.26
CA GLU A 312 99.07 24.33 13.54
C GLU A 312 100.01 23.20 13.94
N ALA A 313 99.59 21.95 13.75
CA ALA A 313 100.41 20.80 14.12
C ALA A 313 100.62 19.92 12.90
N GLY A 314 101.71 19.14 12.96
CA GLY A 314 102.03 18.22 11.89
C GLY A 314 102.51 18.88 10.62
N LEU A 315 103.67 19.53 10.68
CA LEU A 315 104.26 20.16 9.50
C LEU A 315 105.77 20.12 9.64
N ASP A 316 106.45 19.74 8.56
CA ASP A 316 107.91 19.65 8.51
C ASP A 316 108.44 20.48 7.35
N LEU A 317 107.97 21.70 7.24
CA LEU A 317 108.39 22.59 6.16
C LEU A 317 109.86 22.96 6.34
N PRO A 318 110.72 22.68 5.35
CA PRO A 318 112.15 22.98 5.51
C PRO A 318 112.47 24.45 5.32
N ASN A 319 111.73 25.12 4.44
CA ASN A 319 111.94 26.53 4.13
C ASN A 319 110.81 27.33 4.77
N VAL A 320 111.06 27.84 5.97
CA VAL A 320 110.10 28.64 6.71
C VAL A 320 110.57 30.08 6.74
N GLY A 321 109.74 30.99 6.24
CA GLY A 321 110.09 32.39 6.21
C GLY A 321 109.22 33.23 7.13
N LEU A 322 108.24 33.91 6.56
CA LEU A 322 107.33 34.77 7.32
C LEU A 322 106.04 34.02 7.61
N VAL A 323 105.61 34.07 8.87
CA VAL A 323 104.35 33.47 9.30
C VAL A 323 103.51 34.57 9.95
N VAL A 324 102.38 34.88 9.32
CA VAL A 324 101.44 35.84 9.85
C VAL A 324 100.22 35.08 10.37
N THR A 325 99.74 35.46 11.55
CA THR A 325 98.64 34.73 12.17
C THR A 325 97.75 35.69 12.93
N ASP A 326 96.51 35.26 13.17
CA ASP A 326 95.57 36.05 13.94
C ASP A 326 95.86 35.87 15.43
N ILE A 327 94.94 36.32 16.27
CA ILE A 327 95.14 36.22 17.72
C ILE A 327 95.18 34.75 18.13
N ALA A 328 96.11 34.41 19.01
CA ALA A 328 96.29 33.05 19.48
C ALA A 328 96.45 33.05 20.99
N PRO A 329 96.01 31.97 21.66
CA PRO A 329 96.12 31.86 23.12
C PRO A 329 97.51 31.44 23.61
N LEU A 330 98.54 32.15 23.15
CA LEU A 330 99.93 31.97 23.59
C LEU A 330 100.45 30.57 23.28
N ASP A 331 99.83 29.54 23.87
CA ASP A 331 100.27 28.17 23.61
C ASP A 331 100.14 27.80 22.15
N ALA A 332 99.05 28.24 21.51
CA ALA A 332 98.92 28.05 20.07
C ALA A 332 99.96 28.85 19.30
N LEU A 333 100.22 30.09 19.71
CA LEU A 333 101.12 30.97 18.98
C LEU A 333 102.55 30.43 18.98
N ILE A 334 103.02 29.96 20.14
CA ILE A 334 104.40 29.51 20.24
C ILE A 334 104.62 28.24 19.41
N GLN A 335 103.63 27.35 19.38
CA GLN A 335 103.73 26.16 18.54
C GLN A 335 103.67 26.53 17.06
N ARG A 336 102.82 27.50 16.71
CA ARG A 336 102.69 27.90 15.31
C ARG A 336 103.96 28.55 14.79
N ILE A 337 104.57 29.45 15.57
CA ILE A 337 105.76 30.16 15.13
C ILE A 337 107.02 29.32 15.23
N GLY A 338 106.96 28.17 15.89
CA GLY A 338 108.12 27.29 15.99
C GLY A 338 108.27 26.36 14.81
N ARG A 339 107.87 26.83 13.63
CA ARG A 339 107.94 26.02 12.42
C ARG A 339 109.33 25.97 11.81
N CYS A 340 110.25 26.83 12.26
CA CYS A 340 111.60 26.85 11.69
C CYS A 340 112.40 25.65 12.18
N ALA A 341 112.32 24.55 11.46
CA ALA A 341 113.00 23.32 11.83
C ALA A 341 114.39 23.28 11.20
N ARG A 342 115.02 22.10 11.24
CA ARG A 342 116.34 21.87 10.64
C ARG A 342 117.40 22.74 11.30
N ARG A 343 118.24 23.38 10.50
CA ARG A 343 119.33 24.17 11.05
C ARG A 343 118.78 25.41 11.75
N PRO A 344 119.40 25.82 12.87
CA PRO A 344 118.91 27.01 13.58
C PRO A 344 119.14 28.28 12.76
N GLY A 345 118.27 29.25 13.00
CA GLY A 345 118.37 30.53 12.32
C GLY A 345 117.36 30.70 11.21
N GLU A 346 117.85 30.81 9.97
CA GLU A 346 117.02 30.92 8.77
C GLU A 346 116.16 32.20 8.78
N GLU A 347 116.43 33.10 9.72
CA GLU A 347 115.70 34.37 9.84
C GLU A 347 114.20 34.13 9.96
N GLY A 348 113.82 33.24 10.89
CA GLY A 348 112.42 32.97 11.15
C GLY A 348 111.67 34.19 11.65
N GLU A 349 110.56 34.51 11.00
CA GLU A 349 109.76 35.69 11.34
C GLU A 349 108.31 35.29 11.58
N GLY A 350 107.74 35.78 12.67
CA GLY A 350 106.35 35.52 12.99
C GLY A 350 105.66 36.73 13.57
N ILE A 351 104.51 37.11 12.99
CA ILE A 351 103.80 38.30 13.42
C ILE A 351 102.30 38.01 13.51
N ILE A 352 101.60 38.91 14.22
CA ILE A 352 100.18 38.77 14.51
C ILE A 352 99.44 39.94 13.87
N LEU A 353 98.37 39.63 13.14
CA LEU A 353 97.55 40.61 12.45
C LEU A 353 96.13 40.54 13.01
N ILE A 354 95.77 41.52 13.83
CA ILE A 354 94.41 41.64 14.38
C ILE A 354 93.98 43.09 14.28
N PRO A 355 92.78 43.39 13.74
CA PRO A 355 92.37 44.80 13.64
C PRO A 355 92.30 45.48 15.00
N GLU A 357 91.40 45.04 15.88
CA GLU A 357 91.55 45.30 17.30
C GLU A 357 91.49 44.00 18.10
N ASN A 358 90.34 43.31 18.00
CA ASN A 358 90.19 42.00 18.65
C ASN A 358 89.30 41.05 17.85
N CYS A 359 88.99 41.36 16.59
CA CYS A 359 87.91 40.68 15.89
C CYS A 359 88.14 39.19 15.72
N ILE A 360 89.38 38.73 15.75
CA ILE A 360 89.68 37.31 15.56
C ILE A 360 89.51 36.49 16.83
N GLU A 361 89.19 37.12 17.96
CA GLU A 361 89.06 36.41 19.22
C GLU A 361 87.69 35.77 19.42
N HIS A 362 86.76 35.98 18.49
CA HIS A 362 85.41 35.45 18.64
C HIS A 362 85.28 34.00 18.19
N GLU A 363 86.33 33.42 17.59
CA GLU A 363 86.28 32.05 17.11
C GLU A 363 87.36 31.15 17.68
N LYS A 364 88.42 31.70 18.27
CA LYS A 364 89.49 30.87 18.80
C LYS A 364 90.01 31.35 20.15
N ILE A 365 89.35 32.32 20.80
CA ILE A 365 89.82 32.82 22.08
C ILE A 365 88.71 32.85 23.13
N VAL A 366 87.47 33.04 22.68
CA VAL A 366 86.31 33.17 23.57
C VAL A 366 86.51 34.32 24.56
N ARG A 367 87.18 35.38 24.12
CA ARG A 367 87.53 36.53 24.95
C ARG A 367 88.30 35.99 26.15
N GLY A 368 87.92 36.30 27.38
CA GLY A 368 88.56 35.78 28.59
C GLY A 368 90.05 36.08 28.62
N LEU A 369 90.80 35.32 29.42
CA LEU A 369 92.23 35.52 29.51
C LEU A 369 92.94 35.10 28.23
N SER A 370 92.30 34.28 27.40
CA SER A 370 92.91 33.86 26.15
C SER A 370 93.11 35.03 25.20
N GLU A 371 92.22 36.02 25.25
CA GLU A 371 92.32 37.20 24.41
C GLU A 371 92.76 38.45 25.15
N LEU A 372 92.48 38.55 26.46
CA LEU A 372 92.89 39.71 27.22
C LEU A 372 94.41 39.77 27.38
N MET A 373 95.03 38.63 27.67
CA MET A 373 96.46 38.54 27.86
C MET A 373 97.22 38.17 26.59
N GLU A 374 96.51 37.97 25.48
CA GLU A 374 97.19 37.64 24.23
C GLU A 374 98.06 38.78 23.75
N LYS A 375 97.59 40.02 23.89
CA LYS A 375 98.37 41.18 23.45
C LYS A 375 99.63 41.37 24.29
N ILE A 376 99.68 40.81 25.49
CA ILE A 376 100.86 40.90 26.34
C ILE A 376 101.80 39.73 26.07
N GLY A 377 102.25 39.65 24.82
CA GLY A 377 103.15 38.59 24.36
C GLY A 377 104.15 39.22 23.40
N GLU A 378 105.31 39.62 23.93
CA GLU A 378 106.37 40.22 23.14
C GLU A 378 107.67 39.43 23.14
N ASP A 379 107.88 38.54 24.11
CA ASP A 379 109.11 37.78 24.16
C ASP A 379 109.13 36.69 23.10
N THR A 380 110.35 36.36 22.65
CA THR A 380 110.51 35.30 21.65
C THR A 380 110.08 33.95 22.21
N VAL A 381 110.43 33.67 23.48
CA VAL A 381 110.05 32.43 24.15
C VAL A 381 110.55 31.20 23.38
N VAL A 382 111.82 31.23 23.01
CA VAL A 382 112.45 30.14 22.28
C VAL A 382 113.45 29.38 23.16
N PHE A 383 113.10 29.20 24.43
CA PHE A 383 113.96 28.50 25.38
C PHE A 383 113.09 27.58 26.22
N ALA A 384 113.69 27.02 27.27
CA ALA A 384 113.00 26.10 28.17
C ALA A 384 112.33 26.80 29.35
N VAL A 385 112.39 28.13 29.41
CA VAL A 385 111.77 28.89 30.49
C VAL A 385 110.39 29.39 30.09
N VAL A 386 109.79 28.81 29.05
CA VAL A 386 108.47 29.23 28.60
C VAL A 386 107.41 28.90 29.63
N THR A 387 107.66 27.90 30.49
CA THR A 387 106.68 27.51 31.50
C THR A 387 106.40 28.64 32.48
N SER A 388 107.30 29.61 32.62
CA SER A 388 107.08 30.77 33.46
C SER A 388 106.31 31.88 32.75
N THR A 389 105.65 31.56 31.64
CA THR A 389 104.89 32.54 30.87
C THR A 389 103.41 32.23 30.80
N ASN A 390 103.03 30.96 30.67
CA ASN A 390 101.63 30.59 30.53
C ASN A 390 100.88 30.62 31.85
N GLU A 391 101.60 30.72 32.98
CA GLU A 391 100.94 30.70 34.28
C GLU A 391 100.07 31.94 34.50
N TYR A 392 100.50 33.10 34.03
CA TYR A 392 99.74 34.33 34.16
C TYR A 392 98.92 34.65 32.92
N ASP A 393 98.85 33.72 31.96
CA ASP A 393 98.09 33.94 30.73
C ASP A 393 96.82 33.11 30.68
N ARG A 394 96.84 31.86 31.17
CA ARG A 394 95.65 31.02 31.16
C ARG A 394 95.39 30.32 32.48
N VAL A 395 96.37 30.22 33.38
CA VAL A 395 96.21 29.47 34.62
C VAL A 395 95.56 30.32 35.71
N VAL A 396 95.96 31.59 35.82
CA VAL A 396 95.51 32.43 36.92
C VAL A 396 94.04 32.82 36.77
N GLU A 397 93.47 32.72 35.58
CA GLU A 397 92.13 33.24 35.32
C GLU A 397 91.12 32.21 34.86
N ILE A 398 91.54 31.14 34.20
CA ILE A 398 90.63 30.17 33.60
C ILE A 398 90.73 28.80 34.27
N HIS A 399 91.95 28.25 34.35
CA HIS A 399 92.10 26.89 34.86
C HIS A 399 91.73 26.78 36.34
N TYR A 400 91.90 27.86 37.10
CA TYR A 400 91.51 27.80 38.50
C TYR A 400 90.00 27.73 38.66
N GLY A 401 89.25 28.39 37.77
CA GLY A 401 87.81 28.36 37.79
C GLY A 401 87.18 27.30 36.91
N GLU A 402 87.98 26.63 36.09
CA GLU A 402 87.56 25.58 35.16
C GLU A 402 86.22 25.91 34.50
N GLY A 403 86.17 27.09 33.88
CA GLY A 403 84.97 27.54 33.19
C GLY A 403 84.90 27.05 31.76
N LYS A 404 84.07 26.04 31.52
CA LYS A 404 83.92 25.45 30.20
C LYS A 404 82.46 25.09 29.96
N LYS A 405 82.10 24.96 28.68
CA LYS A 405 80.73 24.74 28.27
C LYS A 405 80.59 23.36 27.61
N ASN A 406 79.46 22.71 27.86
CA ASN A 406 79.14 21.41 27.26
C ASN A 406 80.23 20.37 27.54
N PHE A 407 80.71 20.35 28.78
CA PHE A 407 81.74 19.40 29.17
C PHE A 407 81.07 18.11 29.67
N VAL A 408 81.47 16.98 29.09
CA VAL A 408 80.71 15.73 29.19
C VAL A 408 81.52 14.66 29.92
N TYR A 409 82.32 15.07 30.90
CA TYR A 409 83.20 14.12 31.58
C TYR A 409 82.42 12.92 32.12
N VAL A 410 81.23 13.16 32.67
CA VAL A 410 80.44 12.10 33.28
C VAL A 410 80.08 11.02 32.28
N GLY A 411 80.07 11.34 30.99
CA GLY A 411 79.78 10.35 29.98
C GLY A 411 80.90 9.42 29.66
N ASP A 412 82.01 9.48 30.41
CA ASP A 412 83.16 8.61 30.18
C ASP A 412 83.46 7.70 31.36
N ILE A 413 82.77 7.86 32.49
CA ILE A 413 83.03 7.02 33.66
C ILE A 413 81.99 5.91 33.74
N ASP A 414 80.72 6.29 33.91
CA ASP A 414 79.68 5.27 34.08
C ASP A 414 79.35 4.58 32.76
N THR A 415 79.33 5.34 31.66
CA THR A 415 79.06 4.75 30.36
C THR A 415 80.15 3.77 29.97
N ALA A 416 81.42 4.13 30.21
CA ALA A 416 82.54 3.26 29.87
C ALA A 416 82.91 2.40 31.08
N ARG A 417 82.06 1.39 31.32
CA ARG A 417 82.32 0.40 32.35
C ARG A 417 82.63 -0.98 31.76
N ARG A 418 81.71 -1.55 30.98
CA ARG A 418 81.99 -2.79 30.25
C ARG A 418 81.92 -2.60 28.75
N VAL A 419 80.80 -2.12 28.20
CA VAL A 419 80.69 -1.83 26.77
C VAL A 419 79.45 -0.99 26.55
N LEU A 420 79.57 0.01 25.67
CA LEU A 420 78.46 0.77 25.14
C LEU A 420 78.84 1.26 23.74
N GLU A 421 78.05 2.21 23.22
CA GLU A 421 78.29 2.71 21.88
C GLU A 421 77.90 4.19 21.85
N LYS A 422 78.55 4.96 20.97
CA LYS A 422 78.42 6.42 21.03
C LYS A 422 77.29 6.96 20.16
N LYS A 423 77.02 6.37 18.99
CA LYS A 423 75.98 6.90 18.12
C LYS A 423 74.61 6.89 18.82
N ARG A 424 74.44 6.01 19.81
CA ARG A 424 73.24 5.95 20.63
C ARG A 424 73.64 6.25 22.07
N SER A 425 73.68 7.54 22.41
CA SER A 425 74.03 7.98 23.75
C SER A 425 72.75 8.00 24.61
N LYS A 426 72.88 8.46 25.86
CA LYS A 426 71.74 8.57 26.75
C LYS A 426 71.22 10.00 26.81
N LYS A 427 72.04 10.95 27.23
CA LYS A 427 71.66 12.35 27.17
C LYS A 427 72.74 13.28 26.63
N LEU A 428 74.02 12.91 26.69
CA LEU A 428 75.09 13.79 26.25
C LEU A 428 75.76 13.22 25.01
N PRO A 429 75.33 13.60 23.80
CA PRO A 429 76.05 13.16 22.61
C PRO A 429 77.46 13.72 22.61
N LYS A 430 78.39 12.92 22.10
CA LYS A 430 79.79 13.31 22.05
C LYS A 430 80.03 14.02 20.71
N ASP A 431 80.12 15.35 20.77
CA ASP A 431 80.24 16.16 19.56
C ASP A 431 81.62 15.99 18.94
N LEU A 432 81.74 15.10 17.95
CA LEU A 432 83.01 14.82 17.31
C LEU A 432 83.04 15.27 15.86
N TYR A 433 82.13 14.78 15.03
CA TYR A 433 82.15 15.09 13.61
C TYR A 433 80.83 14.63 12.98
N ILE A 434 80.51 15.23 11.84
CA ILE A 434 79.37 14.83 11.01
C ILE A 434 79.88 14.66 9.58
N ILE A 435 79.54 13.54 8.96
CA ILE A 435 80.03 13.22 7.62
C ILE A 435 78.96 13.65 6.62
N PRO A 436 79.20 14.67 5.79
CA PRO A 436 78.25 15.01 4.73
C PRO A 436 78.62 14.35 3.42
N TYR A 437 77.74 14.47 2.42
CA TYR A 437 78.00 13.90 1.10
C TYR A 437 77.86 15.00 0.06
N SER A 438 78.87 15.12 -0.80
CA SER A 438 78.92 16.20 -1.78
C SER A 438 78.28 15.73 -3.08
N VAL A 439 77.16 16.35 -3.45
CA VAL A 439 76.47 16.07 -4.70
C VAL A 439 76.14 17.40 -5.38
N SER A 440 75.73 17.30 -6.65
CA SER A 440 75.26 18.46 -7.38
C SER A 440 74.25 18.04 -8.44
N PRO A 441 73.13 17.40 -8.04
CA PRO A 441 72.15 16.93 -9.03
C PRO A 441 71.19 18.06 -9.42
N TYR A 442 71.34 18.56 -10.64
CA TYR A 442 70.45 19.62 -11.10
C TYR A 442 69.10 19.06 -11.56
N PRO A 443 69.04 18.10 -12.51
CA PRO A 443 67.73 17.57 -12.91
C PRO A 443 67.38 16.26 -12.22
N ASP A 444 68.34 15.67 -11.53
CA ASP A 444 68.13 14.34 -10.95
C ASP A 444 67.06 14.29 -9.87
N PRO A 445 66.98 15.23 -8.90
CA PRO A 445 66.01 15.07 -7.79
C PRO A 445 64.59 14.73 -8.23
N LEU A 446 64.17 13.50 -7.92
CA LEU A 446 62.82 13.03 -8.18
C LEU A 446 62.29 12.25 -6.98
N VAL A 447 62.54 12.77 -5.78
CA VAL A 447 62.18 12.15 -4.51
C VAL A 447 63.02 10.90 -4.27
N LEU A 448 63.41 10.65 -3.02
CA LEU A 448 64.21 9.52 -2.58
C LEU A 448 65.64 9.56 -3.14
N LEU A 449 66.00 10.61 -3.86
CA LEU A 449 67.34 10.78 -4.43
C LEU A 449 67.73 9.62 -5.34
N THR A 450 66.73 8.97 -5.94
CA THR A 450 66.95 7.89 -6.91
C THR A 450 67.81 6.78 -6.33
N THR A 451 69.11 6.84 -6.59
CA THR A 451 70.05 5.81 -6.15
C THR A 451 70.29 5.93 -4.64
N TYR A 452 71.25 5.15 -4.14
CA TYR A 452 71.59 5.11 -2.72
C TYR A 452 70.37 4.69 -1.87
N ASP A 453 69.84 3.52 -2.22
CA ASP A 453 68.69 2.97 -1.53
C ASP A 453 69.13 2.11 -0.34
N GLU A 454 68.15 1.65 0.44
CA GLU A 454 68.44 0.80 1.58
C GLU A 454 68.99 -0.55 1.15
N LEU A 455 68.53 -1.06 0.01
CA LEU A 455 68.94 -2.38 -0.50
C LEU A 455 68.61 -3.47 0.52
N SER A 456 67.31 -3.66 0.75
CA SER A 456 66.78 -4.59 1.74
C SER A 456 66.83 -6.03 1.21
N LYS A 457 66.10 -6.93 1.87
CA LYS A 457 66.10 -8.34 1.48
C LYS A 457 65.78 -8.51 0.00
N ILE A 458 64.91 -7.66 -0.55
CA ILE A 458 64.67 -7.68 -1.99
C ILE A 458 65.92 -7.19 -2.72
N GLY A 459 66.34 -7.95 -3.72
CA GLY A 459 67.53 -7.61 -4.46
C GLY A 459 68.80 -8.16 -3.86
N GLU A 460 69.03 -7.86 -2.58
CA GLU A 460 70.23 -8.30 -1.87
C GLU A 460 69.82 -9.26 -0.77
N TYR A 461 70.39 -10.47 -0.80
CA TYR A 461 70.08 -11.47 0.22
C TYR A 461 70.58 -11.03 1.59
N LEU A 462 71.80 -10.48 1.65
CA LEU A 462 72.36 -10.06 2.92
C LEU A 462 71.65 -8.82 3.45
N ALA A 463 71.04 -8.03 2.56
CA ALA A 463 70.31 -6.80 2.86
C ALA A 463 71.21 -5.72 3.45
N ASP A 464 72.53 -5.90 3.43
CA ASP A 464 73.47 -4.90 3.92
C ASP A 464 74.53 -4.71 2.84
N THR A 465 74.24 -3.83 1.88
CA THR A 465 75.15 -3.54 0.78
C THR A 465 74.85 -2.15 0.25
N THR A 466 75.90 -1.40 -0.06
CA THR A 466 75.77 -0.05 -0.59
C THR A 466 76.89 0.21 -1.58
N LYS A 467 76.70 1.25 -2.39
CA LYS A 467 77.68 1.65 -3.40
C LYS A 467 78.59 2.76 -2.90
N ALA A 468 78.90 2.77 -1.60
CA ALA A 468 79.76 3.79 -1.00
C ALA A 468 81.21 3.34 -0.88
N ARG A 469 81.68 2.49 -1.80
CA ARG A 469 83.06 2.03 -1.75
C ARG A 469 84.04 3.20 -1.92
N LYS A 470 83.73 4.12 -2.83
CA LYS A 470 84.57 5.30 -3.05
C LYS A 470 84.26 6.42 -2.08
N ALA A 471 83.19 6.31 -1.29
CA ALA A 471 82.84 7.34 -0.32
C ALA A 471 83.82 7.44 0.84
N LEU A 472 84.74 6.47 0.96
CA LEU A 472 85.74 6.53 2.03
C LEU A 472 86.60 7.78 1.94
N ASP A 473 86.77 8.32 0.74
CA ASP A 473 87.51 9.55 0.51
C ASP A 473 86.62 10.63 -0.10
N ARG A 474 85.39 10.73 0.39
CA ARG A 474 84.42 11.66 -0.17
C ARG A 474 83.67 12.50 0.86
N VAL A 475 83.74 12.19 2.14
CA VAL A 475 83.01 12.93 3.16
C VAL A 475 83.90 14.03 3.74
N TYR A 476 83.27 15.07 4.26
CA TYR A 476 83.97 16.22 4.82
C TYR A 476 84.22 15.99 6.30
N LYS A 477 84.67 17.04 7.00
CA LYS A 477 84.88 17.04 8.45
C LYS A 477 84.10 18.21 9.02
N PHE A 478 82.83 17.98 9.34
CA PHE A 478 81.94 19.01 9.84
C PHE A 478 81.70 18.79 11.33
N HIS A 479 81.87 19.86 12.11
CA HIS A 479 81.67 19.82 13.55
C HIS A 479 80.39 20.57 13.91
N TYR A 480 79.59 19.95 14.77
CA TYR A 480 78.30 20.53 15.16
C TYR A 480 78.55 21.72 16.08
N GLU A 481 78.45 22.93 15.52
CA GLU A 481 78.57 24.16 16.30
C GLU A 481 77.25 24.93 16.30
N ASN A 482 76.72 25.26 15.11
CA ASN A 482 75.46 25.95 15.00
C ASN A 482 74.89 25.70 13.61
N ASN A 483 73.61 25.37 13.54
CA ASN A 483 72.94 25.13 12.27
C ASN A 483 71.70 25.99 12.08
N ILE A 484 70.98 26.30 13.16
CA ILE A 484 69.79 27.14 13.13
C ILE A 484 68.72 26.48 12.27
N VAL A 485 68.93 26.48 10.96
CA VAL A 485 68.00 25.82 10.02
C VAL A 485 68.82 24.96 9.06
N PRO A 486 68.31 23.82 8.63
CA PRO A 486 69.04 22.99 7.66
C PRO A 486 69.19 23.69 6.32
N LYS A 487 70.32 23.43 5.65
CA LYS A 487 70.57 23.91 4.31
C LYS A 487 70.84 22.81 3.30
N GLU A 488 71.09 21.58 3.76
CA GLU A 488 71.41 20.46 2.89
C GLU A 488 70.38 19.34 3.07
N PHE A 489 70.42 18.38 2.15
CA PHE A 489 69.44 17.30 2.14
C PHE A 489 69.71 16.33 3.30
N ALA A 490 68.78 16.28 4.25
CA ALA A 490 68.95 15.46 5.43
C ALA A 490 68.83 13.97 5.07
N SER A 491 69.36 13.13 5.97
CA SER A 491 69.35 11.69 5.80
C SER A 491 69.05 11.03 7.14
N TYR A 493 68.52 9.81 7.08
CA TYR A 493 68.30 9.01 8.27
C TYR A 493 69.11 7.73 8.29
N ILE A 494 68.96 6.88 7.29
CA ILE A 494 69.69 5.61 7.20
C ILE A 494 70.00 5.34 5.73
N TYR A 495 71.29 5.15 5.43
CA TYR A 495 71.74 4.85 4.07
C TYR A 495 71.22 5.89 3.07
N PHE A 496 71.37 7.16 3.44
CA PHE A 496 70.95 8.29 2.63
C PHE A 496 69.43 8.27 2.40
N LYS A 497 68.96 9.13 1.50
CA LYS A 497 67.56 9.19 1.05
C LYS A 497 66.58 9.41 2.19
N GLU A 498 65.28 9.41 1.87
CA GLU A 498 64.17 9.52 2.81
C GLU A 498 64.01 10.94 3.36
N LEU A 499 64.98 11.82 3.06
CA LEU A 499 64.96 13.23 3.45
C LEU A 499 64.48 13.44 4.88
N LYS A 500 63.30 14.05 5.03
CA LYS A 500 62.64 14.37 6.29
C LYS A 500 63.60 14.94 7.34
N LEU A 501 63.25 14.77 8.62
CA LEU A 501 64.08 15.22 9.74
C LEU A 501 64.27 16.74 9.70
N PHE A 502 63.15 17.45 9.74
CA PHE A 502 63.16 18.91 9.79
C PHE A 502 63.13 19.46 11.21
N SER A 503 63.00 18.60 12.21
CA SER A 503 62.88 19.02 13.60
C SER A 503 64.17 18.67 14.33
N ALA A 504 65.13 19.60 14.30
CA ALA A 504 66.41 19.49 14.99
C ALA A 504 67.11 18.17 14.69
N PRO A 505 67.67 18.01 13.48
CA PRO A 505 68.40 16.78 13.15
C PRO A 505 69.58 16.60 14.08
N PRO A 506 69.87 15.37 14.48
CA PRO A 506 70.97 15.14 15.43
C PRO A 506 72.32 15.08 14.72
N GLU A 507 73.37 14.96 15.53
CA GLU A 507 74.72 14.87 15.01
C GLU A 507 74.96 13.48 14.42
N TYR A 508 76.19 13.27 13.93
CA TYR A 508 76.66 11.99 13.41
C TYR A 508 75.97 11.58 12.11
N GLU A 509 76.67 10.81 11.28
CA GLU A 509 76.19 10.23 10.03
C GLU A 509 75.38 11.22 9.21
N LYS A 510 74.37 10.72 8.48
CA LYS A 510 73.41 11.50 7.69
C LYS A 510 74.08 12.56 6.82
N ARG A 511 73.33 13.61 6.49
CA ARG A 511 73.82 14.80 5.80
C ARG A 511 74.15 14.53 4.33
N SER A 512 73.81 15.48 3.46
CA SER A 512 74.14 15.38 2.04
C SER A 512 74.17 16.80 1.48
N ARG A 513 75.38 17.34 1.30
CA ARG A 513 75.54 18.72 0.88
C ARG A 513 75.44 18.81 -0.65
N PRO A 514 74.52 19.63 -1.14
CA PRO A 514 74.33 19.83 -2.57
C PRO A 514 74.94 21.14 -3.06
N GLU A 515 74.54 22.27 -2.47
CA GLU A 515 75.07 23.56 -2.91
C GLU A 515 76.50 23.77 -2.43
N LEU A 516 76.81 23.34 -1.21
CA LEU A 516 78.15 23.54 -0.65
C LEU A 516 79.07 22.38 -1.05
N TYR A 517 79.26 22.24 -2.36
CA TYR A 517 80.13 21.21 -2.93
C TYR A 517 80.87 21.79 -4.12
N VAL A 518 82.12 22.18 -3.92
CA VAL A 518 82.93 22.75 -4.98
C VAL A 518 84.38 22.34 -4.78
N LEU A 519 85.11 22.26 -5.89
CA LEU A 519 86.51 21.85 -5.82
C LEU A 519 87.37 22.90 -5.10
N LEU A 520 87.11 24.17 -5.37
CA LEU A 520 87.93 25.22 -4.77
C LEU A 520 87.74 25.29 -3.25
N TYR A 521 86.49 25.33 -2.80
CA TYR A 521 86.21 25.41 -1.37
C TYR A 521 84.76 25.00 -1.13
N PRO A 522 84.45 24.69 0.12
CA PRO A 522 83.11 24.35 0.55
C PRO A 522 82.71 25.27 1.69
N MET A 523 81.60 25.98 1.52
CA MET A 523 81.12 26.91 2.52
C MET A 523 79.63 27.14 2.31
N ASN A 524 78.98 27.69 3.32
CA ASN A 524 77.55 27.97 3.27
C ASN A 524 77.26 29.13 2.32
N ALA A 572 94.54 45.40 30.94
CA ALA A 572 93.11 45.67 30.89
C ALA A 572 92.78 47.04 31.49
N GLU A 573 93.74 47.96 31.36
CA GLU A 573 93.61 49.34 31.85
C GLU A 573 93.36 49.28 33.35
N LYS A 574 92.24 49.82 33.85
CA LYS A 574 92.00 49.82 35.30
C LYS A 574 91.60 48.43 35.80
N TRP A 575 91.03 47.60 34.94
CA TRP A 575 90.60 46.27 35.36
C TRP A 575 91.79 45.42 35.80
N VAL A 576 92.90 45.49 35.06
CA VAL A 576 94.08 44.70 35.42
C VAL A 576 94.78 45.25 36.66
N TRP A 577 94.76 46.55 36.86
CA TRP A 577 95.47 47.19 37.97
C TRP A 577 94.62 47.34 39.22
N LYS A 578 93.33 46.98 39.16
CA LYS A 578 92.45 47.12 40.33
C LYS A 578 92.40 45.84 41.16
N VAL A 579 91.98 44.74 40.54
CA VAL A 579 91.83 43.47 41.26
C VAL A 579 92.11 42.33 40.29
N ARG A 580 91.88 41.11 40.75
CA ARG A 580 92.12 39.91 39.96
C ARG A 580 91.09 38.86 40.35
N LYS A 581 91.34 37.60 39.99
CA LYS A 581 90.45 36.48 40.27
C LYS A 581 89.06 36.73 39.70
N SER A 582 89.00 36.86 38.39
CA SER A 582 87.76 37.17 37.70
C SER A 582 86.90 35.91 37.57
N PHE A 583 85.67 36.11 37.08
CA PHE A 583 84.72 35.02 36.91
C PHE A 583 84.98 34.31 35.59
N LYS A 584 84.05 33.45 35.20
CA LYS A 584 84.18 32.66 33.98
C LYS A 584 82.78 32.45 33.40
N ILE A 585 82.65 31.46 32.51
CA ILE A 585 81.38 31.10 31.89
C ILE A 585 80.82 32.26 31.06
N ASP A 586 79.52 32.26 30.83
CA ASP A 586 78.88 33.26 29.99
C ASP A 586 77.67 33.83 30.71
N PRO A 587 77.02 34.79 30.06
CA PRO A 587 75.86 35.49 30.59
C PRO A 587 74.98 35.88 29.42
N TYR A 588 74.07 36.84 29.64
CA TYR A 588 73.28 37.38 28.54
C TYR A 588 74.18 37.86 27.40
N GLU A 589 75.34 38.41 27.73
CA GLU A 589 76.38 38.68 26.74
C GLU A 589 77.23 37.44 26.56
N ILE A 590 77.53 37.11 25.31
CA ILE A 590 78.24 35.88 24.98
C ILE A 590 79.73 35.91 25.34
N TYR A 591 80.23 36.93 26.02
CA TYR A 591 81.64 37.01 26.39
C TYR A 591 81.82 36.71 27.87
N VAL A 592 83.07 36.65 28.30
CA VAL A 592 83.40 36.40 29.69
C VAL A 592 83.20 37.68 30.51
N ILE A 593 83.44 37.59 31.81
CA ILE A 593 83.27 38.72 32.72
C ILE A 593 84.56 38.87 33.53
N ASP A 594 85.14 40.05 33.50
CA ASP A 594 86.32 40.37 34.31
C ASP A 594 85.86 41.06 35.59
N ALA A 595 85.27 40.27 36.48
CA ALA A 595 84.70 40.76 37.73
C ALA A 595 85.82 41.17 38.67
N LYS A 596 86.09 42.48 38.74
CA LYS A 596 87.10 42.98 39.66
C LYS A 596 86.57 43.08 41.09
N TYR A 597 85.54 43.91 41.30
CA TYR A 597 84.83 43.95 42.57
C TYR A 597 83.35 43.67 42.39
N TYR A 598 82.70 44.33 41.42
CA TYR A 598 81.28 44.14 41.15
C TYR A 598 81.06 44.20 39.64
N ASN A 599 80.23 43.29 39.13
CA ASN A 599 79.82 43.28 37.74
C ASN A 599 81.02 43.33 36.80
N SER A 600 81.15 44.44 36.07
CA SER A 600 82.29 44.71 35.18
C SER A 600 82.44 43.60 34.13
N GLU A 601 81.42 43.49 33.28
CA GLU A 601 81.44 42.55 32.18
C GLU A 601 82.28 43.10 31.03
N LEU A 602 82.38 42.33 29.95
CA LEU A 602 83.14 42.72 28.77
C LEU A 602 82.18 43.32 27.74
N GLY A 603 81.90 44.62 27.91
CA GLY A 603 81.41 45.47 26.81
C GLY A 603 82.55 45.78 25.82
N PHE A 604 83.01 44.73 25.16
CA PHE A 604 84.11 44.82 24.20
C PHE A 604 84.02 43.61 23.27
N ILE A 605 85.08 43.40 22.50
CA ILE A 605 85.21 42.27 21.57
C ILE A 605 84.08 42.35 20.55
N THR A 606 83.65 41.20 20.02
CA THR A 606 82.60 41.14 19.01
C THR A 606 81.22 40.91 19.61
N ASN A 607 81.13 40.49 20.87
CA ASN A 607 79.84 40.28 21.50
C ASN A 607 79.06 41.59 21.61
N LEU A 608 79.75 42.68 21.95
CA LEU A 608 79.09 43.97 22.05
C LEU A 608 78.55 44.42 20.69
N SER A 609 79.31 44.21 19.63
CA SER A 609 78.84 44.57 18.30
C SER A 609 77.60 43.78 17.91
N ASP A 610 77.59 42.48 18.21
CA ASP A 610 76.41 41.66 17.91
C ASP A 610 75.21 42.10 18.73
N THR A 611 75.40 42.42 20.01
CA THR A 611 74.31 42.81 20.88
C THR A 611 73.83 44.23 20.64
N ASN A 612 74.62 45.06 19.96
CA ASN A 612 74.22 46.43 19.68
C ASN A 612 73.04 46.53 18.71
N SER A 613 72.67 45.43 18.04
CA SER A 613 71.54 45.46 17.13
C SER A 613 70.23 45.73 17.85
N HIS A 614 70.15 45.44 19.15
CA HIS A 614 68.97 45.73 19.95
C HIS A 614 69.17 46.87 20.95
N THR A 615 70.41 47.20 21.29
CA THR A 615 70.69 48.29 22.21
C THR A 615 72.03 48.92 21.79
N ASP A 616 71.95 49.98 20.99
CA ASP A 616 73.14 50.67 20.50
C ASP A 616 73.39 51.99 21.23
N SER A 617 72.65 52.26 22.29
CA SER A 617 72.79 53.50 23.05
C SER A 617 73.62 53.25 24.31
N ASP A 618 73.74 54.28 25.15
CA ASP A 618 74.49 54.21 26.40
C ASP A 618 75.94 53.78 26.17
N SER A 619 76.52 54.24 25.05
CA SER A 619 77.90 53.94 24.68
C SER A 619 78.13 52.43 24.64
N LYS A 620 77.14 51.70 24.11
CA LYS A 620 77.19 50.24 24.01
C LYS A 620 77.49 49.59 25.36
N VAL A 621 76.84 50.12 26.41
CA VAL A 621 77.00 49.62 27.77
C VAL A 621 78.46 49.62 28.21
N GLY B 2 -59.81 7.07 -2.74
CA GLY B 2 -59.13 6.49 -3.89
C GLY B 2 -60.09 5.95 -4.94
N TRP B 3 -61.31 5.64 -4.50
CA TRP B 3 -62.41 5.16 -5.35
C TRP B 3 -62.01 3.96 -6.21
N ILE B 4 -60.95 3.25 -5.84
CA ILE B 4 -60.50 2.08 -6.59
C ILE B 4 -61.01 0.78 -5.97
N ARG B 5 -61.11 0.73 -4.64
CA ARG B 5 -61.42 -0.52 -3.96
C ARG B 5 -62.79 -1.06 -4.34
N ASN B 6 -63.80 -0.19 -4.41
CA ASN B 6 -65.16 -0.66 -4.73
C ASN B 6 -65.24 -1.19 -6.16
N ILE B 7 -64.62 -0.47 -7.11
CA ILE B 7 -64.64 -0.93 -8.49
C ILE B 7 -63.87 -2.24 -8.63
N GLY B 8 -62.79 -2.39 -7.86
CA GLY B 8 -62.10 -3.67 -7.84
C GLY B 8 -62.96 -4.78 -7.27
N ARG B 9 -63.70 -4.48 -6.21
CA ARG B 9 -64.68 -5.45 -5.68
C ARG B 9 -65.62 -5.90 -6.78
N TYR B 10 -66.21 -4.95 -7.51
CA TYR B 10 -67.16 -5.31 -8.55
C TYR B 10 -66.51 -6.13 -9.65
N LEU B 11 -65.31 -5.72 -10.09
CA LEU B 11 -64.64 -6.46 -11.16
C LEU B 11 -64.32 -7.89 -10.73
N SER B 12 -63.89 -8.07 -9.47
CA SER B 12 -63.57 -9.39 -8.99
C SER B 12 -64.81 -10.22 -8.73
N TYR B 13 -65.97 -9.58 -8.55
CA TYR B 13 -67.20 -10.32 -8.31
C TYR B 13 -67.54 -11.26 -9.46
N LEU B 14 -67.03 -10.98 -10.66
CA LEU B 14 -67.30 -11.81 -11.83
C LEU B 14 -66.11 -12.70 -12.21
N VAL B 15 -65.07 -12.74 -11.38
CA VAL B 15 -63.90 -13.58 -11.65
C VAL B 15 -63.67 -14.54 -10.49
N ASP B 16 -64.11 -14.15 -9.30
CA ASP B 16 -63.79 -14.91 -8.10
C ASP B 16 -64.52 -16.26 -8.09
N ASP B 17 -64.10 -17.11 -7.16
CA ASP B 17 -64.66 -18.46 -7.05
C ASP B 17 -66.05 -18.37 -6.42
N THR B 18 -66.72 -19.53 -6.30
CA THR B 18 -68.08 -19.68 -5.80
C THR B 18 -69.12 -18.98 -6.67
N PHE B 19 -68.73 -18.52 -7.86
CA PHE B 19 -69.67 -18.05 -8.87
C PHE B 19 -69.42 -18.80 -10.17
N GLU B 20 -70.49 -19.09 -10.89
CA GLU B 20 -70.41 -19.88 -12.11
C GLU B 20 -70.05 -19.06 -13.35
N GLU B 21 -69.96 -17.73 -13.23
CA GLU B 21 -69.56 -16.89 -14.35
C GLU B 21 -68.04 -16.76 -14.32
N TYR B 22 -67.39 -17.34 -15.32
CA TYR B 22 -65.93 -17.34 -15.44
C TYR B 22 -65.58 -16.81 -16.83
N ALA B 23 -65.47 -15.49 -16.93
CA ALA B 23 -65.12 -14.82 -18.19
C ALA B 23 -64.30 -13.57 -17.84
N TYR B 24 -62.98 -13.71 -17.87
CA TYR B 24 -62.07 -12.62 -17.55
C TYR B 24 -61.59 -11.89 -18.80
N ASP B 25 -62.42 -11.83 -19.84
CA ASP B 25 -62.06 -11.07 -21.03
C ASP B 25 -62.05 -9.58 -20.75
N VAL B 26 -62.95 -9.10 -19.88
CA VAL B 26 -63.06 -7.68 -19.61
C VAL B 26 -61.80 -7.17 -18.91
N VAL B 27 -61.29 -7.91 -17.92
CA VAL B 27 -60.11 -7.47 -17.19
C VAL B 27 -58.88 -7.51 -18.09
N ASP B 28 -58.79 -8.51 -18.97
CA ASP B 28 -57.69 -8.56 -19.93
C ASP B 28 -57.77 -7.39 -20.91
N GLY B 29 -58.98 -7.04 -21.34
CA GLY B 29 -59.13 -5.92 -22.26
C GLY B 29 -58.77 -4.59 -21.62
N ILE B 30 -59.21 -4.36 -20.38
CA ILE B 30 -58.89 -3.10 -19.71
C ILE B 30 -57.42 -3.06 -19.32
N ALA B 31 -56.81 -4.22 -19.04
CA ALA B 31 -55.39 -4.25 -18.73
C ALA B 31 -54.55 -3.80 -19.93
N LYS B 32 -54.93 -4.23 -21.13
CA LYS B 32 -54.25 -3.84 -22.36
C LYS B 32 -54.89 -2.59 -22.96
N ALA B 33 -54.84 -1.49 -22.22
CA ALA B 33 -55.48 -0.24 -22.61
C ALA B 33 -54.42 0.78 -23.01
N ARG B 34 -54.60 1.37 -24.19
CA ARG B 34 -53.63 2.27 -24.80
C ARG B 34 -54.17 3.68 -25.06
N THR B 35 -55.47 3.84 -25.30
CA THR B 35 -56.10 5.13 -25.56
C THR B 35 -57.18 5.41 -24.53
N GLN B 36 -57.87 6.53 -24.74
CA GLN B 36 -58.87 7.00 -23.77
C GLN B 36 -60.13 6.15 -23.81
N GLU B 37 -60.58 5.79 -25.01
CA GLU B 37 -61.91 5.22 -25.20
C GLU B 37 -61.98 3.73 -24.83
N GLU B 38 -60.94 2.97 -25.13
CA GLU B 38 -61.03 1.52 -24.95
C GLU B 38 -61.08 1.14 -23.48
N LEU B 39 -60.35 1.86 -22.62
CA LEU B 39 -60.42 1.56 -21.19
C LEU B 39 -61.82 1.81 -20.66
N LEU B 40 -62.46 2.91 -21.08
CA LEU B 40 -63.81 3.21 -20.62
C LEU B 40 -64.80 2.18 -21.12
N GLU B 41 -64.72 1.80 -22.40
CA GLU B 41 -65.68 0.83 -22.92
C GLU B 41 -65.47 -0.55 -22.31
N GLY B 42 -64.23 -0.93 -22.04
CA GLY B 42 -64.00 -2.20 -21.36
C GLY B 42 -64.51 -2.20 -19.93
N VAL B 43 -64.29 -1.10 -19.21
CA VAL B 43 -64.78 -1.01 -17.83
C VAL B 43 -66.30 -1.09 -17.82
N TYR B 44 -66.97 -0.39 -18.73
CA TYR B 44 -68.43 -0.44 -18.73
C TYR B 44 -68.96 -1.75 -19.29
N LYS B 45 -68.17 -2.43 -20.14
CA LYS B 45 -68.51 -3.78 -20.55
C LYS B 45 -68.51 -4.73 -19.36
N ALA B 46 -67.50 -4.61 -18.50
CA ALA B 46 -67.52 -5.37 -17.24
C ALA B 46 -68.68 -4.90 -16.37
N LEU B 47 -69.03 -3.62 -16.44
CA LEU B 47 -70.07 -3.06 -15.58
C LEU B 47 -71.46 -3.60 -15.92
N ARG B 48 -71.73 -3.82 -17.21
CA ARG B 48 -73.11 -4.15 -17.57
C ARG B 48 -73.58 -5.51 -17.05
N LEU B 49 -72.68 -6.34 -16.52
CA LEU B 49 -73.07 -7.62 -15.95
C LEU B 49 -73.56 -7.51 -14.50
N ALA B 50 -73.79 -6.29 -14.01
CA ALA B 50 -74.27 -6.12 -12.64
C ALA B 50 -75.61 -6.77 -12.38
N PRO B 51 -76.64 -6.61 -13.22
CA PRO B 51 -77.92 -7.29 -12.92
C PRO B 51 -77.81 -8.80 -12.88
N LYS B 52 -76.94 -9.43 -13.66
CA LYS B 52 -76.73 -10.87 -13.52
C LYS B 52 -76.28 -11.22 -12.11
N LEU B 53 -75.30 -10.50 -11.59
CA LEU B 53 -74.83 -10.74 -10.22
C LEU B 53 -75.95 -10.49 -9.22
N LYS B 54 -76.73 -9.42 -9.43
CA LYS B 54 -77.79 -9.08 -8.50
C LYS B 54 -78.85 -10.17 -8.44
N LYS B 55 -79.21 -10.73 -9.59
CA LYS B 55 -80.26 -11.74 -9.61
C LYS B 55 -79.73 -13.15 -9.33
N LYS B 56 -78.41 -13.34 -9.35
CA LYS B 56 -77.85 -14.65 -9.03
C LYS B 56 -77.28 -14.75 -7.63
N ALA B 57 -77.11 -13.62 -6.92
CA ALA B 57 -76.56 -13.69 -5.57
C ALA B 57 -77.47 -14.45 -4.62
N GLU B 58 -78.78 -14.21 -4.69
CA GLU B 58 -79.72 -14.83 -3.76
C GLU B 58 -79.96 -16.30 -4.07
N SER B 59 -79.53 -16.79 -5.24
CA SER B 59 -79.72 -18.20 -5.56
C SER B 59 -78.94 -19.11 -4.62
N LYS B 60 -77.71 -18.73 -4.30
CA LYS B 60 -76.86 -19.52 -3.41
C LYS B 60 -76.90 -19.05 -1.96
N GLY B 61 -77.73 -18.06 -1.65
CA GLY B 61 -77.79 -17.52 -0.31
C GLY B 61 -76.74 -16.49 0.02
N CYS B 62 -75.85 -16.18 -0.92
CA CYS B 62 -74.82 -15.18 -0.67
C CYS B 62 -75.45 -13.78 -0.60
N PRO B 63 -74.84 -12.87 0.15
CA PRO B 63 -75.35 -11.50 0.17
C PRO B 63 -75.21 -10.86 -1.19
N PRO B 64 -76.11 -9.95 -1.54
CA PRO B 64 -76.06 -9.31 -2.86
C PRO B 64 -74.77 -8.54 -3.06
N PRO B 65 -74.23 -8.52 -4.27
CA PRO B 65 -72.97 -7.81 -4.50
C PRO B 65 -73.15 -6.30 -4.32
N ARG B 66 -72.09 -5.66 -3.85
CA ARG B 66 -72.12 -4.23 -3.58
C ARG B 66 -71.80 -3.49 -4.87
N ILE B 67 -72.83 -2.94 -5.51
CA ILE B 67 -72.66 -2.21 -6.76
C ILE B 67 -71.79 -0.99 -6.50
N PRO B 68 -70.87 -0.62 -7.39
CA PRO B 68 -70.02 0.55 -7.13
C PRO B 68 -70.85 1.80 -6.85
N SER B 69 -70.43 2.54 -5.83
CA SER B 69 -71.14 3.73 -5.41
C SER B 69 -71.02 4.80 -6.49
N PRO B 70 -72.00 5.73 -6.57
CA PRO B 70 -71.90 6.78 -7.60
C PRO B 70 -70.64 7.61 -7.50
N GLU B 71 -70.26 8.05 -6.30
CA GLU B 71 -69.11 8.93 -6.17
C GLU B 71 -67.88 8.34 -6.85
N ASP B 72 -67.76 7.01 -6.86
CA ASP B 72 -66.70 6.35 -7.58
C ASP B 72 -66.76 6.70 -9.07
N ILE B 73 -67.96 6.71 -9.65
CA ILE B 73 -68.06 6.87 -11.09
C ILE B 73 -68.16 8.33 -11.51
N GLU B 74 -68.41 9.28 -10.59
CA GLU B 74 -68.03 10.64 -10.95
C GLU B 74 -66.53 10.85 -10.81
N ALA B 75 -65.90 10.24 -9.80
CA ALA B 75 -64.48 10.45 -9.57
C ALA B 75 -63.59 9.85 -10.65
N LEU B 76 -64.02 8.77 -11.30
CA LEU B 76 -63.16 8.14 -12.30
C LEU B 76 -62.92 9.07 -13.50
N GLU B 77 -63.89 9.94 -13.81
CA GLU B 77 -63.86 10.65 -15.07
C GLU B 77 -62.79 11.74 -15.09
N GLU B 78 -62.91 12.74 -14.19
CA GLU B 78 -61.95 13.83 -14.19
C GLU B 78 -60.53 13.37 -13.88
N LYS B 79 -60.37 12.23 -13.22
CA LYS B 79 -59.03 11.68 -13.00
C LYS B 79 -58.43 11.09 -14.28
N VAL B 80 -59.24 10.82 -15.29
CA VAL B 80 -58.77 10.39 -16.59
C VAL B 80 -58.59 11.57 -17.53
N GLU B 81 -59.51 12.53 -17.48
CA GLU B 81 -59.36 13.72 -18.32
C GLU B 81 -58.41 14.76 -17.75
N GLN B 82 -57.89 14.57 -16.53
CA GLN B 82 -56.87 15.47 -16.03
C GLN B 82 -55.50 15.18 -16.61
N LEU B 83 -55.37 14.11 -17.37
CA LEU B 83 -54.09 13.71 -17.96
C LEU B 83 -54.22 13.62 -19.48
N SER B 84 -53.10 13.83 -20.16
CA SER B 84 -53.03 13.74 -21.61
C SER B 84 -52.01 12.73 -22.11
N ASN B 85 -50.87 12.61 -21.45
CA ASN B 85 -49.86 11.66 -21.91
C ASN B 85 -50.31 10.23 -21.63
N PRO B 86 -50.13 9.32 -22.59
CA PRO B 86 -50.49 7.91 -22.34
C PRO B 86 -49.71 7.28 -21.19
N LYS B 87 -48.52 7.83 -20.87
CA LYS B 87 -47.72 7.27 -19.80
C LYS B 87 -48.46 7.31 -18.48
N ASP B 88 -49.13 8.42 -18.19
CA ASP B 88 -50.03 8.49 -17.05
C ASP B 88 -51.34 7.76 -17.29
N LEU B 89 -51.76 7.63 -18.56
CA LEU B 89 -53.01 6.97 -18.86
C LEU B 89 -52.99 5.50 -18.47
N ARG B 90 -51.88 4.80 -18.74
CA ARG B 90 -51.83 3.36 -18.49
C ARG B 90 -51.98 3.01 -17.02
N LYS B 91 -51.37 3.79 -16.11
CA LYS B 91 -51.46 3.47 -14.70
C LYS B 91 -52.91 3.44 -14.22
N LEU B 92 -53.68 4.47 -14.53
CA LEU B 92 -55.09 4.48 -14.14
C LEU B 92 -55.93 3.57 -15.02
N ALA B 93 -55.44 3.18 -16.19
CA ALA B 93 -56.19 2.22 -17.01
C ALA B 93 -56.10 0.81 -16.46
N VAL B 94 -54.97 0.48 -15.82
CA VAL B 94 -54.73 -0.88 -15.37
C VAL B 94 -54.77 -1.02 -13.84
N SER B 95 -54.85 0.08 -13.11
CA SER B 95 -54.80 0.03 -11.65
C SER B 95 -55.99 -0.69 -11.02
N LEU B 96 -57.03 -0.96 -11.80
CA LEU B 96 -58.22 -1.60 -11.25
C LEU B 96 -58.11 -3.12 -11.24
N ALA B 97 -57.00 -3.67 -11.72
CA ALA B 97 -56.85 -5.12 -11.83
C ALA B 97 -56.12 -5.75 -10.67
N LEU B 98 -55.68 -4.98 -9.67
CA LEU B 98 -55.07 -5.58 -8.49
C LEU B 98 -56.08 -6.45 -7.74
N TRP B 99 -57.30 -5.95 -7.61
CA TRP B 99 -58.30 -6.57 -6.74
C TRP B 99 -59.04 -7.73 -7.39
N ALA B 100 -58.84 -7.95 -8.69
CA ALA B 100 -59.60 -8.98 -9.39
C ALA B 100 -59.22 -10.38 -8.93
N PHE B 101 -58.01 -10.57 -8.41
CA PHE B 101 -57.52 -11.88 -8.02
C PHE B 101 -56.98 -11.80 -6.59
N ALA B 102 -57.70 -12.42 -5.64
CA ALA B 102 -57.24 -12.56 -4.27
C ALA B 102 -58.01 -13.69 -3.61
N SER B 103 -57.87 -13.80 -2.28
CA SER B 103 -58.41 -14.93 -1.53
C SER B 103 -59.16 -14.46 -0.29
N TRP B 104 -60.06 -13.50 -0.46
CA TRP B 104 -60.91 -13.07 0.64
C TRP B 104 -62.10 -14.03 0.74
N ASN B 105 -63.09 -13.66 1.55
CA ASN B 105 -64.33 -14.42 1.67
C ASN B 105 -65.46 -13.60 1.07
N ASN B 106 -66.11 -14.15 0.05
CA ASN B 106 -67.23 -13.48 -0.62
C ASN B 106 -68.58 -14.07 -0.28
N CYS B 107 -68.64 -15.36 0.08
CA CYS B 107 -69.88 -16.05 0.45
C CYS B 107 -69.69 -16.69 1.80
N PRO B 108 -69.93 -15.95 2.90
CA PRO B 108 -69.80 -16.45 4.27
C PRO B 108 -70.68 -17.66 4.56
N GLY D 2 -72.20 18.54 -15.34
CA GLY D 2 -72.84 19.58 -16.12
C GLY D 2 -73.04 19.19 -17.57
N TRP D 3 -74.29 19.33 -18.04
CA TRP D 3 -74.68 19.09 -19.42
C TRP D 3 -74.58 17.61 -19.79
N ILE D 4 -74.11 16.78 -18.86
CA ILE D 4 -74.04 15.34 -19.05
C ILE D 4 -74.78 14.58 -17.95
N ARG D 5 -74.95 15.17 -16.77
CA ARG D 5 -75.61 14.47 -15.67
C ARG D 5 -77.06 14.15 -16.00
N ASN D 6 -77.76 15.07 -16.69
CA ASN D 6 -79.19 14.89 -16.91
C ASN D 6 -79.47 13.76 -17.90
N ILE D 7 -78.75 13.74 -19.03
CA ILE D 7 -78.96 12.69 -20.02
C ILE D 7 -78.57 11.33 -19.45
N GLY D 8 -77.50 11.29 -18.65
CA GLY D 8 -77.12 10.05 -18.02
C GLY D 8 -78.14 9.56 -17.00
N ARG D 9 -78.71 10.51 -16.23
CA ARG D 9 -79.77 10.15 -15.29
C ARG D 9 -80.99 9.61 -16.03
N TYR D 10 -81.34 10.21 -17.17
CA TYR D 10 -82.45 9.70 -17.98
C TYR D 10 -82.16 8.27 -18.45
N LEU D 11 -80.97 8.07 -19.03
CA LEU D 11 -80.62 6.73 -19.52
C LEU D 11 -80.56 5.71 -18.40
N SER D 12 -80.17 6.12 -17.18
CA SER D 12 -80.25 5.23 -16.04
C SER D 12 -81.71 4.95 -15.68
N TYR D 13 -82.59 5.94 -15.86
CA TYR D 13 -84.01 5.71 -15.65
C TYR D 13 -84.55 4.67 -16.64
N LEU D 14 -83.98 4.60 -17.84
CA LEU D 14 -84.40 3.56 -18.79
C LEU D 14 -84.22 2.17 -18.20
N VAL D 15 -83.03 1.86 -17.68
CA VAL D 15 -82.73 0.56 -17.11
C VAL D 15 -82.07 0.73 -15.75
N ASP D 16 -82.67 0.15 -14.73
CA ASP D 16 -82.21 0.29 -13.35
C ASP D 16 -82.96 -0.73 -12.50
N ASP D 17 -82.79 -0.64 -11.18
CA ASP D 17 -83.58 -1.47 -10.27
C ASP D 17 -85.06 -1.11 -10.39
N THR D 18 -85.91 -2.13 -10.24
CA THR D 18 -87.34 -2.02 -10.51
C THR D 18 -87.56 -1.50 -11.93
N PHE D 19 -88.71 -0.90 -12.19
CA PHE D 19 -89.04 -0.33 -13.50
C PHE D 19 -88.84 -1.38 -14.60
N GLU D 20 -89.70 -2.41 -14.54
CA GLU D 20 -89.50 -3.62 -15.33
C GLU D 20 -89.71 -3.35 -16.82
N GLU D 21 -88.76 -2.64 -17.43
CA GLU D 21 -88.71 -2.44 -18.89
C GLU D 21 -87.24 -2.34 -19.26
N TYR D 22 -86.66 -3.48 -19.64
CA TYR D 22 -85.24 -3.60 -19.90
C TYR D 22 -84.98 -3.66 -21.39
N ALA D 23 -84.15 -2.75 -21.88
CA ALA D 23 -83.76 -2.70 -23.29
C ALA D 23 -82.28 -2.31 -23.36
N TYR D 24 -81.41 -3.31 -23.41
CA TYR D 24 -79.98 -3.08 -23.50
C TYR D 24 -79.50 -2.87 -24.93
N ASP D 25 -80.35 -3.17 -25.93
CA ASP D 25 -79.93 -3.04 -27.31
C ASP D 25 -79.64 -1.59 -27.67
N VAL D 26 -80.48 -0.66 -27.21
CA VAL D 26 -80.30 0.75 -27.57
C VAL D 26 -79.01 1.30 -26.98
N VAL D 27 -78.75 1.02 -25.71
CA VAL D 27 -77.53 1.53 -25.08
C VAL D 27 -76.30 0.85 -25.66
N ASP D 28 -76.41 -0.45 -25.98
CA ASP D 28 -75.29 -1.14 -26.60
C ASP D 28 -74.97 -0.56 -27.97
N GLY D 29 -75.99 -0.27 -28.76
CA GLY D 29 -75.76 0.35 -30.07
C GLY D 29 -75.21 1.75 -29.96
N ILE D 30 -75.67 2.50 -28.96
CA ILE D 30 -75.11 3.84 -28.72
C ILE D 30 -73.63 3.75 -28.37
N ALA D 31 -73.27 2.79 -27.51
CA ALA D 31 -71.88 2.65 -27.10
C ALA D 31 -70.99 2.28 -28.27
N LYS D 32 -71.43 1.35 -29.13
CA LYS D 32 -70.63 0.87 -30.25
C LYS D 32 -70.86 1.66 -31.53
N ALA D 33 -71.64 2.73 -31.48
CA ALA D 33 -71.88 3.54 -32.68
C ALA D 33 -70.58 4.12 -33.20
N ARG D 34 -70.36 4.00 -34.51
CA ARG D 34 -69.14 4.47 -35.15
C ARG D 34 -69.31 5.79 -35.88
N THR D 35 -70.44 5.99 -36.55
CA THR D 35 -70.70 7.22 -37.31
C THR D 35 -71.75 8.05 -36.58
N GLN D 36 -71.96 9.26 -37.11
CA GLN D 36 -72.92 10.17 -36.50
C GLN D 36 -74.35 9.68 -36.68
N GLU D 37 -74.66 9.04 -37.81
CA GLU D 37 -76.01 8.56 -38.05
C GLU D 37 -76.40 7.48 -37.03
N GLU D 38 -75.47 6.57 -36.73
CA GLU D 38 -75.75 5.54 -35.73
C GLU D 38 -76.00 6.15 -34.36
N LEU D 39 -75.20 7.14 -33.97
CA LEU D 39 -75.41 7.81 -32.69
C LEU D 39 -76.76 8.52 -32.66
N LEU D 40 -77.13 9.19 -33.75
CA LEU D 40 -78.41 9.89 -33.80
C LEU D 40 -79.58 8.92 -33.70
N GLU D 41 -79.51 7.80 -34.42
CA GLU D 41 -80.60 6.84 -34.37
C GLU D 41 -80.67 6.16 -33.01
N GLY D 42 -79.53 5.90 -32.37
CA GLY D 42 -79.56 5.36 -31.02
C GLY D 42 -80.16 6.33 -30.02
N VAL D 43 -79.82 7.62 -30.15
CA VAL D 43 -80.41 8.63 -29.27
C VAL D 43 -81.92 8.71 -29.49
N TYR D 44 -82.35 8.68 -30.75
CA TYR D 44 -83.79 8.70 -31.04
C TYR D 44 -84.50 7.48 -30.46
N LYS D 45 -83.89 6.30 -30.59
CA LYS D 45 -84.50 5.09 -30.04
C LYS D 45 -84.58 5.18 -28.51
N ALA D 46 -83.53 5.70 -27.86
CA ALA D 46 -83.55 5.85 -26.41
C ALA D 46 -84.62 6.83 -25.97
N LEU D 47 -84.78 7.94 -26.70
CA LEU D 47 -85.77 8.94 -26.34
C LEU D 47 -87.19 8.51 -26.68
N ARG D 48 -87.36 7.54 -27.59
CA ARG D 48 -88.70 7.06 -27.93
C ARG D 48 -89.41 6.41 -26.77
N LEU D 49 -88.67 5.91 -25.78
CA LEU D 49 -89.25 5.17 -24.66
C LEU D 49 -89.65 6.07 -23.49
N ALA D 50 -89.48 7.39 -23.63
CA ALA D 50 -89.84 8.30 -22.54
C ALA D 50 -91.30 8.22 -22.12
N PRO D 51 -92.29 8.18 -23.03
CA PRO D 51 -93.69 8.05 -22.57
C PRO D 51 -93.93 6.78 -21.76
N LYS D 52 -93.27 5.68 -22.10
CA LYS D 52 -93.43 4.45 -21.32
C LYS D 52 -92.91 4.64 -19.90
N LEU D 53 -91.76 5.28 -19.75
CA LEU D 53 -91.22 5.56 -18.42
C LEU D 53 -92.14 6.48 -17.64
N LYS D 54 -92.70 7.51 -18.31
CA LYS D 54 -93.61 8.42 -17.64
C LYS D 54 -94.87 7.68 -17.16
N LYS D 55 -95.39 6.78 -17.99
CA LYS D 55 -96.57 6.00 -17.60
C LYS D 55 -96.24 5.07 -16.44
N LYS D 56 -95.07 4.43 -16.48
CA LYS D 56 -94.68 3.50 -15.42
C LYS D 56 -94.25 4.20 -14.13
N ALA D 57 -94.02 5.51 -14.17
CA ALA D 57 -93.62 6.23 -12.96
C ALA D 57 -94.66 6.11 -11.86
N GLU D 58 -95.92 6.37 -12.17
CA GLU D 58 -96.98 6.29 -11.18
C GLU D 58 -97.51 4.88 -10.99
N SER D 59 -97.07 3.91 -11.81
CA SER D 59 -97.55 2.54 -11.67
C SER D 59 -96.99 1.86 -10.43
N LYS D 60 -95.89 2.38 -9.87
CA LYS D 60 -95.28 1.77 -8.69
C LYS D 60 -95.04 2.78 -7.56
N GLY D 61 -95.52 4.01 -7.71
CA GLY D 61 -95.34 5.02 -6.70
C GLY D 61 -94.00 5.73 -6.73
N CYS D 62 -93.11 5.37 -7.65
CA CYS D 62 -91.83 6.04 -7.76
C CYS D 62 -92.01 7.47 -8.26
N PRO D 63 -91.09 8.37 -7.90
CA PRO D 63 -91.19 9.73 -8.40
C PRO D 63 -91.08 9.77 -9.91
N PRO D 64 -91.77 10.70 -10.57
CA PRO D 64 -91.72 10.75 -12.02
C PRO D 64 -90.32 11.08 -12.49
N PRO D 65 -89.90 10.52 -13.63
CA PRO D 65 -88.55 10.81 -14.13
C PRO D 65 -88.48 12.19 -14.76
N ARG D 66 -87.38 12.89 -14.50
CA ARG D 66 -87.14 14.19 -15.10
C ARG D 66 -86.89 14.01 -16.59
N ILE D 67 -87.84 14.43 -17.41
CA ILE D 67 -87.67 14.33 -18.86
C ILE D 67 -86.55 15.27 -19.31
N PRO D 68 -85.62 14.80 -20.15
CA PRO D 68 -84.55 15.70 -20.62
C PRO D 68 -85.12 16.89 -21.37
N SER D 69 -84.53 18.05 -21.15
CA SER D 69 -84.99 19.28 -21.77
C SER D 69 -84.64 19.30 -23.26
N PRO D 70 -85.43 20.01 -24.07
CA PRO D 70 -85.07 20.16 -25.49
C PRO D 70 -83.75 20.89 -25.69
N GLU D 71 -83.32 21.67 -24.71
CA GLU D 71 -82.04 22.38 -24.81
C GLU D 71 -80.88 21.40 -24.98
N ASP D 72 -80.91 20.29 -24.23
CA ASP D 72 -79.82 19.32 -24.30
C ASP D 72 -79.70 18.72 -25.69
N ILE D 73 -80.82 18.28 -26.27
CA ILE D 73 -80.77 17.64 -27.58
C ILE D 73 -80.44 18.65 -28.66
N GLU D 74 -80.99 19.86 -28.58
CA GLU D 74 -80.65 20.85 -29.60
C GLU D 74 -79.20 21.27 -29.49
N ALA D 75 -78.59 21.17 -28.31
CA ALA D 75 -77.16 21.42 -28.18
C ALA D 75 -76.34 20.27 -28.76
N LEU D 76 -76.74 19.03 -28.48
CA LEU D 76 -76.08 17.88 -29.08
C LEU D 76 -76.12 17.96 -30.61
N GLU D 77 -77.17 18.58 -31.16
CA GLU D 77 -77.33 18.64 -32.61
C GLU D 77 -76.11 19.26 -33.29
N GLU D 78 -75.55 20.33 -32.72
CA GLU D 78 -74.30 20.85 -33.26
C GLU D 78 -73.08 20.37 -32.50
N LYS D 79 -73.23 19.72 -31.35
CA LYS D 79 -72.07 19.18 -30.66
C LYS D 79 -71.59 17.87 -31.27
N VAL D 80 -72.41 17.23 -32.11
CA VAL D 80 -71.98 16.02 -32.80
C VAL D 80 -71.61 16.33 -34.24
N GLU D 81 -72.26 17.33 -34.82
CA GLU D 81 -72.11 17.64 -36.25
C GLU D 81 -71.01 18.67 -36.51
N GLN D 82 -69.81 18.41 -35.99
CA GLN D 82 -68.66 19.25 -36.33
C GLN D 82 -67.38 18.42 -36.49
N LEU D 83 -67.47 17.10 -36.43
CA LEU D 83 -66.31 16.23 -36.43
C LEU D 83 -66.13 15.58 -37.80
N SER D 84 -64.91 15.12 -38.06
CA SER D 84 -64.58 14.46 -39.33
C SER D 84 -64.07 13.04 -39.16
N ASN D 85 -63.70 12.62 -37.96
CA ASN D 85 -63.16 11.28 -37.73
C ASN D 85 -63.87 10.61 -36.57
N PRO D 86 -64.07 9.29 -36.66
CA PRO D 86 -64.73 8.57 -35.55
C PRO D 86 -63.95 8.60 -34.24
N LYS D 87 -62.62 8.71 -34.31
CA LYS D 87 -61.78 8.60 -33.11
C LYS D 87 -62.21 9.59 -32.05
N ASP D 88 -62.70 10.76 -32.44
CA ASP D 88 -63.07 11.81 -31.50
C ASP D 88 -64.50 11.65 -30.97
N LEU D 89 -65.35 10.87 -31.61
CA LEU D 89 -66.72 10.71 -31.13
C LEU D 89 -66.90 9.51 -30.21
N ARG D 90 -65.99 8.53 -30.28
CA ARG D 90 -66.16 7.30 -29.52
C ARG D 90 -66.33 7.57 -28.03
N LYS D 91 -65.48 8.42 -27.47
CA LYS D 91 -65.58 8.72 -26.05
C LYS D 91 -66.89 9.44 -25.74
N LEU D 92 -67.34 10.31 -26.66
CA LEU D 92 -68.68 10.87 -26.52
C LEU D 92 -69.69 9.77 -26.27
N ALA D 93 -69.65 8.71 -27.08
CA ALA D 93 -70.57 7.60 -26.89
C ALA D 93 -70.47 7.02 -25.48
N VAL D 94 -69.24 6.75 -25.02
CA VAL D 94 -69.13 6.19 -23.67
C VAL D 94 -69.51 7.24 -22.64
N SER D 95 -69.28 8.52 -22.94
CA SER D 95 -69.82 9.56 -22.07
C SER D 95 -71.34 9.49 -22.02
N LEU D 96 -71.97 9.27 -23.18
CA LEU D 96 -73.40 9.00 -23.20
C LEU D 96 -73.74 7.77 -22.39
N ALA D 97 -72.83 6.78 -22.38
CA ALA D 97 -73.02 5.58 -21.58
C ALA D 97 -72.38 5.70 -20.21
N LEU D 98 -71.89 6.88 -19.83
CA LEU D 98 -71.16 7.03 -18.57
C LEU D 98 -72.03 6.69 -17.37
N TRP D 99 -73.34 6.88 -17.50
CA TRP D 99 -74.28 6.66 -16.40
C TRP D 99 -75.26 5.52 -16.68
N ALA D 100 -74.85 4.54 -17.50
CA ALA D 100 -75.76 3.48 -17.89
C ALA D 100 -76.08 2.55 -16.73
N PHE D 101 -75.12 2.33 -15.83
CA PHE D 101 -75.26 1.41 -14.71
C PHE D 101 -74.81 2.06 -13.41
N ALA D 102 -75.27 3.28 -13.19
CA ALA D 102 -74.96 4.00 -11.96
C ALA D 102 -75.81 3.47 -10.81
N SER D 103 -75.35 3.76 -9.59
CA SER D 103 -76.08 3.38 -8.38
C SER D 103 -76.95 4.55 -7.95
N TRP D 104 -77.82 4.97 -8.87
CA TRP D 104 -78.69 6.12 -8.66
C TRP D 104 -79.85 5.75 -7.74
N ASN D 105 -80.30 6.72 -6.95
CA ASN D 105 -81.49 6.55 -6.11
C ASN D 105 -82.74 6.88 -6.94
N ASN D 106 -82.99 6.02 -7.92
CA ASN D 106 -84.10 6.26 -8.85
C ASN D 106 -85.44 6.20 -8.12
N CYS D 107 -85.61 5.23 -7.23
CA CYS D 107 -86.84 5.09 -6.44
C CYS D 107 -86.47 4.94 -4.98
N PRO D 108 -86.15 6.05 -4.30
CA PRO D 108 -85.76 6.03 -2.89
C PRO D 108 -86.91 5.70 -1.95
N GLY E 2 41.99 -15.87 17.86
CA GLY E 2 40.86 -16.58 17.25
C GLY E 2 39.80 -15.64 16.71
N TRP E 3 39.73 -15.54 15.38
CA TRP E 3 38.75 -14.72 14.65
C TRP E 3 38.68 -13.29 15.20
N ILE E 4 39.74 -12.83 15.83
CA ILE E 4 39.81 -11.47 16.35
C ILE E 4 40.67 -10.58 15.46
N ARG E 5 41.70 -11.14 14.83
CA ARG E 5 42.57 -10.35 13.97
C ARG E 5 41.81 -9.79 12.78
N ASN E 6 40.94 -10.58 12.16
CA ASN E 6 40.21 -10.12 10.98
C ASN E 6 39.23 -9.00 11.31
N ILE E 7 38.43 -9.17 12.37
CA ILE E 7 37.52 -8.11 12.78
C ILE E 7 38.32 -6.90 13.27
N GLY E 8 39.49 -7.15 13.88
CA GLY E 8 40.34 -6.04 14.27
C GLY E 8 40.80 -5.21 13.09
N ARG E 9 41.23 -5.87 12.01
CA ARG E 9 41.59 -5.16 10.79
C ARG E 9 40.42 -4.41 10.21
N TYR E 10 39.24 -5.05 10.17
CA TYR E 10 38.07 -4.39 9.60
C TYR E 10 37.69 -3.15 10.39
N LEU E 11 37.77 -3.23 11.73
CA LEU E 11 37.48 -2.06 12.55
C LEU E 11 38.54 -0.98 12.41
N SER E 12 39.82 -1.37 12.30
CA SER E 12 40.88 -0.41 12.08
C SER E 12 40.76 0.27 10.72
N TYR E 13 40.07 -0.36 9.77
CA TYR E 13 39.80 0.28 8.49
C TYR E 13 38.98 1.55 8.65
N LEU E 14 38.27 1.71 9.76
CA LEU E 14 37.45 2.88 10.03
C LEU E 14 38.19 3.97 10.80
N VAL E 15 39.44 3.75 11.17
CA VAL E 15 40.19 4.71 11.98
C VAL E 15 41.44 5.21 11.28
N ASP E 16 42.00 4.47 10.32
CA ASP E 16 43.25 4.88 9.68
C ASP E 16 43.07 6.20 8.94
N ASP E 17 44.15 6.99 8.92
CA ASP E 17 44.11 8.29 8.26
C ASP E 17 43.89 8.13 6.76
N THR E 18 44.36 7.02 6.17
CA THR E 18 44.18 6.79 4.75
C THR E 18 42.71 6.75 4.35
N PHE E 19 41.81 6.46 5.29
CA PHE E 19 40.37 6.52 5.06
C PHE E 19 39.86 7.79 5.74
N GLU E 20 39.71 8.85 4.96
CA GLU E 20 39.39 10.18 5.48
C GLU E 20 37.89 10.28 5.78
N GLU E 21 37.44 9.42 6.68
CA GLU E 21 36.06 9.44 7.13
C GLU E 21 35.91 9.52 8.64
N TYR E 22 36.82 8.89 9.39
CA TYR E 22 36.92 9.06 10.84
C TYR E 22 35.63 8.70 11.56
N ALA E 23 35.26 7.42 11.48
CA ALA E 23 34.09 6.91 12.20
C ALA E 23 34.52 6.46 13.59
N TYR E 24 34.54 7.42 14.51
CA TYR E 24 34.90 7.14 15.90
C TYR E 24 33.69 6.83 16.76
N ASP E 25 32.49 7.24 16.34
CA ASP E 25 31.29 6.99 17.13
C ASP E 25 31.05 5.50 17.31
N VAL E 26 31.22 4.73 16.22
CA VAL E 26 30.93 3.30 16.27
C VAL E 26 31.88 2.60 17.23
N VAL E 27 33.19 2.90 17.14
CA VAL E 27 34.15 2.23 18.00
C VAL E 27 33.97 2.66 19.45
N ASP E 28 33.67 3.95 19.68
CA ASP E 28 33.43 4.40 21.05
C ASP E 28 32.20 3.71 21.64
N GLY E 29 31.14 3.57 20.84
CA GLY E 29 29.94 2.90 21.33
C GLY E 29 30.16 1.43 21.62
N ILE E 30 30.86 0.73 20.72
CA ILE E 30 31.06 -0.70 20.90
C ILE E 30 32.02 -0.96 22.05
N ALA E 31 32.98 -0.05 22.29
CA ALA E 31 33.89 -0.20 23.41
C ALA E 31 33.15 -0.12 24.74
N LYS E 32 32.22 0.81 24.85
CA LYS E 32 31.43 1.01 26.07
C LYS E 32 30.10 0.28 25.91
N ALA E 33 30.13 -1.02 26.24
CA ALA E 33 28.96 -1.88 26.13
C ALA E 33 28.69 -2.52 27.47
N ARG E 34 27.41 -2.56 27.87
CA ARG E 34 27.00 -3.18 29.12
C ARG E 34 26.49 -4.60 28.94
N THR E 35 25.66 -4.84 27.93
CA THR E 35 25.11 -6.17 27.71
C THR E 35 24.98 -6.41 26.19
N GLN E 36 24.23 -7.45 25.84
CA GLN E 36 24.28 -8.00 24.48
C GLN E 36 23.74 -7.02 23.44
N GLU E 37 22.61 -6.37 23.73
CA GLU E 37 21.87 -5.67 22.69
C GLU E 37 22.67 -4.50 22.12
N GLU E 38 23.24 -3.66 22.99
CA GLU E 38 23.94 -2.47 22.51
C GLU E 38 25.23 -2.84 21.79
N LEU E 39 25.95 -3.87 22.27
CA LEU E 39 27.16 -4.27 21.56
C LEU E 39 26.84 -4.86 20.20
N LEU E 40 25.75 -5.63 20.10
CA LEU E 40 25.34 -6.16 18.81
C LEU E 40 24.96 -5.04 17.86
N GLU E 41 24.22 -4.04 18.35
CA GLU E 41 23.86 -2.90 17.51
C GLU E 41 25.10 -2.14 17.06
N GLY E 42 26.07 -1.96 17.98
CA GLY E 42 27.28 -1.24 17.62
C GLY E 42 28.11 -1.98 16.58
N VAL E 43 28.27 -3.29 16.73
CA VAL E 43 29.03 -4.04 15.74
C VAL E 43 28.28 -4.05 14.41
N TYR E 44 26.95 -4.11 14.43
CA TYR E 44 26.18 -4.01 13.19
C TYR E 44 26.43 -2.68 12.50
N LYS E 45 26.40 -1.58 13.26
CA LYS E 45 26.65 -0.27 12.67
C LYS E 45 28.08 -0.18 12.13
N ALA E 46 29.03 -0.79 12.83
CA ALA E 46 30.42 -0.80 12.36
C ALA E 46 30.55 -1.55 11.04
N LEU E 47 29.90 -2.70 10.91
CA LEU E 47 30.01 -3.47 9.69
C LEU E 47 29.12 -2.95 8.57
N ARG E 48 28.15 -2.08 8.88
CA ARG E 48 27.31 -1.51 7.84
C ARG E 48 28.09 -0.58 6.90
N LEU E 49 29.21 -0.03 7.36
CA LEU E 49 29.99 0.92 6.57
C LEU E 49 30.92 0.23 5.56
N ALA E 50 30.72 -1.06 5.28
CA ALA E 50 31.59 -1.77 4.34
C ALA E 50 31.56 -1.18 2.93
N PRO E 51 30.40 -0.90 2.32
CA PRO E 51 30.43 -0.44 0.91
C PRO E 51 31.22 0.85 0.70
N LYS E 52 31.10 1.82 1.60
CA LYS E 52 31.85 3.06 1.42
C LYS E 52 33.36 2.82 1.56
N LEU E 53 33.76 1.96 2.50
CA LEU E 53 35.17 1.61 2.63
C LEU E 53 35.70 0.95 1.37
N LYS E 54 34.95 -0.01 0.82
CA LYS E 54 35.42 -0.72 -0.36
C LYS E 54 35.49 0.21 -1.56
N LYS E 55 34.51 1.11 -1.70
CA LYS E 55 34.53 2.04 -2.82
C LYS E 55 35.69 3.02 -2.69
N LYS E 56 35.95 3.53 -1.49
CA LYS E 56 37.07 4.45 -1.29
C LYS E 56 38.39 3.75 -1.57
N ALA E 57 38.54 2.50 -1.12
CA ALA E 57 39.77 1.76 -1.39
C ALA E 57 39.96 1.51 -2.88
N GLU E 58 38.88 1.15 -3.59
CA GLU E 58 38.98 0.93 -5.02
C GLU E 58 39.32 2.22 -5.78
N SER E 59 38.74 3.34 -5.36
CA SER E 59 39.02 4.61 -6.01
C SER E 59 40.41 5.14 -5.69
N LYS E 60 40.95 4.79 -4.51
CA LYS E 60 42.29 5.23 -4.13
C LYS E 60 43.38 4.43 -4.83
N GLY E 61 43.10 3.18 -5.19
CA GLY E 61 44.04 2.30 -5.86
C GLY E 61 44.59 1.20 -4.98
N CYS E 62 44.55 1.35 -3.66
CA CYS E 62 45.02 0.33 -2.76
C CYS E 62 44.04 -0.83 -2.69
N PRO E 63 44.49 -2.01 -2.28
CA PRO E 63 43.59 -3.18 -2.28
C PRO E 63 42.39 -2.93 -1.40
N PRO E 64 41.22 -3.45 -1.80
CA PRO E 64 40.01 -3.21 -1.02
C PRO E 64 40.08 -3.91 0.32
N PRO E 65 39.36 -3.42 1.33
CA PRO E 65 39.33 -4.10 2.63
C PRO E 65 38.64 -5.44 2.53
N ARG E 66 39.04 -6.36 3.40
CA ARG E 66 38.45 -7.68 3.46
C ARG E 66 37.42 -7.73 4.58
N ILE E 67 36.16 -7.94 4.21
CA ILE E 67 35.06 -8.07 5.16
C ILE E 67 35.26 -9.37 5.91
N PRO E 68 34.95 -9.43 7.21
CA PRO E 68 35.07 -10.70 7.94
C PRO E 68 34.23 -11.80 7.29
N SER E 69 34.81 -12.99 7.22
CA SER E 69 34.14 -14.10 6.56
C SER E 69 32.92 -14.55 7.35
N PRO E 70 31.89 -15.05 6.67
CA PRO E 70 30.72 -15.58 7.40
C PRO E 70 31.01 -16.79 8.25
N GLU E 71 32.13 -17.49 8.02
CA GLU E 71 32.45 -18.67 8.81
C GLU E 71 32.65 -18.33 10.28
N ASP E 72 33.33 -17.22 10.57
CA ASP E 72 33.53 -16.77 11.94
C ASP E 72 32.54 -15.68 12.36
N ILE E 73 31.63 -15.28 11.48
CA ILE E 73 30.56 -14.38 11.88
C ILE E 73 29.67 -15.04 12.92
N GLU E 74 29.30 -16.30 12.68
CA GLU E 74 28.48 -17.04 13.63
C GLU E 74 29.25 -17.34 14.91
N ALA E 75 30.58 -17.31 14.88
CA ALA E 75 31.36 -17.53 16.09
C ALA E 75 31.07 -16.48 17.14
N LEU E 76 30.98 -15.21 16.71
CA LEU E 76 30.66 -14.12 17.63
C LEU E 76 29.36 -14.41 18.38
N GLU E 77 28.30 -14.74 17.63
CA GLU E 77 27.03 -15.09 18.27
C GLU E 77 27.20 -16.29 19.20
N GLU E 78 27.66 -17.41 18.67
CA GLU E 78 27.68 -18.65 19.44
C GLU E 78 28.54 -18.55 20.69
N LYS E 79 29.46 -17.58 20.74
CA LYS E 79 30.18 -17.35 21.99
C LYS E 79 29.50 -16.32 22.88
N VAL E 80 28.69 -15.43 22.30
CA VAL E 80 28.25 -14.27 23.07
C VAL E 80 26.98 -14.48 23.88
N GLU E 81 26.11 -15.45 23.51
CA GLU E 81 24.89 -15.64 24.29
C GLU E 81 25.19 -16.09 25.71
N GLN E 82 26.14 -17.02 25.86
CA GLN E 82 26.46 -17.56 27.18
C GLN E 82 27.11 -16.53 28.10
N LEU E 83 27.52 -15.38 27.58
CA LEU E 83 28.14 -14.36 28.40
C LEU E 83 27.09 -13.57 29.18
N SER E 84 26.37 -14.26 30.07
CA SER E 84 25.36 -13.58 30.88
C SER E 84 25.99 -12.55 31.81
N ASN E 85 27.12 -12.89 32.42
CA ASN E 85 27.83 -11.94 33.25
C ASN E 85 28.45 -10.85 32.37
N PRO E 86 28.19 -9.57 32.65
CA PRO E 86 28.88 -8.51 31.91
C PRO E 86 30.37 -8.47 32.14
N LYS E 87 30.87 -9.02 33.25
CA LYS E 87 32.29 -8.89 33.58
C LYS E 87 33.16 -9.58 32.55
N ASP E 88 32.89 -10.86 32.27
CA ASP E 88 33.71 -11.57 31.28
C ASP E 88 33.41 -11.08 29.87
N LEU E 89 32.27 -10.42 29.67
CA LEU E 89 31.99 -9.77 28.41
C LEU E 89 32.88 -8.55 28.21
N ARG E 90 33.25 -7.88 29.31
CA ARG E 90 34.03 -6.65 29.22
C ARG E 90 35.41 -6.89 28.59
N LYS E 91 36.07 -8.00 28.92
CA LYS E 91 37.40 -8.25 28.37
C LYS E 91 37.36 -8.33 26.85
N LEU E 92 36.37 -9.04 26.29
CA LEU E 92 36.29 -9.11 24.84
C LEU E 92 35.81 -7.79 24.24
N ALA E 93 34.90 -7.09 24.95
CA ALA E 93 34.41 -5.80 24.45
C ALA E 93 35.53 -4.78 24.36
N VAL E 94 36.51 -4.86 25.25
CA VAL E 94 37.65 -3.96 25.18
C VAL E 94 38.75 -4.52 24.27
N SER E 95 38.84 -5.84 24.13
CA SER E 95 39.83 -6.43 23.23
C SER E 95 39.53 -6.06 21.78
N LEU E 96 38.27 -6.11 21.38
CA LEU E 96 37.91 -5.69 20.03
C LEU E 96 38.22 -4.21 19.82
N ALA E 97 37.96 -3.38 20.84
CA ALA E 97 38.23 -1.96 20.71
C ALA E 97 39.72 -1.68 20.56
N LEU E 98 40.55 -2.36 21.35
CA LEU E 98 41.99 -2.12 21.26
C LEU E 98 42.58 -2.69 19.97
N TRP E 99 42.03 -3.82 19.48
CA TRP E 99 42.44 -4.30 18.17
C TRP E 99 41.98 -3.36 17.05
N ALA E 100 40.91 -2.61 17.27
CA ALA E 100 40.46 -1.62 16.30
C ALA E 100 41.42 -0.45 16.15
N PHE E 101 42.36 -0.28 17.08
CA PHE E 101 43.25 0.88 17.07
C PHE E 101 44.67 0.52 16.67
N ALA E 102 44.88 -0.68 16.15
CA ALA E 102 46.21 -1.08 15.72
C ALA E 102 46.58 -0.39 14.41
N SER E 103 47.85 -0.49 14.03
CA SER E 103 48.33 0.14 12.80
C SER E 103 47.62 -0.43 11.58
N TRP E 104 47.83 -1.72 11.32
CA TRP E 104 47.17 -2.44 10.22
C TRP E 104 47.38 -1.71 8.89
N ASN E 105 48.64 -1.70 8.46
CA ASN E 105 49.00 -1.09 7.19
C ASN E 105 48.22 -1.73 6.05
N ASN E 106 47.31 -0.96 5.44
CA ASN E 106 46.44 -1.47 4.39
C ASN E 106 46.82 -0.95 3.00
N CYS E 107 46.91 0.37 2.84
CA CYS E 107 47.25 0.95 1.55
C CYS E 107 48.67 1.49 1.59
N PRO E 108 49.64 0.84 0.93
CA PRO E 108 51.04 1.27 0.91
C PRO E 108 51.27 2.43 -0.05
N GLY F 1 18.11 -22.14 15.55
CA GLY F 1 17.79 -23.44 15.01
C GLY F 1 18.38 -23.68 13.63
N GLY F 2 19.27 -22.78 13.22
CA GLY F 2 19.93 -22.86 11.93
C GLY F 2 19.25 -22.07 10.83
N TRP F 3 17.98 -21.72 11.01
CA TRP F 3 17.28 -20.91 10.00
C TRP F 3 17.78 -19.47 9.98
N ILE F 4 18.40 -19.02 11.07
CA ILE F 4 18.97 -17.66 11.09
C ILE F 4 20.06 -17.54 10.04
N ARG F 5 20.91 -18.56 9.93
CA ARG F 5 21.96 -18.53 8.92
C ARG F 5 21.37 -18.49 7.51
N ASN F 6 20.31 -19.26 7.27
CA ASN F 6 19.69 -19.29 5.95
C ASN F 6 19.08 -17.95 5.59
N ILE F 7 18.33 -17.35 6.52
CA ILE F 7 17.69 -16.07 6.22
C ILE F 7 18.74 -14.98 6.07
N GLY F 8 19.82 -15.03 6.86
CA GLY F 8 20.89 -14.07 6.68
C GLY F 8 21.59 -14.23 5.35
N ARG F 9 21.78 -15.47 4.90
CA ARG F 9 22.35 -15.71 3.59
C ARG F 9 21.45 -15.13 2.49
N TYR F 10 20.14 -15.28 2.64
CA TYR F 10 19.23 -14.71 1.66
C TYR F 10 19.32 -13.18 1.66
N LEU F 11 19.34 -12.57 2.85
CA LEU F 11 19.44 -11.11 2.92
C LEU F 11 20.78 -10.61 2.40
N SER F 12 21.83 -11.43 2.48
CA SER F 12 23.13 -11.00 1.97
C SER F 12 23.12 -10.74 0.46
N TYR F 13 22.14 -11.29 -0.25
CA TYR F 13 22.06 -11.07 -1.69
C TYR F 13 21.58 -9.66 -2.04
N LEU F 14 21.07 -8.91 -1.07
CA LEU F 14 20.55 -7.58 -1.33
C LEU F 14 21.60 -6.48 -1.28
N VAL F 15 22.81 -6.78 -0.80
CA VAL F 15 23.82 -5.75 -0.62
C VAL F 15 25.09 -6.11 -1.40
N ASP F 16 25.31 -7.40 -1.62
CA ASP F 16 26.57 -7.87 -2.16
C ASP F 16 26.77 -7.39 -3.60
N ASP F 17 28.01 -7.42 -4.05
CA ASP F 17 28.38 -6.96 -5.38
C ASP F 17 27.94 -8.00 -6.42
N THR F 18 28.33 -7.77 -7.67
CA THR F 18 27.96 -8.62 -8.81
C THR F 18 26.44 -8.78 -8.94
N PHE F 19 25.69 -7.83 -8.41
CA PHE F 19 24.24 -7.90 -8.41
C PHE F 19 23.56 -6.61 -8.86
N GLU F 20 24.21 -5.46 -8.77
CA GLU F 20 23.68 -4.17 -9.21
C GLU F 20 22.37 -3.81 -8.50
N GLU F 21 22.04 -4.53 -7.41
CA GLU F 21 20.83 -4.27 -6.64
C GLU F 21 21.25 -4.07 -5.19
N TYR F 22 21.17 -2.82 -4.72
CA TYR F 22 21.64 -2.45 -3.38
C TYR F 22 20.48 -1.79 -2.64
N ALA F 23 19.66 -2.61 -1.99
CA ALA F 23 18.53 -2.11 -1.21
C ALA F 23 18.90 -2.10 0.27
N TYR F 24 19.67 -1.08 0.65
CA TYR F 24 19.98 -0.87 2.06
C TYR F 24 18.75 -0.50 2.86
N ASP F 25 17.68 -0.03 2.18
CA ASP F 25 16.48 0.42 2.87
C ASP F 25 15.85 -0.70 3.68
N VAL F 26 15.59 -1.84 3.03
CA VAL F 26 14.91 -2.94 3.71
C VAL F 26 15.82 -3.55 4.78
N VAL F 27 17.11 -3.64 4.52
CA VAL F 27 18.03 -4.21 5.51
C VAL F 27 18.06 -3.34 6.76
N ASP F 28 18.18 -2.03 6.59
CA ASP F 28 18.17 -1.14 7.75
C ASP F 28 16.83 -1.16 8.46
N GLY F 29 15.74 -1.24 7.70
CA GLY F 29 14.43 -1.31 8.33
C GLY F 29 14.24 -2.55 9.18
N ILE F 30 14.74 -3.68 8.69
CA ILE F 30 14.72 -4.91 9.49
C ILE F 30 15.62 -4.76 10.71
N ALA F 31 16.77 -4.10 10.55
CA ALA F 31 17.72 -3.97 11.66
C ALA F 31 17.13 -3.14 12.80
N LYS F 32 16.46 -2.04 12.48
CA LYS F 32 15.95 -1.10 13.48
C LYS F 32 14.55 -1.46 13.95
N ALA F 33 14.15 -2.72 13.81
CA ALA F 33 12.77 -3.13 14.07
C ALA F 33 12.48 -3.00 15.57
N ARG F 34 11.82 -1.90 15.93
CA ARG F 34 11.46 -1.68 17.34
C ARG F 34 10.38 -2.66 17.79
N THR F 35 9.38 -2.91 16.94
CA THR F 35 8.28 -3.80 17.25
C THR F 35 8.27 -4.97 16.28
N GLN F 36 7.46 -5.98 16.62
CA GLN F 36 7.43 -7.21 15.84
C GLN F 36 6.77 -7.01 14.48
N GLU F 37 5.73 -6.18 14.42
CA GLU F 37 4.98 -6.00 13.18
C GLU F 37 5.85 -5.40 12.09
N GLU F 38 6.62 -4.36 12.41
CA GLU F 38 7.48 -3.77 11.39
C GLU F 38 8.62 -4.72 11.02
N LEU F 39 9.05 -5.55 11.96
CA LEU F 39 10.03 -6.59 11.62
C LEU F 39 9.46 -7.55 10.58
N LEU F 40 8.23 -8.01 10.79
CA LEU F 40 7.59 -8.89 9.82
C LEU F 40 7.41 -8.20 8.48
N GLU F 41 7.03 -6.92 8.49
CA GLU F 41 6.87 -6.18 7.25
C GLU F 41 8.20 -6.04 6.51
N GLY F 42 9.28 -5.76 7.24
CA GLY F 42 10.59 -5.69 6.61
C GLY F 42 11.01 -7.02 6.01
N VAL F 43 10.72 -8.12 6.72
CA VAL F 43 10.97 -9.45 6.16
C VAL F 43 10.15 -9.64 4.88
N TYR F 44 8.93 -9.12 4.87
CA TYR F 44 8.10 -9.23 3.67
C TYR F 44 8.72 -8.50 2.49
N LYS F 45 9.17 -7.26 2.70
CA LYS F 45 9.84 -6.55 1.61
C LYS F 45 11.12 -7.26 1.19
N ALA F 46 11.84 -7.85 2.14
CA ALA F 46 13.04 -8.60 1.81
C ALA F 46 12.72 -9.78 0.91
N LEU F 47 11.64 -10.51 1.22
CA LEU F 47 11.26 -11.66 0.42
C LEU F 47 10.62 -11.27 -0.90
N ARG F 48 10.04 -10.07 -1.00
CA ARG F 48 9.36 -9.66 -2.22
C ARG F 48 10.31 -9.53 -3.41
N LEU F 49 11.60 -9.37 -3.16
CA LEU F 49 12.59 -9.21 -4.22
C LEU F 49 13.19 -10.54 -4.67
N ALA F 50 12.64 -11.66 -4.18
CA ALA F 50 13.19 -12.97 -4.54
C ALA F 50 13.16 -13.28 -6.03
N PRO F 51 12.05 -13.07 -6.76
CA PRO F 51 12.05 -13.47 -8.18
C PRO F 51 13.10 -12.75 -9.01
N LYS F 52 13.31 -11.45 -8.78
CA LYS F 52 14.31 -10.71 -9.54
C LYS F 52 15.69 -11.30 -9.34
N LEU F 53 16.06 -11.56 -8.09
CA LEU F 53 17.38 -12.10 -7.80
C LEU F 53 17.55 -13.51 -8.34
N LYS F 54 16.52 -14.36 -8.16
CA LYS F 54 16.63 -15.73 -8.62
C LYS F 54 16.65 -15.84 -10.14
N LYS F 55 16.09 -14.86 -10.85
CA LYS F 55 16.24 -14.84 -12.30
C LYS F 55 17.59 -14.27 -12.72
N LYS F 56 18.03 -13.19 -12.09
CA LYS F 56 19.24 -12.51 -12.53
C LYS F 56 20.50 -13.30 -12.18
N ALA F 57 20.45 -14.12 -11.12
CA ALA F 57 21.60 -14.96 -10.79
C ALA F 57 21.90 -15.94 -11.92
N GLU F 58 20.85 -16.59 -12.45
CA GLU F 58 21.04 -17.41 -13.64
C GLU F 58 21.33 -16.56 -14.87
N SER F 59 20.78 -15.35 -14.94
CA SER F 59 21.06 -14.47 -16.07
C SER F 59 22.51 -14.02 -16.09
N LYS F 60 23.16 -13.93 -14.93
CA LYS F 60 24.53 -13.46 -14.83
C LYS F 60 25.52 -14.60 -14.54
N GLY F 61 25.11 -15.85 -14.77
CA GLY F 61 26.00 -16.98 -14.57
C GLY F 61 26.42 -17.18 -13.13
N CYS F 62 25.46 -17.11 -12.21
CA CYS F 62 25.73 -17.33 -10.79
C CYS F 62 24.80 -18.41 -10.24
N PRO F 63 25.22 -19.11 -9.20
CA PRO F 63 24.35 -20.14 -8.63
C PRO F 63 23.08 -19.52 -8.08
N PRO F 64 21.97 -20.25 -8.12
CA PRO F 64 20.69 -19.73 -7.63
C PRO F 64 20.78 -19.39 -6.15
N PRO F 65 20.09 -18.34 -5.71
CA PRO F 65 20.15 -17.96 -4.29
C PRO F 65 19.41 -18.97 -3.42
N ARG F 66 19.86 -19.06 -2.17
CA ARG F 66 19.26 -19.98 -1.20
C ARG F 66 18.03 -19.32 -0.59
N ILE F 67 16.92 -19.41 -1.32
CA ILE F 67 15.65 -18.87 -0.84
C ILE F 67 15.22 -19.64 0.40
N PRO F 68 14.81 -18.96 1.48
CA PRO F 68 14.50 -19.68 2.72
C PRO F 68 13.36 -20.67 2.54
N SER F 69 13.48 -21.81 3.22
CA SER F 69 12.47 -22.85 3.13
C SER F 69 11.23 -22.47 3.93
N PRO F 70 10.09 -23.07 3.62
CA PRO F 70 8.88 -22.79 4.42
C PRO F 70 9.03 -23.13 5.89
N GLU F 71 9.87 -24.11 6.24
CA GLU F 71 10.13 -24.39 7.64
C GLU F 71 10.79 -23.21 8.33
N ASP F 72 11.71 -22.53 7.63
CA ASP F 72 12.33 -21.33 8.18
C ASP F 72 11.28 -20.25 8.42
N ILE F 73 10.35 -20.09 7.48
CA ILE F 73 9.28 -19.11 7.63
C ILE F 73 8.41 -19.45 8.83
N GLU F 74 8.09 -20.74 9.00
CA GLU F 74 7.32 -21.16 10.17
C GLU F 74 8.06 -20.87 11.47
N ALA F 75 9.37 -21.11 11.49
CA ALA F 75 10.14 -20.79 12.70
C ALA F 75 10.11 -19.29 12.98
N LEU F 76 10.30 -18.47 11.93
CA LEU F 76 10.25 -17.03 12.10
C LEU F 76 8.89 -16.59 12.64
N GLU F 77 7.82 -17.16 12.09
CA GLU F 77 6.48 -16.84 12.59
C GLU F 77 6.34 -17.20 14.05
N GLU F 78 6.62 -18.46 14.41
CA GLU F 78 6.38 -18.87 15.79
C GLU F 78 7.19 -18.01 16.74
N LYS F 79 8.47 -17.79 16.45
CA LYS F 79 9.29 -16.98 17.34
C LYS F 79 8.74 -15.56 17.45
N VAL F 80 8.12 -15.03 16.40
CA VAL F 80 7.59 -13.68 16.59
C VAL F 80 6.34 -13.72 17.46
N GLU F 81 5.57 -14.82 17.47
CA GLU F 81 4.48 -14.80 18.45
C GLU F 81 4.91 -15.09 19.90
N GLN F 82 5.84 -16.01 20.20
CA GLN F 82 6.05 -16.12 21.64
C GLN F 82 7.02 -15.07 22.18
N LEU F 83 7.55 -14.19 21.34
CA LEU F 83 8.46 -13.13 21.78
C LEU F 83 7.68 -11.82 21.74
N SER F 84 7.24 -11.37 22.91
CA SER F 84 6.59 -10.08 23.07
C SER F 84 7.46 -9.08 23.82
N ASN F 85 8.67 -9.47 24.21
CA ASN F 85 9.58 -8.58 24.92
C ASN F 85 10.40 -7.77 23.92
N PRO F 86 10.35 -6.44 23.95
CA PRO F 86 11.19 -5.65 23.05
C PRO F 86 12.68 -5.89 23.25
N LYS F 87 13.10 -6.24 24.47
CA LYS F 87 14.52 -6.45 24.74
C LYS F 87 15.07 -7.60 23.91
N ASP F 88 14.41 -8.75 23.95
CA ASP F 88 14.83 -9.89 23.13
C ASP F 88 14.53 -9.66 21.66
N LEU F 89 13.49 -8.88 21.37
CA LEU F 89 13.16 -8.58 19.98
C LEU F 89 14.29 -7.81 19.31
N ARG F 90 14.86 -6.83 20.00
CA ARG F 90 15.96 -6.05 19.43
C ARG F 90 17.18 -6.90 19.14
N LYS F 91 17.56 -7.76 20.09
CA LYS F 91 18.75 -8.58 19.88
C LYS F 91 18.51 -9.59 18.77
N LEU F 92 17.31 -10.16 18.67
CA LEU F 92 17.04 -11.07 17.57
C LEU F 92 17.04 -10.34 16.24
N ALA F 93 16.51 -9.11 16.22
CA ALA F 93 16.48 -8.32 14.99
C ALA F 93 17.89 -8.04 14.49
N VAL F 94 18.77 -7.56 15.38
CA VAL F 94 20.15 -7.32 14.97
C VAL F 94 20.82 -8.65 14.63
N SER F 95 20.39 -9.75 15.26
CA SER F 95 20.95 -11.06 14.94
C SER F 95 20.70 -11.44 13.49
N LEU F 96 19.46 -11.31 13.03
CA LEU F 96 19.25 -11.69 11.62
C LEU F 96 19.65 -10.58 10.66
N ALA F 97 19.86 -9.35 11.14
CA ALA F 97 20.33 -8.29 10.25
C ALA F 97 21.84 -8.31 10.05
N LEU F 98 22.59 -8.82 11.04
CA LEU F 98 24.05 -8.78 10.97
C LEU F 98 24.59 -9.63 9.83
N TRP F 99 23.90 -10.74 9.51
CA TRP F 99 24.39 -11.64 8.47
C TRP F 99 24.32 -11.04 7.07
N ALA F 100 23.64 -9.91 6.89
CA ALA F 100 23.49 -9.34 5.56
C ALA F 100 24.84 -8.92 4.98
N PHE F 101 25.70 -8.31 5.79
CA PHE F 101 27.00 -7.83 5.36
C PHE F 101 28.06 -8.84 5.78
N ALA F 102 28.66 -9.51 4.80
CA ALA F 102 29.69 -10.52 5.06
C ALA F 102 30.43 -10.79 3.76
N SER F 103 31.47 -11.62 3.85
CA SER F 103 32.27 -12.01 2.69
C SER F 103 31.72 -13.27 2.04
N TRP F 104 30.43 -13.27 1.73
CA TRP F 104 29.80 -14.42 1.09
C TRP F 104 30.31 -14.59 -0.33
N ASN F 105 30.63 -15.83 -0.70
CA ASN F 105 31.07 -16.14 -2.05
C ASN F 105 29.88 -16.62 -2.88
N ASN F 106 28.97 -15.68 -3.14
CA ASN F 106 27.76 -16.01 -3.89
C ASN F 106 28.08 -16.44 -5.31
N CYS F 107 29.00 -15.74 -5.98
CA CYS F 107 29.38 -16.06 -7.35
C CYS F 107 30.85 -16.49 -7.38
N PRO F 108 31.15 -17.79 -7.47
CA PRO F 108 32.53 -18.28 -7.53
C PRO F 108 33.21 -17.94 -8.86
N GLY G 2 -0.66 -25.86 8.84
CA GLY G 2 -1.31 -25.75 10.12
C GLY G 2 -2.38 -24.68 10.17
N TRP G 3 -3.33 -24.76 9.23
CA TRP G 3 -4.50 -23.89 9.16
C TRP G 3 -4.11 -22.49 8.69
N ILE G 4 -2.82 -22.22 8.61
CA ILE G 4 -2.29 -21.04 7.94
C ILE G 4 -1.28 -21.40 6.85
N ARG G 5 -0.62 -22.55 6.96
CA ARG G 5 0.32 -22.98 5.93
C ARG G 5 -0.40 -23.30 4.62
N ASN G 6 -1.66 -23.72 4.69
CA ASN G 6 -2.39 -24.08 3.47
C ASN G 6 -2.71 -22.85 2.62
N ILE G 7 -3.24 -21.79 3.25
CA ILE G 7 -3.55 -20.57 2.51
C ILE G 7 -2.27 -19.92 2.00
N GLY G 8 -1.20 -19.99 2.79
CA GLY G 8 0.08 -19.50 2.32
C GLY G 8 0.61 -20.28 1.14
N ARG G 9 0.41 -21.60 1.15
CA ARG G 9 0.79 -22.42 0.00
C ARG G 9 -0.01 -22.04 -1.23
N TYR G 10 -1.32 -21.81 -1.06
CA TYR G 10 -2.14 -21.40 -2.18
C TYR G 10 -1.67 -20.07 -2.75
N LEU G 11 -1.34 -19.11 -1.88
CA LEU G 11 -0.81 -17.84 -2.33
C LEU G 11 0.52 -18.01 -3.06
N SER G 12 1.39 -18.88 -2.53
CA SER G 12 2.67 -19.14 -3.18
C SER G 12 2.48 -19.78 -4.55
N TYR G 13 1.37 -20.50 -4.74
CA TYR G 13 1.07 -21.06 -6.06
C TYR G 13 0.95 -19.96 -7.12
N LEU G 14 0.56 -18.75 -6.72
CA LEU G 14 0.39 -17.68 -7.69
C LEU G 14 1.71 -17.28 -8.33
N VAL G 15 2.73 -17.00 -7.51
CA VAL G 15 4.04 -16.58 -8.00
C VAL G 15 5.07 -17.60 -7.54
N ASP G 16 5.74 -18.23 -8.50
CA ASP G 16 6.67 -19.32 -8.23
C ASP G 16 7.35 -19.69 -9.54
N ASP G 17 8.25 -20.68 -9.47
CA ASP G 17 8.81 -21.25 -10.67
C ASP G 17 7.72 -21.90 -11.51
N THR G 18 7.90 -21.83 -12.83
CA THR G 18 6.83 -22.17 -13.78
C THR G 18 5.59 -21.35 -13.45
N PHE G 19 4.41 -21.86 -13.77
CA PHE G 19 3.14 -21.21 -13.43
C PHE G 19 3.10 -19.79 -13.98
N GLU G 20 3.03 -19.71 -15.31
CA GLU G 20 3.18 -18.44 -16.00
C GLU G 20 1.96 -17.54 -15.81
N GLU G 21 1.71 -17.15 -14.56
CA GLU G 21 0.75 -16.08 -14.25
C GLU G 21 1.24 -15.40 -12.97
N TYR G 22 1.98 -14.31 -13.13
CA TYR G 22 2.53 -13.57 -12.01
C TYR G 22 1.56 -12.46 -11.62
N ALA G 23 1.01 -12.55 -10.41
CA ALA G 23 0.10 -11.54 -9.88
C ALA G 23 0.66 -11.06 -8.55
N TYR G 24 1.58 -10.09 -8.63
CA TYR G 24 2.13 -9.51 -7.42
C TYR G 24 1.19 -8.47 -6.81
N ASP G 25 0.30 -7.89 -7.62
CA ASP G 25 -0.58 -6.84 -7.13
C ASP G 25 -1.50 -7.35 -6.03
N VAL G 26 -2.07 -8.54 -6.22
CA VAL G 26 -2.99 -9.08 -5.22
C VAL G 26 -2.25 -9.43 -3.93
N VAL G 27 -1.03 -9.97 -4.06
CA VAL G 27 -0.25 -10.31 -2.87
C VAL G 27 0.10 -9.05 -2.09
N ASP G 28 0.53 -8.00 -2.81
CA ASP G 28 0.82 -6.74 -2.13
C ASP G 28 -0.43 -6.14 -1.49
N GLY G 29 -1.57 -6.20 -2.17
CA GLY G 29 -2.79 -5.71 -1.58
C GLY G 29 -3.16 -6.45 -0.31
N ILE G 30 -2.95 -7.77 -0.30
CA ILE G 30 -3.17 -8.55 0.92
C ILE G 30 -2.21 -8.09 2.02
N ALA G 31 -0.94 -7.92 1.69
CA ALA G 31 0.05 -7.57 2.71
C ALA G 31 -0.13 -6.13 3.19
N LYS G 32 -0.39 -5.21 2.26
CA LYS G 32 -0.46 -3.79 2.56
C LYS G 32 -1.81 -3.39 3.18
N ALA G 33 -2.79 -4.28 3.15
CA ALA G 33 -4.15 -3.95 3.57
C ALA G 33 -4.17 -3.39 4.99
N ARG G 34 -4.91 -2.29 5.16
CA ARG G 34 -4.99 -1.60 6.44
C ARG G 34 -6.26 -1.91 7.21
N THR G 35 -7.38 -2.09 6.53
CA THR G 35 -8.64 -2.47 7.17
C THR G 35 -8.96 -3.93 6.86
N GLN G 36 -9.77 -4.52 7.73
CA GLN G 36 -10.10 -5.94 7.60
C GLN G 36 -10.88 -6.21 6.33
N GLU G 37 -11.72 -5.27 5.91
CA GLU G 37 -12.39 -5.42 4.62
C GLU G 37 -11.40 -5.47 3.48
N GLU G 38 -10.36 -4.63 3.52
CA GLU G 38 -9.35 -4.65 2.48
C GLU G 38 -8.69 -6.03 2.40
N LEU G 39 -8.41 -6.64 3.55
CA LEU G 39 -7.96 -8.02 3.56
C LEU G 39 -9.00 -8.93 2.91
N LEU G 40 -10.28 -8.63 3.10
CA LEU G 40 -11.32 -9.48 2.51
C LEU G 40 -11.28 -9.43 0.99
N GLU G 41 -11.25 -8.24 0.39
CA GLU G 41 -11.13 -8.21 -1.07
C GLU G 41 -9.79 -8.75 -1.54
N GLY G 42 -8.73 -8.57 -0.75
CA GLY G 42 -7.44 -9.12 -1.14
C GLY G 42 -7.47 -10.63 -1.27
N VAL G 43 -8.01 -11.30 -0.25
CA VAL G 43 -8.13 -12.75 -0.34
C VAL G 43 -9.16 -13.14 -1.39
N TYR G 44 -10.15 -12.28 -1.66
CA TYR G 44 -11.13 -12.60 -2.70
C TYR G 44 -10.48 -12.63 -4.08
N LYS G 45 -9.68 -11.62 -4.41
CA LYS G 45 -9.00 -11.64 -5.71
C LYS G 45 -7.89 -12.68 -5.74
N ALA G 46 -7.35 -13.04 -4.57
CA ALA G 46 -6.42 -14.18 -4.54
C ALA G 46 -7.14 -15.46 -4.90
N LEU G 47 -8.37 -15.64 -4.41
CA LEU G 47 -9.12 -16.87 -4.65
C LEU G 47 -9.72 -16.93 -6.05
N ARG G 48 -10.06 -15.77 -6.63
CA ARG G 48 -10.76 -15.77 -7.90
C ARG G 48 -9.94 -16.36 -9.04
N LEU G 49 -8.63 -16.51 -8.86
CA LEU G 49 -7.76 -17.14 -9.83
C LEU G 49 -7.65 -18.65 -9.64
N ALA G 50 -8.47 -19.23 -8.76
CA ALA G 50 -8.42 -20.67 -8.51
C ALA G 50 -8.69 -21.51 -9.75
N PRO G 51 -9.73 -21.24 -10.55
CA PRO G 51 -9.93 -22.07 -11.76
C PRO G 51 -8.77 -21.99 -12.73
N LYS G 52 -8.10 -20.84 -12.81
CA LYS G 52 -6.97 -20.63 -13.71
C LYS G 52 -5.95 -21.74 -13.48
N LEU G 53 -5.37 -21.73 -12.28
CA LEU G 53 -4.37 -22.74 -11.92
C LEU G 53 -4.96 -24.14 -11.90
N LYS G 54 -6.22 -24.27 -11.46
CA LYS G 54 -6.82 -25.60 -11.32
C LYS G 54 -6.86 -26.32 -12.66
N LYS G 55 -7.23 -25.62 -13.73
CA LYS G 55 -7.26 -26.28 -15.04
C LYS G 55 -5.95 -26.14 -15.82
N LYS G 56 -5.06 -25.23 -15.40
CA LYS G 56 -3.78 -25.10 -16.09
C LYS G 56 -2.74 -26.08 -15.57
N ALA G 57 -2.90 -26.58 -14.33
CA ALA G 57 -1.92 -27.50 -13.77
C ALA G 57 -1.81 -28.78 -14.59
N GLU G 58 -2.95 -29.31 -15.04
CA GLU G 58 -2.94 -30.51 -15.86
C GLU G 58 -2.44 -30.27 -17.27
N SER G 59 -2.28 -29.00 -17.67
CA SER G 59 -1.77 -28.71 -19.01
C SER G 59 -0.31 -29.10 -19.15
N LYS G 60 0.43 -29.13 -18.05
CA LYS G 60 1.84 -29.52 -18.07
C LYS G 60 2.11 -30.84 -17.36
N GLY G 61 1.11 -31.40 -16.68
CA GLY G 61 1.21 -32.74 -16.13
C GLY G 61 1.61 -32.84 -14.68
N CYS G 62 2.12 -31.76 -14.08
CA CYS G 62 2.52 -31.82 -12.69
C CYS G 62 1.28 -31.89 -11.79
N PRO G 63 1.41 -32.40 -10.57
CA PRO G 63 0.24 -32.59 -9.70
C PRO G 63 -0.49 -31.27 -9.48
N PRO G 64 -1.83 -31.32 -9.41
CA PRO G 64 -2.59 -30.08 -9.25
C PRO G 64 -2.36 -29.48 -7.88
N PRO G 65 -2.57 -28.17 -7.74
CA PRO G 65 -2.36 -27.51 -6.44
C PRO G 65 -3.50 -27.84 -5.48
N ARG G 66 -3.35 -27.35 -4.25
CA ARG G 66 -4.33 -27.57 -3.20
C ARG G 66 -5.12 -26.29 -2.96
N ILE G 67 -6.44 -26.36 -3.11
CA ILE G 67 -7.33 -25.24 -2.84
C ILE G 67 -7.65 -25.24 -1.35
N PRO G 68 -7.67 -24.09 -0.68
CA PRO G 68 -7.96 -24.07 0.75
C PRO G 68 -9.32 -24.68 1.06
N SER G 69 -9.37 -25.45 2.15
CA SER G 69 -10.58 -26.15 2.55
C SER G 69 -11.58 -25.16 3.14
N PRO G 70 -12.88 -25.52 3.14
CA PRO G 70 -13.88 -24.60 3.70
C PRO G 70 -13.68 -24.28 5.17
N GLU G 71 -13.25 -25.24 5.99
CA GLU G 71 -13.17 -24.99 7.41
C GLU G 71 -12.13 -23.90 7.74
N ASP G 72 -10.98 -23.94 7.09
CA ASP G 72 -9.94 -22.94 7.37
C ASP G 72 -10.39 -21.55 6.94
N ILE G 73 -11.05 -21.43 5.79
CA ILE G 73 -11.47 -20.12 5.33
C ILE G 73 -12.60 -19.57 6.19
N GLU G 74 -13.54 -20.42 6.61
CA GLU G 74 -14.53 -19.95 7.58
C GLU G 74 -13.89 -19.55 8.90
N ALA G 75 -12.83 -20.24 9.32
CA ALA G 75 -12.15 -19.87 10.56
C ALA G 75 -11.44 -18.52 10.43
N LEU G 76 -10.85 -18.25 9.27
CA LEU G 76 -10.31 -16.92 9.01
C LEU G 76 -11.41 -15.86 9.06
N GLU G 77 -12.56 -16.18 8.47
CA GLU G 77 -13.69 -15.25 8.51
C GLU G 77 -14.12 -14.98 9.96
N GLU G 78 -14.15 -16.02 10.79
CA GLU G 78 -14.46 -15.83 12.20
C GLU G 78 -13.41 -14.98 12.91
N LYS G 79 -12.12 -15.18 12.60
CA LYS G 79 -11.08 -14.34 13.20
C LYS G 79 -11.18 -12.90 12.74
N VAL G 80 -11.86 -12.64 11.61
CA VAL G 80 -11.94 -11.27 11.11
C VAL G 80 -12.55 -10.32 12.13
N GLU G 81 -13.72 -10.68 12.68
CA GLU G 81 -14.49 -9.69 13.45
C GLU G 81 -14.15 -9.73 14.94
N GLN G 82 -12.86 -9.75 15.23
CA GLN G 82 -12.41 -9.42 16.58
C GLN G 82 -11.17 -8.54 16.59
N LEU G 83 -10.68 -8.09 15.43
CA LEU G 83 -9.52 -7.21 15.35
C LEU G 83 -10.05 -5.78 15.22
N SER G 84 -10.24 -5.14 16.38
CA SER G 84 -10.76 -3.77 16.42
C SER G 84 -9.68 -2.73 16.15
N ASN G 85 -8.42 -3.13 16.06
CA ASN G 85 -7.32 -2.20 15.83
C ASN G 85 -6.45 -2.69 14.68
N PRO G 86 -5.87 -1.77 13.91
CA PRO G 86 -4.94 -2.20 12.84
C PRO G 86 -3.65 -2.82 13.36
N LYS G 87 -3.36 -2.70 14.66
CA LYS G 87 -2.08 -3.18 15.18
C LYS G 87 -1.94 -4.69 14.95
N ASP G 88 -2.98 -5.45 15.27
CA ASP G 88 -2.96 -6.88 14.99
C ASP G 88 -3.30 -7.17 13.54
N LEU G 89 -4.02 -6.26 12.87
CA LEU G 89 -4.38 -6.46 11.48
C LEU G 89 -3.14 -6.53 10.59
N ARG G 90 -2.17 -5.64 10.84
CA ARG G 90 -0.95 -5.65 10.05
C ARG G 90 -0.18 -6.95 10.24
N LYS G 91 -0.07 -7.42 11.48
CA LYS G 91 0.67 -8.66 11.70
C LYS G 91 -0.06 -9.86 11.08
N LEU G 92 -1.40 -9.87 11.13
CA LEU G 92 -2.14 -10.94 10.48
C LEU G 92 -1.93 -10.91 8.97
N ALA G 93 -1.99 -9.72 8.37
CA ALA G 93 -1.82 -9.61 6.92
C ALA G 93 -0.43 -10.05 6.49
N VAL G 94 0.60 -9.59 7.22
CA VAL G 94 1.96 -9.95 6.83
C VAL G 94 2.21 -11.44 7.08
N SER G 95 1.62 -12.00 8.13
CA SER G 95 1.75 -13.44 8.37
C SER G 95 1.12 -14.23 7.23
N LEU G 96 -0.04 -13.79 6.75
CA LEU G 96 -0.68 -14.46 5.62
C LEU G 96 0.16 -14.33 4.36
N ALA G 97 0.76 -13.16 4.13
CA ALA G 97 1.46 -12.91 2.88
C ALA G 97 2.91 -13.39 2.88
N LEU G 98 3.47 -13.76 4.04
CA LEU G 98 4.87 -14.17 4.08
C LEU G 98 5.12 -15.43 3.29
N TRP G 99 4.20 -16.41 3.37
CA TRP G 99 4.42 -17.71 2.76
C TRP G 99 4.37 -17.67 1.23
N ALA G 100 3.98 -16.54 0.64
CA ALA G 100 3.86 -16.47 -0.81
C ALA G 100 5.21 -16.68 -1.50
N PHE G 101 6.27 -16.11 -0.93
CA PHE G 101 7.60 -16.18 -1.54
C PHE G 101 8.49 -17.23 -0.88
N ALA G 102 7.92 -18.34 -0.43
CA ALA G 102 8.69 -19.40 0.19
C ALA G 102 9.14 -20.43 -0.84
N SER G 103 10.07 -21.28 -0.44
CA SER G 103 10.62 -22.32 -1.32
C SER G 103 9.73 -23.55 -1.28
N TRP G 104 8.57 -23.42 -1.92
CA TRP G 104 7.59 -24.49 -1.95
C TRP G 104 7.83 -25.42 -3.14
N ASN G 105 7.79 -26.72 -2.89
CA ASN G 105 7.84 -27.73 -3.94
C ASN G 105 6.42 -27.92 -4.45
N ASN G 106 6.04 -27.11 -5.43
CA ASN G 106 4.65 -27.08 -5.88
C ASN G 106 4.28 -28.36 -6.62
N CYS G 107 4.94 -28.63 -7.74
CA CYS G 107 4.70 -29.87 -8.47
C CYS G 107 5.92 -30.24 -9.30
N PRO G 108 6.71 -31.24 -8.87
CA PRO G 108 7.90 -31.69 -9.59
C PRO G 108 7.56 -32.51 -10.83
N GLY H 2 -22.08 -19.52 9.75
CA GLY H 2 -23.36 -19.28 10.39
C GLY H 2 -24.28 -18.38 9.59
N TRP H 3 -25.33 -18.99 9.03
CA TRP H 3 -26.39 -18.30 8.29
C TRP H 3 -25.87 -17.81 6.94
N ILE H 4 -24.57 -17.92 6.71
CA ILE H 4 -23.97 -17.58 5.43
C ILE H 4 -23.27 -18.76 4.77
N ARG H 5 -22.93 -19.81 5.51
CA ARG H 5 -22.26 -20.96 4.90
C ARG H 5 -23.16 -21.64 3.88
N ASN H 6 -24.47 -21.64 4.10
CA ASN H 6 -25.39 -22.26 3.16
C ASN H 6 -25.41 -21.52 1.83
N ILE H 7 -25.57 -20.20 1.87
CA ILE H 7 -25.58 -19.42 0.62
C ILE H 7 -24.19 -19.41 -0.01
N GLY H 8 -23.14 -19.47 0.80
CA GLY H 8 -21.80 -19.58 0.24
C GLY H 8 -21.61 -20.89 -0.52
N ARG H 9 -22.09 -21.99 0.04
CA ARG H 9 -22.03 -23.26 -0.67
C ARG H 9 -22.88 -23.22 -1.94
N TYR H 10 -24.05 -22.57 -1.86
CA TYR H 10 -24.90 -22.47 -3.05
C TYR H 10 -24.20 -21.69 -4.16
N LEU H 11 -23.54 -20.59 -3.80
CA LEU H 11 -22.76 -19.84 -4.78
C LEU H 11 -21.59 -20.68 -5.30
N SER H 12 -21.02 -21.52 -4.45
CA SER H 12 -19.99 -22.44 -4.92
C SER H 12 -20.53 -23.44 -5.93
N TYR H 13 -21.82 -23.79 -5.81
CA TYR H 13 -22.41 -24.75 -6.75
C TYR H 13 -22.44 -24.20 -8.17
N LEU H 14 -22.56 -22.89 -8.33
CA LEU H 14 -22.64 -22.30 -9.66
C LEU H 14 -21.30 -21.88 -10.23
N VAL H 15 -20.20 -22.18 -9.54
CA VAL H 15 -18.86 -21.91 -10.05
C VAL H 15 -17.98 -23.14 -10.12
N ASP H 16 -18.20 -24.16 -9.28
CA ASP H 16 -17.29 -25.30 -9.23
C ASP H 16 -17.43 -26.16 -10.49
N ASP H 17 -16.57 -27.17 -10.58
CA ASP H 17 -16.55 -28.06 -11.73
C ASP H 17 -17.69 -29.08 -11.61
N THR H 18 -17.68 -30.07 -12.50
CA THR H 18 -18.69 -31.12 -12.59
C THR H 18 -20.09 -30.57 -12.84
N PHE H 19 -20.23 -29.28 -13.12
CA PHE H 19 -21.52 -28.66 -13.39
C PHE H 19 -21.54 -27.85 -14.67
N GLU H 20 -20.42 -27.26 -15.09
CA GLU H 20 -20.26 -26.63 -16.40
C GLU H 20 -21.22 -25.47 -16.64
N GLU H 21 -21.13 -24.43 -15.81
CA GLU H 21 -21.78 -23.15 -16.09
C GLU H 21 -20.81 -21.99 -16.06
N TYR H 22 -19.88 -21.98 -15.10
CA TYR H 22 -18.80 -20.99 -15.02
C TYR H 22 -19.33 -19.57 -15.05
N ALA H 23 -20.32 -19.31 -14.19
CA ALA H 23 -20.96 -17.99 -14.10
C ALA H 23 -20.11 -17.10 -13.20
N TYR H 24 -19.01 -16.61 -13.76
CA TYR H 24 -18.13 -15.71 -13.03
C TYR H 24 -18.71 -14.31 -12.92
N ASP H 25 -19.53 -13.90 -13.90
CA ASP H 25 -20.06 -12.55 -13.89
C ASP H 25 -20.94 -12.30 -12.66
N VAL H 26 -21.78 -13.27 -12.30
CA VAL H 26 -22.70 -13.07 -11.19
C VAL H 26 -21.95 -13.04 -9.86
N VAL H 27 -20.96 -13.90 -9.69
CA VAL H 27 -20.20 -13.89 -8.43
C VAL H 27 -19.36 -12.63 -8.32
N ASP H 28 -18.82 -12.15 -9.46
CA ASP H 28 -18.11 -10.87 -9.43
C ASP H 28 -19.05 -9.72 -9.08
N GLY H 29 -20.25 -9.72 -9.64
CA GLY H 29 -21.21 -8.68 -9.31
C GLY H 29 -21.63 -8.73 -7.85
N ILE H 30 -21.71 -9.93 -7.29
CA ILE H 30 -22.00 -10.06 -5.85
C ILE H 30 -20.85 -9.50 -5.03
N ALA H 31 -19.61 -9.83 -5.42
CA ALA H 31 -18.44 -9.45 -4.63
C ALA H 31 -18.29 -7.93 -4.57
N LYS H 32 -18.40 -7.26 -5.71
CA LYS H 32 -18.28 -5.80 -5.77
C LYS H 32 -19.69 -5.21 -5.79
N ALA H 33 -19.99 -4.39 -4.80
CA ALA H 33 -21.31 -3.79 -4.67
C ALA H 33 -21.18 -2.42 -4.04
N ARG H 34 -21.34 -1.37 -4.84
CA ARG H 34 -21.32 -0.01 -4.33
C ARG H 34 -22.51 0.26 -3.42
N THR H 35 -23.68 -0.24 -3.78
CA THR H 35 -24.92 -0.03 -3.05
C THR H 35 -25.57 -1.38 -2.72
N GLN H 36 -26.64 -1.32 -1.92
CA GLN H 36 -27.30 -2.55 -1.50
C GLN H 36 -28.18 -3.13 -2.61
N GLU H 37 -28.78 -2.27 -3.46
CA GLU H 37 -29.61 -2.77 -4.54
C GLU H 37 -28.79 -3.54 -5.57
N GLU H 38 -27.56 -3.09 -5.81
CA GLU H 38 -26.68 -3.84 -6.71
C GLU H 38 -26.37 -5.23 -6.16
N LEU H 39 -26.12 -5.32 -4.85
CA LEU H 39 -25.89 -6.61 -4.22
C LEU H 39 -27.13 -7.49 -4.31
N LEU H 40 -28.31 -6.89 -4.13
CA LEU H 40 -29.55 -7.65 -4.23
C LEU H 40 -29.77 -8.17 -5.65
N GLU H 41 -29.47 -7.35 -6.66
CA GLU H 41 -29.54 -7.83 -8.04
C GLU H 41 -28.55 -8.97 -8.28
N GLY H 42 -27.34 -8.83 -7.75
CA GLY H 42 -26.36 -9.89 -7.91
C GLY H 42 -26.81 -11.21 -7.29
N VAL H 43 -27.34 -11.15 -6.07
CA VAL H 43 -27.81 -12.37 -5.44
C VAL H 43 -29.05 -12.89 -6.14
N TYR H 44 -29.84 -12.02 -6.77
CA TYR H 44 -30.97 -12.52 -7.57
C TYR H 44 -30.50 -13.31 -8.77
N LYS H 45 -29.55 -12.76 -9.54
CA LYS H 45 -29.00 -13.52 -10.67
C LYS H 45 -28.30 -14.78 -10.20
N ALA H 46 -27.78 -14.78 -8.97
CA ALA H 46 -27.18 -16.00 -8.44
C ALA H 46 -28.25 -17.05 -8.13
N LEU H 47 -29.33 -16.64 -7.45
CA LEU H 47 -30.36 -17.58 -7.02
C LEU H 47 -31.25 -18.02 -8.16
N ARG H 48 -31.29 -17.26 -9.26
CA ARG H 48 -32.12 -17.62 -10.41
C ARG H 48 -31.69 -18.95 -11.02
N LEU H 49 -30.44 -19.38 -10.79
CA LEU H 49 -29.90 -20.61 -11.35
C LEU H 49 -30.29 -21.84 -10.53
N ALA H 50 -31.35 -21.74 -9.71
CA ALA H 50 -31.70 -22.87 -8.84
C ALA H 50 -32.21 -24.07 -9.63
N PRO H 51 -33.30 -23.97 -10.42
CA PRO H 51 -33.81 -25.17 -11.09
C PRO H 51 -32.82 -25.80 -12.04
N LYS H 52 -31.98 -24.98 -12.68
CA LYS H 52 -30.86 -25.50 -13.47
C LYS H 52 -30.07 -26.52 -12.67
N LEU H 53 -29.59 -26.11 -11.49
CA LEU H 53 -28.77 -27.00 -10.68
C LEU H 53 -29.58 -28.17 -10.16
N LYS H 54 -30.85 -27.93 -9.81
CA LYS H 54 -31.70 -29.00 -9.27
C LYS H 54 -31.81 -30.15 -10.26
N LYS H 55 -32.18 -29.87 -11.51
CA LYS H 55 -32.29 -30.95 -12.48
C LYS H 55 -30.93 -31.41 -13.00
N LYS H 56 -29.92 -30.55 -12.95
CA LYS H 56 -28.60 -30.94 -13.39
C LYS H 56 -27.99 -31.97 -12.45
N ALA H 57 -28.35 -31.91 -11.17
CA ALA H 57 -27.85 -32.90 -10.21
C ALA H 57 -28.36 -34.29 -10.54
N GLU H 58 -29.67 -34.46 -10.70
CA GLU H 58 -30.20 -35.77 -11.05
C GLU H 58 -30.01 -36.12 -12.52
N SER H 59 -29.52 -35.18 -13.33
CA SER H 59 -29.16 -35.51 -14.70
C SER H 59 -28.05 -36.56 -14.75
N LYS H 60 -27.06 -36.44 -13.87
CA LYS H 60 -25.96 -37.39 -13.79
C LYS H 60 -25.93 -38.17 -12.48
N GLY H 61 -27.03 -38.18 -11.74
CA GLY H 61 -27.06 -38.86 -10.46
C GLY H 61 -26.19 -38.22 -9.39
N CYS H 62 -26.17 -36.90 -9.33
CA CYS H 62 -25.47 -36.08 -8.35
C CYS H 62 -26.40 -35.69 -7.22
N PRO H 63 -25.92 -35.67 -5.97
CA PRO H 63 -26.76 -35.26 -4.85
C PRO H 63 -27.30 -33.86 -5.05
N PRO H 64 -28.56 -33.61 -4.69
CA PRO H 64 -29.16 -32.29 -4.90
C PRO H 64 -28.54 -31.24 -3.99
N PRO H 65 -28.26 -30.05 -4.50
CA PRO H 65 -27.78 -28.97 -3.64
C PRO H 65 -28.89 -28.47 -2.72
N ARG H 66 -28.49 -27.71 -1.70
CA ARG H 66 -29.43 -27.14 -0.75
C ARG H 66 -29.70 -25.68 -1.11
N ILE H 67 -30.93 -25.40 -1.52
CA ILE H 67 -31.35 -24.02 -1.78
C ILE H 67 -31.51 -23.29 -0.44
N PRO H 68 -31.11 -22.03 -0.33
CA PRO H 68 -31.22 -21.33 0.96
C PRO H 68 -32.65 -21.27 1.47
N SER H 69 -32.79 -21.40 2.79
CA SER H 69 -34.09 -21.40 3.43
C SER H 69 -34.70 -19.99 3.38
N PRO H 70 -36.03 -19.90 3.46
CA PRO H 70 -36.67 -18.57 3.54
C PRO H 70 -36.22 -17.75 4.74
N GLU H 71 -35.89 -18.40 5.86
CA GLU H 71 -35.49 -17.66 7.05
C GLU H 71 -34.19 -16.90 6.82
N ASP H 72 -33.22 -17.54 6.17
CA ASP H 72 -31.97 -16.83 5.90
C ASP H 72 -32.16 -15.73 4.86
N ILE H 73 -33.08 -15.93 3.92
CA ILE H 73 -33.40 -14.87 2.96
C ILE H 73 -33.97 -13.66 3.68
N GLU H 74 -34.90 -13.90 4.61
CA GLU H 74 -35.48 -12.79 5.38
C GLU H 74 -34.41 -12.11 6.23
N ALA H 75 -33.54 -12.88 6.88
CA ALA H 75 -32.48 -12.29 7.68
C ALA H 75 -31.54 -11.44 6.82
N LEU H 76 -31.18 -11.94 5.64
CA LEU H 76 -30.34 -11.18 4.72
C LEU H 76 -31.03 -9.90 4.28
N GLU H 77 -32.34 -9.96 4.04
CA GLU H 77 -33.07 -8.76 3.64
C GLU H 77 -33.06 -7.72 4.76
N GLU H 78 -33.38 -8.14 5.99
CA GLU H 78 -33.35 -7.22 7.12
C GLU H 78 -31.96 -6.61 7.27
N LYS H 79 -30.92 -7.43 7.17
CA LYS H 79 -29.55 -6.93 7.27
C LYS H 79 -29.26 -5.93 6.17
N VAL H 80 -29.71 -6.20 4.95
CA VAL H 80 -29.34 -5.33 3.84
C VAL H 80 -30.10 -4.02 3.89
N GLU H 81 -31.28 -3.95 4.51
CA GLU H 81 -31.84 -2.60 4.64
C GLU H 81 -31.32 -1.88 5.88
N GLN H 82 -30.95 -2.60 6.93
CA GLN H 82 -30.44 -1.89 8.10
C GLN H 82 -29.00 -1.41 7.93
N LEU H 83 -28.31 -1.85 6.88
CA LEU H 83 -26.98 -1.34 6.56
C LEU H 83 -27.13 -0.11 5.66
N SER H 84 -26.50 1.00 6.07
CA SER H 84 -26.63 2.25 5.35
C SER H 84 -25.32 2.73 4.73
N ASN H 85 -24.26 2.90 5.51
CA ASN H 85 -23.01 3.40 4.94
C ASN H 85 -22.34 2.33 4.07
N PRO H 86 -21.57 2.74 3.07
CA PRO H 86 -20.95 1.76 2.16
C PRO H 86 -19.92 0.87 2.82
N LYS H 87 -19.43 1.22 4.01
CA LYS H 87 -18.34 0.47 4.64
C LYS H 87 -18.78 -0.96 4.93
N ASP H 88 -19.75 -1.13 5.84
CA ASP H 88 -20.22 -2.47 6.18
C ASP H 88 -21.00 -3.09 5.03
N LEU H 89 -21.53 -2.27 4.11
CA LEU H 89 -22.17 -2.81 2.91
C LEU H 89 -21.17 -3.58 2.06
N ARG H 90 -20.01 -2.97 1.79
CA ARG H 90 -18.94 -3.66 1.08
C ARG H 90 -18.44 -4.84 1.90
N LYS H 91 -18.38 -4.70 3.22
CA LYS H 91 -18.01 -5.83 4.07
C LYS H 91 -18.90 -7.03 3.80
N LEU H 92 -20.22 -6.83 3.87
CA LEU H 92 -21.16 -7.92 3.64
C LEU H 92 -21.04 -8.46 2.21
N ALA H 93 -20.91 -7.55 1.22
CA ALA H 93 -20.84 -7.97 -0.17
C ALA H 93 -19.64 -8.86 -0.43
N VAL H 94 -18.47 -8.50 0.13
CA VAL H 94 -17.29 -9.32 -0.08
C VAL H 94 -17.34 -10.58 0.78
N SER H 95 -18.07 -10.54 1.90
CA SER H 95 -18.15 -11.73 2.75
C SER H 95 -19.10 -12.79 2.18
N LEU H 96 -20.13 -12.39 1.44
CA LEU H 96 -21.10 -13.37 0.95
C LEU H 96 -20.44 -14.35 -0.03
N ALA H 97 -19.76 -13.83 -1.04
CA ALA H 97 -19.13 -14.65 -2.07
C ALA H 97 -17.63 -14.83 -1.81
N LEU H 98 -17.23 -14.78 -0.54
CA LEU H 98 -15.81 -14.85 -0.22
C LEU H 98 -15.24 -16.23 -0.52
N TRP H 99 -16.00 -17.29 -0.23
CA TRP H 99 -15.55 -18.66 -0.48
C TRP H 99 -16.36 -19.35 -1.56
N ALA H 100 -16.82 -18.59 -2.56
CA ALA H 100 -17.50 -19.20 -3.69
C ALA H 100 -16.54 -20.10 -4.47
N PHE H 101 -15.26 -19.73 -4.52
CA PHE H 101 -14.23 -20.51 -5.19
C PHE H 101 -13.49 -21.44 -4.23
N ALA H 102 -14.16 -21.94 -3.20
CA ALA H 102 -13.52 -22.77 -2.19
C ALA H 102 -13.37 -24.19 -2.73
N SER H 103 -13.01 -25.12 -1.84
CA SER H 103 -12.76 -26.50 -2.23
C SER H 103 -13.79 -27.43 -1.62
N TRP H 104 -15.06 -27.05 -1.67
CA TRP H 104 -16.12 -27.88 -1.12
C TRP H 104 -16.14 -29.25 -1.80
N ASN H 105 -16.28 -30.29 -0.99
CA ASN H 105 -16.37 -31.66 -1.50
C ASN H 105 -17.80 -32.00 -1.90
N ASN H 106 -18.39 -31.16 -2.74
CA ASN H 106 -19.75 -31.36 -3.19
C ASN H 106 -19.80 -32.24 -4.43
N CYS H 107 -20.95 -32.88 -4.64
CA CYS H 107 -21.19 -33.78 -5.76
C CYS H 107 -20.14 -34.88 -5.80
N PRO H 108 -20.15 -35.82 -4.85
CA PRO H 108 -19.15 -36.90 -4.80
C PRO H 108 -19.28 -37.87 -5.96
N GLY I 2 -44.51 -8.50 7.65
CA GLY I 2 -44.27 -7.28 6.90
C GLY I 2 -44.86 -7.32 5.50
N TRP I 3 -45.96 -8.07 5.36
CA TRP I 3 -46.73 -8.20 4.12
C TRP I 3 -45.87 -8.55 2.90
N ILE I 4 -44.66 -9.07 3.12
CA ILE I 4 -43.81 -9.50 2.04
C ILE I 4 -43.72 -11.02 1.93
N ARG I 5 -43.84 -11.75 3.05
CA ARG I 5 -43.70 -13.19 3.01
C ARG I 5 -44.82 -13.84 2.20
N ASN I 6 -46.05 -13.32 2.32
CA ASN I 6 -47.18 -13.94 1.63
C ASN I 6 -47.08 -13.78 0.11
N ILE I 7 -46.74 -12.57 -0.35
CA ILE I 7 -46.61 -12.36 -1.79
C ILE I 7 -45.43 -13.15 -2.34
N GLY I 8 -44.36 -13.27 -1.56
CA GLY I 8 -43.25 -14.12 -1.96
C GLY I 8 -43.66 -15.58 -2.08
N ARG I 9 -44.46 -16.06 -1.13
CA ARG I 9 -44.98 -17.42 -1.22
C ARG I 9 -45.83 -17.61 -2.47
N TYR I 10 -46.69 -16.63 -2.77
CA TYR I 10 -47.52 -16.72 -3.96
C TYR I 10 -46.67 -16.76 -5.23
N LEU I 11 -45.64 -15.91 -5.30
CA LEU I 11 -44.75 -15.92 -6.45
C LEU I 11 -44.03 -17.26 -6.56
N SER I 12 -43.67 -17.86 -5.42
CA SER I 12 -43.04 -19.17 -5.42
C SER I 12 -43.98 -20.24 -5.97
N TYR I 13 -45.26 -20.15 -5.61
CA TYR I 13 -46.20 -21.21 -5.96
C TYR I 13 -46.35 -21.41 -7.46
N LEU I 14 -46.03 -20.40 -8.26
CA LEU I 14 -46.04 -20.52 -9.71
C LEU I 14 -44.64 -20.74 -10.29
N VAL I 15 -43.64 -20.93 -9.45
CA VAL I 15 -42.27 -21.17 -9.90
C VAL I 15 -41.77 -22.49 -9.33
N ASP I 16 -42.32 -22.89 -8.20
CA ASP I 16 -41.82 -24.07 -7.49
C ASP I 16 -42.10 -25.34 -8.28
N ASP I 17 -41.45 -26.43 -7.84
CA ASP I 17 -41.60 -27.73 -8.47
C ASP I 17 -42.94 -28.35 -8.04
N THR I 18 -43.14 -29.62 -8.40
CA THR I 18 -44.36 -30.38 -8.17
C THR I 18 -45.59 -29.73 -8.81
N PHE I 19 -45.39 -28.83 -9.77
CA PHE I 19 -46.49 -28.24 -10.50
C PHE I 19 -46.27 -28.43 -12.00
N GLU I 20 -47.10 -27.81 -12.82
CA GLU I 20 -47.00 -27.94 -14.27
C GLU I 20 -46.72 -26.62 -14.96
N GLU I 21 -46.88 -25.49 -14.27
CA GLU I 21 -46.88 -24.17 -14.88
C GLU I 21 -45.56 -23.49 -14.56
N TYR I 22 -44.67 -23.40 -15.56
CA TYR I 22 -43.34 -22.82 -15.39
C TYR I 22 -43.27 -21.46 -16.09
N ALA I 23 -43.57 -20.40 -15.34
CA ALA I 23 -43.50 -19.03 -15.85
C ALA I 23 -42.34 -18.31 -15.18
N TYR I 24 -41.18 -18.33 -15.83
CA TYR I 24 -40.08 -17.49 -15.39
C TYR I 24 -40.19 -16.07 -15.94
N ASP I 25 -41.05 -15.88 -16.94
CA ASP I 25 -41.22 -14.56 -17.55
C ASP I 25 -41.76 -13.56 -16.55
N VAL I 26 -42.71 -13.97 -15.71
CA VAL I 26 -43.34 -13.03 -14.79
C VAL I 26 -42.34 -12.58 -13.73
N VAL I 27 -41.59 -13.51 -13.12
CA VAL I 27 -40.61 -13.11 -12.11
C VAL I 27 -39.47 -12.33 -12.74
N ASP I 28 -39.11 -12.66 -13.99
CA ASP I 28 -38.12 -11.87 -14.70
C ASP I 28 -38.61 -10.44 -14.89
N GLY I 29 -39.87 -10.28 -15.28
CA GLY I 29 -40.44 -8.95 -15.41
C GLY I 29 -40.45 -8.20 -14.11
N ILE I 30 -40.69 -8.91 -13.00
CA ILE I 30 -40.53 -8.29 -11.68
C ILE I 30 -39.10 -7.78 -11.50
N ALA I 31 -38.12 -8.60 -11.84
CA ALA I 31 -36.73 -8.24 -11.58
C ALA I 31 -36.32 -7.02 -12.40
N LYS I 32 -36.52 -7.07 -13.71
CA LYS I 32 -36.06 -6.02 -14.63
C LYS I 32 -37.15 -5.00 -14.96
N ALA I 33 -37.82 -4.46 -13.94
CA ALA I 33 -38.86 -3.45 -14.15
C ALA I 33 -38.50 -2.19 -13.38
N ARG I 34 -37.81 -1.27 -14.04
CA ARG I 34 -37.16 -0.16 -13.35
C ARG I 34 -38.11 0.99 -13.04
N THR I 35 -39.41 0.83 -13.28
CA THR I 35 -40.35 1.93 -13.09
C THR I 35 -41.67 1.38 -12.56
N GLN I 36 -42.50 2.27 -12.01
CA GLN I 36 -43.68 1.86 -11.25
C GLN I 36 -44.67 1.08 -12.11
N GLU I 37 -44.97 1.58 -13.32
CA GLU I 37 -46.04 0.97 -14.11
C GLU I 37 -45.70 -0.46 -14.52
N GLU I 38 -44.44 -0.71 -14.89
CA GLU I 38 -44.03 -2.06 -15.28
C GLU I 38 -43.88 -2.99 -14.07
N LEU I 39 -43.52 -2.45 -12.90
CA LEU I 39 -43.70 -3.20 -11.66
C LEU I 39 -45.15 -3.65 -11.50
N LEU I 40 -46.10 -2.73 -11.66
CA LEU I 40 -47.50 -3.09 -11.52
C LEU I 40 -47.89 -4.15 -12.53
N GLU I 41 -47.46 -3.99 -13.79
CA GLU I 41 -47.82 -4.92 -14.84
C GLU I 41 -47.27 -6.32 -14.55
N GLY I 42 -46.02 -6.40 -14.06
CA GLY I 42 -45.51 -7.68 -13.63
C GLY I 42 -46.33 -8.29 -12.51
N VAL I 43 -46.77 -7.46 -11.57
CA VAL I 43 -47.64 -7.95 -10.50
C VAL I 43 -48.94 -8.49 -11.07
N TYR I 44 -49.51 -7.80 -12.06
CA TYR I 44 -50.76 -8.26 -12.66
C TYR I 44 -50.57 -9.60 -13.34
N LYS I 45 -49.47 -9.74 -14.08
CA LYS I 45 -49.20 -11.00 -14.76
C LYS I 45 -48.99 -12.13 -13.75
N ALA I 46 -48.36 -11.82 -12.62
CA ALA I 46 -48.19 -12.82 -11.58
C ALA I 46 -49.53 -13.23 -10.96
N LEU I 47 -50.41 -12.26 -10.72
CA LEU I 47 -51.66 -12.56 -10.02
C LEU I 47 -52.74 -13.08 -10.96
N ARG I 48 -52.52 -12.98 -12.27
CA ARG I 48 -53.52 -13.47 -13.22
C ARG I 48 -53.74 -14.98 -13.13
N LEU I 49 -52.81 -15.71 -12.52
CA LEU I 49 -52.83 -17.17 -12.56
C LEU I 49 -53.27 -17.79 -11.24
N ALA I 50 -53.92 -17.01 -10.37
CA ALA I 50 -54.42 -17.52 -9.10
C ALA I 50 -55.44 -18.66 -9.28
N PRO I 51 -56.45 -18.52 -10.15
CA PRO I 51 -57.41 -19.64 -10.30
C PRO I 51 -56.77 -20.92 -10.79
N LYS I 52 -55.73 -20.83 -11.62
CA LYS I 52 -55.02 -22.03 -12.06
C LYS I 52 -54.41 -22.77 -10.87
N LEU I 53 -53.76 -22.02 -9.98
CA LEU I 53 -53.25 -22.62 -8.75
C LEU I 53 -54.40 -23.20 -7.91
N LYS I 54 -55.52 -22.48 -7.85
CA LYS I 54 -56.64 -22.92 -7.02
C LYS I 54 -57.17 -24.27 -7.49
N LYS I 55 -57.33 -24.44 -8.79
CA LYS I 55 -57.89 -25.69 -9.31
C LYS I 55 -56.82 -26.70 -9.69
N LYS I 56 -55.54 -26.38 -9.46
CA LYS I 56 -54.45 -27.33 -9.65
C LYS I 56 -53.94 -27.92 -8.34
N ALA I 57 -54.13 -27.21 -7.22
CA ALA I 57 -53.54 -27.65 -5.96
C ALA I 57 -54.09 -29.00 -5.51
N GLU I 58 -55.41 -29.19 -5.58
CA GLU I 58 -56.00 -30.41 -5.04
C GLU I 58 -55.84 -31.60 -5.96
N SER I 59 -55.32 -31.41 -7.18
CA SER I 59 -55.13 -32.53 -8.09
C SER I 59 -54.17 -33.57 -7.49
N LYS I 60 -53.09 -33.10 -6.88
CA LYS I 60 -52.18 -33.98 -6.15
C LYS I 60 -52.48 -34.04 -4.66
N GLY I 61 -53.51 -33.32 -4.19
CA GLY I 61 -54.01 -33.47 -2.85
C GLY I 61 -53.41 -32.56 -1.80
N CYS I 62 -52.41 -31.77 -2.13
CA CYS I 62 -51.80 -30.90 -1.13
C CYS I 62 -52.71 -29.72 -0.83
N PRO I 63 -52.54 -29.08 0.33
CA PRO I 63 -53.41 -27.96 0.68
C PRO I 63 -53.26 -26.83 -0.33
N PRO I 64 -54.32 -26.05 -0.55
CA PRO I 64 -54.26 -25.01 -1.57
C PRO I 64 -53.28 -23.92 -1.19
N PRO I 65 -52.71 -23.22 -2.18
CA PRO I 65 -51.74 -22.16 -1.86
C PRO I 65 -52.39 -20.97 -1.18
N ARG I 66 -51.58 -20.24 -0.42
CA ARG I 66 -52.03 -19.06 0.30
C ARG I 66 -51.80 -17.83 -0.56
N ILE I 67 -52.86 -17.35 -1.20
CA ILE I 67 -52.80 -16.08 -1.93
C ILE I 67 -52.59 -14.96 -0.91
N PRO I 68 -51.87 -13.89 -1.25
CA PRO I 68 -51.71 -12.79 -0.29
C PRO I 68 -53.07 -12.26 0.16
N SER I 69 -53.15 -11.93 1.45
CA SER I 69 -54.38 -11.45 2.05
C SER I 69 -54.75 -10.11 1.46
N PRO I 70 -56.00 -9.67 1.62
CA PRO I 70 -56.37 -8.32 1.16
C PRO I 70 -55.42 -7.25 1.67
N GLU I 71 -55.18 -7.20 2.99
CA GLU I 71 -54.29 -6.18 3.54
C GLU I 71 -52.93 -6.19 2.85
N ASP I 72 -52.46 -7.38 2.45
CA ASP I 72 -51.26 -7.48 1.65
C ASP I 72 -51.40 -6.65 0.37
N ILE I 73 -52.62 -6.56 -0.16
CA ILE I 73 -52.83 -5.80 -1.38
C ILE I 73 -52.97 -4.31 -1.08
N GLU I 74 -53.75 -3.94 -0.06
CA GLU I 74 -53.88 -2.51 0.23
C GLU I 74 -52.60 -1.91 0.79
N ALA I 75 -51.59 -2.73 1.13
CA ALA I 75 -50.31 -2.15 1.53
C ALA I 75 -49.50 -1.67 0.33
N LEU I 76 -49.54 -2.42 -0.78
CA LEU I 76 -48.59 -2.22 -1.87
C LEU I 76 -48.77 -0.86 -2.54
N GLU I 77 -50.01 -0.39 -2.67
CA GLU I 77 -50.25 0.84 -3.41
C GLU I 77 -49.57 2.03 -2.74
N GLU I 78 -49.79 2.22 -1.44
CA GLU I 78 -49.11 3.33 -0.77
C GLU I 78 -47.65 3.01 -0.49
N LYS I 79 -47.25 1.73 -0.55
CA LYS I 79 -45.81 1.46 -0.50
C LYS I 79 -45.11 1.96 -1.75
N VAL I 80 -45.76 1.84 -2.91
CA VAL I 80 -45.09 2.15 -4.17
C VAL I 80 -45.34 3.61 -4.61
N GLU I 81 -46.47 4.20 -4.24
CA GLU I 81 -46.77 5.56 -4.69
C GLU I 81 -45.81 6.58 -4.07
N GLN I 82 -45.45 6.40 -2.80
CA GLN I 82 -44.52 7.32 -2.17
C GLN I 82 -43.09 7.16 -2.68
N LEU I 83 -42.82 6.12 -3.47
CA LEU I 83 -41.50 5.93 -4.05
C LEU I 83 -41.34 6.88 -5.23
N SER I 84 -40.39 7.81 -5.11
CA SER I 84 -40.17 8.83 -6.14
C SER I 84 -39.04 8.46 -7.08
N ASN I 85 -37.81 8.37 -6.57
CA ASN I 85 -36.70 7.93 -7.40
C ASN I 85 -36.73 6.41 -7.57
N PRO I 86 -36.17 5.89 -8.66
CA PRO I 86 -36.16 4.43 -8.84
C PRO I 86 -35.20 3.72 -7.93
N LYS I 87 -34.35 4.47 -7.22
CA LYS I 87 -33.27 3.87 -6.46
C LYS I 87 -33.80 2.90 -5.41
N ASP I 88 -34.77 3.34 -4.60
CA ASP I 88 -35.38 2.43 -3.63
C ASP I 88 -36.51 1.61 -4.26
N LEU I 89 -37.04 2.06 -5.40
CA LEU I 89 -38.02 1.26 -6.13
C LEU I 89 -37.42 -0.09 -6.54
N ARG I 90 -36.12 -0.11 -6.80
CA ARG I 90 -35.39 -1.36 -6.98
C ARG I 90 -35.41 -2.27 -5.76
N LYS I 91 -35.35 -1.71 -4.54
CA LYS I 91 -35.20 -2.55 -3.36
C LYS I 91 -36.39 -3.48 -3.18
N LEU I 92 -37.61 -2.93 -3.23
CA LEU I 92 -38.81 -3.75 -3.05
C LEU I 92 -38.93 -4.80 -4.14
N ALA I 93 -38.73 -4.39 -5.39
CA ALA I 93 -38.88 -5.31 -6.51
C ALA I 93 -37.92 -6.47 -6.40
N VAL I 94 -36.63 -6.18 -6.17
CA VAL I 94 -35.66 -7.26 -6.10
C VAL I 94 -35.89 -8.12 -4.85
N SER I 95 -36.34 -7.51 -3.76
CA SER I 95 -36.58 -8.30 -2.54
C SER I 95 -37.70 -9.31 -2.77
N LEU I 96 -38.83 -8.85 -3.32
CA LEU I 96 -39.93 -9.79 -3.53
C LEU I 96 -39.64 -10.73 -4.70
N ALA I 97 -38.68 -10.37 -5.55
CA ALA I 97 -38.21 -11.32 -6.56
C ALA I 97 -37.40 -12.44 -5.91
N LEU I 98 -36.47 -12.09 -5.01
CA LEU I 98 -35.75 -13.11 -4.25
C LEU I 98 -36.69 -13.99 -3.45
N TRP I 99 -37.77 -13.41 -2.91
CA TRP I 99 -38.72 -14.19 -2.13
C TRP I 99 -39.41 -15.27 -2.96
N ALA I 100 -39.34 -15.18 -4.30
CA ALA I 100 -39.96 -16.19 -5.14
C ALA I 100 -39.20 -17.52 -5.07
N PHE I 101 -37.88 -17.46 -5.02
CA PHE I 101 -37.06 -18.67 -5.07
C PHE I 101 -36.64 -19.06 -3.65
N ALA I 102 -36.98 -20.29 -3.25
CA ALA I 102 -36.58 -20.86 -1.97
C ALA I 102 -36.85 -22.36 -2.04
N SER I 103 -36.71 -23.04 -0.90
CA SER I 103 -36.85 -24.49 -0.83
C SER I 103 -37.68 -24.90 0.38
N TRP I 104 -38.78 -24.21 0.62
CA TRP I 104 -39.69 -24.62 1.68
C TRP I 104 -40.71 -25.64 1.15
N ASN I 105 -41.43 -26.25 2.08
CA ASN I 105 -42.49 -27.20 1.73
C ASN I 105 -43.73 -26.39 1.36
N ASN I 106 -43.97 -26.25 0.05
CA ASN I 106 -45.13 -25.50 -0.40
C ASN I 106 -46.43 -26.15 0.05
N CYS I 107 -46.58 -27.45 -0.25
CA CYS I 107 -47.72 -28.23 0.22
C CYS I 107 -47.40 -29.71 0.10
N PRO I 108 -47.56 -30.49 1.18
CA PRO I 108 -47.28 -31.93 1.16
C PRO I 108 -48.24 -32.71 0.24
N MET J 1 21.29 15.54 73.77
CA MET J 1 22.61 16.02 74.16
C MET J 1 23.71 15.19 73.48
N TYR J 2 23.96 14.00 74.01
CA TYR J 2 24.93 13.08 73.43
C TYR J 2 24.26 12.36 72.29
N VAL J 3 24.62 12.72 71.05
CA VAL J 3 24.00 12.17 69.85
C VAL J 3 25.08 11.63 68.93
N ARG J 4 24.81 10.48 68.32
CA ARG J 4 25.73 9.87 67.36
C ARG J 4 24.93 9.40 66.15
N ILE J 5 25.36 9.80 64.96
CA ILE J 5 24.67 9.50 63.71
C ILE J 5 25.65 8.77 62.78
N SER J 6 25.13 7.77 62.06
CA SER J 6 25.95 7.03 61.13
C SER J 6 25.07 6.46 60.03
N GLY J 7 25.51 6.57 58.78
CA GLY J 7 24.73 6.06 57.69
C GLY J 7 25.45 6.14 56.37
N ARG J 8 24.71 5.90 55.30
CA ARG J 8 25.21 5.96 53.94
C ARG J 8 24.50 7.07 53.19
N ILE J 9 25.28 7.86 52.45
CA ILE J 9 24.79 8.98 51.67
C ILE J 9 25.35 8.88 50.26
N ARG J 10 24.49 9.13 49.26
CA ARG J 10 24.89 9.02 47.86
C ARG J 10 25.13 10.42 47.30
N LEU J 11 26.31 10.61 46.71
CA LEU J 11 26.66 11.87 46.08
C LEU J 11 27.54 11.59 44.87
N ASN J 12 27.42 12.45 43.86
CA ASN J 12 28.14 12.24 42.61
C ASN J 12 28.37 13.59 41.94
N ALA J 13 29.27 13.59 40.94
CA ALA J 13 29.65 14.78 40.20
C ALA J 13 30.18 15.87 41.13
N HIS J 14 31.29 15.54 41.79
CA HIS J 14 31.91 16.43 42.77
C HIS J 14 33.43 16.39 42.64
N SER J 15 34.05 17.49 43.04
CA SER J 15 35.50 17.58 43.14
C SER J 15 35.92 17.93 44.56
N LEU J 16 35.22 17.38 45.55
CA LEU J 16 35.46 17.74 46.93
C LEU J 16 36.81 17.22 47.39
N ASN J 17 37.50 18.03 48.18
CA ASN J 17 38.81 17.69 48.76
C ASN J 17 39.83 17.35 47.67
N ALA J 18 40.14 18.36 46.87
CA ALA J 18 41.17 18.24 45.85
C ALA J 18 42.52 17.94 46.52
N GLN J 19 43.27 17.01 45.94
CA GLN J 19 44.54 16.57 46.52
C GLN J 19 45.62 17.59 46.15
N GLY J 20 45.50 18.77 46.73
CA GLY J 20 46.51 19.81 46.55
C GLY J 20 46.67 20.30 45.12
N GLY J 21 45.68 20.05 44.27
CA GLY J 21 45.80 20.46 42.89
C GLY J 21 46.95 19.78 42.19
N GLY J 22 47.69 20.56 41.41
CA GLY J 22 48.82 20.05 40.67
C GLY J 22 49.56 21.13 39.91
N GLY J 23 50.87 20.92 39.68
CA GLY J 23 51.65 21.93 39.00
C GLY J 23 51.25 22.13 37.55
N THR J 24 51.01 21.04 36.84
CA THR J 24 50.75 21.11 35.39
C THR J 24 49.26 21.21 35.05
N ASN J 25 48.59 22.15 35.69
CA ASN J 25 47.18 22.47 35.39
C ASN J 25 46.28 21.24 35.56
N TYR J 26 46.66 20.31 36.42
CA TYR J 26 45.88 19.09 36.65
C TYR J 26 45.59 18.97 38.13
N ILE J 27 44.32 19.07 38.51
CA ILE J 27 43.90 19.01 39.90
C ILE J 27 43.22 17.66 40.13
N GLU J 28 43.77 16.87 41.05
CA GLU J 28 43.27 15.56 41.37
C GLU J 28 42.51 15.58 42.69
N ILE J 29 42.00 14.41 43.08
CA ILE J 29 41.26 14.24 44.32
C ILE J 29 42.05 13.31 45.25
N THR J 30 41.87 13.51 46.55
CA THR J 30 42.53 12.66 47.53
C THR J 30 42.10 11.21 47.35
N LYS J 31 43.08 10.32 47.35
CA LYS J 31 42.84 8.90 47.12
C LYS J 31 43.08 8.12 48.40
N THR J 32 42.50 6.92 48.45
CA THR J 32 42.53 6.08 49.63
C THR J 32 42.65 4.63 49.21
N LYS J 33 43.57 3.92 49.87
CA LYS J 33 43.72 2.49 49.67
C LYS J 33 42.72 1.76 50.54
N VAL J 34 41.98 0.82 49.96
CA VAL J 34 40.96 0.07 50.68
C VAL J 34 41.15 -1.41 50.41
N THR J 35 41.19 -2.21 51.48
CA THR J 35 41.26 -3.66 51.39
C THR J 35 39.85 -4.25 51.46
N VAL J 36 39.58 -5.22 50.60
CA VAL J 36 38.25 -5.82 50.51
C VAL J 36 38.38 -7.26 50.03
N ARG J 37 37.34 -8.04 50.33
CA ARG J 37 37.26 -9.43 49.90
C ARG J 37 37.05 -9.52 48.40
N THR J 38 37.73 -10.47 47.77
CA THR J 38 37.55 -10.78 46.35
C THR J 38 37.48 -12.29 46.13
N GLU J 39 36.63 -12.95 46.89
CA GLU J 39 36.45 -14.41 46.82
C GLU J 39 37.76 -15.14 47.14
N ASN J 40 38.10 -15.05 48.43
CA ASN J 40 39.35 -15.57 48.99
C ASN J 40 40.55 -14.80 48.45
N GLY J 41 40.54 -13.49 48.66
CA GLY J 41 41.65 -12.63 48.32
C GLY J 41 41.51 -11.28 49.00
N TRP J 42 42.60 -10.75 49.53
CA TRP J 42 42.57 -9.46 50.22
C TRP J 42 43.04 -8.39 49.23
N THR J 43 42.12 -7.99 48.35
CA THR J 43 42.54 -7.08 47.29
C THR J 43 42.45 -5.63 47.76
N VAL J 44 43.20 -4.78 47.07
CA VAL J 44 43.30 -3.36 47.43
C VAL J 44 42.84 -2.52 46.24
N VAL J 45 42.12 -1.44 46.54
CA VAL J 45 41.53 -0.58 45.53
C VAL J 45 41.77 0.88 45.90
N GLU J 46 41.64 1.73 44.89
CA GLU J 46 41.83 3.18 45.02
C GLU J 46 40.44 3.84 44.99
N VAL J 47 40.09 4.55 46.05
CA VAL J 47 38.78 5.22 46.09
C VAL J 47 38.95 6.64 46.61
N PRO J 48 38.09 7.54 46.15
CA PRO J 48 38.07 8.89 46.74
C PRO J 48 37.54 8.86 48.16
N ALA J 49 38.00 9.81 48.97
CA ALA J 49 37.58 9.88 50.37
C ALA J 49 37.81 11.31 50.88
N ILE J 50 36.75 11.90 51.44
CA ILE J 50 36.87 13.23 52.04
C ILE J 50 37.43 13.12 53.44
N THR J 51 38.35 14.02 53.78
CA THR J 51 38.98 13.98 55.09
C THR J 51 38.02 14.47 56.18
N GLY J 52 38.31 14.04 57.42
CA GLY J 52 37.50 14.47 58.54
C GLY J 52 37.61 15.96 58.83
N ASN J 53 38.80 16.52 58.59
CA ASN J 53 39.06 17.93 58.86
C ASN J 53 38.13 18.82 58.05
N MET J 54 37.80 18.41 56.84
CA MET J 54 36.93 19.23 56.00
C MET J 54 35.52 19.28 56.57
N LEU J 55 35.02 18.12 57.03
CA LEU J 55 33.73 18.08 57.71
C LEU J 55 33.76 18.91 58.99
N LYS J 56 34.89 18.86 59.71
CA LYS J 56 35.06 19.70 60.90
C LYS J 56 34.91 21.17 60.57
N HIS J 57 35.60 21.63 59.53
CA HIS J 57 35.53 23.02 59.14
C HIS J 57 34.13 23.41 58.71
N TRP J 58 33.45 22.54 57.95
CA TRP J 58 32.09 22.87 57.52
C TRP J 58 31.13 22.90 58.70
N HIS J 59 31.31 22.00 59.68
CA HIS J 59 30.48 22.04 60.87
C HIS J 59 30.69 23.34 61.64
N PHE J 60 31.95 23.78 61.75
CA PHE J 60 32.22 25.05 62.40
C PHE J 60 31.57 26.21 61.66
N VAL J 61 31.62 26.18 60.33
CA VAL J 61 31.00 27.23 59.53
C VAL J 61 29.49 27.26 59.75
N GLY J 62 28.85 26.09 59.74
CA GLY J 62 27.42 26.03 59.99
C GLY J 62 27.06 26.51 61.38
N PHE J 63 27.85 26.13 62.39
CA PHE J 63 27.57 26.56 63.75
C PHE J 63 27.69 28.07 63.89
N VAL J 64 28.74 28.67 63.32
CA VAL J 64 28.89 30.11 63.43
C VAL J 64 27.82 30.83 62.59
N ASP J 65 27.35 30.19 61.51
CA ASP J 65 26.28 30.79 60.73
C ASP J 65 24.97 30.82 61.51
N TYR J 66 24.62 29.72 62.17
CA TYR J 66 23.38 29.69 62.93
C TYR J 66 23.46 30.48 64.23
N PHE J 67 24.65 30.58 64.83
CA PHE J 67 24.77 31.30 66.09
C PHE J 67 24.67 32.82 65.91
N LYS J 68 24.73 33.30 64.67
CA LYS J 68 24.55 34.73 64.44
C LYS J 68 23.11 35.16 64.62
N THR J 69 22.16 34.28 64.29
CA THR J 69 20.74 34.65 64.38
C THR J 69 20.31 34.89 65.81
N THR J 70 20.77 34.05 66.75
CA THR J 70 20.36 34.19 68.13
C THR J 70 20.92 35.48 68.74
N PRO J 71 20.20 36.10 69.67
CA PRO J 71 20.71 37.34 70.28
C PRO J 71 21.98 37.15 71.07
N TYR J 72 22.30 35.92 71.48
CA TYR J 72 23.52 35.64 72.23
C TYR J 72 24.73 35.42 71.34
N GLY J 73 24.67 35.89 70.09
CA GLY J 73 25.77 35.73 69.15
C GLY J 73 26.90 36.71 69.29
N VAL J 74 26.81 37.64 70.25
CA VAL J 74 27.90 38.58 70.47
C VAL J 74 29.14 37.85 70.97
N ASN J 75 28.95 36.81 71.77
CA ASN J 75 30.08 36.06 72.32
C ASN J 75 30.72 35.18 71.25
N LEU J 76 31.41 35.80 70.30
CA LEU J 76 32.10 35.07 69.25
C LEU J 76 33.36 35.83 68.87
N THR J 77 34.37 35.08 68.43
CA THR J 77 35.63 35.67 68.03
C THR J 77 35.50 36.36 66.67
N GLU J 78 36.36 37.35 66.45
CA GLU J 78 36.41 38.01 65.15
C GLU J 78 36.85 37.06 64.05
N ARG J 79 37.68 36.07 64.40
CA ARG J 79 38.12 35.09 63.42
C ARG J 79 36.94 34.28 62.87
N ALA J 80 35.97 33.97 63.74
CA ALA J 80 34.83 33.15 63.33
C ALA J 80 34.02 33.85 62.25
N LEU J 81 33.86 35.17 62.34
CA LEU J 81 33.10 35.90 61.35
C LEU J 81 33.75 35.82 59.97
N ARG J 82 35.08 35.67 59.92
CA ARG J 82 35.80 35.53 58.66
C ARG J 82 36.05 34.07 58.30
N TYR J 83 35.38 33.14 58.98
CA TYR J 83 35.54 31.70 58.77
C TYR J 83 36.96 31.23 59.05
N ASN J 84 37.68 31.99 59.87
CA ASN J 84 38.98 31.59 60.42
C ASN J 84 38.73 30.66 61.60
N GLY J 85 39.73 30.51 62.48
CA GLY J 85 39.63 29.50 63.51
C GLY J 85 40.93 28.78 63.79
N THR J 86 42.04 29.33 63.30
CA THR J 86 43.35 28.88 63.76
C THR J 86 43.47 28.96 65.27
N ARG J 87 42.76 29.91 65.88
CA ARG J 87 42.65 30.03 67.34
C ARG J 87 44.02 30.21 68.00
N PHE J 88 44.65 31.33 67.65
CA PHE J 88 45.73 31.93 68.44
C PHE J 88 47.03 31.14 68.33
N GLY J 89 47.94 31.37 69.27
CA GLY J 89 49.23 30.71 69.24
C GLY J 89 50.15 31.30 70.29
N GLN J 90 51.45 31.15 70.05
CA GLN J 90 52.44 31.70 70.98
C GLN J 90 52.39 33.22 71.02
N GLY J 91 52.28 33.85 69.86
CA GLY J 91 52.32 35.31 69.80
C GLY J 91 51.03 36.00 70.18
N GLU J 92 49.96 35.23 70.41
CA GLU J 92 48.64 35.79 70.73
C GLU J 92 48.19 35.26 72.08
N THR J 93 47.73 36.16 72.95
CA THR J 93 47.23 35.80 74.26
C THR J 93 45.98 36.57 74.65
N THR J 94 45.45 37.41 73.75
CA THR J 94 44.27 38.22 74.01
C THR J 94 43.26 37.97 72.90
N ALA J 95 42.01 37.70 73.29
CA ALA J 95 40.95 37.40 72.35
C ALA J 95 40.15 38.66 72.05
N THR J 96 39.87 38.88 70.76
CA THR J 96 39.05 40.00 70.32
C THR J 96 37.69 39.47 69.91
N LYS J 97 36.63 40.03 70.50
CA LYS J 97 35.27 39.59 70.21
C LYS J 97 34.78 40.24 68.92
N ALA J 98 33.49 40.08 68.62
CA ALA J 98 32.92 40.69 67.43
C ALA J 98 32.99 42.21 67.49
N ASN J 99 32.69 42.79 68.66
CA ASN J 99 32.75 44.23 68.85
C ASN J 99 34.14 44.72 69.22
N GLY J 100 35.11 43.83 69.37
CA GLY J 100 36.45 44.23 69.73
C GLY J 100 36.66 44.33 71.23
N ALA J 101 36.17 43.33 71.97
CA ALA J 101 36.28 43.30 73.42
C ALA J 101 37.47 42.43 73.82
N THR J 102 38.32 42.95 74.69
CA THR J 102 39.47 42.19 75.16
C THR J 102 39.04 41.07 76.09
N VAL J 103 39.52 39.86 75.81
CA VAL J 103 39.25 38.69 76.63
C VAL J 103 40.58 38.05 77.00
N GLN J 104 40.77 37.79 78.29
CA GLN J 104 41.99 37.18 78.77
C GLN J 104 41.87 35.66 78.76
N LEU J 105 43.00 34.98 78.61
CA LEU J 105 43.03 33.53 78.39
C LEU J 105 43.70 32.75 79.51
N ASN J 106 43.71 33.29 80.73
CA ASN J 106 44.33 32.55 81.84
C ASN J 106 43.59 31.26 82.15
N ASP J 107 42.26 31.30 82.15
CA ASP J 107 41.45 30.17 82.55
C ASP J 107 40.43 29.82 81.47
N GLU J 108 40.09 28.54 81.41
CA GLU J 108 39.13 28.06 80.42
C GLU J 108 37.72 28.59 80.67
N ALA J 109 37.38 28.86 81.94
CA ALA J 109 36.02 29.28 82.26
C ALA J 109 35.65 30.57 81.53
N THR J 110 36.48 31.60 81.66
CA THR J 110 36.19 32.86 80.97
C THR J 110 36.30 32.72 79.47
N ILE J 111 37.18 31.84 78.98
CA ILE J 111 37.33 31.64 77.54
C ILE J 111 36.03 31.08 76.95
N ILE J 112 35.48 30.06 77.60
CA ILE J 112 34.24 29.47 77.09
C ILE J 112 33.03 30.35 77.42
N LYS J 113 33.13 31.22 78.42
CA LYS J 113 32.03 32.14 78.71
C LYS J 113 31.95 33.24 77.67
N GLU J 114 33.09 33.81 77.28
CA GLU J 114 33.11 34.93 76.35
C GLU J 114 33.16 34.51 74.89
N LEU J 115 33.52 33.27 74.59
CA LEU J 115 33.61 32.78 73.22
C LEU J 115 32.78 31.51 73.08
N ALA J 116 32.03 31.43 71.99
CA ALA J 116 31.18 30.28 71.70
C ALA J 116 31.86 29.25 70.82
N ASP J 117 32.62 29.69 69.81
CA ASP J 117 33.30 28.74 68.93
C ASP J 117 34.33 27.93 69.69
N ALA J 118 35.08 28.57 70.59
CA ALA J 118 36.07 27.84 71.38
C ALA J 118 35.40 26.88 72.36
N ASP J 119 34.17 27.17 72.77
CA ASP J 119 33.47 26.29 73.70
C ASP J 119 33.15 24.95 73.08
N VAL J 120 32.73 24.94 71.82
CA VAL J 120 32.26 23.71 71.19
C VAL J 120 33.36 23.05 70.34
N HIS J 121 34.20 23.84 69.67
CA HIS J 121 35.25 23.30 68.82
C HIS J 121 36.61 23.31 69.49
N GLY J 122 36.68 23.67 70.77
CA GLY J 122 37.96 23.71 71.46
C GLY J 122 38.78 24.92 71.04
N PHE J 123 40.01 24.95 71.53
CA PHE J 123 40.96 26.02 71.25
C PHE J 123 42.34 25.54 71.71
N LEU J 124 43.33 26.43 71.61
CA LEU J 124 44.69 26.11 72.03
C LEU J 124 45.38 27.39 72.48
N ALA J 125 45.93 27.35 73.70
CA ALA J 125 46.63 28.49 74.29
C ALA J 125 47.99 28.01 74.78
N PRO J 126 48.97 27.92 73.88
CA PRO J 126 50.27 27.33 74.27
C PRO J 126 50.97 28.06 75.40
N LYS J 127 50.73 29.37 75.55
CA LYS J 127 51.39 30.13 76.61
C LYS J 127 50.98 29.63 77.99
N THR J 128 49.69 29.34 78.18
CA THR J 128 49.18 28.90 79.47
C THR J 128 48.52 27.52 79.41
N GLY J 129 48.72 26.77 78.34
CA GLY J 129 48.10 25.48 78.21
C GLY J 129 46.60 25.59 77.99
N ARG J 130 45.82 25.11 78.96
CA ARG J 130 44.36 25.19 78.92
C ARG J 130 43.82 24.55 77.64
N ARG J 131 44.41 23.43 77.24
CA ARG J 131 43.99 22.76 76.03
C ARG J 131 42.57 22.22 76.17
N ARG J 132 41.76 22.45 75.14
CA ARG J 132 40.38 21.97 75.09
C ARG J 132 40.15 21.29 73.75
N VAL J 133 39.86 20.00 73.77
CA VAL J 133 39.58 19.29 72.54
C VAL J 133 38.15 19.58 72.12
N SER J 134 37.90 19.50 70.82
CA SER J 134 36.56 19.79 70.30
C SER J 134 35.58 18.73 70.75
N LEU J 135 34.34 19.14 70.95
CA LEU J 135 33.29 18.21 71.36
C LEU J 135 32.63 17.51 70.18
N VAL J 136 33.02 17.84 68.96
CA VAL J 136 32.47 17.24 67.75
C VAL J 136 33.57 16.44 67.07
N LYS J 137 33.30 15.17 66.81
CA LYS J 137 34.25 14.27 66.16
C LYS J 137 33.69 13.88 64.80
N ALA J 138 34.47 14.09 63.75
CA ALA J 138 34.08 13.74 62.39
C ALA J 138 35.08 12.75 61.81
N SER J 139 34.59 11.63 61.31
CA SER J 139 35.44 10.62 60.71
C SER J 139 35.57 10.86 59.21
N PHE J 140 36.41 10.08 58.56
CA PHE J 140 36.60 10.19 57.13
C PHE J 140 35.35 9.71 56.39
N ILE J 141 35.20 10.19 55.16
CA ILE J 141 34.06 9.86 54.31
C ILE J 141 34.53 8.82 53.31
N LEU J 142 34.19 7.56 53.56
CA LEU J 142 34.63 6.47 52.71
C LEU J 142 33.43 5.86 51.98
N PRO J 143 33.59 5.46 50.73
CA PRO J 143 32.53 4.71 50.06
C PRO J 143 32.31 3.37 50.74
N THR J 144 31.06 2.92 50.77
CA THR J 144 30.72 1.67 51.44
C THR J 144 31.38 0.49 50.73
N GLU J 145 31.77 -0.50 51.54
CA GLU J 145 32.62 -1.58 51.02
C GLU J 145 31.87 -2.51 50.09
N ASP J 146 30.57 -2.72 50.31
CA ASP J 146 29.80 -3.59 49.41
C ASP J 146 29.72 -2.99 48.01
N PHE J 147 29.60 -1.66 47.92
CA PHE J 147 29.61 -0.99 46.62
C PHE J 147 30.92 -1.24 45.89
N ILE J 148 32.04 -1.12 46.60
CA ILE J 148 33.34 -1.36 45.99
C ILE J 148 33.47 -2.81 45.55
N LYS J 149 33.03 -3.74 46.40
CA LYS J 149 33.10 -5.16 46.06
C LYS J 149 32.28 -5.47 44.82
N GLU J 150 31.07 -4.90 44.72
CA GLU J 150 30.23 -5.15 43.56
C GLU J 150 30.81 -4.52 42.30
N VAL J 151 31.38 -3.32 42.42
CA VAL J 151 31.86 -2.59 41.25
C VAL J 151 33.29 -2.99 40.89
N GLU J 152 34.17 -3.08 41.90
CA GLU J 152 35.59 -3.38 41.77
C GLU J 152 36.28 -2.70 40.58
N GLY J 153 35.79 -2.92 39.36
CA GLY J 153 36.35 -2.30 38.18
C GLY J 153 35.84 -0.89 37.98
N GLU J 154 36.22 -0.32 36.84
CA GLU J 154 35.76 0.99 36.37
C GLU J 154 36.35 2.12 37.20
N ARG J 155 36.77 3.19 36.53
CA ARG J 155 37.51 4.26 37.20
C ARG J 155 36.63 5.02 38.20
N LEU J 156 35.37 5.24 37.84
CA LEU J 156 34.43 6.11 38.58
C LEU J 156 35.05 7.47 38.93
N ILE J 157 36.07 7.87 38.18
CA ILE J 157 36.72 9.18 38.33
C ILE J 157 36.81 9.78 36.94
N THR J 158 36.16 10.92 36.72
CA THR J 158 36.14 11.56 35.42
C THR J 158 36.98 12.83 35.46
N ALA J 159 37.93 12.95 34.53
CA ALA J 159 38.78 14.12 34.42
C ALA J 159 38.25 15.01 33.31
N ILE J 160 37.95 16.25 33.64
CA ILE J 160 37.38 17.20 32.70
C ILE J 160 38.24 18.45 32.67
N LYS J 161 38.36 19.04 31.48
CA LYS J 161 39.18 20.21 31.26
C LYS J 161 38.30 21.45 31.13
N HIS J 162 38.70 22.52 31.83
CA HIS J 162 38.02 23.80 31.79
C HIS J 162 39.01 24.85 31.33
N ASN J 163 38.52 25.84 30.59
CA ASN J 163 39.35 26.92 30.07
C ASN J 163 38.86 28.25 30.63
N ARG J 164 39.79 29.09 31.04
CA ARG J 164 39.50 30.46 31.45
C ARG J 164 39.85 31.38 30.29
N VAL J 165 38.89 32.20 29.88
CA VAL J 165 39.04 33.02 28.68
C VAL J 165 39.45 34.42 29.07
N ASP J 166 40.52 34.92 28.45
CA ASP J 166 40.99 36.30 28.63
C ASP J 166 41.22 36.87 27.23
N VAL J 167 40.16 37.45 26.64
CA VAL J 167 40.27 37.99 25.29
C VAL J 167 41.10 39.28 25.32
N ASP J 168 41.52 39.70 24.12
CA ASP J 168 42.33 40.90 23.99
C ASP J 168 41.45 42.14 24.03
N GLU J 169 42.01 43.29 23.63
CA GLU J 169 41.32 44.55 23.82
C GLU J 169 40.06 44.67 22.97
N LYS J 170 40.16 44.38 21.67
CA LYS J 170 38.97 44.51 20.83
C LYS J 170 38.24 43.19 20.64
N GLY J 171 38.86 42.24 19.93
CA GLY J 171 38.23 40.97 19.68
C GLY J 171 39.14 39.76 19.73
N ALA J 172 40.45 39.99 19.86
CA ALA J 172 41.40 38.90 19.72
C ALA J 172 41.41 38.02 20.97
N ILE J 173 41.82 36.77 20.79
CA ILE J 173 41.91 35.81 21.89
C ILE J 173 43.28 35.94 22.54
N GLY J 174 44.03 36.96 22.16
CA GLY J 174 45.36 37.19 22.70
C GLY J 174 46.45 36.59 21.84
N SER J 175 47.69 36.94 22.18
CA SER J 175 48.87 36.49 21.46
C SER J 175 49.38 35.15 21.95
N SER J 176 48.68 34.52 22.91
CA SER J 176 49.13 33.24 23.45
C SER J 176 48.74 32.07 22.55
N LYS J 177 48.07 32.33 21.44
CA LYS J 177 47.67 31.33 20.45
C LYS J 177 46.55 30.45 21.02
N GLU J 178 45.84 29.71 20.16
CA GLU J 178 44.69 28.93 20.57
C GLU J 178 45.05 27.47 20.84
N GLY J 179 46.34 27.14 20.98
CA GLY J 179 46.70 25.85 21.50
C GLY J 179 46.09 25.60 22.87
N THR J 180 46.17 26.61 23.73
CA THR J 180 45.27 26.76 24.87
C THR J 180 44.45 28.01 24.61
N ALA J 181 43.14 27.94 24.89
CA ALA J 181 42.27 29.10 24.65
C ALA J 181 42.86 30.35 25.28
N GLN J 182 42.98 30.36 26.61
CA GLN J 182 43.93 31.22 27.29
C GLN J 182 44.69 30.36 28.29
N MET J 183 43.98 29.39 28.87
CA MET J 183 44.54 28.38 29.75
C MET J 183 43.59 27.22 29.80
N LEU J 184 44.14 26.00 29.98
CA LEU J 184 43.36 24.77 30.14
C LEU J 184 43.79 24.07 31.42
N PHE J 185 42.96 24.15 32.45
CA PHE J 185 43.22 23.41 33.67
C PHE J 185 42.27 22.22 33.76
N SER J 186 42.60 21.29 34.65
CA SER J 186 41.90 20.02 34.74
C SER J 186 41.35 19.82 36.14
N ARG J 187 40.18 19.17 36.22
CA ARG J 187 39.52 18.87 37.47
C ARG J 187 38.97 17.46 37.44
N GLU J 188 39.08 16.76 38.55
CA GLU J 188 38.59 15.39 38.65
C GLU J 188 37.31 15.36 39.47
N TYR J 189 36.35 14.55 39.02
CA TYR J 189 35.07 14.41 39.69
C TYR J 189 34.82 12.95 40.00
N ALA J 190 34.33 12.68 41.20
CA ALA J 190 34.09 11.33 41.68
C ALA J 190 32.60 11.03 41.70
N THR J 191 32.29 9.76 41.99
CA THR J 191 30.91 9.29 41.98
C THR J 191 30.84 7.98 42.76
N GLY J 192 29.91 7.90 43.70
CA GLY J 192 29.73 6.69 44.47
C GLY J 192 28.87 6.93 45.70
N LEU J 193 28.60 5.84 46.40
CA LEU J 193 27.82 5.85 47.63
C LEU J 193 28.79 5.79 48.81
N TYR J 194 28.75 6.80 49.66
CA TYR J 194 29.71 6.97 50.74
C TYR J 194 29.04 6.75 52.10
N GLY J 195 29.85 6.39 53.08
CA GLY J 195 29.41 6.22 54.45
C GLY J 195 30.02 7.28 55.35
N PHE J 196 29.25 7.71 56.35
CA PHE J 196 29.67 8.79 57.24
C PHE J 196 29.32 8.44 58.68
N SER J 197 30.03 9.07 59.60
CA SER J 197 29.79 8.89 61.03
C SER J 197 30.24 10.14 61.77
N ILE J 198 29.33 10.76 62.51
CA ILE J 198 29.59 12.01 63.21
C ILE J 198 29.18 11.84 64.67
N VAL J 199 29.98 12.36 65.59
CA VAL J 199 29.72 12.26 67.02
C VAL J 199 29.65 13.67 67.60
N LEU J 200 28.57 13.96 68.32
CA LEU J 200 28.38 15.25 68.97
C LEU J 200 28.26 15.02 70.48
N ASP J 201 29.25 15.48 71.24
CA ASP J 201 29.20 15.39 72.69
C ASP J 201 28.74 16.74 73.26
N LEU J 202 27.49 17.07 72.95
CA LEU J 202 26.92 18.35 73.35
C LEU J 202 26.65 18.45 74.84
N GLY J 203 26.77 17.34 75.58
CA GLY J 203 26.50 17.38 77.01
C GLY J 203 27.52 18.19 77.80
N LEU J 204 28.69 18.46 77.22
CA LEU J 204 29.74 19.21 77.90
C LEU J 204 29.79 20.68 77.47
N VAL J 205 28.81 21.14 76.69
CA VAL J 205 28.81 22.52 76.23
C VAL J 205 28.59 23.44 77.41
N GLY J 206 29.51 24.38 77.63
CA GLY J 206 29.44 25.30 78.74
C GLY J 206 30.03 24.80 80.02
N ILE J 207 30.44 23.54 80.08
CA ILE J 207 31.07 22.96 81.27
C ILE J 207 32.58 22.98 81.05
N PRO J 208 33.36 23.64 81.92
CA PRO J 208 34.81 23.60 81.78
C PRO J 208 35.33 22.16 81.86
N GLN J 209 36.35 21.88 81.07
CA GLN J 209 36.90 20.52 81.03
C GLN J 209 37.49 20.11 82.38
N GLY J 210 38.17 21.05 83.04
CA GLY J 210 38.79 20.74 84.32
C GLY J 210 37.80 20.62 85.48
N LEU J 211 36.62 21.21 85.36
CA LEU J 211 35.62 21.20 86.42
C LEU J 211 34.30 20.68 85.85
N PRO J 212 34.17 19.37 85.66
CA PRO J 212 32.86 18.82 85.26
C PRO J 212 31.76 19.11 86.27
N VAL J 213 32.09 19.08 87.56
CA VAL J 213 31.15 19.44 88.62
C VAL J 213 31.90 20.27 89.65
N LYS J 214 31.15 21.08 90.39
CA LYS J 214 31.73 21.91 91.44
C LYS J 214 31.59 21.29 92.82
N PHE J 215 30.43 20.67 93.11
CA PHE J 215 30.28 19.72 94.20
C PHE J 215 30.69 20.30 95.56
N GLU J 216 29.94 21.30 96.01
CA GLU J 216 30.13 21.87 97.34
C GLU J 216 28.97 21.59 98.29
N GLU J 217 27.78 21.34 97.77
CA GLU J 217 26.62 21.02 98.60
C GLU J 217 26.35 19.51 98.65
N ASN J 218 27.36 18.70 98.32
CA ASN J 218 27.30 17.24 98.31
C ASN J 218 26.35 16.70 97.25
N GLN J 219 26.19 17.40 96.12
CA GLN J 219 25.48 16.88 94.97
C GLN J 219 26.32 17.11 93.72
N PRO J 220 26.45 16.11 92.84
CA PRO J 220 27.28 16.26 91.64
C PRO J 220 26.53 16.90 90.49
N ARG J 221 25.88 18.03 90.77
CA ARG J 221 25.20 18.77 89.71
C ARG J 221 26.24 19.46 88.82
N PRO J 222 25.94 19.62 87.53
CA PRO J 222 26.96 20.13 86.59
C PRO J 222 27.42 21.53 86.95
N ASN J 223 28.70 21.80 86.69
CA ASN J 223 29.30 23.10 86.93
C ASN J 223 29.13 23.95 85.67
N ILE J 224 27.92 24.44 85.47
CA ILE J 224 27.61 25.29 84.33
C ILE J 224 28.06 26.71 84.61
N VAL J 225 29.29 27.04 84.20
CA VAL J 225 29.84 28.36 84.46
C VAL J 225 29.12 29.44 83.66
N ILE J 226 28.40 29.06 82.61
CA ILE J 226 27.75 30.02 81.74
C ILE J 226 26.25 30.02 82.03
N ASP J 227 25.55 30.99 81.45
CA ASP J 227 24.11 31.10 81.67
C ASP J 227 23.41 29.90 81.03
N PRO J 228 22.47 29.26 81.74
CA PRO J 228 21.80 28.08 81.16
C PRO J 228 21.02 28.39 79.89
N ASN J 229 20.39 29.56 79.80
CA ASN J 229 19.57 29.86 78.64
C ASN J 229 20.41 29.92 77.36
N GLU J 230 21.49 30.69 77.37
CA GLU J 230 22.33 30.76 76.19
C GLU J 230 23.15 29.47 76.01
N ARG J 231 23.34 28.69 77.08
CA ARG J 231 23.89 27.35 76.90
C ARG J 231 22.97 26.49 76.04
N LYS J 232 21.68 26.46 76.38
CA LYS J 232 20.72 25.75 75.55
C LYS J 232 20.70 26.33 74.14
N ALA J 233 20.80 27.66 74.02
CA ALA J 233 20.82 28.29 72.71
C ALA J 233 21.99 27.79 71.87
N ARG J 234 23.18 27.70 72.47
CA ARG J 234 24.32 27.09 71.79
C ARG J 234 24.01 25.65 71.42
N ILE J 235 23.25 24.95 72.27
CA ILE J 235 22.92 23.55 71.98
C ILE J 235 22.11 23.45 70.69
N GLU J 236 21.03 24.24 70.58
CA GLU J 236 20.27 24.11 69.33
C GLU J 236 21.00 24.72 68.15
N SER J 237 21.89 25.69 68.37
CA SER J 237 22.70 26.19 67.27
C SER J 237 23.60 25.10 66.71
N ALA J 238 24.26 24.35 67.59
CA ALA J 238 25.08 23.24 67.15
C ALA J 238 24.25 22.16 66.49
N LEU J 239 23.05 21.89 67.03
CA LEU J 239 22.18 20.87 66.44
C LEU J 239 21.74 21.27 65.04
N LYS J 240 21.37 22.54 64.85
CA LYS J 240 20.93 23.02 63.54
C LYS J 240 22.09 23.18 62.58
N ALA J 241 23.33 23.28 63.08
CA ALA J 241 24.48 23.31 62.19
C ALA J 241 24.58 22.04 61.35
N LEU J 242 23.97 20.95 61.83
CA LEU J 242 23.99 19.70 61.07
C LEU J 242 23.06 19.73 59.87
N ILE J 243 22.07 20.63 59.84
CA ILE J 243 21.15 20.69 58.71
C ILE J 243 21.86 21.05 57.41
N PRO J 244 22.71 22.09 57.35
CA PRO J 244 23.46 22.33 56.11
C PRO J 244 24.72 21.49 56.04
N MET J 245 24.61 20.21 56.42
CA MET J 245 25.68 19.24 56.28
C MET J 245 25.29 18.12 55.34
N LEU J 246 24.18 17.46 55.61
CA LEU J 246 23.63 16.43 54.71
C LEU J 246 22.64 17.05 53.74
N SER J 247 23.05 18.14 53.11
CA SER J 247 22.21 18.82 52.12
C SER J 247 22.97 19.22 50.85
N GLY J 248 24.29 19.20 50.85
CA GLY J 248 25.06 19.59 49.68
C GLY J 248 26.03 20.72 49.95
N TYR J 249 26.31 20.97 51.24
CA TYR J 249 27.22 22.03 51.65
C TYR J 249 28.51 21.48 52.25
N ILE J 250 29.03 20.40 51.66
CA ILE J 250 30.24 19.74 52.15
C ILE J 250 31.26 19.70 51.02
N GLY J 251 32.49 20.09 51.33
CA GLY J 251 33.58 20.01 50.38
C GLY J 251 33.93 21.36 49.77
N ALA J 252 34.57 21.29 48.61
CA ALA J 252 35.08 22.46 47.91
C ALA J 252 34.41 22.56 46.54
N ASN J 253 34.80 23.60 45.79
CA ASN J 253 34.29 23.84 44.44
C ASN J 253 32.76 23.91 44.43
N LEU J 254 32.19 24.55 45.45
CA LEU J 254 30.74 24.65 45.52
C LEU J 254 30.17 25.47 44.37
N ALA J 255 30.88 26.53 43.96
CA ALA J 255 30.39 27.38 42.88
C ALA J 255 30.31 26.62 41.57
N ARG J 256 31.31 25.81 41.25
CA ARG J 256 31.36 25.11 39.98
C ARG J 256 30.79 23.70 40.03
N SER J 257 30.78 23.05 41.19
CA SER J 257 30.32 21.67 41.28
C SER J 257 29.00 21.54 42.04
N PHE J 258 28.94 22.01 43.29
CA PHE J 258 27.76 21.86 44.15
C PHE J 258 27.25 20.43 44.08
N PRO J 259 27.91 19.50 44.76
CA PRO J 259 27.69 18.07 44.50
C PRO J 259 26.23 17.67 44.60
N VAL J 260 25.79 16.85 43.64
CA VAL J 260 24.43 16.32 43.61
C VAL J 260 24.30 15.35 44.79
N PHE J 261 23.56 15.75 45.82
CA PHE J 261 23.58 15.07 47.10
C PHE J 261 22.19 14.55 47.45
N LYS J 262 22.18 13.40 48.14
CA LYS J 262 20.94 12.83 48.68
C LYS J 262 21.31 11.80 49.73
N VAL J 263 20.62 11.83 50.86
CA VAL J 263 20.89 10.91 51.95
C VAL J 263 20.19 9.59 51.66
N GLU J 264 20.95 8.50 51.68
CA GLU J 264 20.38 7.19 51.39
C GLU J 264 19.72 6.58 52.62
N GLU J 265 20.49 6.38 53.69
CA GLU J 265 19.94 5.79 54.90
C GLU J 265 20.81 6.18 56.08
N LEU J 266 20.25 6.11 57.28
CA LEU J 266 21.03 6.46 58.46
C LEU J 266 20.35 5.93 59.72
N VAL J 267 21.16 5.83 60.78
CA VAL J 267 20.70 5.51 62.12
C VAL J 267 21.36 6.47 63.10
N ALA J 268 20.57 7.00 64.04
CA ALA J 268 21.09 7.93 65.03
C ALA J 268 20.59 7.51 66.40
N ILE J 269 21.44 7.73 67.42
CA ILE J 269 21.06 7.48 68.79
C ILE J 269 21.35 8.72 69.61
N ALA J 270 20.54 8.93 70.65
CA ALA J 270 20.64 10.10 71.51
C ALA J 270 20.40 9.68 72.95
N SER J 271 21.15 10.33 73.86
CA SER J 271 21.03 10.08 75.29
C SER J 271 21.57 11.29 76.04
N GLU J 272 21.19 11.38 77.31
CA GLU J 272 21.66 12.44 78.17
C GLU J 272 23.01 12.14 78.81
N GLY J 273 23.51 10.92 78.66
CA GLY J 273 24.80 10.56 79.20
C GLY J 273 25.75 10.12 78.11
N PRO J 274 27.03 9.94 78.46
CA PRO J 274 28.01 9.51 77.46
C PRO J 274 27.65 8.15 76.87
N ILE J 275 27.87 8.02 75.56
CA ILE J 275 27.52 6.81 74.82
C ILE J 275 28.59 6.52 73.80
N PRO J 276 28.76 5.24 73.45
CA PRO J 276 29.79 4.88 72.48
C PRO J 276 29.36 5.15 71.05
N ALA J 277 30.35 5.41 70.20
CA ALA J 277 30.10 5.57 68.77
C ALA J 277 29.67 4.23 68.17
N LEU J 278 28.78 4.28 67.20
CA LEU J 278 28.14 3.05 66.71
C LEU J 278 29.02 2.33 65.70
N VAL J 279 29.19 2.91 64.53
CA VAL J 279 29.93 2.27 63.44
C VAL J 279 30.15 3.31 62.33
N HIS J 280 31.19 3.12 61.54
CA HIS J 280 31.31 3.91 60.32
C HIS J 280 30.45 3.29 59.22
N GLY J 281 30.06 4.13 58.26
CA GLY J 281 29.21 3.67 57.18
C GLY J 281 29.92 2.91 56.08
N PHE J 282 31.24 2.76 56.18
CA PHE J 282 32.00 2.06 55.16
C PHE J 282 31.70 0.57 55.13
N TYR J 283 31.37 -0.01 56.28
CA TYR J 283 31.16 -1.45 56.37
C TYR J 283 29.78 -1.84 55.86
N GLU J 284 29.72 -3.01 55.21
CA GLU J 284 28.46 -3.49 54.65
C GLU J 284 27.53 -4.06 55.72
N ASP J 285 28.07 -4.63 56.78
CA ASP J 285 27.28 -5.27 57.84
C ASP J 285 27.11 -4.36 59.05
N TYR J 286 26.96 -3.06 58.82
CA TYR J 286 26.89 -2.12 59.94
C TYR J 286 25.55 -2.19 60.66
N ILE J 287 24.49 -2.60 59.98
CA ILE J 287 23.16 -2.61 60.59
C ILE J 287 23.11 -3.62 61.74
N GLU J 288 23.61 -4.83 61.50
CA GLU J 288 23.61 -5.85 62.55
C GLU J 288 24.54 -5.46 63.69
N ALA J 289 25.66 -4.80 63.38
CA ALA J 289 26.54 -4.30 64.44
C ALA J 289 25.82 -3.26 65.30
N ASN J 290 25.06 -2.37 64.66
CA ASN J 290 24.28 -1.39 65.42
C ASN J 290 23.25 -2.09 66.29
N ARG J 291 22.58 -3.12 65.76
CA ARG J 291 21.61 -3.85 66.55
C ARG J 291 22.26 -4.48 67.77
N SER J 292 23.42 -5.12 67.58
CA SER J 292 24.12 -5.74 68.70
C SER J 292 24.54 -4.70 69.74
N ILE J 293 25.06 -3.56 69.28
CA ILE J 293 25.52 -2.53 70.20
C ILE J 293 24.35 -1.95 71.00
N ILE J 294 23.23 -1.65 70.34
CA ILE J 294 22.10 -1.08 71.06
C ILE J 294 21.49 -2.10 72.01
N LYS J 295 21.46 -3.39 71.61
CA LYS J 295 21.00 -4.42 72.53
C LYS J 295 21.87 -4.47 73.78
N ASN J 296 23.19 -4.44 73.60
CA ASN J 296 24.10 -4.50 74.74
C ASN J 296 23.94 -3.26 75.63
N ALA J 297 23.82 -2.08 75.01
CA ALA J 297 23.68 -0.86 75.78
C ALA J 297 22.39 -0.85 76.59
N ARG J 298 21.28 -1.28 75.99
CA ARG J 298 20.02 -1.31 76.74
C ARG J 298 20.01 -2.42 77.78
N ALA J 299 20.70 -3.53 77.53
CA ALA J 299 20.84 -4.56 78.56
C ALA J 299 21.63 -4.05 79.75
N LEU J 300 22.69 -3.28 79.51
CA LEU J 300 23.45 -2.71 80.62
C LEU J 300 22.71 -1.57 81.30
N GLY J 301 21.71 -0.99 80.64
CA GLY J 301 20.88 0.01 81.28
C GLY J 301 21.17 1.46 80.92
N PHE J 302 21.29 1.75 79.63
CA PHE J 302 21.37 3.13 79.15
C PHE J 302 20.06 3.53 78.50
N ASN J 303 19.61 4.75 78.78
CA ASN J 303 18.41 5.30 78.17
C ASN J 303 18.77 5.82 76.78
N ILE J 304 18.56 4.99 75.76
CA ILE J 304 18.93 5.29 74.38
C ILE J 304 17.66 5.55 73.59
N GLU J 305 17.64 6.66 72.86
CA GLU J 305 16.55 6.98 71.94
C GLU J 305 17.08 6.88 70.52
N VAL J 306 16.40 6.08 69.69
CA VAL J 306 16.91 5.70 68.38
C VAL J 306 16.01 6.25 67.28
N PHE J 307 16.63 6.73 66.21
CA PHE J 307 15.94 7.21 65.03
C PHE J 307 16.54 6.53 63.81
N THR J 308 15.67 6.11 62.88
CA THR J 308 16.08 5.39 61.69
C THR J 308 15.51 6.05 60.45
N TYR J 309 16.33 6.17 59.40
CA TYR J 309 15.89 6.67 58.11
C TYR J 309 16.26 5.63 57.06
N ASN J 310 15.26 5.13 56.35
CA ASN J 310 15.43 4.15 55.27
C ASN J 310 16.14 2.89 55.76
N VAL J 311 15.81 2.47 56.98
CA VAL J 311 16.37 1.26 57.56
C VAL J 311 15.46 0.76 58.68
N ASP J 312 15.20 -0.55 58.70
CA ASP J 312 14.33 -1.10 59.73
C ASP J 312 15.02 -1.12 61.10
N LEU J 313 16.29 -1.52 61.12
CA LEU J 313 17.08 -1.66 62.35
C LEU J 313 16.31 -2.47 63.39
N GLY J 314 16.03 -3.71 63.03
CA GLY J 314 15.28 -4.61 63.89
C GLY J 314 13.81 -4.20 63.99
N GLU J 315 13.09 -4.93 64.83
CA GLU J 315 11.67 -4.66 65.05
C GLU J 315 11.33 -4.45 66.51
N ASP J 316 11.93 -5.21 67.42
CA ASP J 316 11.64 -5.07 68.85
C ASP J 316 12.14 -3.74 69.41
N ILE J 317 13.05 -3.06 68.72
CA ILE J 317 13.51 -1.76 69.18
C ILE J 317 12.44 -0.72 68.91
N GLU J 318 12.24 0.19 69.86
CA GLU J 318 11.24 1.25 69.73
C GLU J 318 11.81 2.38 68.87
N ALA J 319 12.21 2.00 67.66
CA ALA J 319 12.77 2.95 66.71
C ALA J 319 11.68 3.90 66.20
N THR J 320 12.10 5.14 65.94
CA THR J 320 11.20 6.18 65.44
C THR J 320 11.48 6.40 63.96
N LYS J 321 10.43 6.31 63.15
CA LYS J 321 10.57 6.50 61.72
C LYS J 321 10.96 7.95 61.42
N VAL J 322 11.91 8.14 60.51
CA VAL J 322 12.44 9.44 60.16
C VAL J 322 12.38 9.61 58.66
N SER J 323 11.89 10.76 58.20
CA SER J 323 11.81 11.04 56.77
C SER J 323 12.99 11.87 56.27
N SER J 324 13.57 12.72 57.12
CA SER J 324 14.69 13.55 56.70
C SER J 324 15.50 13.93 57.94
N VAL J 325 16.75 14.34 57.69
CA VAL J 325 17.65 14.67 58.80
C VAL J 325 17.16 15.89 59.56
N GLU J 326 16.47 16.81 58.88
CA GLU J 326 15.91 17.96 59.57
C GLU J 326 14.80 17.55 60.54
N GLU J 327 14.01 16.53 60.19
CA GLU J 327 13.04 16.02 61.16
C GLU J 327 13.76 15.38 62.35
N LEU J 328 14.90 14.75 62.09
CA LEU J 328 15.69 14.17 63.18
C LEU J 328 16.18 15.25 64.14
N VAL J 329 16.72 16.36 63.61
CA VAL J 329 17.19 17.41 64.50
C VAL J 329 16.02 18.13 65.15
N ALA J 330 14.86 18.17 64.50
CA ALA J 330 13.67 18.73 65.13
C ALA J 330 13.23 17.87 66.31
N ASN J 331 13.32 16.55 66.20
CA ASN J 331 13.06 15.67 67.32
C ASN J 331 14.14 15.73 68.39
N LEU J 332 15.37 16.08 68.01
CA LEU J 332 16.46 16.17 68.97
C LEU J 332 16.40 17.43 69.82
N VAL J 333 15.96 18.55 69.24
CA VAL J 333 15.96 19.82 69.97
C VAL J 333 14.92 19.81 71.09
N LYS J 334 13.99 18.86 71.07
CA LYS J 334 12.99 18.78 72.12
C LYS J 334 13.60 18.58 73.50
N MET J 335 14.78 17.97 73.57
CA MET J 335 15.46 17.77 74.85
C MET J 335 16.51 18.85 75.09
N MET K 1 18.44 37.82 50.59
CA MET K 1 17.46 36.75 50.37
C MET K 1 18.17 35.46 50.02
N TYR K 2 17.66 34.34 50.53
CA TYR K 2 18.20 33.01 50.24
C TYR K 2 17.15 32.22 49.48
N VAL K 3 17.51 31.73 48.30
CA VAL K 3 16.58 31.01 47.44
C VAL K 3 17.25 29.74 46.92
N ARG K 4 16.48 28.67 46.84
CA ARG K 4 16.95 27.40 46.29
C ARG K 4 15.95 26.89 45.26
N ILE K 5 16.44 26.50 44.09
CA ILE K 5 15.61 26.05 42.99
C ILE K 5 16.09 24.69 42.53
N SER K 6 15.15 23.75 42.35
CA SER K 6 15.49 22.42 41.87
C SER K 6 14.35 21.87 41.04
N GLY K 7 14.67 21.30 39.88
CA GLY K 7 13.63 20.79 39.02
C GLY K 7 14.20 19.95 37.90
N ARG K 8 13.32 19.57 36.98
CA ARG K 8 13.66 18.78 35.80
C ARG K 8 13.33 19.57 34.54
N ILE K 9 14.26 19.56 33.60
CA ILE K 9 14.10 20.28 32.33
C ILE K 9 14.31 19.30 31.19
N ARG K 10 13.37 19.28 30.25
CA ARG K 10 13.48 18.42 29.08
C ARG K 10 14.48 19.01 28.09
N LEU K 11 15.08 18.14 27.29
CA LEU K 11 16.12 18.56 26.36
C LEU K 11 16.28 17.50 25.28
N ASN K 12 16.54 17.96 24.05
CA ASN K 12 16.77 17.06 22.93
C ASN K 12 17.62 17.78 21.89
N ALA K 13 18.54 17.03 21.28
CA ALA K 13 19.41 17.55 20.23
C ALA K 13 20.18 18.78 20.69
N HIS K 14 21.01 18.58 21.72
CA HIS K 14 21.82 19.64 22.28
C HIS K 14 23.29 19.25 22.22
N SER K 15 24.10 20.09 21.56
CA SER K 15 25.55 19.97 21.62
C SER K 15 26.12 21.05 22.54
N LEU K 16 25.99 20.80 23.84
CA LEU K 16 26.37 21.76 24.86
C LEU K 16 27.57 21.26 25.65
N ASN K 17 28.58 22.12 25.80
CA ASN K 17 29.73 21.86 26.65
C ASN K 17 30.45 20.58 26.24
N ALA K 18 31.03 20.60 25.05
CA ALA K 18 31.83 19.50 24.56
C ALA K 18 33.31 19.71 24.93
N GLN K 19 34.06 18.60 24.94
CA GLN K 19 35.51 18.71 25.12
C GLN K 19 36.14 19.52 24.01
N GLY K 20 35.73 19.27 22.77
CA GLY K 20 36.23 20.03 21.64
C GLY K 20 37.68 19.81 21.28
N GLY K 21 38.35 18.86 21.92
CA GLY K 21 39.74 18.59 21.62
C GLY K 21 39.96 17.22 21.01
N GLY K 22 40.92 16.48 21.53
CA GLY K 22 41.20 15.15 21.03
C GLY K 22 41.69 15.15 19.59
N GLY K 23 42.62 16.05 19.27
CA GLY K 23 43.18 16.14 17.94
C GLY K 23 42.66 17.37 17.20
N THR K 24 42.17 17.15 15.98
CA THR K 24 41.72 18.24 15.12
C THR K 24 40.24 18.18 14.79
N ASN K 25 39.63 17.00 14.80
CA ASN K 25 38.23 16.88 14.40
C ASN K 25 37.43 16.03 15.37
N TYR K 26 36.17 15.75 15.01
CA TYR K 26 35.26 14.96 15.83
C TYR K 26 35.08 15.59 17.22
N ILE K 27 34.46 16.77 17.21
CA ILE K 27 34.14 17.45 18.47
C ILE K 27 33.17 16.56 19.24
N GLU K 28 33.64 16.01 20.36
CA GLU K 28 32.90 15.02 21.12
C GLU K 28 32.50 15.59 22.48
N ILE K 29 31.25 15.34 22.88
CA ILE K 29 30.66 16.03 24.00
C ILE K 29 31.15 15.46 25.33
N THR K 30 31.02 16.26 26.38
CA THR K 30 31.45 15.86 27.72
C THR K 30 30.46 14.90 28.35
N LYS K 31 30.98 13.94 29.11
CA LYS K 31 30.17 12.95 29.79
C LYS K 31 30.70 12.75 31.21
N THR K 32 29.85 12.17 32.05
CA THR K 32 30.16 11.91 33.45
C THR K 32 29.58 10.56 33.86
N LYS K 33 30.12 10.02 34.94
CA LYS K 33 29.70 8.73 35.48
C LYS K 33 28.76 8.95 36.65
N VAL K 34 27.62 8.24 36.65
CA VAL K 34 26.64 8.35 37.73
C VAL K 34 26.23 6.95 38.19
N THR K 35 25.85 6.84 39.45
CA THR K 35 25.49 5.57 40.07
C THR K 35 23.98 5.41 40.11
N VAL K 36 23.50 4.25 39.69
CA VAL K 36 22.07 3.95 39.66
C VAL K 36 21.82 2.55 40.22
N ARG K 37 20.55 2.31 40.56
CA ARG K 37 20.13 1.07 41.22
C ARG K 37 20.01 -0.08 40.23
N THR K 38 19.11 0.07 39.25
CA THR K 38 18.84 -0.96 38.23
C THR K 38 18.47 -2.30 38.85
N GLU K 39 17.66 -2.24 39.91
CA GLU K 39 17.09 -3.41 40.61
C GLU K 39 18.13 -4.49 40.90
N ASN K 40 19.39 -4.12 41.00
CA ASN K 40 20.47 -5.04 41.36
C ASN K 40 21.53 -4.25 42.11
N GLY K 41 22.73 -4.81 42.21
CA GLY K 41 23.82 -4.06 42.81
C GLY K 41 24.06 -2.75 42.08
N TRP K 42 24.51 -1.75 42.84
CA TRP K 42 24.68 -0.41 42.29
C TRP K 42 25.63 -0.44 41.10
N THR K 43 25.22 0.19 40.00
CA THR K 43 26.01 0.17 38.77
C THR K 43 26.27 1.59 38.31
N VAL K 44 27.46 1.80 37.73
CA VAL K 44 27.88 3.10 37.26
C VAL K 44 27.66 3.17 35.75
N VAL K 45 27.07 4.26 35.29
CA VAL K 45 26.72 4.44 33.88
C VAL K 45 27.29 5.77 33.40
N GLU K 46 27.52 5.81 32.08
CA GLU K 46 28.28 6.86 31.42
C GLU K 46 27.33 7.70 30.58
N VAL K 47 27.05 8.93 31.04
CA VAL K 47 25.96 9.71 30.47
C VAL K 47 26.40 11.14 30.15
N PRO K 48 25.79 11.80 29.17
CA PRO K 48 26.14 13.20 28.89
C PRO K 48 25.79 14.12 30.04
N ALA K 49 26.55 15.21 30.17
CA ALA K 49 26.35 16.15 31.26
C ALA K 49 26.87 17.52 30.85
N ILE K 50 26.45 18.54 31.61
CA ILE K 50 26.92 19.90 31.44
C ILE K 50 27.56 20.35 32.75
N THR K 51 28.79 20.86 32.66
CA THR K 51 29.49 21.29 33.86
C THR K 51 28.84 22.55 34.45
N GLY K 52 28.90 22.65 35.78
CA GLY K 52 28.34 23.81 36.46
C GLY K 52 29.07 25.10 36.17
N ASN K 53 30.32 25.02 35.70
CA ASN K 53 31.05 26.22 35.32
C ASN K 53 30.35 26.96 34.20
N MET K 54 29.84 26.23 33.22
CA MET K 54 29.11 26.86 32.11
C MET K 54 27.85 27.56 32.61
N LEU K 55 27.13 26.91 33.53
CA LEU K 55 25.94 27.53 34.12
C LEU K 55 26.31 28.80 34.88
N LYS K 56 27.40 28.76 35.63
CA LYS K 56 27.84 29.94 36.36
C LYS K 56 28.19 31.08 35.41
N HIS K 57 28.90 30.76 34.32
CA HIS K 57 29.25 31.78 33.35
C HIS K 57 28.00 32.38 32.70
N TRP K 58 27.03 31.54 32.36
CA TRP K 58 25.82 32.05 31.72
C TRP K 58 24.99 32.87 32.72
N HIS K 59 25.01 32.50 34.00
CA HIS K 59 24.34 33.31 35.00
C HIS K 59 25.02 34.67 35.13
N PHE K 60 26.36 34.70 35.07
CA PHE K 60 27.07 35.98 35.07
C PHE K 60 26.68 36.82 33.85
N VAL K 61 26.58 36.19 32.69
CA VAL K 61 26.20 36.91 31.47
C VAL K 61 24.81 37.49 31.61
N GLY K 62 23.86 36.69 32.11
CA GLY K 62 22.51 37.19 32.30
C GLY K 62 22.43 38.31 33.32
N PHE K 63 23.20 38.19 34.41
CA PHE K 63 23.23 39.24 35.42
C PHE K 63 23.75 40.54 34.83
N VAL K 64 24.83 40.47 34.05
CA VAL K 64 25.34 41.68 33.40
C VAL K 64 24.30 42.25 32.44
N ASP K 65 23.65 41.38 31.67
CA ASP K 65 22.67 41.84 30.69
C ASP K 65 21.52 42.56 31.36
N TYR K 66 21.03 42.04 32.48
CA TYR K 66 19.92 42.68 33.18
C TYR K 66 20.39 43.79 34.12
N PHE K 67 21.70 43.95 34.32
CA PHE K 67 22.20 45.01 35.18
C PHE K 67 22.68 46.24 34.44
N LYS K 68 23.00 46.13 33.14
CA LYS K 68 23.39 47.32 32.40
C LYS K 68 22.26 48.34 32.34
N THR K 69 21.03 47.87 32.15
CA THR K 69 19.89 48.79 32.05
C THR K 69 19.63 49.54 33.35
N THR K 70 20.09 49.04 34.49
CA THR K 70 19.88 49.71 35.75
C THR K 70 20.71 51.00 35.79
N PRO K 71 20.24 52.01 36.54
CA PRO K 71 21.02 53.25 36.67
C PRO K 71 22.39 53.04 37.30
N TYR K 72 22.56 52.00 38.10
CA TYR K 72 23.85 51.68 38.72
C TYR K 72 24.74 50.85 37.82
N GLY K 73 24.48 50.83 36.50
CA GLY K 73 25.25 50.02 35.59
C GLY K 73 26.65 50.52 35.33
N VAL K 74 26.96 51.76 35.70
CA VAL K 74 28.32 52.28 35.50
C VAL K 74 29.31 51.55 36.40
N ASN K 75 28.87 51.17 37.61
CA ASN K 75 29.74 50.45 38.55
C ASN K 75 29.87 48.99 38.11
N LEU K 76 30.62 48.79 37.04
CA LEU K 76 30.80 47.46 36.47
C LEU K 76 32.18 47.37 35.84
N THR K 77 32.75 46.17 35.84
CA THR K 77 34.05 45.95 35.25
C THR K 77 33.99 46.09 33.74
N GLU K 78 35.09 46.58 33.16
CA GLU K 78 35.18 46.68 31.70
C GLU K 78 35.10 45.31 31.04
N ARG K 79 35.77 44.31 31.62
CA ARG K 79 35.71 42.97 31.06
C ARG K 79 34.31 42.39 31.12
N ALA K 80 33.50 42.79 32.10
CA ALA K 80 32.14 42.29 32.19
C ALA K 80 31.31 42.73 31.00
N LEU K 81 31.54 43.93 30.49
CA LEU K 81 30.84 44.40 29.31
C LEU K 81 31.14 43.52 28.10
N ARG K 82 32.31 42.89 28.08
CA ARG K 82 32.68 41.96 27.02
C ARG K 82 32.31 40.52 27.35
N TYR K 83 31.61 40.29 28.46
CA TYR K 83 31.29 38.94 28.93
C TYR K 83 32.57 38.12 29.14
N ASN K 84 33.58 38.75 29.73
CA ASN K 84 34.86 38.12 29.98
C ASN K 84 34.92 37.66 31.43
N GLY K 85 35.14 36.36 31.63
CA GLY K 85 35.19 35.79 32.96
C GLY K 85 36.52 35.87 33.66
N THR K 86 37.54 36.46 33.03
CA THR K 86 38.87 36.55 33.61
C THR K 86 38.88 37.63 34.69
N ARG K 87 38.36 37.27 35.86
CA ARG K 87 38.26 38.20 36.98
C ARG K 87 39.61 38.26 37.70
N PHE K 88 40.37 39.31 37.42
CA PHE K 88 41.62 39.61 38.10
C PHE K 88 42.62 38.45 37.96
N GLY K 89 43.03 38.25 36.71
CA GLY K 89 43.99 37.21 36.38
C GLY K 89 45.39 37.46 36.91
N GLN K 90 46.37 36.75 36.34
CA GLN K 90 47.73 36.84 36.84
C GLN K 90 48.38 38.16 36.45
N GLY K 91 49.19 38.70 37.36
CA GLY K 91 49.98 39.87 37.07
C GLY K 91 49.37 41.20 37.48
N GLU K 92 48.20 41.54 36.92
CA GLU K 92 47.64 42.87 37.13
C GLU K 92 47.20 43.04 38.58
N THR K 93 47.31 44.27 39.06
CA THR K 93 46.84 44.65 40.39
C THR K 93 45.74 45.70 40.35
N THR K 94 45.29 46.11 39.17
CA THR K 94 44.23 47.10 39.03
C THR K 94 43.27 46.65 37.95
N ALA K 95 42.05 47.18 38.01
CA ALA K 95 41.00 46.85 37.06
C ALA K 95 40.43 48.14 36.46
N THR K 96 39.82 47.99 35.29
CA THR K 96 39.27 49.11 34.55
C THR K 96 37.75 49.11 34.68
N LYS K 97 37.18 50.27 35.01
CA LYS K 97 35.74 50.41 35.13
C LYS K 97 35.10 50.49 33.76
N ALA K 98 33.76 50.55 33.74
CA ALA K 98 33.04 50.64 32.47
C ALA K 98 33.22 52.00 31.82
N ASN K 99 33.39 53.06 32.61
CA ASN K 99 33.56 54.40 32.08
C ASN K 99 35.01 54.77 31.83
N GLY K 100 35.94 53.84 32.05
CA GLY K 100 37.36 54.10 31.86
C GLY K 100 38.14 54.35 33.12
N ALA K 101 37.46 54.51 34.26
CA ALA K 101 38.15 54.71 35.52
C ALA K 101 38.89 53.45 35.95
N THR K 102 39.84 53.62 36.85
CA THR K 102 40.66 52.52 37.36
C THR K 102 40.39 52.31 38.84
N VAL K 103 40.50 51.06 39.26
CA VAL K 103 40.31 50.68 40.67
C VAL K 103 41.47 49.78 41.08
N GLN K 104 41.98 50.02 42.29
CA GLN K 104 43.12 49.28 42.81
C GLN K 104 42.62 48.12 43.67
N LEU K 105 43.15 46.93 43.41
CA LEU K 105 42.75 45.73 44.13
C LEU K 105 43.55 45.63 45.42
N ASN K 106 43.16 46.43 46.41
CA ASN K 106 43.81 46.45 47.71
C ASN K 106 42.88 45.97 48.82
N ASP K 107 41.67 46.52 48.90
CA ASP K 107 40.71 46.15 49.93
C ASP K 107 39.43 45.66 49.29
N GLU K 108 38.79 44.67 49.93
CA GLU K 108 37.58 44.09 49.38
C GLU K 108 36.43 45.10 49.34
N ALA K 109 36.41 46.04 50.29
CA ALA K 109 35.29 46.98 50.37
C ALA K 109 35.18 47.82 49.10
N THR K 110 36.29 48.42 48.67
CA THR K 110 36.26 49.24 47.46
C THR K 110 35.93 48.40 46.23
N ILE K 111 36.48 47.19 46.16
CA ILE K 111 36.24 46.33 45.01
C ILE K 111 34.76 45.99 44.88
N ILE K 112 34.12 45.61 45.99
CA ILE K 112 32.70 45.28 45.93
C ILE K 112 31.84 46.53 45.80
N LYS K 113 32.33 47.69 46.23
CA LYS K 113 31.55 48.91 46.09
C LYS K 113 31.53 49.42 44.66
N GLU K 114 32.67 49.39 43.97
CA GLU K 114 32.75 49.95 42.64
C GLU K 114 32.55 48.93 41.53
N LEU K 115 32.72 47.65 41.80
CA LEU K 115 32.57 46.59 40.81
C LEU K 115 31.44 45.68 41.24
N ALA K 116 30.47 45.45 40.34
CA ALA K 116 29.30 44.66 40.67
C ALA K 116 29.48 43.18 40.38
N ASP K 117 30.15 42.83 39.27
CA ASP K 117 30.33 41.43 38.94
C ASP K 117 31.16 40.70 39.99
N ALA K 118 32.22 41.35 40.48
CA ALA K 118 33.04 40.76 41.52
C ALA K 118 32.30 40.66 42.85
N ASP K 119 31.19 41.38 43.00
CA ASP K 119 30.40 41.31 44.22
C ASP K 119 29.56 40.04 44.27
N VAL K 120 28.71 39.84 43.26
CA VAL K 120 27.81 38.70 43.25
C VAL K 120 28.59 37.40 43.02
N HIS K 121 29.51 37.41 42.07
CA HIS K 121 30.21 36.20 41.65
C HIS K 121 31.56 36.02 42.32
N GLY K 122 31.93 36.89 43.25
CA GLY K 122 33.21 36.77 43.92
C GLY K 122 34.36 37.04 42.96
N PHE K 123 35.58 36.90 43.51
CA PHE K 123 36.78 37.15 42.71
C PHE K 123 38.02 36.61 43.40
N LEU K 124 39.11 36.49 42.64
CA LEU K 124 40.40 36.09 43.17
C LEU K 124 41.48 36.98 42.56
N ALA K 125 42.27 37.62 43.42
CA ALA K 125 43.41 38.42 42.98
C ALA K 125 44.68 37.79 43.51
N PRO K 126 45.39 36.99 42.72
CA PRO K 126 46.59 36.31 43.25
C PRO K 126 47.69 37.27 43.69
N LYS K 127 47.87 38.39 42.99
CA LYS K 127 48.93 39.32 43.31
C LYS K 127 48.75 39.88 44.72
N THR K 128 47.65 40.60 44.95
CA THR K 128 47.32 41.05 46.28
C THR K 128 46.83 39.90 47.15
N GLY K 129 46.36 38.82 46.54
CA GLY K 129 45.86 37.68 47.26
C GLY K 129 44.43 37.82 47.75
N ARG K 130 43.66 38.75 47.20
CA ARG K 130 42.31 38.98 47.69
C ARG K 130 41.38 37.85 47.25
N ARG K 131 40.42 37.53 48.11
CA ARG K 131 39.49 36.43 47.86
C ARG K 131 38.07 36.87 48.17
N ARG K 132 37.13 36.41 47.35
CA ARG K 132 35.71 36.59 47.64
C ARG K 132 34.94 35.43 47.05
N VAL K 133 34.25 34.69 47.91
CA VAL K 133 33.50 33.51 47.50
C VAL K 133 32.26 33.95 46.72
N SER K 134 31.99 33.28 45.60
CA SER K 134 30.82 33.59 44.81
C SER K 134 29.55 33.33 45.61
N LEU K 135 28.55 34.18 45.40
CA LEU K 135 27.28 34.05 46.09
C LEU K 135 26.29 33.18 45.35
N VAL K 136 26.65 32.67 44.17
CA VAL K 136 25.80 31.80 43.36
C VAL K 136 26.54 30.49 43.14
N LYS K 137 25.83 29.38 43.32
CA LYS K 137 26.41 28.06 43.11
C LYS K 137 25.46 27.23 42.25
N ALA K 138 26.02 26.38 41.39
CA ALA K 138 25.24 25.57 40.48
C ALA K 138 25.79 24.15 40.45
N SER K 139 24.91 23.21 40.14
CA SER K 139 25.26 21.81 40.02
C SER K 139 25.32 21.40 38.55
N PHE K 140 25.75 20.17 38.31
CA PHE K 140 25.83 19.66 36.95
C PHE K 140 24.43 19.39 36.40
N ILE K 141 24.34 19.39 35.06
CA ILE K 141 23.09 19.07 34.37
C ILE K 141 23.17 17.59 34.02
N LEU K 142 22.68 16.75 34.93
CA LEU K 142 22.70 15.32 34.73
C LEU K 142 21.31 14.80 34.36
N PRO K 143 21.23 13.80 33.48
CA PRO K 143 19.93 13.18 33.23
C PRO K 143 19.41 12.46 34.46
N THR K 144 18.10 12.51 34.64
CA THR K 144 17.48 11.94 35.84
C THR K 144 17.63 10.42 35.86
N GLU K 145 17.70 9.87 37.07
CA GLU K 145 18.07 8.46 37.25
C GLU K 145 17.03 7.53 36.64
N ASP K 146 15.74 7.83 36.83
CA ASP K 146 14.71 6.94 36.32
C ASP K 146 14.74 6.88 34.80
N PHE K 147 15.01 8.00 34.14
CA PHE K 147 15.12 8.00 32.69
C PHE K 147 16.28 7.12 32.23
N ILE K 148 17.42 7.21 32.91
CA ILE K 148 18.57 6.37 32.55
C ILE K 148 18.23 4.90 32.75
N LYS K 149 17.56 4.58 33.86
CA LYS K 149 17.18 3.19 34.11
C LYS K 149 16.21 2.68 33.05
N GLU K 150 15.29 3.53 32.60
CA GLU K 150 14.27 3.10 31.66
C GLU K 150 14.80 2.97 30.24
N VAL K 151 15.75 3.81 29.84
CA VAL K 151 16.26 3.75 28.47
C VAL K 151 17.29 2.65 28.25
N GLU K 152 17.74 1.99 29.32
CA GLU K 152 18.70 0.88 29.27
C GLU K 152 19.93 1.19 28.40
N GLY K 153 20.27 2.47 28.30
CA GLY K 153 21.53 2.87 27.70
C GLY K 153 21.67 2.70 26.20
N GLU K 154 20.95 3.50 25.41
CA GLU K 154 21.21 3.60 23.97
C GLU K 154 22.31 4.61 23.65
N ARG K 155 23.15 4.92 24.62
CA ARG K 155 24.30 5.83 24.51
C ARG K 155 23.85 7.29 24.43
N LEU K 156 22.55 7.51 24.25
CA LEU K 156 21.91 8.83 24.38
C LEU K 156 22.65 9.92 23.59
N ILE K 157 23.39 9.53 22.56
CA ILE K 157 24.16 10.48 21.76
C ILE K 157 24.02 10.12 20.29
N THR K 158 24.18 11.13 19.43
CA THR K 158 24.25 10.93 18.00
C THR K 158 25.38 11.77 17.45
N ALA K 159 26.00 11.29 16.38
CA ALA K 159 27.11 11.98 15.73
C ALA K 159 26.66 12.47 14.37
N ILE K 160 26.76 13.78 14.15
CA ILE K 160 26.38 14.40 12.89
C ILE K 160 27.62 15.06 12.31
N LYS K 161 27.98 14.67 11.09
CA LYS K 161 29.15 15.20 10.41
C LYS K 161 28.72 16.14 9.30
N HIS K 162 29.41 17.27 9.20
CA HIS K 162 29.12 18.24 8.14
C HIS K 162 30.41 18.95 7.76
N ASN K 163 30.38 19.61 6.62
CA ASN K 163 31.57 20.13 5.97
C ASN K 163 31.50 21.64 5.81
N ARG K 164 32.65 22.21 5.44
CA ARG K 164 32.76 23.59 5.01
C ARG K 164 32.82 23.64 3.49
N VAL K 165 32.24 24.70 2.92
CA VAL K 165 32.10 24.79 1.47
C VAL K 165 33.03 25.88 0.97
N ASP K 166 34.17 26.05 1.67
CA ASP K 166 35.19 26.99 1.21
C ASP K 166 35.65 26.62 -0.19
N VAL K 167 35.39 27.51 -1.13
CA VAL K 167 35.75 27.30 -2.53
C VAL K 167 36.52 28.51 -3.03
N ASP K 168 37.37 28.28 -4.03
CA ASP K 168 38.19 29.35 -4.57
C ASP K 168 37.33 30.35 -5.35
N GLU K 169 37.90 31.53 -5.58
CA GLU K 169 37.18 32.55 -6.33
C GLU K 169 36.92 32.12 -7.77
N LYS K 170 37.77 31.25 -8.32
CA LYS K 170 37.56 30.76 -9.67
C LYS K 170 36.40 29.76 -9.75
N GLY K 171 35.92 29.27 -8.62
CA GLY K 171 34.82 28.33 -8.59
C GLY K 171 35.22 26.87 -8.53
N ALA K 172 36.49 26.56 -8.30
CA ALA K 172 36.97 25.20 -8.24
C ALA K 172 37.44 24.86 -6.82
N ILE K 173 37.16 23.63 -6.39
CA ILE K 173 37.60 23.16 -5.09
C ILE K 173 39.03 22.66 -5.20
N GLY K 174 39.98 23.54 -4.85
CA GLY K 174 41.38 23.18 -4.97
C GLY K 174 41.81 22.16 -3.94
N SER K 175 42.99 21.58 -4.17
CA SER K 175 43.55 20.59 -3.28
C SER K 175 44.27 21.29 -2.13
N SER K 176 45.02 20.52 -1.33
CA SER K 176 45.74 21.08 -0.20
C SER K 176 46.83 22.05 -0.67
N LYS K 177 47.51 21.72 -1.77
CA LYS K 177 48.56 22.60 -2.29
C LYS K 177 48.00 23.95 -2.70
N GLU K 178 46.85 23.95 -3.39
CA GLU K 178 46.23 25.21 -3.80
C GLU K 178 45.76 26.01 -2.59
N GLY K 179 45.20 25.34 -1.60
CA GLY K 179 44.68 26.01 -0.42
C GLY K 179 43.17 26.05 -0.40
N THR K 180 42.55 25.14 0.35
CA THR K 180 41.11 25.04 0.41
C THR K 180 40.70 24.42 1.74
N ALA K 181 39.74 25.04 2.43
CA ALA K 181 39.26 24.55 3.71
C ALA K 181 38.05 23.65 3.58
N GLN K 182 37.88 22.97 2.44
CA GLN K 182 36.78 22.02 2.27
C GLN K 182 37.10 20.79 3.09
N MET K 183 36.59 20.74 4.32
CA MET K 183 36.93 19.70 5.27
C MET K 183 35.68 19.30 6.06
N LEU K 184 35.70 18.06 6.54
CA LEU K 184 34.58 17.50 7.29
C LEU K 184 34.90 17.53 8.78
N PHE K 185 33.87 17.78 9.59
CA PHE K 185 34.02 17.67 11.04
C PHE K 185 32.68 17.24 11.63
N SER K 186 32.76 16.56 12.76
CA SER K 186 31.60 15.94 13.37
C SER K 186 31.31 16.55 14.74
N ARG K 187 30.04 16.56 15.10
CA ARG K 187 29.58 17.07 16.39
C ARG K 187 28.65 16.05 17.02
N GLU K 188 28.70 15.96 18.35
CA GLU K 188 27.89 15.03 19.11
C GLU K 188 26.73 15.77 19.76
N TYR K 189 25.51 15.29 19.49
CA TYR K 189 24.30 15.89 20.03
C TYR K 189 23.64 14.88 20.97
N ALA K 190 23.24 15.36 22.15
CA ALA K 190 22.62 14.52 23.16
C ALA K 190 21.16 14.90 23.34
N THR K 191 20.45 14.08 24.11
CA THR K 191 19.02 14.26 24.34
C THR K 191 18.66 13.61 25.66
N GLY K 192 17.47 13.95 26.16
CA GLY K 192 16.96 13.33 27.36
C GLY K 192 16.38 14.29 28.38
N LEU K 193 15.91 13.75 29.50
CA LEU K 193 15.33 14.55 30.58
C LEU K 193 16.41 14.76 31.64
N TYR K 194 16.75 16.01 31.88
CA TYR K 194 17.82 16.37 32.81
C TYR K 194 17.27 17.07 34.04
N GLY K 195 18.02 16.96 35.14
CA GLY K 195 17.69 17.63 36.38
C GLY K 195 18.74 18.68 36.70
N PHE K 196 18.35 19.68 37.48
CA PHE K 196 19.23 20.79 37.80
C PHE K 196 18.93 21.31 39.19
N SER K 197 19.91 21.98 39.79
CA SER K 197 19.75 22.61 41.09
C SER K 197 20.73 23.77 41.19
N ILE K 198 20.21 24.96 41.47
CA ILE K 198 21.01 26.17 41.60
C ILE K 198 20.62 26.88 42.89
N VAL K 199 21.62 27.35 43.63
CA VAL K 199 21.40 28.01 44.92
C VAL K 199 22.00 29.41 44.86
N LEU K 200 21.24 30.37 45.37
CA LEU K 200 21.67 31.76 45.44
C LEU K 200 21.70 32.21 46.89
N ASP K 201 22.59 33.16 47.19
CA ASP K 201 22.80 33.68 48.53
C ASP K 201 22.82 35.20 48.53
N LEU K 202 21.81 35.80 47.90
CA LEU K 202 21.74 37.25 47.76
C LEU K 202 21.60 38.00 49.09
N GLY K 203 21.58 37.30 50.23
CA GLY K 203 21.53 37.98 51.50
C GLY K 203 22.84 38.60 51.95
N LEU K 204 23.94 38.30 51.26
CA LEU K 204 25.25 38.78 51.63
C LEU K 204 25.83 39.75 50.59
N VAL K 205 25.03 40.12 49.58
CA VAL K 205 25.54 41.01 48.53
C VAL K 205 25.79 42.39 49.11
N GLY K 206 26.87 43.03 48.65
CA GLY K 206 27.22 44.34 49.14
C GLY K 206 27.85 44.35 50.53
N ILE K 207 28.13 43.19 51.09
CA ILE K 207 28.70 43.06 52.43
C ILE K 207 30.10 42.46 52.28
N PRO K 208 31.15 43.16 52.71
CA PRO K 208 32.50 42.57 52.63
C PRO K 208 32.60 41.32 53.49
N GLN K 209 33.38 40.35 52.99
CA GLN K 209 33.55 39.10 53.72
C GLN K 209 34.31 39.30 55.02
N GLY K 210 35.30 40.19 55.02
CA GLY K 210 36.13 40.37 56.21
C GLY K 210 35.38 40.91 57.40
N LEU K 211 34.55 41.94 57.17
CA LEU K 211 33.84 42.63 58.24
C LEU K 211 32.35 42.67 57.91
N PRO K 212 31.63 41.57 58.13
CA PRO K 212 30.18 41.57 57.89
C PRO K 212 29.42 42.55 58.77
N VAL K 213 29.90 42.81 59.99
CA VAL K 213 29.20 43.67 60.94
C VAL K 213 30.16 44.74 61.43
N LYS K 214 29.57 45.82 61.97
CA LYS K 214 30.32 46.97 62.44
C LYS K 214 30.13 47.28 63.92
N PHE K 215 28.95 47.03 64.47
CA PHE K 215 28.69 47.14 65.91
C PHE K 215 28.96 48.55 66.43
N GLU K 216 28.15 49.49 65.93
CA GLU K 216 28.18 50.85 66.49
C GLU K 216 27.34 50.93 67.75
N GLU K 217 26.05 50.61 67.65
CA GLU K 217 25.12 50.69 68.77
C GLU K 217 24.93 49.35 69.47
N ASN K 218 25.91 48.45 69.39
CA ASN K 218 25.92 47.17 70.10
C ASN K 218 24.86 46.21 69.59
N GLN K 219 24.56 46.27 68.29
CA GLN K 219 23.79 45.23 67.63
C GLN K 219 24.46 44.87 66.31
N PRO K 220 24.32 43.61 65.88
CA PRO K 220 25.00 43.18 64.64
C PRO K 220 24.40 43.80 63.39
N ARG K 221 24.68 45.07 63.15
CA ARG K 221 24.21 45.73 61.95
C ARG K 221 25.06 45.29 60.76
N PRO K 222 24.47 44.78 59.69
CA PRO K 222 25.27 44.38 58.53
C PRO K 222 26.02 45.56 57.93
N ASN K 223 27.25 45.29 57.48
CA ASN K 223 28.13 46.33 56.94
C ASN K 223 27.81 46.54 55.46
N ILE K 224 26.78 47.35 55.21
CA ILE K 224 26.37 47.67 53.85
C ILE K 224 27.28 48.78 53.35
N VAL K 225 28.18 48.45 52.41
CA VAL K 225 29.13 49.44 51.91
C VAL K 225 28.50 50.35 50.86
N ILE K 226 27.43 49.91 50.19
CA ILE K 226 26.79 50.69 49.14
C ILE K 226 25.42 51.14 49.63
N ASP K 227 24.78 51.98 48.82
CA ASP K 227 23.45 52.46 49.15
C ASP K 227 22.45 51.31 49.07
N PRO K 228 21.39 51.35 49.88
CA PRO K 228 20.38 50.29 49.82
C PRO K 228 19.72 50.16 48.46
N ASN K 229 19.55 51.26 47.74
CA ASN K 229 18.96 51.19 46.41
C ASN K 229 19.85 50.41 45.45
N GLU K 230 21.16 50.63 45.52
CA GLU K 230 22.09 49.88 44.67
C GLU K 230 22.07 48.40 45.01
N ARG K 231 22.01 48.07 46.31
CA ARG K 231 21.93 46.67 46.71
C ARG K 231 20.64 46.03 46.20
N LYS K 232 19.53 46.75 46.29
CA LYS K 232 18.26 46.21 45.79
C LYS K 232 18.32 46.02 44.27
N ALA K 233 18.94 46.95 43.56
CA ALA K 233 19.08 46.80 42.11
C ALA K 233 19.94 45.60 41.77
N ARG K 234 21.02 45.39 42.51
CA ARG K 234 21.88 44.23 42.28
C ARG K 234 21.12 42.94 42.54
N ILE K 235 20.32 42.90 43.62
CA ILE K 235 19.56 41.69 43.94
C ILE K 235 18.54 41.41 42.86
N GLU K 236 17.81 42.45 42.41
CA GLU K 236 16.77 42.21 41.40
C GLU K 236 17.38 41.82 40.06
N SER K 237 18.56 42.38 39.72
CA SER K 237 19.23 41.96 38.50
C SER K 237 19.69 40.51 38.60
N ALA K 238 20.24 40.11 39.74
CA ALA K 238 20.66 38.73 39.92
C ALA K 238 19.48 37.78 39.82
N LEU K 239 18.33 38.17 40.39
CA LEU K 239 17.14 37.33 40.27
C LEU K 239 16.65 37.26 38.83
N LYS K 240 16.55 38.41 38.16
CA LYS K 240 16.05 38.46 36.79
C LYS K 240 16.98 37.76 35.81
N ALA K 241 18.24 37.52 36.21
CA ALA K 241 19.14 36.74 35.37
C ALA K 241 18.61 35.33 35.13
N LEU K 242 17.69 34.85 35.96
CA LEU K 242 17.10 33.53 35.77
C LEU K 242 16.09 33.50 34.63
N ILE K 243 15.61 34.66 34.17
CA ILE K 243 14.65 34.66 33.07
C ILE K 243 15.24 34.10 31.79
N PRO K 244 16.42 34.53 31.32
CA PRO K 244 17.02 33.85 30.16
C PRO K 244 17.67 32.53 30.52
N MET K 245 17.77 32.20 31.81
CA MET K 245 18.41 30.96 32.22
C MET K 245 17.67 29.75 31.66
N LEU K 246 16.43 29.56 32.08
CA LEU K 246 15.65 28.41 31.63
C LEU K 246 14.88 28.75 30.35
N SER K 247 15.59 29.28 29.35
CA SER K 247 14.96 29.61 28.08
C SER K 247 15.76 29.15 26.86
N GLY K 248 17.01 28.73 27.02
CA GLY K 248 17.82 28.34 25.88
C GLY K 248 19.16 29.03 25.83
N TYR K 249 19.61 29.54 26.97
CA TYR K 249 20.84 30.31 27.06
C TYR K 249 21.75 29.74 28.13
N ILE K 250 21.95 28.42 28.15
CA ILE K 250 22.84 27.81 29.13
C ILE K 250 23.84 26.91 28.43
N GLY K 251 23.84 26.94 27.10
CA GLY K 251 24.66 26.03 26.32
C GLY K 251 25.50 26.75 25.29
N ALA K 252 26.41 26.00 24.68
CA ALA K 252 27.26 26.50 23.62
C ALA K 252 26.68 26.11 22.27
N ASN K 253 27.34 26.58 21.20
CA ASN K 253 26.91 26.32 19.82
C ASN K 253 25.48 26.80 19.60
N LEU K 254 25.13 27.93 20.21
CA LEU K 254 23.79 28.49 20.04
C LEU K 254 23.52 28.93 18.61
N ALA K 255 24.57 29.28 17.86
CA ALA K 255 24.39 29.69 16.48
C ALA K 255 24.01 28.54 15.57
N ARG K 256 24.25 27.30 15.98
CA ARG K 256 23.95 26.13 15.16
C ARG K 256 23.08 25.09 15.83
N SER K 257 23.00 25.06 17.16
CA SER K 257 22.22 24.06 17.87
C SER K 257 21.00 24.66 18.55
N PHE K 258 21.20 25.65 19.44
CA PHE K 258 20.11 26.27 20.20
C PHE K 258 19.27 25.22 20.89
N PRO K 259 19.74 24.65 22.00
CA PRO K 259 19.04 23.51 22.61
C PRO K 259 17.59 23.84 22.94
N VAL K 260 16.73 22.85 22.71
CA VAL K 260 15.30 23.01 22.87
C VAL K 260 14.92 22.67 24.31
N PHE K 261 14.32 23.63 25.01
CA PHE K 261 14.00 23.49 26.42
C PHE K 261 12.50 23.51 26.67
N LYS K 262 12.09 22.75 27.69
CA LYS K 262 10.76 22.89 28.26
C LYS K 262 10.84 22.40 29.70
N VAL K 263 10.80 23.31 30.66
CA VAL K 263 10.88 22.94 32.06
C VAL K 263 9.61 22.18 32.44
N GLU K 264 9.75 20.89 32.72
CA GLU K 264 8.60 20.05 33.01
C GLU K 264 8.06 20.23 34.42
N GLU K 265 8.91 20.51 35.39
CA GLU K 265 8.49 20.68 36.78
C GLU K 265 9.65 21.24 37.57
N LEU K 266 9.33 21.98 38.64
CA LEU K 266 10.37 22.47 39.54
C LEU K 266 9.76 22.99 40.82
N VAL K 267 10.63 23.20 41.82
CA VAL K 267 10.26 23.73 43.12
C VAL K 267 11.30 24.75 43.55
N ALA K 268 10.84 25.86 44.11
CA ALA K 268 11.72 26.90 44.62
C ALA K 268 11.29 27.28 46.04
N ILE K 269 12.28 27.58 46.86
CA ILE K 269 12.04 27.96 48.26
C ILE K 269 12.83 29.23 48.56
N ALA K 270 12.19 30.15 49.29
CA ALA K 270 12.82 31.41 49.68
C ALA K 270 12.44 31.72 51.12
N SER K 271 13.46 31.91 51.98
CA SER K 271 13.19 32.14 53.39
C SER K 271 14.07 33.23 54.01
N GLU K 272 14.78 34.02 53.20
CA GLU K 272 15.63 35.13 53.63
C GLU K 272 16.46 34.79 54.87
N GLY K 273 16.95 33.55 54.96
CA GLY K 273 17.74 33.12 56.08
C GLY K 273 18.54 31.87 55.75
N PRO K 274 19.30 31.36 56.72
CA PRO K 274 20.06 30.13 56.50
C PRO K 274 19.15 28.95 56.23
N ILE K 275 19.20 28.42 55.01
CA ILE K 275 18.29 27.36 54.58
C ILE K 275 19.08 26.23 53.93
N PRO K 276 18.82 24.98 54.29
CA PRO K 276 19.52 23.87 53.64
C PRO K 276 19.14 23.76 52.17
N ALA K 277 20.09 23.28 51.37
CA ALA K 277 19.86 23.12 49.94
C ALA K 277 18.84 22.02 49.67
N LEU K 278 18.07 22.21 48.60
CA LEU K 278 17.06 21.23 48.21
C LEU K 278 17.73 20.01 47.57
N VAL K 279 16.94 18.95 47.42
CA VAL K 279 17.41 17.72 46.78
C VAL K 279 17.45 17.94 45.27
N HIS K 280 18.57 17.55 44.66
CA HIS K 280 18.72 17.69 43.23
C HIS K 280 17.70 16.83 42.50
N GLY K 281 17.23 17.34 41.35
CA GLY K 281 16.22 16.67 40.57
C GLY K 281 16.68 15.41 39.87
N PHE K 282 17.98 15.09 39.93
CA PHE K 282 18.47 13.88 39.28
C PHE K 282 17.84 12.63 39.88
N TYR K 283 17.69 12.60 41.20
CA TYR K 283 17.07 11.46 41.85
C TYR K 283 15.59 11.40 41.54
N GLU K 284 15.06 10.17 41.38
CA GLU K 284 13.68 10.00 40.95
C GLU K 284 12.69 10.29 42.07
N ASP K 285 13.10 10.18 43.34
CA ASP K 285 12.20 10.36 44.47
C ASP K 285 12.44 11.70 45.16
N TYR K 286 12.85 12.72 44.42
CA TYR K 286 13.15 14.01 45.03
C TYR K 286 11.90 14.81 45.40
N ILE K 287 10.75 14.49 44.81
CA ILE K 287 9.53 15.25 45.10
C ILE K 287 9.16 15.08 46.57
N GLU K 288 9.10 13.82 47.03
CA GLU K 288 8.74 13.56 48.42
C GLU K 288 9.79 14.08 49.37
N ALA K 289 11.07 13.97 49.00
CA ALA K 289 12.14 14.48 49.84
C ALA K 289 12.00 15.99 50.05
N ASN K 290 11.78 16.74 48.97
CA ASN K 290 11.61 18.18 49.10
C ASN K 290 10.33 18.53 49.86
N ARG K 291 9.26 17.74 49.65
CA ARG K 291 8.03 18.00 50.39
C ARG K 291 8.25 17.84 51.89
N SER K 292 8.92 16.77 52.30
CA SER K 292 9.22 16.58 53.71
C SER K 292 10.14 17.68 54.21
N ILE K 293 11.13 18.07 53.41
CA ILE K 293 12.06 19.12 53.82
C ILE K 293 11.32 20.41 54.10
N ILE K 294 10.47 20.85 53.17
CA ILE K 294 9.79 22.12 53.35
C ILE K 294 8.79 22.05 54.49
N LYS K 295 8.03 20.95 54.61
CA LYS K 295 7.01 20.88 55.64
C LYS K 295 7.64 20.85 57.04
N ASN K 296 8.68 20.03 57.24
CA ASN K 296 9.27 19.98 58.57
C ASN K 296 10.19 21.16 58.86
N ALA K 297 10.69 21.86 57.83
CA ALA K 297 11.40 23.10 58.09
C ALA K 297 10.44 24.21 58.49
N ARG K 298 9.26 24.25 57.88
CA ARG K 298 8.23 25.17 58.34
C ARG K 298 7.79 24.84 59.77
N ALA K 299 7.65 23.55 60.07
CA ALA K 299 7.29 23.14 61.42
C ALA K 299 8.40 23.43 62.42
N LEU K 300 9.66 23.45 61.97
CA LEU K 300 10.77 23.68 62.87
C LEU K 300 10.79 25.12 63.39
N GLY K 301 10.27 26.06 62.59
CA GLY K 301 10.24 27.44 63.02
C GLY K 301 10.91 28.41 62.06
N PHE K 302 11.00 28.03 60.79
CA PHE K 302 11.54 28.90 59.76
C PHE K 302 10.43 29.29 58.79
N ASN K 303 10.47 30.53 58.32
CA ASN K 303 9.44 31.09 57.44
C ASN K 303 9.90 30.89 55.99
N ILE K 304 9.51 29.75 55.42
CA ILE K 304 9.87 29.41 54.04
C ILE K 304 8.66 29.63 53.14
N GLU K 305 8.86 30.30 52.03
CA GLU K 305 7.86 30.46 50.99
C GLU K 305 8.21 29.52 49.84
N VAL K 306 7.25 28.68 49.43
CA VAL K 306 7.47 27.61 48.48
C VAL K 306 6.63 27.88 47.24
N PHE K 307 7.27 27.84 46.07
CA PHE K 307 6.62 27.97 44.79
C PHE K 307 6.85 26.70 43.99
N THR K 308 5.78 26.13 43.47
CA THR K 308 5.83 24.82 42.80
C THR K 308 5.26 24.93 41.40
N TYR K 309 5.85 24.19 40.47
CA TYR K 309 5.36 24.10 39.10
C TYR K 309 5.33 22.64 38.69
N ASN K 310 4.13 22.15 38.39
CA ASN K 310 3.88 20.79 37.91
C ASN K 310 4.34 19.71 38.89
N VAL K 311 4.16 19.96 40.18
CA VAL K 311 4.38 18.94 41.21
C VAL K 311 3.20 18.99 42.18
N ASP K 312 2.72 17.79 42.58
CA ASP K 312 1.63 17.73 43.53
C ASP K 312 2.08 18.16 44.92
N LEU K 313 3.34 17.90 45.25
CA LEU K 313 3.94 18.23 46.55
C LEU K 313 3.17 17.46 47.62
N GLY K 314 2.54 18.11 48.59
CA GLY K 314 1.83 17.40 49.63
C GLY K 314 0.40 17.91 49.82
N GLU K 315 0.07 19.01 49.14
CA GLU K 315 -1.25 19.64 49.03
C GLU K 315 -1.84 20.02 50.38
N ASP K 316 -1.11 19.83 51.48
CA ASP K 316 -1.58 20.23 52.80
C ASP K 316 -0.81 21.41 53.36
N ILE K 317 0.07 22.02 52.58
CA ILE K 317 0.89 23.14 53.03
C ILE K 317 0.76 24.28 52.02
N GLU K 318 1.05 25.49 52.50
CA GLU K 318 0.90 26.69 51.68
C GLU K 318 1.99 26.71 50.62
N ALA K 319 1.62 26.44 49.37
CA ALA K 319 2.53 26.48 48.24
C ALA K 319 1.87 27.24 47.10
N THR K 320 2.65 28.10 46.45
CA THR K 320 2.15 28.92 45.35
C THR K 320 2.28 28.16 44.04
N LYS K 321 1.16 27.96 43.36
CA LYS K 321 1.14 27.22 42.09
C LYS K 321 1.57 28.17 40.97
N VAL K 322 2.89 28.34 40.85
CA VAL K 322 3.46 29.15 39.79
C VAL K 322 3.38 28.39 38.48
N SER K 323 3.27 29.12 37.37
CA SER K 323 3.10 28.51 36.05
C SER K 323 4.27 28.79 35.11
N SER K 324 5.24 29.61 35.51
CA SER K 324 6.38 29.90 34.65
C SER K 324 7.57 30.29 35.51
N VAL K 325 8.77 30.09 34.97
CA VAL K 325 9.98 30.45 35.69
C VAL K 325 10.08 31.96 35.85
N GLU K 326 9.70 32.71 34.82
CA GLU K 326 9.69 34.16 34.94
C GLU K 326 8.55 34.65 35.83
N GLU K 327 7.42 33.94 35.85
CA GLU K 327 6.42 34.23 36.87
C GLU K 327 6.97 33.97 38.26
N LEU K 328 7.78 32.91 38.41
CA LEU K 328 8.40 32.63 39.69
C LEU K 328 9.34 33.75 40.11
N VAL K 329 10.17 34.24 39.18
CA VAL K 329 11.09 35.32 39.55
C VAL K 329 10.31 36.61 39.80
N ALA K 330 9.17 36.81 39.14
CA ALA K 330 8.32 37.93 39.47
C ALA K 330 7.81 37.83 40.91
N ASN K 331 7.39 36.63 41.32
CA ASN K 331 6.97 36.43 42.70
C ASN K 331 8.12 36.68 43.66
N LEU K 332 9.33 36.25 43.30
CA LEU K 332 10.49 36.49 44.16
C LEU K 332 10.80 37.98 44.29
N VAL K 333 10.75 38.72 43.18
CA VAL K 333 11.09 40.13 43.22
C VAL K 333 10.00 40.96 43.87
N LYS K 334 8.75 40.49 43.86
CA LYS K 334 7.67 41.24 44.50
C LYS K 334 7.73 41.18 46.02
N MET K 335 8.58 40.33 46.60
CA MET K 335 8.67 40.20 48.05
C MET K 335 10.01 40.69 48.60
N VAL K 336 10.83 41.34 47.77
CA VAL K 336 12.11 41.86 48.24
C VAL K 336 11.89 42.99 49.23
N MET L 1 16.53 45.63 18.68
CA MET L 1 15.56 44.75 18.06
C MET L 1 15.83 43.29 18.40
N TYR L 2 15.05 42.75 19.33
CA TYR L 2 15.15 41.34 19.71
C TYR L 2 13.88 40.64 19.29
N VAL L 3 14.01 39.61 18.45
CA VAL L 3 12.88 38.91 17.86
C VAL L 3 13.03 37.42 18.13
N ARG L 4 11.91 36.78 18.49
CA ARG L 4 11.86 35.34 18.64
C ARG L 4 10.71 34.79 17.81
N ILE L 5 10.99 33.74 17.04
CA ILE L 5 10.04 33.14 16.13
C ILE L 5 9.94 31.66 16.48
N SER L 6 8.71 31.13 16.56
CA SER L 6 8.54 29.70 16.73
C SER L 6 7.30 29.26 15.97
N GLY L 7 7.23 27.98 15.66
CA GLY L 7 6.03 27.47 15.02
C GLY L 7 6.21 26.07 14.48
N ARG L 8 5.19 25.65 13.73
CA ARG L 8 5.13 24.32 13.11
C ARG L 8 4.79 24.47 11.64
N ILE L 9 5.45 23.63 10.83
CA ILE L 9 5.33 23.63 9.38
C ILE L 9 5.28 22.19 8.88
N ARG L 10 4.50 21.94 7.85
CA ARG L 10 4.39 20.61 7.26
C ARG L 10 5.27 20.51 6.02
N LEU L 11 6.07 19.46 5.94
CA LEU L 11 6.94 19.20 4.80
C LEU L 11 6.59 17.85 4.21
N ASN L 12 6.53 17.78 2.88
CA ASN L 12 6.18 16.54 2.20
C ASN L 12 7.21 16.25 1.13
N ALA L 13 7.73 15.02 1.13
CA ALA L 13 8.65 14.54 0.11
C ALA L 13 9.84 15.48 -0.06
N HIS L 14 10.60 15.63 1.03
CA HIS L 14 11.76 16.50 1.06
C HIS L 14 13.02 15.68 1.33
N SER L 15 14.11 16.05 0.66
CA SER L 15 15.41 15.44 0.87
C SER L 15 16.41 16.46 1.39
N LEU L 16 15.93 17.46 2.12
CA LEU L 16 16.79 18.55 2.56
C LEU L 16 17.82 18.06 3.57
N ASN L 17 19.06 18.52 3.38
CA ASN L 17 20.17 18.25 4.30
C ASN L 17 20.33 16.73 4.45
N ALA L 18 20.78 16.11 3.37
CA ALA L 18 21.10 14.69 3.39
C ALA L 18 22.45 14.48 4.09
N GLN L 19 22.86 13.21 4.18
CA GLN L 19 24.16 12.88 4.74
C GLN L 19 25.25 12.76 3.68
N GLY L 20 24.90 12.87 2.39
CA GLY L 20 25.86 12.76 1.32
C GLY L 20 26.17 11.35 0.89
N GLY L 21 25.76 10.35 1.66
CA GLY L 21 25.99 8.96 1.31
C GLY L 21 27.40 8.46 1.51
N GLY L 22 28.29 9.29 2.05
CA GLY L 22 29.67 8.88 2.19
C GLY L 22 30.28 8.57 0.83
N GLY L 23 30.87 7.40 0.70
CA GLY L 23 31.41 6.95 -0.57
C GLY L 23 30.60 5.81 -1.15
N THR L 24 29.28 5.87 -1.02
CA THR L 24 28.40 4.82 -1.47
C THR L 24 27.36 5.42 -2.42
N ASN L 25 26.96 4.62 -3.42
CA ASN L 25 25.92 5.05 -4.35
C ASN L 25 24.61 5.37 -3.63
N TYR L 26 24.34 4.72 -2.51
CA TYR L 26 23.20 5.08 -1.69
C TYR L 26 23.43 6.45 -1.05
N ILE L 27 22.36 7.24 -0.98
CA ILE L 27 22.40 8.55 -0.35
C ILE L 27 21.45 8.53 0.84
N GLU L 28 21.97 8.82 2.02
CA GLU L 28 21.19 8.76 3.25
C GLU L 28 20.74 10.15 3.66
N ILE L 29 19.58 10.21 4.33
CA ILE L 29 19.06 11.44 4.91
C ILE L 29 19.41 11.44 6.39
N THR L 30 19.70 12.63 6.93
CA THR L 30 20.21 12.74 8.29
C THR L 30 19.18 12.27 9.30
N LYS L 31 19.63 11.47 10.27
CA LYS L 31 18.79 10.98 11.35
C LYS L 31 19.35 11.48 12.68
N THR L 32 18.47 11.62 13.66
CA THR L 32 18.87 11.96 15.02
C THR L 32 17.90 11.36 16.01
N LYS L 33 18.38 11.17 17.24
CA LYS L 33 17.57 10.58 18.31
C LYS L 33 16.81 11.68 19.04
N VAL L 34 15.52 11.48 19.22
CA VAL L 34 14.67 12.41 19.96
C VAL L 34 13.91 11.64 21.02
N THR L 35 13.59 12.31 22.12
CA THR L 35 12.95 11.71 23.27
C THR L 35 11.44 11.96 23.22
N VAL L 36 10.66 10.92 23.40
CA VAL L 36 9.20 10.99 23.41
C VAL L 36 8.71 10.43 24.75
N ARG L 37 7.77 11.15 25.37
CA ARG L 37 7.31 10.78 26.71
C ARG L 37 6.52 9.47 26.68
N THR L 38 5.43 9.44 25.92
CA THR L 38 4.52 8.29 25.82
C THR L 38 3.89 7.93 27.15
N GLU L 39 2.84 7.11 27.11
CA GLU L 39 2.19 6.64 28.34
C GLU L 39 2.88 5.43 28.93
N ASN L 40 3.77 4.77 28.19
CA ASN L 40 4.49 3.60 28.68
C ASN L 40 5.87 3.94 29.23
N GLY L 41 6.23 5.21 29.28
CA GLY L 41 7.54 5.63 29.75
C GLY L 41 8.37 6.24 28.63
N TRP L 42 9.41 6.96 29.05
CA TRP L 42 10.25 7.69 28.11
C TRP L 42 10.92 6.75 27.12
N THR L 43 10.99 7.17 25.87
CA THR L 43 11.62 6.38 24.82
C THR L 43 12.40 7.31 23.90
N VAL L 44 13.34 6.72 23.16
CA VAL L 44 14.16 7.43 22.18
C VAL L 44 13.90 6.84 20.81
N VAL L 45 13.64 7.71 19.83
CA VAL L 45 13.33 7.28 18.48
C VAL L 45 14.18 8.06 17.49
N GLU L 46 14.58 7.39 16.41
CA GLU L 46 15.37 8.00 15.36
C GLU L 46 14.43 8.64 14.34
N VAL L 47 14.62 9.94 14.08
CA VAL L 47 13.78 10.69 13.16
C VAL L 47 14.64 11.53 12.26
N PRO L 48 14.17 11.79 11.04
CA PRO L 48 14.85 12.76 10.18
C PRO L 48 14.80 14.16 10.75
N ALA L 49 15.84 14.93 10.47
CA ALA L 49 15.95 16.27 11.03
C ALA L 49 16.81 17.14 10.13
N ILE L 50 16.74 18.45 10.37
CA ILE L 50 17.50 19.44 9.63
C ILE L 50 18.42 20.15 10.61
N THR L 51 19.72 20.15 10.33
CA THR L 51 20.68 20.81 11.19
C THR L 51 20.52 22.32 11.12
N GLY L 52 20.75 22.98 12.26
CA GLY L 52 20.62 24.43 12.31
C GLY L 52 21.69 25.17 11.53
N ASN L 53 22.82 24.51 11.26
CA ASN L 53 23.89 25.16 10.50
C ASN L 53 23.43 25.51 9.09
N MET L 54 22.75 24.57 8.43
CA MET L 54 22.30 24.83 7.05
C MET L 54 21.15 25.84 7.04
N LEU L 55 20.32 25.83 8.07
CA LEU L 55 19.30 26.87 8.21
C LEU L 55 19.94 28.24 8.36
N LYS L 56 21.00 28.35 9.17
CA LYS L 56 21.71 29.61 9.31
C LYS L 56 22.34 30.03 7.99
N HIS L 57 22.88 29.06 7.24
CA HIS L 57 23.45 29.38 5.93
C HIS L 57 22.40 29.93 4.99
N TRP L 58 21.21 29.32 4.96
CA TRP L 58 20.15 29.84 4.10
C TRP L 58 19.68 31.22 4.57
N HIS L 59 19.65 31.44 5.88
CA HIS L 59 19.32 32.77 6.37
C HIS L 59 20.33 33.81 5.92
N PHE L 60 21.62 33.45 5.97
CA PHE L 60 22.66 34.35 5.48
C PHE L 60 22.51 34.61 3.98
N VAL L 61 22.16 33.57 3.23
CA VAL L 61 21.95 33.73 1.78
C VAL L 61 20.81 34.71 1.53
N GLY L 62 19.70 34.54 2.24
CA GLY L 62 18.59 35.47 2.09
C GLY L 62 18.95 36.88 2.50
N PHE L 63 19.73 37.01 3.57
CA PHE L 63 20.14 38.34 4.04
C PHE L 63 21.00 39.05 3.00
N VAL L 64 21.98 38.35 2.43
CA VAL L 64 22.82 38.99 1.42
C VAL L 64 22.03 39.26 0.15
N ASP L 65 21.09 38.38 -0.20
CA ASP L 65 20.27 38.62 -1.37
C ASP L 65 19.42 39.87 -1.22
N TYR L 66 18.83 40.07 -0.05
CA TYR L 66 18.03 41.27 0.18
C TYR L 66 18.90 42.50 0.43
N PHE L 67 20.16 42.32 0.80
CA PHE L 67 21.06 43.45 1.01
C PHE L 67 21.76 43.90 -0.25
N LYS L 68 21.78 43.09 -1.31
CA LYS L 68 22.38 43.54 -2.57
C LYS L 68 21.62 44.73 -3.13
N THR L 69 20.29 44.71 -3.05
CA THR L 69 19.50 45.81 -3.58
C THR L 69 19.72 47.10 -2.79
N THR L 70 20.08 46.98 -1.52
CA THR L 70 20.29 48.14 -0.68
C THR L 70 21.45 48.98 -1.24
N PRO L 71 21.31 50.31 -1.27
CA PRO L 71 22.42 51.14 -1.78
C PRO L 71 23.71 50.98 -0.99
N TYR L 72 23.62 50.57 0.28
CA TYR L 72 24.79 50.31 1.11
C TYR L 72 25.35 48.90 0.90
N GLY L 73 25.02 48.26 -0.21
CA GLY L 73 25.43 46.88 -0.45
C GLY L 73 26.87 46.69 -0.84
N VAL L 74 27.62 47.77 -1.09
CA VAL L 74 29.03 47.64 -1.43
C VAL L 74 29.84 47.08 -0.26
N ASN L 75 29.37 47.28 0.97
CA ASN L 75 30.09 46.79 2.15
C ASN L 75 29.74 45.33 2.40
N LEU L 76 30.17 44.49 1.46
CA LEU L 76 29.96 43.05 1.55
C LEU L 76 31.23 42.32 1.13
N THR L 77 31.44 41.15 1.71
CA THR L 77 32.57 40.32 1.32
C THR L 77 32.37 39.80 -0.09
N GLU L 78 33.47 39.68 -0.83
CA GLU L 78 33.41 39.12 -2.17
C GLU L 78 32.90 37.68 -2.16
N ARG L 79 33.20 36.94 -1.10
CA ARG L 79 32.70 35.57 -0.97
C ARG L 79 31.19 35.55 -0.78
N ALA L 80 30.62 36.60 -0.18
CA ALA L 80 29.18 36.63 0.05
C ALA L 80 28.41 36.66 -1.25
N LEU L 81 28.92 37.38 -2.27
CA LEU L 81 28.24 37.44 -3.55
C LEU L 81 28.15 36.07 -4.21
N ARG L 82 29.10 35.18 -3.91
CA ARG L 82 29.07 33.81 -4.41
C ARG L 82 28.43 32.85 -3.41
N TYR L 83 27.82 33.37 -2.35
CA TYR L 83 27.20 32.56 -1.30
C TYR L 83 28.20 31.62 -0.63
N ASN L 84 29.47 32.03 -0.59
CA ASN L 84 30.50 31.25 0.08
C ASN L 84 30.40 31.50 1.57
N GLY L 85 29.93 30.49 2.32
CA GLY L 85 29.67 30.68 3.73
C GLY L 85 30.91 30.83 4.56
N THR L 86 32.06 30.36 4.07
CA THR L 86 33.29 30.47 4.83
C THR L 86 33.64 31.94 5.07
N ARG L 87 34.13 32.23 6.27
CA ARG L 87 34.43 33.60 6.67
C ARG L 87 35.78 33.61 7.36
N PHE L 88 36.81 34.09 6.66
CA PHE L 88 38.15 34.29 7.21
C PHE L 88 38.71 32.97 7.74
N GLY L 89 38.94 32.04 6.81
CA GLY L 89 39.51 30.75 7.17
C GLY L 89 40.95 30.87 7.62
N GLN L 90 41.51 29.71 7.95
CA GLN L 90 42.87 29.66 8.48
C GLN L 90 43.89 30.05 7.41
N GLY L 91 44.82 30.92 7.77
CA GLY L 91 45.92 31.26 6.89
C GLY L 91 45.75 32.50 6.04
N GLU L 92 44.72 33.30 6.27
CA GLU L 92 44.49 34.53 5.52
C GLU L 92 44.51 35.73 6.45
N THR L 93 45.15 36.80 6.00
CA THR L 93 45.31 38.01 6.81
C THR L 93 44.26 39.08 6.51
N THR L 94 43.84 39.21 5.25
CA THR L 94 42.94 40.26 4.83
C THR L 94 41.71 39.66 4.17
N ALA L 95 40.78 40.54 3.82
CA ALA L 95 39.54 40.16 3.16
C ALA L 95 39.37 40.97 1.89
N THR L 96 38.72 40.38 0.90
CA THR L 96 38.44 41.03 -0.37
C THR L 96 37.02 41.59 -0.35
N LYS L 97 36.90 42.90 -0.49
CA LYS L 97 35.59 43.54 -0.52
C LYS L 97 34.87 43.21 -1.82
N ALA L 98 33.58 43.54 -1.86
CA ALA L 98 32.78 43.28 -3.05
C ALA L 98 33.28 44.07 -4.25
N ASN L 99 33.72 45.31 -4.02
CA ASN L 99 34.23 46.14 -5.10
C ASN L 99 35.69 45.86 -5.43
N GLY L 100 36.33 44.94 -4.71
CA GLY L 100 37.73 44.61 -4.94
C GLY L 100 38.69 45.23 -3.95
N ALA L 101 38.21 46.04 -3.02
CA ALA L 101 39.09 46.65 -2.03
C ALA L 101 39.57 45.60 -1.03
N THR L 102 40.67 45.93 -0.35
CA THR L 102 41.28 45.05 0.65
C THR L 102 40.98 45.58 2.03
N VAL L 103 40.49 44.71 2.92
CA VAL L 103 40.11 45.10 4.28
C VAL L 103 41.00 44.32 5.25
N GLN L 104 41.66 45.05 6.14
CA GLN L 104 42.48 44.42 7.17
C GLN L 104 41.61 43.75 8.22
N LEU L 105 42.18 42.74 8.87
CA LEU L 105 41.49 41.99 9.91
C LEU L 105 41.99 42.32 11.31
N ASN L 106 42.75 43.40 11.45
CA ASN L 106 43.33 43.77 12.74
C ASN L 106 42.42 44.64 13.59
N ASP L 107 41.28 45.07 13.06
CA ASP L 107 40.36 45.94 13.79
C ASP L 107 38.94 45.43 13.59
N GLU L 108 38.25 45.14 14.71
CA GLU L 108 36.88 44.67 14.62
C GLU L 108 35.92 45.77 14.18
N ALA L 109 36.19 47.02 14.58
CA ALA L 109 35.30 48.12 14.21
C ALA L 109 35.24 48.30 12.71
N THR L 110 36.40 48.29 12.04
CA THR L 110 36.41 48.38 10.58
C THR L 110 35.73 47.18 9.95
N ILE L 111 35.98 45.98 10.49
CA ILE L 111 35.40 44.77 9.93
C ILE L 111 33.88 44.85 9.94
N ILE L 112 33.30 45.27 11.06
CA ILE L 112 31.85 45.41 11.10
C ILE L 112 31.40 46.65 10.35
N LYS L 113 32.30 47.60 10.11
CA LYS L 113 31.92 48.81 9.38
C LYS L 113 31.69 48.54 7.91
N GLU L 114 32.61 47.81 7.26
CA GLU L 114 32.50 47.58 5.82
C GLU L 114 32.33 46.11 5.45
N LEU L 115 31.78 45.29 6.35
CA LEU L 115 31.42 43.90 6.03
C LEU L 115 30.12 43.58 6.76
N ALA L 116 29.00 43.69 6.04
CA ALA L 116 27.70 43.48 6.67
C ALA L 116 27.51 42.02 7.09
N ASP L 117 27.98 41.08 6.27
CA ASP L 117 27.80 39.67 6.60
C ASP L 117 28.53 39.31 7.89
N ALA L 118 29.77 39.80 8.06
CA ALA L 118 30.48 39.58 9.31
C ALA L 118 29.82 40.32 10.46
N ASP L 119 29.18 41.47 10.18
CA ASP L 119 28.47 42.20 11.22
C ASP L 119 27.28 41.41 11.73
N VAL L 120 26.54 40.75 10.85
CA VAL L 120 25.30 40.09 11.25
C VAL L 120 25.55 38.68 11.73
N HIS L 121 26.21 37.86 10.91
CA HIS L 121 26.41 36.45 11.22
C HIS L 121 27.73 36.18 11.93
N GLY L 122 28.45 37.21 12.34
CA GLY L 122 29.69 37.02 13.06
C GLY L 122 30.81 36.56 12.13
N PHE L 123 31.97 36.35 12.73
CA PHE L 123 33.15 35.92 11.98
C PHE L 123 34.17 35.35 12.96
N LEU L 124 35.18 34.70 12.40
CA LEU L 124 36.29 34.19 13.21
C LEU L 124 37.50 34.02 12.29
N ALA L 125 38.60 34.68 12.64
CA ALA L 125 39.87 34.50 11.94
C ALA L 125 40.87 33.87 12.90
N PRO L 126 41.14 32.57 12.78
CA PRO L 126 41.98 31.90 13.78
C PRO L 126 43.40 32.44 13.87
N LYS L 127 43.91 33.08 12.81
CA LYS L 127 45.29 33.55 12.82
C LYS L 127 45.42 34.83 13.63
N THR L 128 44.73 35.90 13.20
CA THR L 128 44.81 37.17 13.93
C THR L 128 44.01 37.15 15.22
N GLY L 129 43.05 36.24 15.35
CA GLY L 129 42.29 36.08 16.58
C GLY L 129 41.06 36.93 16.70
N ARG L 130 40.83 37.87 15.77
CA ARG L 130 39.66 38.73 15.87
C ARG L 130 38.38 37.91 15.73
N ARG L 131 37.39 38.26 16.54
CA ARG L 131 36.23 37.39 16.75
C ARG L 131 34.99 38.23 16.98
N ARG L 132 33.84 37.66 16.64
CA ARG L 132 32.55 38.29 16.92
C ARG L 132 31.48 37.21 16.87
N VAL L 133 30.71 37.06 17.95
CA VAL L 133 29.67 36.05 18.00
C VAL L 133 28.52 36.45 17.08
N SER L 134 27.90 35.45 16.44
CA SER L 134 26.82 35.70 15.50
C SER L 134 25.59 36.25 16.23
N LEU L 135 24.82 37.07 15.53
CA LEU L 135 23.60 37.66 16.05
C LEU L 135 22.36 36.87 15.70
N VAL L 136 22.50 35.73 15.03
CA VAL L 136 21.37 34.90 14.61
C VAL L 136 21.55 33.52 15.20
N LYS L 137 20.53 33.03 15.89
CA LYS L 137 20.54 31.70 16.49
C LYS L 137 19.47 30.85 15.81
N ALA L 138 19.87 29.69 15.31
CA ALA L 138 18.97 28.77 14.62
C ALA L 138 18.94 27.46 15.37
N SER L 139 17.73 26.92 15.54
CA SER L 139 17.52 25.65 16.22
C SER L 139 17.27 24.55 15.20
N PHE L 140 17.48 23.31 15.66
CA PHE L 140 17.27 22.16 14.80
C PHE L 140 15.78 22.02 14.45
N ILE L 141 15.53 21.42 13.30
CA ILE L 141 14.17 21.17 12.83
C ILE L 141 13.85 19.71 13.09
N LEU L 142 12.89 19.45 13.97
CA LEU L 142 12.49 18.11 14.35
C LEU L 142 10.99 17.95 14.15
N PRO L 143 10.53 16.74 13.81
CA PRO L 143 9.10 16.49 13.79
C PRO L 143 8.49 16.61 15.18
N THR L 144 7.29 17.14 15.25
CA THR L 144 6.63 17.38 16.53
C THR L 144 6.31 16.05 17.21
N GLU L 145 6.28 16.09 18.55
CA GLU L 145 6.20 14.85 19.33
C GLU L 145 4.90 14.10 19.10
N ASP L 146 3.77 14.82 19.07
CA ASP L 146 2.49 14.14 18.89
C ASP L 146 2.38 13.47 17.53
N PHE L 147 3.03 14.04 16.51
CA PHE L 147 3.08 13.37 15.21
C PHE L 147 3.74 12.01 15.35
N ILE L 148 4.86 11.96 16.06
CA ILE L 148 5.50 10.68 16.35
C ILE L 148 4.57 9.80 17.19
N LYS L 149 3.69 10.41 17.98
CA LYS L 149 2.80 9.64 18.83
C LYS L 149 1.78 8.86 18.01
N GLU L 150 0.93 9.56 17.25
CA GLU L 150 -0.07 8.80 16.49
C GLU L 150 0.52 8.10 15.27
N VAL L 151 1.47 8.70 14.56
CA VAL L 151 2.04 8.04 13.39
C VAL L 151 2.93 6.85 13.77
N GLU L 152 3.27 6.73 15.06
CA GLU L 152 4.13 5.67 15.60
C GLU L 152 5.33 5.40 14.70
N GLY L 153 5.90 6.45 14.12
CA GLY L 153 7.09 6.36 13.30
C GLY L 153 6.84 6.02 11.85
N GLU L 154 6.56 4.75 11.55
CA GLU L 154 6.44 4.23 10.18
C GLU L 154 7.69 4.47 9.36
N ARG L 155 8.80 4.86 10.01
CA ARG L 155 10.11 5.12 9.42
C ARG L 155 10.13 6.41 8.61
N LEU L 156 8.95 6.96 8.33
CA LEU L 156 8.78 8.31 7.76
C LEU L 156 9.70 8.59 6.56
N ILE L 157 10.18 7.57 5.86
CA ILE L 157 11.11 7.76 4.75
C ILE L 157 10.78 6.80 3.62
N THR L 158 11.11 7.22 2.41
CA THR L 158 11.01 6.39 1.22
C THR L 158 12.29 6.54 0.40
N ALA L 159 12.59 5.52 -0.39
CA ALA L 159 13.78 5.50 -1.24
C ALA L 159 13.36 5.48 -2.70
N ILE L 160 13.92 6.39 -3.49
CA ILE L 160 13.60 6.50 -4.91
C ILE L 160 14.90 6.42 -5.70
N LYS L 161 14.91 5.58 -6.74
CA LYS L 161 16.10 5.34 -7.54
C LYS L 161 16.04 6.15 -8.83
N HIS L 162 17.13 6.83 -9.16
CA HIS L 162 17.26 7.61 -10.38
C HIS L 162 18.50 7.16 -11.14
N ASN L 163 18.37 7.06 -12.45
CA ASN L 163 19.48 6.63 -13.30
C ASN L 163 20.29 7.83 -13.78
N ARG L 164 21.53 7.55 -14.15
CA ARG L 164 22.45 8.52 -14.74
C ARG L 164 22.73 8.03 -16.15
N VAL L 165 22.09 8.66 -17.13
CA VAL L 165 22.18 8.23 -18.52
C VAL L 165 23.41 8.84 -19.16
N ASP L 166 24.21 8.01 -19.83
CA ASP L 166 25.41 8.44 -20.54
C ASP L 166 25.35 7.85 -21.94
N VAL L 167 24.78 8.59 -22.87
CA VAL L 167 24.62 8.16 -24.26
C VAL L 167 25.67 8.89 -25.10
N ASP L 168 26.47 8.12 -25.84
CA ASP L 168 27.52 8.67 -26.67
C ASP L 168 26.93 9.18 -27.98
N GLU L 169 27.80 9.54 -28.93
CA GLU L 169 27.32 10.00 -30.23
C GLU L 169 26.66 8.88 -31.02
N LYS L 170 27.10 7.63 -30.83
CA LYS L 170 26.53 6.49 -31.53
C LYS L 170 25.26 5.96 -30.86
N GLY L 171 24.96 6.38 -29.64
CA GLY L 171 23.79 5.91 -28.94
C GLY L 171 23.99 4.54 -28.31
N ALA L 172 25.01 4.42 -27.47
CA ALA L 172 25.31 3.17 -26.78
C ALA L 172 25.47 3.44 -25.29
N ILE L 173 24.94 2.52 -24.48
CA ILE L 173 25.06 2.66 -23.03
C ILE L 173 26.50 2.49 -22.58
N GLY L 174 27.24 1.57 -23.21
CA GLY L 174 28.62 1.32 -22.85
C GLY L 174 28.76 0.51 -21.58
N SER L 175 29.85 -0.25 -21.47
CA SER L 175 30.09 -1.06 -20.27
C SER L 175 31.61 -1.13 -20.05
N SER L 176 32.11 -0.23 -19.21
CA SER L 176 33.51 -0.21 -18.77
C SER L 176 34.49 -0.14 -19.93
N LYS L 177 34.08 0.40 -21.07
CA LYS L 177 34.97 0.52 -22.22
C LYS L 177 35.06 1.93 -22.79
N GLU L 178 33.97 2.69 -22.78
CA GLU L 178 33.95 4.05 -23.31
C GLU L 178 33.97 5.09 -22.20
N GLY L 179 34.23 4.70 -20.96
CA GLY L 179 34.16 5.63 -19.85
C GLY L 179 32.76 6.15 -19.60
N THR L 180 31.75 5.32 -19.80
CA THR L 180 30.37 5.73 -19.63
C THR L 180 30.03 5.94 -18.15
N ALA L 181 28.98 6.72 -17.91
CA ALA L 181 28.50 7.02 -16.57
C ALA L 181 27.00 6.76 -16.47
N GLN L 182 26.52 5.72 -17.16
CA GLN L 182 25.10 5.35 -17.10
C GLN L 182 24.87 4.48 -15.86
N MET L 183 24.96 5.12 -14.70
CA MET L 183 24.88 4.45 -13.42
C MET L 183 23.46 4.53 -12.86
N LEU L 184 23.29 4.16 -11.60
CA LEU L 184 21.99 4.21 -10.93
C LEU L 184 22.21 4.56 -9.47
N PHE L 185 21.80 5.77 -9.07
CA PHE L 185 21.89 6.21 -7.69
C PHE L 185 20.49 6.25 -7.08
N SER L 186 20.41 6.63 -5.81
CA SER L 186 19.12 6.67 -5.13
C SER L 186 19.14 7.77 -4.08
N ARG L 187 17.94 8.19 -3.70
CA ARG L 187 17.75 9.27 -2.74
C ARG L 187 16.67 8.88 -1.74
N GLU L 188 16.75 9.48 -0.56
CA GLU L 188 15.80 9.25 0.51
C GLU L 188 14.98 10.52 0.77
N TYR L 189 13.67 10.36 0.86
CA TYR L 189 12.75 11.47 1.04
C TYR L 189 11.85 11.22 2.24
N ALA L 190 11.66 12.25 3.05
CA ALA L 190 10.87 12.16 4.27
C ALA L 190 9.71 13.14 4.22
N THR L 191 8.83 13.04 5.22
CA THR L 191 7.66 13.90 5.31
C THR L 191 7.19 13.93 6.75
N GLY L 192 6.38 14.93 7.06
CA GLY L 192 5.79 15.05 8.39
C GLY L 192 5.65 16.51 8.79
N LEU L 193 5.18 16.70 10.02
CA LEU L 193 4.97 18.02 10.60
C LEU L 193 6.13 18.31 11.54
N TYR L 194 6.97 19.27 11.17
CA TYR L 194 8.16 19.64 11.93
C TYR L 194 7.94 20.98 12.64
N GLY L 195 8.85 21.28 13.56
CA GLY L 195 8.82 22.54 14.29
C GLY L 195 10.08 23.34 14.04
N PHE L 196 9.94 24.67 14.10
CA PHE L 196 11.05 25.57 13.84
C PHE L 196 11.06 26.67 14.89
N SER L 197 12.27 27.19 15.14
CA SER L 197 12.47 28.31 16.07
C SER L 197 13.71 29.08 15.64
N ILE L 198 13.62 30.40 15.69
CA ILE L 198 14.69 31.31 15.28
C ILE L 198 14.79 32.44 16.29
N VAL L 199 16.01 32.85 16.60
CA VAL L 199 16.27 33.97 17.50
C VAL L 199 17.10 35.00 16.75
N LEU L 200 16.63 36.25 16.74
CA LEU L 200 17.33 37.34 16.07
C LEU L 200 17.64 38.40 17.11
N ASP L 201 18.90 38.48 17.52
CA ASP L 201 19.36 39.49 18.48
C ASP L 201 19.94 40.69 17.74
N LEU L 202 19.08 41.33 16.94
CA LEU L 202 19.49 42.47 16.11
C LEU L 202 19.55 43.72 16.97
N GLY L 203 20.52 43.74 17.87
CA GLY L 203 20.74 44.89 18.73
C GLY L 203 22.20 45.28 18.78
N LEU L 204 23.06 44.47 18.16
CA LEU L 204 24.49 44.73 18.13
C LEU L 204 25.00 45.02 16.73
N VAL L 205 24.13 45.24 15.76
CA VAL L 205 24.57 45.54 14.40
C VAL L 205 25.25 46.90 14.37
N GLY L 206 26.44 46.96 13.80
CA GLY L 206 27.22 48.17 13.77
C GLY L 206 27.84 48.56 15.09
N ILE L 207 27.67 47.76 16.13
CA ILE L 207 28.21 48.03 17.47
C ILE L 207 29.28 46.97 17.76
N PRO L 208 30.55 47.38 17.92
CA PRO L 208 31.59 46.39 18.25
C PRO L 208 31.32 45.76 19.61
N GLN L 209 31.67 44.48 19.73
CA GLN L 209 31.46 43.76 20.97
C GLN L 209 32.41 44.24 22.07
N GLY L 210 33.59 44.76 21.69
CA GLY L 210 34.54 45.21 22.68
C GLY L 210 34.05 46.41 23.48
N LEU L 211 33.49 47.40 22.80
CA LEU L 211 33.02 48.63 23.44
C LEU L 211 31.58 48.89 23.01
N PRO L 212 30.62 48.18 23.62
CA PRO L 212 29.22 48.43 23.27
C PRO L 212 28.75 49.83 23.62
N VAL L 213 29.31 50.47 24.64
CA VAL L 213 28.88 51.77 25.10
C VAL L 213 30.08 52.70 25.16
N LYS L 214 29.79 54.00 25.18
CA LYS L 214 30.82 55.05 25.17
C LYS L 214 30.99 55.74 26.51
N PHE L 215 29.89 56.02 27.22
CA PHE L 215 29.92 56.71 28.51
C PHE L 215 30.61 58.06 28.40
N GLU L 216 30.01 58.94 27.59
CA GLU L 216 30.58 60.27 27.39
C GLU L 216 30.57 61.08 28.69
N GLU L 217 29.46 61.06 29.41
CA GLU L 217 29.33 61.77 30.68
C GLU L 217 28.63 60.88 31.70
N ASN L 218 29.04 59.62 31.78
CA ASN L 218 28.38 58.59 32.58
C ASN L 218 26.94 58.38 32.15
N GLN L 219 26.61 58.76 30.92
CA GLN L 219 25.29 58.54 30.35
C GLN L 219 25.38 57.43 29.30
N PRO L 220 24.79 56.27 29.54
CA PRO L 220 24.90 55.17 28.56
C PRO L 220 24.29 55.56 27.22
N ARG L 221 24.96 55.13 26.15
CA ARG L 221 24.49 55.37 24.79
C ARG L 221 25.14 54.35 23.88
N PRO L 222 24.46 53.91 22.82
CA PRO L 222 25.04 52.91 21.93
C PRO L 222 26.27 53.45 21.22
N ASN L 223 27.23 52.55 20.98
CA ASN L 223 28.46 52.89 20.27
C ASN L 223 28.35 52.29 18.87
N ILE L 224 27.97 53.14 17.91
CA ILE L 224 27.76 52.72 16.53
C ILE L 224 28.93 53.26 15.70
N VAL L 225 29.60 52.35 14.98
CA VAL L 225 30.73 52.75 14.13
C VAL L 225 30.29 53.17 12.74
N ILE L 226 28.98 53.15 12.45
CA ILE L 226 28.47 53.53 11.15
C ILE L 226 27.32 54.50 11.36
N ASP L 227 26.89 55.12 10.26
CA ASP L 227 25.75 56.02 10.32
C ASP L 227 24.49 55.22 10.63
N PRO L 228 23.50 55.84 11.28
CA PRO L 228 22.27 55.11 11.62
C PRO L 228 21.53 54.57 10.41
N ASN L 229 21.71 55.18 9.24
CA ASN L 229 21.05 54.67 8.04
C ASN L 229 21.52 53.27 7.69
N GLU L 230 22.82 53.02 7.77
CA GLU L 230 23.35 51.69 7.46
C GLU L 230 22.86 50.66 8.48
N ARG L 231 22.84 51.03 9.75
CA ARG L 231 22.33 50.11 10.78
C ARG L 231 20.87 49.78 10.52
N LYS L 232 20.07 50.79 10.20
CA LYS L 232 18.67 50.53 9.90
C LYS L 232 18.53 49.64 8.68
N ALA L 233 19.29 49.92 7.63
CA ALA L 233 19.22 49.14 6.40
C ALA L 233 19.54 47.67 6.67
N ARG L 234 20.61 47.42 7.44
CA ARG L 234 20.91 46.05 7.84
C ARG L 234 19.77 45.46 8.67
N ILE L 235 19.07 46.29 9.45
CA ILE L 235 17.95 45.79 10.24
C ILE L 235 16.85 45.25 9.32
N GLU L 236 16.41 46.04 8.33
CA GLU L 236 15.34 45.46 7.51
C GLU L 236 15.87 44.37 6.59
N SER L 237 17.16 44.38 6.25
CA SER L 237 17.72 43.28 5.48
C SER L 237 17.61 41.98 6.26
N ALA L 238 17.97 42.01 7.54
CA ALA L 238 17.85 40.83 8.39
C ALA L 238 16.38 40.44 8.56
N LEU L 239 15.49 41.42 8.72
CA LEU L 239 14.08 41.11 8.88
C LEU L 239 13.50 40.44 7.63
N LYS L 240 13.84 40.97 6.45
CA LYS L 240 13.33 40.42 5.20
C LYS L 240 14.05 39.13 4.81
N ALA L 241 15.19 38.82 5.42
CA ALA L 241 15.83 37.52 5.20
C ALA L 241 14.94 36.37 5.62
N LEU L 242 13.95 36.62 6.49
CA LEU L 242 13.02 35.57 6.87
C LEU L 242 12.11 35.15 5.73
N ILE L 243 11.85 36.05 4.77
CA ILE L 243 10.93 35.73 3.68
C ILE L 243 11.41 34.56 2.84
N PRO L 244 12.67 34.53 2.32
CA PRO L 244 13.08 33.37 1.53
C PRO L 244 13.56 32.20 2.38
N MET L 245 12.86 31.95 3.48
CA MET L 245 12.95 30.71 4.22
C MET L 245 11.59 30.13 4.53
N LEU L 246 10.60 30.98 4.82
CA LEU L 246 9.24 30.56 5.07
C LEU L 246 8.43 30.47 3.77
N SER L 247 9.07 30.68 2.62
CA SER L 247 8.42 30.55 1.34
C SER L 247 8.74 29.25 0.61
N GLY L 248 9.82 28.57 0.97
CA GLY L 248 10.16 27.31 0.33
C GLY L 248 11.62 27.19 -0.07
N TYR L 249 12.44 28.15 0.34
CA TYR L 249 13.85 28.18 -0.02
C TYR L 249 14.75 27.64 1.09
N ILE L 250 14.27 26.64 1.83
CA ILE L 250 15.02 26.00 2.90
C ILE L 250 15.40 24.59 2.46
N GLY L 251 16.68 24.27 2.53
CA GLY L 251 17.16 22.94 2.27
C GLY L 251 17.95 22.85 0.98
N ALA L 252 18.52 21.66 0.77
CA ALA L 252 19.27 21.35 -0.43
C ALA L 252 18.38 20.60 -1.42
N ASN L 253 18.96 20.23 -2.56
CA ASN L 253 18.26 19.53 -3.63
C ASN L 253 17.02 20.29 -4.08
N LEU L 254 17.10 21.62 -4.07
CA LEU L 254 15.95 22.42 -4.50
C LEU L 254 15.65 22.23 -5.98
N ALA L 255 16.69 22.06 -6.79
CA ALA L 255 16.50 21.88 -8.22
C ALA L 255 15.78 20.59 -8.56
N ARG L 256 15.78 19.61 -7.66
CA ARG L 256 15.16 18.31 -7.92
C ARG L 256 14.04 17.94 -6.96
N SER L 257 14.02 18.52 -5.76
CA SER L 257 13.02 18.18 -4.76
C SER L 257 12.05 19.33 -4.49
N PHE L 258 12.56 20.49 -4.06
CA PHE L 258 11.74 21.66 -3.77
C PHE L 258 10.57 21.32 -2.85
N PRO L 259 10.82 21.16 -1.55
CA PRO L 259 9.80 20.61 -0.65
C PRO L 259 8.50 21.39 -0.69
N VAL L 260 7.40 20.66 -0.46
CA VAL L 260 6.06 21.24 -0.57
C VAL L 260 5.91 22.39 0.42
N PHE L 261 6.25 22.16 1.68
CA PHE L 261 6.57 23.21 2.65
C PHE L 261 5.41 24.19 2.86
N LYS L 262 4.36 23.68 3.48
CA LYS L 262 3.31 24.55 4.00
C LYS L 262 3.63 24.98 5.42
N VAL L 263 3.30 26.23 5.73
CA VAL L 263 3.45 26.76 7.07
C VAL L 263 2.13 26.56 7.81
N GLU L 264 2.17 25.80 8.91
CA GLU L 264 0.96 25.47 9.65
C GLU L 264 0.58 26.55 10.65
N GLU L 265 1.47 26.85 11.59
CA GLU L 265 1.16 27.83 12.63
C GLU L 265 2.46 28.43 13.14
N LEU L 266 2.35 29.62 13.74
CA LEU L 266 3.53 30.25 14.30
C LEU L 266 3.15 31.33 15.30
N VAL L 267 4.11 31.64 16.17
CA VAL L 267 3.99 32.71 17.15
C VAL L 267 5.31 33.47 17.21
N ALA L 268 5.22 34.79 17.25
CA ALA L 268 6.36 35.68 17.20
C ALA L 268 6.29 36.70 18.32
N ILE L 269 7.44 37.03 18.89
CA ILE L 269 7.52 38.10 19.88
C ILE L 269 8.68 39.02 19.51
N ALA L 270 8.49 40.30 19.77
CA ALA L 270 9.49 41.31 19.43
C ALA L 270 9.55 42.35 20.54
N SER L 271 10.76 42.80 20.87
CA SER L 271 10.92 43.79 21.92
C SER L 271 12.22 44.55 21.72
N GLU L 272 12.24 45.76 22.27
CA GLU L 272 13.46 46.56 22.25
C GLU L 272 14.48 46.02 23.26
N GLY L 273 14.03 45.69 24.46
CA GLY L 273 14.90 45.19 25.50
C GLY L 273 15.01 43.68 25.49
N PRO L 274 15.87 43.14 26.34
CA PRO L 274 16.07 41.68 26.37
C PRO L 274 14.79 40.95 26.76
N ILE L 275 14.58 39.80 26.12
CA ILE L 275 13.40 38.96 26.40
C ILE L 275 13.83 37.51 26.43
N PRO L 276 13.11 36.69 27.21
CA PRO L 276 13.42 35.26 27.22
C PRO L 276 13.15 34.62 25.88
N ALA L 277 13.95 33.60 25.56
CA ALA L 277 13.79 32.89 24.30
C ALA L 277 12.47 32.13 24.27
N LEU L 278 11.81 32.18 23.12
CA LEU L 278 10.49 31.56 22.99
C LEU L 278 10.62 30.04 22.94
N VAL L 279 9.61 29.36 23.47
CA VAL L 279 9.63 27.90 23.54
C VAL L 279 9.48 27.32 22.14
N HIS L 280 10.34 26.35 21.81
CA HIS L 280 10.30 25.70 20.51
C HIS L 280 8.99 24.92 20.33
N GLY L 281 8.57 24.81 19.07
CA GLY L 281 7.29 24.22 18.74
C GLY L 281 7.26 22.71 18.66
N PHE L 282 8.37 22.02 18.97
CA PHE L 282 8.39 20.57 18.92
C PHE L 282 7.41 19.97 19.93
N TYR L 283 7.35 20.54 21.14
CA TYR L 283 6.51 19.99 22.19
C TYR L 283 5.04 20.17 21.86
N GLU L 284 4.24 19.16 22.20
CA GLU L 284 2.81 19.21 21.92
C GLU L 284 2.13 20.31 22.73
N ASP L 285 2.49 20.44 24.02
CA ASP L 285 1.87 21.43 24.89
C ASP L 285 2.76 22.66 25.01
N TYR L 286 2.94 23.33 23.87
CA TYR L 286 3.74 24.54 23.81
C TYR L 286 2.91 25.81 23.69
N ILE L 287 1.64 25.72 23.29
CA ILE L 287 0.80 26.91 23.19
C ILE L 287 0.54 27.48 24.58
N GLU L 288 0.14 26.63 25.52
CA GLU L 288 -0.16 27.10 26.87
C GLU L 288 1.08 27.64 27.57
N ALA L 289 2.21 26.97 27.41
CA ALA L 289 3.45 27.43 28.04
C ALA L 289 3.84 28.81 27.50
N ASN L 290 3.77 28.98 26.17
CA ASN L 290 4.08 30.28 25.59
C ASN L 290 3.09 31.35 26.03
N ARG L 291 1.81 30.99 26.12
CA ARG L 291 0.81 31.94 26.58
C ARG L 291 1.11 32.42 28.00
N SER L 292 1.42 31.48 28.89
CA SER L 292 1.76 31.85 30.27
C SER L 292 3.03 32.70 30.31
N ILE L 293 4.03 32.33 29.52
CA ILE L 293 5.29 33.07 29.48
C ILE L 293 5.02 34.52 29.07
N ILE L 294 4.27 34.70 27.97
CA ILE L 294 4.00 36.05 27.47
C ILE L 294 3.19 36.83 28.50
N LYS L 295 2.17 36.20 29.09
CA LYS L 295 1.32 36.93 30.03
C LYS L 295 2.11 37.40 31.24
N ASN L 296 2.88 36.50 31.86
CA ASN L 296 3.60 36.89 33.06
C ASN L 296 4.82 37.77 32.74
N ALA L 297 5.34 37.72 31.52
CA ALA L 297 6.41 38.64 31.14
C ALA L 297 5.87 40.04 30.91
N ARG L 298 4.72 40.16 30.25
CA ARG L 298 4.07 41.45 30.12
C ARG L 298 3.64 41.98 31.48
N ALA L 299 3.33 41.09 32.42
CA ALA L 299 3.05 41.52 33.78
C ALA L 299 4.28 42.14 34.43
N LEU L 300 5.48 41.71 34.05
CA LEU L 300 6.71 42.30 34.57
C LEU L 300 6.96 43.69 34.04
N GLY L 301 6.24 44.13 33.02
CA GLY L 301 6.41 45.47 32.47
C GLY L 301 7.23 45.54 31.21
N PHE L 302 7.63 44.42 30.63
CA PHE L 302 8.41 44.45 29.39
C PHE L 302 7.54 44.92 28.24
N ASN L 303 8.08 45.85 27.44
CA ASN L 303 7.37 46.38 26.28
C ASN L 303 7.62 45.45 25.11
N ILE L 304 6.72 44.47 24.94
CA ILE L 304 6.85 43.47 23.89
C ILE L 304 5.59 43.44 23.05
N GLU L 305 5.74 42.95 21.82
CA GLU L 305 4.63 42.80 20.89
C GLU L 305 4.59 41.35 20.42
N VAL L 306 3.38 40.81 20.33
CA VAL L 306 3.17 39.40 20.02
C VAL L 306 2.31 39.30 18.76
N PHE L 307 2.74 38.47 17.81
CA PHE L 307 2.02 38.21 16.58
C PHE L 307 1.71 36.71 16.51
N THR L 308 0.49 36.38 16.10
CA THR L 308 0.02 35.00 16.07
C THR L 308 -0.47 34.62 14.68
N TYR L 309 -0.23 33.37 14.30
CA TYR L 309 -0.71 32.82 13.04
C TYR L 309 -1.22 31.42 13.32
N ASN L 310 -2.53 31.21 13.13
CA ASN L 310 -3.18 29.92 13.36
C ASN L 310 -3.03 29.47 14.81
N VAL L 311 -2.92 30.41 15.74
CA VAL L 311 -2.83 30.13 17.17
C VAL L 311 -3.83 31.02 17.89
N ASP L 312 -4.67 30.41 18.73
CA ASP L 312 -5.68 31.18 19.46
C ASP L 312 -5.02 32.10 20.48
N LEU L 313 -4.11 31.57 21.28
CA LEU L 313 -3.34 32.30 22.30
C LEU L 313 -4.24 32.94 23.36
N GLY L 314 -5.50 32.51 23.45
CA GLY L 314 -6.37 33.06 24.47
C GLY L 314 -6.86 34.46 24.12
N GLU L 315 -7.43 35.13 25.14
CA GLU L 315 -7.96 36.46 25.00
C GLU L 315 -7.32 37.49 25.92
N ASP L 316 -6.74 37.07 27.05
CA ASP L 316 -6.11 38.02 27.95
C ASP L 316 -4.92 38.70 27.30
N ILE L 317 -4.12 37.96 26.55
CA ILE L 317 -2.95 38.51 25.88
C ILE L 317 -3.41 39.29 24.66
N GLU L 318 -2.95 40.53 24.54
CA GLU L 318 -3.29 41.38 23.39
C GLU L 318 -2.32 41.07 22.27
N ALA L 319 -2.78 40.30 21.29
CA ALA L 319 -1.97 39.92 20.14
C ALA L 319 -2.69 40.29 18.85
N THR L 320 -1.92 40.59 17.82
CA THR L 320 -2.45 41.00 16.53
C THR L 320 -2.39 39.82 15.56
N LYS L 321 -3.54 39.49 14.97
CA LYS L 321 -3.59 38.41 14.00
C LYS L 321 -2.80 38.77 12.75
N VAL L 322 -2.11 37.79 12.18
CA VAL L 322 -1.35 37.96 10.95
C VAL L 322 -1.80 36.90 9.96
N SER L 323 -1.78 37.25 8.68
CA SER L 323 -2.26 36.36 7.63
C SER L 323 -1.16 35.72 6.82
N SER L 324 0.07 36.22 6.90
CA SER L 324 1.17 35.69 6.12
C SER L 324 2.48 36.08 6.78
N VAL L 325 3.55 35.40 6.38
CA VAL L 325 4.86 35.66 6.97
C VAL L 325 5.39 37.03 6.55
N GLU L 326 5.16 37.42 5.29
CA GLU L 326 5.63 38.73 4.85
C GLU L 326 4.82 39.84 5.51
N GLU L 327 3.55 39.60 5.83
CA GLU L 327 2.81 40.56 6.65
C GLU L 327 3.45 40.68 8.03
N LEU L 328 3.92 39.56 8.58
CA LEU L 328 4.60 39.60 9.88
C LEU L 328 5.88 40.42 9.81
N VAL L 329 6.69 40.21 8.77
CA VAL L 329 7.94 40.97 8.69
C VAL L 329 7.65 42.43 8.39
N ALA L 330 6.56 42.72 7.66
CA ALA L 330 6.15 44.11 7.49
C ALA L 330 5.78 44.74 8.82
N ASN L 331 5.03 44.02 9.65
CA ASN L 331 4.68 44.55 10.97
C ASN L 331 5.94 44.77 11.82
N LEU L 332 6.91 43.86 11.70
CA LEU L 332 8.20 44.05 12.39
C LEU L 332 8.91 45.31 11.91
N VAL L 333 8.91 45.54 10.59
CA VAL L 333 9.68 46.67 10.07
C VAL L 333 8.96 47.99 10.24
N LYS L 334 7.64 47.98 10.51
CA LYS L 334 6.94 49.23 10.78
C LYS L 334 7.53 49.95 11.99
N MET L 335 7.73 49.22 13.09
CA MET L 335 8.28 49.82 14.30
C MET L 335 9.81 49.67 14.36
N VAL L 336 10.46 50.10 13.27
CA VAL L 336 11.91 50.07 13.09
C VAL L 336 12.60 48.90 13.77
N MET M 1 14.55 38.11 -13.94
CA MET M 1 13.12 37.89 -13.87
C MET M 1 12.80 36.52 -13.28
N TYR M 2 12.15 36.52 -12.12
CA TYR M 2 11.82 35.29 -11.39
C TYR M 2 10.32 35.07 -11.46
N VAL M 3 9.92 33.83 -11.77
CA VAL M 3 8.51 33.50 -11.92
C VAL M 3 8.20 32.15 -11.28
N ARG M 4 7.09 32.10 -10.57
CA ARG M 4 6.61 30.90 -9.90
C ARG M 4 5.23 30.53 -10.45
N ILE M 5 5.02 29.25 -10.69
CA ILE M 5 3.74 28.72 -11.15
C ILE M 5 3.35 27.56 -10.26
N SER M 6 2.09 27.52 -9.83
CA SER M 6 1.62 26.44 -8.98
C SER M 6 0.12 26.27 -9.17
N GLY M 7 -0.33 25.02 -9.27
CA GLY M 7 -1.74 24.76 -9.46
C GLY M 7 -2.04 23.28 -9.43
N ARG M 8 -3.27 22.96 -9.81
CA ARG M 8 -3.77 21.60 -9.83
C ARG M 8 -4.12 21.19 -11.25
N ILE M 9 -3.79 19.94 -11.58
CA ILE M 9 -3.99 19.35 -12.90
C ILE M 9 -4.60 17.97 -12.72
N ARG M 10 -5.23 17.46 -13.78
CA ARG M 10 -5.90 16.18 -13.74
C ARG M 10 -5.15 15.18 -14.61
N LEU M 11 -4.85 14.01 -14.04
CA LEU M 11 -4.15 12.95 -14.74
C LEU M 11 -5.05 11.72 -14.80
N ASN M 12 -4.99 10.99 -15.91
CA ASN M 12 -5.74 9.75 -16.08
C ASN M 12 -4.94 8.78 -16.92
N ALA M 13 -4.93 7.51 -16.50
CA ALA M 13 -4.31 6.44 -17.27
C ALA M 13 -2.83 6.73 -17.53
N HIS M 14 -2.14 7.19 -16.49
CA HIS M 14 -0.74 7.56 -16.58
C HIS M 14 0.13 6.49 -15.94
N SER M 15 1.24 6.18 -16.60
CA SER M 15 2.24 5.26 -16.10
C SER M 15 3.61 5.92 -16.06
N LEU M 16 3.65 7.16 -15.59
CA LEU M 16 4.83 8.00 -15.71
C LEU M 16 5.78 7.76 -14.54
N ASN M 17 7.07 7.62 -14.87
CA ASN M 17 8.15 7.53 -13.88
C ASN M 17 7.90 6.37 -12.90
N ALA M 18 7.94 5.16 -13.45
CA ALA M 18 7.84 3.96 -12.63
C ALA M 18 9.18 3.62 -11.99
N GLN M 19 9.13 2.84 -10.91
CA GLN M 19 10.38 2.33 -10.35
C GLN M 19 11.14 1.48 -11.35
N GLY M 20 10.44 0.56 -12.01
CA GLY M 20 11.09 -0.43 -12.84
C GLY M 20 11.29 -1.71 -12.07
N GLY M 21 10.45 -2.70 -12.34
CA GLY M 21 10.51 -3.93 -11.56
C GLY M 21 11.81 -4.69 -11.77
N GLY M 22 12.35 -4.64 -12.99
CA GLY M 22 13.52 -5.43 -13.32
C GLY M 22 13.38 -6.12 -14.66
N GLY M 23 13.41 -7.45 -14.65
CA GLY M 23 13.31 -8.19 -15.88
C GLY M 23 12.29 -9.31 -15.87
N THR M 24 11.38 -9.32 -14.88
CA THR M 24 10.34 -10.32 -14.80
C THR M 24 8.98 -9.63 -14.88
N ASN M 25 8.54 -9.35 -16.09
CA ASN M 25 7.15 -9.06 -16.44
C ASN M 25 6.39 -8.19 -15.45
N TYR M 26 7.02 -7.17 -14.88
CA TYR M 26 6.30 -6.30 -13.95
C TYR M 26 7.00 -4.95 -13.87
N ILE M 27 6.25 -3.88 -14.12
CA ILE M 27 6.71 -2.51 -13.95
C ILE M 27 5.66 -1.75 -13.15
N GLU M 28 6.09 -1.06 -12.09
CA GLU M 28 5.16 -0.41 -11.17
C GLU M 28 5.57 1.04 -10.95
N ILE M 29 4.57 1.92 -10.89
CA ILE M 29 4.78 3.35 -10.78
C ILE M 29 5.39 3.69 -9.42
N THR M 30 6.18 4.77 -9.39
CA THR M 30 6.78 5.22 -8.14
C THR M 30 5.71 5.70 -7.17
N LYS M 31 5.89 5.35 -5.90
CA LYS M 31 4.95 5.70 -4.85
C LYS M 31 5.70 6.36 -3.70
N THR M 32 5.06 7.34 -3.07
CA THR M 32 5.66 8.09 -1.98
C THR M 32 4.63 8.25 -0.86
N LYS M 33 5.14 8.40 0.36
CA LYS M 33 4.30 8.57 1.54
C LYS M 33 4.01 10.05 1.79
N VAL M 34 2.74 10.37 2.04
CA VAL M 34 2.33 11.73 2.36
C VAL M 34 1.46 11.69 3.61
N THR M 35 1.41 12.82 4.30
CA THR M 35 0.69 12.96 5.56
C THR M 35 -0.56 13.80 5.37
N VAL M 36 -1.68 13.32 5.90
CA VAL M 36 -2.96 14.01 5.81
C VAL M 36 -3.60 14.07 7.18
N ARG M 37 -4.41 15.12 7.40
CA ARG M 37 -5.06 15.30 8.69
C ARG M 37 -6.22 14.31 8.88
N THR M 38 -7.02 14.11 7.83
CA THR M 38 -8.16 13.19 7.77
C THR M 38 -9.01 13.20 9.03
N GLU M 39 -9.11 14.35 9.69
CA GLU M 39 -9.97 14.61 10.86
C GLU M 39 -9.84 13.53 11.94
N ASN M 40 -8.75 12.77 11.91
CA ASN M 40 -8.51 11.74 12.92
C ASN M 40 -7.04 11.69 13.32
N GLY M 41 -6.38 12.83 13.29
CA GLY M 41 -4.94 12.86 13.51
C GLY M 41 -4.17 12.62 12.23
N TRP M 42 -2.94 13.14 12.19
CA TRP M 42 -2.13 13.03 10.99
C TRP M 42 -1.78 11.57 10.73
N THR M 43 -2.01 11.13 9.49
CA THR M 43 -1.75 9.75 9.09
C THR M 43 -0.97 9.74 7.78
N VAL M 44 -0.24 8.65 7.56
CA VAL M 44 0.64 8.50 6.41
C VAL M 44 0.00 7.54 5.42
N VAL M 45 0.07 7.89 4.13
CA VAL M 45 -0.56 7.10 3.07
C VAL M 45 0.35 7.07 1.86
N GLU M 46 0.39 5.92 1.19
CA GLU M 46 1.14 5.73 -0.05
C GLU M 46 0.31 6.22 -1.23
N VAL M 47 0.93 7.05 -2.07
CA VAL M 47 0.26 7.52 -3.30
C VAL M 47 1.27 7.54 -4.44
N PRO M 48 0.80 7.28 -5.65
CA PRO M 48 1.68 7.39 -6.81
C PRO M 48 2.12 8.83 -7.05
N ALA M 49 3.33 8.99 -7.57
CA ALA M 49 3.89 10.31 -7.80
C ALA M 49 4.99 10.22 -8.83
N ILE M 50 5.37 11.37 -9.38
CA ILE M 50 6.46 11.49 -10.33
C ILE M 50 7.48 12.46 -9.76
N THR M 51 8.75 12.04 -9.77
CA THR M 51 9.81 12.82 -9.15
C THR M 51 10.10 14.10 -9.93
N GLY M 52 10.59 15.11 -9.21
CA GLY M 52 10.91 16.38 -9.82
C GLY M 52 12.16 16.36 -10.67
N ASN M 53 13.05 15.38 -10.45
CA ASN M 53 14.22 15.24 -11.32
C ASN M 53 13.79 14.98 -12.75
N MET M 54 12.82 14.10 -12.95
CA MET M 54 12.32 13.80 -14.29
C MET M 54 11.62 15.02 -14.90
N LEU M 55 10.88 15.77 -14.09
CA LEU M 55 10.25 16.99 -14.59
C LEU M 55 11.30 18.01 -15.02
N LYS M 56 12.40 18.12 -14.26
CA LYS M 56 13.48 19.01 -14.64
C LYS M 56 14.14 18.54 -15.93
N HIS M 57 14.30 17.22 -16.10
CA HIS M 57 14.83 16.71 -17.35
C HIS M 57 13.92 17.06 -18.52
N TRP M 58 12.61 16.94 -18.33
CA TRP M 58 11.69 17.30 -19.40
C TRP M 58 11.71 18.79 -19.68
N HIS M 59 11.93 19.63 -18.65
CA HIS M 59 12.07 21.06 -18.89
C HIS M 59 13.32 21.34 -19.71
N PHE M 60 14.41 20.63 -19.41
CA PHE M 60 15.60 20.71 -20.25
C PHE M 60 15.30 20.31 -21.68
N VAL M 61 14.51 19.24 -21.85
CA VAL M 61 14.15 18.77 -23.19
C VAL M 61 13.38 19.85 -23.94
N GLY M 62 12.39 20.46 -23.28
CA GLY M 62 11.62 21.51 -23.91
C GLY M 62 12.46 22.73 -24.25
N PHE M 63 13.35 23.11 -23.35
CA PHE M 63 14.21 24.27 -23.60
C PHE M 63 15.14 24.03 -24.78
N VAL M 64 15.76 22.85 -24.84
CA VAL M 64 16.65 22.56 -25.95
C VAL M 64 15.86 22.40 -27.24
N ASP M 65 14.61 21.94 -27.17
CA ASP M 65 13.79 21.84 -28.37
C ASP M 65 13.43 23.21 -28.91
N TYR M 66 13.09 24.15 -28.02
CA TYR M 66 12.72 25.49 -28.45
C TYR M 66 13.92 26.39 -28.70
N PHE M 67 15.13 25.95 -28.36
CA PHE M 67 16.31 26.80 -28.55
C PHE M 67 17.03 26.54 -29.87
N LYS M 68 16.77 25.41 -30.53
CA LYS M 68 17.44 25.12 -31.78
C LYS M 68 17.05 26.12 -32.87
N THR M 69 15.78 26.50 -32.93
CA THR M 69 15.30 27.41 -33.94
C THR M 69 15.83 28.84 -33.78
N THR M 70 16.35 29.17 -32.60
CA THR M 70 16.88 30.52 -32.38
C THR M 70 18.14 30.71 -33.22
N PRO M 71 18.39 31.93 -33.72
CA PRO M 71 19.63 32.17 -34.48
C PRO M 71 20.89 31.88 -33.68
N TYR M 72 20.86 32.12 -32.36
CA TYR M 72 21.99 31.85 -31.49
C TYR M 72 21.98 30.43 -30.95
N GLY M 73 21.29 29.51 -31.64
CA GLY M 73 21.21 28.14 -31.18
C GLY M 73 22.43 27.30 -31.42
N VAL M 74 23.40 27.80 -32.20
CA VAL M 74 24.63 27.07 -32.42
C VAL M 74 25.45 26.95 -31.14
N ASN M 75 25.29 27.87 -30.20
CA ASN M 75 26.01 27.82 -28.93
C ASN M 75 25.30 26.83 -28.01
N LEU M 76 25.55 25.55 -28.28
CA LEU M 76 24.89 24.48 -27.57
C LEU M 76 25.75 23.22 -27.63
N THR M 77 25.47 22.28 -26.72
CA THR M 77 26.18 21.01 -26.70
C THR M 77 25.45 19.98 -27.55
N GLU M 78 26.21 19.17 -28.27
CA GLU M 78 25.60 18.13 -29.10
C GLU M 78 24.91 17.09 -28.23
N ARG M 79 25.38 16.92 -26.99
CA ARG M 79 24.74 16.00 -26.06
C ARG M 79 23.32 16.41 -25.75
N ALA M 80 23.03 17.71 -25.79
CA ALA M 80 21.67 18.18 -25.65
C ALA M 80 20.84 17.97 -26.91
N LEU M 81 21.48 17.78 -28.06
CA LEU M 81 20.74 17.53 -29.30
C LEU M 81 20.01 16.19 -29.23
N ARG M 82 20.66 15.16 -28.69
CA ARG M 82 20.02 13.87 -28.50
C ARG M 82 19.28 13.77 -27.17
N TYR M 83 18.95 14.91 -26.56
CA TYR M 83 18.16 14.95 -25.33
C TYR M 83 18.81 14.17 -24.20
N ASN M 84 20.13 14.28 -24.09
CA ASN M 84 20.89 13.63 -23.04
C ASN M 84 21.30 14.67 -22.01
N GLY M 85 21.02 14.39 -20.74
CA GLY M 85 21.28 15.33 -19.67
C GLY M 85 22.51 15.01 -18.85
N THR M 86 23.46 14.30 -19.45
CA THR M 86 24.67 13.91 -18.74
C THR M 86 25.53 15.10 -18.34
N ARG M 87 25.40 16.23 -19.05
CA ARG M 87 26.27 17.39 -18.87
C ARG M 87 27.72 17.00 -19.07
N PHE M 88 28.49 16.91 -17.99
CA PHE M 88 29.89 16.56 -18.07
C PHE M 88 30.25 15.28 -17.33
N GLY M 89 29.38 14.78 -16.46
CA GLY M 89 29.60 13.46 -15.87
C GLY M 89 30.86 13.41 -15.02
N GLN M 90 31.53 12.28 -15.07
CA GLN M 90 32.72 12.02 -14.28
C GLN M 90 33.92 11.76 -15.20
N GLY M 91 35.05 12.36 -14.84
CA GLY M 91 36.27 12.16 -15.60
C GLY M 91 36.25 12.68 -17.02
N GLU M 92 35.71 13.89 -17.22
CA GLU M 92 35.69 14.53 -18.52
C GLU M 92 36.39 15.88 -18.45
N THR M 93 37.22 16.16 -19.46
CA THR M 93 38.00 17.38 -19.51
C THR M 93 37.46 18.39 -20.52
N THR M 94 37.14 17.94 -21.73
CA THR M 94 36.68 18.83 -22.78
C THR M 94 35.28 18.44 -23.21
N ALA M 95 34.40 19.43 -23.32
CA ALA M 95 33.05 19.22 -23.82
C ALA M 95 32.98 19.67 -25.27
N THR M 96 32.64 18.74 -26.16
CA THR M 96 32.61 19.03 -27.58
C THR M 96 31.43 19.97 -27.87
N LYS M 97 31.56 20.75 -28.94
CA LYS M 97 30.52 21.69 -29.34
C LYS M 97 29.59 21.05 -30.35
N ALA M 98 28.34 21.54 -30.39
CA ALA M 98 27.42 21.08 -31.42
C ALA M 98 27.93 21.42 -32.81
N ASN M 99 28.67 22.53 -32.94
CA ASN M 99 29.32 22.88 -34.20
C ASN M 99 30.56 22.03 -34.47
N GLY M 100 30.99 21.22 -33.51
CA GLY M 100 32.18 20.41 -33.67
C GLY M 100 33.41 20.93 -32.96
N ALA M 101 33.34 22.11 -32.35
CA ALA M 101 34.47 22.67 -31.61
C ALA M 101 34.53 22.04 -30.22
N THR M 102 35.42 22.54 -29.36
CA THR M 102 35.58 22.02 -28.02
C THR M 102 35.67 23.16 -27.02
N VAL M 103 35.23 22.90 -25.79
CA VAL M 103 35.25 23.88 -24.71
C VAL M 103 35.91 23.24 -23.50
N GLN M 104 36.82 23.96 -22.87
CA GLN M 104 37.48 23.46 -21.67
C GLN M 104 36.50 23.46 -20.49
N LEU M 105 36.78 22.60 -19.51
CA LEU M 105 35.90 22.46 -18.37
C LEU M 105 36.08 23.57 -17.33
N ASN M 106 37.12 24.39 -17.48
CA ASN M 106 37.35 25.52 -16.59
C ASN M 106 36.83 26.80 -17.25
N ASP M 107 37.08 27.94 -16.61
CA ASP M 107 36.65 29.25 -17.11
C ASP M 107 35.13 29.27 -17.29
N GLU M 108 34.43 29.17 -16.15
CA GLU M 108 32.97 29.09 -16.09
C GLU M 108 32.30 30.12 -16.99
N ALA M 109 32.89 31.31 -17.11
CA ALA M 109 32.33 32.31 -18.01
C ALA M 109 32.30 31.82 -19.46
N THR M 110 33.39 31.19 -19.90
CA THR M 110 33.40 30.63 -21.25
C THR M 110 32.37 29.52 -21.40
N ILE M 111 32.22 28.69 -20.37
CA ILE M 111 31.24 27.59 -20.43
C ILE M 111 29.84 28.14 -20.59
N ILE M 112 29.49 29.15 -19.79
CA ILE M 112 28.14 29.69 -19.85
C ILE M 112 27.92 30.52 -21.10
N LYS M 113 28.97 31.11 -21.66
CA LYS M 113 28.80 31.87 -22.90
C LYS M 113 28.84 31.00 -24.14
N GLU M 114 29.28 29.75 -24.02
CA GLU M 114 29.32 28.84 -25.16
C GLU M 114 28.24 27.76 -25.12
N LEU M 115 27.89 27.27 -23.93
CA LEU M 115 26.89 26.23 -23.77
C LEU M 115 25.70 26.80 -23.00
N ALA M 116 24.57 26.94 -23.68
CA ALA M 116 23.38 27.49 -23.03
C ALA M 116 22.72 26.50 -22.08
N ASP M 117 22.82 25.20 -22.36
CA ASP M 117 22.19 24.21 -21.50
C ASP M 117 22.82 24.22 -20.11
N ALA M 118 24.15 24.27 -20.04
CA ALA M 118 24.82 24.37 -18.75
C ALA M 118 24.61 25.74 -18.12
N ASP M 119 24.41 26.78 -18.95
CA ASP M 119 24.13 28.11 -18.42
C ASP M 119 22.79 28.14 -17.70
N VAL M 120 21.79 27.44 -18.24
CA VAL M 120 20.44 27.49 -17.69
C VAL M 120 20.27 26.46 -16.57
N HIS M 121 20.53 25.19 -16.85
CA HIS M 121 20.26 24.13 -15.89
C HIS M 121 21.44 23.79 -15.00
N GLY M 122 22.56 24.50 -15.13
CA GLY M 122 23.73 24.20 -14.33
C GLY M 122 24.51 23.02 -14.88
N PHE M 123 25.60 22.70 -14.18
CA PHE M 123 26.48 21.63 -14.60
C PHE M 123 27.33 21.20 -13.40
N LEU M 124 28.30 20.32 -13.65
CA LEU M 124 29.24 19.89 -12.63
C LEU M 124 30.45 19.30 -13.32
N ALA M 125 31.64 19.73 -12.92
CA ALA M 125 32.91 19.29 -13.50
C ALA M 125 33.80 18.80 -12.37
N PRO M 126 33.63 17.55 -11.94
CA PRO M 126 34.42 17.05 -10.80
C PRO M 126 35.91 17.05 -11.02
N LYS M 127 36.38 16.97 -12.27
CA LYS M 127 37.82 16.94 -12.51
C LYS M 127 38.48 18.25 -12.08
N THR M 128 37.85 19.38 -12.38
CA THR M 128 38.36 20.68 -11.95
C THR M 128 37.63 21.23 -10.74
N GLY M 129 36.30 21.14 -10.72
CA GLY M 129 35.51 21.67 -9.61
C GLY M 129 34.54 22.77 -9.99
N ARG M 130 34.49 23.18 -11.26
CA ARG M 130 33.56 24.22 -11.66
C ARG M 130 32.12 23.73 -11.50
N ARG M 131 31.28 24.58 -10.94
CA ARG M 131 29.90 24.23 -10.63
C ARG M 131 29.00 25.43 -10.89
N ARG M 132 27.71 25.14 -11.04
CA ARG M 132 26.71 26.19 -11.26
C ARG M 132 25.35 25.64 -10.87
N VAL M 133 24.68 26.30 -9.94
CA VAL M 133 23.37 25.83 -9.50
C VAL M 133 22.35 26.03 -10.61
N SER M 134 21.35 25.16 -10.64
CA SER M 134 20.33 25.24 -11.67
C SER M 134 19.47 26.49 -11.48
N LEU M 135 19.12 27.12 -12.60
CA LEU M 135 18.25 28.28 -12.56
C LEU M 135 16.77 27.90 -12.51
N VAL M 136 16.45 26.62 -12.69
CA VAL M 136 15.08 26.13 -12.65
C VAL M 136 15.00 25.05 -11.58
N LYS M 137 14.08 25.23 -10.63
CA LYS M 137 13.87 24.28 -9.55
C LYS M 137 12.53 23.59 -9.73
N ALA M 138 12.54 22.26 -9.72
CA ALA M 138 11.34 21.47 -9.94
C ALA M 138 10.95 20.74 -8.67
N SER M 139 9.65 20.73 -8.37
CA SER M 139 9.12 20.07 -7.20
C SER M 139 8.39 18.80 -7.58
N PHE M 140 8.15 17.95 -6.59
CA PHE M 140 7.43 16.71 -6.82
C PHE M 140 5.98 17.01 -7.20
N ILE M 141 5.37 16.08 -7.93
CA ILE M 141 3.97 16.14 -8.29
C ILE M 141 3.25 15.04 -7.50
N LEU M 142 2.31 15.46 -6.66
CA LEU M 142 1.60 14.55 -5.77
C LEU M 142 0.11 14.79 -5.90
N PRO M 143 -0.70 13.75 -5.68
CA PRO M 143 -2.15 13.95 -5.67
C PRO M 143 -2.56 14.88 -4.53
N THR M 144 -3.52 15.75 -4.82
CA THR M 144 -3.93 16.78 -3.86
C THR M 144 -4.60 16.14 -2.65
N GLU M 145 -4.48 16.83 -1.51
CA GLU M 145 -4.85 16.23 -0.23
C GLU M 145 -6.36 15.98 -0.12
N ASP M 146 -7.18 16.93 -0.56
CA ASP M 146 -8.62 16.75 -0.44
C ASP M 146 -9.11 15.57 -1.29
N PHE M 147 -8.48 15.34 -2.45
CA PHE M 147 -8.83 14.16 -3.23
C PHE M 147 -8.51 12.88 -2.45
N ILE M 148 -7.37 12.86 -1.76
CA ILE M 148 -7.02 11.70 -0.95
C ILE M 148 -8.05 11.50 0.16
N LYS M 149 -8.46 12.59 0.82
CA LYS M 149 -9.43 12.48 1.89
C LYS M 149 -10.78 12.00 1.38
N GLU M 150 -11.22 12.49 0.22
CA GLU M 150 -12.53 12.18 -0.31
C GLU M 150 -12.55 10.88 -1.12
N VAL M 151 -11.40 10.25 -1.36
CA VAL M 151 -11.40 8.97 -2.04
C VAL M 151 -11.42 7.80 -1.05
N GLU M 152 -11.33 8.08 0.25
CA GLU M 152 -11.35 7.09 1.32
C GLU M 152 -10.53 5.84 0.97
N GLY M 153 -9.27 6.08 0.62
CA GLY M 153 -8.42 4.99 0.21
C GLY M 153 -8.85 4.46 -1.14
N GLU M 154 -9.20 3.17 -1.19
CA GLU M 154 -9.69 2.53 -2.40
C GLU M 154 -8.65 2.65 -3.54
N ARG M 155 -7.52 1.98 -3.32
CA ARG M 155 -6.35 2.05 -4.19
C ARG M 155 -6.74 2.02 -5.66
N LEU M 156 -6.37 3.07 -6.39
CA LEU M 156 -6.78 3.27 -7.77
C LEU M 156 -5.71 2.87 -8.78
N ILE M 157 -4.59 2.32 -8.32
CA ILE M 157 -3.53 1.88 -9.23
C ILE M 157 -3.94 0.52 -9.78
N THR M 158 -4.13 0.46 -11.10
CA THR M 158 -4.57 -0.76 -11.78
C THR M 158 -3.43 -1.37 -12.57
N ALA M 159 -3.33 -2.69 -12.52
CA ALA M 159 -2.26 -3.43 -13.19
C ALA M 159 -2.83 -4.03 -14.48
N ILE M 160 -2.42 -3.48 -15.62
CA ILE M 160 -2.82 -3.99 -16.92
C ILE M 160 -1.70 -4.87 -17.44
N LYS M 161 -2.03 -6.13 -17.73
CA LYS M 161 -1.06 -7.10 -18.23
C LYS M 161 -1.21 -7.23 -19.74
N HIS M 162 -0.08 -7.24 -20.44
CA HIS M 162 -0.11 -7.36 -21.90
C HIS M 162 1.19 -8.01 -22.35
N ASN M 163 1.12 -8.69 -23.50
CA ASN M 163 2.19 -9.57 -23.94
C ASN M 163 3.05 -8.91 -25.01
N ARG M 164 4.23 -9.51 -25.21
CA ARG M 164 5.16 -9.13 -26.27
C ARG M 164 5.19 -10.29 -27.26
N VAL M 165 4.41 -10.17 -28.34
CA VAL M 165 4.27 -11.26 -29.30
C VAL M 165 5.57 -11.43 -30.06
N ASP M 166 6.09 -12.66 -30.10
CA ASP M 166 7.32 -13.01 -30.81
C ASP M 166 7.00 -14.18 -31.73
N VAL M 167 6.70 -13.89 -32.99
CA VAL M 167 6.36 -14.89 -33.99
C VAL M 167 7.63 -15.24 -34.76
N ASP M 168 7.98 -16.53 -34.78
CA ASP M 168 9.15 -16.99 -35.50
C ASP M 168 8.89 -16.95 -37.01
N GLU M 169 9.95 -17.14 -37.79
CA GLU M 169 9.84 -17.13 -39.24
C GLU M 169 8.93 -18.24 -39.77
N LYS M 170 8.68 -19.28 -38.97
CA LYS M 170 7.78 -20.36 -39.33
C LYS M 170 6.37 -20.14 -38.82
N GLY M 171 6.08 -18.97 -38.27
CA GLY M 171 4.76 -18.69 -37.73
C GLY M 171 4.38 -19.51 -36.52
N ALA M 172 5.28 -19.65 -35.57
CA ALA M 172 5.01 -20.43 -34.37
C ALA M 172 5.81 -19.87 -33.20
N ILE M 173 5.36 -20.18 -32.00
CA ILE M 173 6.03 -19.77 -30.77
C ILE M 173 6.44 -21.03 -30.02
N GLY M 174 7.73 -21.15 -29.71
CA GLY M 174 8.23 -22.32 -29.01
C GLY M 174 8.68 -22.01 -27.60
N SER M 175 9.95 -22.27 -27.30
CA SER M 175 10.52 -22.02 -25.99
C SER M 175 11.88 -21.37 -26.18
N SER M 176 12.63 -21.27 -25.07
CA SER M 176 13.96 -20.67 -25.13
C SER M 176 14.94 -21.51 -25.94
N LYS M 177 14.72 -22.82 -26.05
CA LYS M 177 15.61 -23.67 -26.82
C LYS M 177 15.57 -23.31 -28.30
N GLU M 178 14.37 -23.01 -28.83
CA GLU M 178 14.20 -22.66 -30.23
C GLU M 178 14.46 -21.19 -30.51
N GLY M 179 14.73 -20.39 -29.48
CA GLY M 179 15.01 -18.97 -29.68
C GLY M 179 13.78 -18.11 -29.84
N THR M 180 12.77 -18.34 -28.99
CA THR M 180 11.54 -17.57 -29.00
C THR M 180 11.38 -16.89 -27.64
N ALA M 181 11.04 -15.61 -27.65
CA ALA M 181 10.92 -14.80 -26.44
C ALA M 181 9.46 -14.39 -26.28
N GLN M 182 8.66 -15.23 -25.64
CA GLN M 182 7.26 -14.96 -25.37
C GLN M 182 7.09 -14.61 -23.91
N MET M 183 6.61 -13.39 -23.64
CA MET M 183 6.46 -12.92 -22.27
C MET M 183 5.20 -12.06 -22.17
N LEU M 184 4.69 -11.93 -20.95
CA LEU M 184 3.49 -11.16 -20.65
C LEU M 184 3.82 -10.23 -19.49
N PHE M 185 4.12 -8.97 -19.77
CA PHE M 185 4.53 -8.05 -18.74
C PHE M 185 3.38 -7.14 -18.33
N SER M 186 3.40 -6.70 -17.08
CA SER M 186 2.33 -5.91 -16.51
C SER M 186 2.83 -4.49 -16.21
N ARG M 187 1.94 -3.52 -16.43
CA ARG M 187 2.24 -2.11 -16.21
C ARG M 187 1.15 -1.51 -15.33
N GLU M 188 1.54 -0.67 -14.39
CA GLU M 188 0.59 -0.01 -13.51
C GLU M 188 0.17 1.33 -14.09
N TYR M 189 -1.10 1.68 -13.86
CA TYR M 189 -1.66 2.95 -14.33
C TYR M 189 -2.48 3.57 -13.22
N ALA M 190 -2.50 4.89 -13.17
CA ALA M 190 -3.17 5.63 -12.10
C ALA M 190 -3.94 6.80 -12.66
N THR M 191 -4.77 7.39 -11.79
CA THR M 191 -5.58 8.55 -12.13
C THR M 191 -5.58 9.49 -10.93
N GLY M 192 -6.20 10.66 -11.08
CA GLY M 192 -6.43 11.52 -9.96
C GLY M 192 -6.17 12.97 -10.28
N LEU M 193 -6.08 13.79 -9.22
CA LEU M 193 -5.89 15.22 -9.31
C LEU M 193 -4.58 15.56 -8.60
N TYR M 194 -3.55 15.92 -9.36
CA TYR M 194 -2.22 16.19 -8.85
C TYR M 194 -1.97 17.69 -8.83
N GLY M 195 -0.81 18.07 -8.29
CA GLY M 195 -0.45 19.47 -8.21
C GLY M 195 1.00 19.69 -8.60
N PHE M 196 1.28 20.91 -9.05
CA PHE M 196 2.62 21.29 -9.46
C PHE M 196 2.96 22.66 -8.89
N SER M 197 4.23 22.84 -8.51
CA SER M 197 4.71 24.08 -7.92
C SER M 197 6.05 24.48 -8.54
N ILE M 198 6.11 24.49 -9.87
CA ILE M 198 7.35 24.80 -10.57
C ILE M 198 7.76 26.24 -10.28
N VAL M 199 9.03 26.43 -9.94
CA VAL M 199 9.62 27.74 -9.68
C VAL M 199 10.85 27.89 -10.56
N LEU M 200 11.04 29.07 -11.14
CA LEU M 200 12.21 29.26 -11.97
C LEU M 200 12.63 30.73 -11.97
N ASP M 201 13.93 30.94 -11.75
CA ASP M 201 14.52 32.27 -11.69
C ASP M 201 15.40 32.45 -12.92
N LEU M 202 15.16 33.53 -13.67
CA LEU M 202 15.86 33.78 -14.92
C LEU M 202 16.76 35.01 -14.84
N GLY M 203 16.99 35.54 -13.64
CA GLY M 203 17.78 36.74 -13.49
C GLY M 203 19.27 36.54 -13.59
N LEU M 204 19.74 35.30 -13.62
CA LEU M 204 21.17 34.99 -13.69
C LEU M 204 21.55 34.37 -15.03
N VAL M 205 20.77 34.62 -16.08
CA VAL M 205 21.09 34.07 -17.39
C VAL M 205 22.28 34.82 -17.97
N GLY M 206 23.34 34.09 -18.30
CA GLY M 206 24.54 34.69 -18.83
C GLY M 206 25.44 35.33 -17.80
N ILE M 207 25.10 35.26 -16.52
CA ILE M 207 25.87 35.89 -15.45
C ILE M 207 26.62 34.79 -14.70
N PRO M 208 27.95 34.77 -14.73
CA PRO M 208 28.68 33.75 -13.96
C PRO M 208 28.41 33.91 -12.47
N GLN M 209 28.33 32.78 -11.77
CA GLN M 209 28.06 32.81 -10.34
C GLN M 209 29.28 33.28 -9.55
N GLY M 210 30.49 33.07 -10.07
CA GLY M 210 31.68 33.51 -9.38
C GLY M 210 31.95 34.99 -9.45
N LEU M 211 31.21 35.72 -10.27
CA LEU M 211 31.37 37.17 -10.39
C LEU M 211 30.08 37.76 -10.94
N PRO M 212 29.07 37.94 -10.08
CA PRO M 212 27.76 38.39 -10.56
C PRO M 212 27.75 39.88 -10.94
N VAL M 213 28.41 40.71 -10.15
CA VAL M 213 28.42 42.15 -10.35
C VAL M 213 29.85 42.64 -10.37
N LYS M 214 30.11 43.64 -11.23
CA LYS M 214 31.47 44.12 -11.48
C LYS M 214 31.89 45.27 -10.58
N PHE M 215 30.98 46.19 -10.25
CA PHE M 215 31.30 47.41 -9.50
C PHE M 215 32.41 48.21 -10.20
N GLU M 216 32.06 48.72 -11.39
CA GLU M 216 32.99 49.56 -12.14
C GLU M 216 33.31 50.83 -11.37
N GLU M 217 32.28 51.52 -10.87
CA GLU M 217 32.45 52.73 -10.08
C GLU M 217 31.49 52.72 -8.89
N ASN M 218 31.40 51.58 -8.21
CA ASN M 218 30.50 51.39 -7.07
C ASN M 218 29.05 51.53 -7.50
N GLN M 219 28.69 50.86 -8.59
CA GLN M 219 27.32 50.80 -9.08
C GLN M 219 26.94 49.36 -9.36
N PRO M 220 25.66 49.02 -9.21
CA PRO M 220 25.23 47.64 -9.50
C PRO M 220 25.13 47.35 -10.98
N ARG M 221 26.27 47.06 -11.62
CA ARG M 221 26.29 46.75 -13.03
C ARG M 221 26.39 45.23 -13.19
N PRO M 222 25.36 44.56 -13.72
CA PRO M 222 25.44 43.10 -13.87
C PRO M 222 26.57 42.70 -14.79
N ASN M 223 27.22 41.58 -14.46
CA ASN M 223 28.34 41.06 -15.24
C ASN M 223 27.80 40.12 -16.28
N ILE M 224 27.49 40.66 -17.46
CA ILE M 224 26.95 39.89 -18.58
C ILE M 224 28.11 39.54 -19.50
N VAL M 225 28.28 38.25 -19.77
CA VAL M 225 29.35 37.77 -20.65
C VAL M 225 28.85 37.42 -22.04
N ILE M 226 27.55 37.57 -22.30
CA ILE M 226 26.96 37.29 -23.60
C ILE M 226 26.26 38.53 -24.11
N ASP M 227 25.92 38.51 -25.39
CA ASP M 227 25.22 39.63 -26.00
C ASP M 227 23.82 39.77 -25.42
N PRO M 228 23.31 41.00 -25.27
CA PRO M 228 21.95 41.17 -24.77
C PRO M 228 20.89 40.48 -25.61
N ASN M 229 21.09 40.45 -26.94
CA ASN M 229 20.15 39.74 -27.80
C ASN M 229 20.17 38.25 -27.50
N GLU M 230 21.36 37.67 -27.32
CA GLU M 230 21.45 36.26 -26.98
C GLU M 230 20.82 35.97 -25.62
N ARG M 231 21.02 36.88 -24.65
CA ARG M 231 20.40 36.70 -23.34
C ARG M 231 18.88 36.74 -23.43
N LYS M 232 18.34 37.66 -24.24
CA LYS M 232 16.89 37.73 -24.42
C LYS M 232 16.37 36.48 -25.11
N ALA M 233 17.10 35.99 -26.12
CA ALA M 233 16.67 34.76 -26.79
C ALA M 233 16.69 33.58 -25.83
N ARG M 234 17.72 33.49 -24.99
CA ARG M 234 17.81 32.40 -24.03
C ARG M 234 16.67 32.45 -23.02
N ILE M 235 16.38 33.65 -22.49
CA ILE M 235 15.31 33.76 -21.49
C ILE M 235 13.95 33.46 -22.14
N GLU M 236 13.74 33.92 -23.37
CA GLU M 236 12.49 33.63 -24.06
C GLU M 236 12.33 32.14 -24.32
N SER M 237 13.41 31.47 -24.73
CA SER M 237 13.34 30.02 -24.94
C SER M 237 13.06 29.28 -23.65
N ALA M 238 13.75 29.66 -22.56
CA ALA M 238 13.51 29.02 -21.28
C ALA M 238 12.09 29.24 -20.79
N LEU M 239 11.51 30.41 -21.09
CA LEU M 239 10.14 30.68 -20.68
C LEU M 239 9.13 29.91 -21.53
N LYS M 240 9.38 29.83 -22.84
CA LYS M 240 8.51 29.08 -23.74
C LYS M 240 8.69 27.58 -23.58
N ALA M 241 9.71 27.14 -22.84
CA ALA M 241 9.87 25.71 -22.55
C ALA M 241 8.71 25.14 -21.74
N LEU M 242 7.87 25.98 -21.14
CA LEU M 242 6.71 25.52 -20.40
C LEU M 242 5.58 25.07 -21.32
N ILE M 243 5.70 25.28 -22.63
CA ILE M 243 4.63 24.88 -23.55
C ILE M 243 4.31 23.39 -23.47
N PRO M 244 5.29 22.48 -23.50
CA PRO M 244 4.94 21.05 -23.38
C PRO M 244 4.67 20.58 -21.97
N MET M 245 4.95 21.40 -20.95
CA MET M 245 4.70 20.99 -19.57
C MET M 245 3.22 20.82 -19.29
N LEU M 246 2.40 21.75 -19.75
CA LEU M 246 0.97 21.72 -19.48
C LEU M 246 0.19 21.45 -20.76
N SER M 247 0.74 20.56 -21.59
CA SER M 247 0.05 20.07 -22.78
C SER M 247 0.03 18.56 -22.92
N GLY M 248 0.93 17.85 -22.24
CA GLY M 248 0.91 16.39 -22.29
C GLY M 248 2.22 15.74 -22.65
N TYR M 249 3.33 16.48 -22.54
CA TYR M 249 4.66 15.94 -22.80
C TYR M 249 5.43 15.70 -21.50
N ILE M 250 4.75 15.27 -20.46
CA ILE M 250 5.37 14.94 -19.18
C ILE M 250 5.16 13.45 -18.91
N GLY M 251 6.24 12.75 -18.60
CA GLY M 251 6.18 11.34 -18.28
C GLY M 251 6.92 10.49 -19.30
N ALA M 252 7.08 9.22 -18.92
CA ALA M 252 7.64 8.21 -19.79
C ALA M 252 6.50 7.40 -20.40
N ASN M 253 6.86 6.46 -21.28
CA ASN M 253 5.90 5.59 -21.96
C ASN M 253 4.88 6.39 -22.74
N LEU M 254 5.27 7.57 -23.24
CA LEU M 254 4.35 8.41 -23.99
C LEU M 254 3.91 7.75 -25.30
N ALA M 255 4.78 6.92 -25.88
CA ALA M 255 4.41 6.23 -27.11
C ALA M 255 3.26 5.26 -26.90
N ARG M 256 3.21 4.61 -25.73
CA ARG M 256 2.18 3.62 -25.46
C ARG M 256 1.10 4.09 -24.50
N SER M 257 1.36 5.12 -23.70
CA SER M 257 0.38 5.60 -22.73
C SER M 257 -0.12 7.00 -23.07
N PHE M 258 0.77 7.99 -23.15
CA PHE M 258 0.41 9.39 -23.41
C PHE M 258 -0.72 9.82 -22.49
N PRO M 259 -0.42 10.10 -21.22
CA PRO M 259 -1.48 10.23 -20.21
C PRO M 259 -2.52 11.28 -20.57
N VAL M 260 -3.76 10.97 -20.24
CA VAL M 260 -4.88 11.89 -20.45
C VAL M 260 -4.66 13.10 -19.56
N PHE M 261 -4.32 14.23 -20.16
CA PHE M 261 -3.83 15.39 -19.44
C PHE M 261 -4.81 16.55 -19.56
N LYS M 262 -4.95 17.31 -18.48
CA LYS M 262 -5.77 18.52 -18.48
C LYS M 262 -5.34 19.39 -17.31
N VAL M 263 -5.30 20.69 -17.54
CA VAL M 263 -4.95 21.66 -16.50
C VAL M 263 -6.24 22.15 -15.86
N GLU M 264 -6.38 21.91 -14.56
CA GLU M 264 -7.59 22.34 -13.86
C GLU M 264 -7.52 23.81 -13.48
N GLU M 265 -6.48 24.20 -12.74
CA GLU M 265 -6.32 25.59 -12.33
C GLU M 265 -4.85 25.84 -11.99
N LEU M 266 -4.47 27.11 -11.99
CA LEU M 266 -3.10 27.46 -11.65
C LEU M 266 -3.02 28.96 -11.37
N VAL M 267 -1.94 29.34 -10.68
CA VAL M 267 -1.64 30.72 -10.38
C VAL M 267 -0.14 30.94 -10.59
N ALA M 268 0.21 32.08 -11.18
CA ALA M 268 1.59 32.42 -11.51
C ALA M 268 1.90 33.83 -11.04
N ILE M 269 3.08 34.01 -10.48
CA ILE M 269 3.57 35.31 -10.05
C ILE M 269 4.93 35.55 -10.71
N ALA M 270 5.10 36.73 -11.32
CA ALA M 270 6.33 37.08 -11.99
C ALA M 270 6.82 38.43 -11.48
N SER M 271 8.14 38.57 -11.40
CA SER M 271 8.74 39.82 -10.95
C SER M 271 10.19 39.86 -11.43
N GLU M 272 10.91 40.90 -11.01
CA GLU M 272 12.33 41.04 -11.31
C GLU M 272 13.20 40.78 -10.09
N GLY M 273 12.88 41.39 -8.96
CA GLY M 273 13.58 41.12 -7.73
C GLY M 273 13.11 39.84 -7.07
N PRO M 274 13.82 39.42 -6.04
CA PRO M 274 13.45 38.19 -5.34
C PRO M 274 12.05 38.30 -4.73
N ILE M 275 11.29 37.21 -4.83
CA ILE M 275 9.94 37.16 -4.28
C ILE M 275 9.71 35.81 -3.62
N PRO M 276 8.83 35.77 -2.62
CA PRO M 276 8.52 34.50 -1.97
C PRO M 276 7.90 33.51 -2.95
N ALA M 277 8.24 32.24 -2.78
CA ALA M 277 7.70 31.19 -3.63
C ALA M 277 6.26 30.86 -3.23
N LEU M 278 5.43 30.60 -4.23
CA LEU M 278 4.03 30.27 -3.98
C LEU M 278 3.93 28.92 -3.28
N VAL M 279 2.89 28.76 -2.46
CA VAL M 279 2.64 27.48 -1.82
C VAL M 279 2.11 26.48 -2.84
N HIS M 280 2.50 25.23 -2.67
CA HIS M 280 2.08 24.17 -3.59
C HIS M 280 0.57 23.96 -3.49
N GLY M 281 -0.02 23.57 -4.62
CA GLY M 281 -1.44 23.29 -4.71
C GLY M 281 -1.88 21.96 -4.15
N PHE M 282 -0.96 21.22 -3.54
CA PHE M 282 -1.31 19.92 -2.96
C PHE M 282 -2.31 20.08 -1.82
N TYR M 283 -2.15 21.12 -1.01
CA TYR M 283 -3.02 21.32 0.15
C TYR M 283 -4.38 21.90 -0.27
N GLU M 284 -5.36 21.73 0.62
CA GLU M 284 -6.69 22.28 0.35
C GLU M 284 -6.67 23.79 0.35
N ASP M 285 -6.10 24.40 1.40
CA ASP M 285 -6.16 25.85 1.59
C ASP M 285 -4.89 26.51 1.05
N TYR M 286 -4.66 26.31 -0.24
CA TYR M 286 -3.53 26.94 -0.91
C TYR M 286 -3.91 28.19 -1.67
N ILE M 287 -5.16 28.26 -2.16
CA ILE M 287 -5.61 29.46 -2.88
C ILE M 287 -5.62 30.65 -1.94
N GLU M 288 -6.16 30.48 -0.73
CA GLU M 288 -6.18 31.57 0.25
C GLU M 288 -4.78 31.92 0.69
N ALA M 289 -3.91 30.91 0.85
CA ALA M 289 -2.53 31.17 1.22
C ALA M 289 -1.82 32.00 0.18
N ASN M 290 -1.98 31.64 -1.10
CA ASN M 290 -1.37 32.43 -2.17
C ASN M 290 -1.98 33.83 -2.25
N ARG M 291 -3.29 33.93 -1.99
CA ARG M 291 -3.94 35.23 -1.98
C ARG M 291 -3.31 36.14 -0.93
N SER M 292 -3.13 35.62 0.28
CA SER M 292 -2.49 36.40 1.34
C SER M 292 -1.05 36.74 0.99
N ILE M 293 -0.33 35.77 0.42
CA ILE M 293 1.07 35.99 0.03
C ILE M 293 1.17 37.13 -0.95
N ILE M 294 0.33 37.14 -1.98
CA ILE M 294 0.34 38.23 -2.96
C ILE M 294 -0.08 39.54 -2.32
N LYS M 295 -1.15 39.52 -1.52
CA LYS M 295 -1.72 40.75 -0.99
C LYS M 295 -0.73 41.47 -0.09
N ASN M 296 -0.11 40.76 0.85
CA ASN M 296 0.84 41.43 1.74
C ASN M 296 2.18 41.73 1.09
N ALA M 297 2.64 40.88 0.17
CA ALA M 297 3.89 41.18 -0.53
C ALA M 297 3.77 42.40 -1.42
N ARG M 298 2.59 42.62 -2.02
CA ARG M 298 2.39 43.84 -2.80
C ARG M 298 2.50 45.08 -1.92
N ALA M 299 1.91 45.03 -0.72
CA ALA M 299 2.01 46.15 0.20
C ALA M 299 3.42 46.32 0.75
N LEU M 300 4.20 45.24 0.83
CA LEU M 300 5.57 45.34 1.33
C LEU M 300 6.46 46.16 0.41
N GLY M 301 6.17 46.19 -0.89
CA GLY M 301 6.97 46.98 -1.81
C GLY M 301 7.59 46.19 -2.95
N PHE M 302 6.99 45.07 -3.30
CA PHE M 302 7.45 44.23 -4.40
C PHE M 302 6.52 44.38 -5.59
N ASN M 303 7.10 44.63 -6.76
CA ASN M 303 6.32 44.74 -8.00
C ASN M 303 6.11 43.34 -8.57
N ILE M 304 4.89 42.83 -8.43
CA ILE M 304 4.55 41.46 -8.81
C ILE M 304 3.38 41.49 -9.78
N GLU M 305 3.51 40.73 -10.87
CA GLU M 305 2.42 40.52 -11.81
C GLU M 305 1.82 39.14 -11.56
N VAL M 306 0.50 39.08 -11.45
CA VAL M 306 -0.21 37.87 -11.05
C VAL M 306 -1.13 37.44 -12.19
N PHE M 307 -1.06 36.16 -12.56
CA PHE M 307 -1.93 35.56 -13.55
C PHE M 307 -2.63 34.36 -12.95
N THR M 308 -3.91 34.20 -13.26
CA THR M 308 -4.72 33.12 -12.72
C THR M 308 -5.43 32.38 -13.85
N TYR M 309 -5.62 31.08 -13.66
CA TYR M 309 -6.44 30.25 -14.55
C TYR M 309 -7.69 29.85 -13.79
N ASN M 310 -8.84 30.36 -14.23
CA ASN M 310 -10.16 30.17 -13.65
C ASN M 310 -10.15 30.10 -12.12
N VAL M 311 -9.42 31.02 -11.49
CA VAL M 311 -9.37 31.14 -10.04
C VAL M 311 -9.72 32.58 -9.68
N ASP M 312 -10.70 32.73 -8.78
CA ASP M 312 -11.10 34.07 -8.34
C ASP M 312 -9.97 34.78 -7.60
N LEU M 313 -9.26 34.05 -6.73
CA LEU M 313 -8.15 34.60 -5.95
C LEU M 313 -8.58 35.84 -5.17
N GLY M 314 -9.75 35.75 -4.54
CA GLY M 314 -10.25 36.86 -3.75
C GLY M 314 -10.61 38.06 -4.61
N GLU M 315 -10.41 39.24 -4.05
CA GLU M 315 -10.78 40.49 -4.70
C GLU M 315 -9.70 41.51 -4.37
N ASP M 316 -9.83 42.71 -4.95
CA ASP M 316 -8.92 43.85 -4.74
C ASP M 316 -7.45 43.45 -4.94
N ILE M 317 -7.21 42.44 -5.77
CA ILE M 317 -5.88 42.04 -6.18
C ILE M 317 -5.82 42.12 -7.69
N GLU M 318 -4.90 42.91 -8.21
CA GLU M 318 -4.77 43.10 -9.66
C GLU M 318 -4.17 41.84 -10.27
N ALA M 319 -5.04 41.01 -10.86
CA ALA M 319 -4.62 39.76 -11.48
C ALA M 319 -5.23 39.66 -12.87
N THR M 320 -4.51 38.98 -13.76
CA THR M 320 -4.94 38.79 -15.14
C THR M 320 -5.42 37.35 -15.32
N LYS M 321 -6.62 37.19 -15.87
CA LYS M 321 -7.19 35.87 -16.11
C LYS M 321 -6.76 35.39 -17.49
N VAL M 322 -6.08 34.24 -17.52
CA VAL M 322 -5.60 33.64 -18.75
C VAL M 322 -6.41 32.38 -19.03
N SER M 323 -6.78 32.16 -20.28
CA SER M 323 -7.58 31.02 -20.66
C SER M 323 -6.75 29.78 -21.00
N SER M 324 -5.43 29.90 -21.04
CA SER M 324 -4.57 28.78 -21.37
C SER M 324 -3.16 29.05 -20.84
N VAL M 325 -2.38 27.98 -20.72
CA VAL M 325 -1.01 28.11 -20.26
C VAL M 325 -0.16 28.84 -21.30
N GLU M 326 -0.40 28.57 -22.57
CA GLU M 326 0.32 29.28 -23.62
C GLU M 326 -0.03 30.76 -23.65
N GLU M 327 -1.27 31.12 -23.32
CA GLU M 327 -1.60 32.53 -23.13
C GLU M 327 -0.77 33.13 -21.99
N LEU M 328 -0.60 32.37 -20.91
CA LEU M 328 0.20 32.86 -19.79
C LEU M 328 1.66 33.05 -20.17
N VAL M 329 2.22 32.12 -20.94
CA VAL M 329 3.62 32.28 -21.32
C VAL M 329 3.78 33.42 -22.33
N ALA M 330 2.78 33.65 -23.17
CA ALA M 330 2.81 34.83 -24.04
C ALA M 330 2.80 36.11 -23.21
N ASN M 331 1.96 36.16 -22.18
CA ASN M 331 1.96 37.31 -21.28
C ASN M 331 3.29 37.47 -20.58
N LEU M 332 3.92 36.36 -20.18
CA LEU M 332 5.21 36.43 -19.51
C LEU M 332 6.30 36.95 -20.45
N VAL M 333 6.27 36.53 -21.72
CA VAL M 333 7.34 36.94 -22.64
C VAL M 333 7.09 38.32 -23.23
N LYS M 334 5.85 38.83 -23.20
CA LYS M 334 5.63 40.16 -23.76
C LYS M 334 6.29 41.25 -22.94
N MET M 335 6.55 40.99 -21.66
CA MET M 335 7.16 41.98 -20.77
C MET M 335 8.68 41.88 -20.71
N VAL M 336 9.27 40.94 -21.43
CA VAL M 336 10.72 40.80 -21.44
C VAL M 336 11.35 41.75 -22.46
N MET N 1 5.54 18.83 -39.57
CA MET N 1 4.55 17.76 -39.74
C MET N 1 4.17 17.12 -38.41
N TYR N 2 4.00 17.96 -37.39
CA TYR N 2 3.60 17.50 -36.06
C TYR N 2 2.09 17.64 -35.96
N VAL N 3 1.38 16.58 -36.31
CA VAL N 3 -0.08 16.61 -36.41
C VAL N 3 -0.70 15.96 -35.18
N ARG N 4 -1.64 16.67 -34.57
CA ARG N 4 -2.33 16.22 -33.36
C ARG N 4 -3.82 16.20 -33.62
N ILE N 5 -4.44 15.04 -33.44
CA ILE N 5 -5.88 14.88 -33.66
C ILE N 5 -6.49 14.32 -32.38
N SER N 6 -7.69 14.79 -32.06
CA SER N 6 -8.42 14.33 -30.89
C SER N 6 -9.90 14.33 -31.18
N GLY N 7 -10.61 13.29 -30.76
CA GLY N 7 -12.01 13.23 -31.11
C GLY N 7 -12.77 12.23 -30.27
N ARG N 8 -14.08 12.22 -30.48
CA ARG N 8 -15.02 11.33 -29.81
C ARG N 8 -15.67 10.42 -30.85
N ILE N 9 -15.72 9.13 -30.53
CA ILE N 9 -16.31 8.11 -31.38
C ILE N 9 -17.32 7.32 -30.55
N ARG N 10 -18.17 6.57 -31.24
CA ARG N 10 -19.15 5.69 -30.62
C ARG N 10 -18.77 4.25 -30.94
N LEU N 11 -18.59 3.42 -29.91
CA LEU N 11 -18.16 2.05 -30.07
C LEU N 11 -19.16 1.13 -29.37
N ASN N 12 -19.76 0.22 -30.12
CA ASN N 12 -20.82 -0.65 -29.60
C ASN N 12 -20.53 -2.10 -29.96
N ALA N 13 -20.94 -3.00 -29.07
CA ALA N 13 -20.85 -4.44 -29.32
C ALA N 13 -19.42 -4.86 -29.62
N HIS N 14 -18.48 -4.30 -28.88
CA HIS N 14 -17.05 -4.52 -29.11
C HIS N 14 -16.47 -5.40 -28.01
N SER N 15 -15.45 -6.17 -28.39
CA SER N 15 -14.66 -6.95 -27.45
C SER N 15 -13.18 -6.66 -27.62
N LEU N 16 -12.85 -5.44 -28.02
CA LEU N 16 -11.47 -5.09 -28.30
C LEU N 16 -10.64 -5.10 -27.02
N ASN N 17 -9.42 -5.64 -27.13
CA ASN N 17 -8.47 -5.72 -26.02
C ASN N 17 -9.07 -6.48 -24.84
N ALA N 18 -9.37 -7.75 -25.07
CA ALA N 18 -9.83 -8.61 -24.00
C ALA N 18 -8.67 -8.96 -23.07
N GLN N 19 -9.01 -9.44 -21.87
CA GLN N 19 -8.00 -9.79 -20.88
C GLN N 19 -7.42 -11.19 -21.11
N GLY N 20 -7.75 -11.86 -22.20
CA GLY N 20 -7.12 -13.11 -22.53
C GLY N 20 -7.66 -14.31 -21.77
N GLY N 21 -7.96 -14.12 -20.49
CA GLY N 21 -8.60 -15.14 -19.68
C GLY N 21 -7.74 -16.32 -19.31
N GLY N 22 -6.45 -16.30 -19.63
CA GLY N 22 -5.59 -17.42 -19.30
C GLY N 22 -5.76 -18.64 -20.16
N GLY N 23 -6.39 -18.51 -21.34
CA GLY N 23 -6.67 -19.65 -22.16
C GLY N 23 -7.69 -20.56 -21.52
N THR N 24 -8.69 -19.96 -20.88
CA THR N 24 -9.71 -20.72 -20.17
C THR N 24 -11.07 -20.45 -20.77
N ASN N 25 -12.13 -20.98 -20.17
CA ASN N 25 -13.47 -20.79 -20.70
C ASN N 25 -14.17 -19.58 -20.09
N TYR N 26 -13.44 -18.47 -20.01
CA TYR N 26 -13.99 -17.16 -19.65
C TYR N 26 -12.96 -16.09 -19.89
N ILE N 27 -13.34 -15.03 -20.63
CA ILE N 27 -12.44 -13.91 -20.90
C ILE N 27 -13.23 -12.62 -20.77
N GLU N 28 -12.59 -11.60 -20.23
CA GLU N 28 -13.21 -10.31 -20.00
C GLU N 28 -12.42 -9.20 -20.69
N ILE N 29 -13.03 -8.03 -20.77
CA ILE N 29 -12.41 -6.87 -21.41
C ILE N 29 -11.52 -6.17 -20.39
N THR N 30 -10.39 -5.63 -20.86
CA THR N 30 -9.50 -4.88 -19.99
C THR N 30 -10.23 -3.68 -19.40
N LYS N 31 -10.10 -3.50 -18.08
CA LYS N 31 -10.79 -2.44 -17.37
C LYS N 31 -9.79 -1.62 -16.58
N THR N 32 -10.06 -0.32 -16.47
CA THR N 32 -9.21 0.59 -15.71
C THR N 32 -10.09 1.55 -14.92
N LYS N 33 -9.51 2.12 -13.86
CA LYS N 33 -10.23 3.06 -13.02
C LYS N 33 -9.95 4.48 -13.47
N VAL N 34 -11.00 5.32 -13.44
CA VAL N 34 -10.89 6.73 -13.77
C VAL N 34 -11.59 7.53 -12.68
N THR N 35 -11.19 8.79 -12.55
CA THR N 35 -11.70 9.67 -11.52
C THR N 35 -12.64 10.71 -12.12
N VAL N 36 -13.77 10.93 -11.45
CA VAL N 36 -14.77 11.90 -11.88
C VAL N 36 -15.16 12.77 -10.70
N ARG N 37 -15.69 13.95 -11.01
CA ARG N 37 -16.05 14.92 -9.99
C ARG N 37 -17.45 14.69 -9.43
N THR N 38 -18.44 14.51 -10.31
CA THR N 38 -19.84 14.29 -9.97
C THR N 38 -20.43 15.41 -9.11
N GLU N 39 -19.77 16.57 -9.07
CA GLU N 39 -20.20 17.79 -8.37
C GLU N 39 -20.58 17.54 -6.91
N ASN N 40 -20.21 16.41 -6.33
CA ASN N 40 -20.46 16.14 -4.92
C ASN N 40 -19.29 15.40 -4.28
N GLY N 41 -18.11 15.49 -4.88
CA GLY N 41 -16.94 14.79 -4.34
C GLY N 41 -16.36 13.84 -5.38
N TRP N 42 -15.04 13.91 -5.55
CA TRP N 42 -14.36 13.07 -6.52
C TRP N 42 -14.49 11.60 -6.15
N THR N 43 -14.75 10.76 -7.15
CA THR N 43 -14.89 9.33 -6.94
C THR N 43 -14.30 8.58 -8.12
N VAL N 44 -13.85 7.36 -7.85
CA VAL N 44 -13.25 6.50 -8.87
C VAL N 44 -14.30 5.53 -9.37
N VAL N 45 -14.12 5.07 -10.62
CA VAL N 45 -15.06 4.16 -11.25
C VAL N 45 -14.30 3.33 -12.27
N GLU N 46 -14.63 2.05 -12.35
CA GLU N 46 -13.94 1.12 -13.24
C GLU N 46 -14.73 0.95 -14.53
N VAL N 47 -14.06 1.17 -15.66
CA VAL N 47 -14.70 1.10 -16.97
C VAL N 47 -13.82 0.34 -17.93
N PRO N 48 -14.42 -0.30 -18.93
CA PRO N 48 -13.63 -0.97 -19.97
C PRO N 48 -12.82 0.05 -20.76
N ALA N 49 -11.66 -0.40 -21.24
CA ALA N 49 -10.74 0.49 -21.94
C ALA N 49 -9.95 -0.28 -22.97
N ILE N 50 -9.37 0.46 -23.91
CA ILE N 50 -8.48 -0.07 -24.92
C ILE N 50 -7.11 0.56 -24.70
N THR N 51 -6.09 -0.27 -24.50
CA THR N 51 -4.76 0.25 -24.26
C THR N 51 -4.24 0.95 -25.50
N GLY N 52 -3.56 2.08 -25.30
CA GLY N 52 -3.00 2.82 -26.42
C GLY N 52 -2.01 2.02 -27.24
N ASN N 53 -1.50 0.93 -26.66
CA ASN N 53 -0.69 0.00 -27.45
C ASN N 53 -1.50 -0.57 -28.61
N MET N 54 -2.80 -0.85 -28.41
CA MET N 54 -3.60 -1.39 -29.50
C MET N 54 -3.70 -0.40 -30.65
N LEU N 55 -3.97 0.86 -30.33
CA LEU N 55 -4.07 1.87 -31.37
C LEU N 55 -2.73 2.05 -32.08
N LYS N 56 -1.62 2.04 -31.32
CA LYS N 56 -0.31 2.13 -31.92
C LYS N 56 0.00 0.95 -32.84
N HIS N 57 -0.29 -0.28 -32.39
CA HIS N 57 0.04 -1.46 -33.16
C HIS N 57 -0.80 -1.52 -34.43
N TRP N 58 -2.08 -1.17 -34.34
CA TRP N 58 -2.92 -1.14 -35.53
C TRP N 58 -2.48 -0.03 -36.47
N HIS N 59 -1.95 1.07 -35.92
CA HIS N 59 -1.33 2.09 -36.75
C HIS N 59 -0.13 1.55 -37.50
N PHE N 60 0.71 0.76 -36.82
CA PHE N 60 1.87 0.16 -37.48
C PHE N 60 1.44 -0.79 -38.59
N VAL N 61 0.40 -1.58 -38.33
CA VAL N 61 -0.12 -2.50 -39.33
C VAL N 61 -0.62 -1.73 -40.54
N GLY N 62 -1.39 -0.67 -40.31
CA GLY N 62 -1.86 0.15 -41.42
C GLY N 62 -0.73 0.81 -42.18
N PHE N 63 0.30 1.26 -41.46
CA PHE N 63 1.44 1.90 -42.09
C PHE N 63 2.18 0.94 -43.01
N VAL N 64 2.45 -0.28 -42.54
CA VAL N 64 3.13 -1.23 -43.41
C VAL N 64 2.22 -1.65 -44.57
N ASP N 65 0.91 -1.75 -44.33
CA ASP N 65 -0.01 -2.11 -45.41
C ASP N 65 0.00 -1.06 -46.51
N TYR N 66 -0.02 0.23 -46.14
CA TYR N 66 -0.01 1.29 -47.13
C TYR N 66 1.38 1.59 -47.68
N PHE N 67 2.44 1.11 -47.03
CA PHE N 67 3.79 1.28 -47.52
C PHE N 67 4.27 0.12 -48.39
N LYS N 68 3.59 -1.02 -48.33
CA LYS N 68 3.97 -2.16 -49.17
C LYS N 68 3.84 -1.81 -50.65
N THR N 69 2.75 -1.16 -51.03
CA THR N 69 2.54 -0.81 -52.44
C THR N 69 3.51 0.26 -52.92
N THR N 70 4.12 1.01 -52.02
CA THR N 70 5.07 2.04 -52.42
C THR N 70 6.30 1.39 -53.06
N PRO N 71 6.82 1.95 -54.16
CA PRO N 71 8.04 1.39 -54.76
C PRO N 71 9.22 1.36 -53.81
N TYR N 72 9.29 2.28 -52.85
CA TYR N 72 10.31 2.25 -51.82
C TYR N 72 9.97 1.29 -50.69
N GLY N 73 8.89 0.52 -50.82
CA GLY N 73 8.46 -0.40 -49.78
C GLY N 73 9.31 -1.64 -49.62
N VAL N 74 10.31 -1.83 -50.48
CA VAL N 74 11.19 -2.99 -50.34
C VAL N 74 11.98 -2.90 -49.03
N ASN N 75 12.34 -1.68 -48.63
CA ASN N 75 13.12 -1.47 -47.40
C ASN N 75 12.24 -1.64 -46.17
N LEU N 76 11.79 -2.87 -45.96
CA LEU N 76 10.96 -3.22 -44.82
C LEU N 76 11.46 -4.50 -44.18
N THR N 77 11.27 -4.60 -42.87
CA THR N 77 11.64 -5.81 -42.14
C THR N 77 10.72 -6.95 -42.55
N GLU N 78 11.29 -8.16 -42.63
CA GLU N 78 10.49 -9.32 -43.05
C GLU N 78 9.38 -9.61 -42.05
N ARG N 79 9.66 -9.45 -40.76
CA ARG N 79 8.64 -9.70 -39.74
C ARG N 79 7.50 -8.69 -39.81
N ALA N 80 7.75 -7.50 -40.36
CA ALA N 80 6.68 -6.52 -40.52
C ALA N 80 5.64 -6.96 -41.53
N LEU N 81 6.01 -7.81 -42.48
CA LEU N 81 5.04 -8.31 -43.46
C LEU N 81 3.95 -9.13 -42.78
N ARG N 82 4.32 -9.97 -41.82
CA ARG N 82 3.37 -10.76 -41.06
C ARG N 82 2.86 -10.02 -39.83
N TYR N 83 3.03 -8.69 -39.78
CA TYR N 83 2.53 -7.86 -38.68
C TYR N 83 3.08 -8.31 -37.34
N ASN N 84 4.37 -8.68 -37.31
CA ASN N 84 5.04 -9.01 -36.06
C ASN N 84 5.42 -7.71 -35.36
N GLY N 85 4.81 -7.46 -34.21
CA GLY N 85 5.01 -6.19 -33.54
C GLY N 85 6.42 -6.01 -33.00
N THR N 86 7.01 -7.08 -32.49
CA THR N 86 8.34 -6.98 -31.90
C THR N 86 9.36 -6.53 -32.95
N ARG N 87 10.31 -5.70 -32.53
CA ARG N 87 11.35 -5.21 -33.43
C ARG N 87 12.59 -6.09 -33.36
N PHE N 88 13.21 -6.18 -32.18
CA PHE N 88 14.43 -6.96 -32.01
C PHE N 88 14.39 -7.64 -30.64
N GLY N 89 14.79 -8.91 -30.62
CA GLY N 89 14.78 -9.68 -29.40
C GLY N 89 16.01 -9.42 -28.56
N GLN N 90 16.08 -10.16 -27.44
CA GLN N 90 17.21 -10.00 -26.54
C GLN N 90 18.51 -10.44 -27.18
N GLY N 91 18.49 -11.55 -27.92
CA GLY N 91 19.70 -12.08 -28.52
C GLY N 91 19.80 -11.85 -30.01
N GLU N 92 19.04 -10.89 -30.54
CA GLU N 92 19.06 -10.61 -31.97
C GLU N 92 20.10 -9.53 -32.25
N THR N 93 21.07 -9.86 -33.11
CA THR N 93 22.12 -8.92 -33.50
C THR N 93 21.99 -8.46 -34.95
N THR N 94 21.11 -9.08 -35.73
CA THR N 94 20.92 -8.71 -37.14
C THR N 94 19.44 -8.77 -37.45
N ALA N 95 19.05 -8.04 -38.50
CA ALA N 95 17.68 -8.00 -38.98
C ALA N 95 17.62 -8.47 -40.43
N THR N 96 16.47 -9.01 -40.81
CA THR N 96 16.25 -9.51 -42.17
C THR N 96 15.26 -8.62 -42.89
N LYS N 97 15.65 -8.15 -44.07
CA LYS N 97 14.80 -7.27 -44.86
C LYS N 97 13.70 -8.07 -45.55
N ALA N 98 12.89 -7.38 -46.35
CA ALA N 98 11.83 -8.04 -47.09
C ALA N 98 12.39 -9.02 -48.12
N ASN N 99 13.48 -8.65 -48.78
CA ASN N 99 14.10 -9.49 -49.80
C ASN N 99 15.06 -10.52 -49.22
N GLY N 100 15.25 -10.52 -47.90
CA GLY N 100 16.14 -11.46 -47.26
C GLY N 100 17.52 -10.93 -46.94
N ALA N 101 17.80 -9.67 -47.24
CA ALA N 101 19.10 -9.09 -46.94
C ALA N 101 19.28 -8.96 -45.44
N THR N 102 20.53 -8.99 -45.00
CA THR N 102 20.88 -8.92 -43.60
C THR N 102 21.43 -7.53 -43.26
N VAL N 103 20.87 -6.92 -42.23
CA VAL N 103 21.24 -5.58 -41.80
C VAL N 103 21.77 -5.67 -40.37
N GLN N 104 22.93 -5.07 -40.14
CA GLN N 104 23.53 -5.06 -38.81
C GLN N 104 22.72 -4.16 -37.88
N LEU N 105 22.82 -4.42 -36.58
CA LEU N 105 22.11 -3.66 -35.57
C LEU N 105 22.99 -2.62 -34.89
N ASN N 106 23.90 -2.01 -35.64
CA ASN N 106 24.71 -0.90 -35.16
C ASN N 106 24.72 0.18 -36.23
N ASP N 107 25.11 1.40 -35.82
CA ASP N 107 25.09 2.58 -36.69
C ASP N 107 23.68 2.81 -37.23
N GLU N 108 22.80 3.18 -36.31
CA GLU N 108 21.36 3.28 -36.54
C GLU N 108 20.99 4.11 -37.77
N ALA N 109 21.93 4.90 -38.28
CA ALA N 109 21.68 5.61 -39.53
C ALA N 109 21.40 4.62 -40.67
N THR N 110 22.21 3.57 -40.78
CA THR N 110 21.96 2.55 -41.79
C THR N 110 20.65 1.81 -41.49
N ILE N 111 20.35 1.60 -40.21
CA ILE N 111 19.12 0.89 -39.84
C ILE N 111 17.90 1.67 -40.32
N ILE N 112 17.88 2.98 -40.05
CA ILE N 112 16.74 3.79 -40.48
C ILE N 112 16.76 4.03 -41.98
N LYS N 113 17.92 3.92 -42.62
CA LYS N 113 17.98 4.05 -44.08
C LYS N 113 17.44 2.81 -44.79
N GLU N 114 17.62 1.62 -44.18
CA GLU N 114 17.20 0.39 -44.82
C GLU N 114 15.96 -0.25 -44.21
N LEU N 115 15.57 0.17 -43.00
CA LEU N 115 14.36 -0.34 -42.35
C LEU N 115 13.41 0.83 -42.13
N ALA N 116 12.17 0.68 -42.58
CA ALA N 116 11.20 1.75 -42.50
C ALA N 116 10.33 1.69 -41.25
N ASP N 117 9.90 0.48 -40.86
CA ASP N 117 9.04 0.35 -39.69
C ASP N 117 9.76 0.81 -38.42
N ALA N 118 11.02 0.39 -38.26
CA ALA N 118 11.79 0.82 -37.09
C ALA N 118 12.11 2.30 -37.15
N ASP N 119 12.20 2.87 -38.36
CA ASP N 119 12.44 4.30 -38.49
C ASP N 119 11.26 5.11 -37.95
N VAL N 120 10.04 4.65 -38.22
CA VAL N 120 8.84 5.41 -37.85
C VAL N 120 8.42 5.11 -36.42
N HIS N 121 8.29 3.83 -36.07
CA HIS N 121 7.74 3.44 -34.77
C HIS N 121 8.82 3.17 -33.72
N GLY N 122 10.08 3.40 -34.05
CA GLY N 122 11.16 3.19 -33.12
C GLY N 122 11.56 1.72 -33.01
N PHE N 123 12.62 1.47 -32.24
CA PHE N 123 13.13 0.13 -32.07
C PHE N 123 14.03 0.13 -30.84
N LEU N 124 14.58 -1.05 -30.53
CA LEU N 124 15.50 -1.20 -29.41
C LEU N 124 16.32 -2.47 -29.62
N ALA N 125 17.63 -2.35 -29.54
CA ALA N 125 18.54 -3.50 -29.64
C ALA N 125 19.27 -3.68 -28.33
N PRO N 126 18.85 -4.63 -27.48
CA PRO N 126 19.48 -4.79 -26.17
C PRO N 126 20.96 -5.12 -26.24
N LYS N 127 21.40 -5.89 -27.24
CA LYS N 127 22.80 -6.30 -27.30
C LYS N 127 23.70 -5.14 -27.70
N THR N 128 23.30 -4.37 -28.71
CA THR N 128 24.13 -3.27 -29.20
C THR N 128 23.81 -1.93 -28.54
N GLY N 129 22.67 -1.84 -27.84
CA GLY N 129 22.30 -0.61 -27.16
C GLY N 129 21.66 0.45 -28.02
N ARG N 130 21.42 0.17 -29.30
CA ARG N 130 20.79 1.15 -30.16
C ARG N 130 19.35 1.42 -29.73
N ARG N 131 18.91 2.66 -29.93
CA ARG N 131 17.57 3.07 -29.54
C ARG N 131 17.09 4.15 -30.47
N ARG N 132 15.77 4.32 -30.51
CA ARG N 132 15.15 5.39 -31.30
C ARG N 132 13.76 5.66 -30.73
N VAL N 133 13.50 6.93 -30.40
CA VAL N 133 12.20 7.29 -29.86
C VAL N 133 11.15 7.17 -30.96
N SER N 134 10.02 6.54 -30.63
CA SER N 134 8.96 6.36 -31.60
C SER N 134 8.37 7.70 -32.03
N LEU N 135 8.07 7.83 -33.30
CA LEU N 135 7.47 9.04 -33.84
C LEU N 135 5.96 9.08 -33.66
N VAL N 136 5.36 8.01 -33.17
CA VAL N 136 3.92 7.93 -32.92
C VAL N 136 3.70 7.71 -31.43
N LYS N 137 2.81 8.50 -30.85
CA LYS N 137 2.43 8.38 -29.46
C LYS N 137 0.91 8.29 -29.37
N ALA N 138 0.41 7.30 -28.64
CA ALA N 138 -1.01 7.02 -28.58
C ALA N 138 -1.50 7.12 -27.14
N SER N 139 -2.73 7.61 -26.99
CA SER N 139 -3.40 7.73 -25.71
C SER N 139 -4.41 6.60 -25.54
N PHE N 140 -4.82 6.39 -24.30
CA PHE N 140 -5.80 5.33 -24.02
C PHE N 140 -7.16 5.71 -24.58
N ILE N 141 -7.98 4.68 -24.78
CA ILE N 141 -9.36 4.84 -25.23
C ILE N 141 -10.25 4.68 -24.01
N LEU N 142 -10.92 5.76 -23.60
CA LEU N 142 -11.72 5.77 -22.40
C LEU N 142 -13.09 6.36 -22.69
N PRO N 143 -14.13 5.88 -22.01
CA PRO N 143 -15.43 6.53 -22.11
C PRO N 143 -15.38 7.95 -21.55
N THR N 144 -16.09 8.86 -22.22
CA THR N 144 -16.01 10.27 -21.84
C THR N 144 -16.72 10.51 -20.51
N GLU N 145 -16.28 11.56 -19.82
CA GLU N 145 -16.83 11.87 -18.50
C GLU N 145 -18.30 12.27 -18.60
N ASP N 146 -18.67 13.04 -19.62
CA ASP N 146 -20.06 13.46 -19.77
C ASP N 146 -20.97 12.26 -19.96
N PHE N 147 -20.53 11.26 -20.73
CA PHE N 147 -21.32 10.05 -20.91
C PHE N 147 -21.44 9.26 -19.61
N ILE N 148 -20.38 9.24 -18.80
CA ILE N 148 -20.40 8.44 -17.58
C ILE N 148 -21.11 9.14 -16.44
N LYS N 149 -21.32 10.46 -16.51
CA LYS N 149 -22.06 11.15 -15.47
C LYS N 149 -23.56 10.85 -15.49
N GLU N 150 -24.08 10.34 -16.61
CA GLU N 150 -25.51 10.13 -16.77
C GLU N 150 -25.92 8.67 -16.85
N VAL N 151 -25.01 7.73 -16.56
CA VAL N 151 -25.39 6.32 -16.59
C VAL N 151 -25.79 5.83 -15.21
N GLU N 152 -25.16 6.39 -14.17
CA GLU N 152 -25.40 6.03 -12.76
C GLU N 152 -25.56 4.51 -12.58
N GLY N 153 -24.53 3.79 -13.00
CA GLY N 153 -24.56 2.35 -13.03
C GLY N 153 -24.41 1.82 -14.45
N GLU N 154 -25.20 0.83 -14.82
CA GLU N 154 -25.24 0.32 -16.19
C GLU N 154 -23.85 -0.15 -16.63
N ARG N 155 -23.41 -1.24 -16.00
CA ARG N 155 -22.05 -1.75 -16.08
C ARG N 155 -21.51 -1.93 -17.49
N LEU N 156 -22.39 -1.89 -18.50
CA LEU N 156 -22.07 -1.88 -19.93
C LEU N 156 -21.54 -3.21 -20.45
N ILE N 157 -21.36 -4.22 -19.60
CA ILE N 157 -20.87 -5.53 -20.03
C ILE N 157 -22.04 -6.48 -20.11
N THR N 158 -22.10 -7.27 -21.18
CA THR N 158 -23.22 -8.15 -21.45
C THR N 158 -22.94 -9.61 -21.09
N ALA N 159 -21.69 -10.05 -21.23
CA ALA N 159 -21.28 -11.42 -20.89
C ALA N 159 -22.07 -12.45 -21.69
N ILE N 160 -22.03 -12.33 -23.01
CA ILE N 160 -22.70 -13.27 -23.89
C ILE N 160 -21.81 -14.49 -24.06
N LYS N 161 -22.34 -15.67 -23.76
CA LYS N 161 -21.58 -16.91 -23.85
C LYS N 161 -22.00 -17.67 -25.11
N HIS N 162 -21.01 -17.97 -25.96
CA HIS N 162 -21.23 -18.69 -27.20
C HIS N 162 -20.23 -19.84 -27.28
N ASN N 163 -20.75 -21.07 -27.39
CA ASN N 163 -19.96 -22.27 -27.20
C ASN N 163 -19.54 -22.88 -28.54
N ARG N 164 -18.69 -23.89 -28.46
CA ARG N 164 -18.22 -24.64 -29.62
C ARG N 164 -18.80 -26.04 -29.58
N VAL N 165 -19.31 -26.50 -30.73
CA VAL N 165 -19.92 -27.81 -30.85
C VAL N 165 -19.13 -28.63 -31.86
N ASP N 166 -18.80 -29.86 -31.50
CA ASP N 166 -17.97 -30.73 -32.33
C ASP N 166 -18.63 -32.10 -32.44
N VAL N 167 -18.70 -32.63 -33.66
CA VAL N 167 -19.27 -33.95 -33.91
C VAL N 167 -18.26 -34.74 -34.73
N ASP N 168 -18.06 -36.01 -34.34
CA ASP N 168 -17.13 -36.89 -35.04
C ASP N 168 -17.82 -37.48 -36.27
N GLU N 169 -17.17 -38.47 -36.89
CA GLU N 169 -17.73 -39.11 -38.07
C GLU N 169 -18.95 -39.97 -37.74
N LYS N 170 -19.19 -40.25 -36.46
CA LYS N 170 -20.38 -40.96 -36.03
C LYS N 170 -21.52 -40.03 -35.65
N GLY N 171 -21.34 -38.72 -35.81
CA GLY N 171 -22.37 -37.76 -35.45
C GLY N 171 -22.67 -37.70 -33.96
N ALA N 172 -21.63 -37.72 -33.12
CA ALA N 172 -21.79 -37.66 -31.67
C ALA N 172 -20.86 -36.61 -31.10
N ILE N 173 -21.29 -36.00 -29.99
CA ILE N 173 -20.49 -34.97 -29.34
C ILE N 173 -19.31 -35.56 -28.57
N GLY N 174 -19.32 -36.86 -28.33
CA GLY N 174 -18.23 -37.49 -27.61
C GLY N 174 -18.33 -37.28 -26.11
N SER N 175 -17.24 -37.61 -25.43
CA SER N 175 -17.15 -37.49 -23.98
C SER N 175 -15.72 -37.09 -23.62
N SER N 176 -15.41 -37.15 -22.32
CA SER N 176 -14.08 -36.77 -21.86
C SER N 176 -13.03 -37.83 -22.19
N LYS N 177 -13.44 -39.08 -22.43
CA LYS N 177 -12.49 -40.12 -22.76
C LYS N 177 -11.83 -39.88 -24.12
N GLU N 178 -12.57 -39.34 -25.09
CA GLU N 178 -12.02 -39.05 -26.41
C GLU N 178 -11.68 -37.58 -26.61
N GLY N 179 -12.12 -36.70 -25.72
CA GLY N 179 -11.86 -35.28 -25.88
C GLY N 179 -12.99 -34.56 -26.58
N THR N 180 -12.85 -34.39 -27.90
CA THR N 180 -13.82 -33.75 -28.81
C THR N 180 -13.95 -32.25 -28.58
N ALA N 181 -13.21 -31.67 -27.63
CA ALA N 181 -13.06 -30.21 -27.50
C ALA N 181 -14.42 -29.52 -27.33
N GLN N 182 -15.09 -29.81 -26.23
CA GLN N 182 -16.34 -29.14 -25.88
C GLN N 182 -16.06 -28.10 -24.79
N MET N 183 -16.40 -26.85 -25.08
CA MET N 183 -16.24 -25.76 -24.13
C MET N 183 -17.34 -24.73 -24.34
N LEU N 184 -17.48 -23.82 -23.37
CA LEU N 184 -18.52 -22.79 -23.41
C LEU N 184 -17.98 -21.46 -23.93
N PHE N 185 -16.85 -20.99 -23.38
CA PHE N 185 -16.16 -19.81 -23.88
C PHE N 185 -17.07 -18.57 -23.87
N SER N 186 -17.40 -18.16 -22.66
CA SER N 186 -18.16 -16.92 -22.49
C SER N 186 -17.33 -15.71 -22.88
N ARG N 187 -17.98 -14.72 -23.50
CA ARG N 187 -17.31 -13.53 -24.00
C ARG N 187 -18.01 -12.28 -23.46
N GLU N 188 -17.21 -11.23 -23.24
CA GLU N 188 -17.72 -9.95 -22.77
C GLU N 188 -17.77 -8.95 -23.92
N TYR N 189 -18.82 -8.15 -23.95
CA TYR N 189 -18.99 -7.11 -24.95
C TYR N 189 -19.44 -5.82 -24.28
N ALA N 190 -18.98 -4.69 -24.81
CA ALA N 190 -19.23 -3.39 -24.21
C ALA N 190 -19.77 -2.42 -25.24
N THR N 191 -20.27 -1.28 -24.75
CA THR N 191 -20.80 -0.24 -25.61
C THR N 191 -20.64 1.10 -24.92
N GLY N 192 -20.61 2.17 -25.71
CA GLY N 192 -20.51 3.50 -25.16
C GLY N 192 -19.88 4.46 -26.15
N LEU N 193 -19.47 5.61 -25.62
CA LEU N 193 -18.82 6.66 -26.40
C LEU N 193 -17.45 6.92 -25.80
N TYR N 194 -16.41 6.89 -26.64
CA TYR N 194 -15.03 6.99 -26.20
C TYR N 194 -14.35 8.16 -26.90
N GLY N 195 -13.11 8.43 -26.51
CA GLY N 195 -12.33 9.49 -27.12
C GLY N 195 -10.88 9.07 -27.30
N PHE N 196 -10.21 9.77 -28.21
CA PHE N 196 -8.82 9.48 -28.53
C PHE N 196 -8.05 10.78 -28.76
N SER N 197 -6.75 10.74 -28.49
CA SER N 197 -5.88 11.90 -28.66
C SER N 197 -4.50 11.48 -29.18
N ILE N 198 -4.47 10.68 -30.25
CA ILE N 198 -3.18 10.34 -30.86
C ILE N 198 -2.48 11.60 -31.36
N VAL N 199 -1.15 11.57 -31.32
CA VAL N 199 -0.31 12.60 -31.89
C VAL N 199 0.68 11.92 -32.82
N LEU N 200 1.26 12.71 -33.72
CA LEU N 200 2.22 12.20 -34.70
C LEU N 200 3.29 13.25 -34.93
N ASP N 201 4.51 12.96 -34.48
CA ASP N 201 5.66 13.83 -34.72
C ASP N 201 6.43 13.25 -35.90
N LEU N 202 5.99 13.63 -37.10
CA LEU N 202 6.51 13.07 -38.34
C LEU N 202 7.64 13.89 -38.94
N GLY N 203 8.08 14.94 -38.27
CA GLY N 203 9.13 15.79 -38.79
C GLY N 203 10.54 15.29 -38.61
N LEU N 204 10.72 14.11 -38.01
CA LEU N 204 12.04 13.55 -37.75
C LEU N 204 12.23 12.21 -38.44
N VAL N 205 11.48 11.96 -39.50
CA VAL N 205 11.59 10.69 -40.23
C VAL N 205 12.83 10.72 -41.11
N GLY N 206 13.58 9.62 -41.11
CA GLY N 206 14.78 9.53 -41.92
C GLY N 206 15.97 10.29 -41.38
N ILE N 207 15.89 10.80 -40.16
CA ILE N 207 16.95 11.57 -39.54
C ILE N 207 17.42 10.83 -38.30
N PRO N 208 18.69 10.46 -38.19
CA PRO N 208 19.16 9.75 -37.00
C PRO N 208 19.10 10.64 -35.77
N GLN N 209 18.86 10.00 -34.62
CA GLN N 209 18.77 10.74 -33.37
C GLN N 209 20.13 11.18 -32.87
N GLY N 210 21.20 10.49 -33.27
CA GLY N 210 22.53 10.85 -32.80
C GLY N 210 22.96 12.22 -33.29
N LEU N 211 22.75 12.49 -34.58
CA LEU N 211 23.10 13.76 -35.20
C LEU N 211 21.90 14.28 -35.98
N PRO N 212 20.88 14.80 -35.29
CA PRO N 212 19.69 15.29 -36.00
C PRO N 212 19.96 16.47 -36.91
N VAL N 213 21.03 17.23 -36.67
CA VAL N 213 21.31 18.42 -37.45
C VAL N 213 22.76 18.40 -37.89
N LYS N 214 23.05 19.07 -39.01
CA LYS N 214 24.40 19.22 -39.52
C LYS N 214 24.70 20.71 -39.72
N PHE N 215 25.92 21.10 -39.38
CA PHE N 215 26.35 22.49 -39.47
C PHE N 215 27.41 22.60 -40.57
N GLU N 216 27.02 23.18 -41.71
CA GLU N 216 27.98 23.39 -42.79
C GLU N 216 28.92 24.55 -42.47
N GLU N 217 28.37 25.76 -42.33
CA GLU N 217 29.12 26.92 -41.87
C GLU N 217 28.17 27.75 -41.00
N ASN N 218 28.16 27.44 -39.70
CA ASN N 218 27.29 28.12 -38.73
C ASN N 218 25.83 28.15 -39.20
N GLN N 219 25.42 27.14 -39.97
CA GLN N 219 24.07 27.06 -40.49
C GLN N 219 23.51 25.67 -40.24
N PRO N 220 22.33 25.56 -39.66
CA PRO N 220 21.76 24.23 -39.40
C PRO N 220 21.00 23.69 -40.61
N ARG N 221 21.18 22.41 -40.87
CA ARG N 221 20.46 21.72 -41.93
C ARG N 221 20.02 20.35 -41.43
N PRO N 222 18.90 19.85 -41.90
CA PRO N 222 18.47 18.50 -41.50
C PRO N 222 19.45 17.45 -41.99
N ASN N 223 19.61 16.41 -41.18
CA ASN N 223 20.52 15.31 -41.50
C ASN N 223 19.73 14.16 -42.14
N ILE N 224 19.23 14.43 -43.34
CA ILE N 224 18.46 13.44 -44.08
C ILE N 224 19.43 12.50 -44.78
N VAL N 225 19.31 11.20 -44.49
CA VAL N 225 20.17 10.20 -45.11
C VAL N 225 19.47 9.44 -46.22
N ILE N 226 18.14 9.32 -46.18
CA ILE N 226 17.40 8.59 -47.20
C ILE N 226 17.06 9.51 -48.35
N ASP N 227 16.62 8.94 -49.47
CA ASP N 227 16.20 9.73 -50.61
C ASP N 227 15.02 10.61 -50.22
N PRO N 228 15.02 11.90 -50.57
CA PRO N 228 13.86 12.75 -50.25
C PRO N 228 12.56 12.22 -50.79
N ASN N 229 12.57 11.58 -51.96
CA ASN N 229 11.37 10.93 -52.46
C ASN N 229 10.93 9.80 -51.54
N GLU N 230 11.90 9.02 -51.03
CA GLU N 230 11.57 7.97 -50.08
C GLU N 230 11.01 8.54 -48.79
N ARG N 231 11.56 9.67 -48.33
CA ARG N 231 11.04 10.33 -47.14
C ARG N 231 9.61 10.79 -47.36
N LYS N 232 9.33 11.37 -48.53
CA LYS N 232 7.96 11.80 -48.84
C LYS N 232 7.01 10.61 -48.89
N ALA N 233 7.46 9.50 -49.49
CA ALA N 233 6.61 8.31 -49.55
C ALA N 233 6.34 7.76 -48.16
N ARG N 234 7.35 7.76 -47.29
CA ARG N 234 7.15 7.31 -45.92
C ARG N 234 6.16 8.21 -45.18
N ILE N 235 6.26 9.52 -45.39
CA ILE N 235 5.32 10.45 -44.78
C ILE N 235 3.90 10.18 -45.28
N GLU N 236 3.76 9.96 -46.59
CA GLU N 236 2.44 9.68 -47.14
C GLU N 236 1.86 8.39 -46.57
N SER N 237 2.68 7.36 -46.44
CA SER N 237 2.21 6.10 -45.87
C SER N 237 1.79 6.27 -44.41
N ALA N 238 2.60 7.02 -43.64
CA ALA N 238 2.26 7.25 -42.24
C ALA N 238 0.94 8.02 -42.12
N LEU N 239 0.74 9.02 -42.98
CA LEU N 239 -0.51 9.77 -42.94
C LEU N 239 -1.70 8.91 -43.36
N LYS N 240 -1.52 8.09 -44.40
CA LYS N 240 -2.59 7.24 -44.91
C LYS N 240 -2.87 6.05 -44.01
N ALA N 241 -1.99 5.76 -43.04
CA ALA N 241 -2.29 4.71 -42.08
C ALA N 241 -3.47 5.03 -41.19
N LEU N 242 -3.94 6.28 -41.17
CA LEU N 242 -5.05 6.65 -40.30
C LEU N 242 -6.39 6.15 -40.84
N ILE N 243 -6.50 5.95 -42.16
CA ILE N 243 -7.76 5.47 -42.73
C ILE N 243 -8.18 4.11 -42.16
N PRO N 244 -7.30 3.08 -42.11
CA PRO N 244 -7.73 1.83 -41.49
C PRO N 244 -7.56 1.86 -39.98
N MET N 245 -7.94 2.98 -39.38
CA MET N 245 -7.90 3.14 -37.93
C MET N 245 -9.21 3.69 -37.37
N LEU N 246 -9.85 4.61 -38.07
CA LEU N 246 -11.11 5.19 -37.64
C LEU N 246 -12.30 4.61 -38.40
N SER N 247 -12.06 3.58 -39.21
CA SER N 247 -13.14 2.88 -39.91
C SER N 247 -13.58 1.61 -39.20
N GLY N 248 -12.86 1.17 -38.17
CA GLY N 248 -13.23 -0.02 -37.43
C GLY N 248 -12.20 -1.12 -37.49
N TYR N 249 -10.96 -0.78 -37.82
CA TYR N 249 -9.86 -1.74 -37.88
C TYR N 249 -8.92 -1.60 -36.69
N ILE N 250 -9.44 -1.34 -35.51
CA ILE N 250 -8.64 -1.28 -34.29
C ILE N 250 -9.19 -2.28 -33.30
N GLY N 251 -8.34 -2.72 -32.38
CA GLY N 251 -8.74 -3.69 -31.39
C GLY N 251 -8.58 -5.12 -31.87
N ALA N 252 -9.01 -6.04 -31.01
CA ALA N 252 -8.87 -7.47 -31.23
C ALA N 252 -10.22 -8.10 -31.56
N ASN N 253 -10.16 -9.37 -31.94
CA ASN N 253 -11.35 -10.16 -32.27
C ASN N 253 -12.18 -9.51 -33.37
N LEU N 254 -11.50 -8.92 -34.36
CA LEU N 254 -12.22 -8.29 -35.47
C LEU N 254 -12.92 -9.32 -36.34
N ALA N 255 -12.48 -10.58 -36.31
CA ALA N 255 -13.10 -11.61 -37.14
C ALA N 255 -14.55 -11.86 -36.72
N ARG N 256 -14.81 -11.90 -35.41
CA ARG N 256 -16.14 -12.21 -34.92
C ARG N 256 -16.87 -11.02 -34.31
N SER N 257 -16.16 -10.00 -33.85
CA SER N 257 -16.80 -8.85 -33.23
C SER N 257 -17.05 -7.73 -34.25
N PHE N 258 -15.96 -7.20 -34.84
CA PHE N 258 -16.03 -6.09 -35.79
C PHE N 258 -16.93 -4.98 -35.27
N PRO N 259 -16.45 -4.18 -34.33
CA PRO N 259 -17.35 -3.29 -33.57
C PRO N 259 -18.07 -2.31 -34.47
N VAL N 260 -19.27 -1.92 -34.03
CA VAL N 260 -20.09 -0.95 -34.74
C VAL N 260 -19.43 0.41 -34.58
N PHE N 261 -18.67 0.83 -35.58
CA PHE N 261 -17.76 1.96 -35.48
C PHE N 261 -18.33 3.18 -36.17
N LYS N 262 -18.24 4.32 -35.50
CA LYS N 262 -18.61 5.60 -36.10
C LYS N 262 -17.96 6.72 -35.29
N VAL N 263 -17.37 7.68 -35.99
CA VAL N 263 -16.76 8.83 -35.35
C VAL N 263 -17.82 9.91 -35.19
N GLU N 264 -17.97 10.42 -33.96
CA GLU N 264 -18.98 11.45 -33.70
C GLU N 264 -18.43 12.85 -33.97
N GLU N 265 -17.22 13.13 -33.49
CA GLU N 265 -16.65 14.45 -33.71
C GLU N 265 -15.14 14.35 -33.63
N LEU N 266 -14.45 15.33 -34.23
CA LEU N 266 -13.00 15.25 -34.33
C LEU N 266 -12.42 16.63 -34.61
N VAL N 267 -11.23 16.87 -34.07
CA VAL N 267 -10.47 18.08 -34.35
C VAL N 267 -9.02 17.68 -34.62
N ALA N 268 -8.35 18.49 -35.43
CA ALA N 268 -6.98 18.19 -35.84
C ALA N 268 -6.22 19.49 -36.08
N ILE N 269 -4.94 19.48 -35.72
CA ILE N 269 -4.03 20.59 -36.00
C ILE N 269 -2.76 20.02 -36.63
N ALA N 270 -2.34 20.59 -37.75
CA ALA N 270 -1.20 20.08 -38.50
C ALA N 270 0.08 20.86 -38.22
N SER N 271 0.07 22.17 -38.49
CA SER N 271 1.23 23.03 -38.28
C SER N 271 2.47 22.54 -39.02
N GLU N 272 3.60 23.17 -38.75
CA GLU N 272 4.88 22.75 -39.32
C GLU N 272 5.97 22.58 -38.28
N GLY N 273 6.01 23.43 -37.25
CA GLY N 273 7.00 23.34 -36.22
C GLY N 273 6.48 22.70 -34.96
N PRO N 274 7.23 22.80 -33.87
CA PRO N 274 6.79 22.19 -32.61
C PRO N 274 5.62 22.96 -32.02
N ILE N 275 4.57 22.22 -31.67
CA ILE N 275 3.35 22.82 -31.14
C ILE N 275 2.91 22.05 -29.90
N PRO N 276 2.17 22.67 -28.98
CA PRO N 276 1.73 21.94 -27.79
C PRO N 276 0.78 20.81 -28.14
N ALA N 277 0.82 19.75 -27.32
CA ALA N 277 -0.05 18.61 -27.53
C ALA N 277 -1.50 18.99 -27.26
N LEU N 278 -2.39 18.42 -28.06
CA LEU N 278 -3.81 18.73 -27.93
C LEU N 278 -4.43 17.91 -26.79
N VAL N 279 -5.33 18.55 -26.04
CA VAL N 279 -5.93 17.89 -24.88
C VAL N 279 -6.85 16.76 -25.34
N HIS N 280 -6.94 15.73 -24.51
CA HIS N 280 -7.76 14.57 -24.82
C HIS N 280 -9.23 14.94 -24.89
N GLY N 281 -9.97 14.20 -25.72
CA GLY N 281 -11.40 14.40 -25.87
C GLY N 281 -12.24 13.76 -24.79
N PHE N 282 -11.60 13.11 -23.82
CA PHE N 282 -12.35 12.47 -22.73
C PHE N 282 -13.09 13.51 -21.90
N TYR N 283 -12.47 14.65 -21.63
CA TYR N 283 -13.10 15.70 -20.84
C TYR N 283 -14.23 16.36 -21.63
N GLU N 284 -15.28 16.75 -20.91
CA GLU N 284 -16.48 17.29 -21.55
C GLU N 284 -16.22 18.64 -22.19
N ASP N 285 -15.43 19.50 -21.52
CA ASP N 285 -15.22 20.87 -21.97
C ASP N 285 -13.94 21.03 -22.79
N TYR N 286 -13.55 19.99 -23.52
CA TYR N 286 -12.31 20.07 -24.29
C TYR N 286 -12.46 20.95 -25.53
N ILE N 287 -13.69 21.16 -25.99
CA ILE N 287 -13.91 21.96 -27.19
C ILE N 287 -13.51 23.42 -26.94
N GLU N 288 -13.96 23.97 -25.81
CA GLU N 288 -13.63 25.36 -25.50
C GLU N 288 -12.14 25.53 -25.26
N ALA N 289 -11.52 24.57 -24.57
CA ALA N 289 -10.07 24.63 -24.35
C ALA N 289 -9.33 24.58 -25.67
N ASN N 290 -9.76 23.72 -26.59
CA ASN N 290 -9.14 23.64 -27.91
C ASN N 290 -9.29 24.96 -28.64
N ARG N 291 -10.49 25.56 -28.62
CA ARG N 291 -10.70 26.84 -29.28
C ARG N 291 -9.76 27.90 -28.73
N SER N 292 -9.69 28.02 -27.40
CA SER N 292 -8.85 29.04 -26.79
C SER N 292 -7.38 28.82 -27.10
N ILE N 293 -6.90 27.58 -26.96
CA ILE N 293 -5.48 27.32 -27.18
C ILE N 293 -5.12 27.54 -28.65
N ILE N 294 -6.01 27.15 -29.57
CA ILE N 294 -5.72 27.34 -30.99
C ILE N 294 -5.66 28.82 -31.33
N LYS N 295 -6.65 29.59 -30.88
CA LYS N 295 -6.67 31.01 -31.23
C LYS N 295 -5.47 31.75 -30.63
N ASN N 296 -5.13 31.45 -29.38
CA ASN N 296 -4.02 32.18 -28.77
C ASN N 296 -2.67 31.70 -29.28
N ALA N 297 -2.56 30.43 -29.69
CA ALA N 297 -1.31 29.97 -30.30
C ALA N 297 -1.13 30.57 -31.68
N ARG N 298 -2.22 30.71 -32.44
CA ARG N 298 -2.13 31.42 -33.72
C ARG N 298 -1.74 32.88 -33.50
N ALA N 299 -2.29 33.51 -32.44
CA ALA N 299 -1.88 34.86 -32.11
C ALA N 299 -0.41 34.91 -31.70
N LEU N 300 0.11 33.83 -31.11
CA LEU N 300 1.51 33.80 -30.70
C LEU N 300 2.46 33.84 -31.89
N GLY N 301 2.04 33.32 -33.04
CA GLY N 301 2.87 33.34 -34.22
C GLY N 301 3.25 31.97 -34.75
N PHE N 302 2.37 30.99 -34.55
CA PHE N 302 2.57 29.65 -35.07
C PHE N 302 1.70 29.42 -36.29
N ASN N 303 2.26 28.79 -37.32
CA ASN N 303 1.54 28.52 -38.56
C ASN N 303 0.68 27.27 -38.37
N ILE N 304 -0.42 27.46 -37.63
CA ILE N 304 -1.31 26.37 -37.27
C ILE N 304 -2.41 26.25 -38.32
N GLU N 305 -2.59 25.05 -38.85
CA GLU N 305 -3.69 24.72 -39.74
C GLU N 305 -4.61 23.74 -39.01
N VAL N 306 -5.89 24.09 -38.92
CA VAL N 306 -6.85 23.36 -38.10
C VAL N 306 -7.96 22.82 -38.98
N PHE N 307 -8.30 21.55 -38.78
CA PHE N 307 -9.41 20.88 -39.43
C PHE N 307 -10.40 20.41 -38.37
N THR N 308 -11.69 20.48 -38.69
CA THR N 308 -12.73 20.16 -37.74
C THR N 308 -13.78 19.28 -38.37
N TYR N 309 -14.48 18.52 -37.53
CA TYR N 309 -15.59 17.68 -37.98
C TYR N 309 -16.58 17.60 -36.82
N ASN N 310 -17.76 18.17 -37.03
CA ASN N 310 -18.83 18.26 -36.04
C ASN N 310 -18.43 19.09 -34.82
N VAL N 311 -17.48 20.01 -34.97
CA VAL N 311 -17.10 20.94 -33.92
C VAL N 311 -17.12 22.35 -34.49
N ASP N 312 -17.80 23.26 -33.80
CA ASP N 312 -17.92 24.62 -34.31
C ASP N 312 -16.61 25.39 -34.20
N LEU N 313 -15.90 25.24 -33.08
CA LEU N 313 -14.64 25.94 -32.83
C LEU N 313 -14.80 27.45 -32.98
N GLY N 314 -15.93 27.98 -32.51
CA GLY N 314 -16.17 29.41 -32.61
C GLY N 314 -16.39 29.86 -34.05
N GLU N 315 -16.19 31.16 -34.26
CA GLU N 315 -16.35 31.74 -35.59
C GLU N 315 -15.13 32.57 -35.96
N ASP N 316 -14.46 33.14 -34.96
CA ASP N 316 -13.29 33.96 -35.22
C ASP N 316 -12.09 33.16 -35.70
N ILE N 317 -12.11 31.84 -35.51
CA ILE N 317 -11.01 30.97 -35.93
C ILE N 317 -11.30 30.42 -37.31
N GLU N 318 -10.35 30.59 -38.22
CA GLU N 318 -10.48 30.03 -39.56
C GLU N 318 -10.12 28.55 -39.53
N ALA N 319 -11.09 27.69 -39.83
CA ALA N 319 -10.91 26.26 -39.79
C ALA N 319 -11.50 25.62 -41.04
N THR N 320 -10.98 24.45 -41.41
CA THR N 320 -11.47 23.70 -42.55
C THR N 320 -12.44 22.64 -42.07
N LYS N 321 -13.66 22.68 -42.61
CA LYS N 321 -14.71 21.75 -42.20
C LYS N 321 -14.65 20.51 -43.10
N VAL N 322 -14.23 19.39 -42.52
CA VAL N 322 -14.16 18.13 -43.24
C VAL N 322 -15.36 17.27 -42.87
N SER N 323 -15.72 16.36 -43.77
CA SER N 323 -16.87 15.50 -43.56
C SER N 323 -16.50 14.05 -43.26
N SER N 324 -15.25 13.66 -43.45
CA SER N 324 -14.83 12.29 -43.22
C SER N 324 -13.35 12.26 -42.90
N VAL N 325 -12.90 11.12 -42.37
CA VAL N 325 -11.48 10.95 -42.04
C VAL N 325 -10.63 11.00 -43.31
N GLU N 326 -11.15 10.45 -44.41
CA GLU N 326 -10.41 10.46 -45.66
C GLU N 326 -10.17 11.89 -46.14
N GLU N 327 -11.17 12.75 -45.98
CA GLU N 327 -11.01 14.16 -46.34
C GLU N 327 -9.92 14.82 -45.51
N LEU N 328 -9.88 14.53 -44.21
CA LEU N 328 -8.84 15.11 -43.35
C LEU N 328 -7.46 14.61 -43.76
N VAL N 329 -7.34 13.31 -44.07
CA VAL N 329 -6.05 12.78 -44.49
C VAL N 329 -5.62 13.43 -45.80
N ALA N 330 -6.55 13.59 -46.74
CA ALA N 330 -6.21 14.25 -47.99
C ALA N 330 -5.76 15.69 -47.76
N ASN N 331 -6.47 16.42 -46.90
CA ASN N 331 -6.05 17.79 -46.58
C ASN N 331 -4.67 17.80 -45.96
N LEU N 332 -4.35 16.79 -45.15
CA LEU N 332 -3.00 16.67 -44.62
C LEU N 332 -1.98 16.45 -45.73
N VAL N 333 -2.34 15.64 -46.74
CA VAL N 333 -1.35 15.24 -47.75
C VAL N 333 -1.19 16.24 -48.89
N LYS N 334 -2.12 17.19 -49.07
CA LYS N 334 -1.82 18.27 -50.01
C LYS N 334 -0.64 19.11 -49.54
N MET N 335 -0.57 19.39 -48.24
CA MET N 335 0.49 20.24 -47.71
C MET N 335 1.78 19.48 -47.43
N VAL N 336 1.80 18.17 -47.73
CA VAL N 336 2.96 17.28 -47.56
C VAL N 336 3.77 17.58 -46.30
N MET O 1 -9.89 -8.72 -53.51
CA MET O 1 -11.33 -8.52 -53.45
C MET O 1 -11.76 -8.06 -52.06
N TYR O 2 -11.33 -6.86 -51.67
CA TYR O 2 -11.67 -6.28 -50.37
C TYR O 2 -13.06 -5.65 -50.49
N VAL O 3 -14.08 -6.49 -50.39
CA VAL O 3 -15.46 -6.09 -50.65
C VAL O 3 -16.21 -5.97 -49.33
N ARG O 4 -16.88 -4.85 -49.13
CA ARG O 4 -17.64 -4.57 -47.92
C ARG O 4 -19.09 -4.35 -48.27
N ILE O 5 -19.98 -5.06 -47.58
CA ILE O 5 -21.42 -4.96 -47.77
C ILE O 5 -22.05 -4.59 -46.44
N SER O 6 -22.94 -3.60 -46.45
CA SER O 6 -23.64 -3.22 -45.23
C SER O 6 -24.99 -2.64 -45.59
N GLY O 7 -25.98 -2.89 -44.75
CA GLY O 7 -27.31 -2.40 -45.03
C GLY O 7 -28.28 -2.75 -43.92
N ARG O 8 -29.56 -2.49 -44.20
CA ARG O 8 -30.64 -2.72 -43.26
C ARG O 8 -31.57 -3.80 -43.79
N ILE O 9 -31.98 -4.70 -42.90
CA ILE O 9 -32.87 -5.81 -43.19
C ILE O 9 -34.00 -5.82 -42.17
N ARG O 10 -35.06 -6.54 -42.49
CA ARG O 10 -36.22 -6.68 -41.61
C ARG O 10 -36.28 -8.12 -41.12
N LEU O 11 -36.11 -8.33 -39.82
CA LEU O 11 -36.10 -9.65 -39.23
C LEU O 11 -37.28 -9.78 -38.28
N ASN O 12 -38.18 -10.72 -38.57
CA ASN O 12 -39.43 -10.86 -37.84
C ASN O 12 -39.67 -12.32 -37.51
N ALA O 13 -40.27 -12.56 -36.34
CA ALA O 13 -40.69 -13.90 -35.93
C ALA O 13 -39.50 -14.86 -35.92
N HIS O 14 -38.42 -14.44 -35.28
CA HIS O 14 -37.17 -15.19 -35.28
C HIS O 14 -36.75 -15.53 -33.85
N SER O 15 -36.11 -16.69 -33.71
CA SER O 15 -35.50 -17.12 -32.47
C SER O 15 -34.02 -17.42 -32.69
N LEU O 16 -33.39 -16.65 -33.58
CA LEU O 16 -32.01 -16.89 -33.95
C LEU O 16 -31.07 -16.58 -32.79
N ASN O 17 -30.09 -17.47 -32.59
CA ASN O 17 -29.07 -17.31 -31.56
C ASN O 17 -29.71 -17.13 -30.18
N ALA O 18 -30.41 -18.18 -29.75
CA ALA O 18 -31.03 -18.19 -28.44
C ALA O 18 -30.00 -18.43 -27.35
N GLN O 19 -30.34 -18.02 -26.13
CA GLN O 19 -29.44 -18.25 -25.00
C GLN O 19 -29.31 -19.73 -24.70
N GLY O 20 -30.35 -20.51 -24.97
CA GLY O 20 -30.37 -21.93 -24.72
C GLY O 20 -31.12 -22.33 -23.46
N GLY O 21 -31.34 -21.40 -22.54
CA GLY O 21 -32.08 -21.68 -21.33
C GLY O 21 -31.32 -22.50 -20.31
N GLY O 22 -30.25 -23.15 -20.73
CA GLY O 22 -29.46 -24.00 -19.84
C GLY O 22 -30.26 -25.14 -19.25
N GLY O 23 -31.26 -25.63 -19.97
CA GLY O 23 -32.11 -26.68 -19.46
C GLY O 23 -33.05 -26.24 -18.37
N THR O 24 -34.04 -25.40 -18.72
CA THR O 24 -35.09 -25.02 -17.78
C THR O 24 -36.47 -25.12 -18.41
N ASN O 25 -36.58 -25.71 -19.60
CA ASN O 25 -37.81 -25.74 -20.38
C ASN O 25 -38.24 -24.33 -20.76
N TYR O 26 -37.35 -23.36 -20.52
CA TYR O 26 -37.56 -21.96 -20.89
C TYR O 26 -36.28 -21.45 -21.52
N ILE O 27 -36.35 -21.15 -22.82
CA ILE O 27 -35.18 -20.74 -23.59
C ILE O 27 -35.42 -19.32 -24.10
N GLU O 28 -34.50 -18.43 -23.76
CA GLU O 28 -34.56 -17.02 -24.17
C GLU O 28 -33.51 -16.76 -25.24
N ILE O 29 -33.60 -15.57 -25.82
CA ILE O 29 -32.69 -15.15 -26.87
C ILE O 29 -31.62 -14.25 -26.26
N THR O 30 -30.45 -14.25 -26.89
CA THR O 30 -29.33 -13.48 -26.39
C THR O 30 -29.61 -11.98 -26.50
N LYS O 31 -29.08 -11.23 -25.53
CA LYS O 31 -29.42 -9.83 -25.34
C LYS O 31 -28.15 -9.02 -25.12
N THR O 32 -28.19 -7.74 -25.49
CA THR O 32 -27.01 -6.89 -25.39
C THR O 32 -27.41 -5.43 -25.21
N LYS O 33 -26.47 -4.64 -24.74
CA LYS O 33 -26.69 -3.21 -24.48
C LYS O 33 -26.36 -2.38 -25.71
N VAL O 34 -27.17 -1.35 -25.96
CA VAL O 34 -26.94 -0.41 -27.05
C VAL O 34 -27.19 1.00 -26.55
N THR O 35 -26.27 1.92 -26.85
CA THR O 35 -26.36 3.30 -26.40
C THR O 35 -27.11 4.13 -27.44
N VAL O 36 -28.01 4.99 -26.96
CA VAL O 36 -28.79 5.88 -27.82
C VAL O 36 -28.82 7.26 -27.18
N ARG O 37 -28.76 8.30 -28.02
CA ARG O 37 -28.72 9.67 -27.52
C ARG O 37 -30.07 10.11 -26.93
N THR O 38 -31.16 9.83 -27.64
CA THR O 38 -32.52 10.20 -27.26
C THR O 38 -32.69 11.70 -27.01
N GLU O 39 -31.75 12.52 -27.50
CA GLU O 39 -31.74 13.98 -27.52
C GLU O 39 -31.81 14.60 -26.12
N ASN O 40 -31.84 13.80 -25.05
CA ASN O 40 -31.86 14.34 -23.70
C ASN O 40 -30.85 13.64 -22.80
N GLY O 41 -29.83 13.02 -23.37
CA GLY O 41 -28.82 12.33 -22.59
C GLY O 41 -28.63 10.88 -23.02
N TRP O 42 -27.37 10.47 -23.17
CA TRP O 42 -27.08 9.11 -23.59
C TRP O 42 -27.63 8.11 -22.59
N THR O 43 -28.34 7.10 -23.10
CA THR O 43 -28.88 6.04 -22.26
C THR O 43 -28.68 4.70 -22.96
N VAL O 44 -28.50 3.66 -22.16
CA VAL O 44 -28.31 2.32 -22.67
C VAL O 44 -29.64 1.57 -22.59
N VAL O 45 -29.94 0.82 -23.64
CA VAL O 45 -31.17 0.05 -23.72
C VAL O 45 -30.82 -1.39 -24.05
N GLU O 46 -31.71 -2.30 -23.68
CA GLU O 46 -31.47 -3.71 -23.89
C GLU O 46 -32.16 -4.16 -25.18
N VAL O 47 -31.40 -4.83 -26.05
CA VAL O 47 -31.94 -5.25 -27.36
C VAL O 47 -31.49 -6.67 -27.65
N PRO O 48 -32.35 -7.44 -28.31
CA PRO O 48 -31.92 -8.75 -28.83
C PRO O 48 -30.84 -8.58 -29.88
N ALA O 49 -29.92 -9.55 -29.93
CA ALA O 49 -28.77 -9.47 -30.82
C ALA O 49 -28.53 -10.82 -31.48
N ILE O 50 -27.86 -10.77 -32.63
CA ILE O 50 -27.37 -11.95 -33.33
C ILE O 50 -25.86 -11.84 -33.34
N THR O 51 -25.19 -12.77 -32.67
CA THR O 51 -23.73 -12.72 -32.57
C THR O 51 -23.11 -12.90 -33.94
N GLY O 52 -22.00 -12.18 -34.19
CA GLY O 52 -21.28 -12.34 -35.44
C GLY O 52 -20.75 -13.74 -35.66
N ASN O 53 -20.67 -14.54 -34.60
CA ASN O 53 -20.27 -15.94 -34.77
C ASN O 53 -21.30 -16.70 -35.62
N MET O 54 -22.59 -16.38 -35.45
CA MET O 54 -23.61 -16.93 -36.34
C MET O 54 -23.32 -16.60 -37.79
N LEU O 55 -23.03 -15.33 -38.09
CA LEU O 55 -22.77 -14.93 -39.47
C LEU O 55 -21.54 -15.63 -40.01
N LYS O 56 -20.47 -15.73 -39.20
CA LYS O 56 -19.26 -16.38 -39.67
C LYS O 56 -19.50 -17.86 -39.94
N HIS O 57 -20.19 -18.55 -39.04
CA HIS O 57 -20.43 -19.97 -39.24
C HIS O 57 -21.34 -20.22 -40.44
N TRP O 58 -22.35 -19.37 -40.63
CA TRP O 58 -23.26 -19.59 -41.74
C TRP O 58 -22.61 -19.23 -43.08
N HIS O 59 -21.74 -18.22 -43.09
CA HIS O 59 -20.96 -17.96 -44.30
C HIS O 59 -20.02 -19.11 -44.59
N PHE O 60 -19.46 -19.73 -43.55
CA PHE O 60 -18.67 -20.95 -43.73
C PHE O 60 -19.51 -22.06 -44.35
N VAL O 61 -20.74 -22.25 -43.86
CA VAL O 61 -21.61 -23.29 -44.37
C VAL O 61 -21.92 -23.03 -45.85
N GLY O 62 -22.25 -21.78 -46.18
CA GLY O 62 -22.53 -21.43 -47.56
C GLY O 62 -21.33 -21.62 -48.46
N PHE O 63 -20.14 -21.26 -47.97
CA PHE O 63 -18.92 -21.44 -48.76
C PHE O 63 -18.66 -22.92 -49.02
N VAL O 64 -18.84 -23.77 -48.00
CA VAL O 64 -18.66 -25.21 -48.20
C VAL O 64 -19.67 -25.73 -49.20
N ASP O 65 -20.93 -25.32 -49.07
CA ASP O 65 -21.98 -25.80 -49.96
C ASP O 65 -21.70 -25.42 -51.41
N TYR O 66 -21.26 -24.17 -51.63
CA TYR O 66 -20.99 -23.72 -52.99
C TYR O 66 -19.65 -24.21 -53.52
N PHE O 67 -18.76 -24.66 -52.64
CA PHE O 67 -17.48 -25.23 -53.07
C PHE O 67 -17.55 -26.73 -53.30
N LYS O 68 -18.60 -27.39 -52.81
CA LYS O 68 -18.76 -28.82 -53.07
C LYS O 68 -18.94 -29.09 -54.57
N THR O 69 -19.75 -28.27 -55.24
CA THR O 69 -19.99 -28.46 -56.67
C THR O 69 -18.79 -28.12 -57.51
N THR O 70 -17.84 -27.36 -56.98
CA THR O 70 -16.63 -27.04 -57.71
C THR O 70 -15.82 -28.30 -57.97
N PRO O 71 -15.24 -28.44 -59.17
CA PRO O 71 -14.39 -29.63 -59.43
C PRO O 71 -13.21 -29.75 -58.49
N TYR O 72 -12.78 -28.65 -57.88
CA TYR O 72 -11.75 -28.69 -56.84
C TYR O 72 -12.32 -28.88 -55.44
N GLY O 73 -13.51 -29.47 -55.34
CA GLY O 73 -14.16 -29.65 -54.05
C GLY O 73 -13.55 -30.74 -53.19
N VAL O 74 -12.63 -31.53 -53.74
CA VAL O 74 -11.96 -32.56 -52.95
C VAL O 74 -11.13 -31.91 -51.84
N ASN O 75 -10.55 -30.74 -52.11
CA ASN O 75 -9.70 -30.07 -51.14
C ASN O 75 -10.52 -29.45 -50.01
N LEU O 76 -11.07 -30.29 -49.14
CA LEU O 76 -11.87 -29.82 -48.02
C LEU O 76 -11.72 -30.78 -46.85
N THR O 77 -11.94 -30.25 -45.65
CA THR O 77 -11.91 -31.06 -44.44
C THR O 77 -13.14 -31.97 -44.38
N GLU O 78 -12.97 -33.13 -43.73
CA GLU O 78 -14.08 -34.08 -43.65
C GLU O 78 -15.22 -33.49 -42.81
N ARG O 79 -14.88 -32.75 -41.77
CA ARG O 79 -15.88 -32.17 -40.89
C ARG O 79 -16.58 -30.97 -41.52
N ALA O 80 -15.95 -30.34 -42.51
CA ALA O 80 -16.62 -29.25 -43.22
C ALA O 80 -17.81 -29.75 -44.03
N LEU O 81 -17.79 -31.01 -44.47
CA LEU O 81 -18.92 -31.56 -45.20
C LEU O 81 -20.18 -31.59 -44.34
N ARG O 82 -20.04 -31.96 -43.07
CA ARG O 82 -21.15 -31.97 -42.13
C ARG O 82 -21.31 -30.62 -41.42
N TYR O 83 -20.71 -29.56 -41.96
CA TYR O 83 -20.86 -28.20 -41.44
C TYR O 83 -20.38 -28.09 -40.00
N ASN O 84 -19.17 -28.59 -39.74
CA ASN O 84 -18.52 -28.43 -38.45
C ASN O 84 -17.58 -27.24 -38.54
N GLY O 85 -17.87 -26.20 -37.76
CA GLY O 85 -17.10 -24.97 -37.85
C GLY O 85 -15.71 -25.05 -37.26
N THR O 86 -15.46 -26.02 -36.40
CA THR O 86 -14.13 -26.15 -35.79
C THR O 86 -13.09 -26.52 -36.84
N ARG O 87 -11.84 -26.14 -36.57
CA ARG O 87 -10.74 -26.51 -37.43
C ARG O 87 -9.76 -27.43 -36.72
N PHE O 88 -9.18 -26.98 -35.61
CA PHE O 88 -8.23 -27.77 -34.84
C PHE O 88 -8.31 -27.35 -33.38
N GLY O 89 -7.92 -28.24 -32.49
CA GLY O 89 -7.95 -27.92 -31.07
C GLY O 89 -7.42 -29.01 -30.18
N GLN O 90 -6.62 -28.61 -29.18
CA GLN O 90 -6.12 -29.51 -28.14
C GLN O 90 -5.35 -30.69 -28.74
N GLY O 91 -4.31 -30.35 -29.51
CA GLY O 91 -3.40 -31.35 -30.02
C GLY O 91 -3.90 -32.13 -31.21
N GLU O 92 -4.42 -31.43 -32.22
CA GLU O 92 -4.83 -32.07 -33.48
C GLU O 92 -3.61 -32.09 -34.39
N THR O 93 -2.82 -33.16 -34.29
CA THR O 93 -1.58 -33.24 -35.06
C THR O 93 -1.86 -33.28 -36.56
N THR O 94 -2.87 -34.04 -36.97
CA THR O 94 -3.20 -34.22 -38.38
C THR O 94 -4.68 -33.94 -38.60
N ALA O 95 -5.03 -33.73 -39.86
CA ALA O 95 -6.41 -33.56 -40.28
C ALA O 95 -6.66 -34.43 -41.51
N THR O 96 -7.93 -34.67 -41.80
CA THR O 96 -8.32 -35.51 -42.92
C THR O 96 -8.90 -34.65 -44.03
N LYS O 97 -8.67 -35.06 -45.27
CA LYS O 97 -9.28 -34.38 -46.41
C LYS O 97 -10.66 -34.98 -46.69
N ALA O 98 -11.35 -34.42 -47.68
CA ALA O 98 -12.67 -34.92 -48.03
C ALA O 98 -12.60 -36.35 -48.54
N ASN O 99 -11.57 -36.67 -49.32
CA ASN O 99 -11.40 -38.01 -49.87
C ASN O 99 -10.72 -38.96 -48.90
N GLY O 100 -10.30 -38.48 -47.73
CA GLY O 100 -9.63 -39.32 -46.74
C GLY O 100 -8.14 -39.13 -46.64
N ALA O 101 -7.55 -38.22 -47.41
CA ALA O 101 -6.13 -37.97 -47.33
C ALA O 101 -5.78 -37.27 -46.01
N THR O 102 -4.54 -37.46 -45.56
CA THR O 102 -4.08 -36.92 -44.30
C THR O 102 -3.15 -35.74 -44.54
N VAL O 103 -3.44 -34.62 -43.87
CA VAL O 103 -2.65 -33.39 -43.99
C VAL O 103 -2.08 -33.05 -42.62
N GLN O 104 -0.78 -32.79 -42.57
CA GLN O 104 -0.12 -32.43 -41.33
C GLN O 104 -0.45 -30.99 -40.94
N LEU O 105 -0.15 -30.65 -39.69
CA LEU O 105 -0.42 -29.32 -39.15
C LEU O 105 0.84 -28.48 -39.01
N ASN O 106 1.76 -28.58 -39.97
CA ASN O 106 2.94 -27.75 -40.02
C ASN O 106 3.12 -27.24 -41.45
N ASP O 107 3.86 -26.13 -41.58
CA ASP O 107 4.09 -25.48 -42.87
C ASP O 107 2.74 -25.11 -43.52
N GLU O 108 2.08 -24.15 -42.87
CA GLU O 108 0.70 -23.78 -43.18
C GLU O 108 0.44 -23.50 -44.65
N ALA O 109 1.50 -23.34 -45.44
CA ALA O 109 1.32 -23.22 -46.89
C ALA O 109 0.66 -24.47 -47.46
N THR O 110 1.13 -25.65 -47.04
CA THR O 110 0.47 -26.88 -47.49
C THR O 110 -0.94 -26.99 -46.92
N ILE O 111 -1.16 -26.47 -45.71
CA ILE O 111 -2.49 -26.51 -45.12
C ILE O 111 -3.47 -25.70 -45.95
N ILE O 112 -3.08 -24.50 -46.37
CA ILE O 112 -3.98 -23.67 -47.15
C ILE O 112 -4.08 -24.16 -48.60
N LYS O 113 -3.05 -24.82 -49.12
CA LYS O 113 -3.16 -25.33 -50.48
C LYS O 113 -3.98 -26.62 -50.54
N GLU O 114 -4.07 -27.33 -49.42
CA GLU O 114 -4.85 -28.57 -49.40
C GLU O 114 -6.23 -28.38 -48.77
N LEU O 115 -6.37 -27.46 -47.82
CA LEU O 115 -7.64 -27.20 -47.15
C LEU O 115 -8.10 -25.80 -47.52
N ALA O 116 -9.13 -25.72 -48.37
CA ALA O 116 -9.63 -24.41 -48.80
C ALA O 116 -10.38 -23.70 -47.68
N ASP O 117 -11.13 -24.46 -46.87
CA ASP O 117 -11.91 -23.84 -45.80
C ASP O 117 -11.00 -23.16 -44.78
N ALA O 118 -9.90 -23.83 -44.39
CA ALA O 118 -8.95 -23.22 -43.48
C ALA O 118 -8.25 -22.03 -44.11
N ASP O 119 -8.02 -22.08 -45.42
CA ASP O 119 -7.44 -20.93 -46.12
C ASP O 119 -8.38 -19.72 -46.05
N VAL O 120 -9.68 -19.95 -46.22
CA VAL O 120 -10.62 -18.84 -46.31
C VAL O 120 -10.94 -18.29 -44.92
N HIS O 121 -11.36 -19.14 -43.99
CA HIS O 121 -11.85 -18.70 -42.70
C HIS O 121 -10.78 -18.72 -41.60
N GLY O 122 -9.54 -19.08 -41.94
CA GLY O 122 -8.50 -19.16 -40.94
C GLY O 122 -8.61 -20.44 -40.12
N PHE O 123 -7.66 -20.61 -39.20
CA PHE O 123 -7.59 -21.80 -38.37
C PHE O 123 -6.63 -21.52 -37.23
N LEU O 124 -6.48 -22.51 -36.35
CA LEU O 124 -5.53 -22.43 -35.24
C LEU O 124 -5.31 -23.84 -34.70
N ALA O 125 -4.04 -24.25 -34.64
CA ALA O 125 -3.66 -25.54 -34.07
C ALA O 125 -2.84 -25.30 -32.81
N PRO O 126 -3.43 -25.45 -31.62
CA PRO O 126 -2.68 -25.11 -30.39
C PRO O 126 -1.74 -26.21 -29.95
N LYS O 127 -1.00 -26.80 -30.89
CA LYS O 127 0.09 -27.72 -30.55
C LYS O 127 1.36 -27.49 -31.36
N THR O 128 1.28 -26.87 -32.54
CA THR O 128 2.45 -26.55 -33.33
C THR O 128 2.66 -25.06 -33.52
N GLY O 129 1.72 -24.22 -33.07
CA GLY O 129 1.84 -22.78 -33.21
C GLY O 129 1.31 -22.21 -34.51
N ARG O 130 0.87 -23.06 -35.44
CA ARG O 130 0.36 -22.56 -36.70
C ARG O 130 -0.94 -21.80 -36.51
N ARG O 131 -1.05 -20.65 -37.16
CA ARG O 131 -2.22 -19.80 -37.04
C ARG O 131 -2.38 -19.00 -38.33
N ARG O 132 -3.60 -18.53 -38.56
CA ARG O 132 -3.90 -17.76 -39.76
C ARG O 132 -5.09 -16.85 -39.47
N VAL O 133 -4.97 -15.58 -39.87
CA VAL O 133 -6.04 -14.63 -39.68
C VAL O 133 -7.16 -14.92 -40.68
N SER O 134 -8.40 -14.82 -40.21
CA SER O 134 -9.54 -15.09 -41.08
C SER O 134 -9.68 -14.00 -42.13
N LEU O 135 -10.05 -14.42 -43.34
CA LEU O 135 -10.25 -13.47 -44.44
C LEU O 135 -11.61 -12.80 -44.38
N VAL O 136 -12.54 -13.29 -43.57
CA VAL O 136 -13.87 -12.72 -43.42
C VAL O 136 -14.04 -12.28 -41.97
N LYS O 137 -14.53 -11.05 -41.79
CA LYS O 137 -14.76 -10.49 -40.47
C LYS O 137 -16.24 -10.17 -40.33
N ALA O 138 -16.84 -10.65 -39.25
CA ALA O 138 -18.27 -10.53 -39.03
C ALA O 138 -18.56 -9.55 -37.91
N SER O 139 -19.65 -8.79 -38.07
CA SER O 139 -20.09 -7.82 -37.08
C SER O 139 -21.42 -8.24 -36.49
N PHE O 140 -21.73 -7.68 -35.32
CA PHE O 140 -22.98 -8.00 -34.64
C PHE O 140 -24.17 -7.49 -35.44
N ILE O 141 -25.31 -8.15 -35.24
CA ILE O 141 -26.57 -7.74 -35.84
C ILE O 141 -27.42 -7.11 -34.74
N LEU O 142 -27.69 -5.82 -34.87
CA LEU O 142 -28.42 -5.06 -33.87
C LEU O 142 -29.54 -4.28 -34.53
N PRO O 143 -30.63 -4.03 -33.81
CA PRO O 143 -31.71 -3.20 -34.37
C PRO O 143 -31.23 -1.78 -34.61
N THR O 144 -31.80 -1.15 -35.63
CA THR O 144 -31.41 0.21 -36.00
C THR O 144 -31.79 1.19 -34.89
N GLU O 145 -30.93 2.20 -34.71
CA GLU O 145 -31.06 3.10 -33.58
C GLU O 145 -32.38 3.87 -33.62
N ASP O 146 -32.76 4.38 -34.79
CA ASP O 146 -34.00 5.16 -34.88
C ASP O 146 -35.22 4.30 -34.58
N PHE O 147 -35.18 3.02 -34.98
CA PHE O 147 -36.32 2.15 -34.77
C PHE O 147 -36.62 1.97 -33.28
N ILE O 148 -35.57 1.83 -32.47
CA ILE O 148 -35.76 1.75 -31.03
C ILE O 148 -35.90 3.14 -30.40
N LYS O 149 -35.52 4.20 -31.12
CA LYS O 149 -35.83 5.54 -30.64
C LYS O 149 -37.31 5.84 -30.72
N GLU O 150 -38.00 5.29 -31.72
CA GLU O 150 -39.43 5.55 -31.91
C GLU O 150 -40.30 4.41 -31.42
N VAL O 151 -39.74 3.49 -30.64
CA VAL O 151 -40.52 2.37 -30.12
C VAL O 151 -41.08 2.64 -28.72
N GLU O 152 -40.48 3.58 -27.97
CA GLU O 152 -40.90 3.98 -26.63
C GLU O 152 -41.33 2.79 -25.78
N GLY O 153 -40.45 1.82 -25.69
CA GLY O 153 -40.71 0.61 -24.93
C GLY O 153 -40.93 -0.58 -25.86
N GLU O 154 -41.97 -1.37 -25.59
CA GLU O 154 -42.38 -2.48 -26.44
C GLU O 154 -41.23 -3.48 -26.61
N ARG O 155 -40.93 -4.15 -25.49
CA ARG O 155 -39.74 -4.97 -25.29
C ARG O 155 -39.35 -5.85 -26.47
N LEU O 156 -40.33 -6.27 -27.28
CA LEU O 156 -40.20 -7.09 -28.49
C LEU O 156 -40.00 -8.57 -28.19
N ILE O 157 -40.36 -9.05 -27.01
CA ILE O 157 -40.32 -10.48 -26.69
C ILE O 157 -41.73 -10.97 -26.40
N THR O 158 -42.12 -12.08 -27.05
CA THR O 158 -43.45 -12.65 -26.87
C THR O 158 -43.47 -13.87 -25.97
N ALA O 159 -42.40 -14.67 -25.97
CA ALA O 159 -42.26 -15.85 -25.11
C ALA O 159 -43.39 -16.85 -25.36
N ILE O 160 -43.42 -17.39 -26.59
CA ILE O 160 -44.41 -18.39 -26.94
C ILE O 160 -44.04 -19.73 -26.34
N LYS O 161 -45.02 -20.41 -25.75
CA LYS O 161 -44.81 -21.69 -25.07
C LYS O 161 -45.24 -22.82 -25.98
N HIS O 162 -44.32 -23.75 -26.25
CA HIS O 162 -44.58 -24.88 -27.12
C HIS O 162 -45.03 -26.08 -26.29
N ASN O 163 -45.06 -27.26 -26.91
CA ASN O 163 -45.41 -28.48 -26.21
C ASN O 163 -44.88 -29.68 -26.98
N ARG O 164 -44.72 -30.80 -26.26
CA ARG O 164 -44.32 -32.08 -26.83
C ARG O 164 -45.01 -33.18 -26.04
N VAL O 165 -46.09 -33.72 -26.61
CA VAL O 165 -46.90 -34.73 -25.95
C VAL O 165 -46.58 -36.09 -26.54
N ASP O 166 -46.33 -37.08 -25.68
CA ASP O 166 -45.96 -38.42 -26.08
C ASP O 166 -47.07 -39.39 -25.69
N VAL O 167 -47.51 -40.19 -26.65
CA VAL O 167 -48.53 -41.21 -26.42
C VAL O 167 -47.94 -42.58 -26.74
N ASP O 168 -48.09 -43.51 -25.81
CA ASP O 168 -47.54 -44.85 -25.98
C ASP O 168 -48.53 -45.71 -26.79
N GLU O 169 -48.25 -47.02 -26.82
CA GLU O 169 -49.14 -47.95 -27.50
C GLU O 169 -50.53 -47.99 -26.88
N LYS O 170 -50.62 -47.79 -25.56
CA LYS O 170 -51.90 -47.78 -24.86
C LYS O 170 -52.59 -46.43 -24.91
N GLY O 171 -51.97 -45.41 -25.50
CA GLY O 171 -52.59 -44.10 -25.59
C GLY O 171 -52.78 -43.42 -24.25
N ALA O 172 -51.77 -43.46 -23.39
CA ALA O 172 -51.85 -42.85 -22.07
C ALA O 172 -50.77 -41.79 -21.92
N ILE O 173 -51.13 -40.71 -21.24
CA ILE O 173 -50.18 -39.61 -21.02
C ILE O 173 -49.02 -40.09 -20.14
N GLY O 174 -49.33 -40.83 -19.09
CA GLY O 174 -48.32 -41.32 -18.18
C GLY O 174 -47.98 -40.33 -17.09
N SER O 175 -46.93 -40.65 -16.35
CA SER O 175 -46.49 -39.83 -15.22
C SER O 175 -44.97 -39.94 -15.12
N SER O 176 -44.42 -39.48 -13.99
CA SER O 176 -42.98 -39.50 -13.78
C SER O 176 -42.42 -40.91 -13.61
N LYS O 177 -43.26 -41.91 -13.40
CA LYS O 177 -42.78 -43.28 -13.25
C LYS O 177 -42.09 -43.76 -14.53
N GLU O 178 -42.69 -43.47 -15.69
CA GLU O 178 -42.10 -43.79 -16.98
C GLU O 178 -41.35 -42.61 -17.59
N GLY O 179 -41.50 -41.41 -17.04
CA GLY O 179 -40.87 -40.24 -17.59
C GLY O 179 -41.76 -39.54 -18.60
N THR O 180 -42.08 -40.23 -19.69
CA THR O 180 -43.00 -39.82 -20.75
C THR O 180 -42.50 -38.62 -21.54
N ALA O 181 -41.35 -38.05 -21.19
CA ALA O 181 -40.74 -36.94 -21.93
C ALA O 181 -41.72 -35.79 -22.15
N GLN O 182 -42.42 -35.41 -21.09
CA GLN O 182 -43.42 -34.35 -21.14
C GLN O 182 -42.88 -33.10 -20.48
N MET O 183 -42.60 -32.08 -21.29
CA MET O 183 -42.20 -30.78 -20.78
C MET O 183 -42.83 -29.67 -21.63
N LEU O 184 -42.42 -28.43 -21.39
CA LEU O 184 -43.05 -27.28 -22.05
C LEU O 184 -42.25 -26.75 -23.23
N PHE O 185 -40.97 -26.44 -23.04
CA PHE O 185 -40.12 -25.89 -24.10
C PHE O 185 -40.70 -24.59 -24.65
N SER O 186 -40.72 -23.58 -23.80
CA SER O 186 -41.18 -22.25 -24.19
C SER O 186 -40.03 -21.44 -24.78
N ARG O 187 -40.29 -20.75 -25.88
CA ARG O 187 -39.27 -20.02 -26.62
C ARG O 187 -39.68 -18.57 -26.78
N GLU O 188 -38.70 -17.68 -26.83
CA GLU O 188 -38.94 -16.25 -27.01
C GLU O 188 -38.68 -15.85 -28.45
N TYR O 189 -39.58 -15.04 -29.01
CA TYR O 189 -39.52 -14.60 -30.39
C TYR O 189 -39.33 -13.08 -30.44
N ALA O 190 -38.77 -12.60 -31.54
CA ALA O 190 -38.43 -11.19 -31.66
C ALA O 190 -38.76 -10.68 -33.07
N THR O 191 -38.85 -9.37 -33.18
CA THR O 191 -39.14 -8.71 -34.46
C THR O 191 -38.51 -7.32 -34.45
N GLY O 192 -38.23 -6.83 -35.64
CA GLY O 192 -37.68 -5.50 -35.80
C GLY O 192 -36.90 -5.37 -37.09
N LEU O 193 -36.15 -4.28 -37.18
CA LEU O 193 -35.32 -3.97 -38.33
C LEU O 193 -33.88 -3.83 -37.87
N TYR O 194 -33.00 -4.64 -38.45
CA TYR O 194 -31.62 -4.77 -38.01
C TYR O 194 -30.68 -4.31 -39.12
N GLY O 195 -29.38 -4.29 -38.79
CA GLY O 195 -28.37 -3.91 -39.76
C GLY O 195 -27.24 -4.92 -39.80
N PHE O 196 -26.65 -5.06 -40.99
CA PHE O 196 -25.57 -6.02 -41.22
C PHE O 196 -24.39 -5.31 -41.87
N SER O 197 -23.18 -5.70 -41.48
CA SER O 197 -21.97 -5.07 -41.98
C SER O 197 -20.88 -6.12 -42.24
N ILE O 198 -21.25 -7.22 -42.90
CA ILE O 198 -20.28 -8.25 -43.22
C ILE O 198 -19.26 -7.71 -44.23
N VAL O 199 -18.00 -8.07 -44.02
CA VAL O 199 -16.91 -7.66 -44.89
C VAL O 199 -16.14 -8.90 -45.33
N LEU O 200 -15.43 -8.78 -46.45
CA LEU O 200 -14.75 -9.92 -47.05
C LEU O 200 -13.43 -9.43 -47.63
N ASP O 201 -12.31 -9.83 -47.01
CA ASP O 201 -10.98 -9.53 -47.52
C ASP O 201 -10.45 -10.77 -48.25
N LEU O 202 -10.92 -10.96 -49.47
CA LEU O 202 -10.55 -12.10 -50.29
C LEU O 202 -9.33 -11.84 -51.18
N GLY O 203 -8.69 -10.68 -51.05
CA GLY O 203 -7.50 -10.42 -51.83
C GLY O 203 -6.26 -11.15 -51.37
N LEU O 204 -6.32 -11.83 -50.24
CA LEU O 204 -5.18 -12.53 -49.67
C LEU O 204 -5.31 -14.05 -49.75
N VAL O 205 -6.39 -14.55 -50.36
CA VAL O 205 -6.61 -16.00 -50.41
C VAL O 205 -5.51 -16.67 -51.22
N GLY O 206 -5.14 -17.89 -50.80
CA GLY O 206 -4.11 -18.63 -51.49
C GLY O 206 -2.70 -18.15 -51.26
N ILE O 207 -2.49 -17.26 -50.30
CA ILE O 207 -1.18 -16.68 -50.02
C ILE O 207 -0.83 -16.97 -48.56
N PRO O 208 0.27 -17.66 -48.28
CA PRO O 208 0.63 -17.93 -46.89
C PRO O 208 1.01 -16.66 -46.15
N GLN O 209 0.81 -16.68 -44.84
CA GLN O 209 1.09 -15.51 -44.02
C GLN O 209 2.58 -15.30 -43.80
N GLY O 210 3.35 -16.39 -43.69
CA GLY O 210 4.78 -16.24 -43.40
C GLY O 210 5.53 -15.51 -44.50
N LEU O 211 5.29 -15.89 -45.75
CA LEU O 211 5.94 -15.28 -46.91
C LEU O 211 4.87 -14.87 -47.90
N PRO O 212 4.28 -13.68 -47.72
CA PRO O 212 3.19 -13.26 -48.61
C PRO O 212 3.69 -12.69 -49.94
N VAL O 213 4.91 -12.16 -49.94
CA VAL O 213 5.47 -11.49 -51.11
C VAL O 213 6.84 -12.07 -51.41
N LYS O 214 7.08 -12.39 -52.67
CA LYS O 214 8.37 -12.90 -53.12
C LYS O 214 9.03 -11.89 -54.06
N PHE O 215 10.33 -11.71 -53.91
CA PHE O 215 11.09 -10.74 -54.68
C PHE O 215 12.02 -11.47 -55.64
N GLU O 216 11.83 -11.24 -56.94
CA GLU O 216 12.70 -11.84 -57.94
C GLU O 216 13.97 -11.02 -58.14
N GLU O 217 13.85 -9.78 -58.61
CA GLU O 217 14.94 -8.81 -58.58
C GLU O 217 14.34 -7.45 -58.23
N ASN O 218 14.30 -7.18 -56.92
CA ASN O 218 13.76 -5.92 -56.38
C ASN O 218 12.36 -5.67 -56.94
N GLN O 219 11.59 -6.74 -57.12
CA GLN O 219 10.24 -6.65 -57.67
C GLN O 219 9.30 -7.55 -56.88
N PRO O 220 8.24 -7.01 -56.29
CA PRO O 220 7.32 -7.86 -55.52
C PRO O 220 6.40 -8.68 -56.43
N ARG O 221 6.07 -9.88 -55.96
CA ARG O 221 5.05 -10.72 -56.56
C ARG O 221 4.26 -11.39 -55.46
N PRO O 222 2.95 -11.56 -55.64
CA PRO O 222 2.16 -12.32 -54.67
C PRO O 222 2.63 -13.77 -54.63
N ASN O 223 2.59 -14.37 -53.44
CA ASN O 223 3.05 -15.73 -53.24
C ASN O 223 1.84 -16.66 -53.28
N ILE O 224 1.45 -17.04 -54.50
CA ILE O 224 0.33 -17.94 -54.71
C ILE O 224 0.88 -19.36 -54.86
N VAL O 225 0.44 -20.26 -53.98
CA VAL O 225 0.92 -21.64 -53.99
C VAL O 225 -0.06 -22.51 -54.76
N ILE O 226 -1.33 -22.09 -54.79
CA ILE O 226 -2.37 -22.86 -55.47
C ILE O 226 -2.42 -22.49 -56.94
N ASP O 227 -3.09 -23.30 -57.74
CA ASP O 227 -3.26 -23.01 -59.15
C ASP O 227 -4.13 -21.76 -59.32
N PRO O 228 -3.86 -20.96 -60.35
CA PRO O 228 -4.73 -19.79 -60.60
C PRO O 228 -6.19 -20.17 -60.80
N ASN O 229 -6.46 -21.31 -61.44
CA ASN O 229 -7.83 -21.78 -61.54
C ASN O 229 -8.39 -22.13 -60.16
N GLU O 230 -7.56 -22.73 -59.30
CA GLU O 230 -7.99 -23.01 -57.93
C GLU O 230 -8.31 -21.72 -57.18
N ARG O 231 -7.46 -20.70 -57.34
CA ARG O 231 -7.72 -19.42 -56.69
C ARG O 231 -9.01 -18.80 -57.20
N LYS O 232 -9.24 -18.85 -58.51
CA LYS O 232 -10.47 -18.30 -59.07
C LYS O 232 -11.69 -19.04 -58.55
N ALA O 233 -11.61 -20.37 -58.47
CA ALA O 233 -12.73 -21.16 -57.97
C ALA O 233 -13.01 -20.84 -56.50
N ARG O 234 -11.96 -20.71 -55.69
CA ARG O 234 -12.15 -20.37 -54.29
C ARG O 234 -12.76 -18.98 -54.15
N ILE O 235 -12.30 -18.02 -54.97
CA ILE O 235 -12.87 -16.68 -54.94
C ILE O 235 -14.34 -16.72 -55.30
N GLU O 236 -14.69 -17.47 -56.35
CA GLU O 236 -16.08 -17.57 -56.77
C GLU O 236 -16.95 -18.19 -55.68
N SER O 237 -16.47 -19.25 -55.05
CA SER O 237 -17.23 -19.90 -53.99
C SER O 237 -17.43 -18.97 -52.80
N ALA O 238 -16.37 -18.27 -52.39
CA ALA O 238 -16.51 -17.33 -51.28
C ALA O 238 -17.47 -16.20 -51.62
N LEU O 239 -17.40 -15.69 -52.85
CA LEU O 239 -18.29 -14.61 -53.26
C LEU O 239 -19.74 -15.08 -53.31
N LYS O 240 -19.99 -16.29 -53.81
CA LYS O 240 -21.34 -16.81 -53.90
C LYS O 240 -21.84 -17.39 -52.58
N ALA O 241 -20.99 -17.47 -51.56
CA ALA O 241 -21.44 -17.91 -50.25
C ALA O 241 -22.42 -16.93 -49.62
N LEU O 242 -22.53 -15.72 -50.16
CA LEU O 242 -23.45 -14.73 -49.61
C LEU O 242 -24.90 -14.99 -50.00
N ILE O 243 -25.16 -15.94 -50.89
CA ILE O 243 -26.54 -16.23 -51.29
C ILE O 243 -27.38 -16.72 -50.11
N PRO O 244 -26.93 -17.71 -49.31
CA PRO O 244 -27.72 -18.07 -48.13
C PRO O 244 -27.42 -17.21 -46.92
N MET O 245 -27.31 -15.90 -47.13
CA MET O 245 -27.18 -14.94 -46.04
C MET O 245 -28.29 -13.91 -46.02
N LEU O 246 -28.60 -13.30 -47.16
CA LEU O 246 -29.73 -12.39 -47.27
C LEU O 246 -30.95 -13.06 -47.88
N SER O 247 -30.96 -14.38 -47.97
CA SER O 247 -32.15 -15.13 -48.33
C SER O 247 -32.92 -15.64 -47.13
N GLY O 248 -32.27 -15.79 -45.98
CA GLY O 248 -32.94 -16.23 -44.77
C GLY O 248 -32.31 -17.46 -44.14
N TYR O 249 -31.07 -17.74 -44.48
CA TYR O 249 -30.35 -18.91 -43.96
C TYR O 249 -29.30 -18.52 -42.92
N ILE O 250 -29.57 -17.49 -42.13
CA ILE O 250 -28.68 -17.07 -41.05
C ILE O 250 -29.33 -17.41 -39.73
N GLY O 251 -28.50 -17.56 -38.69
CA GLY O 251 -29.00 -17.93 -37.39
C GLY O 251 -29.32 -19.40 -37.29
N ALA O 252 -29.94 -19.77 -36.17
CA ALA O 252 -30.27 -21.15 -35.88
C ALA O 252 -31.77 -21.31 -35.69
N ASN O 253 -32.19 -22.54 -35.38
CA ASN O 253 -33.59 -22.89 -35.21
C ASN O 253 -34.41 -22.52 -36.45
N LEU O 254 -33.91 -22.94 -37.61
CA LEU O 254 -34.59 -22.67 -38.86
C LEU O 254 -35.61 -23.75 -39.21
N ALA O 255 -35.50 -24.94 -38.61
CA ALA O 255 -36.43 -26.02 -38.91
C ALA O 255 -37.86 -25.65 -38.49
N ARG O 256 -38.01 -25.02 -37.32
CA ARG O 256 -39.32 -24.67 -36.81
C ARG O 256 -39.69 -23.21 -37.01
N SER O 257 -38.70 -22.31 -37.07
CA SER O 257 -39.00 -20.89 -37.18
C SER O 257 -38.97 -20.40 -38.63
N PHE O 258 -37.80 -20.50 -39.27
CA PHE O 258 -37.57 -19.94 -40.61
C PHE O 258 -38.01 -18.48 -40.64
N PRO O 259 -37.21 -17.57 -40.08
CA PRO O 259 -37.68 -16.19 -39.87
C PRO O 259 -38.13 -15.51 -41.16
N VAL O 260 -39.20 -14.73 -41.03
CA VAL O 260 -39.69 -13.92 -42.13
C VAL O 260 -38.65 -12.84 -42.42
N PHE O 261 -37.99 -12.94 -43.58
CA PHE O 261 -36.78 -12.17 -43.84
C PHE O 261 -36.96 -11.31 -45.09
N LYS O 262 -36.41 -10.10 -45.05
CA LYS O 262 -36.38 -9.21 -46.20
C LYS O 262 -35.23 -8.23 -46.03
N VAL O 263 -34.69 -7.77 -47.14
CA VAL O 263 -33.60 -6.80 -47.16
C VAL O 263 -34.18 -5.45 -47.52
N GLU O 264 -34.17 -4.52 -46.56
CA GLU O 264 -34.70 -3.18 -46.82
C GLU O 264 -33.80 -2.41 -47.77
N GLU O 265 -32.49 -2.40 -47.50
CA GLU O 265 -31.56 -1.66 -48.35
C GLU O 265 -30.15 -2.17 -48.09
N LEU O 266 -29.26 -1.90 -49.03
CA LEU O 266 -27.87 -2.32 -48.86
C LEU O 266 -26.96 -1.48 -49.74
N VAL O 267 -25.68 -1.49 -49.40
CA VAL O 267 -24.65 -0.79 -50.17
C VAL O 267 -23.35 -1.57 -50.05
N ALA O 268 -22.64 -1.69 -51.16
CA ALA O 268 -21.42 -2.48 -51.24
C ALA O 268 -20.35 -1.71 -51.98
N ILE O 269 -19.10 -1.92 -51.55
CA ILE O 269 -17.93 -1.36 -52.22
C ILE O 269 -16.94 -2.49 -52.45
N ALA O 270 -16.45 -2.62 -53.69
CA ALA O 270 -15.58 -3.73 -54.06
C ALA O 270 -14.12 -3.33 -54.11
N SER O 271 -13.78 -2.35 -54.96
CA SER O 271 -12.41 -1.88 -55.13
C SER O 271 -11.45 -3.00 -55.50
N GLU O 272 -10.15 -2.74 -55.43
CA GLU O 272 -9.13 -3.74 -55.72
C GLU O 272 -8.10 -3.86 -54.60
N GLY O 273 -7.73 -2.76 -53.97
CA GLY O 273 -6.76 -2.78 -52.90
C GLY O 273 -7.38 -2.49 -51.56
N PRO O 274 -6.55 -2.23 -50.55
CA PRO O 274 -7.09 -1.92 -49.22
C PRO O 274 -7.92 -0.64 -49.24
N ILE O 275 -9.04 -0.67 -48.55
CA ILE O 275 -9.98 0.46 -48.52
C ILE O 275 -10.55 0.61 -47.12
N PRO O 276 -11.04 1.80 -46.79
CA PRO O 276 -11.67 1.99 -45.47
C PRO O 276 -12.87 1.07 -45.29
N ALA O 277 -13.07 0.63 -44.05
CA ALA O 277 -14.20 -0.21 -43.73
C ALA O 277 -15.51 0.55 -43.91
N LEU O 278 -16.47 -0.11 -44.55
CA LEU O 278 -17.77 0.50 -44.81
C LEU O 278 -18.55 0.58 -43.51
N VAL O 279 -19.10 1.76 -43.21
CA VAL O 279 -19.66 2.01 -41.89
C VAL O 279 -20.94 1.21 -41.70
N HIS O 280 -21.26 0.91 -40.44
CA HIS O 280 -22.41 0.09 -40.12
C HIS O 280 -23.70 0.84 -40.42
N GLY O 281 -24.75 0.08 -40.74
CA GLY O 281 -26.07 0.61 -40.96
C GLY O 281 -26.91 0.80 -39.72
N PHE O 282 -26.32 0.54 -38.54
CA PHE O 282 -27.06 0.68 -37.30
C PHE O 282 -27.44 2.14 -37.05
N TYR O 283 -26.55 3.07 -37.37
CA TYR O 283 -26.80 4.48 -37.12
C TYR O 283 -27.78 5.05 -38.14
N GLU O 284 -28.41 6.17 -37.77
CA GLU O 284 -29.42 6.78 -38.64
C GLU O 284 -28.80 7.33 -39.91
N ASP O 285 -27.72 8.11 -39.77
CA ASP O 285 -27.16 8.88 -40.87
C ASP O 285 -25.96 8.18 -41.52
N TYR O 286 -25.97 6.85 -41.56
CA TYR O 286 -24.88 6.13 -42.20
C TYR O 286 -24.82 6.35 -43.70
N ILE O 287 -25.95 6.76 -44.31
CA ILE O 287 -25.94 7.03 -45.75
C ILE O 287 -25.04 8.21 -46.08
N GLU O 288 -25.17 9.30 -45.32
CA GLU O 288 -24.34 10.47 -45.56
C GLU O 288 -22.86 10.16 -45.31
N ALA O 289 -22.57 9.41 -44.25
CA ALA O 289 -21.18 9.03 -43.97
C ALA O 289 -20.62 8.17 -45.09
N ASN O 290 -21.41 7.23 -45.61
CA ASN O 290 -20.96 6.40 -46.71
C ASN O 290 -20.71 7.24 -47.96
N ARG O 291 -21.61 8.18 -48.24
CA ARG O 291 -21.43 9.06 -49.40
C ARG O 291 -20.13 9.84 -49.28
N SER O 292 -19.90 10.45 -48.12
CA SER O 292 -18.68 11.23 -47.93
C SER O 292 -17.43 10.35 -48.05
N ILE O 293 -17.49 9.15 -47.45
CA ILE O 293 -16.32 8.26 -47.47
C ILE O 293 -15.99 7.83 -48.88
N ILE O 294 -17.00 7.41 -49.65
CA ILE O 294 -16.74 6.92 -51.00
C ILE O 294 -16.31 8.07 -51.90
N LYS O 295 -16.88 9.26 -51.73
CA LYS O 295 -16.47 10.40 -52.52
C LYS O 295 -15.01 10.76 -52.25
N ASN O 296 -14.63 10.82 -50.97
CA ASN O 296 -13.26 11.17 -50.62
C ASN O 296 -12.27 10.09 -51.08
N ALA O 297 -12.66 8.82 -50.95
CA ALA O 297 -11.78 7.74 -51.40
C ALA O 297 -11.60 7.77 -52.91
N ARG O 298 -12.67 8.04 -53.66
CA ARG O 298 -12.56 8.13 -55.11
C ARG O 298 -11.70 9.33 -55.51
N ALA O 299 -11.85 10.46 -54.79
CA ALA O 299 -11.03 11.62 -55.09
C ALA O 299 -9.57 11.44 -54.65
N LEU O 300 -9.31 10.50 -53.74
CA LEU O 300 -7.96 10.27 -53.25
C LEU O 300 -7.11 9.44 -54.21
N GLY O 301 -7.72 8.77 -55.18
CA GLY O 301 -6.97 7.98 -56.13
C GLY O 301 -7.18 6.50 -55.98
N PHE O 302 -8.39 6.10 -55.60
CA PHE O 302 -8.75 4.68 -55.47
C PHE O 302 -9.79 4.32 -56.52
N ASN O 303 -9.60 3.16 -57.14
CA ASN O 303 -10.54 2.65 -58.13
C ASN O 303 -11.71 2.00 -57.39
N ILE O 304 -12.62 2.86 -56.93
CA ILE O 304 -13.75 2.46 -56.11
C ILE O 304 -14.96 2.23 -57.01
N GLU O 305 -15.51 1.03 -56.96
CA GLU O 305 -16.78 0.72 -57.60
C GLU O 305 -17.81 0.44 -56.51
N VAL O 306 -18.94 1.14 -56.56
CA VAL O 306 -19.94 1.09 -55.51
C VAL O 306 -21.27 0.65 -56.10
N PHE O 307 -21.92 -0.30 -55.44
CA PHE O 307 -23.23 -0.77 -55.81
C PHE O 307 -24.21 -0.45 -54.69
N THR O 308 -25.44 -0.10 -55.07
CA THR O 308 -26.44 0.31 -54.10
C THR O 308 -27.77 -0.38 -54.39
N TYR O 309 -28.56 -0.56 -53.34
CA TYR O 309 -29.90 -1.12 -53.48
C TYR O 309 -30.80 -0.42 -52.48
N ASN O 310 -31.82 0.26 -52.99
CA ASN O 310 -32.78 1.03 -52.20
C ASN O 310 -32.10 2.17 -51.43
N VAL O 311 -30.98 2.67 -51.96
CA VAL O 311 -30.28 3.81 -51.40
C VAL O 311 -29.94 4.76 -52.55
N ASP O 312 -30.22 6.05 -52.35
CA ASP O 312 -30.02 7.03 -53.41
C ASP O 312 -28.54 7.33 -53.62
N LEU O 313 -27.87 7.82 -52.57
CA LEU O 313 -26.46 8.22 -52.63
C LEU O 313 -26.21 9.31 -53.67
N GLY O 314 -27.20 10.18 -53.88
CA GLY O 314 -27.03 11.29 -54.80
C GLY O 314 -26.96 10.85 -56.26
N GLU O 315 -26.39 11.73 -57.07
CA GLU O 315 -26.27 11.49 -58.51
C GLU O 315 -24.83 11.70 -58.98
N ASP O 316 -24.09 12.57 -58.28
CA ASP O 316 -22.73 12.88 -58.68
C ASP O 316 -21.79 11.71 -58.52
N ILE O 317 -22.16 10.70 -57.74
CA ILE O 317 -21.36 9.51 -57.53
C ILE O 317 -21.96 8.39 -58.36
N GLU O 318 -21.19 7.88 -59.31
CA GLU O 318 -21.68 6.80 -60.16
C GLU O 318 -21.81 5.51 -59.36
N ALA O 319 -22.90 4.79 -59.60
CA ALA O 319 -23.16 3.53 -58.91
C ALA O 319 -24.07 2.68 -59.76
N THR O 320 -24.11 1.38 -59.45
CA THR O 320 -24.93 0.42 -60.16
C THR O 320 -26.13 0.05 -59.29
N LYS O 321 -27.33 0.12 -59.88
CA LYS O 321 -28.57 -0.19 -59.18
C LYS O 321 -28.82 -1.69 -59.28
N VAL O 322 -28.68 -2.40 -58.16
CA VAL O 322 -28.95 -3.82 -58.10
C VAL O 322 -30.32 -4.04 -57.46
N SER O 323 -31.12 -4.90 -58.08
CA SER O 323 -32.47 -5.16 -57.62
C SER O 323 -32.56 -6.28 -56.59
N SER O 324 -31.46 -6.99 -56.34
CA SER O 324 -31.44 -8.08 -55.38
C SER O 324 -30.03 -8.22 -54.83
N VAL O 325 -29.79 -9.32 -54.09
CA VAL O 325 -28.46 -9.55 -53.55
C VAL O 325 -27.61 -10.36 -54.53
N GLU O 326 -28.20 -11.33 -55.22
CA GLU O 326 -27.42 -12.14 -56.14
C GLU O 326 -27.16 -11.42 -57.46
N GLU O 327 -27.93 -10.39 -57.79
CA GLU O 327 -27.51 -9.50 -58.86
C GLU O 327 -26.20 -8.81 -58.50
N LEU O 328 -26.08 -8.36 -57.25
CA LEU O 328 -24.81 -7.83 -56.76
C LEU O 328 -23.73 -8.90 -56.78
N VAL O 329 -24.09 -10.13 -56.43
CA VAL O 329 -23.10 -11.21 -56.43
C VAL O 329 -22.57 -11.45 -57.84
N ALA O 330 -23.46 -11.48 -58.84
CA ALA O 330 -23.03 -11.65 -60.22
C ALA O 330 -22.19 -10.46 -60.69
N ASN O 331 -22.57 -9.24 -60.28
CA ASN O 331 -21.78 -8.07 -60.64
C ASN O 331 -20.37 -8.15 -60.06
N LEU O 332 -20.24 -8.64 -58.83
CA LEU O 332 -18.91 -8.85 -58.25
C LEU O 332 -18.18 -9.98 -58.96
N VAL O 333 -18.92 -11.00 -59.41
CA VAL O 333 -18.30 -12.12 -60.10
C VAL O 333 -17.68 -11.67 -61.42
N LYS O 334 -18.40 -10.85 -62.20
CA LYS O 334 -17.93 -10.49 -63.53
C LYS O 334 -16.58 -9.77 -63.51
N MET O 335 -16.23 -9.14 -62.40
CA MET O 335 -14.92 -8.51 -62.24
C MET O 335 -13.94 -9.38 -61.47
N VAL O 336 -14.32 -10.61 -61.16
CA VAL O 336 -13.50 -11.58 -60.40
C VAL O 336 -12.64 -10.93 -59.32
N SER P 1 80.23 -37.59 18.07
CA SER P 1 79.89 -37.30 16.68
C SER P 1 78.93 -36.13 16.59
N CYS P 2 79.44 -34.97 16.19
CA CYS P 2 78.63 -33.77 16.05
C CYS P 2 79.29 -32.82 15.06
N LYS P 3 78.50 -31.89 14.55
CA LYS P 3 78.94 -30.93 13.54
C LYS P 3 78.76 -29.52 14.08
N ALA P 4 79.82 -28.72 14.03
CA ALA P 4 79.77 -27.35 14.53
C ALA P 4 79.20 -26.39 13.50
N PHE P 5 79.84 -26.29 12.35
CA PHE P 5 79.40 -25.35 11.32
C PHE P 5 78.43 -26.04 10.36
N GLN P 6 77.76 -25.21 9.55
CA GLN P 6 76.87 -25.76 8.53
C GLN P 6 77.66 -26.43 7.40
N GLY P 7 78.80 -25.86 7.04
CA GLY P 7 79.61 -26.46 5.98
C GLY P 7 80.72 -27.36 6.52
N GLN P 8 81.16 -27.10 7.75
CA GLN P 8 82.27 -27.83 8.34
C GLN P 8 81.81 -28.55 9.60
N THR P 9 82.38 -29.73 9.83
CA THR P 9 82.12 -30.46 11.05
C THR P 9 82.86 -29.82 12.22
N LEU P 10 82.70 -30.41 13.41
CA LEU P 10 83.36 -29.88 14.60
C LEU P 10 84.88 -29.95 14.45
N ARG P 11 85.40 -31.11 14.04
CA ARG P 11 86.84 -31.29 13.96
C ARG P 11 87.47 -30.43 12.87
N GLU P 12 86.91 -30.46 11.66
CA GLU P 12 87.54 -29.78 10.53
C GLU P 12 87.55 -28.26 10.72
N HIS P 13 86.80 -27.75 11.69
CA HIS P 13 86.82 -26.34 12.05
C HIS P 13 87.70 -26.06 13.26
N ILE P 14 87.48 -26.79 14.36
CA ILE P 14 88.22 -26.52 15.59
C ILE P 14 89.71 -26.79 15.39
N GLU P 15 90.05 -27.82 14.61
CA GLU P 15 91.45 -28.06 14.30
C GLU P 15 92.05 -26.90 13.52
N ALA P 16 91.28 -26.30 12.62
CA ALA P 16 91.78 -25.13 11.89
C ALA P 16 92.04 -23.97 12.83
N MET P 17 91.09 -23.70 13.75
CA MET P 17 91.31 -22.67 14.76
C MET P 17 92.59 -22.93 15.54
N LEU P 18 92.74 -24.15 16.05
CA LEU P 18 93.90 -24.48 16.88
C LEU P 18 95.21 -24.35 16.10
N ALA P 19 95.21 -24.84 14.86
CA ALA P 19 96.41 -24.77 14.04
C ALA P 19 96.81 -23.34 13.74
N ALA P 20 95.84 -22.49 13.39
CA ALA P 20 96.15 -21.08 13.16
C ALA P 20 96.67 -20.42 14.42
N TRP P 21 96.12 -20.81 15.58
CA TRP P 21 96.60 -20.24 16.83
C TRP P 21 98.05 -20.61 17.10
N GLU P 22 98.51 -21.75 16.59
CA GLU P 22 99.91 -22.11 16.78
C GLU P 22 100.83 -21.10 16.09
N ILE P 23 100.46 -20.63 14.90
CA ILE P 23 101.26 -19.60 14.24
C ILE P 23 101.11 -18.27 14.96
N VAL P 24 99.88 -17.90 15.35
CA VAL P 24 99.63 -16.59 15.95
C VAL P 24 100.06 -16.56 17.43
N LYS P 25 100.55 -17.68 17.95
CA LYS P 25 100.95 -17.78 19.35
C LYS P 25 102.05 -16.80 19.70
N ASN P 26 103.21 -16.93 19.04
CA ASN P 26 104.33 -16.05 19.38
C ASN P 26 104.02 -14.58 19.09
N LYS P 27 102.98 -14.29 18.31
CA LYS P 27 102.61 -12.91 18.04
C LYS P 27 101.74 -12.33 19.15
N TYR P 28 100.74 -13.08 19.62
CA TYR P 28 99.78 -12.52 20.58
C TYR P 28 99.91 -12.97 22.02
N ILE P 29 100.71 -14.00 22.33
CA ILE P 29 100.82 -14.45 23.72
C ILE P 29 101.41 -13.40 24.65
N PRO P 30 102.55 -12.75 24.35
CA PRO P 30 103.11 -11.79 25.33
C PRO P 30 102.18 -10.63 25.67
N SER P 31 101.35 -10.20 24.71
CA SER P 31 100.33 -9.21 25.04
C SER P 31 99.35 -9.76 26.08
N ILE P 32 98.94 -11.02 25.93
CA ILE P 32 98.07 -11.64 26.92
C ILE P 32 98.75 -11.68 28.28
N ILE P 33 100.04 -12.00 28.30
CA ILE P 33 100.75 -12.11 29.58
C ILE P 33 100.84 -10.74 30.26
N ARG P 34 101.20 -9.71 29.49
CA ARG P 34 101.33 -8.37 30.07
C ARG P 34 99.98 -7.86 30.54
N VAL P 35 98.89 -8.29 29.90
CA VAL P 35 97.57 -7.96 30.40
C VAL P 35 97.30 -8.70 31.71
N MET P 36 97.67 -9.97 31.78
CA MET P 36 97.16 -10.79 32.87
C MET P 36 98.00 -10.67 34.14
N LYS P 37 99.18 -10.03 34.06
CA LYS P 37 99.78 -9.63 35.34
C LYS P 37 98.87 -8.67 36.09
N THR P 38 98.15 -7.80 35.37
CA THR P 38 97.35 -6.77 36.04
C THR P 38 96.24 -7.40 36.89
N VAL P 39 95.75 -8.57 36.47
CA VAL P 39 94.66 -9.23 37.19
C VAL P 39 95.09 -9.60 38.61
N GLY P 40 96.34 -10.03 38.78
CA GLY P 40 96.84 -10.46 40.07
C GLY P 40 97.32 -11.89 40.11
N VAL P 41 97.08 -12.67 39.05
CA VAL P 41 97.57 -14.04 38.94
C VAL P 41 98.21 -14.19 37.58
N LYS P 42 99.36 -14.88 37.53
CA LYS P 42 100.14 -14.98 36.32
C LYS P 42 100.84 -16.33 36.26
N PHE P 43 100.96 -16.86 35.05
CA PHE P 43 101.65 -18.12 34.81
C PHE P 43 102.54 -17.94 33.58
N THR P 44 103.16 -19.03 33.13
CA THR P 44 104.10 -18.94 32.02
C THR P 44 103.37 -18.90 30.68
N GLU P 45 104.15 -18.79 29.61
CA GLU P 45 103.58 -18.76 28.27
C GLU P 45 102.99 -20.12 27.89
N GLU P 46 103.53 -21.20 28.44
CA GLU P 46 102.99 -22.53 28.13
C GLU P 46 101.62 -22.72 28.76
N ASP P 47 101.44 -22.27 29.99
CA ASP P 47 100.12 -22.32 30.62
C ASP P 47 99.15 -21.38 29.90
N ALA P 48 99.66 -20.26 29.36
CA ALA P 48 98.84 -19.42 28.51
C ALA P 48 98.42 -20.15 27.23
N ASP P 49 99.32 -20.95 26.66
CA ASP P 49 98.97 -21.78 25.52
C ASP P 49 97.88 -22.77 25.88
N LYS P 50 97.98 -23.37 27.06
CA LYS P 50 96.94 -24.28 27.54
C LYS P 50 95.60 -23.56 27.67
N PHE P 51 95.60 -22.36 28.26
CA PHE P 51 94.37 -21.60 28.46
C PHE P 51 93.74 -21.23 27.12
N MET P 52 94.55 -20.78 26.18
CA MET P 52 94.05 -20.44 24.86
C MET P 52 93.53 -21.68 24.13
N LYS P 53 94.20 -22.82 24.28
CA LYS P 53 93.76 -24.06 23.66
C LYS P 53 92.41 -24.50 24.23
N THR P 54 92.24 -24.34 25.55
CA THR P 54 90.96 -24.64 26.16
C THR P 54 89.85 -23.74 25.62
N LEU P 55 90.17 -22.45 25.44
CA LEU P 55 89.17 -21.56 24.84
C LEU P 55 88.84 -21.97 23.41
N ILE P 56 89.85 -22.37 22.64
CA ILE P 56 89.63 -22.80 21.25
C ILE P 56 88.76 -24.05 21.21
N ILE P 57 89.00 -24.99 22.12
CA ILE P 57 88.24 -26.23 22.10
C ILE P 57 86.81 -26.00 22.60
N LEU P 58 86.64 -25.10 23.58
CA LEU P 58 85.39 -24.97 24.30
C LEU P 58 84.49 -23.83 23.85
N HIS P 59 84.82 -23.10 22.78
CA HIS P 59 83.94 -22.00 22.40
C HIS P 59 82.83 -22.46 21.48
N ASP P 60 82.92 -23.69 20.96
CA ASP P 60 81.90 -24.22 20.06
C ASP P 60 81.23 -25.46 20.61
N VAL P 61 81.47 -25.81 21.88
CA VAL P 61 80.77 -26.93 22.48
C VAL P 61 79.29 -26.63 22.65
N GLY P 62 78.96 -25.37 22.93
CA GLY P 62 77.56 -24.99 23.05
C GLY P 62 76.82 -24.99 21.73
N LYS P 63 77.56 -24.93 20.61
CA LYS P 63 76.95 -25.01 19.29
C LYS P 63 76.17 -26.31 19.11
N CYS P 64 76.60 -27.38 19.78
CA CYS P 64 76.03 -28.71 19.59
C CYS P 64 74.93 -28.98 20.61
N SER P 65 73.96 -28.06 20.65
CA SER P 65 72.91 -28.11 21.67
C SER P 65 71.67 -28.88 21.23
N GLU P 66 71.76 -29.62 20.12
CA GLU P 66 70.79 -30.55 19.56
C GLU P 66 69.49 -29.88 19.13
N VAL P 67 69.33 -28.57 19.34
CA VAL P 67 68.20 -27.81 18.81
C VAL P 67 68.69 -26.64 17.95
N TYR P 68 69.69 -25.91 18.44
CA TYR P 68 70.31 -24.85 17.64
C TYR P 68 71.01 -25.42 16.41
N GLN P 69 71.70 -26.56 16.56
CA GLN P 69 72.38 -27.17 15.44
C GLN P 69 71.39 -27.69 14.40
N LYS P 70 70.21 -28.14 14.85
CA LYS P 70 69.17 -28.54 13.91
C LYS P 70 68.70 -27.35 13.09
N HIS P 71 68.54 -26.19 13.73
CA HIS P 71 68.20 -24.97 12.99
C HIS P 71 69.31 -24.59 12.03
N LEU P 72 70.57 -24.80 12.44
CA LEU P 72 71.70 -24.49 11.57
C LEU P 72 71.69 -25.38 10.33
N SER P 73 71.39 -26.67 10.50
CA SER P 73 71.40 -27.59 9.36
C SER P 73 70.39 -27.17 8.31
N ASN P 74 69.20 -26.76 8.73
CA ASN P 74 68.19 -26.22 7.83
C ASN P 74 68.36 -24.71 7.76
N ASN P 75 67.37 -24.00 7.19
CA ASN P 75 67.37 -22.55 7.18
C ASN P 75 66.47 -21.95 8.26
N GLU P 76 66.09 -22.73 9.25
CA GLU P 76 65.19 -22.25 10.29
C GLU P 76 65.87 -21.15 11.10
N PRO P 77 65.14 -20.10 11.48
CA PRO P 77 65.75 -19.02 12.26
C PRO P 77 66.11 -19.47 13.67
N LEU P 78 67.12 -18.79 14.23
CA LEU P 78 67.61 -19.08 15.57
C LEU P 78 67.12 -18.07 16.62
N ARG P 79 66.77 -16.86 16.18
CA ARG P 79 66.08 -15.85 17.01
C ARG P 79 66.84 -15.62 18.32
N GLY P 80 68.16 -15.54 18.22
CA GLY P 80 68.96 -15.02 19.31
C GLY P 80 69.51 -16.04 20.29
N PHE P 81 69.74 -17.27 19.86
CA PHE P 81 70.33 -18.27 20.74
C PHE P 81 71.78 -17.93 21.05
N ARG P 82 72.09 -17.78 22.34
CA ARG P 82 73.45 -17.52 22.79
C ARG P 82 74.00 -18.80 23.42
N HIS P 83 74.51 -19.69 22.57
CA HIS P 83 75.15 -20.91 23.04
C HIS P 83 76.43 -20.61 23.81
N GLU P 84 77.01 -19.43 23.58
CA GLU P 84 78.24 -19.05 24.27
C GLU P 84 78.03 -19.02 25.78
N LEU P 85 76.77 -18.87 26.21
CA LEU P 85 76.48 -18.94 27.64
C LEU P 85 76.75 -20.33 28.20
N VAL P 86 76.23 -21.37 27.53
CA VAL P 86 76.49 -22.74 27.96
C VAL P 86 77.97 -23.07 27.80
N SER P 87 78.58 -22.56 26.73
CA SER P 87 80.02 -22.77 26.55
C SER P 87 80.82 -22.13 27.67
N ALA P 88 80.37 -20.97 28.16
CA ALA P 88 81.04 -20.30 29.27
C ALA P 88 80.83 -21.08 30.57
N TYR P 89 79.65 -21.66 30.75
CA TYR P 89 79.43 -22.55 31.88
C TYR P 89 80.43 -23.70 31.86
N TYR P 90 80.54 -24.38 30.71
CA TYR P 90 81.52 -25.45 30.56
C TYR P 90 82.93 -24.97 30.85
N ALA P 91 83.34 -23.85 30.26
CA ALA P 91 84.70 -23.36 30.43
C ALA P 91 84.98 -23.03 31.89
N TYR P 92 84.05 -22.33 32.54
CA TYR P 92 84.23 -21.98 33.94
C TYR P 92 84.41 -23.22 34.80
N ASN P 93 83.48 -24.19 34.67
CA ASN P 93 83.55 -25.37 35.53
C ASN P 93 84.81 -26.20 35.25
N ILE P 94 85.12 -26.41 33.98
CA ILE P 94 86.25 -27.26 33.64
C ILE P 94 87.55 -26.60 34.08
N LEU P 95 87.61 -25.27 34.03
CA LEU P 95 88.84 -24.59 34.42
C LEU P 95 88.94 -24.50 35.94
N LYS P 96 87.80 -24.44 36.64
CA LYS P 96 87.81 -24.74 38.07
C LYS P 96 88.51 -26.06 38.33
N ASP P 97 88.12 -27.09 37.57
CA ASP P 97 88.65 -28.43 37.82
C ASP P 97 90.15 -28.51 37.53
N MET P 98 90.60 -27.91 36.42
CA MET P 98 92.01 -28.11 36.05
C MET P 98 92.93 -27.08 36.70
N PHE P 99 92.69 -25.79 36.49
CA PHE P 99 93.68 -24.77 36.79
C PHE P 99 93.69 -24.34 38.25
N LYS P 100 92.71 -24.76 39.05
CA LYS P 100 92.71 -24.54 40.49
C LYS P 100 92.84 -23.06 40.83
N ASP P 101 92.09 -22.21 40.12
CA ASP P 101 92.10 -20.78 40.38
C ASP P 101 90.70 -20.26 40.06
N GLU P 102 90.36 -19.12 40.66
CA GLU P 102 89.00 -18.61 40.61
C GLU P 102 88.79 -17.46 39.62
N THR P 103 89.76 -16.56 39.49
CA THR P 103 89.54 -15.37 38.65
C THR P 103 89.75 -15.68 37.17
N ILE P 104 90.72 -16.55 36.86
CA ILE P 104 91.05 -16.82 35.47
C ILE P 104 89.90 -17.52 34.76
N ALA P 105 89.19 -18.40 35.47
CA ALA P 105 88.01 -19.02 34.87
C ALA P 105 86.90 -18.00 34.63
N PHE P 106 86.77 -17.01 35.52
CA PHE P 106 85.82 -15.94 35.31
C PHE P 106 86.16 -15.16 34.05
N ILE P 107 87.45 -14.84 33.87
CA ILE P 107 87.89 -14.13 32.67
C ILE P 107 87.60 -14.96 31.43
N GLY P 108 87.91 -16.26 31.48
CA GLY P 108 87.64 -17.13 30.35
C GLY P 108 86.17 -17.25 30.04
N ALA P 109 85.32 -17.26 31.06
CA ALA P 109 83.89 -17.28 30.84
C ALA P 109 83.42 -16.03 30.12
N LEU P 110 83.93 -14.86 30.52
CA LEU P 110 83.62 -13.64 29.77
C LEU P 110 84.11 -13.74 28.32
N VAL P 111 85.33 -14.23 28.13
CA VAL P 111 85.90 -14.35 26.77
C VAL P 111 85.00 -15.21 25.91
N VAL P 112 84.52 -16.32 26.46
CA VAL P 112 83.55 -17.15 25.75
C VAL P 112 82.27 -16.38 25.49
N MET P 113 81.87 -15.53 26.45
CA MET P 113 80.61 -14.80 26.32
C MET P 113 80.64 -13.86 25.12
N MET P 114 81.74 -13.15 24.89
CA MET P 114 81.78 -12.27 23.72
C MET P 114 81.88 -13.03 22.41
N HIS P 115 82.22 -14.33 22.46
CA HIS P 115 82.55 -15.03 21.23
C HIS P 115 81.38 -14.95 20.24
N HIS P 116 81.72 -14.70 18.98
CA HIS P 116 80.81 -14.11 17.99
C HIS P 116 80.46 -12.68 18.37
N GLU P 117 79.58 -12.50 19.37
CA GLU P 117 79.18 -11.15 19.75
C GLU P 117 78.73 -11.10 21.21
N PRO P 118 79.14 -10.08 21.97
CA PRO P 118 78.73 -9.98 23.37
C PRO P 118 77.29 -9.53 23.55
N ILE P 119 76.79 -9.72 24.77
CA ILE P 119 75.47 -9.25 25.12
C ILE P 119 75.51 -7.75 25.39
N LEU P 120 74.34 -7.11 25.26
CA LEU P 120 74.20 -5.68 25.48
C LEU P 120 73.05 -5.45 26.45
N MET P 121 73.33 -4.73 27.53
CA MET P 121 72.33 -4.47 28.58
C MET P 121 72.41 -3.01 29.01
N GLY P 122 71.25 -2.39 29.17
CA GLY P 122 71.14 -1.06 29.73
C GLY P 122 71.69 0.03 28.82
N GLN P 123 71.36 1.27 29.18
CA GLN P 123 71.91 2.47 28.55
C GLN P 123 71.67 2.48 27.04
N ILE P 124 70.46 2.10 26.64
CA ILE P 124 70.15 2.00 25.21
C ILE P 124 69.30 3.19 24.77
N ARG P 125 69.23 3.37 23.45
CA ARG P 125 68.41 4.43 22.84
C ARG P 125 67.62 3.84 21.67
N SER P 126 66.98 2.70 21.94
CA SER P 126 66.10 1.99 21.01
C SER P 126 66.77 1.67 19.67
N LEU P 127 68.03 1.24 19.67
CA LEU P 127 68.72 0.85 18.45
C LEU P 127 69.19 -0.60 18.60
N ASP P 128 68.32 -1.42 19.19
CA ASP P 128 68.60 -2.82 19.47
C ASP P 128 67.43 -3.68 19.03
N LYS P 129 66.97 -3.44 17.79
CA LYS P 129 65.87 -4.23 17.24
C LYS P 129 66.21 -5.72 17.21
N GLU P 130 67.49 -6.06 17.02
CA GLU P 130 67.91 -7.44 16.94
C GLU P 130 68.01 -8.08 18.33
N GLU P 131 68.61 -9.27 18.39
CA GLU P 131 68.70 -10.05 19.62
C GLU P 131 69.67 -9.47 20.64
N LEU P 132 70.26 -8.31 20.39
CA LEU P 132 71.18 -7.71 21.35
C LEU P 132 70.42 -7.11 22.53
N THR P 133 69.80 -7.96 23.35
CA THR P 133 68.93 -7.50 24.42
C THR P 133 68.76 -8.61 25.45
N PRO P 134 68.82 -8.29 26.74
CA PRO P 134 68.70 -9.35 27.76
C PRO P 134 67.37 -10.09 27.75
N GLU P 135 66.28 -9.49 27.28
CA GLU P 135 64.99 -10.19 27.33
C GLU P 135 65.00 -11.42 26.43
N VAL P 136 65.52 -11.28 25.20
CA VAL P 136 65.55 -12.42 24.29
C VAL P 136 66.62 -13.41 24.72
N VAL P 137 67.68 -12.91 25.36
CA VAL P 137 68.68 -13.81 25.92
C VAL P 137 68.06 -14.70 27.00
N LEU P 138 67.24 -14.11 27.87
CA LEU P 138 66.55 -14.90 28.88
C LEU P 138 65.50 -15.81 28.25
N ASP P 139 64.88 -15.35 27.16
CA ASP P 139 63.95 -16.20 26.42
C ASP P 139 64.65 -17.48 25.95
N LYS P 140 65.76 -17.33 25.24
CA LYS P 140 66.53 -18.49 24.79
C LYS P 140 67.04 -19.31 25.97
N LEU P 141 67.37 -18.62 27.07
CA LEU P 141 67.88 -19.32 28.25
C LEU P 141 66.83 -20.26 28.82
N ARG P 142 65.59 -19.80 28.97
CA ARG P 142 64.57 -20.68 29.54
C ARG P 142 64.12 -21.71 28.52
N THR P 143 64.14 -21.37 27.23
CA THR P 143 63.76 -22.35 26.21
C THR P 143 64.85 -23.38 25.99
N PHE P 144 66.03 -23.16 26.58
CA PHE P 144 67.10 -24.14 26.50
C PHE P 144 66.69 -25.43 27.20
N ASN P 145 66.87 -26.56 26.52
CA ASN P 145 66.47 -27.85 27.05
C ASN P 145 67.66 -28.70 27.48
N GLY P 146 68.61 -28.92 26.59
CA GLY P 146 69.77 -29.73 26.90
C GLY P 146 70.68 -29.88 25.71
N VAL P 147 71.92 -30.28 26.00
CA VAL P 147 72.95 -30.48 24.97
C VAL P 147 72.85 -31.90 24.44
N MET P 148 73.53 -32.18 23.33
CA MET P 148 73.61 -33.54 22.80
C MET P 148 74.09 -34.51 23.88
N GLU P 149 73.56 -35.73 23.84
CA GLU P 149 73.95 -36.74 24.82
C GLU P 149 75.41 -37.14 24.66
N GLY P 150 75.91 -37.13 23.42
CA GLY P 150 77.31 -37.46 23.18
C GLY P 150 78.26 -36.30 23.44
N THR P 151 77.74 -35.17 23.93
CA THR P 151 78.58 -34.01 24.18
C THR P 151 79.64 -34.31 25.22
N GLU P 152 79.27 -34.99 26.31
CA GLU P 152 80.25 -35.35 27.32
C GLU P 152 81.31 -36.28 26.74
N SER P 153 80.89 -37.22 25.89
CA SER P 153 81.84 -38.16 25.31
C SER P 153 82.86 -37.45 24.43
N PHE P 154 82.41 -36.62 23.47
CA PHE P 154 83.42 -36.03 22.59
C PHE P 154 84.14 -34.87 23.27
N ILE P 155 83.55 -34.28 24.32
CA ILE P 155 84.31 -33.32 25.12
C ILE P 155 85.47 -34.02 25.81
N LYS P 156 85.23 -35.20 26.36
CA LYS P 156 86.32 -36.00 26.90
C LYS P 156 87.34 -36.34 25.82
N SER P 157 86.86 -36.64 24.61
CA SER P 157 87.78 -36.98 23.52
C SER P 157 88.71 -35.81 23.17
N MET P 158 88.14 -34.61 22.98
CA MET P 158 89.00 -33.47 22.67
C MET P 158 89.85 -33.05 23.86
N ILE P 159 89.37 -33.25 25.09
CA ILE P 159 90.21 -33.01 26.25
C ILE P 159 91.43 -33.93 26.22
N LYS P 160 91.21 -35.20 25.88
CA LYS P 160 92.33 -36.14 25.79
C LYS P 160 93.28 -35.75 24.67
N GLU P 161 92.76 -35.34 23.51
CA GLU P 161 93.64 -35.09 22.37
C GLU P 161 94.42 -33.79 22.55
N LYS P 162 93.82 -32.78 23.20
CA LYS P 162 94.50 -31.50 23.33
C LYS P 162 95.42 -31.47 24.55
N LEU P 163 94.97 -32.00 25.69
CA LEU P 163 95.79 -32.03 26.89
C LEU P 163 96.07 -33.45 27.34
N GLY P 164 95.02 -34.25 27.51
CA GLY P 164 95.17 -35.63 27.92
C GLY P 164 95.41 -35.85 29.40
N VAL P 165 95.29 -34.81 30.23
CA VAL P 165 95.56 -34.98 31.65
C VAL P 165 94.44 -35.77 32.32
N ILE P 166 93.23 -35.21 32.34
CA ILE P 166 92.07 -35.85 32.95
C ILE P 166 90.81 -35.45 32.17
N PRO P 167 89.91 -36.38 31.87
CA PRO P 167 88.64 -36.00 31.22
C PRO P 167 87.55 -35.71 32.24
N LYS P 168 86.89 -34.56 32.11
CA LYS P 168 85.83 -34.13 33.01
C LYS P 168 84.83 -33.29 32.25
N VAL P 169 83.55 -33.44 32.58
CA VAL P 169 82.49 -32.72 31.86
C VAL P 169 81.50 -32.10 32.83
N PRO P 170 81.13 -30.83 32.63
CA PRO P 170 80.01 -30.25 33.39
C PRO P 170 78.67 -30.54 32.72
N SER P 171 77.64 -30.64 33.55
CA SER P 171 76.30 -30.98 33.08
C SER P 171 75.33 -29.85 33.39
N PRO P 172 74.91 -29.06 32.40
CA PRO P 172 73.94 -28.00 32.66
C PRO P 172 72.51 -28.46 32.47
N THR P 173 71.65 -28.21 33.46
CA THR P 173 70.24 -28.56 33.30
C THR P 173 69.46 -27.43 32.64
N GLN P 174 69.44 -26.26 33.28
CA GLN P 174 68.67 -25.10 32.83
C GLN P 174 68.81 -23.97 33.84
N GLU P 175 68.49 -24.26 35.11
CA GLU P 175 68.59 -23.24 36.15
C GLU P 175 70.03 -23.00 36.57
N ASP P 176 70.87 -24.05 36.53
CA ASP P 176 72.26 -23.89 36.95
C ASP P 176 73.03 -22.98 36.00
N VAL P 177 72.84 -23.16 34.69
CA VAL P 177 73.48 -22.27 33.72
C VAL P 177 72.91 -20.87 33.85
N LEU P 178 71.62 -20.75 34.16
CA LEU P 178 71.03 -19.45 34.46
C LEU P 178 71.79 -18.75 35.57
N ARG P 179 71.95 -19.43 36.71
CA ARG P 179 72.65 -18.83 37.84
C ARG P 179 74.08 -18.47 37.47
N GLU P 180 74.78 -19.37 36.78
CA GLU P 180 76.18 -19.11 36.44
C GLU P 180 76.31 -17.88 35.55
N VAL P 181 75.51 -17.80 34.48
CA VAL P 181 75.67 -16.70 33.54
C VAL P 181 75.22 -15.38 34.15
N ILE P 182 74.10 -15.39 34.90
CA ILE P 182 73.66 -14.16 35.51
C ILE P 182 74.70 -13.65 36.50
N ARG P 183 75.24 -14.56 37.33
CA ARG P 183 76.27 -14.15 38.29
C ARG P 183 77.48 -13.57 37.57
N LEU P 184 78.02 -14.29 36.58
CA LEU P 184 79.23 -13.81 35.93
C LEU P 184 79.00 -12.50 35.20
N SER P 185 77.89 -12.36 34.48
CA SER P 185 77.63 -11.15 33.73
C SER P 185 77.40 -9.96 34.65
N VAL P 186 76.62 -10.14 35.72
CA VAL P 186 76.37 -9.04 36.64
C VAL P 186 77.66 -8.62 37.34
N LEU P 187 78.46 -9.59 37.78
CA LEU P 187 79.72 -9.25 38.46
C LEU P 187 80.67 -8.53 37.51
N ALA P 188 80.79 -9.00 36.26
CA ALA P 188 81.64 -8.32 35.30
C ALA P 188 81.14 -6.91 35.01
N ARG P 189 79.82 -6.73 34.99
CA ARG P 189 79.27 -5.40 34.75
C ARG P 189 79.59 -4.44 35.89
N HIS P 190 79.59 -4.92 37.13
CA HIS P 190 79.84 -4.07 38.29
C HIS P 190 80.80 -4.75 39.27
N ARG P 191 81.97 -4.14 39.46
CA ARG P 191 82.97 -4.47 40.46
C ARG P 191 83.78 -3.21 40.74
N PRO P 192 84.72 -3.22 41.70
CA PRO P 192 85.64 -2.08 41.80
C PRO P 192 86.42 -1.83 40.53
N ASP P 193 86.64 -2.86 39.71
CA ASP P 193 87.23 -2.67 38.40
C ASP P 193 86.31 -1.81 37.54
N SER P 194 86.89 -0.79 36.90
CA SER P 194 86.14 0.11 36.03
C SER P 194 86.54 -0.01 34.57
N GLY P 195 87.82 0.16 34.26
CA GLY P 195 88.30 -0.01 32.91
C GLY P 195 89.21 -1.21 32.77
N LYS P 196 89.58 -1.80 33.91
CA LYS P 196 90.44 -2.98 33.91
C LYS P 196 89.78 -4.13 33.16
N LEU P 197 88.48 -4.36 33.43
CA LEU P 197 87.80 -5.51 32.84
C LEU P 197 87.74 -5.42 31.32
N ARG P 198 87.32 -4.27 30.78
CA ARG P 198 87.21 -4.14 29.33
C ARG P 198 88.55 -4.35 28.65
N MET P 199 89.61 -3.69 29.14
CA MET P 199 90.93 -3.89 28.53
C MET P 199 91.34 -5.35 28.59
N VAL P 200 91.24 -5.98 29.77
CA VAL P 200 91.71 -7.35 29.91
C VAL P 200 90.96 -8.29 28.98
N VAL P 201 89.63 -8.19 28.97
CA VAL P 201 88.87 -9.24 28.32
C VAL P 201 88.78 -8.98 26.82
N GLY P 202 88.85 -7.71 26.41
CA GLY P 202 89.05 -7.42 24.99
C GLY P 202 90.42 -7.86 24.50
N ALA P 203 91.43 -7.77 25.37
CA ALA P 203 92.74 -8.28 25.02
C ALA P 203 92.69 -9.78 24.76
N LEU P 204 91.96 -10.50 25.60
CA LEU P 204 91.77 -11.93 25.34
C LEU P 204 90.87 -12.16 24.12
N LEU P 205 90.00 -11.21 23.80
CA LEU P 205 89.15 -11.34 22.61
C LEU P 205 89.97 -11.22 21.33
N ILE P 206 90.99 -10.34 21.35
CA ILE P 206 91.71 -10.00 20.12
C ILE P 206 92.24 -11.23 19.37
N PRO P 207 92.91 -12.21 20.01
CA PRO P 207 93.43 -13.35 19.25
C PRO P 207 92.34 -14.19 18.59
N LEU P 208 91.11 -14.08 19.07
CA LEU P 208 90.00 -14.86 18.53
C LEU P 208 89.45 -14.23 17.25
N VAL P 209 90.30 -14.22 16.22
CA VAL P 209 89.92 -13.71 14.91
C VAL P 209 90.11 -14.75 13.81
N CYS P 211 90.27 -16.02 14.17
CA CYS P 211 90.49 -17.07 13.18
C CYS P 211 89.20 -17.57 12.57
N ASP P 212 88.04 -17.08 13.01
CA ASP P 212 86.77 -17.56 12.49
C ASP P 212 86.65 -17.29 10.99
N TYR P 213 87.22 -16.18 10.53
CA TYR P 213 87.27 -15.90 9.11
C TYR P 213 88.10 -16.95 8.37
N LYS P 214 89.18 -17.41 9.00
CA LYS P 214 89.99 -18.46 8.38
C LYS P 214 89.27 -19.80 8.38
N GLY P 215 88.46 -20.06 9.41
CA GLY P 215 87.82 -21.37 9.54
C GLY P 215 86.82 -21.64 8.43
N ALA P 216 86.00 -20.65 8.10
CA ALA P 216 84.95 -20.81 7.09
C ALA P 216 85.18 -19.81 5.96
N LYS P 217 84.79 -20.22 4.76
CA LYS P 217 84.97 -19.37 3.59
C LYS P 217 84.16 -18.09 3.72
N GLU P 218 84.77 -16.97 3.35
CA GLU P 218 84.14 -15.66 3.42
C GLU P 218 84.44 -14.88 2.16
N ARG P 219 83.55 -13.95 1.83
CA ARG P 219 83.67 -13.12 0.64
C ARG P 219 83.77 -11.64 0.97
N GLU P 220 84.26 -11.30 2.17
CA GLU P 220 84.38 -9.90 2.56
C GLU P 220 85.44 -9.20 1.72
N GLY P 221 85.11 -7.99 1.26
CA GLY P 221 86.05 -7.22 0.45
C GLY P 221 87.26 -6.79 1.26
N GLU P 222 87.06 -6.42 2.53
CA GLU P 222 88.15 -5.97 3.39
C GLU P 222 88.85 -7.13 4.10
N SER P 223 88.42 -8.37 3.86
CA SER P 223 89.06 -9.52 4.50
C SER P 223 90.54 -9.60 4.12
N PRO P 224 90.88 -9.21 2.89
CA PRO P 224 92.29 -9.15 2.51
C PRO P 224 93.04 -8.17 3.38
N LYS P 225 92.43 -7.02 3.69
CA LYS P 225 93.02 -6.12 4.68
C LYS P 225 93.14 -6.81 6.03
N PHE P 226 92.12 -7.58 6.41
CA PHE P 226 92.23 -8.39 7.62
C PHE P 226 93.36 -9.40 7.52
N ALA P 227 93.67 -9.84 6.30
CA ALA P 227 94.79 -10.74 6.09
C ALA P 227 96.14 -10.02 6.22
N GLU P 228 96.15 -8.69 6.26
CA GLU P 228 97.41 -7.96 6.40
C GLU P 228 98.08 -8.27 7.74
N VAL P 229 97.30 -8.36 8.81
CA VAL P 229 97.81 -8.67 10.14
C VAL P 229 97.67 -10.13 10.50
N LEU P 230 97.31 -10.99 9.54
CA LEU P 230 97.16 -12.42 9.82
C LEU P 230 98.49 -13.03 10.23
N ARG P 231 99.58 -12.63 9.57
CA ARG P 231 100.91 -13.12 9.89
C ARG P 231 101.80 -11.96 10.29
N VAL P 232 102.69 -12.22 11.24
CA VAL P 232 103.61 -11.20 11.73
C VAL P 232 104.72 -10.95 10.72
N GLU P 233 105.54 -9.95 11.02
CA GLU P 233 106.70 -9.65 10.17
C GLU P 233 107.65 -10.84 10.16
N MET P 234 108.20 -11.13 8.99
CA MET P 234 109.07 -12.29 8.84
C MET P 234 110.36 -12.10 9.65
N MET P 235 110.62 -13.06 10.54
CA MET P 235 111.86 -13.01 11.32
C MET P 235 113.07 -13.17 10.42
N LYS P 236 113.03 -14.11 9.49
CA LYS P 236 114.12 -14.28 8.54
C LYS P 236 114.10 -13.17 7.51
N ALA P 237 115.29 -12.73 7.10
CA ALA P 237 115.39 -11.68 6.09
C ALA P 237 114.80 -12.15 4.76
N ALA P 238 115.11 -13.38 4.36
CA ALA P 238 114.59 -13.92 3.10
C ALA P 238 114.56 -15.44 3.15
N MET Q 1 -33.52 -31.73 -54.87
CA MET Q 1 -34.93 -31.34 -55.00
C MET Q 1 -35.30 -30.32 -53.94
N TYR Q 2 -34.61 -29.18 -53.95
CA TYR Q 2 -34.84 -28.11 -52.99
C TYR Q 2 -35.99 -27.26 -53.51
N VAL Q 3 -37.19 -27.47 -52.97
CA VAL Q 3 -38.40 -26.83 -53.48
C VAL Q 3 -38.90 -25.83 -52.45
N ARG Q 4 -39.20 -24.62 -52.92
CA ARG Q 4 -39.68 -23.55 -52.05
C ARG Q 4 -41.02 -23.05 -52.54
N ILE Q 5 -41.97 -22.92 -51.61
CA ILE Q 5 -43.31 -22.46 -51.92
C ILE Q 5 -43.64 -21.30 -51.00
N SER Q 6 -44.19 -20.23 -51.56
CA SER Q 6 -44.58 -19.08 -50.75
C SER Q 6 -45.78 -18.40 -51.39
N GLY Q 7 -46.73 -17.98 -50.57
CA GLY Q 7 -47.91 -17.35 -51.10
C GLY Q 7 -48.82 -16.84 -50.00
N ARG Q 8 -49.98 -16.34 -50.44
CA ARG Q 8 -50.99 -15.77 -49.57
C ARG Q 8 -52.20 -16.69 -49.54
N ILE Q 9 -52.74 -16.90 -48.33
CA ILE Q 9 -53.91 -17.75 -48.12
C ILE Q 9 -54.81 -17.06 -47.11
N ARG Q 10 -56.11 -17.08 -47.36
CA ARG Q 10 -57.09 -16.43 -46.49
C ARG Q 10 -57.64 -17.45 -45.50
N LEU Q 11 -57.52 -17.15 -44.21
CA LEU Q 11 -58.06 -17.98 -43.16
C LEU Q 11 -59.23 -17.25 -42.51
N ASN Q 12 -60.21 -18.03 -42.03
CA ASN Q 12 -61.43 -17.42 -41.51
C ASN Q 12 -62.08 -18.39 -40.54
N ALA Q 13 -62.54 -17.86 -39.40
CA ALA Q 13 -63.30 -18.62 -38.42
C ALA Q 13 -62.50 -19.84 -37.96
N HIS Q 14 -61.36 -19.55 -37.34
CA HIS Q 14 -60.41 -20.58 -36.92
C HIS Q 14 -59.92 -20.31 -35.51
N SER Q 15 -59.52 -21.37 -34.84
CA SER Q 15 -58.89 -21.31 -33.52
C SER Q 15 -57.64 -22.18 -33.50
N LEU Q 16 -56.93 -22.22 -34.62
CA LEU Q 16 -55.78 -23.09 -34.76
C LEU Q 16 -54.64 -22.65 -33.84
N ASN Q 17 -53.96 -23.62 -33.25
CA ASN Q 17 -52.77 -23.40 -32.43
C ASN Q 17 -53.04 -22.38 -31.32
N ALA Q 18 -54.02 -22.72 -30.48
CA ALA Q 18 -54.27 -21.95 -29.26
C ALA Q 18 -53.50 -22.54 -28.10
N GLN Q 19 -53.07 -21.68 -27.19
CA GLN Q 19 -52.33 -22.17 -26.02
C GLN Q 19 -53.23 -22.70 -24.92
N GLY Q 20 -54.55 -22.61 -25.09
CA GLY Q 20 -55.50 -23.24 -24.20
C GLY Q 20 -55.46 -22.81 -22.75
N GLY Q 21 -54.56 -21.89 -22.41
CA GLY Q 21 -54.43 -21.42 -21.05
C GLY Q 21 -53.78 -22.44 -20.12
N GLY Q 22 -53.52 -23.64 -20.64
CA GLY Q 22 -52.95 -24.70 -19.84
C GLY Q 22 -53.86 -25.19 -18.73
N GLY Q 23 -55.16 -25.32 -19.00
CA GLY Q 23 -56.09 -25.79 -18.00
C GLY Q 23 -56.95 -24.70 -17.40
N THR Q 24 -57.49 -23.82 -18.22
CA THR Q 24 -58.39 -22.76 -17.78
C THR Q 24 -59.60 -22.70 -18.70
N ASN Q 25 -60.68 -22.13 -18.17
CA ASN Q 25 -61.94 -22.08 -18.92
C ASN Q 25 -61.79 -21.22 -20.17
N TYR Q 26 -61.30 -19.99 -20.02
CA TYR Q 26 -61.18 -19.07 -21.14
C TYR Q 26 -59.86 -19.32 -21.83
N ILE Q 27 -59.91 -19.88 -23.03
CA ILE Q 27 -58.71 -20.19 -23.80
C ILE Q 27 -58.58 -19.17 -24.93
N GLU Q 28 -57.34 -18.85 -25.28
CA GLU Q 28 -57.05 -17.85 -26.29
C GLU Q 28 -55.98 -18.38 -27.24
N ILE Q 29 -56.00 -17.86 -28.46
CA ILE Q 29 -55.08 -18.35 -29.49
C ILE Q 29 -53.73 -17.64 -29.35
N THR Q 30 -52.72 -18.23 -29.99
CA THR Q 30 -51.37 -17.69 -29.92
C THR Q 30 -51.28 -16.37 -30.66
N LYS Q 31 -50.61 -15.39 -30.05
CA LYS Q 31 -50.43 -14.07 -30.63
C LYS Q 31 -48.97 -13.67 -30.60
N THR Q 32 -48.56 -12.91 -31.60
CA THR Q 32 -47.19 -12.44 -31.74
C THR Q 32 -47.21 -11.02 -32.27
N LYS Q 33 -46.12 -10.30 -32.04
CA LYS Q 33 -46.00 -8.91 -32.46
C LYS Q 33 -45.21 -8.79 -33.75
N VAL Q 34 -45.63 -7.84 -34.59
CA VAL Q 34 -45.02 -7.61 -35.89
C VAL Q 34 -44.69 -6.12 -36.00
N THR Q 35 -43.69 -5.82 -36.83
CA THR Q 35 -43.26 -4.46 -37.09
C THR Q 35 -43.68 -4.03 -38.48
N VAL Q 36 -44.35 -2.88 -38.57
CA VAL Q 36 -44.80 -2.32 -39.84
C VAL Q 36 -44.44 -0.85 -39.89
N ARG Q 37 -43.92 -0.41 -41.03
CA ARG Q 37 -43.48 0.98 -41.17
C ARG Q 37 -44.67 1.94 -41.12
N THR Q 38 -45.75 1.64 -41.82
CA THR Q 38 -46.95 2.45 -41.91
C THR Q 38 -46.67 3.88 -42.39
N GLU Q 39 -45.51 4.10 -43.01
CA GLU Q 39 -45.10 5.36 -43.60
C GLU Q 39 -45.04 6.51 -42.61
N ASN Q 40 -45.14 6.23 -41.31
CA ASN Q 40 -45.04 7.26 -40.29
C ASN Q 40 -44.24 6.78 -39.08
N GLY Q 41 -43.28 5.89 -39.30
CA GLY Q 41 -42.49 5.33 -38.22
C GLY Q 41 -42.87 3.89 -37.90
N TRP Q 42 -41.87 3.03 -37.77
CA TRP Q 42 -42.12 1.63 -37.50
C TRP Q 42 -42.86 1.44 -36.18
N THR Q 43 -43.89 0.61 -36.19
CA THR Q 43 -44.70 0.34 -35.01
C THR Q 43 -44.99 -1.14 -34.92
N VAL Q 44 -45.25 -1.61 -33.70
CA VAL Q 44 -45.48 -3.02 -33.42
C VAL Q 44 -46.97 -3.24 -33.18
N VAL Q 45 -47.47 -4.39 -33.65
CA VAL Q 45 -48.88 -4.74 -33.54
C VAL Q 45 -48.98 -6.20 -33.09
N GLU Q 46 -49.88 -6.47 -32.14
CA GLU Q 46 -50.18 -7.81 -31.67
C GLU Q 46 -51.23 -8.44 -32.57
N VAL Q 47 -50.90 -9.55 -33.21
CA VAL Q 47 -51.86 -10.26 -34.07
C VAL Q 47 -51.75 -11.76 -33.82
N PRO Q 48 -52.84 -12.48 -34.03
CA PRO Q 48 -52.78 -13.95 -33.92
C PRO Q 48 -51.85 -14.53 -34.98
N ALA Q 49 -51.18 -15.61 -34.61
CA ALA Q 49 -50.22 -16.25 -35.49
C ALA Q 49 -50.20 -17.74 -35.23
N ILE Q 50 -49.70 -18.48 -36.22
CA ILE Q 50 -49.56 -19.94 -36.13
C ILE Q 50 -48.08 -20.26 -36.14
N THR Q 51 -47.61 -20.94 -35.09
CA THR Q 51 -46.20 -21.29 -35.00
C THR Q 51 -45.85 -22.33 -36.05
N GLY Q 52 -44.57 -22.33 -36.46
CA GLY Q 52 -44.10 -23.30 -37.42
C GLY Q 52 -44.09 -24.72 -36.89
N ASN Q 53 -44.17 -24.90 -35.58
CA ASN Q 53 -44.24 -26.24 -35.02
C ASN Q 53 -45.50 -26.95 -35.46
N MET Q 54 -46.63 -26.23 -35.49
CA MET Q 54 -47.87 -26.80 -35.99
C MET Q 54 -47.72 -27.27 -37.44
N LEU Q 55 -47.14 -26.41 -38.29
CA LEU Q 55 -46.97 -26.77 -39.69
C LEU Q 55 -46.06 -27.97 -39.85
N LYS Q 56 -44.97 -28.02 -39.09
CA LYS Q 56 -44.04 -29.14 -39.20
C LYS Q 56 -44.69 -30.44 -38.74
N HIS Q 57 -45.45 -30.39 -37.64
CA HIS Q 57 -46.12 -31.59 -37.14
C HIS Q 57 -47.16 -32.08 -38.13
N TRP Q 58 -47.94 -31.17 -38.71
CA TRP Q 58 -48.95 -31.60 -39.68
C TRP Q 58 -48.32 -32.08 -40.99
N HIS Q 59 -47.16 -31.53 -41.36
CA HIS Q 59 -46.44 -32.06 -42.51
C HIS Q 59 -45.95 -33.47 -42.23
N PHE Q 60 -45.48 -33.72 -41.01
CA PHE Q 60 -45.12 -35.07 -40.61
C PHE Q 60 -46.32 -36.01 -40.69
N VAL Q 61 -47.48 -35.54 -40.24
CA VAL Q 61 -48.70 -36.35 -40.29
C VAL Q 61 -49.05 -36.69 -41.73
N GLY Q 62 -49.04 -35.69 -42.61
CA GLY Q 62 -49.34 -35.95 -44.01
C GLY Q 62 -48.34 -36.88 -44.66
N PHE Q 63 -47.06 -36.70 -44.33
CA PHE Q 63 -46.01 -37.54 -44.91
C PHE Q 63 -46.20 -38.99 -44.51
N VAL Q 64 -46.44 -39.26 -43.23
CA VAL Q 64 -46.62 -40.64 -42.80
C VAL Q 64 -47.92 -41.21 -43.38
N ASP Q 65 -48.96 -40.38 -43.49
CA ASP Q 65 -50.22 -40.84 -44.05
C ASP Q 65 -50.07 -41.26 -45.51
N TYR Q 66 -49.33 -40.48 -46.29
CA TYR Q 66 -49.13 -40.82 -47.70
C TYR Q 66 -47.99 -41.81 -47.92
N PHE Q 67 -47.18 -42.09 -46.90
CA PHE Q 67 -46.12 -43.07 -47.03
C PHE Q 67 -46.52 -44.45 -46.53
N LYS Q 68 -47.57 -44.54 -45.70
CA LYS Q 68 -48.00 -45.85 -45.21
C LYS Q 68 -48.53 -46.71 -46.35
N THR Q 69 -49.08 -46.09 -47.39
CA THR Q 69 -49.65 -46.85 -48.50
C THR Q 69 -48.59 -47.43 -49.41
N THR Q 70 -47.38 -46.88 -49.41
CA THR Q 70 -46.33 -47.38 -50.28
C THR Q 70 -45.89 -48.77 -49.84
N PRO Q 71 -45.48 -49.63 -50.77
CA PRO Q 71 -44.97 -50.95 -50.39
C PRO Q 71 -43.75 -50.89 -49.49
N TYR Q 72 -42.99 -49.80 -49.56
CA TYR Q 72 -41.83 -49.59 -48.70
C TYR Q 72 -42.18 -48.86 -47.42
N GLY Q 73 -43.47 -48.64 -47.15
CA GLY Q 73 -43.88 -47.90 -45.97
C GLY Q 73 -43.80 -48.67 -44.67
N VAL Q 74 -43.45 -49.96 -44.73
CA VAL Q 74 -43.29 -50.75 -43.51
C VAL Q 74 -42.17 -50.19 -42.66
N ASN Q 75 -41.15 -49.60 -43.28
CA ASN Q 75 -40.00 -49.06 -42.57
C ASN Q 75 -40.38 -47.72 -41.93
N LEU Q 76 -41.23 -47.81 -40.91
CA LEU Q 76 -41.72 -46.65 -40.19
C LEU Q 76 -41.72 -46.93 -38.70
N THR Q 77 -41.56 -45.87 -37.91
CA THR Q 77 -41.59 -46.00 -36.46
C THR Q 77 -43.00 -46.31 -35.98
N GLU Q 78 -43.10 -47.10 -34.91
CA GLU Q 78 -44.41 -47.52 -34.41
C GLU Q 78 -45.23 -46.33 -33.93
N ARG Q 79 -44.58 -45.35 -33.28
CA ARG Q 79 -45.30 -44.18 -32.81
C ARG Q 79 -45.76 -43.30 -33.96
N ALA Q 80 -45.06 -43.34 -35.09
CA ALA Q 80 -45.47 -42.57 -36.25
C ALA Q 80 -46.82 -43.02 -36.81
N LEU Q 81 -47.21 -44.28 -36.56
CA LEU Q 81 -48.52 -44.75 -37.02
C LEU Q 81 -49.65 -44.00 -36.34
N ARG Q 82 -49.52 -43.76 -35.03
CA ARG Q 82 -50.52 -43.01 -34.28
C ARG Q 82 -50.28 -41.51 -34.32
N TYR Q 83 -49.55 -41.02 -35.32
CA TYR Q 83 -49.36 -39.58 -35.54
C TYR Q 83 -48.70 -38.91 -34.35
N ASN Q 84 -47.69 -39.57 -33.80
CA ASN Q 84 -46.95 -39.05 -32.66
C ASN Q 84 -45.80 -38.20 -33.17
N GLY Q 85 -45.78 -36.91 -32.78
CA GLY Q 85 -44.72 -36.03 -33.22
C GLY Q 85 -43.39 -36.29 -32.55
N THR Q 86 -43.41 -36.95 -31.39
CA THR Q 86 -42.18 -37.24 -30.68
C THR Q 86 -41.29 -38.18 -31.49
N ARG Q 87 -39.98 -37.96 -31.41
CA ARG Q 87 -39.02 -38.75 -32.16
C ARG Q 87 -38.27 -39.73 -31.26
N PHE Q 88 -37.60 -39.21 -30.24
CA PHE Q 88 -36.80 -40.05 -29.36
C PHE Q 88 -36.79 -39.43 -27.96
N GLY Q 89 -36.87 -40.28 -26.94
CA GLY Q 89 -36.84 -39.82 -25.57
C GLY Q 89 -35.43 -39.55 -25.08
N GLN Q 90 -35.35 -39.07 -23.84
CA GLN Q 90 -34.06 -38.76 -23.25
C GLN Q 90 -33.29 -40.01 -22.82
N GLY Q 91 -34.00 -41.08 -22.48
CA GLY Q 91 -33.34 -42.26 -21.95
C GLY Q 91 -33.73 -43.57 -22.59
N GLU Q 92 -34.07 -43.55 -23.88
CA GLU Q 92 -34.40 -44.77 -24.62
C GLU Q 92 -33.35 -45.00 -25.70
N THR Q 93 -32.79 -46.21 -25.72
CA THR Q 93 -31.75 -46.58 -26.67
C THR Q 93 -32.25 -47.50 -27.77
N THR Q 94 -33.54 -47.82 -27.79
CA THR Q 94 -34.12 -48.67 -28.83
C THR Q 94 -35.41 -48.04 -29.33
N ALA Q 95 -35.72 -48.31 -30.59
CA ALA Q 95 -36.97 -47.86 -31.20
C ALA Q 95 -37.67 -49.05 -31.83
N THR Q 96 -39.00 -49.00 -31.84
CA THR Q 96 -39.81 -50.09 -32.34
C THR Q 96 -40.40 -49.71 -33.69
N LYS Q 97 -40.30 -50.62 -34.65
CA LYS Q 97 -40.81 -50.40 -35.99
C LYS Q 97 -42.32 -50.65 -36.03
N ALA Q 98 -42.90 -50.49 -37.22
CA ALA Q 98 -44.32 -50.77 -37.40
C ALA Q 98 -44.60 -52.26 -37.24
N ASN Q 99 -43.64 -53.10 -37.58
CA ASN Q 99 -43.77 -54.55 -37.45
C ASN Q 99 -43.24 -55.08 -36.13
N GLY Q 100 -42.84 -54.19 -35.22
CA GLY Q 100 -42.30 -54.61 -33.94
C GLY Q 100 -40.79 -54.82 -33.91
N ALA Q 101 -40.11 -54.62 -35.03
CA ALA Q 101 -38.66 -54.78 -35.04
C ALA Q 101 -37.99 -53.70 -34.21
N THR Q 102 -36.85 -54.06 -33.62
CA THR Q 102 -36.11 -53.16 -32.75
C THR Q 102 -34.88 -52.62 -33.48
N VAL Q 103 -34.75 -51.29 -33.50
CA VAL Q 103 -33.66 -50.60 -34.16
C VAL Q 103 -32.91 -49.77 -33.13
N GLN Q 104 -31.59 -49.89 -33.12
CA GLN Q 104 -30.78 -49.13 -32.18
C GLN Q 104 -30.67 -47.68 -32.60
N LEU Q 105 -30.24 -46.83 -31.66
CA LEU Q 105 -30.05 -45.40 -31.89
C LEU Q 105 -28.58 -45.02 -32.03
N ASN Q 106 -27.79 -45.87 -32.68
CA ASN Q 106 -26.41 -45.56 -33.03
C ASN Q 106 -26.18 -45.95 -34.48
N ASP Q 107 -25.16 -45.34 -35.09
CA ASP Q 107 -24.85 -45.55 -36.51
C ASP Q 107 -26.06 -45.14 -37.37
N GLU Q 108 -26.32 -43.83 -37.35
CA GLU Q 108 -27.52 -43.26 -37.96
C GLU Q 108 -27.75 -43.70 -39.40
N ALA Q 109 -26.74 -44.26 -40.06
CA ALA Q 109 -26.94 -44.79 -41.41
C ALA Q 109 -28.01 -45.88 -41.41
N THR Q 110 -27.89 -46.86 -40.52
CA THR Q 110 -28.92 -47.90 -40.45
C THR Q 110 -30.23 -47.34 -39.90
N ILE Q 111 -30.17 -46.28 -39.11
CA ILE Q 111 -31.40 -45.67 -38.61
C ILE Q 111 -32.20 -45.07 -39.75
N ILE Q 112 -31.54 -44.32 -40.63
CA ILE Q 112 -32.24 -43.74 -41.77
C ILE Q 112 -32.54 -44.77 -42.84
N LYS Q 113 -31.81 -45.89 -42.87
CA LYS Q 113 -32.13 -46.96 -43.81
C LYS Q 113 -33.38 -47.70 -43.38
N GLU Q 114 -33.52 -47.98 -42.08
CA GLU Q 114 -34.63 -48.75 -41.56
C GLU Q 114 -35.82 -47.88 -41.14
N LEU Q 115 -35.61 -46.57 -40.98
CA LEU Q 115 -36.69 -45.64 -40.65
C LEU Q 115 -36.67 -44.49 -41.63
N ALA Q 116 -37.83 -44.17 -42.20
CA ALA Q 116 -37.92 -43.12 -43.21
C ALA Q 116 -38.32 -41.77 -42.63
N ASP Q 117 -39.19 -41.77 -41.62
CA ASP Q 117 -39.66 -40.51 -41.06
C ASP Q 117 -38.52 -39.73 -40.40
N ALA Q 118 -37.65 -40.42 -39.65
CA ALA Q 118 -36.55 -39.74 -39.00
C ALA Q 118 -35.52 -39.23 -40.01
N ASP Q 119 -35.38 -39.92 -41.15
CA ASP Q 119 -34.45 -39.45 -42.17
C ASP Q 119 -34.91 -38.13 -42.79
N VAL Q 120 -36.22 -37.95 -42.93
CA VAL Q 120 -36.75 -36.75 -43.58
C VAL Q 120 -36.91 -35.61 -42.59
N HIS Q 121 -37.50 -35.88 -41.43
CA HIS Q 121 -37.81 -34.82 -40.47
C HIS Q 121 -36.75 -34.65 -39.39
N GLY Q 122 -35.71 -35.47 -39.37
CA GLY Q 122 -34.65 -35.35 -38.40
C GLY Q 122 -35.00 -36.00 -37.07
N PHE Q 123 -33.98 -36.12 -36.21
CA PHE Q 123 -34.13 -36.74 -34.92
C PHE Q 123 -32.95 -36.33 -34.04
N LEU Q 124 -33.02 -36.71 -32.77
CA LEU Q 124 -31.92 -36.46 -31.83
C LEU Q 124 -32.03 -37.47 -30.69
N ALA Q 125 -30.92 -38.15 -30.40
CA ALA Q 125 -30.86 -39.10 -29.30
C ALA Q 125 -29.92 -38.57 -28.22
N PRO Q 126 -30.44 -38.05 -27.11
CA PRO Q 126 -29.55 -37.46 -26.10
C PRO Q 126 -28.56 -38.44 -25.49
N LYS Q 127 -28.98 -39.69 -25.23
CA LYS Q 127 -28.12 -40.61 -24.52
C LYS Q 127 -27.00 -41.17 -25.41
N THR Q 128 -27.31 -41.47 -26.67
CA THR Q 128 -26.31 -41.99 -27.59
C THR Q 128 -25.55 -40.89 -28.32
N GLY Q 129 -26.03 -39.65 -28.28
CA GLY Q 129 -25.38 -38.55 -28.95
C GLY Q 129 -25.69 -38.43 -30.43
N ARG Q 130 -26.48 -39.34 -31.00
CA ARG Q 130 -26.81 -39.27 -32.41
C ARG Q 130 -27.79 -38.13 -32.68
N ARG Q 131 -27.56 -37.43 -33.79
CA ARG Q 131 -28.41 -36.31 -34.15
C ARG Q 131 -28.43 -36.16 -35.67
N ARG Q 132 -29.47 -35.50 -36.17
CA ARG Q 132 -29.61 -35.27 -37.60
C ARG Q 132 -30.47 -34.04 -37.80
N VAL Q 133 -29.99 -33.11 -38.63
CA VAL Q 133 -30.75 -31.89 -38.90
C VAL Q 133 -31.96 -32.21 -39.75
N SER Q 134 -33.06 -31.49 -39.50
CA SER Q 134 -34.27 -31.69 -40.26
C SER Q 134 -34.10 -31.21 -41.69
N LEU Q 135 -34.63 -31.98 -42.64
CA LEU Q 135 -34.55 -31.65 -44.05
C LEU Q 135 -35.69 -30.76 -44.51
N VAL Q 136 -36.70 -30.53 -43.66
CA VAL Q 136 -37.84 -29.69 -43.98
C VAL Q 136 -37.91 -28.57 -42.97
N LYS Q 137 -37.92 -27.33 -43.45
CA LYS Q 137 -38.02 -26.16 -42.60
C LYS Q 137 -39.33 -25.44 -42.90
N ALA Q 138 -40.13 -25.22 -41.86
CA ALA Q 138 -41.44 -24.62 -42.00
C ALA Q 138 -41.41 -23.16 -41.55
N SER Q 139 -42.24 -22.35 -42.18
CA SER Q 139 -42.32 -20.93 -41.88
C SER Q 139 -43.53 -20.66 -41.01
N PHE Q 140 -43.67 -19.40 -40.61
CA PHE Q 140 -44.74 -18.97 -39.72
C PHE Q 140 -45.95 -18.50 -40.52
N ILE Q 141 -47.10 -18.45 -39.87
CA ILE Q 141 -48.36 -18.04 -40.49
C ILE Q 141 -48.79 -16.75 -39.79
N LEU Q 142 -48.55 -15.62 -40.47
CA LEU Q 142 -48.86 -14.29 -39.99
C LEU Q 142 -49.69 -13.51 -41.00
N PRO Q 143 -50.61 -12.66 -40.55
CA PRO Q 143 -51.31 -11.78 -41.51
C PRO Q 143 -50.33 -10.83 -42.19
N THR Q 144 -50.57 -10.59 -43.48
CA THR Q 144 -49.62 -9.85 -44.28
C THR Q 144 -49.64 -8.36 -43.95
N GLU Q 145 -48.59 -7.66 -44.39
CA GLU Q 145 -48.44 -6.26 -44.05
C GLU Q 145 -49.55 -5.40 -44.65
N ASP Q 146 -49.94 -5.68 -45.89
CA ASP Q 146 -50.99 -4.87 -46.52
C ASP Q 146 -52.31 -5.01 -45.78
N PHE Q 147 -52.64 -6.23 -45.35
CA PHE Q 147 -53.91 -6.43 -44.65
C PHE Q 147 -53.87 -5.79 -43.25
N ILE Q 148 -52.75 -5.94 -42.53
CA ILE Q 148 -52.66 -5.38 -41.20
C ILE Q 148 -52.59 -3.86 -41.21
N LYS Q 149 -52.05 -3.26 -42.27
CA LYS Q 149 -51.89 -1.82 -42.31
C LYS Q 149 -53.18 -1.10 -42.70
N GLU Q 150 -54.18 -1.82 -43.19
CA GLU Q 150 -55.42 -1.21 -43.67
C GLU Q 150 -56.61 -1.46 -42.75
N VAL Q 151 -56.37 -2.01 -41.56
CA VAL Q 151 -57.46 -2.26 -40.61
C VAL Q 151 -57.48 -1.24 -39.48
N GLU Q 152 -56.31 -0.88 -38.96
CA GLU Q 152 -56.14 0.10 -37.88
C GLU Q 152 -57.23 -0.05 -36.80
N GLY Q 153 -57.43 -1.28 -36.38
CA GLY Q 153 -58.46 -1.60 -35.40
C GLY Q 153 -58.90 -3.04 -35.58
N GLU Q 154 -60.13 -3.30 -35.13
CA GLU Q 154 -60.79 -4.60 -35.28
C GLU Q 154 -59.85 -5.77 -34.96
N ARG Q 155 -59.49 -5.91 -33.69
CA ARG Q 155 -58.46 -6.83 -33.21
C ARG Q 155 -58.54 -8.23 -33.80
N LEU Q 156 -59.71 -8.62 -34.30
CA LEU Q 156 -60.01 -9.88 -34.99
C LEU Q 156 -60.22 -11.05 -34.05
N ILE Q 157 -60.35 -10.80 -32.74
CA ILE Q 157 -60.71 -11.84 -31.78
C ILE Q 157 -62.17 -11.67 -31.41
N THR Q 158 -62.96 -12.73 -31.58
CA THR Q 158 -64.38 -12.72 -31.26
C THR Q 158 -64.67 -13.32 -29.89
N ALA Q 159 -63.94 -14.36 -29.49
CA ALA Q 159 -64.10 -15.03 -28.21
C ALA Q 159 -65.53 -15.54 -28.03
N ILE Q 160 -65.96 -16.37 -28.98
CA ILE Q 160 -67.28 -16.99 -28.91
C ILE Q 160 -67.27 -18.01 -27.79
N LYS Q 161 -68.27 -17.93 -26.91
CA LYS Q 161 -68.33 -18.79 -25.74
C LYS Q 161 -69.21 -20.01 -26.03
N HIS Q 162 -68.67 -21.20 -25.77
CA HIS Q 162 -69.40 -22.45 -25.88
C HIS Q 162 -69.15 -23.28 -24.65
N ASN Q 163 -70.17 -24.03 -24.22
CA ASN Q 163 -70.12 -24.75 -22.95
C ASN Q 163 -70.52 -26.20 -23.16
N ARG Q 164 -70.44 -26.96 -22.07
CA ARG Q 164 -70.88 -28.35 -22.03
C ARG Q 164 -71.95 -28.53 -20.97
N VAL Q 165 -72.88 -29.45 -21.23
CA VAL Q 165 -73.97 -29.77 -20.31
C VAL Q 165 -73.92 -31.27 -20.03
N ASP Q 166 -74.00 -31.62 -18.75
CA ASP Q 166 -73.96 -33.02 -18.32
C ASP Q 166 -75.14 -33.30 -17.40
N VAL Q 167 -75.84 -34.39 -17.68
CA VAL Q 167 -76.98 -34.82 -16.88
C VAL Q 167 -76.86 -36.32 -16.61
N ASP Q 168 -77.33 -36.74 -15.44
CA ASP Q 168 -77.31 -38.14 -15.05
C ASP Q 168 -78.49 -38.87 -15.66
N GLU Q 169 -78.74 -40.10 -15.20
CA GLU Q 169 -79.88 -40.87 -15.71
C GLU Q 169 -81.21 -40.27 -15.31
N LYS Q 170 -81.24 -39.41 -14.30
CA LYS Q 170 -82.44 -38.68 -13.92
C LYS Q 170 -82.57 -37.33 -14.62
N GLY Q 171 -81.65 -36.99 -15.51
CA GLY Q 171 -81.68 -35.71 -16.18
C GLY Q 171 -81.46 -34.53 -15.25
N ALA Q 172 -80.49 -34.63 -14.34
CA ALA Q 172 -80.19 -33.57 -13.39
C ALA Q 172 -78.89 -32.90 -13.77
N ILE Q 173 -78.91 -31.57 -13.88
CA ILE Q 173 -77.69 -30.83 -14.15
C ILE Q 173 -76.71 -30.95 -13.00
N GLY Q 174 -77.21 -31.00 -11.76
CA GLY Q 174 -76.37 -31.13 -10.61
C GLY Q 174 -75.85 -29.80 -10.10
N SER Q 175 -75.01 -29.89 -9.07
CA SER Q 175 -74.40 -28.73 -8.43
C SER Q 175 -72.91 -28.96 -8.30
N SER Q 176 -72.21 -27.99 -7.72
CA SER Q 176 -70.77 -28.10 -7.54
C SER Q 176 -70.39 -29.17 -6.52
N LYS Q 177 -71.31 -29.54 -5.63
CA LYS Q 177 -71.01 -30.57 -4.64
C LYS Q 177 -70.74 -31.91 -5.30
N GLU Q 178 -71.54 -32.27 -6.30
CA GLU Q 178 -71.33 -33.50 -7.06
C GLU Q 178 -70.45 -33.28 -8.28
N GLY Q 179 -70.08 -32.05 -8.58
CA GLY Q 179 -69.21 -31.75 -9.71
C GLY Q 179 -69.91 -31.84 -11.05
N THR Q 180 -70.29 -33.06 -11.45
CA THR Q 180 -70.98 -33.36 -12.70
C THR Q 180 -70.19 -32.94 -13.93
N ALA Q 181 -68.92 -32.54 -13.77
CA ALA Q 181 -68.05 -32.16 -14.87
C ALA Q 181 -68.70 -31.10 -15.76
N GLN Q 182 -69.30 -30.09 -15.14
CA GLN Q 182 -69.98 -29.01 -15.84
C GLN Q 182 -69.08 -27.78 -15.81
N MET Q 183 -68.51 -27.44 -16.96
CA MET Q 183 -67.68 -26.25 -17.12
C MET Q 183 -68.34 -25.30 -18.10
N LEU Q 184 -68.03 -24.01 -17.98
CA LEU Q 184 -68.60 -23.01 -18.86
C LEU Q 184 -67.68 -22.78 -20.07
N PHE Q 185 -66.46 -22.30 -19.80
CA PHE Q 185 -65.34 -22.13 -20.75
C PHE Q 185 -65.69 -21.46 -22.08
N SER Q 186 -64.66 -21.02 -22.82
CA SER Q 186 -64.85 -20.29 -24.07
C SER Q 186 -63.60 -20.42 -24.92
N ARG Q 187 -63.73 -20.06 -26.19
CA ARG Q 187 -62.66 -20.14 -27.16
C ARG Q 187 -62.63 -18.87 -28.00
N GLU Q 188 -61.43 -18.50 -28.47
CA GLU Q 188 -61.22 -17.30 -29.26
C GLU Q 188 -61.09 -17.65 -30.73
N TYR Q 189 -61.67 -16.80 -31.58
CA TYR Q 189 -61.79 -17.06 -33.01
C TYR Q 189 -61.11 -15.94 -33.78
N ALA Q 190 -60.66 -16.24 -35.00
CA ALA Q 190 -59.85 -15.27 -35.75
C ALA Q 190 -60.10 -15.42 -37.25
N THR Q 191 -59.69 -14.40 -38.00
CA THR Q 191 -59.80 -14.39 -39.45
C THR Q 191 -58.76 -13.42 -39.99
N GLY Q 192 -58.52 -13.49 -41.29
CA GLY Q 192 -57.59 -12.60 -41.95
C GLY Q 192 -56.98 -13.27 -43.17
N LEU Q 193 -55.91 -12.63 -43.67
CA LEU Q 193 -55.18 -13.12 -44.83
C LEU Q 193 -53.71 -13.27 -44.43
N TYR Q 194 -53.22 -14.50 -44.40
CA TYR Q 194 -51.89 -14.82 -43.93
C TYR Q 194 -50.98 -15.22 -45.09
N GLY Q 195 -49.70 -15.37 -44.79
CA GLY Q 195 -48.74 -15.80 -45.77
C GLY Q 195 -47.90 -16.96 -45.27
N PHE Q 196 -47.46 -17.80 -46.21
CA PHE Q 196 -46.68 -18.98 -45.88
C PHE Q 196 -45.51 -19.09 -46.85
N SER Q 197 -44.35 -19.47 -46.32
CA SER Q 197 -43.13 -19.57 -47.13
C SER Q 197 -42.33 -20.82 -46.73
N ILE Q 198 -43.02 -21.95 -46.59
CA ILE Q 198 -42.35 -23.18 -46.18
C ILE Q 198 -41.42 -23.66 -47.29
N VAL Q 199 -40.33 -24.33 -46.89
CA VAL Q 199 -39.33 -24.83 -47.81
C VAL Q 199 -39.11 -26.31 -47.53
N LEU Q 200 -38.61 -27.02 -48.54
CA LEU Q 200 -38.32 -28.46 -48.42
C LEU Q 200 -36.99 -28.72 -49.09
N ASP Q 201 -35.98 -29.07 -48.29
CA ASP Q 201 -34.67 -29.46 -48.82
C ASP Q 201 -34.60 -30.99 -48.85
N LEU Q 202 -35.21 -31.54 -49.90
CA LEU Q 202 -35.36 -32.98 -50.06
C LEU Q 202 -34.23 -33.62 -50.85
N GLY Q 203 -33.22 -32.86 -51.22
CA GLY Q 203 -32.12 -33.41 -52.01
C GLY Q 203 -31.14 -34.26 -51.24
N LEU Q 204 -31.25 -34.31 -49.92
CA LEU Q 204 -30.35 -35.09 -49.08
C LEU Q 204 -31.06 -36.25 -48.39
N VAL Q 205 -32.15 -36.73 -48.99
CA VAL Q 205 -32.93 -37.81 -48.40
C VAL Q 205 -32.17 -39.13 -48.53
N GLY Q 206 -32.01 -39.84 -47.43
CA GLY Q 206 -31.32 -41.11 -47.43
C GLY Q 206 -29.82 -41.03 -47.38
N ILE Q 207 -29.25 -39.83 -47.36
CA ILE Q 207 -27.81 -39.64 -47.25
C ILE Q 207 -27.49 -39.27 -45.81
N PRO Q 208 -26.72 -40.09 -45.09
CA PRO Q 208 -26.38 -39.75 -43.70
C PRO Q 208 -25.53 -38.50 -43.63
N GLN Q 209 -25.69 -37.75 -42.54
CA GLN Q 209 -24.95 -36.51 -42.37
C GLN Q 209 -23.47 -36.74 -42.10
N GLY Q 210 -23.10 -37.92 -41.62
CA GLY Q 210 -21.70 -38.17 -41.31
C GLY Q 210 -20.79 -38.15 -42.53
N LEU Q 211 -21.22 -38.82 -43.60
CA LEU Q 211 -20.45 -38.90 -44.84
C LEU Q 211 -21.40 -38.54 -45.98
N PRO Q 212 -21.62 -37.25 -46.24
CA PRO Q 212 -22.54 -36.87 -47.32
C PRO Q 212 -22.11 -37.34 -48.69
N VAL Q 213 -20.80 -37.36 -48.98
CA VAL Q 213 -20.28 -37.66 -50.30
C VAL Q 213 -19.16 -38.68 -50.17
N LYS Q 214 -19.17 -39.68 -51.06
CA LYS Q 214 -18.15 -40.72 -51.09
C LYS Q 214 -17.21 -40.49 -52.27
N PHE Q 215 -15.92 -40.64 -52.03
CA PHE Q 215 -14.88 -40.47 -53.04
C PHE Q 215 -14.21 -41.82 -53.30
N GLU Q 216 -14.41 -42.35 -54.50
CA GLU Q 216 -13.74 -43.61 -54.87
C GLU Q 216 -12.32 -43.36 -55.33
N GLU Q 217 -12.16 -42.64 -56.44
CA GLU Q 217 -10.86 -42.17 -56.91
C GLU Q 217 -11.04 -40.73 -57.35
N ASN Q 218 -10.93 -39.80 -56.39
CA ASN Q 218 -11.09 -38.37 -56.64
C ASN Q 218 -12.40 -38.06 -57.36
N GLN Q 219 -13.42 -38.90 -57.16
CA GLN Q 219 -14.70 -38.74 -57.83
C GLN Q 219 -15.81 -38.72 -56.79
N PRO Q 220 -16.66 -37.69 -56.80
CA PRO Q 220 -17.72 -37.59 -55.78
C PRO Q 220 -19.01 -38.28 -56.21
N ARG Q 221 -19.59 -39.02 -55.26
CA ARG Q 221 -20.90 -39.61 -55.46
C ARG Q 221 -21.74 -39.42 -54.20
N PRO Q 222 -23.06 -39.27 -54.34
CA PRO Q 222 -23.92 -39.23 -53.16
C PRO Q 222 -23.87 -40.57 -52.42
N ASN Q 223 -23.90 -40.49 -51.09
CA ASN Q 223 -23.86 -41.69 -50.26
C ASN Q 223 -25.29 -42.16 -49.96
N ILE Q 224 -25.93 -42.68 -51.00
CA ILE Q 224 -27.29 -43.19 -50.90
C ILE Q 224 -27.23 -44.60 -50.35
N VAL Q 225 -27.68 -44.78 -49.11
CA VAL Q 225 -27.66 -46.10 -48.48
C VAL Q 225 -28.91 -46.89 -48.82
N ILE Q 226 -30.08 -46.23 -48.82
CA ILE Q 226 -31.34 -46.89 -49.13
C ILE Q 226 -31.42 -47.21 -50.62
N ASP Q 227 -32.38 -48.03 -51.00
CA ASP Q 227 -32.56 -48.35 -52.41
C ASP Q 227 -32.98 -47.10 -53.18
N PRO Q 228 -32.48 -46.90 -54.39
CA PRO Q 228 -32.91 -45.74 -55.18
C PRO Q 228 -34.42 -45.69 -55.41
N ASN Q 229 -35.05 -46.85 -55.59
CA ASN Q 229 -36.50 -46.89 -55.69
C ASN Q 229 -37.13 -46.43 -54.38
N GLU Q 230 -36.58 -46.85 -53.24
CA GLU Q 230 -37.07 -46.38 -51.96
C GLU Q 230 -36.86 -44.88 -51.80
N ARG Q 231 -35.73 -44.37 -52.30
CA ARG Q 231 -35.50 -42.92 -52.25
C ARG Q 231 -36.52 -42.17 -53.07
N LYS Q 232 -36.85 -42.67 -54.26
CA LYS Q 232 -37.87 -42.04 -55.09
C LYS Q 232 -39.23 -42.10 -54.42
N ALA Q 233 -39.55 -43.23 -53.78
CA ALA Q 233 -40.81 -43.36 -53.06
C ALA Q 233 -40.90 -42.36 -51.91
N ARG Q 234 -39.81 -42.21 -51.16
CA ARG Q 234 -39.79 -41.23 -50.07
C ARG Q 234 -39.95 -39.82 -50.61
N ILE Q 235 -39.27 -39.50 -51.72
CA ILE Q 235 -39.41 -38.18 -52.33
C ILE Q 235 -40.86 -37.92 -52.73
N GLU Q 236 -41.47 -38.87 -53.42
CA GLU Q 236 -42.83 -38.66 -53.91
C GLU Q 236 -43.82 -38.56 -52.76
N SER Q 237 -43.61 -39.35 -51.69
CA SER Q 237 -44.50 -39.28 -50.54
C SER Q 237 -44.39 -37.94 -49.83
N ALA Q 238 -43.16 -37.52 -49.52
CA ALA Q 238 -42.99 -36.24 -48.84
C ALA Q 238 -43.40 -35.07 -49.72
N LEU Q 239 -43.36 -35.25 -51.04
CA LEU Q 239 -43.74 -34.17 -51.95
C LEU Q 239 -45.25 -34.08 -52.14
N LYS Q 240 -45.94 -35.22 -52.15
CA LYS Q 240 -47.40 -35.22 -52.20
C LYS Q 240 -48.04 -34.99 -50.84
N ALA Q 241 -47.24 -35.01 -49.77
CA ALA Q 241 -47.77 -34.64 -48.46
C ALA Q 241 -48.21 -33.19 -48.38
N LEU Q 242 -47.84 -32.37 -49.38
CA LEU Q 242 -48.30 -30.99 -49.41
C LEU Q 242 -49.76 -30.87 -49.78
N ILE Q 243 -50.37 -31.94 -50.30
CA ILE Q 243 -51.80 -31.88 -50.66
C ILE Q 243 -52.69 -31.61 -49.44
N PRO Q 244 -52.54 -32.31 -48.30
CA PRO Q 244 -53.31 -31.92 -47.12
C PRO Q 244 -52.66 -30.79 -46.35
N MET Q 245 -52.19 -29.77 -47.06
CA MET Q 245 -51.66 -28.55 -46.48
C MET Q 245 -52.42 -27.31 -46.93
N LEU Q 246 -52.75 -27.23 -48.21
CA LEU Q 246 -53.51 -26.12 -48.76
C LEU Q 246 -54.99 -26.46 -48.89
N SER Q 247 -55.42 -27.57 -48.27
CA SER Q 247 -56.82 -27.95 -48.24
C SER Q 247 -57.49 -27.68 -46.91
N GLY Q 248 -56.73 -27.38 -45.86
CA GLY Q 248 -57.30 -27.08 -44.57
C GLY Q 248 -57.12 -28.17 -43.53
N TYR Q 249 -55.96 -28.81 -43.51
CA TYR Q 249 -55.63 -29.83 -42.54
C TYR Q 249 -54.46 -29.42 -41.66
N ILE Q 250 -54.47 -28.16 -41.22
CA ILE Q 250 -53.44 -27.63 -40.33
C ILE Q 250 -54.12 -27.04 -39.10
N GLY Q 251 -53.34 -26.96 -38.02
CA GLY Q 251 -53.84 -26.41 -36.77
C GLY Q 251 -54.58 -27.43 -35.93
N ALA Q 252 -54.89 -27.01 -34.70
CA ALA Q 252 -55.61 -27.86 -33.77
C ALA Q 252 -57.11 -27.60 -33.86
N ASN Q 253 -57.88 -28.34 -33.06
CA ASN Q 253 -59.34 -28.20 -33.00
C ASN Q 253 -59.98 -28.39 -34.38
N LEU Q 254 -59.42 -29.31 -35.17
CA LEU Q 254 -59.96 -29.58 -36.50
C LEU Q 254 -61.31 -30.29 -36.41
N ALA Q 255 -61.55 -31.03 -35.32
CA ALA Q 255 -62.81 -31.74 -35.18
C ALA Q 255 -63.99 -30.79 -35.13
N ARG Q 256 -63.84 -29.67 -34.42
CA ARG Q 256 -64.91 -28.70 -34.28
C ARG Q 256 -64.80 -27.52 -35.22
N SER Q 257 -63.58 -27.07 -35.54
CA SER Q 257 -63.43 -25.84 -36.32
C SER Q 257 -63.38 -26.10 -37.82
N PHE Q 258 -62.37 -26.84 -38.28
CA PHE Q 258 -62.13 -27.06 -39.70
C PHE Q 258 -62.17 -25.72 -40.44
N PRO Q 259 -61.12 -24.90 -40.31
CA PRO Q 259 -61.21 -23.50 -40.74
C PRO Q 259 -61.58 -23.36 -42.21
N VAL Q 260 -62.39 -22.34 -42.49
CA VAL Q 260 -62.76 -22.00 -43.86
C VAL Q 260 -61.50 -21.49 -44.56
N PHE Q 261 -61.00 -22.26 -45.52
CA PHE Q 261 -59.68 -22.04 -46.07
C PHE Q 261 -59.73 -22.03 -47.59
N LYS Q 262 -58.84 -21.22 -48.18
CA LYS Q 262 -58.66 -21.18 -49.63
C LYS Q 262 -57.25 -20.67 -49.93
N VAL Q 263 -56.84 -20.85 -51.17
CA VAL Q 263 -55.51 -20.45 -51.62
C VAL Q 263 -55.67 -19.17 -52.44
N GLU Q 264 -55.30 -18.04 -51.86
CA GLU Q 264 -55.40 -16.78 -52.57
C GLU Q 264 -54.42 -16.72 -53.74
N GLU Q 265 -53.15 -17.01 -53.49
CA GLU Q 265 -52.15 -17.03 -54.55
C GLU Q 265 -50.88 -17.70 -54.02
N LEU Q 266 -50.02 -18.12 -54.94
CA LEU Q 266 -48.79 -18.78 -54.55
C LEU Q 266 -47.77 -18.74 -55.67
N VAL Q 267 -46.51 -18.99 -55.31
CA VAL Q 267 -45.42 -19.13 -56.26
C VAL Q 267 -44.43 -20.15 -55.70
N ALA Q 268 -43.93 -21.02 -56.58
CA ALA Q 268 -43.05 -22.11 -56.18
C ALA Q 268 -41.86 -22.21 -57.13
N ILE Q 269 -40.74 -22.63 -56.57
CA ILE Q 269 -39.51 -22.87 -57.33
C ILE Q 269 -39.00 -24.26 -56.99
N ALA Q 270 -38.67 -25.05 -58.02
CA ALA Q 270 -38.25 -26.43 -57.85
C ALA Q 270 -36.73 -26.59 -57.96
N SER Q 271 -36.14 -26.18 -59.09
CA SER Q 271 -34.70 -26.23 -59.32
C SER Q 271 -34.13 -27.63 -59.15
N GLU Q 272 -32.81 -27.74 -59.14
CA GLU Q 272 -32.11 -29.00 -58.93
C GLU Q 272 -31.06 -28.93 -57.83
N GLY Q 273 -30.34 -27.81 -57.71
CA GLY Q 273 -29.31 -27.66 -56.72
C GLY Q 273 -29.66 -26.62 -55.68
N PRO Q 274 -28.67 -26.21 -54.88
CA PRO Q 274 -28.91 -25.17 -53.89
C PRO Q 274 -29.37 -23.87 -54.54
N ILE Q 275 -30.35 -23.24 -53.91
CA ILE Q 275 -30.95 -22.01 -54.45
C ILE Q 275 -31.28 -21.07 -53.30
N PRO Q 276 -31.35 -19.77 -53.58
CA PRO Q 276 -31.74 -18.82 -52.52
C PRO Q 276 -33.16 -19.08 -52.05
N ALA Q 277 -33.39 -18.79 -50.78
CA ALA Q 277 -34.70 -18.99 -50.18
C ALA Q 277 -35.71 -17.99 -50.76
N LEU Q 278 -36.93 -18.47 -50.96
CA LEU Q 278 -37.98 -17.63 -51.50
C LEU Q 278 -38.47 -16.65 -50.45
N VAL Q 279 -38.74 -15.42 -50.87
CA VAL Q 279 -39.13 -14.36 -49.94
C VAL Q 279 -40.52 -14.65 -49.40
N HIS Q 280 -40.68 -14.47 -48.09
CA HIS Q 280 -41.97 -14.72 -47.43
C HIS Q 280 -43.03 -13.77 -47.97
N GLY Q 281 -44.26 -14.27 -48.04
CA GLY Q 281 -45.39 -13.50 -48.52
C GLY Q 281 -45.98 -12.52 -47.53
N PHE Q 282 -45.41 -12.45 -46.32
CA PHE Q 282 -45.92 -11.50 -45.32
C PHE Q 282 -45.78 -10.07 -45.79
N TYR Q 283 -44.67 -9.75 -46.46
CA TYR Q 283 -44.42 -8.37 -46.86
C TYR Q 283 -45.34 -7.96 -48.01
N GLU Q 284 -45.55 -6.65 -48.14
CA GLU Q 284 -46.44 -6.12 -49.15
C GLU Q 284 -45.95 -6.37 -50.57
N ASP Q 285 -44.65 -6.23 -50.81
CA ASP Q 285 -44.12 -6.26 -52.17
C ASP Q 285 -43.13 -7.41 -52.38
N TYR Q 286 -43.47 -8.60 -51.89
CA TYR Q 286 -42.60 -9.75 -52.10
C TYR Q 286 -42.65 -10.25 -53.55
N ILE Q 287 -43.70 -9.88 -54.30
CA ILE Q 287 -43.81 -10.33 -55.69
C ILE Q 287 -42.66 -9.80 -56.52
N GLU Q 288 -42.38 -8.50 -56.42
CA GLU Q 288 -41.31 -7.90 -57.22
C GLU Q 288 -39.95 -8.47 -56.82
N ALA Q 289 -39.71 -8.62 -55.52
CA ALA Q 289 -38.44 -9.18 -55.07
C ALA Q 289 -38.25 -10.60 -55.58
N ASN Q 290 -39.31 -11.41 -55.53
CA ASN Q 290 -39.21 -12.78 -56.00
C ASN Q 290 -39.01 -12.83 -57.51
N ARG Q 291 -39.68 -11.94 -58.25
CA ARG Q 291 -39.49 -11.86 -59.69
C ARG Q 291 -38.04 -11.52 -60.03
N SER Q 292 -37.47 -10.53 -59.33
CA SER Q 292 -36.09 -10.17 -59.56
C SER Q 292 -35.15 -11.32 -59.20
N ILE Q 293 -35.42 -12.02 -58.10
CA ILE Q 293 -34.52 -13.07 -57.66
C ILE Q 293 -34.55 -14.25 -58.62
N ILE Q 294 -35.74 -14.59 -59.14
CA ILE Q 294 -35.79 -15.69 -60.11
C ILE Q 294 -35.13 -15.27 -61.43
N LYS Q 295 -35.33 -14.02 -61.84
CA LYS Q 295 -34.70 -13.55 -63.08
C LYS Q 295 -33.18 -13.63 -62.99
N ASN Q 296 -32.59 -13.04 -61.95
CA ASN Q 296 -31.14 -13.05 -61.90
C ASN Q 296 -30.57 -14.39 -61.45
N ALA Q 297 -31.36 -15.27 -60.83
CA ALA Q 297 -30.90 -16.63 -60.60
C ALA Q 297 -30.81 -17.40 -61.91
N ARG Q 298 -31.81 -17.24 -62.78
CA ARG Q 298 -31.73 -17.85 -64.10
C ARG Q 298 -30.60 -17.25 -64.91
N ALA Q 299 -30.37 -15.94 -64.78
CA ALA Q 299 -29.29 -15.28 -65.50
C ALA Q 299 -27.93 -15.77 -65.03
N LEU Q 300 -27.77 -16.00 -63.72
CA LEU Q 300 -26.46 -16.41 -63.19
C LEU Q 300 -26.06 -17.79 -63.70
N GLY Q 301 -27.02 -18.62 -64.10
CA GLY Q 301 -26.70 -19.93 -64.62
C GLY Q 301 -27.23 -21.06 -63.78
N PHE Q 302 -28.35 -20.84 -63.10
CA PHE Q 302 -29.00 -21.86 -62.30
C PHE Q 302 -30.20 -22.43 -63.04
N ASN Q 303 -30.33 -23.76 -63.00
CA ASN Q 303 -31.46 -24.43 -63.63
C ASN Q 303 -32.72 -24.21 -62.81
N ILE Q 304 -33.41 -23.11 -63.06
CA ILE Q 304 -34.58 -22.70 -62.28
C ILE Q 304 -35.82 -22.87 -63.13
N GLU Q 305 -36.78 -23.63 -62.63
CA GLU Q 305 -38.08 -23.79 -63.25
C GLU Q 305 -39.14 -23.49 -62.19
N VAL Q 306 -40.10 -22.63 -62.55
CA VAL Q 306 -40.99 -22.01 -61.57
C VAL Q 306 -42.44 -22.33 -61.90
N PHE Q 307 -43.29 -22.18 -60.89
CA PHE Q 307 -44.73 -22.29 -61.03
C PHE Q 307 -45.40 -21.11 -60.32
N THR Q 308 -46.52 -20.67 -60.86
CA THR Q 308 -47.23 -19.49 -60.36
C THR Q 308 -48.72 -19.76 -60.35
N TYR Q 309 -49.40 -19.29 -59.30
CA TYR Q 309 -50.85 -19.38 -59.19
C TYR Q 309 -51.39 -18.04 -58.74
N ASN Q 310 -52.20 -17.41 -59.60
CA ASN Q 310 -52.89 -16.16 -59.31
C ASN Q 310 -51.93 -14.99 -59.11
N VAL Q 311 -50.75 -15.06 -59.71
CA VAL Q 311 -49.79 -13.96 -59.68
C VAL Q 311 -49.25 -13.77 -61.10
N ASP Q 312 -48.74 -12.57 -61.38
CA ASP Q 312 -48.28 -12.22 -62.71
C ASP Q 312 -46.88 -12.75 -63.01
N LEU Q 313 -45.89 -12.34 -62.21
CA LEU Q 313 -44.48 -12.61 -62.47
C LEU Q 313 -44.03 -12.06 -63.83
N GLY Q 314 -44.63 -10.95 -64.25
CA GLY Q 314 -44.23 -10.35 -65.51
C GLY Q 314 -44.59 -11.22 -66.71
N GLU Q 315 -43.85 -11.00 -67.80
CA GLU Q 315 -44.06 -11.75 -69.03
C GLU Q 315 -42.74 -12.33 -69.55
N ASP Q 316 -41.64 -11.63 -69.28
CA ASP Q 316 -40.34 -12.07 -69.80
C ASP Q 316 -39.93 -13.41 -69.21
N ILE Q 317 -40.14 -13.60 -67.91
CA ILE Q 317 -39.73 -14.83 -67.24
C ILE Q 317 -40.73 -15.93 -67.55
N GLU Q 318 -40.23 -17.07 -68.03
CA GLU Q 318 -41.09 -18.20 -68.30
C GLU Q 318 -41.62 -18.79 -67.00
N ALA Q 319 -42.87 -19.23 -67.02
CA ALA Q 319 -43.50 -19.81 -65.84
C ALA Q 319 -44.61 -20.76 -66.28
N THR Q 320 -44.97 -21.66 -65.37
CA THR Q 320 -46.07 -22.59 -65.59
C THR Q 320 -47.25 -22.16 -64.71
N LYS Q 321 -48.34 -21.75 -65.36
CA LYS Q 321 -49.51 -21.23 -64.65
C LYS Q 321 -50.35 -22.41 -64.17
N VAL Q 322 -50.12 -22.83 -62.93
CA VAL Q 322 -50.91 -23.90 -62.35
C VAL Q 322 -52.31 -23.40 -62.02
N SER Q 323 -53.22 -24.35 -61.77
CA SER Q 323 -54.61 -24.03 -61.47
C SER Q 323 -55.09 -24.60 -60.15
N SER Q 324 -54.30 -25.44 -59.50
CA SER Q 324 -54.71 -26.05 -58.23
C SER Q 324 -53.45 -26.29 -57.39
N VAL Q 325 -53.58 -27.10 -56.35
CA VAL Q 325 -52.47 -27.41 -55.46
C VAL Q 325 -51.84 -28.74 -55.79
N GLU Q 326 -52.65 -29.81 -55.90
CA GLU Q 326 -52.11 -31.11 -56.24
C GLU Q 326 -51.64 -31.19 -57.69
N GLU Q 327 -52.10 -30.28 -58.54
CA GLU Q 327 -51.51 -30.14 -59.86
C GLU Q 327 -50.05 -29.71 -59.76
N LEU Q 328 -49.76 -28.79 -58.84
CA LEU Q 328 -48.37 -28.44 -58.56
C LEU Q 328 -47.59 -29.65 -58.07
N VAL Q 329 -48.20 -30.45 -57.20
CA VAL Q 329 -47.55 -31.66 -56.71
C VAL Q 329 -47.23 -32.61 -57.86
N ALA Q 330 -48.17 -32.78 -58.79
CA ALA Q 330 -47.92 -33.63 -59.96
C ALA Q 330 -46.80 -33.07 -60.81
N ASN Q 331 -46.76 -31.73 -60.96
CA ASN Q 331 -45.69 -31.11 -61.72
C ASN Q 331 -44.32 -31.39 -61.10
N LEU Q 332 -44.23 -31.29 -59.78
CA LEU Q 332 -42.95 -31.57 -59.13
C LEU Q 332 -42.59 -33.06 -59.16
N VAL Q 333 -43.55 -33.95 -59.00
CA VAL Q 333 -43.24 -35.38 -59.05
C VAL Q 333 -43.02 -35.86 -60.48
N LYS Q 334 -43.35 -35.04 -61.48
CA LYS Q 334 -43.07 -35.40 -62.87
C LYS Q 334 -41.57 -35.53 -63.11
N MET Q 335 -40.78 -34.61 -62.55
CA MET Q 335 -39.33 -34.63 -62.72
C MET Q 335 -38.64 -35.62 -61.81
N VAL Q 336 -39.37 -36.27 -60.92
CA VAL Q 336 -38.86 -37.25 -59.95
C VAL Q 336 -37.49 -36.87 -59.38
N MET R 1 42.46 -13.22 88.40
CA MET R 1 43.20 -13.13 87.14
C MET R 1 42.23 -12.96 85.97
N ASP R 2 42.07 -11.72 85.50
CA ASP R 2 41.11 -11.39 84.46
C ASP R 2 41.80 -10.58 83.37
N ILE R 3 41.36 -10.75 82.13
CA ILE R 3 41.82 -9.95 81.01
C ILE R 3 40.61 -9.48 80.21
N LEU R 4 40.43 -8.17 80.15
CA LEU R 4 39.46 -7.57 79.25
C LEU R 4 39.91 -7.76 77.80
N LEU R 5 38.94 -7.96 76.91
CA LEU R 5 39.23 -8.04 75.48
C LEU R 5 38.12 -7.32 74.75
N VAL R 6 38.47 -6.29 73.98
CA VAL R 6 37.49 -5.50 73.24
C VAL R 6 37.99 -5.33 71.82
N CYS R 7 37.09 -5.52 70.85
CA CYS R 7 37.41 -5.37 69.44
C CYS R 7 36.81 -4.05 68.95
N LEU R 8 37.65 -3.25 68.29
CA LEU R 8 37.26 -1.94 67.78
C LEU R 8 37.28 -1.98 66.26
N ARG R 9 36.17 -1.56 65.65
CA ARG R 9 36.05 -1.45 64.20
C ARG R 9 36.15 0.02 63.83
N PHE R 10 37.18 0.38 63.07
CA PHE R 10 37.52 1.76 62.78
C PHE R 10 37.91 1.97 61.32
N PRO R 11 37.67 3.15 60.77
CA PRO R 11 38.21 3.47 59.45
C PRO R 11 39.73 3.63 59.47
N PHE R 12 40.23 4.45 60.39
CA PHE R 12 41.64 4.81 60.41
C PHE R 12 42.08 5.07 61.85
N PHE R 13 43.40 5.03 62.05
CA PHE R 13 44.02 5.58 63.25
C PHE R 13 45.32 6.26 62.83
N SER R 14 45.53 7.47 63.34
CA SER R 14 46.63 8.32 62.89
C SER R 14 47.60 8.62 64.01
N VAL R 15 47.74 7.70 64.98
CA VAL R 15 48.75 7.86 66.00
C VAL R 15 50.12 7.63 65.40
N ALA R 16 51.06 8.53 65.67
CA ALA R 16 52.32 8.59 64.93
C ALA R 16 53.50 8.77 65.87
N LYS R 17 54.70 8.61 65.31
CA LYS R 17 55.94 8.79 66.05
C LYS R 17 56.25 10.27 66.24
N ARG R 18 57.43 10.54 66.80
CA ARG R 18 57.99 11.88 66.81
C ARG R 18 58.58 12.13 65.42
N SER R 19 57.96 13.05 64.69
CA SER R 19 58.39 13.32 63.32
C SER R 19 57.88 14.69 62.92
N TYR R 20 58.57 15.29 61.96
CA TYR R 20 58.22 16.61 61.43
C TYR R 20 57.58 16.43 60.07
N GLN R 21 56.80 17.43 59.66
CA GLN R 21 56.04 17.37 58.41
C GLN R 21 55.15 16.13 58.44
N VAL R 22 55.64 15.05 57.86
CA VAL R 22 54.99 13.75 58.01
C VAL R 22 55.04 13.31 59.47
N ARG R 23 53.90 12.88 60.00
CA ARG R 23 53.85 12.25 61.30
C ARG R 23 53.78 10.75 61.04
N THR R 24 54.90 10.06 61.23
CA THR R 24 55.03 8.67 60.81
C THR R 24 54.12 7.79 61.66
N SER R 25 53.02 7.36 61.08
CA SER R 25 52.00 6.62 61.83
C SER R 25 52.54 5.29 62.33
N PHE R 26 52.13 4.91 63.54
CA PHE R 26 52.53 3.64 64.11
C PHE R 26 52.01 2.47 63.28
N LEU R 27 52.82 1.42 63.18
CA LEU R 27 52.40 0.22 62.50
C LEU R 27 51.27 -0.47 63.26
N LEU R 28 51.30 -0.39 64.59
CA LEU R 28 50.22 -0.83 65.46
C LEU R 28 50.03 0.21 66.55
N PRO R 29 48.82 0.35 67.08
CA PRO R 29 48.55 1.37 68.10
C PRO R 29 49.44 1.19 69.32
N PRO R 30 49.85 2.29 69.96
CA PRO R 30 50.83 2.20 71.05
C PRO R 30 50.15 1.80 72.35
N PRO R 31 50.91 1.29 73.31
CA PRO R 31 50.35 1.09 74.66
C PRO R 31 49.88 2.37 75.32
N SER R 32 50.54 3.49 75.06
CA SER R 32 50.17 4.74 75.71
C SER R 32 48.77 5.19 75.30
N ALA R 33 48.46 5.12 74.01
CA ALA R 33 47.12 5.49 73.55
C ALA R 33 46.07 4.55 74.12
N LEU R 34 46.37 3.25 74.16
CA LEU R 34 45.42 2.29 74.71
C LEU R 34 45.15 2.58 76.19
N LYS R 35 46.19 2.91 76.96
CA LYS R 35 45.99 3.27 78.35
C LYS R 35 45.17 4.55 78.47
N GLY R 36 45.47 5.55 77.65
CA GLY R 36 44.73 6.80 77.69
C GLY R 36 43.26 6.62 77.35
N ALA R 37 42.95 5.65 76.48
CA ALA R 37 41.55 5.43 76.10
C ALA R 37 40.70 5.05 77.31
N LEU R 38 41.11 4.02 78.04
CA LEU R 38 40.30 3.64 79.20
C LEU R 38 40.49 4.61 80.36
N ALA R 39 41.60 5.36 80.40
CA ALA R 39 41.69 6.44 81.37
C ALA R 39 40.60 7.48 81.12
N LYS R 40 40.41 7.87 79.86
CA LYS R 40 39.31 8.77 79.51
C LYS R 40 37.96 8.15 79.85
N GLY R 41 37.80 6.86 79.54
CA GLY R 41 36.54 6.21 79.87
C GLY R 41 36.22 6.25 81.35
N LEU R 42 37.21 5.94 82.19
CA LEU R 42 36.96 5.90 83.63
C LEU R 42 36.76 7.29 84.21
N ILE R 43 37.51 8.29 83.71
CA ILE R 43 37.28 9.64 84.22
C ILE R 43 35.93 10.17 83.77
N LEU R 44 35.44 9.72 82.61
CA LEU R 44 34.12 10.14 82.16
C LEU R 44 33.02 9.47 82.96
N LEU R 45 33.19 8.18 83.28
CA LEU R 45 32.13 7.45 83.99
C LEU R 45 31.98 7.96 85.43
N LYS R 46 33.09 8.07 86.15
CA LYS R 46 33.07 8.43 87.57
C LYS R 46 34.00 9.61 87.81
N PRO R 47 33.49 10.84 87.66
CA PRO R 47 34.32 12.02 87.95
C PRO R 47 34.28 12.41 89.41
N GLU R 48 33.80 11.50 90.26
CA GLU R 48 33.69 11.80 91.69
C GLU R 48 35.05 12.07 92.31
N LYS R 49 36.04 11.24 92.00
CA LYS R 49 37.39 11.43 92.51
C LYS R 49 38.48 11.33 91.47
N TYR R 50 38.21 10.73 90.31
CA TYR R 50 39.21 10.63 89.26
C TYR R 50 39.34 11.89 88.42
N ALA R 51 38.47 12.89 88.66
CA ALA R 51 38.53 14.17 87.96
C ALA R 51 38.97 15.25 88.95
N SER R 52 40.06 15.92 88.63
CA SER R 52 40.61 16.99 89.45
C SER R 52 40.54 18.32 88.70
N SER R 53 41.09 19.37 89.32
CA SER R 53 41.00 20.70 88.73
C SER R 53 41.73 20.77 87.39
N SER R 54 42.89 20.15 87.29
CA SER R 54 43.67 20.14 86.07
C SER R 54 43.33 18.90 85.25
N LEU R 55 42.95 19.10 83.99
CA LEU R 55 42.65 17.97 83.12
C LEU R 55 43.87 17.09 82.91
N ASP R 56 45.03 17.71 82.70
CA ASP R 56 46.26 16.93 82.54
C ASP R 56 46.59 16.15 83.80
N GLU R 57 46.45 16.78 84.97
CA GLU R 57 46.73 16.08 86.22
C GLU R 57 45.75 14.93 86.45
N ALA R 58 44.48 15.15 86.15
CA ALA R 58 43.49 14.09 86.30
C ALA R 58 43.79 12.92 85.38
N ALA R 59 44.12 13.21 84.13
CA ALA R 59 44.47 12.14 83.19
C ALA R 59 45.72 11.39 83.65
N LEU R 60 46.72 12.13 84.13
CA LEU R 60 47.96 11.50 84.56
C LEU R 60 47.73 10.60 85.77
N LYS R 61 46.92 11.06 86.73
CA LYS R 61 46.65 10.22 87.90
C LYS R 61 45.78 9.02 87.55
N ALA R 62 44.86 9.17 86.60
CA ALA R 62 44.10 8.02 86.12
C ALA R 62 45.02 7.01 85.46
N ILE R 63 45.99 7.48 84.68
CA ILE R 63 46.96 6.59 84.05
C ILE R 63 47.80 5.89 85.11
N LYS R 64 48.21 6.62 86.15
CA LYS R 64 48.98 6.01 87.23
C LYS R 64 48.17 4.91 87.92
N GLU R 65 46.90 5.18 88.20
CA GLU R 65 46.05 4.17 88.85
C GLU R 65 45.88 2.95 87.96
N ILE R 66 45.61 3.17 86.66
CA ILE R 66 45.36 2.04 85.77
C ILE R 66 46.62 1.22 85.55
N GLU R 67 47.79 1.88 85.55
CA GLU R 67 49.04 1.13 85.41
C GLU R 67 49.42 0.43 86.70
N SER R 68 48.98 0.97 87.84
CA SER R 68 49.12 0.25 89.09
C SER R 68 48.26 -1.01 89.09
N LYS R 69 47.06 -0.93 88.52
CA LYS R 69 46.22 -2.10 88.37
C LYS R 69 46.77 -3.08 87.34
N LEU R 70 47.56 -2.63 86.37
CA LEU R 70 48.15 -3.52 85.39
C LEU R 70 49.21 -4.40 86.05
N VAL R 71 49.34 -5.63 85.55
CA VAL R 71 50.36 -6.54 86.08
C VAL R 71 51.76 -6.02 85.73
N ASP R 72 51.89 -5.30 84.62
CA ASP R 72 53.17 -4.74 84.20
C ASP R 72 52.91 -3.48 83.40
N ILE R 73 53.96 -2.67 83.26
CA ILE R 73 53.85 -1.44 82.47
C ILE R 73 53.64 -1.79 81.00
N LYS R 74 54.25 -2.86 80.52
CA LYS R 74 54.09 -3.33 79.15
C LYS R 74 53.09 -4.48 79.16
N ALA R 75 51.81 -4.12 79.22
CA ALA R 75 50.73 -5.08 79.43
C ALA R 75 49.78 -5.18 78.24
N VAL R 76 49.25 -4.05 77.77
CA VAL R 76 48.24 -4.07 76.72
C VAL R 76 48.83 -4.62 75.42
N SER R 77 48.03 -5.43 74.72
CA SER R 77 48.44 -6.05 73.47
C SER R 77 47.33 -5.89 72.45
N VAL R 78 47.72 -5.94 71.17
CA VAL R 78 46.80 -5.76 70.06
C VAL R 78 46.95 -6.94 69.10
N ALA R 79 45.89 -7.17 68.33
CA ALA R 79 45.85 -8.28 67.37
C ALA R 79 45.55 -7.76 65.98
N PRO R 80 46.51 -7.76 65.06
CA PRO R 80 46.26 -7.27 63.70
C PRO R 80 45.60 -8.33 62.81
N LEU R 81 44.40 -8.75 63.20
CA LEU R 81 43.69 -9.76 62.42
C LEU R 81 43.36 -9.26 61.03
N SER R 82 42.91 -8.02 60.92
CA SER R 82 42.65 -7.42 59.63
C SER R 82 43.94 -6.88 59.02
N PRO R 83 44.03 -6.80 57.69
CA PRO R 83 45.25 -6.28 57.06
C PRO R 83 45.49 -4.81 57.43
N LEU R 84 46.76 -4.45 57.51
CA LEU R 84 47.19 -3.10 57.84
C LEU R 84 47.79 -2.46 56.59
N ILE R 85 47.21 -1.34 56.16
CA ILE R 85 47.74 -0.61 55.01
C ILE R 85 47.88 0.86 55.37
N ARG R 86 48.62 1.60 54.56
CA ARG R 86 48.90 2.99 54.83
C ARG R 86 48.61 3.83 53.59
N ASN R 87 47.99 4.99 53.80
CA ASN R 87 47.67 5.91 52.72
C ASN R 87 48.08 7.33 53.13
N ALA R 88 48.25 8.18 52.12
CA ALA R 88 48.76 9.53 52.35
C ALA R 88 47.72 10.56 51.92
N PHE R 89 47.48 11.55 52.78
CA PHE R 89 46.54 12.62 52.51
C PHE R 89 47.25 13.96 52.68
N LEU R 90 46.91 14.91 51.82
CA LEU R 90 47.39 16.28 51.95
C LEU R 90 46.35 17.08 52.73
N LEU R 91 46.72 17.50 53.93
CA LEU R 91 45.80 18.22 54.82
C LEU R 91 46.29 19.64 54.99
N LYS R 92 45.36 20.56 55.27
CA LYS R 92 45.74 21.95 55.47
C LYS R 92 46.69 22.06 56.66
N ARG R 93 46.28 21.51 57.80
CA ARG R 93 47.12 21.35 58.99
C ARG R 93 48.02 22.54 59.25
N LEU R 94 47.42 23.70 59.49
CA LEU R 94 48.20 24.92 59.72
C LEU R 94 49.16 24.75 60.89
N ARG R 95 50.44 25.04 60.63
CA ARG R 95 51.50 24.84 61.61
C ARG R 95 51.86 26.17 62.29
N ASN R 96 50.90 26.67 63.07
CA ASN R 96 51.07 27.94 63.77
C ASN R 96 51.70 27.78 65.14
N LEU R 97 52.04 26.56 65.55
CA LEU R 97 52.71 26.35 66.83
C LEU R 97 54.16 26.81 66.80
N GLU R 98 54.70 27.13 65.63
CA GLU R 98 56.04 27.68 65.55
C GLU R 98 56.08 29.07 66.18
N SER R 99 57.18 29.37 66.87
CA SER R 99 57.33 30.65 67.55
C SER R 99 57.58 31.77 66.54
N GLY R 100 56.52 32.47 66.14
CA GLY R 100 56.58 33.56 65.21
C GLY R 100 55.60 33.36 64.08
N SER R 101 55.79 34.14 63.01
CA SER R 101 54.98 34.03 61.80
C SER R 101 53.49 34.22 62.09
N ASN R 102 53.18 35.13 63.02
CA ASN R 102 51.82 35.52 63.41
C ASN R 102 50.87 34.34 63.52
N ALA R 103 49.61 34.54 63.11
CA ALA R 103 48.61 33.48 63.17
C ALA R 103 47.82 33.33 61.88
N GLU R 104 48.09 34.16 60.87
CA GLU R 104 47.40 34.09 59.58
C GLU R 104 48.23 33.39 58.52
N LYS R 105 49.02 32.40 58.93
CA LYS R 105 49.86 31.63 58.02
C LYS R 105 49.17 30.32 57.69
N SER R 106 49.28 29.89 56.43
CA SER R 106 48.67 28.65 55.97
C SER R 106 49.74 27.82 55.27
N ASP R 107 50.26 26.80 55.94
CA ASP R 107 51.23 25.88 55.36
C ASP R 107 50.49 24.59 55.03
N ALA R 108 50.27 24.34 53.74
CA ALA R 108 49.71 23.07 53.31
C ALA R 108 50.68 21.95 53.62
N MET R 109 50.30 21.11 54.57
CA MET R 109 51.17 20.02 55.00
C MET R 109 50.61 18.69 54.52
N ARG R 110 51.26 17.59 54.90
CA ARG R 110 50.89 16.28 54.40
C ARG R 110 51.13 15.23 55.48
N ARG R 111 50.16 14.33 55.61
CA ARG R 111 50.06 13.36 56.68
C ARG R 111 49.71 12.02 56.06
N GLU R 112 49.78 10.94 56.84
CA GLU R 112 49.35 9.62 56.39
C GLU R 112 48.53 8.96 57.47
N TYR R 113 47.57 8.14 57.05
CA TYR R 113 46.69 7.39 57.91
C TYR R 113 46.90 5.90 57.68
N THR R 114 46.47 5.10 58.65
CA THR R 114 46.55 3.65 58.59
C THR R 114 45.15 3.08 58.50
N PHE R 115 44.89 2.29 57.47
CA PHE R 115 43.60 1.66 57.25
C PHE R 115 43.66 0.19 57.65
N THR R 116 42.62 -0.23 58.36
CA THR R 116 42.48 -1.59 58.87
C THR R 116 41.00 -1.82 59.17
N ARG R 117 40.51 -3.01 58.82
CA ARG R 117 39.09 -3.30 59.01
C ARG R 117 38.70 -3.25 60.47
N GLU R 118 39.46 -3.93 61.33
CA GLU R 118 39.15 -3.97 62.75
C GLU R 118 40.39 -4.44 63.50
N LEU R 119 40.36 -4.26 64.83
CA LEU R 119 41.45 -4.71 65.68
C LEU R 119 40.85 -5.25 66.98
N LEU R 120 41.67 -6.00 67.71
CA LEU R 120 41.33 -6.49 69.04
C LEU R 120 42.41 -6.03 70.00
N VAL R 121 42.00 -5.52 71.16
CA VAL R 121 42.94 -5.05 72.18
C VAL R 121 42.60 -5.69 73.52
N ALA R 122 43.65 -6.03 74.26
CA ALA R 122 43.53 -6.74 75.53
C ALA R 122 44.06 -5.89 76.67
N TYR R 123 43.34 -5.94 77.80
CA TYR R 123 43.66 -5.18 79.01
C TYR R 123 43.77 -6.18 80.16
N ILE R 124 44.98 -6.57 80.51
CA ILE R 124 45.18 -7.57 81.55
C ILE R 124 45.17 -6.90 82.92
N PHE R 125 44.27 -7.35 83.80
CA PHE R 125 44.14 -6.79 85.14
C PHE R 125 44.37 -7.89 86.16
N LYS R 126 44.63 -7.49 87.40
CA LYS R 126 44.83 -8.42 88.51
C LYS R 126 43.69 -8.27 89.50
N ASN R 127 43.03 -9.39 89.82
CA ASN R 127 42.07 -9.56 90.91
C ASN R 127 41.20 -8.33 91.18
N LEU R 128 40.67 -7.72 90.12
CA LEU R 128 39.85 -6.53 90.28
C LEU R 128 38.52 -6.87 90.92
N THR R 129 38.08 -6.03 91.86
CA THR R 129 36.83 -6.26 92.57
C THR R 129 35.64 -5.96 91.66
N GLN R 130 34.52 -6.63 91.95
CA GLN R 130 33.34 -6.48 91.10
C GLN R 130 32.82 -5.04 91.10
N GLU R 131 32.84 -4.39 92.27
CA GLU R 131 32.33 -3.02 92.38
C GLU R 131 33.07 -2.06 91.47
N GLU R 132 34.32 -2.36 91.12
CA GLU R 132 35.03 -1.65 90.06
C GLU R 132 35.13 -2.43 88.77
N LYS R 133 34.91 -3.74 88.80
CA LYS R 133 34.93 -4.54 87.58
C LYS R 133 33.80 -4.12 86.65
N ASN R 134 32.60 -3.88 87.20
CA ASN R 134 31.49 -3.43 86.37
C ASN R 134 31.81 -2.06 85.74
N LEU R 135 32.41 -1.17 86.52
CA LEU R 135 32.77 0.15 85.99
C LEU R 135 33.81 0.04 84.89
N TYR R 136 34.80 -0.84 85.06
CA TYR R 136 35.82 -1.03 84.03
C TYR R 136 35.22 -1.67 82.78
N LEU R 137 34.28 -2.59 82.94
CA LEU R 137 33.59 -3.16 81.78
C LEU R 137 32.80 -2.09 81.04
N LYS R 138 32.15 -1.19 81.79
CA LYS R 138 31.47 -0.06 81.16
C LYS R 138 32.46 0.83 80.42
N ALA R 139 33.63 1.07 81.02
CA ALA R 139 34.66 1.91 80.41
C ALA R 139 35.37 1.22 79.25
N ALA R 140 35.19 -0.08 79.08
CA ALA R 140 35.79 -0.77 77.93
C ALA R 140 35.26 -0.20 76.63
N MET R 141 33.96 0.02 76.54
CA MET R 141 33.37 0.72 75.41
C MET R 141 33.48 2.22 75.66
N LEU R 142 32.75 3.02 74.88
CA LEU R 142 32.86 4.48 74.86
C LEU R 142 34.23 4.94 74.39
N ILE R 143 35.00 4.05 73.78
CA ILE R 143 36.29 4.44 73.18
C ILE R 143 35.96 4.90 71.75
N ASP R 144 35.54 6.16 71.65
CA ASP R 144 35.09 6.69 70.37
C ASP R 144 36.23 7.02 69.42
N VAL R 145 37.38 7.44 69.95
CA VAL R 145 38.48 7.89 69.12
C VAL R 145 39.79 7.35 69.66
N ILE R 146 40.72 7.05 68.75
CA ILE R 146 42.06 6.60 69.09
C ILE R 146 43.05 7.51 68.39
N GLY R 147 43.91 8.18 69.16
CA GLY R 147 44.87 9.09 68.61
C GLY R 147 44.27 10.37 68.06
N ASP R 148 44.44 10.62 66.77
CA ASP R 148 43.89 11.80 66.14
C ASP R 148 42.37 11.79 66.17
N THR R 149 41.78 12.98 66.34
CA THR R 149 40.33 13.07 66.53
C THR R 149 39.57 12.54 65.32
N GLU R 150 40.08 12.78 64.11
CA GLU R 150 39.41 12.30 62.91
C GLU R 150 39.44 10.79 62.79
N SER R 151 40.24 10.11 63.61
CA SER R 151 40.36 8.64 63.57
C SER R 151 39.35 8.04 64.54
N LEU R 152 38.09 8.01 64.11
CA LEU R 152 37.02 7.46 64.95
C LEU R 152 37.19 5.95 65.10
N ALA R 153 36.85 5.45 66.29
CA ALA R 153 36.92 4.03 66.59
C ALA R 153 35.63 3.59 67.27
N THR R 154 35.11 2.45 66.86
CA THR R 154 33.83 1.93 67.37
C THR R 154 34.01 0.56 68.00
N PRO R 155 34.00 0.45 69.32
CA PRO R 155 34.06 -0.87 69.95
C PRO R 155 32.72 -1.59 69.90
N VAL R 156 32.67 -2.71 69.17
CA VAL R 156 31.41 -3.43 68.98
C VAL R 156 31.23 -4.51 70.04
N TRP R 157 32.32 -5.14 70.47
CA TRP R 157 32.25 -6.23 71.44
C TRP R 157 33.35 -6.07 72.48
N ALA R 158 33.01 -6.33 73.73
CA ALA R 158 33.94 -6.25 74.84
C ALA R 158 33.52 -7.25 75.91
N SER R 159 34.46 -8.05 76.38
CA SER R 159 34.12 -9.12 77.30
C SER R 159 35.32 -9.50 78.18
N PHE R 160 35.01 -10.22 79.25
CA PHE R 160 36.02 -10.77 80.17
C PHE R 160 36.08 -12.27 79.94
N VAL R 161 37.18 -12.72 79.33
CA VAL R 161 37.40 -14.13 79.03
C VAL R 161 38.74 -14.55 79.64
N LYS R 162 38.73 -15.65 80.39
CA LYS R 162 39.93 -16.12 81.04
C LYS R 162 40.84 -16.86 80.05
N PRO R 163 42.16 -16.75 80.22
CA PRO R 163 43.07 -17.49 79.33
C PRO R 163 42.90 -19.00 79.41
N GLU R 164 42.58 -19.54 80.59
CA GLU R 164 42.33 -20.96 80.80
C GLU R 164 43.59 -21.78 80.54
N ASP R 165 44.72 -21.10 80.32
CA ASP R 165 46.02 -21.73 80.09
C ASP R 165 45.97 -22.67 78.88
N LYS R 166 45.70 -22.09 77.72
CA LYS R 166 45.69 -22.80 76.46
C LYS R 166 47.05 -22.65 75.76
N LYS R 167 47.31 -23.55 74.84
CA LYS R 167 48.55 -23.57 74.06
C LYS R 167 48.25 -23.24 72.61
N ALA R 168 48.92 -22.22 72.08
CA ALA R 168 48.70 -21.77 70.71
C ALA R 168 49.90 -20.92 70.29
N PRO R 169 50.12 -20.75 69.00
CA PRO R 169 51.14 -19.80 68.55
C PRO R 169 50.77 -18.38 68.94
N LEU R 170 51.80 -17.58 69.22
CA LEU R 170 51.58 -16.21 69.65
C LEU R 170 50.87 -15.41 68.56
N ALA R 171 49.82 -14.69 68.95
CA ALA R 171 49.09 -13.83 68.04
C ALA R 171 49.07 -12.38 68.50
N PHE R 172 48.77 -12.14 69.77
CA PHE R 172 48.76 -10.78 70.29
C PHE R 172 50.17 -10.21 70.31
N SER R 173 50.26 -8.88 70.27
CA SER R 173 51.55 -8.21 70.31
C SER R 173 52.20 -8.40 71.68
N ALA R 174 53.53 -8.23 71.71
CA ALA R 174 54.29 -8.43 72.93
C ALA R 174 55.61 -7.69 72.80
N PRO R 175 56.19 -7.25 73.91
CA PRO R 175 57.51 -6.60 73.85
C PRO R 175 58.57 -7.58 73.37
N TYR R 176 59.61 -7.03 72.72
CA TYR R 176 60.68 -7.84 72.18
C TYR R 176 61.59 -8.34 73.29
N THR R 177 61.05 -9.19 74.17
CA THR R 177 61.81 -9.80 75.25
C THR R 177 61.85 -11.31 75.14
N GLU R 178 60.69 -11.96 75.03
CA GLU R 178 60.66 -13.42 74.93
C GLU R 178 60.78 -13.90 73.49
N ILE R 179 60.46 -13.03 72.53
CA ILE R 179 60.59 -13.41 71.12
C ILE R 179 62.06 -13.65 70.78
N TYR R 180 62.95 -12.81 71.31
CA TYR R 180 64.38 -13.07 71.16
C TYR R 180 64.79 -14.40 71.78
N SER R 181 64.12 -14.79 72.87
CA SER R 181 64.38 -16.08 73.50
C SER R 181 63.69 -17.23 72.78
N LEU R 182 62.80 -16.95 71.83
CA LEU R 182 62.08 -17.97 71.08
C LEU R 182 61.33 -18.93 72.00
N ARG R 194 61.86 -11.64 58.94
CA ARG R 194 60.44 -11.69 59.25
C ARG R 194 60.17 -11.20 60.66
N MET R 195 61.22 -10.72 61.33
CA MET R 195 61.11 -10.21 62.68
C MET R 195 61.15 -8.68 62.66
N TYR R 196 60.23 -8.05 63.37
CA TYR R 196 60.06 -6.61 63.34
C TYR R 196 60.40 -6.01 64.70
N ILE R 197 61.05 -4.85 64.66
CA ILE R 197 61.49 -4.14 65.85
C ILE R 197 60.91 -2.72 65.81
N GLU R 198 60.31 -2.29 66.92
CA GLU R 198 59.71 -0.97 66.98
C GLU R 198 59.90 -0.37 68.37
N LYS R 199 59.54 0.90 68.49
CA LYS R 199 59.47 1.61 69.76
C LYS R 199 58.18 2.43 69.77
N MET R 200 57.32 2.18 70.76
CA MET R 200 56.00 2.78 70.77
C MET R 200 55.68 3.59 72.03
N ARG R 201 56.70 4.03 72.78
CA ARG R 201 56.51 5.00 73.87
C ARG R 201 55.50 4.49 74.90
N VAL R 202 55.97 3.48 75.65
CA VAL R 202 55.15 2.69 76.58
C VAL R 202 54.20 3.58 77.39
N SER R 203 54.72 4.65 77.97
CA SER R 203 53.87 5.52 78.76
C SER R 203 53.71 6.88 78.08
N PRO R 204 52.57 7.54 78.25
CA PRO R 204 52.41 8.88 77.70
C PRO R 204 53.40 9.85 78.31
N GLU R 205 53.89 10.78 77.49
CA GLU R 205 54.87 11.76 77.91
C GLU R 205 54.16 12.99 78.46
N TYR R 206 54.54 13.40 79.67
CA TYR R 206 53.97 14.57 80.32
C TYR R 206 55.08 15.31 81.05
N SER R 207 55.05 16.64 80.96
CA SER R 207 56.06 17.47 81.60
C SER R 207 55.76 17.62 83.09
N GLN R 213 60.59 3.81 79.84
CA GLN R 213 59.89 4.78 79.02
C GLN R 213 59.71 4.27 77.59
N GLU R 214 60.83 3.99 76.93
CA GLU R 214 60.84 3.43 75.59
C GLU R 214 61.58 2.11 75.61
N GLU R 215 60.94 1.06 75.09
CA GLU R 215 61.50 -0.28 75.14
C GLU R 215 61.30 -0.96 73.79
N ILE R 216 62.22 -1.87 73.45
CA ILE R 216 62.18 -2.55 72.17
C ILE R 216 60.97 -3.47 72.11
N PHE R 217 60.12 -3.28 71.10
CA PHE R 217 58.88 -4.02 70.96
C PHE R 217 58.94 -4.90 69.72
N TYR R 218 58.51 -6.16 69.88
CA TYR R 218 58.35 -7.04 68.74
C TYR R 218 56.98 -6.81 68.10
N LEU R 219 56.94 -6.83 66.78
CA LEU R 219 55.73 -6.51 66.04
C LEU R 219 55.28 -7.74 65.26
N PRO R 220 54.11 -8.30 65.55
CA PRO R 220 53.71 -9.58 64.94
C PRO R 220 52.95 -9.40 63.63
N ILE R 221 53.60 -8.80 62.64
CA ILE R 221 53.06 -8.69 61.29
C ILE R 221 54.16 -8.97 60.29
N GLU R 222 53.83 -9.72 59.25
CA GLU R 222 54.76 -10.03 58.17
C GLU R 222 54.15 -9.62 56.84
N GLU R 223 55.00 -9.64 55.81
CA GLU R 223 54.62 -9.17 54.49
C GLU R 223 54.10 -10.32 53.63
N ARG R 224 53.02 -10.06 52.89
CA ARG R 224 52.53 -10.97 51.85
C ARG R 224 52.02 -10.11 50.70
N ARG R 225 52.81 -10.04 49.63
CA ARG R 225 52.49 -9.18 48.49
C ARG R 225 51.66 -9.98 47.48
N TYR R 226 50.35 -9.85 47.60
CA TYR R 226 49.43 -10.36 46.59
C TYR R 226 48.94 -9.26 45.66
N LYS R 227 48.92 -8.02 46.15
CA LYS R 227 48.45 -6.87 45.37
C LYS R 227 49.51 -5.77 45.35
N ARG R 228 49.11 -4.58 44.90
CA ARG R 228 50.05 -3.47 44.77
C ARG R 228 50.77 -3.18 46.08
N ILE R 229 50.03 -2.78 47.11
CA ILE R 229 50.60 -2.58 48.42
C ILE R 229 50.75 -3.93 49.11
N VAL R 230 51.94 -4.19 49.65
CA VAL R 230 52.24 -5.49 50.24
C VAL R 230 51.39 -5.73 51.49
N TYR R 231 51.11 -4.68 52.25
CA TYR R 231 50.42 -4.73 53.53
C TYR R 231 51.01 -5.79 54.45
N TYR R 232 50.26 -6.23 55.45
CA TYR R 232 50.79 -7.14 56.46
C TYR R 232 49.71 -8.12 56.91
N ALA R 233 50.17 -9.26 57.43
CA ALA R 233 49.29 -10.31 57.91
C ALA R 233 50.00 -11.04 59.05
N ARG R 234 49.48 -12.21 59.40
CA ARG R 234 50.02 -12.97 60.52
C ARG R 234 51.40 -13.52 60.19
N ILE R 235 52.34 -13.33 61.12
CA ILE R 235 53.66 -13.95 61.03
C ILE R 235 53.69 -15.28 61.80
N TYR R 236 52.68 -15.56 62.62
CA TYR R 236 52.57 -16.75 63.48
C TYR R 236 53.88 -17.06 64.20
N PRO R 237 54.24 -16.26 65.20
CA PRO R 237 55.39 -16.60 66.04
C PRO R 237 55.18 -17.93 66.74
N PRO R 238 56.22 -18.48 67.39
CA PRO R 238 56.10 -19.83 67.97
C PRO R 238 55.02 -19.98 69.03
N GLU R 239 54.86 -21.22 69.49
CA GLU R 239 53.85 -21.54 70.49
C GLU R 239 54.21 -20.91 71.83
N VAL R 240 53.19 -20.48 72.56
CA VAL R 240 53.37 -19.89 73.88
C VAL R 240 52.48 -20.65 74.87
N GLU R 241 52.83 -20.54 76.15
CA GLU R 241 52.15 -21.31 77.18
C GLU R 241 50.75 -20.78 77.47
N LYS R 242 50.49 -19.51 77.18
CA LYS R 242 49.21 -18.87 77.48
C LYS R 242 48.49 -18.48 76.19
N ALA R 243 47.20 -18.78 76.13
CA ALA R 243 46.41 -18.47 74.95
C ALA R 243 44.99 -18.15 75.37
N LEU R 244 44.27 -17.50 74.45
CA LEU R 244 42.90 -17.07 74.67
C LEU R 244 42.04 -17.52 73.50
N THR R 245 40.83 -18.00 73.80
CA THR R 245 39.93 -18.54 72.79
C THR R 245 38.77 -17.58 72.56
N VAL R 246 38.55 -17.20 71.30
CA VAL R 246 37.43 -16.36 70.91
C VAL R 246 36.78 -16.97 69.68
N ASP R 247 35.45 -17.15 69.73
CA ASP R 247 34.62 -17.73 68.68
C ASP R 247 35.28 -18.94 68.00
N GLY R 248 35.88 -19.82 68.80
CA GLY R 248 36.43 -21.06 68.30
C GLY R 248 37.87 -21.00 67.85
N GLU R 249 38.47 -19.82 67.78
CA GLU R 249 39.85 -19.66 67.37
C GLU R 249 40.70 -19.30 68.58
N VAL R 250 41.85 -19.97 68.71
CA VAL R 250 42.75 -19.78 69.84
C VAL R 250 43.94 -18.94 69.39
N LEU R 251 44.31 -17.95 70.20
CA LEU R 251 45.38 -17.02 69.88
C LEU R 251 46.32 -16.89 71.06
N GLY R 252 47.63 -16.88 70.77
CA GLY R 252 48.61 -16.84 71.82
C GLY R 252 48.70 -15.47 72.49
N ILE R 253 49.25 -15.48 73.71
CA ILE R 253 49.43 -14.26 74.49
C ILE R 253 50.48 -14.55 75.57
N TRP R 254 51.29 -13.55 75.88
CA TRP R 254 52.32 -13.65 76.90
C TRP R 254 52.08 -12.63 77.99
N ILE R 255 52.22 -13.06 79.24
CA ILE R 255 52.10 -12.17 80.40
C ILE R 255 53.31 -12.41 81.30
N PRO R 256 53.78 -11.39 82.03
CA PRO R 256 54.92 -11.54 82.94
C PRO R 256 54.61 -12.45 84.13
N MET S 1 -63.14 -44.65 -46.68
CA MET S 1 -64.40 -43.90 -46.82
C MET S 1 -64.26 -42.49 -46.27
N TYR S 2 -63.70 -41.60 -47.09
CA TYR S 2 -63.49 -40.20 -46.71
C TYR S 2 -64.41 -39.35 -47.59
N VAL S 3 -65.56 -38.97 -47.05
CA VAL S 3 -66.58 -38.27 -47.81
C VAL S 3 -66.56 -36.79 -47.47
N ARG S 4 -66.72 -35.96 -48.49
CA ARG S 4 -66.70 -34.50 -48.34
C ARG S 4 -67.90 -33.92 -49.06
N ILE S 5 -68.76 -33.23 -48.32
CA ILE S 5 -69.91 -32.51 -48.86
C ILE S 5 -69.76 -31.03 -48.52
N SER S 6 -70.03 -30.16 -49.49
CA SER S 6 -69.97 -28.73 -49.26
C SER S 6 -70.90 -28.02 -50.21
N GLY S 7 -71.55 -26.96 -49.74
CA GLY S 7 -72.47 -26.25 -50.61
C GLY S 7 -73.12 -25.08 -49.91
N ARG S 8 -74.10 -24.49 -50.59
CA ARG S 8 -74.84 -23.33 -50.12
C ARG S 8 -76.27 -23.74 -49.76
N ILE S 9 -76.75 -23.23 -48.63
CA ILE S 9 -78.10 -23.42 -48.12
C ILE S 9 -78.62 -22.09 -47.61
N ARG S 10 -79.94 -22.02 -47.41
CA ARG S 10 -80.58 -20.81 -46.93
C ARG S 10 -81.26 -21.08 -45.59
N LEU S 11 -81.02 -20.19 -44.62
CA LEU S 11 -81.66 -20.27 -43.31
C LEU S 11 -82.38 -18.97 -43.04
N ASN S 12 -83.67 -19.04 -42.73
CA ASN S 12 -84.48 -17.85 -42.48
C ASN S 12 -85.27 -18.02 -41.20
N ALA S 13 -85.40 -16.91 -40.46
CA ALA S 13 -86.24 -16.85 -39.26
C ALA S 13 -85.82 -17.90 -38.24
N HIS S 14 -84.51 -17.96 -37.97
CA HIS S 14 -83.95 -18.96 -37.08
C HIS S 14 -83.22 -18.30 -35.92
N SER S 15 -83.38 -18.88 -34.73
CA SER S 15 -82.67 -18.47 -33.53
C SER S 15 -81.59 -19.47 -33.15
N LEU S 16 -81.02 -20.14 -34.14
CA LEU S 16 -80.04 -21.19 -33.88
C LEU S 16 -78.77 -20.59 -33.28
N ASN S 17 -78.21 -21.29 -32.29
CA ASN S 17 -76.97 -20.88 -31.63
C ASN S 17 -77.11 -19.48 -31.03
N ALA S 18 -78.03 -19.35 -30.08
CA ALA S 18 -78.26 -18.07 -29.43
C ALA S 18 -77.27 -17.86 -28.29
N GLN S 19 -76.64 -16.69 -28.27
CA GLN S 19 -75.66 -16.38 -27.22
C GLN S 19 -76.35 -16.20 -25.87
N GLY S 20 -77.63 -15.84 -25.87
CA GLY S 20 -78.38 -15.66 -24.64
C GLY S 20 -78.26 -14.30 -24.01
N GLY S 21 -77.47 -13.39 -24.58
CA GLY S 21 -77.31 -12.07 -24.02
C GLY S 21 -76.72 -12.03 -22.63
N GLY S 22 -75.88 -13.01 -22.30
CA GLY S 22 -75.30 -13.09 -20.96
C GLY S 22 -76.30 -13.36 -19.85
N GLY S 23 -77.33 -14.16 -20.13
CA GLY S 23 -78.30 -14.52 -19.13
C GLY S 23 -79.20 -13.37 -18.69
N THR S 24 -80.03 -12.89 -19.60
CA THR S 24 -80.99 -11.82 -19.31
C THR S 24 -82.19 -11.99 -20.23
N ASN S 25 -83.12 -11.03 -20.15
CA ASN S 25 -84.30 -11.08 -21.00
C ASN S 25 -83.90 -10.96 -22.47
N TYR S 26 -82.99 -10.05 -22.78
CA TYR S 26 -82.55 -9.84 -24.16
C TYR S 26 -81.55 -10.92 -24.52
N ILE S 27 -81.99 -11.92 -25.29
CA ILE S 27 -81.13 -12.99 -25.76
C ILE S 27 -80.83 -12.73 -27.24
N GLU S 28 -79.55 -12.82 -27.60
CA GLU S 28 -79.07 -12.45 -28.92
C GLU S 28 -78.22 -13.58 -29.49
N ILE S 29 -78.14 -13.62 -30.82
CA ILE S 29 -77.49 -14.72 -31.54
C ILE S 29 -76.00 -14.43 -31.66
N THR S 30 -75.19 -15.48 -31.57
CA THR S 30 -73.73 -15.32 -31.66
C THR S 30 -73.34 -14.74 -33.00
N LYS S 31 -72.32 -13.89 -33.00
CA LYS S 31 -71.81 -13.25 -34.20
C LYS S 31 -70.32 -13.51 -34.35
N THR S 32 -69.87 -13.55 -35.60
CA THR S 32 -68.46 -13.73 -35.93
C THR S 32 -68.08 -12.70 -36.98
N LYS S 33 -66.84 -12.24 -36.93
CA LYS S 33 -66.33 -11.28 -37.90
C LYS S 33 -65.57 -12.00 -39.01
N VAL S 34 -65.85 -11.63 -40.24
CA VAL S 34 -65.22 -12.23 -41.41
C VAL S 34 -64.67 -11.14 -42.31
N THR S 35 -63.65 -11.48 -43.08
CA THR S 35 -62.96 -10.54 -43.96
C THR S 35 -63.41 -10.74 -45.40
N VAL S 36 -63.73 -9.63 -46.07
CA VAL S 36 -64.16 -9.65 -47.46
C VAL S 36 -63.37 -8.59 -48.22
N ARG S 37 -63.03 -8.93 -49.47
CA ARG S 37 -62.13 -8.08 -50.25
C ARG S 37 -62.77 -6.74 -50.59
N THR S 38 -63.99 -6.77 -51.14
CA THR S 38 -64.70 -5.57 -51.60
C THR S 38 -63.89 -4.75 -52.60
N GLU S 39 -62.91 -5.39 -53.26
CA GLU S 39 -62.10 -4.83 -54.35
C GLU S 39 -61.48 -3.48 -54.00
N ASN S 40 -61.47 -3.11 -52.71
CA ASN S 40 -60.85 -1.86 -52.28
C ASN S 40 -60.10 -2.04 -50.96
N GLY S 41 -59.56 -3.24 -50.72
CA GLY S 41 -58.91 -3.54 -49.46
C GLY S 41 -59.80 -4.36 -48.56
N TRP S 42 -59.23 -5.41 -47.97
CA TRP S 42 -60.02 -6.33 -47.16
C TRP S 42 -60.58 -5.62 -45.93
N THR S 43 -61.88 -5.80 -45.70
CA THR S 43 -62.57 -5.20 -44.58
C THR S 43 -63.33 -6.27 -43.82
N VAL S 44 -63.49 -6.06 -42.51
CA VAL S 44 -64.13 -7.01 -41.63
C VAL S 44 -65.60 -6.64 -41.45
N VAL S 45 -66.43 -7.64 -41.21
CA VAL S 45 -67.86 -7.44 -40.99
C VAL S 45 -68.35 -8.44 -39.96
N GLU S 46 -69.26 -7.99 -39.09
CA GLU S 46 -69.82 -8.80 -38.01
C GLU S 46 -71.15 -9.39 -38.48
N VAL S 47 -71.23 -10.71 -38.59
CA VAL S 47 -72.44 -11.37 -39.07
C VAL S 47 -72.73 -12.57 -38.18
N PRO S 48 -74.00 -12.89 -37.89
CA PRO S 48 -74.29 -14.08 -37.10
C PRO S 48 -73.89 -15.36 -37.83
N ALA S 49 -73.52 -16.37 -37.05
CA ALA S 49 -73.06 -17.63 -37.58
C ALA S 49 -73.27 -18.73 -36.55
N ILE S 50 -73.12 -19.97 -37.00
CA ILE S 50 -73.30 -21.15 -36.16
C ILE S 50 -71.98 -21.90 -36.08
N THR S 51 -71.50 -22.15 -34.86
CA THR S 51 -70.25 -22.85 -34.67
C THR S 51 -70.40 -24.34 -34.97
N GLY S 52 -69.26 -24.98 -35.21
CA GLY S 52 -69.22 -26.39 -35.56
C GLY S 52 -69.36 -27.35 -34.41
N ASN S 53 -69.25 -26.87 -33.17
CA ASN S 53 -69.57 -27.73 -32.03
C ASN S 53 -71.02 -28.16 -32.09
N MET S 54 -71.90 -27.23 -32.44
CA MET S 54 -73.30 -27.58 -32.69
C MET S 54 -73.42 -28.66 -33.75
N LEU S 55 -72.70 -28.51 -34.87
CA LEU S 55 -72.80 -29.46 -35.97
C LEU S 55 -72.37 -30.84 -35.52
N LYS S 56 -71.25 -30.91 -34.79
CA LYS S 56 -70.77 -32.20 -34.30
C LYS S 56 -71.75 -32.80 -33.31
N HIS S 57 -72.36 -31.97 -32.47
CA HIS S 57 -73.31 -32.49 -31.48
C HIS S 57 -74.53 -33.12 -32.16
N TRP S 58 -75.19 -32.40 -33.07
CA TRP S 58 -76.30 -33.07 -33.76
C TRP S 58 -75.85 -34.13 -34.76
N HIS S 59 -74.59 -34.14 -35.20
CA HIS S 59 -74.12 -35.31 -35.94
C HIS S 59 -74.11 -36.53 -35.03
N PHE S 60 -73.64 -36.36 -33.80
CA PHE S 60 -73.73 -37.45 -32.81
C PHE S 60 -75.17 -37.86 -32.57
N VAL S 61 -76.07 -36.87 -32.48
CA VAL S 61 -77.49 -37.17 -32.23
C VAL S 61 -78.07 -37.98 -33.37
N GLY S 62 -77.80 -37.58 -34.62
CA GLY S 62 -78.31 -38.33 -35.75
C GLY S 62 -77.71 -39.71 -35.84
N PHE S 63 -76.42 -39.85 -35.51
CA PHE S 63 -75.79 -41.16 -35.50
C PHE S 63 -76.46 -42.07 -34.49
N VAL S 64 -76.74 -41.56 -33.29
CA VAL S 64 -77.43 -42.36 -32.28
C VAL S 64 -78.83 -42.73 -32.77
N ASP S 65 -79.55 -41.78 -33.36
CA ASP S 65 -80.91 -42.03 -33.80
C ASP S 65 -80.96 -43.11 -34.87
N TYR S 66 -80.03 -43.07 -35.82
CA TYR S 66 -80.01 -44.05 -36.89
C TYR S 66 -79.26 -45.32 -36.54
N PHE S 67 -78.59 -45.36 -35.40
CA PHE S 67 -77.91 -46.57 -34.94
C PHE S 67 -78.73 -47.37 -33.96
N LYS S 68 -79.63 -46.73 -33.20
CA LYS S 68 -80.46 -47.48 -32.26
C LYS S 68 -81.45 -48.38 -32.98
N THR S 69 -81.87 -48.01 -34.19
CA THR S 69 -82.81 -48.85 -34.93
C THR S 69 -82.15 -50.12 -35.44
N THR S 70 -80.84 -50.10 -35.62
CA THR S 70 -80.13 -51.28 -36.10
C THR S 70 -80.13 -52.36 -35.03
N PRO S 71 -80.06 -53.64 -35.43
CA PRO S 71 -80.00 -54.71 -34.42
C PRO S 71 -78.79 -54.63 -33.52
N TYR S 72 -77.70 -54.03 -33.98
CA TYR S 72 -76.49 -53.86 -33.18
C TYR S 72 -76.48 -52.58 -32.38
N GLY S 73 -77.66 -52.03 -32.06
CA GLY S 73 -77.76 -50.80 -31.30
C GLY S 73 -77.56 -50.95 -29.81
N VAL S 74 -77.30 -52.17 -29.34
CA VAL S 74 -77.05 -52.39 -27.93
C VAL S 74 -75.79 -51.68 -27.47
N ASN S 75 -74.73 -51.71 -28.29
CA ASN S 75 -73.45 -51.14 -27.91
C ASN S 75 -73.47 -49.62 -27.94
N LEU S 76 -74.17 -49.01 -26.99
CA LEU S 76 -74.23 -47.56 -26.86
C LEU S 76 -74.21 -47.17 -25.40
N THR S 77 -73.66 -46.00 -25.12
CA THR S 77 -73.61 -45.50 -23.76
C THR S 77 -75.01 -45.09 -23.30
N GLU S 78 -75.26 -45.27 -22.00
CA GLU S 78 -76.57 -44.91 -21.45
C GLU S 78 -76.86 -43.42 -21.61
N ARG S 79 -75.82 -42.58 -21.54
CA ARG S 79 -76.03 -41.15 -21.73
C ARG S 79 -76.25 -40.79 -23.20
N ALA S 80 -75.85 -41.67 -24.12
CA ALA S 80 -76.07 -41.39 -25.54
C ALA S 80 -77.55 -41.43 -25.90
N LEU S 81 -78.33 -42.27 -25.21
CA LEU S 81 -79.76 -42.35 -25.50
C LEU S 81 -80.45 -41.03 -25.20
N ARG S 82 -80.11 -40.39 -24.09
CA ARG S 82 -80.67 -39.10 -23.73
C ARG S 82 -79.95 -37.93 -24.38
N TYR S 83 -79.12 -38.20 -25.39
CA TYR S 83 -78.47 -37.17 -26.21
C TYR S 83 -77.53 -36.31 -25.38
N ASN S 84 -76.70 -36.95 -24.56
CA ASN S 84 -75.73 -36.21 -23.76
C ASN S 84 -74.54 -35.79 -24.63
N GLY S 85 -74.24 -34.49 -24.62
CA GLY S 85 -73.15 -34.00 -25.44
C GLY S 85 -71.79 -34.50 -24.98
N THR S 86 -71.55 -34.52 -23.67
CA THR S 86 -70.27 -34.94 -23.15
C THR S 86 -70.09 -36.46 -23.31
N ARG S 87 -68.83 -36.87 -23.48
CA ARG S 87 -68.50 -38.28 -23.58
C ARG S 87 -67.93 -38.82 -22.28
N PHE S 88 -66.98 -38.11 -21.67
CA PHE S 88 -66.42 -38.51 -20.39
C PHE S 88 -66.08 -37.27 -19.59
N GLY S 89 -66.30 -37.37 -18.28
CA GLY S 89 -66.08 -36.26 -17.38
C GLY S 89 -64.81 -36.40 -16.56
N GLN S 90 -64.70 -35.55 -15.54
CA GLN S 90 -63.48 -35.50 -14.74
C GLN S 90 -63.35 -36.71 -13.83
N GLY S 91 -64.44 -37.09 -13.15
CA GLY S 91 -64.39 -38.10 -12.12
C GLY S 91 -64.90 -39.48 -12.51
N GLU S 92 -65.20 -39.72 -13.78
CA GLU S 92 -65.70 -41.02 -14.20
C GLU S 92 -64.54 -41.90 -14.64
N THR S 93 -64.14 -42.82 -13.75
CA THR S 93 -63.16 -43.84 -14.08
C THR S 93 -63.78 -45.08 -14.71
N THR S 94 -65.11 -45.10 -14.84
CA THR S 94 -65.81 -46.23 -15.44
C THR S 94 -67.01 -45.71 -16.21
N ALA S 95 -67.50 -46.52 -17.14
CA ALA S 95 -68.61 -46.16 -18.00
C ALA S 95 -69.72 -47.18 -17.86
N THR S 96 -70.94 -46.76 -18.16
CA THR S 96 -72.12 -47.61 -18.08
C THR S 96 -72.76 -47.75 -19.45
N LYS S 97 -73.06 -48.98 -19.84
CA LYS S 97 -73.73 -49.24 -21.09
C LYS S 97 -75.21 -48.90 -20.98
N ALA S 98 -75.94 -49.05 -22.08
CA ALA S 98 -77.38 -48.87 -22.05
C ALA S 98 -78.05 -49.91 -21.16
N ASN S 99 -77.56 -51.15 -21.19
CA ASN S 99 -78.10 -52.21 -20.35
C ASN S 99 -77.58 -52.17 -18.93
N GLY S 100 -76.62 -51.31 -18.62
CA GLY S 100 -76.09 -51.17 -17.28
C GLY S 100 -74.78 -51.85 -17.00
N ALA S 101 -74.12 -52.40 -18.01
CA ALA S 101 -72.84 -53.05 -17.80
C ALA S 101 -71.76 -52.03 -17.46
N THR S 102 -70.81 -52.44 -16.64
CA THR S 102 -69.69 -51.59 -16.22
C THR S 102 -68.51 -51.81 -17.14
N VAL S 103 -67.85 -50.72 -17.52
CA VAL S 103 -66.75 -50.75 -18.49
C VAL S 103 -65.59 -49.94 -17.91
N GLN S 104 -64.39 -50.52 -17.98
CA GLN S 104 -63.19 -49.79 -17.59
C GLN S 104 -62.76 -48.84 -18.70
N LEU S 105 -61.88 -47.91 -18.34
CA LEU S 105 -61.28 -46.97 -19.28
C LEU S 105 -59.81 -47.27 -19.52
N ASN S 106 -59.49 -48.56 -19.64
CA ASN S 106 -58.16 -49.02 -20.00
C ASN S 106 -58.26 -49.91 -21.22
N ASP S 107 -57.19 -49.93 -22.02
CA ASP S 107 -57.12 -50.73 -23.24
C ASP S 107 -58.26 -50.36 -24.19
N GLU S 108 -58.16 -49.15 -24.72
CA GLU S 108 -59.21 -48.51 -25.53
C GLU S 108 -59.72 -49.39 -26.67
N ALA S 109 -58.98 -50.45 -26.99
CA ALA S 109 -59.47 -51.41 -27.98
C ALA S 109 -60.81 -51.98 -27.57
N THR S 110 -60.93 -52.46 -26.33
CA THR S 110 -62.22 -52.97 -25.87
C THR S 110 -63.23 -51.84 -25.71
N ILE S 111 -62.76 -50.61 -25.46
CA ILE S 111 -63.68 -49.47 -25.34
C ILE S 111 -64.39 -49.23 -26.67
N ILE S 112 -63.63 -49.20 -27.77
CA ILE S 112 -64.26 -49.02 -29.07
C ILE S 112 -64.95 -50.29 -29.52
N LYS S 113 -64.56 -51.45 -28.99
CA LYS S 113 -65.27 -52.69 -29.26
C LYS S 113 -66.68 -52.64 -28.69
N GLU S 114 -66.83 -52.12 -27.48
CA GLU S 114 -68.10 -52.19 -26.77
C GLU S 114 -68.86 -50.86 -26.74
N LEU S 115 -68.18 -49.72 -26.90
CA LEU S 115 -68.83 -48.45 -27.16
C LEU S 115 -68.73 -48.15 -28.65
N ALA S 116 -69.81 -47.66 -29.24
CA ALA S 116 -69.81 -47.26 -30.64
C ALA S 116 -69.75 -45.75 -30.81
N ASP S 117 -70.42 -44.99 -29.94
CA ASP S 117 -70.41 -43.55 -30.06
C ASP S 117 -69.01 -42.97 -29.83
N ALA S 118 -68.29 -43.48 -28.83
CA ALA S 118 -66.95 -43.00 -28.57
C ALA S 118 -65.98 -43.38 -29.68
N ASP S 119 -66.25 -44.50 -30.36
CA ASP S 119 -65.40 -44.90 -31.48
C ASP S 119 -65.51 -43.91 -32.63
N VAL S 120 -66.70 -43.40 -32.90
CA VAL S 120 -66.91 -42.58 -34.09
C VAL S 120 -66.69 -41.10 -33.79
N HIS S 121 -67.06 -40.65 -32.59
CA HIS S 121 -66.96 -39.23 -32.25
C HIS S 121 -65.84 -38.92 -31.28
N GLY S 122 -65.03 -39.91 -30.91
CA GLY S 122 -63.91 -39.69 -30.03
C GLY S 122 -64.31 -39.64 -28.56
N PHE S 123 -63.30 -39.71 -27.70
CA PHE S 123 -63.52 -39.68 -26.26
C PHE S 123 -62.22 -39.30 -25.58
N LEU S 124 -62.34 -38.90 -24.31
CA LEU S 124 -61.17 -38.54 -23.52
C LEU S 124 -61.52 -38.65 -22.05
N ALA S 125 -60.81 -39.50 -21.32
CA ALA S 125 -60.97 -39.60 -19.87
C ALA S 125 -59.74 -39.00 -19.19
N PRO S 126 -59.85 -37.83 -18.57
CA PRO S 126 -58.67 -37.19 -17.98
C PRO S 126 -57.97 -38.04 -16.93
N LYS S 127 -58.72 -38.82 -16.15
CA LYS S 127 -58.09 -39.65 -15.12
C LYS S 127 -57.21 -40.73 -15.75
N THR S 128 -57.66 -41.34 -16.84
CA THR S 128 -56.88 -42.38 -17.51
C THR S 128 -56.06 -41.85 -18.68
N GLY S 129 -56.44 -40.72 -19.26
CA GLY S 129 -55.67 -40.13 -20.34
C GLY S 129 -55.89 -40.75 -21.70
N ARG S 130 -56.82 -41.70 -21.83
CA ARG S 130 -57.05 -42.36 -23.10
C ARG S 130 -57.76 -41.42 -24.08
N ARG S 131 -57.13 -41.21 -25.24
CA ARG S 131 -57.56 -40.21 -26.21
C ARG S 131 -58.05 -40.88 -27.48
N ARG S 132 -58.86 -40.13 -28.24
CA ARG S 132 -59.33 -40.57 -29.54
C ARG S 132 -59.75 -39.35 -30.34
N VAL S 133 -59.13 -39.15 -31.49
CA VAL S 133 -59.48 -38.04 -32.37
C VAL S 133 -60.80 -38.35 -33.05
N SER S 134 -61.70 -37.36 -33.03
CA SER S 134 -63.02 -37.55 -33.64
C SER S 134 -62.88 -37.86 -35.12
N LEU S 135 -63.58 -38.89 -35.58
CA LEU S 135 -63.52 -39.30 -36.97
C LEU S 135 -64.35 -38.41 -37.88
N VAL S 136 -65.16 -37.52 -37.32
CA VAL S 136 -65.93 -36.54 -38.09
C VAL S 136 -65.44 -35.15 -37.69
N LYS S 137 -65.21 -34.30 -38.68
CA LYS S 137 -64.74 -32.94 -38.46
C LYS S 137 -65.78 -31.97 -39.00
N ALA S 138 -66.08 -30.95 -38.19
CA ALA S 138 -67.17 -30.03 -38.49
C ALA S 138 -66.63 -28.68 -38.92
N SER S 139 -67.24 -28.13 -39.97
CA SER S 139 -66.91 -26.80 -40.46
C SER S 139 -67.95 -25.80 -40.00
N PHE S 140 -67.50 -24.56 -39.80
CA PHE S 140 -68.39 -23.51 -39.32
C PHE S 140 -69.36 -23.09 -40.41
N ILE S 141 -70.58 -22.78 -40.02
CA ILE S 141 -71.62 -22.33 -40.95
C ILE S 141 -71.58 -20.81 -40.95
N LEU S 142 -70.93 -20.24 -41.98
CA LEU S 142 -70.87 -18.81 -42.23
C LEU S 142 -71.70 -18.44 -43.44
N PRO S 143 -72.28 -17.24 -43.45
CA PRO S 143 -72.99 -16.77 -44.65
C PRO S 143 -72.01 -16.55 -45.79
N THR S 144 -72.49 -16.79 -47.01
CA THR S 144 -71.62 -16.71 -48.18
C THR S 144 -71.09 -15.29 -48.38
N GLU S 145 -69.83 -15.21 -48.85
CA GLU S 145 -69.15 -13.93 -48.93
C GLU S 145 -69.81 -12.98 -49.93
N ASP S 146 -70.25 -13.51 -51.07
CA ASP S 146 -70.90 -12.67 -52.07
C ASP S 146 -72.17 -12.05 -51.53
N PHE S 147 -72.96 -12.82 -50.80
CA PHE S 147 -74.20 -12.30 -50.23
C PHE S 147 -73.90 -11.19 -49.23
N ILE S 148 -72.87 -11.39 -48.40
CA ILE S 148 -72.51 -10.36 -47.42
C ILE S 148 -72.04 -9.09 -48.11
N LYS S 149 -71.22 -9.21 -49.16
CA LYS S 149 -70.74 -8.03 -49.85
C LYS S 149 -71.79 -7.41 -50.77
N GLU S 150 -72.92 -8.09 -50.99
CA GLU S 150 -73.96 -7.60 -51.89
C GLU S 150 -75.04 -6.81 -51.15
N VAL S 151 -75.06 -6.85 -49.82
CA VAL S 151 -76.12 -6.20 -49.06
C VAL S 151 -75.66 -4.87 -48.49
N GLU S 152 -74.35 -4.75 -48.24
CA GLU S 152 -73.72 -3.56 -47.64
C GLU S 152 -74.58 -2.97 -46.52
N GLY S 153 -74.89 -3.83 -45.55
CA GLY S 153 -75.76 -3.46 -44.45
C GLY S 153 -76.72 -4.58 -44.10
N GLU S 154 -77.88 -4.24 -43.54
CA GLU S 154 -78.92 -5.23 -43.23
C GLU S 154 -78.37 -6.34 -42.32
N ARG S 155 -78.07 -5.94 -41.09
CA ARG S 155 -77.39 -6.77 -40.10
C ARG S 155 -78.02 -8.15 -39.89
N LEU S 156 -79.24 -8.35 -40.40
CA LEU S 156 -79.97 -9.61 -40.35
C LEU S 156 -80.39 -10.01 -38.94
N ILE S 157 -80.70 -9.04 -38.08
CA ILE S 157 -81.23 -9.30 -36.75
C ILE S 157 -82.50 -8.49 -36.58
N THR S 158 -83.58 -9.16 -36.17
CA THR S 158 -84.89 -8.52 -36.06
C THR S 158 -85.23 -8.06 -34.65
N ALA S 159 -84.72 -8.75 -33.62
CA ALA S 159 -84.95 -8.40 -32.22
C ALA S 159 -86.44 -8.40 -31.90
N ILE S 160 -87.07 -9.55 -32.14
CA ILE S 160 -88.49 -9.72 -31.84
C ILE S 160 -88.65 -10.01 -30.35
N LYS S 161 -89.47 -9.20 -29.69
CA LYS S 161 -89.70 -9.33 -28.26
C LYS S 161 -90.94 -10.19 -28.04
N HIS S 162 -90.80 -11.23 -27.21
CA HIS S 162 -91.88 -12.16 -26.94
C HIS S 162 -91.81 -12.58 -25.47
N ASN S 163 -92.80 -12.18 -24.69
CA ASN S 163 -92.76 -12.33 -23.24
C ASN S 163 -93.60 -13.52 -22.78
N ARG S 164 -93.65 -13.71 -21.47
CA ARG S 164 -94.45 -14.75 -20.84
C ARG S 164 -95.49 -14.06 -19.95
N VAL S 165 -96.76 -14.39 -20.17
CA VAL S 165 -97.85 -13.80 -19.39
C VAL S 165 -98.43 -14.88 -18.49
N ASP S 166 -98.31 -14.68 -17.18
CA ASP S 166 -98.86 -15.60 -16.19
C ASP S 166 -99.61 -14.81 -15.13
N VAL S 167 -100.70 -15.41 -14.63
CA VAL S 167 -101.49 -14.85 -13.56
C VAL S 167 -101.57 -15.87 -12.43
N ASP S 168 -102.04 -15.41 -11.27
CA ASP S 168 -102.19 -16.29 -10.12
C ASP S 168 -103.45 -17.13 -10.30
N GLU S 169 -103.82 -17.88 -9.26
CA GLU S 169 -105.02 -18.71 -9.34
C GLU S 169 -106.30 -17.87 -9.38
N LYS S 170 -106.22 -16.59 -9.03
CA LYS S 170 -107.34 -15.67 -9.16
C LYS S 170 -107.36 -14.93 -10.49
N GLY S 171 -106.26 -14.95 -11.24
CA GLY S 171 -106.19 -14.22 -12.50
C GLY S 171 -105.68 -12.80 -12.38
N ALA S 172 -104.61 -12.59 -11.63
CA ALA S 172 -104.04 -11.28 -11.41
C ALA S 172 -102.65 -11.20 -12.02
N ILE S 173 -102.37 -10.09 -12.72
CA ILE S 173 -101.05 -9.90 -13.32
C ILE S 173 -99.97 -9.84 -12.25
N GLY S 174 -100.23 -9.10 -11.17
CA GLY S 174 -99.29 -9.01 -10.07
C GLY S 174 -98.23 -7.93 -10.29
N SER S 175 -97.38 -7.80 -9.28
CA SER S 175 -96.32 -6.81 -9.32
C SER S 175 -94.97 -7.43 -8.96
N SER S 176 -93.95 -6.60 -8.76
CA SER S 176 -92.61 -7.11 -8.51
C SER S 176 -92.50 -7.73 -7.12
N LYS S 177 -93.31 -7.29 -6.17
CA LYS S 177 -93.23 -7.85 -4.82
C LYS S 177 -93.60 -9.33 -4.81
N GLU S 178 -94.63 -9.71 -5.58
CA GLU S 178 -94.99 -11.11 -5.73
C GLU S 178 -94.23 -11.81 -6.84
N GLY S 179 -93.49 -11.08 -7.66
CA GLY S 179 -92.70 -11.67 -8.72
C GLY S 179 -93.49 -12.02 -9.97
N THR S 180 -94.28 -13.09 -9.88
CA THR S 180 -95.12 -13.60 -10.96
C THR S 180 -94.33 -14.06 -12.18
N ALA S 181 -92.99 -13.99 -12.11
CA ALA S 181 -92.11 -14.46 -13.19
C ALA S 181 -92.48 -13.84 -14.53
N GLN S 182 -92.73 -12.52 -14.53
CA GLN S 182 -93.08 -11.79 -15.74
C GLN S 182 -91.84 -11.07 -16.24
N MET S 183 -91.34 -11.47 -17.41
CA MET S 183 -90.16 -10.89 -18.01
C MET S 183 -90.49 -10.42 -19.42
N LEU S 184 -89.48 -9.88 -20.11
CA LEU S 184 -89.66 -9.36 -21.47
C LEU S 184 -89.24 -10.40 -22.52
N PHE S 185 -88.02 -10.92 -22.40
CA PHE S 185 -87.53 -12.02 -23.22
C PHE S 185 -87.58 -11.70 -24.72
N SER S 186 -86.78 -10.70 -25.09
CA SER S 186 -86.61 -10.35 -26.50
C SER S 186 -85.51 -11.21 -27.13
N ARG S 187 -85.78 -11.71 -28.33
CA ARG S 187 -84.85 -12.60 -29.02
C ARG S 187 -84.70 -12.15 -30.47
N GLU S 188 -83.45 -12.07 -30.93
CA GLU S 188 -83.17 -11.63 -32.29
C GLU S 188 -83.04 -12.82 -33.22
N TYR S 189 -83.45 -12.62 -34.47
CA TYR S 189 -83.61 -13.70 -35.44
C TYR S 189 -82.78 -13.39 -36.68
N ALA S 190 -82.34 -14.44 -37.37
CA ALA S 190 -81.39 -14.30 -38.47
C ALA S 190 -81.95 -14.92 -39.75
N THR S 191 -81.41 -14.43 -40.87
CA THR S 191 -81.77 -14.93 -42.18
C THR S 191 -80.59 -14.70 -43.13
N GLY S 192 -80.47 -15.58 -44.12
CA GLY S 192 -79.41 -15.42 -45.09
C GLY S 192 -79.07 -16.72 -45.80
N LEU S 193 -77.99 -16.65 -46.57
CA LEU S 193 -77.45 -17.75 -47.37
C LEU S 193 -76.10 -18.13 -46.79
N TYR S 194 -76.02 -19.33 -46.23
CA TYR S 194 -74.83 -19.85 -45.58
C TYR S 194 -74.21 -20.98 -46.41
N GLY S 195 -73.01 -21.38 -46.01
CA GLY S 195 -72.33 -22.48 -46.64
C GLY S 195 -71.84 -23.48 -45.62
N PHE S 196 -71.76 -24.74 -46.04
CA PHE S 196 -71.37 -25.82 -45.14
C PHE S 196 -70.36 -26.72 -45.83
N SER S 197 -69.44 -27.26 -45.04
CA SER S 197 -68.43 -28.19 -45.56
C SER S 197 -68.19 -29.33 -44.56
N ILE S 198 -69.27 -29.88 -44.01
CA ILE S 198 -69.13 -31.03 -43.12
C ILE S 198 -68.48 -32.18 -43.86
N VAL S 199 -67.48 -32.78 -43.22
CA VAL S 199 -66.68 -33.85 -43.82
C VAL S 199 -66.64 -35.02 -42.85
N LEU S 200 -66.60 -36.23 -43.39
CA LEU S 200 -66.59 -37.45 -42.57
C LEU S 200 -65.43 -38.33 -43.00
N ASP S 201 -64.75 -38.91 -42.02
CA ASP S 201 -63.64 -39.84 -42.25
C ASP S 201 -64.01 -41.17 -41.59
N LEU S 202 -64.48 -42.11 -42.40
CA LEU S 202 -64.92 -43.41 -41.90
C LEU S 202 -63.90 -44.51 -42.15
N GLY S 203 -62.67 -44.15 -42.53
CA GLY S 203 -61.66 -45.17 -42.80
C GLY S 203 -61.03 -45.81 -41.58
N LEU S 204 -61.32 -45.30 -40.38
CA LEU S 204 -60.71 -45.80 -39.16
C LEU S 204 -61.74 -46.24 -38.12
N VAL S 205 -63.01 -46.37 -38.51
CA VAL S 205 -64.03 -46.78 -37.55
C VAL S 205 -63.89 -48.26 -37.24
N GLY S 206 -63.86 -48.59 -35.95
CA GLY S 206 -63.65 -49.96 -35.52
C GLY S 206 -62.21 -50.38 -35.42
N ILE S 207 -61.27 -49.47 -35.60
CA ILE S 207 -59.84 -49.76 -35.53
C ILE S 207 -59.23 -48.86 -34.46
N PRO S 208 -58.53 -49.42 -33.47
CA PRO S 208 -57.90 -48.57 -32.45
C PRO S 208 -56.77 -47.74 -33.03
N GLN S 209 -56.56 -46.57 -32.42
CA GLN S 209 -55.53 -45.65 -32.88
C GLN S 209 -54.12 -46.10 -32.52
N GLY S 210 -53.96 -46.95 -31.51
CA GLY S 210 -52.63 -47.36 -31.09
C GLY S 210 -51.90 -48.13 -32.17
N LEU S 211 -52.57 -49.12 -32.77
CA LEU S 211 -52.00 -49.92 -33.85
C LEU S 211 -53.04 -50.00 -34.97
N PRO S 212 -53.13 -48.97 -35.81
CA PRO S 212 -54.12 -49.00 -36.90
C PRO S 212 -53.94 -50.14 -37.88
N VAL S 213 -52.70 -50.57 -38.11
CA VAL S 213 -52.38 -51.59 -39.11
C VAL S 213 -51.59 -52.70 -38.43
N LYS S 214 -51.98 -53.95 -38.68
CA LYS S 214 -51.29 -55.11 -38.17
C LYS S 214 -50.54 -55.82 -39.29
N PHE S 215 -49.42 -56.43 -38.92
CA PHE S 215 -48.57 -57.18 -39.83
C PHE S 215 -48.51 -58.63 -39.36
N GLU S 216 -48.86 -59.57 -40.23
CA GLU S 216 -48.68 -60.98 -39.93
C GLU S 216 -47.35 -61.49 -40.49
N GLU S 217 -47.16 -61.38 -41.80
CA GLU S 217 -45.87 -61.66 -42.43
C GLU S 217 -45.64 -60.59 -43.48
N ASN S 218 -45.06 -59.47 -43.07
CA ASN S 218 -44.72 -58.35 -43.94
C ASN S 218 -45.89 -57.94 -44.84
N GLN S 219 -47.10 -57.92 -44.29
CA GLN S 219 -48.28 -57.55 -45.06
C GLN S 219 -49.21 -56.73 -44.17
N PRO S 220 -49.73 -55.60 -44.67
CA PRO S 220 -50.59 -54.76 -43.85
C PRO S 220 -52.05 -55.21 -43.88
N ARG S 221 -52.70 -55.14 -42.72
CA ARG S 221 -54.14 -55.36 -42.70
C ARG S 221 -54.77 -54.48 -41.63
N PRO S 222 -55.99 -53.99 -41.85
CA PRO S 222 -56.66 -53.20 -40.80
C PRO S 222 -56.90 -54.04 -39.56
N ASN S 223 -56.77 -53.41 -38.39
CA ASN S 223 -56.97 -54.09 -37.11
C ASN S 223 -58.37 -53.76 -36.60
N ILE S 224 -59.33 -54.58 -37.01
CA ILE S 224 -60.72 -54.43 -36.60
C ILE S 224 -60.98 -55.40 -35.45
N VAL S 225 -61.20 -54.85 -34.25
CA VAL S 225 -61.49 -55.70 -33.09
C VAL S 225 -62.91 -56.23 -33.16
N ILE S 226 -63.85 -55.44 -33.67
CA ILE S 226 -65.25 -55.83 -33.73
C ILE S 226 -65.49 -56.74 -34.92
N ASP S 227 -66.64 -57.40 -34.95
CA ASP S 227 -67.03 -58.15 -36.13
C ASP S 227 -67.31 -57.19 -37.29
N PRO S 228 -66.95 -57.56 -38.51
CA PRO S 228 -67.10 -56.62 -39.64
C PRO S 228 -68.54 -56.20 -39.89
N ASN S 229 -69.52 -57.04 -39.56
CA ASN S 229 -70.91 -56.65 -39.76
C ASN S 229 -71.27 -55.42 -38.93
N GLU S 230 -70.77 -55.36 -37.69
CA GLU S 230 -70.94 -54.16 -36.89
C GLU S 230 -70.26 -52.96 -37.54
N ARG S 231 -69.13 -53.19 -38.22
CA ARG S 231 -68.47 -52.10 -38.92
C ARG S 231 -69.33 -51.55 -40.04
N LYS S 232 -69.93 -52.43 -40.85
CA LYS S 232 -70.85 -51.94 -41.88
C LYS S 232 -72.05 -51.24 -41.25
N ALA S 233 -72.57 -51.77 -40.15
CA ALA S 233 -73.72 -51.13 -39.50
C ALA S 233 -73.37 -49.72 -39.04
N ARG S 234 -72.21 -49.56 -38.40
CA ARG S 234 -71.78 -48.24 -37.93
C ARG S 234 -71.53 -47.30 -39.09
N ILE S 235 -70.91 -47.80 -40.17
CA ILE S 235 -70.64 -46.96 -41.33
C ILE S 235 -71.94 -46.48 -41.96
N GLU S 236 -72.91 -47.39 -42.11
CA GLU S 236 -74.19 -47.01 -42.69
C GLU S 236 -74.92 -46.00 -41.81
N SER S 237 -74.90 -46.22 -40.49
CA SER S 237 -75.54 -45.27 -39.58
C SER S 237 -74.88 -43.90 -39.66
N ALA S 238 -73.54 -43.86 -39.70
CA ALA S 238 -72.85 -42.57 -39.82
C ALA S 238 -73.19 -41.88 -41.14
N LEU S 239 -73.24 -42.65 -42.23
CA LEU S 239 -73.56 -42.06 -43.53
C LEU S 239 -74.98 -41.50 -43.55
N LYS S 240 -75.94 -42.22 -42.96
CA LYS S 240 -77.31 -41.74 -42.96
C LYS S 240 -77.60 -40.76 -41.83
N ALA S 241 -76.64 -40.52 -40.93
CA ALA S 241 -76.84 -39.56 -39.86
C ALA S 241 -76.93 -38.12 -40.36
N LEU S 242 -76.56 -37.85 -41.61
CA LEU S 242 -76.67 -36.51 -42.16
C LEU S 242 -78.06 -36.21 -42.70
N ILE S 243 -78.97 -37.18 -42.66
CA ILE S 243 -80.34 -36.92 -43.11
C ILE S 243 -81.00 -35.79 -42.33
N PRO S 244 -80.96 -35.74 -40.97
CA PRO S 244 -81.53 -34.61 -40.24
C PRO S 244 -80.60 -33.41 -40.15
N MET S 245 -79.98 -33.07 -41.26
CA MET S 245 -79.20 -31.84 -41.38
C MET S 245 -79.68 -30.95 -42.52
N LEU S 246 -79.95 -31.53 -43.68
CA LEU S 246 -80.43 -30.77 -44.82
C LEU S 246 -81.94 -30.71 -44.88
N SER S 247 -82.61 -30.88 -43.73
CA SER S 247 -84.06 -30.81 -43.63
C SER S 247 -84.57 -29.80 -42.62
N GLY S 248 -83.73 -29.35 -41.67
CA GLY S 248 -84.16 -28.40 -40.69
C GLY S 248 -84.10 -28.90 -39.26
N TYR S 249 -83.15 -29.79 -38.98
CA TYR S 249 -82.97 -30.36 -37.64
C TYR S 249 -81.61 -29.95 -37.09
N ILE S 250 -81.23 -28.69 -37.30
CA ILE S 250 -79.93 -28.17 -36.88
C ILE S 250 -80.16 -26.90 -36.07
N GLY S 251 -79.33 -26.71 -35.04
CA GLY S 251 -79.42 -25.55 -34.19
C GLY S 251 -80.34 -25.74 -33.01
N ALA S 252 -80.32 -24.77 -32.11
CA ALA S 252 -81.12 -24.79 -30.90
C ALA S 252 -82.49 -24.17 -31.14
N ASN S 253 -83.35 -24.30 -30.13
CA ASN S 253 -84.73 -23.80 -30.19
C ASN S 253 -85.47 -24.42 -31.38
N LEU S 254 -85.34 -25.74 -31.52
CA LEU S 254 -86.03 -26.45 -32.59
C LEU S 254 -87.53 -26.52 -32.36
N ALA S 255 -88.00 -26.24 -31.14
CA ALA S 255 -89.42 -26.34 -30.84
C ALA S 255 -90.20 -25.16 -31.39
N ARG S 256 -89.74 -23.95 -31.10
CA ARG S 256 -90.46 -22.74 -31.49
C ARG S 256 -90.01 -22.14 -32.81
N SER S 257 -88.75 -22.33 -33.19
CA SER S 257 -88.25 -21.74 -34.43
C SER S 257 -88.45 -22.66 -35.63
N PHE S 258 -87.81 -23.84 -35.61
CA PHE S 258 -87.81 -24.78 -36.73
C PHE S 258 -87.40 -24.03 -38.01
N PRO S 259 -86.11 -23.77 -38.19
CA PRO S 259 -85.68 -22.89 -39.28
C PRO S 259 -86.13 -23.38 -40.64
N VAL S 260 -86.48 -22.42 -41.50
CA VAL S 260 -86.90 -22.70 -42.88
C VAL S 260 -85.67 -23.15 -43.65
N PHE S 261 -85.63 -24.43 -44.02
CA PHE S 261 -84.41 -25.06 -44.50
C PHE S 261 -84.58 -25.55 -45.93
N LYS S 262 -83.53 -25.34 -46.74
CA LYS S 262 -83.42 -25.92 -48.07
C LYS S 262 -81.97 -25.85 -48.51
N VAL S 263 -81.64 -26.65 -49.52
CA VAL S 263 -80.28 -26.72 -50.05
C VAL S 263 -80.28 -25.99 -51.41
N GLU S 264 -79.55 -24.87 -51.49
CA GLU S 264 -79.40 -24.20 -52.76
C GLU S 264 -78.54 -24.99 -53.73
N GLU S 265 -77.37 -25.45 -53.28
CA GLU S 265 -76.58 -26.36 -54.09
C GLU S 265 -75.59 -27.10 -53.19
N LEU S 266 -75.05 -28.21 -53.73
CA LEU S 266 -74.10 -29.01 -52.97
C LEU S 266 -73.22 -29.82 -53.91
N VAL S 267 -72.03 -30.16 -53.43
CA VAL S 267 -71.06 -30.98 -54.16
C VAL S 267 -70.47 -31.99 -53.19
N ALA S 268 -70.41 -33.26 -53.60
CA ALA S 268 -69.90 -34.35 -52.80
C ALA S 268 -68.81 -35.11 -53.54
N ILE S 269 -67.79 -35.53 -52.79
CA ILE S 269 -66.78 -36.45 -53.27
C ILE S 269 -66.63 -37.58 -52.26
N ALA S 270 -66.70 -38.82 -52.72
CA ALA S 270 -66.69 -39.98 -51.85
C ALA S 270 -65.33 -40.66 -51.78
N SER S 271 -64.81 -41.09 -52.93
CA SER S 271 -63.50 -41.74 -53.03
C SER S 271 -63.39 -42.98 -52.14
N GLU S 272 -62.19 -43.53 -52.03
CA GLU S 272 -61.91 -44.67 -51.17
C GLU S 272 -60.75 -44.42 -50.23
N GLY S 273 -59.71 -43.71 -50.69
CA GLY S 273 -58.56 -43.42 -49.86
C GLY S 273 -58.49 -41.96 -49.47
N PRO S 274 -57.34 -41.53 -48.96
CA PRO S 274 -57.18 -40.13 -48.59
C PRO S 274 -57.30 -39.21 -49.80
N ILE S 275 -57.99 -38.09 -49.61
CA ILE S 275 -58.21 -37.12 -50.68
C ILE S 275 -58.11 -35.72 -50.12
N PRO S 276 -57.78 -34.74 -50.98
CA PRO S 276 -57.73 -33.34 -50.51
C PRO S 276 -59.10 -32.88 -50.01
N ALA S 277 -59.07 -32.04 -48.98
CA ALA S 277 -60.30 -31.56 -48.38
C ALA S 277 -61.07 -30.66 -49.35
N LEU S 278 -62.37 -30.84 -49.39
CA LEU S 278 -63.22 -30.04 -50.26
C LEU S 278 -63.34 -28.63 -49.71
N VAL S 279 -63.09 -27.63 -50.56
CA VAL S 279 -63.02 -26.25 -50.08
C VAL S 279 -64.40 -25.76 -49.66
N HIS S 280 -64.41 -24.76 -48.79
CA HIS S 280 -65.65 -24.31 -48.17
C HIS S 280 -66.49 -23.48 -49.15
N GLY S 281 -67.81 -23.56 -48.97
CA GLY S 281 -68.76 -22.80 -49.76
C GLY S 281 -68.95 -21.37 -49.33
N PHE S 282 -68.26 -20.93 -48.27
CA PHE S 282 -68.35 -19.54 -47.85
C PHE S 282 -67.86 -18.60 -48.95
N TYR S 283 -66.76 -18.96 -49.60
CA TYR S 283 -66.24 -18.17 -50.69
C TYR S 283 -67.18 -18.21 -51.89
N GLU S 284 -67.30 -17.08 -52.58
CA GLU S 284 -68.21 -16.99 -53.72
C GLU S 284 -67.73 -17.82 -54.91
N ASP S 285 -66.44 -18.14 -54.96
CA ASP S 285 -65.84 -18.78 -56.13
C ASP S 285 -65.36 -20.20 -55.84
N TYR S 286 -66.07 -20.95 -55.00
CA TYR S 286 -65.59 -22.29 -54.67
C TYR S 286 -65.85 -23.30 -55.77
N ILE S 287 -66.70 -22.97 -56.76
CA ILE S 287 -67.13 -23.97 -57.72
C ILE S 287 -66.00 -24.33 -58.68
N GLU S 288 -65.30 -23.33 -59.23
CA GLU S 288 -64.20 -23.64 -60.15
C GLU S 288 -63.03 -24.25 -59.39
N ALA S 289 -62.83 -23.83 -58.14
CA ALA S 289 -61.82 -24.48 -57.31
C ALA S 289 -62.18 -25.96 -57.11
N ASN S 290 -63.45 -26.26 -56.87
CA ASN S 290 -63.88 -27.63 -56.67
C ASN S 290 -63.64 -28.47 -57.92
N ARG S 291 -64.04 -27.95 -59.08
CA ARG S 291 -63.87 -28.71 -60.32
C ARG S 291 -62.39 -28.89 -60.64
N SER S 292 -61.56 -27.86 -60.40
CA SER S 292 -60.13 -28.00 -60.62
C SER S 292 -59.52 -29.05 -59.69
N ILE S 293 -59.90 -29.05 -58.41
CA ILE S 293 -59.35 -30.01 -57.48
C ILE S 293 -59.75 -31.43 -57.84
N ILE S 294 -61.02 -31.64 -58.20
CA ILE S 294 -61.46 -33.00 -58.53
C ILE S 294 -60.82 -33.46 -59.84
N LYS S 295 -60.68 -32.55 -60.82
CA LYS S 295 -60.03 -32.93 -62.07
C LYS S 295 -58.57 -33.31 -61.86
N ASN S 296 -57.85 -32.51 -61.07
CA ASN S 296 -56.45 -32.82 -60.82
C ASN S 296 -56.29 -34.07 -59.97
N ALA S 297 -57.19 -34.30 -59.02
CA ALA S 297 -57.14 -35.53 -58.24
C ALA S 297 -57.38 -36.75 -59.12
N ARG S 298 -58.32 -36.65 -60.06
CA ARG S 298 -58.52 -37.74 -61.01
C ARG S 298 -57.30 -37.92 -61.89
N ALA S 299 -56.64 -36.82 -62.27
CA ALA S 299 -55.41 -36.92 -63.06
C ALA S 299 -54.32 -37.64 -62.29
N LEU S 300 -54.18 -37.36 -60.99
CA LEU S 300 -53.18 -38.04 -60.18
C LEU S 300 -53.46 -39.54 -60.08
N GLY S 301 -54.73 -39.94 -60.15
CA GLY S 301 -55.07 -41.34 -60.08
C GLY S 301 -55.90 -41.70 -58.87
N PHE S 302 -56.72 -40.75 -58.40
CA PHE S 302 -57.60 -40.98 -57.26
C PHE S 302 -58.96 -41.43 -57.78
N ASN S 303 -59.42 -42.58 -57.31
CA ASN S 303 -60.72 -43.13 -57.70
C ASN S 303 -61.81 -42.44 -56.88
N ILE S 304 -62.12 -41.22 -57.28
CA ILE S 304 -63.08 -40.37 -56.57
C ILE S 304 -64.40 -40.39 -57.34
N GLU S 305 -65.50 -40.52 -56.59
CA GLU S 305 -66.84 -40.42 -57.15
C GLU S 305 -67.41 -39.05 -56.81
N VAL S 306 -67.84 -38.32 -57.83
CA VAL S 306 -68.28 -36.94 -57.68
C VAL S 306 -69.78 -36.87 -57.92
N PHE S 307 -70.49 -36.22 -57.00
CA PHE S 307 -71.93 -36.01 -57.11
C PHE S 307 -72.22 -34.51 -56.98
N THR S 308 -73.17 -34.02 -57.76
CA THR S 308 -73.49 -32.61 -57.79
C THR S 308 -74.99 -32.39 -57.70
N TYR S 309 -75.36 -31.28 -57.06
CA TYR S 309 -76.74 -30.83 -56.99
C TYR S 309 -76.77 -29.33 -57.20
N ASN S 310 -77.47 -28.90 -58.26
CA ASN S 310 -77.63 -27.50 -58.66
C ASN S 310 -76.31 -26.86 -59.02
N VAL S 311 -75.31 -27.65 -59.41
CA VAL S 311 -74.03 -27.16 -59.89
C VAL S 311 -73.70 -27.87 -61.20
N ASP S 312 -73.38 -27.10 -62.23
CA ASP S 312 -73.01 -27.70 -63.52
C ASP S 312 -71.74 -28.53 -63.40
N LEU S 313 -70.73 -27.99 -62.71
CA LEU S 313 -69.46 -28.69 -62.46
C LEU S 313 -68.84 -29.16 -63.78
N GLY S 314 -68.94 -28.32 -64.81
CA GLY S 314 -68.40 -28.67 -66.10
C GLY S 314 -69.20 -29.76 -66.79
N GLU S 315 -68.60 -30.30 -67.85
CA GLU S 315 -69.24 -31.36 -68.63
C GLU S 315 -68.30 -32.53 -68.82
N ASP S 316 -66.99 -32.26 -68.88
CA ASP S 316 -66.02 -33.32 -69.10
C ASP S 316 -65.90 -34.24 -67.89
N ILE S 317 -66.02 -33.67 -66.69
CA ILE S 317 -65.87 -34.47 -65.48
C ILE S 317 -67.09 -35.36 -65.29
N GLU S 318 -66.85 -36.65 -65.07
CA GLU S 318 -67.94 -37.61 -64.86
C GLU S 318 -68.52 -37.39 -63.47
N ALA S 319 -69.68 -36.74 -63.41
CA ALA S 319 -70.36 -36.47 -62.16
C ALA S 319 -71.80 -36.93 -62.25
N THR S 320 -72.30 -37.53 -61.17
CA THR S 320 -73.66 -38.01 -61.11
C THR S 320 -74.56 -36.89 -60.59
N LYS S 321 -75.54 -36.50 -61.40
CA LYS S 321 -76.48 -35.43 -61.02
C LYS S 321 -77.52 -36.04 -60.08
N VAL S 322 -77.32 -35.81 -58.79
CA VAL S 322 -78.22 -36.38 -57.79
C VAL S 322 -79.56 -35.65 -57.82
N SER S 323 -80.55 -36.25 -57.14
CA SER S 323 -81.90 -35.72 -57.13
C SER S 323 -82.33 -35.14 -55.79
N SER S 324 -81.86 -35.68 -54.68
CA SER S 324 -82.15 -35.12 -53.37
C SER S 324 -81.00 -35.46 -52.43
N VAL S 325 -81.22 -35.30 -51.13
CA VAL S 325 -80.18 -35.53 -50.13
C VAL S 325 -80.13 -36.98 -49.70
N GLU S 326 -81.30 -37.56 -49.43
CA GLU S 326 -81.36 -38.95 -48.94
C GLU S 326 -80.95 -39.96 -50.01
N GLU S 327 -81.38 -39.76 -51.26
CA GLU S 327 -80.91 -40.64 -52.32
C GLU S 327 -79.43 -40.47 -52.56
N LEU S 328 -78.88 -39.29 -52.23
CA LEU S 328 -77.42 -39.14 -52.25
C LEU S 328 -76.78 -40.04 -51.21
N VAL S 329 -77.40 -40.17 -50.03
CA VAL S 329 -76.94 -41.13 -49.04
C VAL S 329 -77.02 -42.55 -49.58
N ALA S 330 -78.09 -42.84 -50.34
CA ALA S 330 -78.20 -44.16 -50.96
C ALA S 330 -77.06 -44.40 -51.94
N ASN S 331 -76.71 -43.38 -52.72
CA ASN S 331 -75.57 -43.50 -53.63
C ASN S 331 -74.28 -43.75 -52.86
N LEU S 332 -74.10 -43.06 -51.74
CA LEU S 332 -72.91 -43.27 -50.93
C LEU S 332 -72.87 -44.68 -50.37
N VAL S 333 -74.04 -45.24 -50.02
CA VAL S 333 -74.06 -46.51 -49.30
C VAL S 333 -74.19 -47.75 -50.18
N LYS S 334 -74.47 -47.61 -51.49
CA LYS S 334 -74.44 -48.83 -52.30
C LYS S 334 -73.04 -49.41 -52.38
N MET S 335 -72.03 -48.54 -52.47
CA MET S 335 -70.64 -48.99 -52.57
C MET S 335 -70.01 -49.27 -51.21
N VAL S 336 -70.72 -48.99 -50.12
CA VAL S 336 -70.27 -49.18 -48.73
C VAL S 336 -68.76 -48.97 -48.55
N MET U 1 -95.05 -42.52 -35.16
CA MET U 1 -96.14 -41.62 -35.50
C MET U 1 -95.66 -40.17 -35.57
N TYR U 2 -94.95 -39.84 -36.65
CA TYR U 2 -94.40 -38.51 -36.86
C TYR U 2 -95.17 -37.85 -38.00
N VAL U 3 -95.73 -36.67 -37.74
CA VAL U 3 -96.60 -35.99 -38.70
C VAL U 3 -95.84 -34.82 -39.31
N ARG U 4 -95.80 -34.77 -40.64
CA ARG U 4 -95.14 -33.72 -41.40
C ARG U 4 -96.16 -33.09 -42.34
N ILE U 5 -96.62 -31.88 -42.02
CA ILE U 5 -97.62 -31.16 -42.81
C ILE U 5 -97.06 -29.79 -43.18
N SER U 6 -97.26 -29.39 -44.44
CA SER U 6 -96.81 -28.07 -44.88
C SER U 6 -97.60 -27.64 -46.11
N GLY U 7 -97.73 -26.32 -46.28
CA GLY U 7 -98.35 -25.81 -47.49
C GLY U 7 -98.64 -24.33 -47.40
N ARG U 8 -99.51 -23.87 -48.29
CA ARG U 8 -99.97 -22.49 -48.33
C ARG U 8 -101.37 -22.37 -47.74
N ILE U 9 -101.59 -21.26 -47.04
CA ILE U 9 -102.90 -20.85 -46.54
C ILE U 9 -103.03 -19.34 -46.71
N ARG U 10 -104.20 -18.89 -47.15
CA ARG U 10 -104.45 -17.48 -47.42
C ARG U 10 -105.09 -16.82 -46.20
N LEU U 11 -104.47 -15.73 -45.73
CA LEU U 11 -104.99 -14.95 -44.61
C LEU U 11 -105.07 -13.49 -45.07
N ASN U 12 -106.29 -12.95 -45.15
CA ASN U 12 -106.51 -11.61 -45.66
C ASN U 12 -107.10 -10.72 -44.58
N ALA U 13 -106.68 -9.45 -44.59
CA ALA U 13 -107.17 -8.43 -43.65
C ALA U 13 -107.06 -8.94 -42.21
N HIS U 14 -105.84 -9.30 -41.82
CA HIS U 14 -105.60 -9.97 -40.57
C HIS U 14 -104.60 -9.19 -39.73
N SER U 15 -104.67 -9.37 -38.42
CA SER U 15 -103.80 -8.72 -37.46
C SER U 15 -103.23 -9.74 -36.48
N LEU U 16 -102.79 -10.87 -37.01
CA LEU U 16 -102.15 -11.89 -36.20
C LEU U 16 -100.83 -11.36 -35.65
N ASN U 17 -100.49 -11.80 -34.44
CA ASN U 17 -99.18 -11.58 -33.84
C ASN U 17 -98.88 -10.08 -33.67
N ALA U 18 -99.73 -9.42 -32.89
CA ALA U 18 -99.52 -8.02 -32.58
C ALA U 18 -98.31 -7.85 -31.67
N GLN U 19 -97.58 -6.75 -31.88
CA GLN U 19 -96.39 -6.46 -31.10
C GLN U 19 -96.72 -5.88 -29.73
N GLY U 20 -97.91 -5.35 -29.54
CA GLY U 20 -98.27 -4.70 -28.28
C GLY U 20 -98.14 -3.19 -28.24
N GLY U 21 -97.01 -2.65 -28.70
CA GLY U 21 -96.82 -1.22 -28.75
C GLY U 21 -96.46 -0.57 -27.44
N GLY U 22 -96.16 -1.35 -26.42
CA GLY U 22 -95.80 -0.79 -25.12
C GLY U 22 -96.93 -0.06 -24.42
N GLY U 23 -98.15 -0.53 -24.55
CA GLY U 23 -99.28 0.05 -23.83
C GLY U 23 -99.62 1.47 -24.23
N THR U 24 -99.65 1.75 -25.53
CA THR U 24 -100.02 3.07 -26.04
C THR U 24 -101.14 2.91 -27.06
N ASN U 25 -101.59 4.04 -27.61
CA ASN U 25 -102.67 4.01 -28.59
C ASN U 25 -102.27 3.33 -29.89
N TYR U 26 -100.98 3.30 -30.21
CA TYR U 26 -100.49 2.70 -31.44
C TYR U 26 -99.98 1.29 -31.16
N ILE U 27 -100.69 0.29 -31.64
CA ILE U 27 -100.30 -1.10 -31.54
C ILE U 27 -100.17 -1.67 -32.95
N GLU U 28 -99.04 -2.31 -33.24
CA GLU U 28 -98.72 -2.80 -34.56
C GLU U 28 -98.32 -4.27 -34.51
N ILE U 29 -98.04 -4.83 -35.68
CA ILE U 29 -97.68 -6.24 -35.84
C ILE U 29 -96.16 -6.36 -35.89
N THR U 30 -95.64 -7.45 -35.33
CA THR U 30 -94.21 -7.70 -35.37
C THR U 30 -93.76 -7.93 -36.81
N LYS U 31 -92.60 -7.39 -37.15
CA LYS U 31 -92.06 -7.46 -38.50
C LYS U 31 -90.73 -8.20 -38.48
N THR U 32 -90.43 -8.92 -39.56
CA THR U 32 -89.17 -9.63 -39.69
C THR U 32 -88.63 -9.40 -41.10
N LYS U 33 -87.32 -9.54 -41.22
CA LYS U 33 -86.62 -9.37 -42.49
C LYS U 33 -86.22 -10.73 -43.03
N VAL U 34 -86.46 -10.95 -44.31
CA VAL U 34 -86.22 -12.24 -44.96
C VAL U 34 -85.53 -11.99 -46.30
N THR U 35 -84.62 -12.88 -46.67
CA THR U 35 -83.85 -12.76 -47.90
C THR U 35 -84.59 -13.45 -49.05
N VAL U 36 -84.62 -12.79 -50.21
CA VAL U 36 -85.28 -13.29 -51.40
C VAL U 36 -84.34 -13.12 -52.59
N ARG U 37 -84.39 -14.07 -53.52
CA ARG U 37 -83.44 -14.10 -54.63
C ARG U 37 -83.63 -12.92 -55.57
N THR U 38 -84.87 -12.72 -56.04
CA THR U 38 -85.25 -11.70 -57.02
C THR U 38 -84.48 -11.81 -58.33
N GLU U 39 -83.76 -12.90 -58.56
CA GLU U 39 -83.08 -13.22 -59.82
C GLU U 39 -81.92 -12.27 -60.12
N ASN U 40 -81.72 -11.24 -59.30
CA ASN U 40 -80.63 -10.28 -59.54
C ASN U 40 -79.82 -10.04 -58.27
N GLY U 41 -79.53 -11.09 -57.53
CA GLY U 41 -78.83 -10.94 -56.26
C GLY U 41 -79.78 -10.95 -55.09
N TRP U 42 -79.48 -11.75 -54.07
CA TRP U 42 -80.36 -11.86 -52.91
C TRP U 42 -80.45 -10.52 -52.19
N THR U 43 -81.68 -10.11 -51.86
CA THR U 43 -81.94 -8.87 -51.16
C THR U 43 -82.86 -9.14 -49.99
N VAL U 44 -82.73 -8.30 -48.96
CA VAL U 44 -83.48 -8.46 -47.72
C VAL U 44 -84.71 -7.57 -47.77
N VAL U 45 -85.87 -8.13 -47.48
CA VAL U 45 -87.13 -7.40 -47.48
C VAL U 45 -87.84 -7.63 -46.15
N GLU U 46 -88.46 -6.58 -45.63
CA GLU U 46 -89.18 -6.65 -44.36
C GLU U 46 -90.66 -6.92 -44.61
N VAL U 47 -91.26 -7.65 -43.68
CA VAL U 47 -92.65 -8.06 -43.81
C VAL U 47 -93.17 -8.53 -42.46
N PRO U 48 -94.43 -8.27 -42.11
CA PRO U 48 -95.01 -8.88 -40.91
C PRO U 48 -95.03 -10.40 -41.02
N ALA U 49 -94.78 -11.07 -39.91
CA ALA U 49 -94.72 -12.53 -39.86
C ALA U 49 -95.34 -13.03 -38.55
N ILE U 50 -95.24 -14.33 -38.35
CA ILE U 50 -95.88 -15.00 -37.21
C ILE U 50 -94.82 -15.82 -36.49
N THR U 51 -94.67 -15.58 -35.19
CA THR U 51 -93.78 -16.40 -34.38
C THR U 51 -94.46 -17.72 -34.04
N GLY U 52 -93.65 -18.79 -33.97
CA GLY U 52 -94.16 -20.12 -33.71
C GLY U 52 -94.45 -20.44 -32.27
N ASN U 53 -94.06 -19.56 -31.33
CA ASN U 53 -94.32 -19.86 -29.92
C ASN U 53 -95.81 -19.89 -29.64
N MET U 54 -96.58 -18.97 -30.24
CA MET U 54 -98.03 -19.08 -30.11
C MET U 54 -98.62 -20.19 -30.98
N LEU U 55 -97.92 -20.63 -32.03
CA LEU U 55 -98.33 -21.86 -32.69
C LEU U 55 -98.28 -23.04 -31.73
N LYS U 56 -97.20 -23.15 -30.96
CA LYS U 56 -97.12 -24.15 -29.91
C LYS U 56 -98.18 -23.92 -28.84
N HIS U 57 -98.39 -22.65 -28.46
CA HIS U 57 -99.38 -22.30 -27.46
C HIS U 57 -100.78 -22.79 -27.84
N TRP U 58 -101.21 -22.53 -29.07
CA TRP U 58 -102.55 -22.90 -29.46
C TRP U 58 -102.66 -24.35 -29.94
N HIS U 59 -101.57 -24.99 -30.36
CA HIS U 59 -101.62 -26.44 -30.45
C HIS U 59 -101.81 -27.06 -29.08
N PHE U 60 -101.19 -26.46 -28.05
CA PHE U 60 -101.41 -26.87 -26.67
C PHE U 60 -102.88 -26.70 -26.26
N VAL U 61 -103.46 -25.54 -26.56
CA VAL U 61 -104.84 -25.32 -26.13
C VAL U 61 -105.79 -26.24 -26.88
N GLY U 62 -105.51 -26.50 -28.17
CA GLY U 62 -106.30 -27.49 -28.90
C GLY U 62 -106.15 -28.88 -28.32
N PHE U 63 -104.93 -29.24 -27.91
CA PHE U 63 -104.69 -30.51 -27.24
C PHE U 63 -105.56 -30.66 -26.00
N VAL U 64 -105.53 -29.65 -25.13
CA VAL U 64 -106.30 -29.75 -23.89
C VAL U 64 -107.80 -29.72 -24.18
N ASP U 65 -108.23 -28.92 -25.16
CA ASP U 65 -109.65 -28.82 -25.49
C ASP U 65 -110.19 -30.13 -26.03
N TYR U 66 -109.46 -30.77 -26.92
CA TYR U 66 -109.91 -32.02 -27.52
C TYR U 66 -109.54 -33.24 -26.68
N PHE U 67 -108.79 -33.07 -25.60
CA PHE U 67 -108.46 -34.22 -24.78
C PHE U 67 -109.20 -34.25 -23.44
N LYS U 68 -109.69 -33.11 -22.93
CA LYS U 68 -110.48 -33.21 -21.71
C LYS U 68 -111.79 -33.93 -21.97
N THR U 69 -112.27 -33.91 -23.22
CA THR U 69 -113.48 -34.65 -23.56
C THR U 69 -113.28 -36.15 -23.40
N THR U 70 -112.05 -36.63 -23.54
CA THR U 70 -111.77 -38.03 -23.33
C THR U 70 -112.00 -38.40 -21.87
N PRO U 71 -112.40 -39.64 -21.58
CA PRO U 71 -112.56 -40.04 -20.16
C PRO U 71 -111.29 -39.94 -19.35
N TYR U 72 -110.12 -40.09 -19.98
CA TYR U 72 -108.84 -39.99 -19.30
C TYR U 72 -108.37 -38.55 -19.13
N GLY U 73 -109.25 -37.57 -19.31
CA GLY U 73 -108.92 -36.16 -19.26
C GLY U 73 -108.76 -35.59 -17.87
N VAL U 74 -108.87 -36.41 -16.83
CA VAL U 74 -108.66 -35.92 -15.47
C VAL U 74 -107.19 -35.57 -15.24
N ASN U 75 -106.29 -36.16 -16.03
CA ASN U 75 -104.86 -36.01 -15.83
C ASN U 75 -104.33 -34.70 -16.41
N LEU U 76 -104.62 -33.58 -15.75
CA LEU U 76 -104.16 -32.27 -16.19
C LEU U 76 -103.65 -31.48 -14.99
N THR U 77 -102.83 -30.48 -15.27
CA THR U 77 -102.56 -29.45 -14.28
C THR U 77 -103.66 -28.40 -14.33
N GLU U 78 -103.78 -27.61 -13.25
CA GLU U 78 -104.82 -26.60 -13.21
C GLU U 78 -104.58 -25.50 -14.23
N ARG U 79 -103.32 -25.29 -14.63
CA ARG U 79 -103.00 -24.22 -15.56
C ARG U 79 -103.56 -24.49 -16.95
N ALA U 80 -103.62 -25.76 -17.36
CA ALA U 80 -104.12 -26.09 -18.69
C ALA U 80 -105.59 -25.74 -18.84
N LEU U 81 -106.34 -25.75 -17.74
CA LEU U 81 -107.75 -25.34 -17.79
C LEU U 81 -107.88 -23.88 -18.19
N ARG U 82 -106.97 -23.03 -17.70
CA ARG U 82 -106.98 -21.61 -18.02
C ARG U 82 -106.37 -21.31 -19.39
N TYR U 83 -105.92 -22.33 -20.12
CA TYR U 83 -105.30 -22.16 -21.43
C TYR U 83 -104.07 -21.26 -21.34
N ASN U 84 -103.23 -21.52 -20.35
CA ASN U 84 -102.02 -20.76 -20.12
C ASN U 84 -100.82 -21.58 -20.57
N GLY U 85 -99.97 -20.98 -21.40
CA GLY U 85 -98.84 -21.69 -21.95
C GLY U 85 -97.71 -21.92 -20.97
N THR U 86 -97.65 -21.13 -19.91
CA THR U 86 -96.64 -21.35 -18.87
C THR U 86 -96.87 -22.71 -18.21
N ARG U 87 -95.79 -23.36 -17.82
CA ARG U 87 -95.85 -24.69 -17.25
C ARG U 87 -95.38 -24.74 -15.81
N PHE U 88 -94.19 -24.20 -15.52
CA PHE U 88 -93.67 -24.19 -14.16
C PHE U 88 -92.83 -22.95 -13.95
N GLY U 89 -93.02 -22.29 -12.80
CA GLY U 89 -92.25 -21.13 -12.44
C GLY U 89 -90.99 -21.49 -11.67
N GLN U 90 -90.20 -20.47 -11.37
CA GLN U 90 -88.96 -20.68 -10.62
C GLN U 90 -89.24 -21.18 -9.21
N GLY U 91 -90.25 -20.62 -8.55
CA GLY U 91 -90.62 -21.01 -7.21
C GLY U 91 -91.64 -22.11 -7.09
N GLU U 92 -92.02 -22.74 -8.21
CA GLU U 92 -93.02 -23.79 -8.20
C GLU U 92 -92.35 -25.13 -7.87
N THR U 93 -92.39 -25.52 -6.60
CA THR U 93 -91.80 -26.76 -6.15
C THR U 93 -92.75 -27.96 -6.26
N THR U 94 -94.03 -27.72 -6.54
CA THR U 94 -94.99 -28.79 -6.68
C THR U 94 -96.09 -28.35 -7.64
N ALA U 95 -96.77 -29.33 -8.21
CA ALA U 95 -97.85 -29.09 -9.17
C ALA U 95 -99.18 -29.54 -8.57
N THR U 96 -100.21 -28.73 -8.78
CA THR U 96 -101.54 -29.00 -8.26
C THR U 96 -102.37 -29.68 -9.35
N LYS U 97 -102.97 -30.81 -9.00
CA LYS U 97 -103.73 -31.61 -9.96
C LYS U 97 -105.06 -30.93 -10.27
N ALA U 98 -105.64 -31.32 -11.41
CA ALA U 98 -106.93 -30.78 -11.82
C ALA U 98 -108.03 -31.13 -10.82
N ASN U 99 -107.95 -32.30 -10.20
CA ASN U 99 -108.93 -32.71 -9.20
C ASN U 99 -108.58 -32.25 -7.80
N GLY U 100 -107.46 -31.54 -7.63
CA GLY U 100 -107.05 -31.03 -6.33
C GLY U 100 -105.92 -31.78 -5.67
N ALA U 101 -105.39 -32.83 -6.30
CA ALA U 101 -104.28 -33.56 -5.72
C ALA U 101 -102.98 -32.79 -5.92
N THR U 102 -101.91 -33.26 -5.25
CA THR U 102 -100.61 -32.64 -5.32
C THR U 102 -99.58 -33.67 -5.78
N VAL U 103 -98.66 -33.23 -6.64
CA VAL U 103 -97.57 -34.06 -7.12
C VAL U 103 -96.26 -33.28 -7.00
N GLN U 104 -95.16 -34.01 -6.95
CA GLN U 104 -93.85 -33.40 -6.78
C GLN U 104 -93.19 -33.18 -8.14
N LEU U 105 -91.95 -32.70 -8.13
CA LEU U 105 -91.22 -32.45 -9.37
C LEU U 105 -89.95 -33.30 -9.43
N ASN U 106 -90.07 -34.59 -9.09
CA ASN U 106 -88.97 -35.52 -9.18
C ASN U 106 -89.51 -36.84 -9.73
N ASP U 107 -88.59 -37.71 -10.14
CA ASP U 107 -88.93 -39.02 -10.71
C ASP U 107 -89.82 -38.84 -11.93
N GLU U 108 -89.21 -38.28 -12.98
CA GLU U 108 -89.87 -37.91 -14.23
C GLU U 108 -90.84 -38.96 -14.74
N ALA U 109 -90.60 -40.23 -14.41
CA ALA U 109 -91.55 -41.28 -14.75
C ALA U 109 -92.94 -40.95 -14.24
N THR U 110 -93.05 -40.58 -12.95
CA THR U 110 -94.34 -40.17 -12.42
C THR U 110 -94.85 -38.89 -13.08
N ILE U 111 -93.96 -37.92 -13.31
CA ILE U 111 -94.37 -36.63 -13.87
C ILE U 111 -95.00 -36.83 -15.24
N ILE U 112 -94.56 -37.85 -15.97
CA ILE U 112 -95.20 -38.16 -17.24
C ILE U 112 -96.33 -39.17 -17.09
N LYS U 113 -96.40 -39.88 -15.95
CA LYS U 113 -97.52 -40.79 -15.71
C LYS U 113 -98.80 -40.03 -15.41
N GLU U 114 -98.81 -39.26 -14.32
CA GLU U 114 -100.05 -38.58 -13.95
C GLU U 114 -100.27 -37.26 -14.68
N LEU U 115 -99.26 -36.72 -15.36
CA LEU U 115 -99.45 -35.52 -16.18
C LEU U 115 -99.27 -35.89 -17.64
N ALA U 116 -100.18 -35.39 -18.48
CA ALA U 116 -100.16 -35.65 -19.91
C ALA U 116 -99.75 -34.44 -20.73
N ASP U 117 -100.16 -33.23 -20.32
CA ASP U 117 -99.83 -32.03 -21.08
C ASP U 117 -98.34 -31.75 -21.05
N ALA U 118 -97.74 -31.77 -19.86
CA ALA U 118 -96.29 -31.60 -19.76
C ALA U 118 -95.55 -32.77 -20.39
N ASP U 119 -96.17 -33.95 -20.40
CA ASP U 119 -95.55 -35.10 -21.06
C ASP U 119 -95.42 -34.87 -22.57
N VAL U 120 -96.44 -34.28 -23.18
CA VAL U 120 -96.43 -34.07 -24.63
C VAL U 120 -95.80 -32.73 -25.04
N HIS U 121 -95.61 -31.82 -24.09
CA HIS U 121 -95.07 -30.50 -24.41
C HIS U 121 -93.78 -30.15 -23.69
N GLY U 122 -93.25 -31.05 -22.85
CA GLY U 122 -92.07 -30.73 -22.08
C GLY U 122 -92.41 -29.86 -20.90
N PHE U 123 -91.39 -29.59 -20.08
CA PHE U 123 -91.53 -28.76 -18.88
C PHE U 123 -90.14 -28.47 -18.33
N LEU U 124 -90.11 -27.75 -17.21
CA LEU U 124 -88.86 -27.41 -16.54
C LEU U 124 -89.15 -26.95 -15.12
N ALA U 125 -88.50 -27.56 -14.15
CA ALA U 125 -88.49 -27.05 -12.79
C ALA U 125 -87.08 -26.60 -12.45
N PRO U 126 -86.80 -25.30 -12.45
CA PRO U 126 -85.41 -24.83 -12.29
C PRO U 126 -84.76 -25.28 -11.00
N LYS U 127 -85.52 -25.41 -9.91
CA LYS U 127 -84.92 -25.78 -8.63
C LYS U 127 -84.36 -27.21 -8.66
N THR U 128 -85.06 -28.13 -9.32
CA THR U 128 -84.59 -29.51 -9.39
C THR U 128 -84.00 -29.89 -10.73
N GLY U 129 -84.27 -29.11 -11.79
CA GLY U 129 -83.66 -29.35 -13.07
C GLY U 129 -84.31 -30.41 -13.94
N ARG U 130 -85.53 -30.84 -13.61
CA ARG U 130 -86.21 -31.81 -14.45
C ARG U 130 -86.45 -31.23 -15.84
N ARG U 131 -86.13 -32.01 -16.87
CA ARG U 131 -86.21 -31.53 -18.25
C ARG U 131 -86.91 -32.55 -19.13
N ARG U 132 -87.71 -32.05 -20.06
CA ARG U 132 -88.31 -32.85 -21.11
C ARG U 132 -88.39 -32.01 -22.39
N VAL U 133 -87.90 -32.57 -23.49
CA VAL U 133 -88.01 -31.90 -24.77
C VAL U 133 -89.45 -31.93 -25.24
N SER U 134 -89.90 -30.82 -25.84
CA SER U 134 -91.25 -30.76 -26.37
C SER U 134 -91.41 -31.76 -27.50
N LEU U 135 -92.48 -32.54 -27.45
CA LEU U 135 -92.73 -33.55 -28.48
C LEU U 135 -93.28 -32.96 -29.76
N VAL U 136 -93.63 -31.66 -29.77
CA VAL U 136 -94.11 -30.97 -30.94
C VAL U 136 -93.22 -29.75 -31.17
N LYS U 137 -92.91 -29.49 -32.44
CA LYS U 137 -92.09 -28.34 -32.82
C LYS U 137 -92.87 -27.47 -33.79
N ALA U 138 -92.66 -26.16 -33.69
CA ALA U 138 -93.45 -25.18 -34.42
C ALA U 138 -92.59 -24.46 -35.44
N SER U 139 -93.12 -24.32 -36.65
CA SER U 139 -92.47 -23.58 -37.72
C SER U 139 -93.01 -22.16 -37.76
N PHE U 140 -92.19 -21.25 -38.26
CA PHE U 140 -92.62 -19.87 -38.43
C PHE U 140 -93.48 -19.74 -39.69
N ILE U 141 -94.50 -18.90 -39.60
CA ILE U 141 -95.43 -18.68 -40.70
C ILE U 141 -94.98 -17.44 -41.44
N LEU U 142 -94.58 -17.61 -42.70
CA LEU U 142 -94.01 -16.54 -43.50
C LEU U 142 -94.76 -16.40 -44.82
N PRO U 143 -94.82 -15.20 -45.38
CA PRO U 143 -95.44 -15.04 -46.70
C PRO U 143 -94.59 -15.69 -47.78
N THR U 144 -95.27 -16.36 -48.72
CA THR U 144 -94.55 -17.11 -49.74
C THR U 144 -93.80 -16.18 -50.68
N GLU U 145 -92.50 -16.46 -50.86
CA GLU U 145 -91.62 -15.54 -51.58
C GLU U 145 -92.07 -15.30 -53.01
N ASP U 146 -92.81 -16.26 -53.60
CA ASP U 146 -93.32 -16.07 -54.96
C ASP U 146 -94.29 -14.91 -55.04
N PHE U 147 -94.80 -14.43 -53.91
CA PHE U 147 -95.71 -13.29 -53.90
C PHE U 147 -95.01 -12.00 -53.52
N ILE U 148 -93.98 -12.08 -52.67
CA ILE U 148 -93.14 -10.90 -52.42
C ILE U 148 -92.42 -10.49 -53.69
N LYS U 149 -91.99 -11.47 -54.50
CA LYS U 149 -91.33 -11.12 -55.75
C LYS U 149 -92.31 -10.54 -56.78
N GLU U 150 -93.62 -10.57 -56.50
CA GLU U 150 -94.61 -10.01 -57.41
C GLU U 150 -95.24 -8.72 -56.89
N VAL U 151 -95.30 -8.51 -55.58
CA VAL U 151 -95.94 -7.30 -55.05
C VAL U 151 -95.16 -6.05 -55.42
N GLU U 152 -93.83 -6.16 -55.51
CA GLU U 152 -92.91 -5.05 -55.81
C GLU U 152 -93.35 -3.76 -55.10
N GLY U 153 -93.43 -3.87 -53.78
CA GLY U 153 -93.95 -2.80 -52.93
C GLY U 153 -95.10 -3.32 -52.07
N GLU U 154 -96.14 -2.50 -51.94
CA GLU U 154 -97.41 -2.92 -51.34
C GLU U 154 -97.19 -3.42 -49.91
N ARG U 155 -96.86 -2.46 -49.03
CA ARG U 155 -96.33 -2.74 -47.70
C ARG U 155 -97.13 -3.75 -46.87
N LEU U 156 -98.36 -4.08 -47.29
CA LEU U 156 -99.28 -5.02 -46.63
C LEU U 156 -99.96 -4.45 -45.40
N ILE U 157 -99.79 -3.16 -45.10
CA ILE U 157 -100.27 -2.58 -43.85
C ILE U 157 -101.25 -1.46 -44.16
N THR U 158 -102.38 -1.43 -43.43
CA THR U 158 -103.41 -0.42 -43.58
C THR U 158 -103.44 0.58 -42.43
N ALA U 159 -103.37 0.11 -41.18
CA ALA U 159 -103.39 0.95 -39.99
C ALA U 159 -104.65 1.82 -39.96
N ILE U 160 -105.79 1.14 -39.89
CA ILE U 160 -107.08 1.83 -39.84
C ILE U 160 -107.30 2.38 -38.44
N LYS U 161 -107.69 3.65 -38.36
CA LYS U 161 -107.83 4.36 -37.09
C LYS U 161 -109.30 4.32 -36.66
N HIS U 162 -109.59 3.52 -35.64
CA HIS U 162 -110.92 3.44 -35.05
C HIS U 162 -110.82 3.72 -33.57
N ASN U 163 -111.63 4.66 -33.09
CA ASN U 163 -111.58 5.12 -31.71
C ASN U 163 -112.78 4.59 -30.91
N ARG U 164 -112.57 4.41 -29.62
CA ARG U 164 -113.62 4.00 -28.70
C ARG U 164 -114.31 5.24 -28.15
N VAL U 165 -115.64 5.22 -28.12
CA VAL U 165 -116.44 6.32 -27.61
C VAL U 165 -116.88 5.98 -26.19
N ASP U 166 -116.74 6.95 -25.28
CA ASP U 166 -117.13 6.76 -23.89
C ASP U 166 -117.80 8.04 -23.39
N VAL U 167 -118.97 7.87 -22.76
CA VAL U 167 -119.70 9.00 -22.20
C VAL U 167 -120.16 8.63 -20.80
N ASP U 168 -120.44 9.66 -19.99
CA ASP U 168 -120.92 9.47 -18.64
C ASP U 168 -122.44 9.28 -18.66
N GLU U 169 -123.07 9.31 -17.49
CA GLU U 169 -124.52 9.17 -17.41
C GLU U 169 -125.26 10.35 -18.03
N LYS U 170 -124.57 11.48 -18.23
CA LYS U 170 -125.17 12.64 -18.87
C LYS U 170 -124.86 12.69 -20.36
N GLY U 171 -124.19 11.69 -20.92
CA GLY U 171 -123.86 11.69 -22.33
C GLY U 171 -122.88 12.76 -22.74
N ALA U 172 -121.83 12.97 -21.96
CA ALA U 172 -120.82 13.99 -22.23
C ALA U 172 -119.51 13.31 -22.58
N ILE U 173 -118.87 13.78 -23.66
CA ILE U 173 -117.59 13.21 -24.09
C ILE U 173 -116.52 13.44 -23.02
N GLY U 174 -116.47 14.64 -22.46
CA GLY U 174 -115.46 14.96 -21.48
C GLY U 174 -114.16 15.44 -22.12
N SER U 175 -113.16 15.63 -21.27
CA SER U 175 -111.86 16.11 -21.70
C SER U 175 -110.78 15.30 -20.99
N SER U 176 -109.53 15.74 -21.13
CA SER U 176 -108.41 15.00 -20.54
C SER U 176 -108.42 15.05 -19.02
N LYS U 177 -108.94 16.14 -18.44
CA LYS U 177 -108.92 16.26 -16.98
C LYS U 177 -109.79 15.19 -16.32
N GLU U 178 -110.94 14.88 -16.92
CA GLU U 178 -111.81 13.83 -16.39
C GLU U 178 -111.35 12.43 -16.77
N GLY U 179 -110.44 12.30 -17.72
CA GLY U 179 -109.96 11.00 -18.15
C GLY U 179 -110.88 10.32 -19.14
N THR U 180 -112.00 9.80 -18.63
CA THR U 180 -113.04 9.14 -19.41
C THR U 180 -112.55 7.87 -20.10
N ALA U 181 -111.30 7.47 -19.87
CA ALA U 181 -110.73 6.26 -20.46
C ALA U 181 -110.83 6.28 -21.98
N GLN U 182 -110.60 7.46 -22.57
CA GLN U 182 -110.70 7.64 -24.02
C GLN U 182 -109.29 7.57 -24.61
N MET U 183 -109.00 6.45 -25.27
CA MET U 183 -107.73 6.25 -25.96
C MET U 183 -108.00 5.80 -27.39
N LEU U 184 -107.08 6.15 -28.29
CA LEU U 184 -107.37 6.08 -29.72
C LEU U 184 -107.58 4.64 -30.19
N PHE U 185 -106.76 3.70 -29.70
CA PHE U 185 -106.86 2.28 -30.08
C PHE U 185 -106.69 2.13 -31.60
N SER U 186 -105.50 2.44 -32.08
CA SER U 186 -105.16 2.33 -33.49
C SER U 186 -104.35 1.06 -33.71
N ARG U 187 -104.81 0.23 -34.64
CA ARG U 187 -104.21 -1.08 -34.88
C ARG U 187 -104.20 -1.36 -36.38
N GLU U 188 -103.17 -2.07 -36.84
CA GLU U 188 -102.94 -2.29 -38.26
C GLU U 188 -103.31 -3.72 -38.67
N TYR U 189 -103.67 -3.88 -39.94
CA TYR U 189 -104.06 -5.17 -40.49
C TYR U 189 -103.10 -5.57 -41.62
N ALA U 190 -103.05 -6.86 -41.90
CA ALA U 190 -102.20 -7.40 -42.95
C ALA U 190 -103.00 -8.40 -43.80
N THR U 191 -102.50 -8.66 -45.00
CA THR U 191 -103.19 -9.57 -45.91
C THR U 191 -102.16 -10.27 -46.80
N GLY U 192 -102.56 -11.41 -47.36
CA GLY U 192 -101.73 -12.14 -48.29
C GLY U 192 -101.90 -13.63 -48.11
N LEU U 193 -100.88 -14.38 -48.55
CA LEU U 193 -100.86 -15.83 -48.44
C LEU U 193 -99.56 -16.22 -47.75
N TYR U 194 -99.67 -17.08 -46.74
CA TYR U 194 -98.54 -17.51 -45.92
C TYR U 194 -98.35 -19.02 -46.07
N GLY U 195 -97.28 -19.52 -45.46
CA GLY U 195 -96.98 -20.93 -45.47
C GLY U 195 -96.84 -21.48 -44.07
N PHE U 196 -97.26 -22.73 -43.90
CA PHE U 196 -97.23 -23.41 -42.62
C PHE U 196 -96.47 -24.72 -42.73
N SER U 197 -95.65 -25.01 -41.73
CA SER U 197 -94.86 -26.24 -41.69
C SER U 197 -94.81 -26.81 -40.27
N ILE U 198 -95.97 -26.84 -39.60
CA ILE U 198 -96.03 -27.41 -38.25
C ILE U 198 -95.69 -28.89 -38.31
N VAL U 199 -94.88 -29.34 -37.36
CA VAL U 199 -94.33 -30.70 -37.33
C VAL U 199 -94.62 -31.32 -35.98
N LEU U 200 -95.02 -32.60 -35.99
CA LEU U 200 -95.38 -33.30 -34.76
C LEU U 200 -94.56 -34.59 -34.64
N ASP U 201 -94.13 -34.89 -33.42
CA ASP U 201 -93.35 -36.10 -33.12
C ASP U 201 -94.03 -36.81 -31.96
N LEU U 202 -94.91 -37.77 -32.28
CA LEU U 202 -95.67 -38.49 -31.28
C LEU U 202 -95.08 -39.85 -30.93
N GLY U 203 -93.91 -40.20 -31.47
CA GLY U 203 -93.33 -41.50 -31.19
C GLY U 203 -92.70 -41.62 -29.82
N LEU U 204 -92.34 -40.50 -29.20
CA LEU U 204 -91.62 -40.50 -27.93
C LEU U 204 -92.53 -40.09 -26.77
N VAL U 205 -93.80 -39.81 -27.04
CA VAL U 205 -94.72 -39.42 -25.97
C VAL U 205 -94.87 -40.57 -24.98
N GLY U 206 -95.08 -40.22 -23.71
CA GLY U 206 -95.26 -41.23 -22.68
C GLY U 206 -94.01 -42.00 -22.32
N ILE U 207 -92.85 -41.56 -22.81
CA ILE U 207 -91.59 -42.23 -22.55
C ILE U 207 -90.69 -41.28 -21.77
N PRO U 208 -90.11 -41.72 -20.65
CA PRO U 208 -89.14 -40.87 -19.95
C PRO U 208 -87.93 -40.58 -20.82
N GLN U 209 -87.46 -39.33 -20.74
CA GLN U 209 -86.32 -38.92 -21.54
C GLN U 209 -85.04 -39.56 -21.02
N GLY U 210 -84.97 -39.84 -19.72
CA GLY U 210 -83.78 -40.45 -19.16
C GLY U 210 -83.54 -41.86 -19.65
N LEU U 211 -84.59 -42.67 -19.72
CA LEU U 211 -84.50 -44.07 -20.12
C LEU U 211 -85.51 -44.36 -21.21
N PRO U 212 -85.23 -43.91 -22.45
CA PRO U 212 -86.17 -44.15 -23.55
C PRO U 212 -86.47 -45.61 -23.83
N VAL U 213 -85.48 -46.50 -23.75
CA VAL U 213 -85.64 -47.90 -24.12
C VAL U 213 -84.91 -48.75 -23.08
N LYS U 214 -85.52 -49.86 -22.69
CA LYS U 214 -84.94 -50.75 -21.70
C LYS U 214 -84.70 -52.13 -22.27
N PHE U 215 -83.81 -52.87 -21.61
CA PHE U 215 -83.34 -54.18 -22.05
C PHE U 215 -83.70 -55.20 -20.96
N GLU U 216 -84.56 -56.16 -21.30
CA GLU U 216 -84.82 -57.26 -20.39
C GLU U 216 -83.77 -58.35 -20.53
N GLU U 217 -83.66 -58.95 -21.72
CA GLU U 217 -82.61 -59.91 -22.06
C GLU U 217 -82.07 -59.52 -23.44
N ASN U 218 -81.09 -58.62 -23.44
CA ASN U 218 -80.42 -58.11 -24.65
C ASN U 218 -81.39 -57.90 -25.82
N GLN U 219 -82.57 -57.37 -25.50
CA GLN U 219 -83.54 -56.98 -26.52
C GLN U 219 -84.13 -55.64 -26.13
N PRO U 220 -84.42 -54.77 -27.10
CA PRO U 220 -84.93 -53.44 -26.76
C PRO U 220 -86.45 -53.41 -26.70
N ARG U 221 -86.99 -52.68 -25.72
CA ARG U 221 -88.40 -52.37 -25.82
C ARG U 221 -88.63 -51.01 -25.17
N PRO U 222 -89.62 -50.24 -25.61
CA PRO U 222 -89.83 -48.91 -25.05
C PRO U 222 -90.23 -48.98 -23.58
N ASN U 223 -89.85 -47.95 -22.82
CA ASN U 223 -90.15 -47.86 -21.39
C ASN U 223 -91.55 -47.28 -21.22
N ILE U 224 -92.54 -48.11 -21.52
CA ILE U 224 -93.94 -47.73 -21.37
C ILE U 224 -94.30 -47.87 -19.89
N VAL U 225 -94.67 -46.75 -19.26
CA VAL U 225 -94.93 -46.72 -17.82
C VAL U 225 -96.44 -46.67 -17.56
N ILE U 226 -97.20 -46.17 -18.53
CA ILE U 226 -98.63 -46.02 -18.37
C ILE U 226 -99.35 -47.09 -19.18
N ASP U 227 -100.65 -47.21 -18.95
CA ASP U 227 -101.46 -48.15 -19.72
C ASP U 227 -101.49 -47.70 -21.18
N PRO U 228 -101.37 -48.62 -22.13
CA PRO U 228 -101.40 -48.22 -23.55
C PRO U 228 -102.70 -47.54 -23.97
N ASN U 229 -103.79 -47.72 -23.22
CA ASN U 229 -105.03 -47.01 -23.54
C ASN U 229 -104.85 -45.51 -23.39
N GLU U 230 -104.21 -45.07 -22.31
CA GLU U 230 -103.90 -43.65 -22.16
C GLU U 230 -102.95 -43.17 -23.25
N ARG U 231 -101.99 -44.01 -23.62
CA ARG U 231 -101.10 -43.70 -24.73
C ARG U 231 -101.90 -43.41 -26.00
N LYS U 232 -102.79 -44.33 -26.36
CA LYS U 232 -103.57 -44.17 -27.58
C LYS U 232 -104.49 -42.95 -27.49
N ALA U 233 -105.08 -42.72 -26.32
CA ALA U 233 -105.93 -41.54 -26.15
C ALA U 233 -105.14 -40.25 -26.36
N ARG U 234 -103.92 -40.20 -25.82
CA ARG U 234 -103.06 -39.05 -26.05
C ARG U 234 -102.74 -38.90 -27.54
N ILE U 235 -102.50 -40.02 -28.23
CA ILE U 235 -102.21 -39.97 -29.66
C ILE U 235 -103.38 -39.36 -30.42
N GLU U 236 -104.60 -39.86 -30.16
CA GLU U 236 -105.78 -39.31 -30.83
C GLU U 236 -105.96 -37.84 -30.51
N SER U 237 -105.80 -37.46 -29.25
CA SER U 237 -105.98 -36.07 -28.86
C SER U 237 -104.98 -35.17 -29.58
N ALA U 238 -103.71 -35.58 -29.61
CA ALA U 238 -102.68 -34.77 -30.27
C ALA U 238 -102.95 -34.66 -31.76
N LEU U 239 -103.38 -35.75 -32.40
CA LEU U 239 -103.58 -35.70 -33.85
C LEU U 239 -104.83 -34.90 -34.22
N LYS U 240 -105.89 -34.95 -33.42
CA LYS U 240 -107.09 -34.19 -33.74
C LYS U 240 -107.13 -32.82 -33.08
N ALA U 241 -106.07 -32.44 -32.35
CA ALA U 241 -105.88 -31.05 -31.99
C ALA U 241 -105.54 -30.17 -33.18
N LEU U 242 -105.27 -30.78 -34.34
CA LEU U 242 -105.03 -30.03 -35.56
C LEU U 242 -106.30 -29.40 -36.12
N ILE U 243 -107.47 -29.74 -35.57
CA ILE U 243 -108.72 -29.16 -36.09
C ILE U 243 -108.75 -27.64 -35.92
N PRO U 244 -108.46 -27.06 -34.73
CA PRO U 244 -108.38 -25.60 -34.67
C PRO U 244 -107.01 -25.07 -35.06
N MET U 245 -106.40 -25.66 -36.08
CA MET U 245 -105.18 -25.17 -36.70
C MET U 245 -105.41 -24.67 -38.11
N LEU U 246 -106.06 -25.49 -38.94
CA LEU U 246 -106.38 -25.14 -40.32
C LEU U 246 -107.85 -24.78 -40.46
N SER U 247 -108.38 -24.07 -39.46
CA SER U 247 -109.73 -23.54 -39.50
C SER U 247 -109.81 -22.03 -39.31
N GLY U 248 -108.73 -21.38 -38.87
CA GLY U 248 -108.76 -19.95 -38.61
C GLY U 248 -108.54 -19.59 -37.16
N TYR U 249 -107.72 -20.39 -36.46
CA TYR U 249 -107.47 -20.23 -35.04
C TYR U 249 -105.97 -20.12 -34.79
N ILE U 250 -105.31 -19.23 -35.52
CA ILE U 250 -103.89 -18.94 -35.36
C ILE U 250 -103.71 -17.43 -35.25
N GLY U 251 -102.82 -17.01 -34.36
CA GLY U 251 -102.43 -15.62 -34.28
C GLY U 251 -102.75 -14.93 -32.96
N ALA U 252 -103.47 -13.81 -33.05
CA ALA U 252 -103.81 -13.03 -31.87
C ALA U 252 -105.02 -12.16 -32.19
N ASN U 253 -105.71 -11.71 -31.13
CA ASN U 253 -106.87 -10.84 -31.24
C ASN U 253 -107.94 -11.44 -32.14
N LEU U 254 -108.33 -12.67 -31.82
CA LEU U 254 -109.39 -13.34 -32.58
C LEU U 254 -110.75 -12.74 -32.29
N ALA U 255 -110.90 -12.06 -31.15
CA ALA U 255 -112.22 -11.55 -30.75
C ALA U 255 -112.71 -10.46 -31.71
N ARG U 256 -111.83 -9.58 -32.16
CA ARG U 256 -112.22 -8.47 -33.01
C ARG U 256 -111.81 -8.64 -34.46
N SER U 257 -110.78 -9.44 -34.74
CA SER U 257 -110.33 -9.63 -36.11
C SER U 257 -110.95 -10.87 -36.75
N PHE U 258 -110.69 -12.05 -36.17
CA PHE U 258 -111.10 -13.34 -36.72
C PHE U 258 -110.75 -13.40 -38.21
N PRO U 259 -109.48 -13.57 -38.54
CA PRO U 259 -109.06 -13.46 -39.95
C PRO U 259 -109.73 -14.50 -40.83
N VAL U 260 -110.02 -14.09 -42.07
CA VAL U 260 -110.51 -15.01 -43.08
C VAL U 260 -109.41 -16.03 -43.40
N PHE U 261 -109.80 -17.30 -43.48
CA PHE U 261 -108.83 -18.37 -43.65
C PHE U 261 -109.33 -19.37 -44.69
N LYS U 262 -108.39 -19.93 -45.43
CA LYS U 262 -108.67 -21.07 -46.31
C LYS U 262 -107.37 -21.81 -46.56
N VAL U 263 -107.47 -23.12 -46.78
CA VAL U 263 -106.30 -23.95 -47.03
C VAL U 263 -105.99 -23.94 -48.53
N GLU U 264 -104.92 -23.25 -48.91
CA GLU U 264 -104.55 -23.18 -50.33
C GLU U 264 -103.99 -24.49 -50.83
N GLU U 265 -103.08 -25.11 -50.07
CA GLU U 265 -102.45 -26.35 -50.50
C GLU U 265 -101.74 -26.97 -49.30
N LEU U 266 -101.78 -28.30 -49.22
CA LEU U 266 -101.12 -28.98 -48.11
C LEU U 266 -100.58 -30.33 -48.55
N VAL U 267 -99.50 -30.75 -47.89
CA VAL U 267 -98.89 -32.05 -48.10
C VAL U 267 -98.46 -32.61 -46.75
N ALA U 268 -98.74 -33.90 -46.54
CA ALA U 268 -98.46 -34.57 -45.28
C ALA U 268 -97.77 -35.90 -45.53
N ILE U 269 -96.87 -36.25 -44.62
CA ILE U 269 -96.25 -37.58 -44.59
C ILE U 269 -96.15 -38.03 -43.14
N ALA U 270 -96.41 -39.32 -42.92
CA ALA U 270 -96.51 -39.89 -41.57
C ALA U 270 -95.43 -40.91 -41.28
N SER U 271 -95.34 -41.98 -42.07
CA SER U 271 -94.41 -43.09 -41.84
C SER U 271 -94.57 -43.69 -40.45
N GLU U 272 -93.58 -44.45 -40.02
CA GLU U 272 -93.51 -45.04 -38.69
C GLU U 272 -92.21 -44.74 -37.97
N GLY U 273 -91.09 -44.70 -38.69
CA GLY U 273 -89.81 -44.44 -38.09
C GLY U 273 -89.31 -43.03 -38.36
N PRO U 274 -88.11 -42.73 -37.88
CA PRO U 274 -87.54 -41.39 -38.11
C PRO U 274 -87.48 -41.05 -39.60
N ILE U 275 -87.89 -39.82 -39.93
CA ILE U 275 -87.89 -39.35 -41.30
C ILE U 275 -87.38 -37.91 -41.32
N PRO U 276 -86.81 -37.48 -42.44
CA PRO U 276 -86.35 -36.09 -42.55
C PRO U 276 -87.52 -35.11 -42.50
N ALA U 277 -87.23 -33.90 -42.01
CA ALA U 277 -88.22 -32.85 -42.00
C ALA U 277 -88.53 -32.41 -43.42
N LEU U 278 -89.81 -32.14 -43.70
CA LEU U 278 -90.24 -31.78 -45.03
C LEU U 278 -89.92 -30.32 -45.30
N VAL U 279 -89.73 -29.99 -46.58
CA VAL U 279 -89.37 -28.62 -46.95
C VAL U 279 -90.56 -27.69 -46.70
N HIS U 280 -90.25 -26.43 -46.38
CA HIS U 280 -91.28 -25.45 -46.10
C HIS U 280 -92.00 -25.02 -47.38
N GLY U 281 -93.23 -24.53 -47.21
CA GLY U 281 -93.98 -23.92 -48.29
C GLY U 281 -93.60 -22.49 -48.58
N PHE U 282 -92.61 -21.96 -47.84
CA PHE U 282 -92.10 -20.61 -48.11
C PHE U 282 -91.54 -20.51 -49.52
N TYR U 283 -90.78 -21.51 -49.95
CA TYR U 283 -90.06 -21.44 -51.22
C TYR U 283 -90.99 -21.68 -52.40
N GLU U 284 -90.68 -21.03 -53.53
CA GLU U 284 -91.54 -21.13 -54.71
C GLU U 284 -91.55 -22.55 -55.27
N ASP U 285 -90.41 -23.21 -55.31
CA ASP U 285 -90.25 -24.52 -55.94
C ASP U 285 -90.29 -25.66 -54.94
N TYR U 286 -91.12 -25.57 -53.90
CA TYR U 286 -91.11 -26.60 -52.87
C TYR U 286 -91.67 -27.93 -53.37
N ILE U 287 -92.48 -27.90 -54.42
CA ILE U 287 -93.18 -29.12 -54.86
C ILE U 287 -92.19 -30.15 -55.36
N GLU U 288 -91.18 -29.72 -56.13
CA GLU U 288 -90.16 -30.63 -56.61
C GLU U 288 -89.38 -31.24 -55.46
N ALA U 289 -89.04 -30.43 -54.47
CA ALA U 289 -88.35 -30.94 -53.29
C ALA U 289 -89.21 -31.96 -52.56
N ASN U 290 -90.51 -31.71 -52.45
CA ASN U 290 -91.41 -32.64 -51.77
C ASN U 290 -91.47 -33.98 -52.51
N ARG U 291 -91.70 -33.95 -53.82
CA ARG U 291 -91.81 -35.20 -54.56
C ARG U 291 -90.50 -35.96 -54.51
N SER U 292 -89.36 -35.26 -54.63
CA SER U 292 -88.08 -35.94 -54.52
C SER U 292 -87.89 -36.56 -53.14
N ILE U 293 -88.15 -35.79 -52.08
CA ILE U 293 -87.86 -36.24 -50.72
C ILE U 293 -88.81 -37.35 -50.29
N ILE U 294 -89.94 -37.52 -50.95
CA ILE U 294 -90.79 -38.66 -50.63
C ILE U 294 -90.49 -39.86 -51.52
N LYS U 295 -90.23 -39.65 -52.81
CA LYS U 295 -89.97 -40.78 -53.70
C LYS U 295 -88.64 -41.43 -53.34
N ASN U 296 -87.61 -40.64 -53.02
CA ASN U 296 -86.35 -41.23 -52.62
C ASN U 296 -86.46 -41.92 -51.26
N ALA U 297 -87.28 -41.36 -50.35
CA ALA U 297 -87.54 -42.02 -49.09
C ALA U 297 -88.16 -43.38 -49.30
N ARG U 298 -89.11 -43.48 -50.23
CA ARG U 298 -89.65 -44.77 -50.61
C ARG U 298 -88.58 -45.67 -51.24
N ALA U 299 -87.68 -45.08 -52.02
CA ALA U 299 -86.63 -45.85 -52.68
C ALA U 299 -85.69 -46.51 -51.68
N LEU U 300 -85.24 -45.76 -50.67
CA LEU U 300 -84.36 -46.34 -49.66
C LEU U 300 -85.08 -47.39 -48.81
N GLY U 301 -86.41 -47.35 -48.73
CA GLY U 301 -87.13 -48.43 -48.07
C GLY U 301 -87.84 -48.02 -46.79
N PHE U 302 -88.29 -46.78 -46.71
CA PHE U 302 -89.05 -46.30 -45.57
C PHE U 302 -90.54 -46.45 -45.86
N ASN U 303 -91.28 -47.03 -44.91
CA ASN U 303 -92.72 -47.25 -45.05
C ASN U 303 -93.48 -45.93 -44.90
N ILE U 304 -93.23 -45.03 -45.84
CA ILE U 304 -93.77 -43.67 -45.81
C ILE U 304 -94.94 -43.57 -46.77
N GLU U 305 -96.04 -43.00 -46.31
CA GLU U 305 -97.22 -42.76 -47.12
C GLU U 305 -97.54 -41.28 -47.10
N VAL U 306 -97.98 -40.74 -48.24
CA VAL U 306 -98.11 -39.30 -48.44
C VAL U 306 -99.55 -38.95 -48.76
N PHE U 307 -100.05 -37.88 -48.12
CA PHE U 307 -101.34 -37.30 -48.40
C PHE U 307 -101.14 -35.94 -49.06
N THR U 308 -101.95 -35.64 -50.07
CA THR U 308 -101.80 -34.42 -50.86
C THR U 308 -103.13 -33.71 -50.98
N TYR U 309 -103.06 -32.37 -51.10
CA TYR U 309 -104.24 -31.56 -51.38
C TYR U 309 -103.81 -30.31 -52.12
N ASN U 310 -104.38 -30.14 -53.32
CA ASN U 310 -104.21 -29.04 -54.27
C ASN U 310 -102.93 -29.13 -55.09
N VAL U 311 -102.21 -30.25 -55.03
CA VAL U 311 -101.08 -30.49 -55.93
C VAL U 311 -101.11 -31.95 -56.37
N ASP U 312 -100.87 -32.19 -57.66
CA ASP U 312 -100.91 -33.55 -58.18
C ASP U 312 -99.67 -34.34 -57.80
N LEU U 313 -98.51 -33.68 -57.75
CA LEU U 313 -97.26 -34.32 -57.31
C LEU U 313 -96.88 -35.47 -58.24
N GLY U 314 -97.36 -35.40 -59.48
CA GLY U 314 -97.09 -36.45 -60.45
C GLY U 314 -98.05 -37.62 -60.31
N GLU U 315 -97.64 -38.75 -60.90
CA GLU U 315 -98.47 -39.93 -60.96
C GLU U 315 -97.77 -41.21 -60.53
N ASP U 316 -96.44 -41.23 -60.44
CA ASP U 316 -95.71 -42.44 -60.10
C ASP U 316 -95.65 -42.70 -58.60
N ILE U 317 -96.14 -41.78 -57.78
CA ILE U 317 -96.11 -41.90 -56.33
C ILE U 317 -97.52 -42.12 -55.82
N GLU U 318 -97.70 -43.13 -54.96
CA GLU U 318 -99.00 -43.41 -54.38
C GLU U 318 -99.35 -42.37 -53.33
N ALA U 319 -100.01 -41.30 -53.75
CA ALA U 319 -100.40 -40.20 -52.87
C ALA U 319 -101.90 -40.18 -52.71
N THR U 320 -102.36 -40.12 -51.46
CA THR U 320 -103.79 -40.07 -51.18
C THR U 320 -104.29 -38.65 -51.35
N LYS U 321 -105.20 -38.45 -52.30
CA LYS U 321 -105.76 -37.12 -52.58
C LYS U 321 -106.86 -36.85 -51.56
N VAL U 322 -106.51 -36.15 -50.49
CA VAL U 322 -107.47 -35.81 -49.44
C VAL U 322 -108.34 -34.65 -49.90
N SER U 323 -109.41 -34.40 -49.17
CA SER U 323 -110.38 -33.36 -49.53
C SER U 323 -110.33 -32.15 -48.59
N SER U 324 -110.03 -32.35 -47.32
CA SER U 324 -109.93 -31.24 -46.38
C SER U 324 -108.97 -31.65 -45.27
N VAL U 325 -109.07 -31.01 -44.11
CA VAL U 325 -108.12 -31.20 -43.03
C VAL U 325 -108.64 -32.14 -41.95
N GLU U 326 -109.95 -32.11 -41.68
CA GLU U 326 -110.48 -33.02 -40.66
C GLU U 326 -110.60 -34.45 -41.15
N GLU U 327 -110.99 -34.66 -42.42
CA GLU U 327 -110.91 -36.01 -42.97
C GLU U 327 -109.46 -36.45 -43.10
N LEU U 328 -108.55 -35.51 -43.26
CA LEU U 328 -107.13 -35.83 -43.13
C LEU U 328 -106.82 -36.33 -41.72
N VAL U 329 -107.42 -35.70 -40.70
CA VAL U 329 -107.25 -36.16 -39.33
C VAL U 329 -107.77 -37.59 -39.17
N ALA U 330 -108.91 -37.89 -39.80
CA ALA U 330 -109.43 -39.25 -39.78
C ALA U 330 -108.47 -40.22 -40.45
N ASN U 331 -107.89 -39.81 -41.58
CA ASN U 331 -106.94 -40.68 -42.27
C ASN U 331 -105.71 -40.95 -41.42
N LEU U 332 -105.19 -39.92 -40.72
CA LEU U 332 -104.07 -40.13 -39.82
C LEU U 332 -104.44 -41.02 -38.64
N VAL U 333 -105.63 -40.84 -38.07
CA VAL U 333 -106.04 -41.67 -36.94
C VAL U 333 -106.44 -43.07 -37.36
N LYS U 334 -106.53 -43.32 -38.67
CA LYS U 334 -106.79 -44.68 -39.14
C LYS U 334 -105.69 -45.67 -38.74
N MET U 335 -104.44 -45.22 -38.60
CA MET U 335 -103.33 -46.12 -38.34
C MET U 335 -103.08 -46.35 -36.86
N VAL U 336 -103.01 -45.27 -36.07
CA VAL U 336 -102.63 -45.29 -34.65
C VAL U 336 -101.58 -46.35 -34.32
N MET V 1 -122.66 -25.22 -28.51
CA MET V 1 -123.53 -24.49 -29.44
C MET V 1 -122.73 -23.49 -30.26
N TYR V 2 -121.53 -23.87 -30.66
CA TYR V 2 -120.64 -22.98 -31.41
C TYR V 2 -121.20 -22.79 -32.81
N VAL V 3 -121.85 -21.64 -33.03
CA VAL V 3 -122.57 -21.37 -34.26
C VAL V 3 -121.71 -20.48 -35.15
N ARG V 4 -121.79 -20.71 -36.47
CA ARG V 4 -121.09 -19.90 -37.47
C ARG V 4 -122.07 -19.55 -38.57
N ILE V 5 -122.08 -18.28 -38.98
CA ILE V 5 -122.95 -17.80 -40.05
C ILE V 5 -122.10 -17.03 -41.05
N SER V 6 -122.22 -17.37 -42.32
CA SER V 6 -121.46 -16.68 -43.36
C SER V 6 -122.31 -16.57 -44.62
N GLY V 7 -122.25 -15.42 -45.27
CA GLY V 7 -123.07 -15.22 -46.45
C GLY V 7 -122.69 -13.98 -47.22
N ARG V 8 -123.41 -13.78 -48.32
CA ARG V 8 -123.24 -12.66 -49.24
C ARG V 8 -124.45 -11.75 -49.17
N ILE V 9 -124.21 -10.45 -48.97
CA ILE V 9 -125.25 -9.44 -48.88
C ILE V 9 -124.93 -8.31 -49.85
N ARG V 10 -125.94 -7.83 -50.56
CA ARG V 10 -125.79 -6.71 -51.47
C ARG V 10 -126.02 -5.40 -50.71
N LEU V 11 -124.99 -4.55 -50.67
CA LEU V 11 -125.06 -3.27 -49.98
C LEU V 11 -125.03 -2.17 -51.03
N ASN V 12 -126.10 -1.38 -51.10
CA ASN V 12 -126.23 -0.30 -52.08
C ASN V 12 -126.35 1.04 -51.37
N ALA V 13 -125.52 2.00 -51.79
CA ALA V 13 -125.54 3.37 -51.27
C ALA V 13 -125.35 3.39 -49.76
N HIS V 14 -124.18 2.92 -49.32
CA HIS V 14 -123.84 2.86 -47.90
C HIS V 14 -122.64 3.76 -47.63
N SER V 15 -122.71 4.48 -46.51
CA SER V 15 -121.63 5.35 -46.05
C SER V 15 -121.19 4.96 -44.64
N LEU V 16 -121.13 3.65 -44.39
CA LEU V 16 -120.83 3.15 -43.05
C LEU V 16 -119.35 3.34 -42.72
N ASN V 17 -119.06 3.42 -41.42
CA ASN V 17 -117.70 3.49 -40.89
C ASN V 17 -116.96 4.71 -41.45
N ALA V 18 -117.47 5.89 -41.11
CA ALA V 18 -116.81 7.13 -41.48
C ALA V 18 -115.48 7.26 -40.74
N GLN V 19 -114.45 7.72 -41.46
CA GLN V 19 -113.12 7.86 -40.88
C GLN V 19 -113.02 9.01 -39.88
N GLY V 20 -114.03 9.89 -39.82
CA GLY V 20 -113.98 11.01 -38.92
C GLY V 20 -113.24 12.19 -39.49
N GLY V 21 -111.94 12.03 -39.75
CA GLY V 21 -111.14 13.08 -40.34
C GLY V 21 -110.79 14.21 -39.40
N GLY V 22 -110.99 14.04 -38.09
CA GLY V 22 -110.71 15.10 -37.15
C GLY V 22 -111.77 16.18 -37.06
N GLY V 23 -112.97 15.90 -37.55
CA GLY V 23 -114.05 16.88 -37.52
C GLY V 23 -114.09 17.83 -38.69
N THR V 24 -113.25 17.63 -39.70
CA THR V 24 -113.24 18.50 -40.86
C THR V 24 -114.45 18.24 -41.75
N ASN V 25 -114.65 19.12 -42.72
CA ASN V 25 -115.81 19.02 -43.61
C ASN V 25 -115.75 17.77 -44.47
N TYR V 26 -114.57 17.41 -44.96
CA TYR V 26 -114.42 16.28 -45.87
C TYR V 26 -114.19 15.01 -45.09
N ILE V 27 -115.14 14.08 -45.17
CA ILE V 27 -115.05 12.78 -44.50
C ILE V 27 -115.22 11.70 -45.57
N GLU V 28 -114.30 10.73 -45.57
CA GLU V 28 -114.30 9.66 -46.56
C GLU V 28 -114.35 8.31 -45.87
N ILE V 29 -114.99 7.34 -46.52
CA ILE V 29 -115.06 5.99 -46.00
C ILE V 29 -113.68 5.34 -46.08
N THR V 30 -113.34 4.53 -45.08
CA THR V 30 -112.02 3.94 -44.98
C THR V 30 -111.75 2.96 -46.12
N LYS V 31 -110.47 2.75 -46.40
CA LYS V 31 -110.02 1.85 -47.45
C LYS V 31 -109.16 0.74 -46.87
N THR V 32 -109.39 -0.48 -47.34
CA THR V 32 -108.58 -1.63 -46.97
C THR V 32 -108.12 -2.33 -48.24
N LYS V 33 -106.87 -2.79 -48.24
CA LYS V 33 -106.28 -3.43 -49.41
C LYS V 33 -106.47 -4.95 -49.30
N VAL V 34 -106.97 -5.55 -50.38
CA VAL V 34 -107.21 -6.98 -50.45
C VAL V 34 -106.57 -7.52 -51.72
N THR V 35 -106.05 -8.74 -51.64
CA THR V 35 -105.36 -9.36 -52.76
C THR V 35 -106.28 -10.30 -53.53
N VAL V 36 -106.18 -10.23 -54.86
CA VAL V 36 -106.96 -11.08 -55.76
C VAL V 36 -106.02 -11.60 -56.84
N ARG V 37 -106.19 -12.88 -57.19
CA ARG V 37 -105.29 -13.50 -58.16
C ARG V 37 -105.53 -12.97 -59.57
N THR V 38 -106.79 -12.92 -60.00
CA THR V 38 -107.20 -12.50 -61.35
C THR V 38 -106.54 -13.33 -62.45
N GLU V 39 -105.94 -14.47 -62.09
CA GLU V 39 -105.31 -15.43 -63.00
C GLU V 39 -104.12 -14.85 -63.76
N ASN V 40 -103.69 -13.62 -63.47
CA ASN V 40 -102.51 -13.03 -64.11
C ASN V 40 -101.57 -12.46 -63.06
N GLY V 41 -101.42 -13.16 -61.94
CA GLY V 41 -100.58 -12.69 -60.86
C GLY V 41 -101.35 -11.98 -59.77
N TRP V 42 -101.07 -12.31 -58.53
CA TRP V 42 -101.79 -11.73 -57.40
C TRP V 42 -101.53 -10.22 -57.33
N THR V 43 -102.62 -9.46 -57.20
CA THR V 43 -102.54 -8.01 -57.15
C THR V 43 -103.45 -7.50 -56.04
N VAL V 44 -103.01 -6.44 -55.37
CA VAL V 44 -103.74 -5.86 -54.24
C VAL V 44 -104.50 -4.62 -54.70
N VAL V 45 -105.76 -4.54 -54.31
CA VAL V 45 -106.65 -3.44 -54.68
C VAL V 45 -107.28 -2.88 -53.40
N GLU V 46 -107.40 -1.55 -53.36
CA GLU V 46 -108.02 -0.87 -52.23
C GLU V 46 -109.53 -0.80 -52.43
N VAL V 47 -110.27 -1.20 -51.40
CA VAL V 47 -111.74 -1.26 -51.47
C VAL V 47 -112.32 -0.79 -50.15
N PRO V 48 -113.55 -0.29 -50.18
CA PRO V 48 -114.22 0.05 -48.92
C PRO V 48 -114.82 -1.20 -48.26
N ALA V 49 -114.67 -1.26 -46.94
CA ALA V 49 -115.11 -2.43 -46.18
C ALA V 49 -115.54 -1.99 -44.80
N ILE V 50 -115.94 -2.96 -43.98
CA ILE V 50 -116.41 -2.73 -42.62
C ILE V 50 -115.48 -3.46 -41.66
N THR V 51 -114.90 -2.71 -40.73
CA THR V 51 -113.99 -3.30 -39.76
C THR V 51 -114.76 -4.11 -38.71
N GLY V 52 -114.03 -4.97 -38.01
CA GLY V 52 -114.66 -5.81 -37.00
C GLY V 52 -115.03 -5.10 -35.72
N ASN V 53 -114.44 -3.94 -35.44
CA ASN V 53 -114.70 -3.25 -34.18
C ASN V 53 -116.15 -2.76 -34.12
N MET V 54 -116.59 -2.03 -35.15
CA MET V 54 -117.96 -1.55 -35.14
C MET V 54 -118.97 -2.67 -35.40
N LEU V 55 -118.57 -3.74 -36.09
CA LEU V 55 -119.43 -4.91 -36.18
C LEU V 55 -119.67 -5.52 -34.80
N LYS V 56 -118.61 -5.67 -34.02
CA LYS V 56 -118.75 -6.19 -32.67
C LYS V 56 -119.56 -5.25 -31.79
N HIS V 57 -119.38 -3.93 -31.98
CA HIS V 57 -120.16 -2.96 -31.22
C HIS V 57 -121.64 -3.03 -31.58
N TRP V 58 -121.95 -3.26 -32.87
CA TRP V 58 -123.34 -3.44 -33.27
C TRP V 58 -123.90 -4.73 -32.67
N HIS V 59 -123.07 -5.76 -32.54
CA HIS V 59 -123.52 -6.95 -31.84
C HIS V 59 -123.80 -6.64 -30.38
N PHE V 60 -122.94 -5.82 -29.74
CA PHE V 60 -123.21 -5.33 -28.39
C PHE V 60 -124.59 -4.68 -28.30
N VAL V 61 -124.86 -3.72 -29.18
CA VAL V 61 -126.08 -2.92 -29.06
C VAL V 61 -127.30 -3.77 -29.36
N GLY V 62 -127.21 -4.68 -30.35
CA GLY V 62 -128.32 -5.58 -30.59
C GLY V 62 -128.60 -6.49 -29.41
N PHE V 63 -127.54 -7.06 -28.82
CA PHE V 63 -127.71 -7.91 -27.65
C PHE V 63 -128.35 -7.16 -26.49
N VAL V 64 -127.87 -5.95 -26.20
CA VAL V 64 -128.39 -5.22 -25.06
C VAL V 64 -129.81 -4.72 -25.33
N ASP V 65 -130.14 -4.42 -26.59
CA ASP V 65 -131.48 -3.94 -26.91
C ASP V 65 -132.50 -5.06 -26.85
N TYR V 66 -132.12 -6.26 -27.30
CA TYR V 66 -133.05 -7.40 -27.27
C TYR V 66 -132.90 -8.26 -26.03
N PHE V 67 -132.05 -7.86 -25.07
CA PHE V 67 -131.93 -8.57 -23.81
C PHE V 67 -132.72 -7.90 -22.68
N LYS V 68 -133.10 -6.63 -22.84
CA LYS V 68 -133.89 -5.95 -21.82
C LYS V 68 -135.29 -6.54 -21.68
N THR V 69 -135.80 -7.21 -22.72
CA THR V 69 -137.16 -7.74 -22.67
C THR V 69 -137.32 -8.79 -21.58
N THR V 70 -136.34 -9.70 -21.46
CA THR V 70 -136.44 -10.76 -20.47
C THR V 70 -136.36 -10.19 -19.05
N PRO V 71 -137.06 -10.79 -18.09
CA PRO V 71 -137.00 -10.29 -16.71
C PRO V 71 -135.61 -10.41 -16.09
N TYR V 72 -134.74 -11.24 -16.64
CA TYR V 72 -133.37 -11.39 -16.15
C TYR V 72 -132.45 -10.25 -16.62
N GLY V 73 -133.01 -9.17 -17.14
CA GLY V 73 -132.24 -8.02 -17.59
C GLY V 73 -131.88 -7.04 -16.49
N VAL V 74 -132.24 -7.34 -15.25
CA VAL V 74 -131.89 -6.45 -14.14
C VAL V 74 -130.37 -6.36 -13.98
N ASN V 75 -129.69 -7.51 -14.07
CA ASN V 75 -128.24 -7.56 -13.95
C ASN V 75 -127.63 -7.06 -15.27
N LEU V 76 -127.55 -5.74 -15.39
CA LEU V 76 -127.01 -5.11 -16.59
C LEU V 76 -126.22 -3.86 -16.20
N THR V 77 -125.12 -3.64 -16.91
CA THR V 77 -124.28 -2.47 -16.67
C THR V 77 -124.95 -1.22 -17.24
N GLU V 78 -124.88 -0.12 -16.48
CA GLU V 78 -125.47 1.13 -16.94
C GLU V 78 -124.80 1.68 -18.19
N ARG V 79 -123.56 1.27 -18.46
CA ARG V 79 -122.90 1.69 -19.69
C ARG V 79 -123.48 1.00 -20.91
N ALA V 80 -124.17 -0.13 -20.71
CA ALA V 80 -124.76 -0.86 -21.83
C ALA V 80 -126.05 -0.22 -22.32
N LEU V 81 -126.85 0.35 -21.42
CA LEU V 81 -128.10 0.98 -21.85
C LEU V 81 -127.84 2.24 -22.66
N ARG V 82 -126.69 2.89 -22.45
CA ARG V 82 -126.29 4.03 -23.25
C ARG V 82 -125.60 3.62 -24.54
N TYR V 83 -125.43 2.32 -24.76
CA TYR V 83 -124.81 1.79 -25.97
C TYR V 83 -123.36 2.30 -26.12
N ASN V 84 -122.56 1.98 -25.10
CA ASN V 84 -121.17 2.42 -25.04
C ASN V 84 -120.25 1.25 -25.36
N GLY V 85 -119.30 1.47 -26.26
CA GLY V 85 -118.34 0.44 -26.60
C GLY V 85 -117.30 0.20 -25.51
N THR V 86 -117.05 1.19 -24.66
CA THR V 86 -116.11 1.02 -23.57
C THR V 86 -116.73 0.17 -22.46
N ARG V 87 -115.99 -0.82 -21.99
CA ARG V 87 -116.47 -1.73 -20.96
C ARG V 87 -116.00 -1.34 -19.56
N PHE V 88 -114.71 -1.04 -19.39
CA PHE V 88 -114.17 -0.62 -18.11
C PHE V 88 -113.18 0.51 -18.32
N GLY V 89 -113.04 1.35 -17.30
CA GLY V 89 -112.17 2.51 -17.40
C GLY V 89 -110.70 2.19 -17.20
N GLN V 90 -109.87 3.18 -17.55
CA GLN V 90 -108.44 3.01 -17.38
C GLN V 90 -108.05 3.01 -15.90
N GLY V 91 -108.76 3.77 -15.08
CA GLY V 91 -108.46 3.83 -13.66
C GLY V 91 -109.62 3.48 -12.77
N GLU V 92 -110.62 2.80 -13.34
CA GLU V 92 -111.80 2.40 -12.58
C GLU V 92 -111.56 1.04 -11.93
N THR V 93 -111.68 0.99 -10.60
CA THR V 93 -111.45 -0.24 -9.85
C THR V 93 -112.73 -0.93 -9.41
N THR V 94 -113.89 -0.32 -9.60
CA THR V 94 -115.16 -0.91 -9.19
C THR V 94 -116.19 -0.70 -10.30
N ALA V 95 -117.21 -1.55 -10.29
CA ALA V 95 -118.29 -1.48 -11.27
C ALA V 95 -119.63 -1.35 -10.56
N THR V 96 -120.48 -0.50 -11.13
CA THR V 96 -121.82 -0.26 -10.60
C THR V 96 -122.86 -0.74 -11.61
N LYS V 97 -124.05 -1.06 -11.10
CA LYS V 97 -125.14 -1.62 -11.88
C LYS V 97 -126.29 -0.63 -12.02
N ALA V 98 -127.31 -1.03 -12.80
CA ALA V 98 -128.46 -0.17 -13.03
C ALA V 98 -129.22 0.11 -11.73
N ASN V 99 -129.35 -0.90 -10.88
CA ASN V 99 -129.99 -0.68 -9.58
C ASN V 99 -129.19 0.30 -8.73
N GLY V 100 -127.86 0.17 -8.76
CA GLY V 100 -127.01 1.08 -8.01
C GLY V 100 -126.03 0.36 -7.10
N ALA V 101 -125.99 -0.96 -7.18
CA ALA V 101 -125.09 -1.75 -6.36
C ALA V 101 -123.65 -1.61 -6.86
N THR V 102 -122.71 -1.95 -5.99
CA THR V 102 -121.29 -1.87 -6.30
C THR V 102 -120.68 -3.27 -6.39
N VAL V 103 -119.86 -3.48 -7.41
CA VAL V 103 -119.22 -4.78 -7.66
C VAL V 103 -117.71 -4.56 -7.72
N GLN V 104 -116.97 -5.37 -6.98
CA GLN V 104 -115.52 -5.31 -7.01
C GLN V 104 -114.99 -6.03 -8.24
N LEU V 105 -113.67 -6.00 -8.42
CA LEU V 105 -113.01 -6.58 -9.58
C LEU V 105 -112.09 -7.74 -9.17
N ASN V 106 -112.55 -8.55 -8.22
CA ASN V 106 -111.80 -9.71 -7.77
C ASN V 106 -112.72 -10.91 -7.69
N ASP V 107 -112.13 -12.11 -7.72
CA ASP V 107 -112.88 -13.36 -7.74
C ASP V 107 -113.80 -13.44 -8.97
N GLU V 108 -113.15 -13.57 -10.13
CA GLU V 108 -113.78 -13.53 -11.44
C GLU V 108 -115.07 -14.35 -11.52
N ALA V 109 -115.21 -15.36 -10.66
CA ALA V 109 -116.48 -16.08 -10.56
C ALA V 109 -117.63 -15.17 -10.17
N THR V 110 -117.35 -14.02 -9.54
CA THR V 110 -118.39 -13.05 -9.21
C THR V 110 -118.58 -12.02 -10.33
N ILE V 111 -117.49 -11.61 -10.97
CA ILE V 111 -117.61 -10.71 -12.12
C ILE V 111 -118.43 -11.37 -13.22
N ILE V 112 -118.25 -12.67 -13.45
CA ILE V 112 -119.04 -13.32 -14.48
C ILE V 112 -120.50 -13.46 -14.06
N LYS V 113 -120.77 -13.56 -12.76
CA LYS V 113 -122.14 -13.83 -12.30
C LYS V 113 -122.98 -12.58 -12.16
N GLU V 114 -122.45 -11.49 -11.59
CA GLU V 114 -123.20 -10.26 -11.41
C GLU V 114 -123.00 -9.24 -12.54
N LEU V 115 -122.36 -9.62 -13.64
CA LEU V 115 -122.23 -8.73 -14.79
C LEU V 115 -122.82 -9.42 -16.01
N ALA V 116 -123.30 -8.62 -16.95
CA ALA V 116 -123.91 -9.13 -18.17
C ALA V 116 -122.99 -9.03 -19.38
N ASP V 117 -122.51 -7.82 -19.68
CA ASP V 117 -121.64 -7.64 -20.84
C ASP V 117 -120.33 -8.40 -20.68
N ALA V 118 -119.78 -8.43 -19.47
CA ALA V 118 -118.51 -9.10 -19.24
C ALA V 118 -118.62 -10.61 -19.48
N ASP V 119 -119.74 -11.21 -19.08
CA ASP V 119 -119.91 -12.65 -19.25
C ASP V 119 -119.91 -13.04 -20.73
N VAL V 120 -120.62 -12.29 -21.56
CA VAL V 120 -120.84 -12.70 -22.94
C VAL V 120 -119.76 -12.19 -23.88
N HIS V 121 -119.23 -10.99 -23.64
CA HIS V 121 -118.28 -10.36 -24.55
C HIS V 121 -116.91 -10.15 -23.93
N GLY V 122 -116.61 -10.80 -22.80
CA GLY V 122 -115.31 -10.65 -22.17
C GLY V 122 -115.15 -9.30 -21.49
N PHE V 123 -113.99 -9.14 -20.87
CA PHE V 123 -113.68 -7.91 -20.15
C PHE V 123 -112.17 -7.78 -19.99
N LEU V 124 -111.73 -6.54 -19.72
CA LEU V 124 -110.34 -6.24 -19.45
C LEU V 124 -110.25 -5.38 -18.20
N ALA V 125 -109.39 -5.78 -17.26
CA ALA V 125 -109.16 -5.03 -16.03
C ALA V 125 -107.68 -4.66 -15.94
N PRO V 126 -107.30 -3.43 -16.31
CA PRO V 126 -105.87 -3.08 -16.31
C PRO V 126 -105.21 -3.16 -14.93
N LYS V 127 -105.93 -2.85 -13.86
CA LYS V 127 -105.31 -2.75 -12.54
C LYS V 127 -105.16 -4.12 -11.88
N THR V 128 -106.26 -4.81 -11.63
CA THR V 128 -106.21 -6.08 -10.92
C THR V 128 -105.76 -7.22 -11.82
N GLY V 129 -105.78 -7.02 -13.14
CA GLY V 129 -105.36 -8.03 -14.08
C GLY V 129 -106.44 -9.00 -14.53
N ARG V 130 -107.69 -8.79 -14.13
CA ARG V 130 -108.78 -9.65 -14.58
C ARG V 130 -108.97 -9.52 -16.08
N ARG V 131 -109.13 -10.65 -16.75
CA ARG V 131 -109.31 -10.65 -18.19
C ARG V 131 -110.12 -11.87 -18.60
N ARG V 132 -111.01 -11.66 -19.58
CA ARG V 132 -111.82 -12.74 -20.13
C ARG V 132 -111.89 -12.56 -21.63
N VAL V 133 -111.66 -13.66 -22.37
CA VAL V 133 -111.72 -13.60 -23.83
C VAL V 133 -113.18 -13.43 -24.27
N SER V 134 -113.38 -12.56 -25.25
CA SER V 134 -114.72 -12.34 -25.79
C SER V 134 -115.22 -13.59 -26.49
N LEU V 135 -116.45 -13.99 -26.20
CA LEU V 135 -117.03 -15.19 -26.80
C LEU V 135 -117.58 -14.94 -28.20
N VAL V 136 -117.60 -13.69 -28.66
CA VAL V 136 -118.06 -13.34 -30.00
C VAL V 136 -116.87 -12.84 -30.80
N LYS V 137 -116.72 -13.35 -32.02
CA LYS V 137 -115.66 -12.93 -32.92
C LYS V 137 -116.27 -12.48 -34.24
N ALA V 138 -115.90 -11.28 -34.67
CA ALA V 138 -116.43 -10.68 -35.88
C ALA V 138 -115.33 -10.52 -36.91
N SER V 139 -115.63 -10.91 -38.14
CA SER V 139 -114.69 -10.82 -39.25
C SER V 139 -114.84 -9.47 -39.94
N PHE V 140 -114.21 -9.34 -41.11
CA PHE V 140 -114.28 -8.11 -41.89
C PHE V 140 -115.24 -8.30 -43.05
N ILE V 141 -116.15 -7.34 -43.21
CA ILE V 141 -117.11 -7.38 -44.31
C ILE V 141 -116.45 -6.81 -45.55
N LEU V 142 -115.82 -7.68 -46.35
CA LEU V 142 -115.02 -7.34 -47.52
C LEU V 142 -115.83 -7.53 -48.80
N PRO V 143 -115.54 -6.72 -49.83
CA PRO V 143 -116.19 -6.95 -51.14
C PRO V 143 -115.82 -8.31 -51.70
N THR V 144 -116.78 -8.90 -52.41
CA THR V 144 -116.57 -10.23 -52.98
C THR V 144 -115.61 -10.17 -54.16
N GLU V 145 -114.95 -11.29 -54.42
CA GLU V 145 -113.91 -11.35 -55.45
C GLU V 145 -114.48 -11.14 -56.84
N ASP V 146 -115.63 -11.73 -57.14
CA ASP V 146 -116.19 -11.63 -58.49
C ASP V 146 -116.54 -10.20 -58.85
N PHE V 147 -117.15 -9.46 -57.92
CA PHE V 147 -117.52 -8.08 -58.21
C PHE V 147 -116.28 -7.23 -58.47
N ILE V 148 -115.23 -7.41 -57.67
CA ILE V 148 -114.02 -6.63 -57.86
C ILE V 148 -113.33 -6.99 -59.16
N LYS V 149 -113.27 -8.27 -59.50
CA LYS V 149 -112.56 -8.69 -60.71
C LYS V 149 -113.34 -8.38 -61.97
N GLU V 150 -114.66 -8.21 -61.86
CA GLU V 150 -115.47 -7.88 -63.04
C GLU V 150 -115.78 -6.41 -63.17
N VAL V 151 -115.61 -5.62 -62.10
CA VAL V 151 -115.98 -4.21 -62.14
C VAL V 151 -115.00 -3.42 -63.01
N GLU V 152 -113.77 -3.90 -63.12
CA GLU V 152 -112.68 -3.27 -63.90
C GLU V 152 -112.68 -1.75 -63.76
N GLY V 153 -112.70 -1.30 -62.51
CA GLY V 153 -112.75 0.12 -62.20
C GLY V 153 -113.94 0.49 -61.36
N GLU V 154 -114.56 1.64 -61.65
CA GLU V 154 -115.76 2.11 -60.96
C GLU V 154 -115.49 2.24 -59.46
N ARG V 155 -114.63 3.21 -59.13
CA ARG V 155 -114.21 3.46 -57.76
C ARG V 155 -115.37 3.76 -56.81
N LEU V 156 -116.59 3.93 -57.33
CA LEU V 156 -117.79 4.19 -56.53
C LEU V 156 -117.70 5.52 -55.79
N ILE V 157 -116.77 5.64 -54.87
CA ILE V 157 -116.59 6.87 -54.10
C ILE V 157 -116.10 8.00 -55.00
N ALA V 190 -120.74 3.84 -50.75
CA ALA V 190 -120.35 2.85 -51.73
C ALA V 190 -121.49 1.86 -52.00
N THR V 191 -121.22 0.88 -52.85
CA THR V 191 -122.21 -0.13 -53.19
C THR V 191 -121.47 -1.37 -53.72
N GLY V 192 -122.24 -2.43 -53.98
CA GLY V 192 -121.71 -3.68 -54.47
C GLY V 192 -122.21 -4.83 -53.64
N LEU V 193 -121.45 -5.92 -53.67
CA LEU V 193 -121.77 -7.14 -52.94
C LEU V 193 -120.64 -7.47 -51.98
N TYR V 194 -120.97 -7.69 -50.71
CA TYR V 194 -120.00 -7.96 -49.67
C TYR V 194 -120.35 -9.29 -49.01
N GLY V 195 -119.45 -9.74 -48.13
CA GLY V 195 -119.64 -10.99 -47.42
C GLY V 195 -119.35 -10.84 -45.94
N PHE V 196 -119.97 -11.71 -45.16
CA PHE V 196 -119.77 -11.73 -43.72
C PHE V 196 -119.56 -13.18 -43.27
N SER V 197 -118.82 -13.37 -42.18
CA SER V 197 -118.56 -14.69 -41.61
C SER V 197 -118.63 -14.62 -40.08
N ILE V 198 -119.69 -14.00 -39.56
CA ILE V 198 -119.84 -13.83 -38.12
C ILE V 198 -119.85 -15.20 -37.43
N VAL V 199 -119.16 -15.28 -36.29
CA VAL V 199 -119.01 -16.52 -35.53
C VAL V 199 -119.28 -16.22 -34.06
N LEU V 200 -120.05 -17.10 -33.43
CA LEU V 200 -120.42 -16.95 -32.02
C LEU V 200 -120.09 -18.25 -31.28
N ASP V 201 -119.07 -18.22 -30.44
CA ASP V 201 -118.75 -19.34 -29.55
C ASP V 201 -119.31 -19.09 -28.15
N LEU V 202 -120.63 -19.23 -28.03
CA LEU V 202 -121.34 -18.95 -26.80
C LEU V 202 -121.52 -20.17 -25.91
N GLY V 203 -120.86 -21.28 -26.22
CA GLY V 203 -121.04 -22.48 -25.42
C GLY V 203 -120.37 -22.41 -24.06
N LEU V 204 -119.54 -21.40 -23.82
CA LEU V 204 -118.81 -21.25 -22.57
C LEU V 204 -119.39 -20.14 -21.70
N VAL V 205 -120.49 -19.52 -22.12
CA VAL V 205 -121.05 -18.39 -21.37
C VAL V 205 -121.57 -18.87 -20.03
N GLY V 206 -121.42 -18.03 -19.01
CA GLY V 206 -121.83 -18.36 -17.66
C GLY V 206 -120.85 -19.22 -16.89
N ILE V 207 -119.75 -19.62 -17.52
CA ILE V 207 -118.74 -20.48 -16.89
C ILE V 207 -117.46 -19.67 -16.78
N PRO V 208 -116.93 -19.44 -15.58
CA PRO V 208 -115.75 -18.57 -15.45
C PRO V 208 -114.50 -19.19 -16.07
N GLN V 209 -113.61 -18.32 -16.53
CA GLN V 209 -112.36 -18.77 -17.12
C GLN V 209 -111.45 -19.42 -16.08
N GLY V 210 -111.63 -19.09 -14.81
CA GLY V 210 -110.76 -19.63 -13.77
C GLY V 210 -110.88 -21.13 -13.63
N LEU V 211 -112.12 -21.62 -13.57
CA LEU V 211 -112.39 -23.07 -13.43
C LEU V 211 -113.49 -23.43 -14.43
N PRO V 212 -113.14 -23.65 -15.70
CA PRO V 212 -114.16 -24.00 -16.69
C PRO V 212 -114.86 -25.33 -16.40
N VAL V 213 -114.14 -26.32 -15.88
CA VAL V 213 -114.68 -27.65 -15.65
C VAL V 213 -114.30 -28.09 -14.24
N LYS V 214 -115.25 -28.68 -13.52
CA LYS V 214 -115.03 -29.15 -12.17
C LYS V 214 -115.15 -30.67 -12.13
N PHE V 215 -114.30 -31.30 -11.31
CA PHE V 215 -114.25 -32.75 -11.16
C PHE V 215 -114.77 -33.09 -9.77
N GLU V 216 -115.92 -33.75 -9.69
CA GLU V 216 -116.47 -34.12 -8.39
C GLU V 216 -115.83 -35.40 -7.88
N GLU V 217 -116.04 -36.51 -8.58
CA GLU V 217 -115.30 -37.76 -8.37
C GLU V 217 -115.00 -38.34 -9.75
N ASN V 218 -113.88 -37.92 -10.34
CA ASN V 218 -113.44 -38.40 -11.65
C ASN V 218 -114.53 -38.24 -12.71
N GLN V 219 -115.26 -37.12 -12.64
CA GLN V 219 -116.35 -36.85 -13.56
C GLN V 219 -116.34 -35.36 -13.90
N PRO V 220 -116.22 -35.00 -15.17
CA PRO V 220 -116.22 -33.59 -15.56
C PRO V 220 -117.63 -33.01 -15.62
N ARG V 221 -117.79 -31.81 -15.08
CA ARG V 221 -119.04 -31.09 -15.21
C ARG V 221 -118.76 -29.61 -15.42
N PRO V 222 -119.62 -28.91 -16.14
CA PRO V 222 -119.38 -27.47 -16.38
C PRO V 222 -119.73 -26.64 -15.15
N ASN V 223 -118.78 -25.79 -14.76
CA ASN V 223 -118.94 -24.95 -13.58
C ASN V 223 -119.77 -23.73 -13.97
N ILE V 224 -121.08 -23.93 -14.02
CA ILE V 224 -122.01 -22.86 -14.34
C ILE V 224 -122.39 -22.17 -13.03
N VAL V 225 -121.87 -20.96 -12.82
CA VAL V 225 -122.06 -20.29 -11.54
C VAL V 225 -123.52 -19.88 -11.33
N ILE V 226 -124.19 -19.46 -12.40
CA ILE V 226 -125.58 -19.04 -12.30
C ILE V 226 -126.49 -20.27 -12.39
N ASP V 227 -127.75 -20.10 -12.00
CA ASP V 227 -128.72 -21.18 -12.13
C ASP V 227 -128.94 -21.47 -13.62
N PRO V 228 -129.22 -22.73 -13.98
CA PRO V 228 -129.26 -23.08 -15.41
C PRO V 228 -130.23 -22.26 -16.24
N ASN V 229 -131.36 -21.82 -15.66
CA ASN V 229 -132.36 -21.11 -16.45
C ASN V 229 -131.83 -19.79 -17.00
N GLU V 230 -131.04 -19.07 -16.21
CA GLU V 230 -130.41 -17.85 -16.72
C GLU V 230 -129.42 -18.17 -17.83
N ARG V 231 -128.67 -19.27 -17.70
CA ARG V 231 -127.79 -19.68 -18.79
C ARG V 231 -128.58 -19.92 -20.07
N LYS V 232 -129.70 -20.63 -19.98
CA LYS V 232 -130.55 -20.81 -21.14
C LYS V 232 -130.97 -19.47 -21.71
N ALA V 233 -131.54 -18.60 -20.86
CA ALA V 233 -132.03 -17.30 -21.32
C ALA V 233 -130.93 -16.54 -22.06
N ARG V 234 -129.70 -16.59 -21.56
CA ARG V 234 -128.58 -16.01 -22.29
C ARG V 234 -128.41 -16.69 -23.65
N ILE V 235 -128.61 -18.00 -23.71
CA ILE V 235 -128.46 -18.71 -24.99
C ILE V 235 -129.49 -18.22 -26.00
N GLU V 236 -130.78 -18.18 -25.62
CA GLU V 236 -131.77 -17.69 -26.59
C GLU V 236 -131.51 -16.24 -26.95
N SER V 237 -131.15 -15.42 -25.96
CA SER V 237 -130.90 -14.01 -26.25
C SER V 237 -129.76 -13.82 -27.24
N ALA V 238 -128.66 -14.54 -27.05
CA ALA V 238 -127.53 -14.43 -27.97
C ALA V 238 -127.89 -14.97 -29.35
N LEU V 239 -128.66 -16.07 -29.40
CA LEU V 239 -129.03 -16.62 -30.70
C LEU V 239 -129.94 -15.67 -31.47
N LYS V 240 -130.92 -15.05 -30.81
CA LYS V 240 -131.84 -14.19 -31.53
C LYS V 240 -131.38 -12.74 -31.57
N ALA V 241 -130.21 -12.43 -31.02
CA ALA V 241 -129.63 -11.10 -31.23
C ALA V 241 -129.19 -10.88 -32.67
N LEU V 242 -129.35 -11.88 -33.54
CA LEU V 242 -128.99 -11.75 -34.95
C LEU V 242 -130.05 -11.01 -35.75
N ILE V 243 -131.18 -10.65 -35.14
CA ILE V 243 -132.22 -9.94 -35.88
C ILE V 243 -131.74 -8.58 -36.41
N PRO V 244 -131.12 -7.70 -35.60
CA PRO V 244 -130.64 -6.44 -36.18
C PRO V 244 -129.28 -6.56 -36.82
N MET V 245 -129.06 -7.66 -37.54
CA MET V 245 -127.84 -7.91 -38.30
C MET V 245 -128.11 -7.94 -39.80
N LEU V 246 -129.11 -8.70 -40.23
CA LEU V 246 -129.48 -8.82 -41.63
C LEU V 246 -130.69 -7.95 -41.97
N SER V 247 -131.13 -7.09 -41.06
CA SER V 247 -132.27 -6.23 -41.29
C SER V 247 -131.87 -4.83 -41.76
N GLY V 248 -130.59 -4.58 -41.98
CA GLY V 248 -130.14 -3.27 -42.40
C GLY V 248 -129.85 -2.34 -41.24
N TYR V 249 -129.24 -2.88 -40.18
CA TYR V 249 -128.91 -2.14 -38.98
C TYR V 249 -127.44 -2.32 -38.63
N ILE V 250 -126.57 -2.17 -39.64
CA ILE V 250 -125.14 -2.37 -39.48
C ILE V 250 -124.41 -1.14 -40.03
N GLY V 251 -123.38 -0.72 -39.30
CA GLY V 251 -122.57 0.40 -39.73
C GLY V 251 -122.86 1.67 -38.96
N ALA V 252 -122.27 2.77 -39.45
CA ALA V 252 -122.43 4.08 -38.85
C ALA V 252 -123.23 4.98 -39.78
N ASN V 253 -123.60 6.16 -39.24
CA ASN V 253 -124.35 7.17 -39.99
C ASN V 253 -125.66 6.61 -40.54
N LEU V 254 -126.35 5.81 -39.72
CA LEU V 254 -127.64 5.26 -40.12
C LEU V 254 -128.77 6.26 -40.03
N ALA V 255 -128.55 7.39 -39.34
CA ALA V 255 -129.59 8.40 -39.19
C ALA V 255 -129.84 9.18 -40.48
N ARG V 256 -128.95 9.11 -41.46
CA ARG V 256 -129.09 9.84 -42.71
C ARG V 256 -128.89 9.00 -43.96
N SER V 257 -128.20 7.87 -43.89
CA SER V 257 -127.92 7.07 -45.08
C SER V 257 -129.00 6.01 -45.30
N PHE V 258 -129.16 5.09 -44.34
CA PHE V 258 -130.09 3.97 -44.43
C PHE V 258 -129.92 3.24 -45.75
N PRO V 259 -128.82 2.51 -45.94
CA PRO V 259 -128.58 1.87 -47.24
C PRO V 259 -129.60 0.77 -47.54
N VAL V 260 -129.83 0.56 -48.83
CA VAL V 260 -130.72 -0.52 -49.27
C VAL V 260 -130.09 -1.85 -48.90
N PHE V 261 -130.77 -2.60 -48.03
CA PHE V 261 -130.26 -3.86 -47.51
C PHE V 261 -131.10 -5.01 -48.03
N LYS V 262 -130.46 -6.01 -48.62
CA LYS V 262 -131.15 -7.18 -49.13
C LYS V 262 -130.21 -8.38 -49.00
N VAL V 263 -130.67 -9.42 -48.30
CA VAL V 263 -129.86 -10.61 -48.09
C VAL V 263 -129.87 -11.45 -49.37
N GLU V 264 -128.68 -11.73 -49.91
CA GLU V 264 -128.60 -12.53 -51.12
C GLU V 264 -128.48 -14.02 -50.82
N GLU V 265 -127.48 -14.42 -50.03
CA GLU V 265 -127.32 -15.81 -49.68
C GLU V 265 -126.66 -15.94 -48.32
N LEU V 266 -126.87 -17.08 -47.68
CA LEU V 266 -126.25 -17.32 -46.37
C LEU V 266 -126.20 -18.81 -46.09
N VAL V 267 -125.33 -19.17 -45.15
CA VAL V 267 -125.19 -20.56 -44.68
C VAL V 267 -124.75 -20.52 -43.23
N ALA V 268 -125.32 -21.41 -42.42
CA ALA V 268 -125.08 -21.44 -40.99
C ALA V 268 -124.86 -22.88 -40.52
N ILE V 269 -124.01 -23.00 -39.51
CA ILE V 269 -123.72 -24.28 -38.86
C ILE V 269 -123.83 -24.09 -37.36
N ALA V 270 -124.39 -25.10 -36.68
CA ALA V 270 -124.64 -25.00 -35.24
C ALA V 270 -123.80 -25.97 -34.44
N SER V 271 -123.88 -27.27 -34.73
CA SER V 271 -123.12 -28.31 -34.01
C SER V 271 -123.36 -28.24 -32.51
N GLU V 272 -122.50 -28.91 -31.73
CA GLU V 272 -122.62 -28.87 -30.28
C GLU V 272 -121.28 -28.53 -29.62
N GLY V 273 -120.18 -28.88 -30.27
CA GLY V 273 -118.87 -28.69 -29.69
C GLY V 273 -117.88 -28.05 -30.64
N PRO V 274 -116.58 -28.21 -30.36
CA PRO V 274 -115.54 -27.63 -31.21
C PRO V 274 -115.65 -28.16 -32.63
N ILE V 275 -115.83 -27.25 -33.59
CA ILE V 275 -115.91 -27.60 -35.01
C ILE V 275 -115.07 -26.61 -35.80
N PRO V 276 -114.59 -27.02 -36.97
CA PRO V 276 -113.82 -26.08 -37.81
C PRO V 276 -114.65 -24.86 -38.19
N ALA V 277 -113.99 -23.71 -38.24
CA ALA V 277 -114.68 -22.46 -38.53
C ALA V 277 -115.15 -22.42 -39.98
N LEU V 278 -116.31 -21.82 -40.20
CA LEU V 278 -116.86 -21.70 -41.55
C LEU V 278 -116.11 -20.61 -42.32
N VAL V 279 -115.93 -20.85 -43.62
CA VAL V 279 -115.15 -19.93 -44.45
C VAL V 279 -115.98 -18.68 -44.76
N HIS V 280 -115.28 -17.57 -44.94
CA HIS V 280 -115.89 -16.30 -45.30
C HIS V 280 -116.30 -16.31 -46.77
N GLY V 281 -117.18 -15.38 -47.13
CA GLY V 281 -117.71 -15.26 -48.47
C GLY V 281 -116.86 -14.45 -49.43
N PHE V 282 -115.64 -14.06 -49.04
CA PHE V 282 -114.79 -13.29 -49.95
C PHE V 282 -114.41 -14.11 -51.18
N TYR V 283 -114.08 -15.39 -50.98
CA TYR V 283 -113.69 -16.25 -52.09
C TYR V 283 -114.91 -16.67 -52.89
N GLU V 284 -114.67 -16.99 -54.17
CA GLU V 284 -115.74 -17.34 -55.10
C GLU V 284 -116.16 -18.80 -54.98
N ASP V 285 -115.19 -19.71 -54.87
CA ASP V 285 -115.48 -21.14 -54.77
C ASP V 285 -115.72 -21.55 -53.31
N TYR V 286 -116.75 -20.93 -52.71
CA TYR V 286 -117.07 -21.18 -51.32
C TYR V 286 -118.11 -22.28 -51.14
N ILE V 287 -118.99 -22.49 -52.13
CA ILE V 287 -120.01 -23.53 -52.02
C ILE V 287 -119.34 -24.89 -51.88
N GLU V 288 -118.32 -25.15 -52.71
CA GLU V 288 -117.64 -26.44 -52.67
C GLU V 288 -116.94 -26.66 -51.33
N ALA V 289 -116.27 -25.63 -50.81
CA ALA V 289 -115.62 -25.76 -49.51
C ALA V 289 -116.64 -26.04 -48.41
N ASN V 290 -117.76 -25.32 -48.42
CA ASN V 290 -118.77 -25.53 -47.40
C ASN V 290 -119.35 -26.94 -47.46
N ARG V 291 -119.72 -27.41 -48.66
CA ARG V 291 -120.29 -28.74 -48.76
C ARG V 291 -119.28 -29.80 -48.34
N SER V 292 -118.02 -29.64 -48.76
CA SER V 292 -116.99 -30.61 -48.39
C SER V 292 -116.80 -30.67 -46.88
N ILE V 293 -116.69 -29.50 -46.24
CA ILE V 293 -116.45 -29.50 -44.79
C ILE V 293 -117.65 -30.06 -44.05
N ILE V 294 -118.87 -29.73 -44.50
CA ILE V 294 -120.05 -30.26 -43.82
C ILE V 294 -120.10 -31.79 -43.95
N LYS V 295 -119.87 -32.30 -45.17
CA LYS V 295 -119.97 -33.74 -45.39
C LYS V 295 -118.93 -34.50 -44.60
N ASN V 296 -117.67 -34.09 -44.69
CA ASN V 296 -116.64 -34.86 -44.00
C ASN V 296 -116.68 -34.63 -42.49
N ALA V 297 -117.16 -33.46 -42.03
CA ALA V 297 -117.39 -33.27 -40.61
C ALA V 297 -118.45 -34.23 -40.09
N ARG V 298 -119.51 -34.45 -40.87
CA ARG V 298 -120.46 -35.51 -40.52
C ARG V 298 -119.78 -36.88 -40.59
N ALA V 299 -118.83 -37.04 -41.51
CA ALA V 299 -118.14 -38.32 -41.65
C ALA V 299 -117.33 -38.66 -40.40
N LEU V 300 -116.68 -37.66 -39.79
CA LEU V 300 -115.95 -37.91 -38.55
C LEU V 300 -116.88 -38.41 -37.44
N GLY V 301 -118.17 -38.12 -37.52
CA GLY V 301 -119.09 -38.59 -36.51
C GLY V 301 -119.53 -37.50 -35.55
N PHE V 302 -119.73 -36.30 -36.06
CA PHE V 302 -120.19 -35.17 -35.28
C PHE V 302 -121.63 -34.83 -35.66
N ASN V 303 -122.41 -34.38 -34.68
CA ASN V 303 -123.80 -34.01 -34.95
C ASN V 303 -123.87 -32.70 -35.72
N ILE V 304 -123.66 -32.78 -37.03
CA ILE V 304 -123.52 -31.60 -37.88
C ILE V 304 -124.79 -31.47 -38.72
N GLU V 305 -125.48 -30.34 -38.57
CA GLU V 305 -126.64 -30.01 -39.37
C GLU V 305 -126.51 -28.57 -39.86
N VAL V 306 -126.79 -28.35 -41.13
CA VAL V 306 -126.46 -27.09 -41.81
C VAL V 306 -127.75 -26.43 -42.31
N PHE V 307 -127.81 -25.11 -42.15
CA PHE V 307 -128.90 -24.28 -42.63
C PHE V 307 -128.41 -23.50 -43.85
N THR V 308 -129.23 -23.46 -44.90
CA THR V 308 -128.82 -22.82 -46.14
C THR V 308 -129.91 -21.87 -46.63
N TYR V 309 -129.48 -20.83 -47.34
CA TYR V 309 -130.39 -19.91 -48.01
C TYR V 309 -129.71 -19.44 -49.29
N ASN V 310 -130.34 -19.74 -50.43
CA ASN V 310 -129.85 -19.43 -51.77
C ASN V 310 -128.56 -20.18 -52.10
N VAL V 311 -128.25 -21.24 -51.37
CA VAL V 311 -127.09 -22.09 -51.65
C VAL V 311 -127.57 -23.54 -51.70
N ASP V 312 -127.20 -24.23 -52.78
CA ASP V 312 -127.65 -25.61 -52.95
C ASP V 312 -126.97 -26.55 -51.95
N LEU V 313 -125.64 -26.41 -51.80
CA LEU V 313 -124.85 -27.28 -50.94
C LEU V 313 -125.02 -28.76 -51.31
N GLY V 314 -125.16 -29.03 -52.61
CA GLY V 314 -125.38 -30.39 -53.05
C GLY V 314 -126.77 -30.88 -52.72
N GLU V 315 -126.93 -32.20 -52.85
CA GLU V 315 -128.21 -32.84 -52.58
C GLU V 315 -128.06 -34.03 -51.65
N ASP V 316 -126.86 -34.62 -51.61
CA ASP V 316 -126.63 -35.79 -50.79
C ASP V 316 -126.57 -35.46 -49.29
N ILE V 317 -126.32 -34.21 -48.95
CA ILE V 317 -126.21 -33.81 -47.55
C ILE V 317 -127.58 -33.32 -47.07
N GLU V 318 -127.80 -33.40 -45.77
CA GLU V 318 -129.04 -32.92 -45.15
C GLU V 318 -128.84 -31.45 -44.83
N ALA V 319 -129.26 -30.59 -45.76
CA ALA V 319 -129.21 -29.15 -45.60
C ALA V 319 -130.62 -28.61 -45.55
N THR V 320 -130.94 -27.86 -44.50
CA THR V 320 -132.28 -27.34 -44.32
C THR V 320 -132.41 -25.99 -45.02
N LYS V 321 -133.38 -25.87 -45.93
CA LYS V 321 -133.56 -24.66 -46.71
C LYS V 321 -134.44 -23.68 -45.97
N VAL V 322 -133.96 -22.45 -45.83
CA VAL V 322 -134.70 -21.38 -45.16
C VAL V 322 -134.71 -20.17 -46.09
N SER V 323 -135.90 -19.61 -46.31
CA SER V 323 -136.08 -18.52 -47.27
C SER V 323 -136.17 -17.15 -46.62
N SER V 324 -135.97 -17.05 -45.31
CA SER V 324 -136.06 -15.76 -44.63
C SER V 324 -135.10 -15.79 -43.45
N VAL V 325 -135.29 -14.86 -42.50
CA VAL V 325 -134.39 -14.70 -41.37
C VAL V 325 -135.05 -15.08 -40.05
N GLU V 326 -136.33 -14.79 -39.89
CA GLU V 326 -136.97 -15.00 -38.59
C GLU V 326 -137.10 -16.49 -38.26
N GLU V 327 -137.48 -17.31 -39.23
CA GLU V 327 -137.59 -18.75 -38.95
C GLU V 327 -136.22 -19.38 -38.79
N LEU V 328 -135.19 -18.78 -39.38
CA LEU V 328 -133.83 -19.28 -39.18
C LEU V 328 -133.43 -19.21 -37.71
N VAL V 329 -133.56 -18.03 -37.11
CA VAL V 329 -133.22 -17.89 -35.69
C VAL V 329 -134.23 -18.62 -34.81
N ALA V 330 -135.49 -18.74 -35.27
CA ALA V 330 -136.47 -19.51 -34.52
C ALA V 330 -136.06 -20.97 -34.43
N ASN V 331 -135.55 -21.53 -35.53
CA ASN V 331 -135.04 -22.90 -35.50
C ASN V 331 -133.71 -23.00 -34.76
N LEU V 332 -132.92 -21.93 -34.76
CA LEU V 332 -131.67 -21.93 -34.00
C LEU V 332 -131.95 -22.07 -32.50
N VAL V 333 -132.98 -21.38 -32.01
CA VAL V 333 -133.35 -21.48 -30.60
C VAL V 333 -134.27 -22.65 -30.31
N LYS V 334 -134.52 -23.52 -31.29
CA LYS V 334 -135.42 -24.65 -31.07
C LYS V 334 -134.83 -25.65 -30.09
N MET V 335 -133.58 -26.05 -30.30
CA MET V 335 -132.90 -26.99 -29.41
C MET V 335 -131.95 -26.29 -28.44
N VAL V 336 -131.94 -24.95 -28.44
CA VAL V 336 -131.11 -24.11 -27.57
C VAL V 336 -129.72 -24.69 -27.32
N PHE X 1 81.01 -14.14 61.41
CA PHE X 1 80.28 -13.11 60.68
C PHE X 1 80.24 -11.80 61.46
N ASN X 2 80.46 -10.69 60.75
CA ASN X 2 80.42 -9.38 61.40
C ASN X 2 79.03 -9.07 61.95
N GLU X 3 77.99 -9.39 61.20
CA GLU X 3 76.59 -9.09 61.53
C GLU X 3 76.47 -7.69 62.14
N PHE X 4 77.02 -6.73 61.41
CA PHE X 4 77.10 -5.35 61.89
C PHE X 4 75.72 -4.75 62.09
N LYS X 5 75.46 -4.28 63.31
CA LYS X 5 74.17 -3.67 63.62
C LYS X 5 74.06 -2.29 62.97
N THR X 6 72.81 -1.89 62.70
CA THR X 6 72.54 -0.61 62.06
C THR X 6 71.62 0.21 62.95
N PRO X 7 71.97 1.46 63.25
CA PRO X 7 71.15 2.25 64.18
C PRO X 7 69.74 2.49 63.66
N GLN X 8 68.78 2.50 64.57
CA GLN X 8 67.37 2.70 64.24
C GLN X 8 67.01 4.17 64.40
N ILE X 9 66.81 4.86 63.28
CA ILE X 9 66.42 6.26 63.30
C ILE X 9 65.16 6.50 62.46
N ASP X 10 65.18 6.02 61.22
CA ASP X 10 64.12 6.29 60.26
C ASP X 10 64.18 5.24 59.15
N PRO X 11 63.10 4.48 58.90
CA PRO X 11 63.18 3.40 57.91
C PRO X 11 63.50 3.86 56.50
N ILE X 12 63.58 5.17 56.29
CA ILE X 12 64.10 5.74 55.06
C ILE X 12 65.59 6.05 55.18
N PHE X 13 65.98 6.77 56.24
CA PHE X 13 67.40 6.98 56.49
C PHE X 13 68.11 5.69 56.86
N ASP X 14 67.44 4.85 57.66
CA ASP X 14 68.01 3.54 58.00
C ASP X 14 68.24 2.70 56.76
N LEU X 15 67.29 2.73 55.83
CA LEU X 15 67.49 2.06 54.55
C LEU X 15 68.73 2.59 53.85
N TYR X 16 68.89 3.91 53.80
CA TYR X 16 70.03 4.49 53.09
C TYR X 16 71.35 4.06 53.71
N VAL X 17 71.46 4.11 55.04
CA VAL X 17 72.73 3.76 55.67
C VAL X 17 73.01 2.27 55.55
N ALA X 18 72.03 1.43 55.88
CA ALA X 18 72.24 -0.02 55.83
C ALA X 18 72.35 -0.52 54.39
N TYR X 19 72.01 0.31 53.41
CA TYR X 19 72.07 -0.06 52.02
C TYR X 19 73.25 0.59 51.30
N GLY X 20 73.92 1.54 51.93
CA GLY X 20 75.24 1.97 51.52
C GLY X 20 76.31 1.15 52.21
N TYR X 21 75.89 0.41 53.24
CA TYR X 21 76.78 -0.58 53.83
C TYR X 21 77.38 -1.49 52.75
N VAL X 22 76.54 -1.98 51.84
CA VAL X 22 77.00 -2.94 50.85
C VAL X 22 77.94 -2.29 49.84
N VAL X 23 77.67 -1.04 49.44
CA VAL X 23 78.57 -0.40 48.49
C VAL X 23 79.90 -0.10 49.14
N SER X 24 79.90 0.21 50.45
CA SER X 24 81.17 0.33 51.15
C SER X 24 81.88 -1.02 51.25
N LEU X 25 81.11 -2.10 51.32
CA LEU X 25 81.71 -3.43 51.45
C LEU X 25 82.33 -3.93 50.15
N ILE X 26 81.66 -3.69 49.02
CA ILE X 26 82.07 -4.33 47.77
C ILE X 26 83.44 -3.83 47.31
N ARG X 27 83.72 -2.54 47.51
CA ARG X 27 85.00 -2.00 47.09
C ARG X 27 86.17 -2.53 47.92
N GLY X 28 85.90 -3.08 49.10
CA GLY X 28 86.94 -3.71 49.89
C GLY X 28 86.89 -5.21 49.82
N GLY X 29 85.85 -5.74 49.19
CA GLY X 29 85.67 -7.18 49.08
C GLY X 29 84.40 -7.65 49.74
N ALA X 30 84.55 -8.41 50.83
CA ALA X 30 83.43 -8.86 51.66
C ALA X 30 82.41 -9.67 50.85
N LYS X 31 82.87 -10.82 50.35
CA LYS X 31 82.00 -11.72 49.63
C LYS X 31 81.08 -12.47 50.59
N GLU X 32 80.13 -13.21 50.00
CA GLU X 32 79.09 -13.96 50.72
C GLU X 32 78.48 -13.13 51.87
N ALA X 33 77.85 -12.03 51.49
CA ALA X 33 77.17 -11.15 52.41
C ALA X 33 75.68 -11.09 52.07
N THR X 34 74.87 -10.83 53.09
CA THR X 34 73.42 -10.73 52.91
C THR X 34 72.86 -9.60 53.75
N LEU X 35 71.66 -9.15 53.38
CA LEU X 35 70.97 -8.05 54.05
C LEU X 35 69.59 -8.53 54.45
N ILE X 36 69.39 -8.73 55.75
CA ILE X 36 68.11 -9.17 56.30
C ILE X 36 67.32 -7.94 56.72
N PRO X 37 66.13 -7.70 56.17
CA PRO X 37 65.31 -6.59 56.63
C PRO X 37 64.53 -6.94 57.88
N HIS X 38 64.39 -5.95 58.76
CA HIS X 38 63.62 -6.07 59.99
C HIS X 38 62.55 -4.99 60.07
N GLY X 39 61.90 -4.72 58.94
CA GLY X 39 60.92 -3.64 58.87
C GLY X 39 61.58 -2.29 58.72
N ALA X 40 62.44 -1.92 59.68
CA ALA X 40 63.18 -0.67 59.63
C ALA X 40 64.65 -0.80 59.95
N SER X 41 65.09 -1.85 60.67
CA SER X 41 66.48 -1.95 61.06
C SER X 41 67.39 -2.24 59.88
N TYR X 42 67.01 -3.19 59.03
CA TYR X 42 67.79 -3.58 57.85
C TYR X 42 69.19 -4.04 58.25
N LEU X 43 69.24 -5.10 59.05
CA LEU X 43 70.52 -5.63 59.51
C LEU X 43 71.26 -6.29 58.35
N ILE X 44 72.59 -6.34 58.47
CA ILE X 44 73.44 -6.92 57.44
C ILE X 44 74.35 -7.94 58.08
N GLN X 45 74.49 -9.09 57.41
CA GLN X 45 75.41 -10.15 57.84
C GLN X 45 76.53 -10.26 56.81
N THR X 46 77.76 -10.15 57.28
CA THR X 46 78.94 -10.20 56.41
C THR X 46 80.09 -10.83 57.20
N ASP X 47 81.03 -11.42 56.46
CA ASP X 47 82.23 -12.01 57.05
C ASP X 47 83.41 -11.05 57.06
N VAL X 48 83.14 -9.75 57.11
CA VAL X 48 84.16 -8.74 56.97
C VAL X 48 84.56 -8.23 58.36
N SER X 49 85.81 -7.79 58.48
CA SER X 49 86.25 -7.08 59.67
C SER X 49 86.10 -5.59 59.42
N ASN X 50 86.53 -4.77 60.38
CA ASN X 50 86.30 -3.33 60.28
C ASN X 50 87.24 -2.65 59.30
N GLU X 51 88.49 -3.10 59.20
CA GLU X 51 89.47 -2.37 58.39
C GLU X 51 89.12 -2.42 56.91
N GLU X 52 88.72 -3.57 56.39
CA GLU X 52 88.33 -3.64 54.99
C GLU X 52 87.07 -2.83 54.73
N PHE X 53 86.16 -2.80 55.69
CA PHE X 53 85.00 -1.93 55.60
C PHE X 53 85.42 -0.47 55.46
N ARG X 54 86.38 -0.04 56.28
CA ARG X 54 86.84 1.34 56.22
C ARG X 54 87.55 1.64 54.90
N HIS X 55 88.37 0.70 54.42
CA HIS X 55 89.03 0.91 53.12
C HIS X 55 88.01 1.03 51.99
N GLY X 56 86.99 0.17 51.99
CA GLY X 56 85.96 0.29 50.98
C GLY X 56 85.22 1.61 51.06
N LEU X 57 84.89 2.04 52.28
CA LEU X 57 84.17 3.30 52.43
C LEU X 57 85.01 4.49 51.97
N VAL X 58 86.30 4.50 52.32
CA VAL X 58 87.14 5.62 51.91
C VAL X 58 87.40 5.58 50.40
N ASP X 59 87.46 4.40 49.79
CA ASP X 59 87.56 4.33 48.34
C ASP X 59 86.32 4.91 47.67
N ALA X 60 85.14 4.55 48.19
CA ALA X 60 83.89 5.07 47.63
C ALA X 60 83.83 6.59 47.76
N LEU X 61 84.18 7.12 48.94
CA LEU X 61 84.10 8.56 49.12
C LEU X 61 85.23 9.29 48.40
N SER X 62 86.34 8.59 48.13
CA SER X 62 87.39 9.19 47.30
C SER X 62 86.92 9.34 45.86
N SER X 63 86.24 8.32 45.32
CA SER X 63 85.61 8.48 44.02
C SER X 63 84.55 9.57 44.05
N MET X 64 83.81 9.65 45.15
CA MET X 64 82.80 10.69 45.32
C MET X 64 83.42 12.08 45.25
N LEU X 65 84.51 12.31 45.98
CA LEU X 65 85.15 13.62 45.98
C LEU X 65 85.84 13.91 44.65
N SER X 66 86.37 12.88 44.00
CA SER X 66 86.96 13.06 42.67
C SER X 66 85.89 13.53 41.68
N LEU X 67 84.70 12.93 41.76
CA LEU X 67 83.60 13.42 40.94
C LEU X 67 83.18 14.83 41.34
N HIS X 68 83.21 15.13 42.64
CA HIS X 68 82.80 16.46 43.10
C HIS X 68 83.72 17.55 42.56
N ILE X 69 85.04 17.33 42.63
CA ILE X 69 86.00 18.33 42.19
C ILE X 69 85.93 18.58 40.68
N ALA X 70 85.38 17.64 39.92
CA ALA X 70 85.32 17.80 38.47
C ALA X 70 84.49 19.01 38.06
N LEU X 71 83.60 19.48 38.93
CA LEU X 71 82.81 20.66 38.64
C LEU X 71 82.85 21.61 39.84
N ALA X 72 82.73 22.89 39.54
CA ALA X 72 82.74 23.92 40.58
C ALA X 72 82.08 25.21 40.09
N LYS X 81 84.80 27.35 48.85
CA LYS X 81 83.41 27.05 48.54
C LYS X 81 83.25 26.58 47.10
N LEU X 82 83.18 25.28 46.91
CA LEU X 82 83.02 24.67 45.59
C LEU X 82 81.65 24.02 45.51
N VAL X 83 80.87 24.41 44.50
CA VAL X 83 79.54 23.87 44.26
C VAL X 83 79.54 23.17 42.92
N SER X 84 79.25 21.88 42.92
CA SER X 84 79.21 21.06 41.70
C SER X 84 77.79 20.59 41.46
N ASP X 85 77.44 20.41 40.18
CA ASP X 85 76.12 19.94 39.82
C ASP X 85 76.02 18.42 39.95
N ALA X 86 76.35 17.89 41.12
CA ALA X 86 76.34 16.47 41.38
C ALA X 86 75.10 16.08 42.17
N ASP X 87 74.85 14.78 42.25
CA ASP X 87 73.69 14.28 42.99
C ASP X 87 73.79 14.64 44.46
N PHE X 88 74.96 14.45 45.06
CA PHE X 88 75.17 14.73 46.47
C PHE X 88 75.60 16.17 46.73
N SER X 89 75.79 16.97 45.68
CA SER X 89 76.23 18.34 45.83
C SER X 89 75.12 19.34 45.48
N ALA X 90 74.54 19.23 44.28
CA ALA X 90 73.45 20.13 43.91
C ALA X 90 72.27 19.44 43.24
N GLY X 91 72.41 18.19 42.79
CA GLY X 91 71.30 17.53 42.15
C GLY X 91 70.15 17.23 43.10
N ALA X 92 70.48 16.80 44.32
CA ALA X 92 69.48 16.45 45.30
C ALA X 92 69.42 17.40 46.50
N ASN X 93 70.48 18.16 46.77
CA ASN X 93 70.48 19.10 47.88
C ASN X 93 69.61 20.29 47.50
N ILE X 94 68.36 20.27 47.97
CA ILE X 94 67.43 21.35 47.66
C ILE X 94 67.85 22.68 48.28
N ASN X 95 68.61 22.65 49.38
CA ASN X 95 69.04 23.86 50.04
C ASN X 95 70.38 24.32 49.49
N ASN X 96 70.51 25.64 49.28
CA ASN X 96 71.74 26.19 48.71
C ASN X 96 72.92 26.03 49.65
N VAL X 97 72.70 26.12 50.96
CA VAL X 97 73.85 26.08 51.93
C VAL X 97 74.38 24.65 52.00
N TYR X 98 73.53 23.66 51.73
CA TYR X 98 73.96 22.23 51.78
C TYR X 98 74.87 21.93 50.59
N TRP X 99 74.71 22.68 49.49
CA TRP X 99 75.58 22.49 48.33
C TRP X 99 77.05 22.54 48.74
N ASP X 100 77.40 23.44 49.66
CA ASP X 100 78.75 23.50 50.20
C ASP X 100 78.90 22.67 51.46
N SER X 101 77.83 22.52 52.25
CA SER X 101 77.93 21.80 53.52
C SER X 101 78.30 20.32 53.31
N VAL X 102 77.62 19.66 52.37
CA VAL X 102 77.82 18.22 52.19
C VAL X 102 79.24 17.87 51.76
N PRO X 103 79.83 18.51 50.74
CA PRO X 103 81.22 18.15 50.38
C PRO X 103 82.21 18.38 51.50
N ARG X 104 82.02 19.44 52.30
CA ARG X 104 82.92 19.67 53.43
C ARG X 104 82.81 18.56 54.46
N ASN X 105 81.58 18.10 54.73
CA ASN X 105 81.40 16.98 55.64
C ASN X 105 82.06 15.73 55.09
N LEU X 106 81.91 15.48 53.79
CA LEU X 106 82.51 14.29 53.18
C LEU X 106 84.04 14.32 53.29
N GLU X 107 84.64 15.48 53.00
CA GLU X 107 86.10 15.57 53.06
C GLU X 107 86.60 15.53 54.50
N LYS X 108 85.83 16.04 55.46
CA LYS X 108 86.19 15.89 56.87
C LYS X 108 86.14 14.42 57.29
N LEU X 109 85.11 13.70 56.85
CA LEU X 109 85.04 12.26 57.12
C LEU X 109 86.25 11.54 56.55
N MET X 110 86.60 11.83 55.29
CA MET X 110 87.84 11.30 54.74
C MET X 110 89.03 11.62 55.63
N LYS X 111 89.33 12.91 55.86
CA LYS X 111 90.52 13.31 56.58
C LYS X 111 90.60 12.62 57.94
N ASP X 112 89.46 12.44 58.60
CA ASP X 112 89.45 11.64 59.82
C ASP X 112 89.70 10.16 59.52
N LEU X 113 89.37 9.71 58.31
CA LEU X 113 89.33 8.28 58.05
C LEU X 113 90.68 7.71 57.62
N GLU X 114 91.45 8.40 56.76
CA GLU X 114 92.66 7.73 56.30
C GLU X 114 93.69 7.57 57.42
N LYS X 115 93.58 8.38 58.48
CA LYS X 115 94.53 8.33 59.58
C LYS X 115 94.07 7.42 60.72
N LYS X 116 93.17 6.48 60.42
CA LYS X 116 92.77 5.44 61.37
C LYS X 116 92.15 6.02 62.63
N ARG X 117 91.38 7.09 62.49
CA ARG X 117 90.78 7.80 63.61
C ARG X 117 89.26 7.81 63.48
N SER X 118 88.57 7.43 64.55
CA SER X 118 87.12 7.44 64.59
C SER X 118 86.60 8.88 64.70
N VAL X 119 85.36 9.07 64.25
CA VAL X 119 84.74 10.39 64.33
C VAL X 119 84.43 10.74 65.79
N LYS X 120 84.29 12.04 66.03
CA LYS X 120 84.03 12.55 67.37
C LYS X 120 82.86 13.53 67.45
N GLY X 121 82.15 13.76 66.35
CA GLY X 121 81.06 14.72 66.36
C GLY X 121 79.79 14.22 65.71
N THR X 122 78.82 15.13 65.54
CA THR X 122 77.54 14.80 64.91
C THR X 122 77.15 15.94 63.98
N ALA X 123 76.31 15.63 62.99
CA ALA X 123 75.91 16.60 61.99
C ALA X 123 74.40 16.49 61.73
N THR X 124 73.84 17.60 61.27
CA THR X 124 72.39 17.65 60.97
C THR X 124 72.13 16.98 59.62
N ILE X 125 71.08 16.17 59.55
CA ILE X 125 70.71 15.45 58.33
C ILE X 125 69.72 16.29 57.52
N PRO X 126 70.01 16.57 56.25
CA PRO X 126 69.05 17.26 55.41
C PRO X 126 67.79 16.43 55.20
N ILE X 127 66.75 17.09 54.68
CA ILE X 127 65.50 16.40 54.38
C ILE X 127 65.64 15.50 53.16
N THR X 128 66.72 15.65 52.39
CA THR X 128 66.90 14.84 51.19
C THR X 128 67.08 13.37 51.53
N LEU X 129 67.95 13.06 52.49
CA LEU X 129 68.20 11.67 52.86
C LEU X 129 67.10 11.10 53.73
N MET X 130 66.26 11.94 54.32
CA MET X 130 65.10 11.47 55.07
C MET X 130 64.01 12.53 55.06
N PRO X 131 62.91 12.29 54.34
CA PRO X 131 61.80 13.26 54.35
C PRO X 131 61.09 13.36 55.69
N SER X 132 61.31 12.40 56.59
CA SER X 132 60.64 12.44 57.88
C SER X 132 61.24 13.49 58.82
N ALA X 133 62.42 14.00 58.51
CA ALA X 133 63.07 14.99 59.36
C ALA X 133 62.65 16.39 58.94
N GLY X 134 63.35 17.39 59.46
CA GLY X 134 63.04 18.77 59.13
C GLY X 134 63.79 19.73 60.03
N LYS X 135 63.20 20.92 60.20
CA LYS X 135 63.82 21.95 61.03
C LYS X 135 63.39 21.85 62.48
N TYR X 136 62.08 21.82 62.74
CA TYR X 136 61.51 21.88 64.07
C TYR X 136 61.04 20.50 64.53
N MET X 137 60.49 20.46 65.74
CA MET X 137 59.92 19.25 66.31
C MET X 137 58.99 19.65 67.45
N LEU X 138 57.76 19.13 67.44
CA LEU X 138 56.79 19.48 68.46
C LEU X 138 57.06 18.68 69.73
N LYS X 139 57.54 19.36 70.78
CA LYS X 139 57.87 18.66 72.02
C LYS X 139 56.64 18.45 72.90
N HIS X 140 56.07 19.53 73.46
CA HIS X 140 54.82 19.42 74.19
C HIS X 140 53.78 20.40 73.66
N PHE X 141 54.18 21.66 73.53
CA PHE X 141 53.30 22.75 73.17
C PHE X 141 54.00 23.70 72.19
N GLY X 142 55.05 23.22 71.54
CA GLY X 142 55.82 24.08 70.66
C GLY X 142 57.03 23.34 70.10
N VAL X 143 57.92 24.10 69.49
CA VAL X 143 59.05 23.56 68.75
C VAL X 143 60.35 23.99 69.41
N GLN X 144 61.46 23.43 68.93
CA GLN X 144 62.79 23.77 69.40
C GLN X 144 63.49 24.69 68.41
N GLY X 145 64.32 25.58 68.92
CA GLY X 145 65.23 26.32 68.06
C GLY X 145 66.27 25.40 67.43
N GLY X 146 66.68 25.76 66.21
CA GLY X 146 67.63 24.93 65.51
C GLY X 146 67.00 23.64 65.03
N ASN X 147 67.85 22.63 64.84
CA ASN X 147 67.41 21.33 64.33
C ASN X 147 67.64 20.25 65.37
N PRO X 148 66.59 19.75 66.05
CA PRO X 148 66.80 18.73 67.09
C PRO X 148 67.42 17.44 66.56
N ILE X 149 67.12 17.05 65.33
CA ILE X 149 67.58 15.77 64.79
C ILE X 149 69.00 15.91 64.28
N LYS X 150 69.88 15.02 64.74
CA LYS X 150 71.27 14.98 64.31
C LYS X 150 71.72 13.52 64.29
N VAL X 151 72.70 13.21 63.43
CA VAL X 151 73.17 11.86 63.24
C VAL X 151 74.69 11.85 63.27
N ASP X 152 75.26 10.65 63.46
CA ASP X 152 76.69 10.48 63.47
C ASP X 152 77.29 10.78 62.10
N LEU X 153 78.53 11.25 62.10
CA LEU X 153 79.18 11.66 60.86
C LEU X 153 79.37 10.47 59.91
N LEU X 154 79.83 9.34 60.43
CA LEU X 154 80.08 8.18 59.57
C LEU X 154 78.78 7.65 58.95
N ASN X 155 77.72 7.57 59.75
CA ASN X 155 76.44 7.12 59.22
C ASN X 155 75.90 8.09 58.18
N TYR X 156 76.03 9.39 58.43
CA TYR X 156 75.60 10.40 57.47
C TYR X 156 76.33 10.25 56.15
N ALA X 157 77.66 10.16 56.20
CA ALA X 157 78.45 10.05 54.97
C ALA X 157 78.15 8.76 54.23
N LEU X 158 78.02 7.64 54.95
CA LEU X 158 77.80 6.37 54.28
C LEU X 158 76.40 6.28 53.69
N ALA X 159 75.41 6.87 54.37
CA ALA X 159 74.08 6.98 53.78
C ALA X 159 74.11 7.85 52.53
N TRP X 160 74.90 8.93 52.54
CA TRP X 160 75.04 9.73 51.33
C TRP X 160 75.65 8.93 50.19
N VAL X 161 76.67 8.11 50.49
CA VAL X 161 77.28 7.27 49.47
C VAL X 161 76.26 6.28 48.91
N GLY X 162 75.48 5.65 49.81
CA GLY X 162 74.48 4.71 49.36
C GLY X 162 73.41 5.36 48.50
N PHE X 163 72.98 6.56 48.87
CA PHE X 163 72.01 7.30 48.06
C PHE X 163 72.59 7.67 46.70
N HIS X 164 73.86 8.06 46.66
CA HIS X 164 74.47 8.51 45.41
C HIS X 164 74.77 7.35 44.48
N TYR X 165 75.00 6.16 45.02
CA TYR X 165 75.42 5.04 44.17
C TYR X 165 74.27 4.17 43.69
N TYR X 166 73.12 4.20 44.37
CA TYR X 166 72.03 3.27 44.05
C TYR X 166 70.75 3.99 43.64
N THR X 167 70.25 4.90 44.47
CA THR X 167 68.87 5.35 44.34
C THR X 167 68.72 6.37 43.21
N PRO X 168 67.88 6.11 42.22
CA PRO X 168 67.69 7.07 41.13
C PRO X 168 66.92 8.29 41.59
N TYR X 169 67.10 9.39 40.85
CA TYR X 169 66.41 10.64 41.12
C TYR X 169 66.37 11.45 39.83
N ILE X 170 65.31 12.23 39.67
CA ILE X 170 65.07 12.99 38.45
C ILE X 170 64.76 14.44 38.82
N LYS X 171 65.44 15.38 38.15
CA LYS X 171 65.19 16.80 38.35
C LYS X 171 64.65 17.43 37.06
N TYR X 172 63.72 18.37 37.23
CA TYR X 172 63.17 19.15 36.13
C TYR X 172 63.11 20.60 36.56
N ALA X 173 63.57 21.52 35.70
CA ALA X 173 63.72 22.91 36.11
C ALA X 173 62.41 23.68 35.99
N LYS X 174 61.91 23.87 34.78
CA LYS X 174 60.74 24.72 34.52
C LYS X 174 60.93 26.10 35.15
N GLY X 175 61.89 26.87 34.62
CA GLY X 175 62.18 28.23 35.07
C GLY X 175 62.73 28.26 36.50
N ASP X 176 62.26 29.22 37.30
CA ASP X 176 62.82 29.49 38.61
C ASP X 176 62.68 28.30 39.56
N THR X 177 61.51 27.66 39.55
CA THR X 177 61.23 26.56 40.46
C THR X 177 62.01 25.31 40.00
N THR X 178 61.79 24.19 40.68
CA THR X 178 62.43 22.93 40.33
C THR X 178 61.75 21.76 41.04
N TRP X 179 61.37 20.72 40.29
CA TRP X 179 60.86 19.49 40.86
C TRP X 179 61.98 18.46 40.92
N ILE X 180 62.17 17.86 42.10
CA ILE X 180 63.14 16.79 42.29
C ILE X 180 62.40 15.58 42.83
N HIS X 181 62.32 14.51 42.04
CA HIS X 181 61.70 13.26 42.45
C HIS X 181 62.80 12.31 42.90
N ILE X 182 62.71 11.84 44.14
CA ILE X 182 63.70 10.94 44.72
C ILE X 182 63.02 9.63 45.07
N TYR X 183 63.61 8.53 44.61
CA TYR X 183 63.09 7.18 44.80
C TYR X 183 64.12 6.35 45.55
N GLN X 184 63.64 5.45 46.41
CA GLN X 184 64.50 4.46 47.04
C GLN X 184 63.86 3.08 46.88
N ILE X 185 64.66 2.12 46.45
CA ILE X 185 64.21 0.75 46.23
C ILE X 185 64.57 -0.07 47.48
N ALA X 186 63.59 -0.79 48.02
CA ALA X 186 63.74 -1.46 49.30
C ALA X 186 63.36 -2.93 49.20
N PRO X 187 64.19 -3.84 49.69
CA PRO X 187 63.77 -5.23 49.85
C PRO X 187 63.05 -5.42 51.18
N VAL X 188 62.37 -6.55 51.31
CA VAL X 188 61.66 -6.82 52.55
C VAL X 188 61.93 -8.22 53.05
N GLU X 189 62.48 -9.10 52.21
CA GLU X 189 62.69 -10.49 52.60
C GLU X 189 64.17 -10.87 52.67
N GLU X 190 64.92 -10.78 51.58
CA GLU X 190 66.28 -11.28 51.48
C GLU X 190 66.91 -10.80 50.19
N VAL X 191 68.18 -10.38 50.26
CA VAL X 191 68.97 -10.01 49.08
C VAL X 191 70.41 -10.49 49.29
N ASP X 192 71.12 -10.67 48.18
CA ASP X 192 72.54 -11.03 48.15
C ASP X 192 73.31 -9.98 47.36
N MET X 193 74.59 -10.26 47.09
CA MET X 193 75.44 -9.28 46.42
C MET X 193 74.95 -9.00 45.00
N ILE X 194 74.66 -10.07 44.25
CA ILE X 194 74.33 -9.92 42.84
C ILE X 194 73.08 -9.08 42.66
N SER X 195 72.07 -9.32 43.49
CA SER X 195 70.86 -8.52 43.44
C SER X 195 71.17 -7.06 43.68
N ILE X 196 71.99 -6.76 44.69
CA ILE X 196 72.29 -5.38 45.03
C ILE X 196 73.06 -4.69 43.92
N LEU X 197 73.99 -5.39 43.25
CA LEU X 197 74.67 -4.77 42.12
C LEU X 197 73.72 -4.56 40.94
N SER X 198 72.76 -5.47 40.73
CA SER X 198 71.74 -5.23 39.72
C SER X 198 70.95 -3.96 40.02
N LEU X 199 70.59 -3.77 41.29
CA LEU X 199 69.95 -2.53 41.71
C LEU X 199 70.86 -1.32 41.49
N LYS X 200 72.16 -1.49 41.74
CA LYS X 200 73.13 -0.43 41.50
C LYS X 200 73.13 -0.01 40.04
N ASP X 201 72.97 -0.96 39.13
CA ASP X 201 72.98 -0.63 37.70
C ASP X 201 71.87 0.34 37.34
N LEU X 202 70.81 0.39 38.16
CA LEU X 202 69.70 1.30 37.88
C LEU X 202 70.13 2.75 38.00
N LYS X 203 71.05 3.05 38.92
CA LYS X 203 71.42 4.43 39.17
C LYS X 203 72.13 5.03 37.96
N MET X 204 71.70 6.22 37.56
CA MET X 204 72.26 6.95 36.43
C MET X 204 72.67 8.33 36.89
N HIS X 205 73.89 8.72 36.56
CA HIS X 205 74.51 9.94 37.05
C HIS X 205 74.20 11.13 36.16
N LEU X 206 74.08 12.30 36.80
CA LEU X 206 73.74 13.57 36.16
C LEU X 206 72.41 13.48 35.42
N PRO X 207 71.27 13.27 36.12
CA PRO X 207 69.95 13.32 35.48
C PRO X 207 69.38 14.73 35.40
N HIS X 208 70.22 15.69 34.98
CA HIS X 208 69.80 17.08 34.82
C HIS X 208 69.06 17.18 33.50
N TYR X 209 67.78 16.80 33.53
CA TYR X 209 67.01 16.68 32.30
C TYR X 209 66.63 18.04 31.73
N TYR X 210 66.27 18.99 32.61
CA TYR X 210 65.74 20.31 32.26
C TYR X 210 64.85 20.27 31.02
N GLU X 211 65.09 21.19 30.08
CA GLU X 211 64.42 21.23 28.78
C GLU X 211 62.94 21.57 28.94
N SER X 212 62.27 21.90 27.82
CA SER X 212 60.85 22.27 27.83
C SER X 212 59.96 21.23 27.18
N ASN X 213 60.42 20.56 26.13
CA ASN X 213 59.62 19.53 25.49
C ASN X 213 59.39 18.33 26.41
N LEU X 214 60.36 18.03 27.27
CA LEU X 214 60.24 16.93 28.22
C LEU X 214 59.53 17.37 29.50
N ASP X 215 58.37 18.00 29.34
CA ASP X 215 57.68 18.63 30.46
C ASP X 215 56.91 17.64 31.33
N PHE X 216 56.79 16.39 30.90
CA PHE X 216 56.03 15.40 31.67
C PHE X 216 56.84 14.78 32.80
N LEU X 217 57.96 15.38 33.19
CA LEU X 217 58.69 14.93 34.37
C LEU X 217 58.00 15.35 35.66
N ILE X 218 57.04 16.28 35.59
CA ILE X 218 56.09 16.48 36.68
C ILE X 218 55.17 15.28 36.64
N ASN X 219 54.32 15.10 37.67
CA ASN X 219 53.55 13.87 37.85
C ASN X 219 54.51 12.68 37.99
N ARG X 220 55.19 12.70 39.15
CA ARG X 220 56.31 11.82 39.50
C ARG X 220 56.18 10.40 38.98
N ARG X 221 54.96 9.85 38.98
CA ARG X 221 54.76 8.50 38.46
C ARG X 221 55.12 8.44 36.98
N LEU X 222 54.73 9.46 36.21
CA LEU X 222 55.12 9.53 34.81
C LEU X 222 56.63 9.64 34.64
N ALA X 223 57.28 10.43 35.50
CA ALA X 223 58.73 10.59 35.41
C ALA X 223 59.44 9.26 35.67
N LEU X 224 58.98 8.51 36.68
CA LEU X 224 59.62 7.22 36.94
C LEU X 224 59.29 6.20 35.85
N LEU X 225 58.11 6.30 35.24
CA LEU X 225 57.83 5.44 34.09
C LEU X 225 58.79 5.73 32.94
N TYR X 226 59.04 7.02 32.69
CA TYR X 226 60.00 7.39 31.64
C TYR X 226 61.40 6.88 31.98
N HIS X 227 61.81 7.01 33.24
CA HIS X 227 63.13 6.54 33.65
C HIS X 227 63.25 5.03 33.50
N LEU X 228 62.22 4.30 33.91
CA LEU X 228 62.23 2.84 33.80
C LEU X 228 62.10 2.37 32.37
N LEU X 229 61.60 3.22 31.46
CA LEU X 229 61.55 2.86 30.05
C LEU X 229 62.94 2.60 29.49
N HIS X 230 63.92 3.44 29.86
CA HIS X 230 65.27 3.35 29.32
C HIS X 230 66.23 2.61 30.25
N SER X 231 65.72 1.96 31.28
CA SER X 231 66.53 1.16 32.19
C SER X 231 66.34 -0.31 31.88
N GLU X 232 67.44 -0.99 31.57
CA GLU X 232 67.40 -2.41 31.17
C GLU X 232 68.50 -3.17 31.91
N ALA X 233 68.60 -2.96 33.21
CA ALA X 233 69.61 -3.66 34.00
C ALA X 233 69.30 -5.15 34.09
N LEU X 234 68.20 -5.48 34.75
CA LEU X 234 67.72 -6.86 34.85
C LEU X 234 66.25 -6.82 35.26
N GLU X 235 65.55 -7.92 34.98
CA GLU X 235 64.20 -8.12 35.50
C GLU X 235 64.30 -9.01 36.75
N LEU X 236 64.96 -8.45 37.76
CA LEU X 236 65.31 -9.23 38.94
C LEU X 236 64.11 -9.46 39.86
N PHE X 237 63.22 -8.47 39.99
CA PHE X 237 62.18 -8.55 40.99
C PHE X 237 60.98 -9.37 40.55
N THR X 238 61.01 -9.96 39.37
CA THR X 238 59.95 -10.91 38.99
C THR X 238 60.02 -12.19 39.81
N GLU X 239 61.13 -12.43 40.51
CA GLU X 239 61.25 -13.56 41.42
C GLU X 239 61.48 -13.13 42.87
N LYS X 240 61.78 -11.86 43.13
CA LYS X 240 62.03 -11.36 44.47
C LYS X 240 61.18 -10.13 44.72
N GLU X 241 60.57 -10.05 45.90
CA GLU X 241 59.63 -8.97 46.20
C GLU X 241 60.40 -7.71 46.59
N PHE X 242 59.97 -6.57 46.03
CA PHE X 242 60.60 -5.29 46.29
C PHE X 242 59.54 -4.19 46.32
N VAL X 243 59.86 -3.10 47.02
CA VAL X 243 58.97 -1.96 47.11
C VAL X 243 59.76 -0.69 46.77
N ILE X 244 59.03 0.38 46.48
CA ILE X 244 59.62 1.67 46.15
C ILE X 244 59.02 2.73 47.06
N HIS X 245 59.87 3.59 47.60
CA HIS X 245 59.46 4.71 48.43
C HIS X 245 59.87 5.99 47.72
N SER X 246 58.91 6.87 47.45
CA SER X 246 59.16 8.03 46.61
C SER X 246 58.74 9.31 47.34
N TYR X 247 59.44 10.40 47.02
CA TYR X 247 59.04 11.70 47.52
C TYR X 247 59.50 12.78 46.54
N THR X 248 58.93 13.97 46.70
CA THR X 248 59.16 15.08 45.80
C THR X 248 59.65 16.30 46.57
N LEU X 249 60.44 17.13 45.90
CA LEU X 249 60.96 18.37 46.44
C LEU X 249 60.67 19.49 45.44
N GLU X 250 60.26 20.65 45.96
CA GLU X 250 59.75 21.74 45.14
C GLU X 250 60.48 23.03 45.49
N ARG X 251 60.61 23.91 44.48
CA ARG X 251 61.20 25.23 44.65
C ARG X 251 60.21 26.33 44.26
N SER X 252 58.96 26.20 44.68
CA SER X 252 57.94 27.15 44.28
C SER X 252 58.13 28.50 44.96
N GLY X 253 58.77 29.43 44.25
CA GLY X 253 59.04 30.74 44.81
C GLY X 253 60.01 30.69 45.98
N ASN X 254 61.06 29.88 45.84
CA ASN X 254 62.07 29.70 46.89
C ASN X 254 61.43 29.21 48.19
N ASN X 255 60.39 28.39 48.06
CA ASN X 255 59.68 27.80 49.19
C ASN X 255 59.80 26.29 49.06
N GLN X 256 60.80 25.72 49.73
CA GLN X 256 61.09 24.30 49.62
C GLN X 256 60.29 23.49 50.63
N ALA X 257 59.58 22.47 50.13
CA ALA X 257 58.75 21.61 50.98
C ALA X 257 58.49 20.31 50.23
N ILE X 258 57.99 19.32 50.96
CA ILE X 258 57.67 18.01 50.41
C ILE X 258 56.16 17.89 50.34
N ARG X 259 55.64 17.61 49.15
CA ARG X 259 54.20 17.64 48.90
C ARG X 259 53.67 16.33 48.33
N SER X 260 54.42 15.24 48.44
CA SER X 260 53.96 13.95 47.93
C SER X 260 54.72 12.83 48.62
N PHE X 261 53.98 11.89 49.22
CA PHE X 261 54.60 10.77 49.92
C PHE X 261 53.86 9.45 49.70
N GLU X 262 53.21 9.28 48.55
CA GLU X 262 52.48 8.04 48.30
C GLU X 262 53.44 6.88 48.14
N GLU X 263 53.06 5.72 48.68
CA GLU X 263 53.92 4.54 48.72
C GLU X 263 53.19 3.37 48.06
N GLU X 264 53.34 3.24 46.75
CA GLU X 264 52.94 2.03 46.05
C GLU X 264 54.22 1.28 45.63
N GLU X 265 54.09 0.21 44.85
CA GLU X 265 55.20 -0.68 44.57
C GLU X 265 55.78 -0.41 43.18
N ILE X 266 56.77 -1.20 42.80
CA ILE X 266 57.43 -1.04 41.51
C ILE X 266 57.44 -2.31 40.68
N GLY X 267 57.13 -3.47 41.26
CA GLY X 267 57.31 -4.72 40.54
C GLY X 267 56.41 -4.86 39.33
N LYS X 268 55.11 -4.66 39.53
CA LYS X 268 54.14 -4.97 38.46
C LYS X 268 54.27 -4.00 37.29
N LEU X 269 54.62 -2.74 37.54
CA LEU X 269 54.77 -1.78 36.44
C LEU X 269 55.84 -2.23 35.45
N MET X 270 57.04 -2.51 35.96
CA MET X 270 58.09 -2.94 35.04
C MET X 270 57.86 -4.36 34.55
N ASP X 271 57.13 -5.18 35.32
CA ASP X 271 56.75 -6.50 34.82
C ASP X 271 55.85 -6.37 33.59
N PHE X 272 54.88 -5.45 33.64
CA PHE X 272 54.02 -5.22 32.50
C PHE X 272 54.80 -4.62 31.35
N LEU X 273 55.75 -3.73 31.64
CA LEU X 273 56.59 -3.18 30.58
C LEU X 273 57.43 -4.27 29.92
N TRP X 274 57.97 -5.20 30.71
CA TRP X 274 58.84 -6.24 30.19
C TRP X 274 58.06 -7.30 29.41
N LYS X 275 56.85 -7.64 29.87
CA LYS X 275 55.98 -8.47 29.04
C LYS X 275 55.44 -7.70 27.85
N LEU X 276 55.55 -6.37 27.89
CA LEU X 276 55.02 -5.51 26.85
C LEU X 276 56.01 -5.33 25.68
N LYS X 277 57.27 -5.71 25.87
CA LYS X 277 58.31 -5.39 24.91
C LYS X 277 58.98 -6.62 24.29
N ARG X 278 58.37 -7.80 24.40
CA ARG X 278 58.93 -8.99 23.77
C ARG X 278 59.02 -8.83 22.26
N ARG X 279 57.95 -8.31 21.65
CA ARG X 279 57.79 -8.45 20.20
C ARG X 279 58.87 -7.67 19.44
N ASP X 280 59.13 -6.43 19.85
CA ASP X 280 60.21 -5.64 19.26
C ASP X 280 60.45 -4.40 20.10
N PHE X 281 61.54 -3.70 19.82
CA PHE X 281 61.83 -2.43 20.48
C PHE X 281 61.62 -1.24 19.56
N TYR X 282 61.83 -1.41 18.25
CA TYR X 282 61.74 -0.29 17.32
C TYR X 282 60.36 0.35 17.36
N HIS X 283 59.33 -0.42 17.67
CA HIS X 283 57.97 0.10 17.82
C HIS X 283 57.49 0.09 19.26
N ALA X 284 58.38 -0.15 20.23
CA ALA X 284 58.01 -0.18 21.64
C ALA X 284 58.52 1.06 22.39
N ILE X 285 59.83 1.33 22.32
CA ILE X 285 60.38 2.49 23.01
C ILE X 285 59.82 3.78 22.42
N LYS X 286 59.76 3.87 21.09
CA LYS X 286 59.19 5.06 20.47
C LYS X 286 57.71 5.17 20.76
N PHE X 287 57.01 4.04 20.88
CA PHE X 287 55.60 4.05 21.25
C PHE X 287 55.39 4.72 22.59
N ILE X 288 56.13 4.28 23.61
CA ILE X 288 55.98 4.84 24.95
C ILE X 288 56.42 6.29 24.97
N ASP X 289 57.52 6.60 24.28
CA ASP X 289 58.01 7.98 24.26
C ASP X 289 56.98 8.91 23.62
N ASP X 290 56.38 8.49 22.50
CA ASP X 290 55.40 9.32 21.83
C ASP X 290 54.14 9.49 22.67
N LEU X 291 53.69 8.42 23.33
CA LEU X 291 52.50 8.56 24.16
C LEU X 291 52.77 9.47 25.36
N LEU X 292 53.98 9.40 25.92
CA LEU X 292 54.33 10.27 27.03
C LEU X 292 54.40 11.74 26.59
N LYS X 293 55.07 12.01 25.46
CA LYS X 293 55.26 13.39 25.05
C LYS X 293 53.97 14.02 24.51
N LYS X 294 53.23 13.29 23.67
CA LYS X 294 52.05 13.86 23.04
C LYS X 294 50.82 13.77 23.94
N ALA X 295 50.42 12.54 24.28
CA ALA X 295 49.19 12.32 25.06
C ALA X 295 49.56 12.13 26.53
N THR X 296 49.82 13.26 27.19
CA THR X 296 50.10 13.23 28.62
C THR X 296 48.90 12.69 29.41
N GLU X 297 47.69 13.09 29.03
CA GLU X 297 46.49 12.52 29.64
C GLU X 297 46.36 11.04 29.32
N GLY X 298 46.68 10.67 28.08
CA GLY X 298 46.68 9.25 27.72
C GLY X 298 47.73 8.47 28.48
N ALA X 299 48.90 9.06 28.68
CA ALA X 299 49.93 8.41 29.48
C ALA X 299 49.50 8.24 30.93
N LEU X 300 48.81 9.24 31.47
CA LEU X 300 48.28 9.15 32.83
C LEU X 300 47.23 8.03 32.92
N ALA X 301 46.37 7.93 31.91
CA ALA X 301 45.40 6.83 31.90
C ALA X 301 46.11 5.49 31.83
N LEU X 302 47.15 5.38 31.01
CA LEU X 302 47.89 4.13 30.90
C LEU X 302 48.55 3.75 32.21
N ILE X 303 49.18 4.72 32.88
CA ILE X 303 49.86 4.41 34.13
C ILE X 303 48.85 4.05 35.21
N ASP X 304 47.67 4.69 35.22
CA ASP X 304 46.62 4.28 36.16
C ASP X 304 46.16 2.86 35.88
N ALA X 305 46.00 2.52 34.59
CA ALA X 305 45.61 1.16 34.24
C ALA X 305 46.65 0.15 34.70
N ILE X 306 47.93 0.47 34.54
CA ILE X 306 48.98 -0.42 35.03
C ILE X 306 48.91 -0.55 36.55
N MET X 307 48.68 0.56 37.26
CA MET X 307 48.67 0.51 38.71
C MET X 307 47.49 -0.27 39.26
N ASN X 308 46.30 -0.14 38.66
CA ASN X 308 45.09 -0.69 39.24
C ASN X 308 44.38 -1.72 38.38
N GLU X 309 44.95 -2.12 37.25
CA GLU X 309 44.45 -3.23 36.43
C GLU X 309 42.97 -3.05 36.06
N ARG X 310 42.71 -1.99 35.30
CA ARG X 310 41.38 -1.69 34.80
C ARG X 310 41.40 -1.67 33.28
N LEU X 311 40.44 -2.36 32.66
CA LEU X 311 40.48 -2.58 31.22
C LEU X 311 40.36 -1.29 30.43
N GLU X 312 39.48 -0.38 30.87
CA GLU X 312 39.23 0.83 30.11
C GLU X 312 40.43 1.76 30.04
N GLY X 313 41.38 1.64 30.97
CA GLY X 313 42.54 2.50 30.94
C GLY X 313 43.39 2.29 29.69
N PHE X 314 43.60 1.03 29.31
CA PHE X 314 44.38 0.73 28.11
C PHE X 314 43.70 1.29 26.87
N TYR X 315 42.38 1.11 26.77
CA TYR X 315 41.64 1.63 25.62
C TYR X 315 41.72 3.15 25.55
N THR X 316 41.54 3.82 26.69
CA THR X 316 41.63 5.27 26.70
C THR X 316 43.02 5.75 26.31
N ALA X 317 44.06 5.11 26.83
CA ALA X 317 45.42 5.49 26.49
C ALA X 317 45.69 5.30 25.00
N LEU X 318 45.24 4.18 24.44
CA LEU X 318 45.44 3.92 23.03
C LEU X 318 44.69 4.93 22.17
N LYS X 319 43.46 5.27 22.55
CA LYS X 319 42.69 6.25 21.78
C LYS X 319 43.35 7.62 21.82
N LEU X 320 43.78 8.05 23.01
CA LEU X 320 44.45 9.34 23.12
C LEU X 320 45.75 9.36 22.32
N GLY X 321 46.52 8.27 22.34
CA GLY X 321 47.72 8.23 21.53
C GLY X 321 47.43 8.29 20.05
N LYS X 322 46.47 7.50 19.58
CA LYS X 322 46.16 7.47 18.16
C LYS X 322 45.59 8.80 17.68
N LYS X 323 44.90 9.52 18.55
CA LYS X 323 44.27 10.77 18.12
C LYS X 323 45.31 11.79 17.67
N ALA X 324 46.44 11.89 18.37
CA ALA X 324 47.40 12.92 18.03
C ALA X 324 48.50 12.46 17.08
N GLY X 325 49.36 11.52 17.51
CA GLY X 325 50.49 11.15 16.68
C GLY X 325 51.02 9.74 16.75
N VAL X 326 50.36 8.84 17.47
CA VAL X 326 50.93 7.52 17.75
C VAL X 326 50.47 6.52 16.69
N VAL X 327 51.43 5.72 16.21
CA VAL X 327 51.13 4.74 15.17
C VAL X 327 50.35 3.55 15.73
N SER X 328 50.70 3.10 16.94
CA SER X 328 50.01 1.99 17.60
C SER X 328 50.06 0.72 16.75
N SER X 329 51.27 0.18 16.61
CA SER X 329 51.49 -0.99 15.77
C SER X 329 50.72 -2.21 16.28
N ARG X 330 50.72 -3.26 15.47
CA ARG X 330 49.91 -4.44 15.76
C ARG X 330 50.49 -5.26 16.90
N GLU X 331 51.81 -5.44 16.92
CA GLU X 331 52.43 -6.32 17.90
C GLU X 331 52.26 -5.79 19.32
N ILE X 332 52.25 -4.47 19.48
CA ILE X 332 52.01 -3.90 20.81
C ILE X 332 50.59 -4.17 21.25
N VAL X 333 49.64 -4.16 20.30
CA VAL X 333 48.26 -4.50 20.61
C VAL X 333 48.15 -5.95 21.03
N ALA X 334 48.84 -6.85 20.33
CA ALA X 334 48.83 -8.26 20.69
C ALA X 334 49.44 -8.48 22.07
N ALA X 335 50.53 -7.78 22.37
CA ALA X 335 51.15 -7.88 23.70
C ALA X 335 50.20 -7.38 24.78
N LEU X 336 49.50 -6.27 24.52
CA LEU X 336 48.54 -5.77 25.50
C LEU X 336 47.40 -6.77 25.72
N GLU X 337 46.91 -7.39 24.63
CA GLU X 337 45.85 -8.39 24.77
C GLU X 337 46.34 -9.59 25.58
N ASP X 338 47.58 -10.03 25.33
CA ASP X 338 48.15 -11.11 26.13
C ASP X 338 48.32 -10.72 27.59
N ILE X 339 48.64 -9.46 27.87
CA ILE X 339 48.69 -8.99 29.25
C ILE X 339 47.30 -9.05 29.89
N ILE X 340 46.26 -8.73 29.12
CA ILE X 340 44.90 -8.78 29.64
C ILE X 340 44.54 -10.18 30.11
N CYS X 341 44.96 -11.20 29.36
CA CYS X 341 44.65 -12.59 29.66
C CYS X 341 43.14 -12.83 29.70
#